data_1PE3
#
_entry.id   1PE3
#
_cell.length_a   1.000
_cell.length_b   1.000
_cell.length_c   1.000
_cell.angle_alpha   90.00
_cell.angle_beta   90.00
_cell.angle_gamma   90.00
#
_symmetry.space_group_name_H-M   'P 1'
#
_entity_poly.entity_id   1
_entity_poly.type   'polypeptide(L)'
_entity_poly.pdbx_seq_one_letter_code
;EEYVGLSANQCAVPAKDRVDCGYPHVTPKECNNRGCCFDSRIPGVPWCFKPLQEAECTF
;
_entity_poly.pdbx_strand_id   1,2
#
# COMPACT_ATOMS: atom_id res chain seq x y z
N GLU A 1 10.81 -7.73 12.38
CA GLU A 1 10.65 -9.10 11.91
C GLU A 1 11.12 -9.22 10.46
N GLU A 2 11.12 -10.45 9.98
CA GLU A 2 11.54 -10.72 8.61
C GLU A 2 10.33 -10.67 7.66
N TYR A 3 9.99 -9.46 7.27
CA TYR A 3 8.86 -9.26 6.37
C TYR A 3 8.68 -10.45 5.44
N VAL A 4 7.94 -11.44 5.93
CA VAL A 4 7.68 -12.64 5.17
C VAL A 4 6.20 -13.03 5.30
N GLY A 5 5.74 -13.02 6.54
CA GLY A 5 4.36 -13.37 6.82
C GLY A 5 3.41 -12.29 6.29
N LEU A 6 4.00 -11.23 5.76
CA LEU A 6 3.23 -10.14 5.22
C LEU A 6 3.67 -9.88 3.78
N SER A 7 4.65 -10.65 3.34
CA SER A 7 5.16 -10.52 1.98
C SER A 7 4.73 -11.71 1.14
N ALA A 8 5.62 -12.10 0.23
CA ALA A 8 5.34 -13.23 -0.64
C ALA A 8 4.67 -14.34 0.16
N ASN A 9 3.72 -15.00 -0.48
CA ASN A 9 3.00 -16.08 0.16
C ASN A 9 1.76 -15.51 0.86
N GLN A 10 1.92 -14.31 1.38
CA GLN A 10 0.83 -13.65 2.08
C GLN A 10 -0.34 -13.40 1.13
N CYS A 11 0.00 -12.93 -0.07
CA CYS A 11 -1.01 -12.64 -1.08
C CYS A 11 -1.70 -13.96 -1.44
N ALA A 12 -1.18 -15.04 -0.89
CA ALA A 12 -1.74 -16.36 -1.15
C ALA A 12 -2.49 -16.85 0.09
N VAL A 13 -2.86 -15.90 0.93
CA VAL A 13 -3.57 -16.21 2.16
C VAL A 13 -4.61 -17.31 1.87
N PRO A 14 -5.14 -17.89 2.98
CA PRO A 14 -6.13 -18.95 2.85
C PRO A 14 -7.50 -18.37 2.46
N ALA A 15 -7.51 -17.07 2.25
CA ALA A 15 -8.73 -16.37 1.86
C ALA A 15 -9.52 -16.02 3.12
N LYS A 16 -8.84 -15.35 4.04
CA LYS A 16 -9.46 -14.94 5.29
C LYS A 16 -8.40 -14.36 6.22
N ASP A 17 -7.55 -13.52 5.65
CA ASP A 17 -6.49 -12.89 6.41
C ASP A 17 -6.10 -11.57 5.74
N ARG A 18 -6.92 -11.16 4.79
CA ARG A 18 -6.67 -9.91 4.07
C ARG A 18 -7.39 -8.75 4.74
N VAL A 19 -7.25 -7.58 4.15
CA VAL A 19 -7.87 -6.38 4.68
C VAL A 19 -8.90 -5.87 3.68
N ASP A 20 -9.32 -6.76 2.78
CA ASP A 20 -10.30 -6.40 1.77
C ASP A 20 -10.09 -4.95 1.34
N CYS A 21 -9.22 -4.77 0.36
CA CYS A 21 -8.92 -3.44 -0.15
C CYS A 21 -10.24 -2.73 -0.44
N GLY A 22 -11.22 -3.51 -0.89
CA GLY A 22 -12.51 -2.97 -1.22
C GLY A 22 -12.41 -1.88 -2.27
N TYR A 23 -11.81 -2.24 -3.40
CA TYR A 23 -11.64 -1.30 -4.49
C TYR A 23 -12.82 -1.37 -5.47
N PRO A 24 -13.22 -0.17 -5.97
CA PRO A 24 -14.33 -0.09 -6.91
C PRO A 24 -13.90 -0.55 -8.30
N HIS A 25 -12.59 -0.74 -8.45
CA HIS A 25 -12.05 -1.18 -9.72
C HIS A 25 -11.15 -2.40 -9.49
N VAL A 26 -11.64 -3.32 -8.67
CA VAL A 26 -10.89 -4.52 -8.36
C VAL A 26 -10.68 -5.34 -9.64
N THR A 27 -9.42 -5.57 -9.96
CA THR A 27 -9.07 -6.33 -11.15
C THR A 27 -7.59 -6.71 -11.13
N PRO A 28 -7.27 -7.82 -11.84
CA PRO A 28 -5.90 -8.30 -11.91
C PRO A 28 -5.06 -7.42 -12.84
N LYS A 29 -5.06 -6.13 -12.54
CA LYS A 29 -4.31 -5.18 -13.35
C LYS A 29 -4.46 -3.78 -12.74
N GLU A 30 -5.59 -3.58 -12.06
CA GLU A 30 -5.86 -2.31 -11.44
C GLU A 30 -5.43 -2.33 -9.97
N CYS A 31 -5.83 -3.38 -9.28
CA CYS A 31 -5.50 -3.54 -7.87
C CYS A 31 -3.98 -3.65 -7.76
N ASN A 32 -3.42 -4.62 -8.48
CA ASN A 32 -1.99 -4.85 -8.46
C ASN A 32 -1.28 -3.61 -9.00
N ASN A 33 -2.09 -2.67 -9.49
CA ASN A 33 -1.55 -1.44 -10.05
C ASN A 33 -1.80 -0.29 -9.07
N ARG A 34 -2.86 -0.45 -8.29
CA ARG A 34 -3.23 0.56 -7.31
C ARG A 34 -2.46 0.34 -6.00
N GLY A 35 -2.15 -0.92 -5.74
CA GLY A 35 -1.42 -1.27 -4.53
C GLY A 35 -2.13 -2.38 -3.76
N CYS A 36 -2.95 -3.13 -4.49
CA CYS A 36 -3.69 -4.22 -3.89
C CYS A 36 -3.33 -5.52 -4.62
N CYS A 37 -3.86 -6.62 -4.11
CA CYS A 37 -3.61 -7.91 -4.71
C CYS A 37 -4.95 -8.54 -5.11
N PHE A 38 -5.02 -8.93 -6.37
CA PHE A 38 -6.23 -9.54 -6.89
C PHE A 38 -6.19 -11.06 -6.73
N ASP A 39 -7.20 -11.58 -6.04
CA ASP A 39 -7.29 -13.02 -5.81
C ASP A 39 -8.10 -13.66 -6.94
N SER A 40 -9.42 -13.60 -6.78
CA SER A 40 -10.32 -14.17 -7.76
C SER A 40 -10.60 -15.65 -7.44
N ARG A 41 -9.73 -16.20 -6.59
CA ARG A 41 -9.87 -17.59 -6.20
C ARG A 41 -11.27 -17.85 -5.64
N ILE A 42 -11.61 -17.10 -4.59
CA ILE A 42 -12.90 -17.24 -3.95
C ILE A 42 -13.69 -15.95 -4.15
N PRO A 43 -14.96 -16.11 -4.63
CA PRO A 43 -15.84 -14.97 -4.86
C PRO A 43 -16.37 -14.42 -3.55
N GLY A 44 -16.22 -15.22 -2.50
CA GLY A 44 -16.68 -14.82 -1.18
C GLY A 44 -15.59 -14.08 -0.41
N VAL A 45 -14.40 -14.08 -0.99
CA VAL A 45 -13.27 -13.42 -0.37
C VAL A 45 -12.95 -12.13 -1.15
N PRO A 46 -12.07 -11.30 -0.54
CA PRO A 46 -11.67 -10.04 -1.15
C PRO A 46 -10.71 -10.28 -2.32
N TRP A 47 -11.19 -9.96 -3.51
CA TRP A 47 -10.38 -10.13 -4.71
C TRP A 47 -9.54 -8.87 -4.90
N CYS A 48 -9.23 -8.23 -3.77
CA CYS A 48 -8.43 -7.02 -3.80
C CYS A 48 -8.06 -6.65 -2.36
N PHE A 49 -6.82 -6.93 -2.02
CA PHE A 49 -6.32 -6.64 -0.68
C PHE A 49 -4.90 -6.10 -0.72
N LYS A 50 -4.29 -6.00 0.45
CA LYS A 50 -2.93 -5.50 0.56
C LYS A 50 -2.06 -6.56 1.23
N PRO A 51 -1.83 -7.68 0.50
CA PRO A 51 -1.02 -8.76 1.01
C PRO A 51 0.46 -8.39 0.98
N LEU A 52 1.13 -8.86 -0.06
CA LEU A 52 2.55 -8.59 -0.23
C LEU A 52 2.73 -7.33 -1.07
N GLN A 53 1.78 -6.42 -0.92
CA GLN A 53 1.82 -5.16 -1.66
C GLN A 53 3.16 -4.45 -1.42
N GLU A 54 3.77 -4.78 -0.29
CA GLU A 54 5.05 -4.18 0.06
C GLU A 54 5.93 -4.04 -1.17
N ALA A 55 5.70 -4.93 -2.14
CA ALA A 55 6.47 -4.91 -3.36
C ALA A 55 6.65 -3.46 -3.83
N GLU A 56 5.57 -2.89 -4.34
CA GLU A 56 5.59 -1.52 -4.81
C GLU A 56 4.62 -0.66 -4.01
N CYS A 57 4.36 -1.10 -2.79
CA CYS A 57 3.46 -0.38 -1.91
C CYS A 57 4.29 0.35 -0.85
N THR A 58 4.96 -0.43 -0.04
CA THR A 58 5.80 0.12 1.02
C THR A 58 6.82 1.09 0.43
N PHE A 59 7.46 0.66 -0.64
CA PHE A 59 8.46 1.48 -1.31
C PHE A 59 8.10 2.97 -1.20
N GLU B 1 18.32 -5.33 4.29
CA GLU B 1 18.36 -5.00 5.71
C GLU B 1 18.35 -3.49 5.90
N GLU B 2 18.46 -2.78 4.79
CA GLU B 2 18.46 -1.32 4.83
C GLU B 2 17.03 -0.79 4.75
N TYR B 3 16.18 -1.35 5.58
CA TYR B 3 14.78 -0.94 5.61
C TYR B 3 14.56 0.19 6.62
N VAL B 4 15.07 1.36 6.27
CA VAL B 4 14.93 2.52 7.13
C VAL B 4 14.30 3.67 6.34
N GLY B 5 14.88 3.93 5.18
CA GLY B 5 14.38 4.99 4.32
C GLY B 5 13.02 4.62 3.72
N LEU B 6 12.56 3.43 4.06
CA LEU B 6 11.29 2.95 3.56
C LEU B 6 10.49 2.33 4.72
N SER B 7 10.93 2.65 5.94
CA SER B 7 10.28 2.14 7.12
C SER B 7 9.49 3.25 7.81
N ALA B 8 9.17 3.02 9.07
CA ALA B 8 8.41 3.99 9.85
C ALA B 8 9.27 5.25 10.04
N ASN B 9 9.20 6.12 9.04
CA ASN B 9 9.96 7.37 9.09
C ASN B 9 9.97 8.01 7.71
N GLN B 10 9.85 7.16 6.70
CA GLN B 10 9.85 7.63 5.32
C GLN B 10 8.68 8.58 5.09
N CYS B 11 7.59 8.33 5.81
CA CYS B 11 6.40 9.15 5.69
C CYS B 11 6.69 10.50 6.36
N ALA B 12 7.89 10.62 6.91
CA ALA B 12 8.30 11.84 7.56
C ALA B 12 9.54 12.40 6.87
N VAL B 13 9.89 11.77 5.76
CA VAL B 13 11.05 12.19 5.00
C VAL B 13 11.09 13.72 4.91
N PRO B 14 12.25 14.25 4.47
CA PRO B 14 12.42 15.69 4.34
C PRO B 14 11.67 16.22 3.12
N ALA B 15 10.61 15.51 2.76
CA ALA B 15 9.80 15.91 1.62
C ALA B 15 10.71 16.14 0.41
N LYS B 16 11.23 15.05 -0.13
CA LYS B 16 12.10 15.13 -1.28
C LYS B 16 12.83 13.79 -1.46
N ASP B 17 12.07 12.71 -1.27
CA ASP B 17 12.64 11.38 -1.40
C ASP B 17 11.50 10.38 -1.58
N ARG B 18 10.31 10.91 -1.86
CA ARG B 18 9.14 10.08 -2.07
C ARG B 18 9.00 9.71 -3.55
N VAL B 19 8.01 8.90 -3.82
CA VAL B 19 7.75 8.47 -5.19
C VAL B 19 6.51 9.19 -5.73
N ASP B 20 6.17 10.28 -5.06
CA ASP B 20 5.02 11.07 -5.46
C ASP B 20 3.94 10.14 -6.01
N CYS B 21 3.12 9.63 -5.11
CA CYS B 21 2.05 8.73 -5.51
C CYS B 21 1.38 9.29 -6.76
N GLY B 22 1.23 10.60 -6.78
CA GLY B 22 0.62 11.27 -7.91
C GLY B 22 -0.80 10.74 -8.16
N TYR B 23 -1.59 10.72 -7.09
CA TYR B 23 -2.95 10.24 -7.18
C TYR B 23 -3.92 11.40 -7.44
N PRO B 24 -4.86 11.15 -8.39
CA PRO B 24 -5.85 12.16 -8.74
C PRO B 24 -6.92 12.28 -7.66
N HIS B 25 -6.82 11.41 -6.67
CA HIS B 25 -7.77 11.40 -5.58
C HIS B 25 -7.03 11.55 -4.25
N VAL B 26 -5.85 12.15 -4.33
CA VAL B 26 -5.03 12.35 -3.14
C VAL B 26 -5.87 13.04 -2.06
N THR B 27 -5.83 12.46 -0.88
CA THR B 27 -6.57 13.01 0.25
C THR B 27 -6.16 12.34 1.55
N PRO B 28 -6.37 13.07 2.68
CA PRO B 28 -6.02 12.55 3.99
C PRO B 28 -7.03 11.49 4.44
N LYS B 29 -7.32 10.56 3.54
CA LYS B 29 -8.26 9.51 3.84
C LYS B 29 -8.36 8.56 2.65
N GLU B 30 -7.91 9.06 1.50
CA GLU B 30 -7.93 8.28 0.28
C GLU B 30 -6.55 7.68 0.00
N CYS B 31 -5.55 8.53 0.11
CA CYS B 31 -4.17 8.10 -0.12
C CYS B 31 -3.86 6.94 0.83
N ASN B 32 -4.04 7.21 2.12
CA ASN B 32 -3.78 6.21 3.13
C ASN B 32 -4.68 5.00 2.89
N ASN B 33 -5.68 5.20 2.03
CA ASN B 33 -6.60 4.13 1.71
C ASN B 33 -6.18 3.47 0.40
N ARG B 34 -5.47 4.24 -0.41
CA ARG B 34 -4.99 3.76 -1.70
C ARG B 34 -3.65 3.04 -1.53
N GLY B 35 -2.95 3.41 -0.48
CA GLY B 35 -1.65 2.82 -0.19
C GLY B 35 -0.55 3.86 -0.23
N CYS B 36 -0.95 5.11 -0.03
CA CYS B 36 0.00 6.21 -0.06
C CYS B 36 -0.08 6.93 1.30
N CYS B 37 0.79 7.93 1.45
CA CYS B 37 0.82 8.69 2.69
C CYS B 37 0.60 10.16 2.35
N PHE B 38 -0.32 10.78 3.09
CA PHE B 38 -0.63 12.19 2.87
C PHE B 38 0.21 13.08 3.79
N ASP B 39 1.00 13.93 3.15
CA ASP B 39 1.85 14.85 3.89
C ASP B 39 1.03 16.06 4.34
N SER B 40 0.88 17.01 3.43
CA SER B 40 0.13 18.22 3.73
C SER B 40 1.03 19.25 4.39
N ARG B 41 2.09 18.77 5.00
CA ARG B 41 3.04 19.64 5.67
C ARG B 41 3.74 20.54 4.65
N ILE B 42 4.13 19.95 3.53
CA ILE B 42 4.81 20.68 2.48
C ILE B 42 3.99 20.58 1.19
N PRO B 43 3.31 21.71 0.85
CA PRO B 43 2.49 21.75 -0.36
C PRO B 43 3.36 21.85 -1.61
N GLY B 44 4.67 21.92 -1.39
CA GLY B 44 5.61 22.01 -2.48
C GLY B 44 6.12 20.63 -2.89
N VAL B 45 5.71 19.63 -2.12
CA VAL B 45 6.10 18.26 -2.39
C VAL B 45 4.85 17.40 -2.59
N PRO B 46 5.10 16.08 -2.77
CA PRO B 46 3.99 15.14 -2.98
C PRO B 46 3.26 14.86 -1.67
N TRP B 47 1.98 15.22 -1.66
CA TRP B 47 1.15 15.02 -0.48
C TRP B 47 0.49 13.63 -0.59
N CYS B 48 1.18 12.75 -1.30
CA CYS B 48 0.68 11.40 -1.49
C CYS B 48 1.80 10.54 -2.09
N PHE B 49 2.44 9.76 -1.22
CA PHE B 49 3.52 8.90 -1.65
C PHE B 49 3.45 7.54 -0.95
N LYS B 50 4.50 6.76 -1.14
CA LYS B 50 4.57 5.45 -0.53
C LYS B 50 5.74 5.39 0.45
N PRO B 51 5.59 6.17 1.57
CA PRO B 51 6.62 6.23 2.59
C PRO B 51 6.62 4.95 3.44
N LEU B 52 6.11 5.08 4.65
CA LEU B 52 6.05 3.96 5.56
C LEU B 52 4.68 3.29 5.45
N GLN B 53 4.21 3.18 4.22
CA GLN B 53 2.93 2.57 3.96
C GLN B 53 2.80 1.25 4.73
N GLU B 54 3.94 0.70 5.08
CA GLU B 54 3.98 -0.55 5.83
C GLU B 54 2.84 -0.59 6.85
N ALA B 55 2.45 0.59 7.30
CA ALA B 55 1.38 0.70 8.27
C ALA B 55 0.39 -0.45 8.07
N GLU B 56 -0.34 -0.38 6.97
CA GLU B 56 -1.32 -1.41 6.66
C GLU B 56 -1.22 -1.80 5.18
N CYS B 57 -0.07 -1.49 4.59
CA CYS B 57 0.16 -1.79 3.19
C CYS B 57 0.85 -3.15 3.12
N THR B 58 2.06 -3.20 3.67
CA THR B 58 2.83 -4.43 3.67
C THR B 58 2.05 -5.56 4.33
N PHE B 59 1.24 -5.18 5.32
CA PHE B 59 0.44 -6.15 6.04
C PHE B 59 -0.09 -7.23 5.10
N GLU A 1 8.35 -15.04 12.42
CA GLU A 1 7.72 -13.81 11.98
C GLU A 1 8.69 -13.00 11.11
N GLU A 2 9.23 -13.67 10.10
CA GLU A 2 10.17 -13.03 9.20
C GLU A 2 9.42 -12.33 8.06
N TYR A 3 9.86 -12.62 6.85
CA TYR A 3 9.25 -12.03 5.67
C TYR A 3 8.08 -12.89 5.17
N VAL A 4 6.94 -12.71 5.82
CA VAL A 4 5.74 -13.47 5.47
C VAL A 4 4.61 -12.50 5.19
N GLY A 5 4.32 -11.67 6.19
CA GLY A 5 3.25 -10.70 6.07
C GLY A 5 3.61 -9.60 5.07
N LEU A 6 4.78 -9.76 4.46
CA LEU A 6 5.26 -8.80 3.49
C LEU A 6 6.06 -9.53 2.40
N SER A 7 5.72 -10.81 2.23
CA SER A 7 6.40 -11.62 1.23
C SER A 7 5.51 -11.79 0.00
N ALA A 8 6.13 -12.22 -1.08
CA ALA A 8 5.41 -12.43 -2.33
C ALA A 8 4.44 -13.60 -2.17
N ASN A 9 4.53 -14.24 -1.02
CA ASN A 9 3.68 -15.38 -0.72
C ASN A 9 2.44 -14.90 0.06
N GLN A 10 2.50 -13.64 0.45
CA GLN A 10 1.40 -13.04 1.20
C GLN A 10 0.14 -12.97 0.33
N CYS A 11 0.36 -12.60 -0.93
CA CYS A 11 -0.75 -12.49 -1.87
C CYS A 11 -1.17 -13.90 -2.28
N ALA A 12 -0.49 -14.88 -1.70
CA ALA A 12 -0.79 -16.27 -1.99
C ALA A 12 -1.45 -16.92 -0.77
N VAL A 13 -1.80 -16.07 0.18
CA VAL A 13 -2.44 -16.55 1.41
C VAL A 13 -3.61 -17.48 1.04
N PRO A 14 -4.08 -18.23 2.06
CA PRO A 14 -5.19 -19.15 1.87
C PRO A 14 -6.51 -18.40 1.75
N ALA A 15 -6.43 -17.18 1.26
CA ALA A 15 -7.60 -16.35 1.09
C ALA A 15 -8.47 -16.44 2.34
N LYS A 16 -7.87 -16.09 3.47
CA LYS A 16 -8.57 -16.13 4.74
C LYS A 16 -7.72 -15.44 5.81
N ASP A 17 -6.96 -14.45 5.37
CA ASP A 17 -6.11 -13.69 6.26
C ASP A 17 -5.79 -12.33 5.65
N ARG A 18 -6.59 -11.96 4.65
CA ARG A 18 -6.42 -10.69 3.97
C ARG A 18 -7.18 -9.59 4.70
N VAL A 19 -6.98 -8.37 4.24
CA VAL A 19 -7.65 -7.22 4.84
C VAL A 19 -8.82 -6.79 3.95
N ASP A 20 -9.25 -7.73 3.10
CA ASP A 20 -10.35 -7.47 2.20
C ASP A 20 -10.37 -5.98 1.84
N CYS A 21 -9.60 -5.63 0.82
CA CYS A 21 -9.53 -4.26 0.37
C CYS A 21 -10.95 -3.73 0.20
N GLY A 22 -11.82 -4.62 -0.26
CA GLY A 22 -13.21 -4.26 -0.47
C GLY A 22 -13.32 -2.92 -1.21
N TYR A 23 -12.76 -2.89 -2.41
CA TYR A 23 -12.79 -1.68 -3.23
C TYR A 23 -14.03 -1.66 -4.13
N PRO A 24 -14.54 -0.42 -4.35
CA PRO A 24 -15.71 -0.25 -5.20
C PRO A 24 -15.36 -0.41 -6.67
N HIS A 25 -14.06 -0.49 -6.93
CA HIS A 25 -13.57 -0.65 -8.29
C HIS A 25 -12.62 -1.85 -8.36
N VAL A 26 -12.88 -2.82 -7.49
CA VAL A 26 -12.06 -4.02 -7.44
C VAL A 26 -12.00 -4.64 -8.84
N THR A 27 -10.79 -4.89 -9.30
CA THR A 27 -10.58 -5.48 -10.62
C THR A 27 -9.12 -5.92 -10.78
N PRO A 28 -8.92 -6.91 -11.68
CA PRO A 28 -7.58 -7.42 -11.94
C PRO A 28 -6.78 -6.44 -12.80
N LYS A 29 -6.69 -5.21 -12.31
CA LYS A 29 -5.96 -4.17 -13.02
C LYS A 29 -6.08 -2.85 -12.24
N GLU A 30 -7.11 -2.78 -11.42
CA GLU A 30 -7.35 -1.59 -10.62
C GLU A 30 -6.83 -1.79 -9.19
N CYS A 31 -7.19 -2.93 -8.63
CA CYS A 31 -6.76 -3.26 -7.28
C CYS A 31 -5.24 -3.19 -7.22
N ASN A 32 -4.62 -3.91 -8.14
CA ASN A 32 -3.17 -3.93 -8.22
C ASN A 32 -2.65 -2.55 -8.59
N ASN A 33 -3.59 -1.65 -8.85
CA ASN A 33 -3.24 -0.29 -9.23
C ASN A 33 -3.51 0.65 -8.04
N ARG A 34 -4.47 0.24 -7.22
CA ARG A 34 -4.84 1.03 -6.06
C ARG A 34 -3.90 0.71 -4.89
N GLY A 35 -3.30 -0.47 -4.96
CA GLY A 35 -2.40 -0.91 -3.91
C GLY A 35 -2.92 -2.17 -3.23
N CYS A 36 -3.72 -2.92 -3.97
CA CYS A 36 -4.28 -4.15 -3.46
C CYS A 36 -3.83 -5.30 -4.35
N CYS A 37 -4.31 -6.49 -4.02
CA CYS A 37 -3.96 -7.68 -4.78
C CYS A 37 -5.26 -8.42 -5.14
N PHE A 38 -5.45 -8.61 -6.43
CA PHE A 38 -6.65 -9.30 -6.91
C PHE A 38 -6.43 -10.81 -6.96
N ASP A 39 -7.27 -11.53 -6.24
CA ASP A 39 -7.19 -12.97 -6.19
C ASP A 39 -8.06 -13.57 -7.30
N SER A 40 -9.34 -13.70 -6.99
CA SER A 40 -10.28 -14.26 -7.95
C SER A 40 -10.34 -15.78 -7.81
N ARG A 41 -9.33 -16.32 -7.15
CA ARG A 41 -9.25 -17.76 -6.94
C ARG A 41 -10.46 -18.23 -6.13
N ILE A 42 -10.77 -17.47 -5.09
CA ILE A 42 -11.90 -17.81 -4.23
C ILE A 42 -12.90 -16.65 -4.24
N PRO A 43 -14.10 -16.93 -4.82
CA PRO A 43 -15.15 -15.93 -4.90
C PRO A 43 -15.82 -15.73 -3.54
N GLY A 44 -15.45 -16.59 -2.60
CA GLY A 44 -16.00 -16.52 -1.26
C GLY A 44 -15.11 -15.67 -0.34
N VAL A 45 -13.98 -15.26 -0.88
CA VAL A 45 -13.04 -14.45 -0.13
C VAL A 45 -12.84 -13.11 -0.85
N PRO A 46 -11.96 -12.27 -0.25
CA PRO A 46 -11.66 -10.96 -0.81
C PRO A 46 -10.76 -11.09 -2.05
N TRP A 47 -11.31 -10.67 -3.18
CA TRP A 47 -10.57 -10.73 -4.43
C TRP A 47 -9.83 -9.41 -4.61
N CYS A 48 -9.50 -8.80 -3.47
CA CYS A 48 -8.79 -7.53 -3.47
C CYS A 48 -8.37 -7.21 -2.04
N PHE A 49 -7.07 -7.28 -1.81
CA PHE A 49 -6.53 -6.99 -0.49
C PHE A 49 -5.12 -6.39 -0.59
N LYS A 50 -4.48 -6.29 0.57
CA LYS A 50 -3.14 -5.75 0.62
C LYS A 50 -2.18 -6.80 1.18
N PRO A 51 -1.91 -7.83 0.33
CA PRO A 51 -1.03 -8.90 0.73
C PRO A 51 0.44 -8.46 0.69
N LEU A 52 1.10 -8.77 -0.40
CA LEU A 52 2.50 -8.41 -0.57
C LEU A 52 2.58 -7.08 -1.32
N GLN A 53 1.59 -6.23 -1.08
CA GLN A 53 1.53 -4.93 -1.72
C GLN A 53 2.84 -4.17 -1.48
N GLU A 54 3.55 -4.60 -0.45
CA GLU A 54 4.82 -3.97 -0.11
C GLU A 54 5.61 -3.64 -1.37
N ALA A 55 5.35 -4.42 -2.41
CA ALA A 55 6.03 -4.23 -3.69
C ALA A 55 6.22 -2.73 -3.93
N GLU A 56 5.12 -2.08 -4.28
CA GLU A 56 5.15 -0.65 -4.55
C GLU A 56 4.11 0.07 -3.69
N CYS A 57 3.77 -0.56 -2.58
CA CYS A 57 2.79 0.01 -1.66
C CYS A 57 3.54 0.54 -0.43
N THR A 58 4.36 -0.33 0.14
CA THR A 58 5.13 0.04 1.31
C THR A 58 6.43 0.74 0.90
N PHE A 59 7.01 0.27 -0.18
CA PHE A 59 8.24 0.84 -0.69
C PHE A 59 8.30 2.34 -0.42
N GLU B 1 17.77 -6.16 9.42
CA GLU B 1 16.64 -5.49 10.04
C GLU B 1 16.81 -3.97 9.95
N GLU B 2 16.96 -3.50 8.72
CA GLU B 2 17.14 -2.07 8.48
C GLU B 2 15.78 -1.40 8.26
N TYR B 3 14.98 -1.36 9.33
CA TYR B 3 13.67 -0.76 9.27
C TYR B 3 13.73 0.73 9.63
N VAL B 4 14.10 1.54 8.65
CA VAL B 4 14.20 2.97 8.86
C VAL B 4 13.51 3.70 7.70
N GLY B 5 13.98 3.42 6.50
CA GLY B 5 13.41 4.03 5.31
C GLY B 5 11.99 3.53 5.05
N LEU B 6 11.52 2.67 5.95
CA LEU B 6 10.19 2.11 5.84
C LEU B 6 9.59 1.93 7.24
N SER B 7 10.08 2.73 8.16
CA SER B 7 9.61 2.67 9.54
C SER B 7 8.71 3.88 9.83
N ALA B 8 8.13 3.86 11.03
CA ALA B 8 7.25 4.93 11.45
C ALA B 8 8.05 6.22 11.59
N ASN B 9 8.17 6.94 10.48
CA ASN B 9 8.91 8.19 10.47
C ASN B 9 9.24 8.56 9.03
N GLN B 10 9.29 7.55 8.17
CA GLN B 10 9.59 7.76 6.77
C GLN B 10 8.57 8.71 6.14
N CYS B 11 7.33 8.59 6.60
CA CYS B 11 6.26 9.43 6.10
C CYS B 11 6.51 10.87 6.56
N ALA B 12 7.52 11.01 7.41
CA ALA B 12 7.87 12.31 7.93
C ALA B 12 9.16 12.79 7.26
N VAL B 13 9.55 12.06 6.23
CA VAL B 13 10.76 12.41 5.49
C VAL B 13 10.83 13.92 5.31
N PRO B 14 12.06 14.41 5.01
CA PRO B 14 12.28 15.84 4.81
C PRO B 14 11.72 16.29 3.46
N ALA B 15 10.70 15.60 3.01
CA ALA B 15 10.07 15.91 1.74
C ALA B 15 11.14 15.97 0.65
N LYS B 16 11.65 14.79 0.31
CA LYS B 16 12.68 14.69 -0.71
C LYS B 16 13.36 13.32 -0.61
N ASP B 17 12.53 12.31 -0.38
CA ASP B 17 13.04 10.95 -0.27
C ASP B 17 11.90 9.95 -0.52
N ARG B 18 10.80 10.49 -1.03
CA ARG B 18 9.63 9.67 -1.32
C ARG B 18 9.70 9.16 -2.76
N VAL B 19 8.68 8.38 -3.12
CA VAL B 19 8.61 7.82 -4.46
C VAL B 19 7.46 8.48 -5.21
N ASP B 20 7.08 9.66 -4.75
CA ASP B 20 5.99 10.40 -5.37
C ASP B 20 4.97 9.41 -5.93
N CYS B 21 4.03 9.04 -5.09
CA CYS B 21 2.99 8.10 -5.49
C CYS B 21 2.40 8.59 -6.81
N GLY B 22 2.29 9.90 -6.93
CA GLY B 22 1.73 10.51 -8.13
C GLY B 22 0.32 10.01 -8.39
N TYR B 23 -0.52 10.15 -7.37
CA TYR B 23 -1.91 9.72 -7.48
C TYR B 23 -2.78 10.84 -8.03
N PRO B 24 -3.74 10.45 -8.92
CA PRO B 24 -4.64 11.42 -9.52
C PRO B 24 -5.72 11.85 -8.53
N HIS B 25 -5.77 11.14 -7.41
CA HIS B 25 -6.74 11.44 -6.38
C HIS B 25 -6.02 11.71 -5.05
N VAL B 26 -4.82 12.24 -5.18
CA VAL B 26 -4.01 12.56 -4.01
C VAL B 26 -4.85 13.37 -3.03
N THR B 27 -5.01 12.81 -1.83
CA THR B 27 -5.79 13.47 -0.79
C THR B 27 -5.58 12.78 0.55
N PRO B 28 -5.76 13.57 1.65
CA PRO B 28 -5.60 13.04 2.99
C PRO B 28 -6.79 12.15 3.38
N LYS B 29 -7.09 11.21 2.51
CA LYS B 29 -8.20 10.30 2.74
C LYS B 29 -8.23 9.25 1.63
N GLU B 30 -7.65 9.60 0.49
CA GLU B 30 -7.60 8.70 -0.64
C GLU B 30 -6.25 7.98 -0.70
N CYS B 31 -5.19 8.76 -0.51
CA CYS B 31 -3.85 8.21 -0.55
C CYS B 31 -3.71 7.22 0.61
N ASN B 32 -3.99 7.72 1.81
CA ASN B 32 -3.89 6.88 3.00
C ASN B 32 -4.93 5.75 2.91
N ASN B 33 -5.74 5.82 1.86
CA ASN B 33 -6.76 4.81 1.65
C ASN B 33 -6.32 3.88 0.52
N ARG B 34 -5.53 4.43 -0.39
CA ARG B 34 -5.04 3.66 -1.52
C ARG B 34 -3.75 2.93 -1.14
N GLY B 35 -2.99 3.56 -0.26
CA GLY B 35 -1.73 2.99 0.19
C GLY B 35 -0.59 4.00 0.06
N CYS B 36 -0.95 5.27 0.08
CA CYS B 36 0.02 6.33 -0.03
C CYS B 36 -0.09 7.23 1.20
N CYS B 37 0.89 8.10 1.35
CA CYS B 37 0.92 9.02 2.48
C CYS B 37 0.78 10.45 1.94
N PHE B 38 -0.17 11.17 2.53
CA PHE B 38 -0.41 12.55 2.12
C PHE B 38 0.36 13.53 3.01
N ASP B 39 1.24 14.29 2.37
CA ASP B 39 2.05 15.26 3.08
C ASP B 39 1.21 16.52 3.33
N SER B 40 1.18 17.38 2.32
CA SER B 40 0.42 18.62 2.41
C SER B 40 1.28 19.71 3.04
N ARG B 41 2.27 19.26 3.82
CA ARG B 41 3.17 20.19 4.49
C ARG B 41 4.00 20.95 3.46
N ILE B 42 4.48 20.22 2.47
CA ILE B 42 5.30 20.81 1.42
C ILE B 42 4.62 20.58 0.07
N PRO B 43 4.04 21.68 -0.49
CA PRO B 43 3.36 21.60 -1.77
C PRO B 43 4.37 21.52 -2.92
N GLY B 44 5.64 21.60 -2.55
CA GLY B 44 6.70 21.53 -3.53
C GLY B 44 7.18 20.09 -3.74
N VAL B 45 6.64 19.21 -2.91
CA VAL B 45 7.00 17.80 -2.99
C VAL B 45 5.73 16.97 -3.24
N PRO B 46 5.92 15.63 -3.25
CA PRO B 46 4.80 14.71 -3.47
C PRO B 46 3.91 14.63 -2.22
N TRP B 47 2.65 14.97 -2.42
CA TRP B 47 1.69 14.94 -1.33
C TRP B 47 1.00 13.57 -1.36
N CYS B 48 1.72 12.58 -1.89
CA CYS B 48 1.19 11.24 -1.97
C CYS B 48 2.34 10.30 -2.34
N PHE B 49 2.84 9.60 -1.34
CA PHE B 49 3.94 8.66 -1.55
C PHE B 49 3.70 7.37 -0.77
N LYS B 50 4.75 6.55 -0.72
CA LYS B 50 4.67 5.29 -0.01
C LYS B 50 5.76 5.23 1.05
N PRO B 51 5.60 6.09 2.10
CA PRO B 51 6.56 6.14 3.19
C PRO B 51 6.41 4.94 4.12
N LEU B 52 5.71 5.16 5.21
CA LEU B 52 5.49 4.10 6.19
C LEU B 52 4.15 3.44 5.92
N GLN B 53 3.82 3.34 4.63
CA GLN B 53 2.56 2.73 4.23
C GLN B 53 2.43 1.33 4.83
N GLU B 54 3.57 0.79 5.24
CA GLU B 54 3.59 -0.53 5.84
C GLU B 54 2.46 -0.68 6.86
N ALA B 55 1.96 0.46 7.31
CA ALA B 55 0.88 0.48 8.29
C ALA B 55 -0.04 -0.71 8.02
N GLU B 56 -0.66 -0.70 6.85
CA GLU B 56 -1.57 -1.77 6.47
C GLU B 56 -1.46 -2.04 4.97
N CYS B 57 -0.38 -1.55 4.38
CA CYS B 57 -0.16 -1.73 2.95
C CYS B 57 0.73 -2.97 2.78
N THR B 58 1.87 -2.95 3.44
CA THR B 58 2.81 -4.05 3.37
C THR B 58 2.20 -5.32 3.97
N PHE B 59 1.46 -5.11 5.05
CA PHE B 59 0.81 -6.22 5.73
C PHE B 59 0.42 -7.33 4.73
N GLU A 1 14.89 -10.16 6.27
CA GLU A 1 13.87 -11.03 5.71
C GLU A 1 12.88 -11.45 6.79
N GLU A 2 12.71 -10.58 7.77
CA GLU A 2 11.79 -10.84 8.87
C GLU A 2 10.35 -10.68 8.40
N TYR A 3 10.20 -10.15 7.20
CA TYR A 3 8.88 -9.94 6.63
C TYR A 3 8.44 -11.15 5.81
N VAL A 4 7.56 -11.94 6.40
CA VAL A 4 7.06 -13.13 5.74
C VAL A 4 5.60 -12.90 5.34
N GLY A 5 4.82 -12.46 6.32
CA GLY A 5 3.40 -12.21 6.10
C GLY A 5 3.20 -10.94 5.26
N LEU A 6 4.31 -10.44 4.72
CA LEU A 6 4.26 -9.24 3.91
C LEU A 6 5.18 -9.42 2.70
N SER A 7 5.56 -10.68 2.46
CA SER A 7 6.43 -10.99 1.33
C SER A 7 5.63 -11.69 0.23
N ALA A 8 6.31 -11.93 -0.88
CA ALA A 8 5.67 -12.58 -2.02
C ALA A 8 5.24 -13.99 -1.61
N ASN A 9 4.06 -14.05 -0.98
CA ASN A 9 3.51 -15.32 -0.54
C ASN A 9 2.25 -15.07 0.27
N GLN A 10 2.25 -13.95 0.99
CA GLN A 10 1.11 -13.58 1.80
C GLN A 10 -0.14 -13.41 0.93
N CYS A 11 0.08 -12.95 -0.28
CA CYS A 11 -1.01 -12.74 -1.22
C CYS A 11 -1.60 -14.10 -1.57
N ALA A 12 -0.95 -15.14 -1.08
CA ALA A 12 -1.40 -16.51 -1.33
C ALA A 12 -2.16 -17.01 -0.11
N VAL A 13 -2.62 -16.08 0.71
CA VAL A 13 -3.36 -16.41 1.91
C VAL A 13 -4.33 -17.55 1.60
N PRO A 14 -4.89 -18.14 2.69
CA PRO A 14 -5.84 -19.24 2.54
C PRO A 14 -7.21 -18.72 2.08
N ALA A 15 -7.27 -17.43 1.83
CA ALA A 15 -8.50 -16.80 1.37
C ALA A 15 -9.38 -16.48 2.59
N LYS A 16 -8.74 -15.91 3.61
CA LYS A 16 -9.46 -15.56 4.82
C LYS A 16 -8.47 -15.02 5.86
N ASP A 17 -7.55 -14.20 5.36
CA ASP A 17 -6.54 -13.61 6.23
C ASP A 17 -6.14 -12.24 5.68
N ARG A 18 -6.93 -11.76 4.72
CA ARG A 18 -6.66 -10.48 4.11
C ARG A 18 -7.40 -9.37 4.86
N VAL A 19 -7.22 -8.15 4.38
CA VAL A 19 -7.87 -7.00 4.99
C VAL A 19 -8.93 -6.45 4.04
N ASP A 20 -9.34 -7.29 3.10
CA ASP A 20 -10.34 -6.89 2.13
C ASP A 20 -10.17 -5.41 1.79
N CYS A 21 -9.34 -5.16 0.79
CA CYS A 21 -9.09 -3.80 0.35
C CYS A 21 -10.43 -3.11 0.11
N GLY A 22 -11.38 -3.89 -0.36
CA GLY A 22 -12.71 -3.36 -0.63
C GLY A 22 -12.64 -2.19 -1.61
N TYR A 23 -12.06 -2.45 -2.77
CA TYR A 23 -11.94 -1.42 -3.79
C TYR A 23 -13.14 -1.42 -4.73
N PRO A 24 -13.53 -0.20 -5.17
CA PRO A 24 -14.67 -0.05 -6.07
C PRO A 24 -14.29 -0.48 -7.49
N HIS A 25 -13.00 -0.65 -7.70
CA HIS A 25 -12.50 -1.05 -9.01
C HIS A 25 -11.59 -2.26 -8.86
N VAL A 26 -12.04 -3.21 -8.06
CA VAL A 26 -11.28 -4.42 -7.81
C VAL A 26 -11.09 -5.17 -9.13
N THR A 27 -9.82 -5.36 -9.49
CA THR A 27 -9.49 -6.07 -10.72
C THR A 27 -7.99 -6.36 -10.77
N PRO A 28 -7.65 -7.43 -11.54
CA PRO A 28 -6.27 -7.84 -11.68
C PRO A 28 -5.51 -6.89 -12.61
N LYS A 29 -5.51 -5.61 -12.23
CA LYS A 29 -4.84 -4.60 -13.02
C LYS A 29 -4.99 -3.24 -12.33
N GLU A 30 -6.06 -3.12 -11.58
CA GLU A 30 -6.33 -1.88 -10.86
C GLU A 30 -5.87 -2.00 -9.42
N CYS A 31 -6.22 -3.11 -8.80
CA CYS A 31 -5.85 -3.35 -7.41
C CYS A 31 -4.32 -3.45 -7.34
N ASN A 32 -3.77 -4.33 -8.16
CA ASN A 32 -2.34 -4.53 -8.19
C ASN A 32 -1.66 -3.25 -8.68
N ASN A 33 -2.49 -2.29 -9.07
CA ASN A 33 -2.00 -1.02 -9.56
C ASN A 33 -2.24 0.06 -8.51
N ARG A 34 -3.27 -0.16 -7.70
CA ARG A 34 -3.61 0.78 -6.66
C ARG A 34 -2.79 0.49 -5.38
N GLY A 35 -2.47 -0.77 -5.21
CA GLY A 35 -1.69 -1.19 -4.05
C GLY A 35 -2.37 -2.35 -3.33
N CYS A 36 -3.19 -3.08 -4.07
CA CYS A 36 -3.91 -4.21 -3.51
C CYS A 36 -3.52 -5.46 -4.32
N CYS A 37 -4.04 -6.59 -3.88
CA CYS A 37 -3.77 -7.86 -4.54
C CYS A 37 -5.10 -8.48 -4.94
N PHE A 38 -5.24 -8.76 -6.23
CA PHE A 38 -6.46 -9.36 -6.75
C PHE A 38 -6.36 -10.89 -6.73
N ASP A 39 -7.30 -11.50 -6.01
CA ASP A 39 -7.32 -12.94 -5.90
C ASP A 39 -8.13 -13.52 -7.07
N SER A 40 -9.44 -13.52 -6.89
CA SER A 40 -10.33 -14.03 -7.92
C SER A 40 -10.50 -15.55 -7.75
N ARG A 41 -9.62 -16.12 -6.95
CA ARG A 41 -9.66 -17.56 -6.69
C ARG A 41 -10.96 -17.92 -5.97
N ILE A 42 -11.29 -17.13 -4.96
CA ILE A 42 -12.48 -17.36 -4.18
C ILE A 42 -13.38 -16.12 -4.25
N PRO A 43 -14.59 -16.31 -4.83
CA PRO A 43 -15.54 -15.22 -4.96
C PRO A 43 -16.21 -14.91 -3.62
N GLY A 44 -15.94 -15.77 -2.65
CA GLY A 44 -16.50 -15.60 -1.32
C GLY A 44 -15.54 -14.83 -0.41
N VAL A 45 -14.38 -14.52 -0.97
CA VAL A 45 -13.36 -13.79 -0.22
C VAL A 45 -13.06 -12.47 -0.94
N PRO A 46 -12.15 -11.67 -0.32
CA PRO A 46 -11.76 -10.39 -0.89
C PRO A 46 -10.84 -10.58 -2.08
N TRP A 47 -11.33 -10.17 -3.25
CA TRP A 47 -10.56 -10.29 -4.47
C TRP A 47 -9.71 -9.02 -4.62
N CYS A 48 -9.39 -8.42 -3.49
CA CYS A 48 -8.60 -7.21 -3.48
C CYS A 48 -8.21 -6.90 -2.02
N PHE A 49 -6.94 -7.11 -1.73
CA PHE A 49 -6.43 -6.84 -0.40
C PHE A 49 -5.01 -6.28 -0.44
N LYS A 50 -4.39 -6.23 0.72
CA LYS A 50 -3.04 -5.72 0.82
C LYS A 50 -2.13 -6.79 1.43
N PRO A 51 -1.90 -7.86 0.64
CA PRO A 51 -1.05 -8.96 1.10
C PRO A 51 0.42 -8.56 1.06
N LEU A 52 1.09 -8.99 -0.02
CA LEU A 52 2.50 -8.69 -0.18
C LEU A 52 2.65 -7.39 -0.98
N GLN A 53 1.69 -6.50 -0.79
CA GLN A 53 1.71 -5.23 -1.49
C GLN A 53 3.04 -4.50 -1.24
N GLU A 54 3.68 -4.87 -0.14
CA GLU A 54 4.95 -4.27 0.21
C GLU A 54 5.81 -4.07 -1.03
N ALA A 55 5.56 -4.91 -2.02
CA ALA A 55 6.31 -4.84 -3.27
C ALA A 55 6.58 -3.37 -3.62
N GLU A 56 5.52 -2.68 -4.03
CA GLU A 56 5.63 -1.29 -4.38
C GLU A 56 4.59 -0.46 -3.62
N CYS A 57 4.19 -0.99 -2.47
CA CYS A 57 3.21 -0.31 -1.63
C CYS A 57 3.95 0.31 -0.44
N THR A 58 4.62 -0.55 0.30
CA THR A 58 5.36 -0.11 1.47
C THR A 58 6.53 0.78 1.05
N PHE A 59 7.21 0.34 -0.01
CA PHE A 59 8.35 1.09 -0.52
C PHE A 59 8.15 2.59 -0.34
N GLU B 1 16.78 -6.99 6.58
CA GLU B 1 17.41 -5.87 5.92
C GLU B 1 17.23 -4.60 6.76
N GLU B 2 17.85 -3.53 6.27
CA GLU B 2 17.77 -2.25 6.96
C GLU B 2 16.57 -1.45 6.46
N TYR B 3 15.39 -1.87 6.89
CA TYR B 3 14.16 -1.22 6.50
C TYR B 3 13.83 -0.06 7.43
N VAL B 4 14.52 1.06 7.21
CA VAL B 4 14.31 2.24 8.04
C VAL B 4 13.72 3.36 7.16
N GLY B 5 14.37 3.60 6.04
CA GLY B 5 13.93 4.63 5.12
C GLY B 5 12.63 4.22 4.43
N LEU B 6 12.14 3.05 4.80
CA LEU B 6 10.91 2.53 4.21
C LEU B 6 10.00 2.03 5.33
N SER B 7 10.36 2.39 6.56
CA SER B 7 9.58 1.99 7.71
C SER B 7 8.85 3.19 8.29
N ALA B 8 8.28 2.99 9.48
CA ALA B 8 7.55 4.06 10.15
C ALA B 8 8.50 5.24 10.40
N ASN B 9 8.63 6.06 9.38
CA ASN B 9 9.49 7.23 9.48
C ASN B 9 9.62 7.88 8.08
N GLN B 10 9.56 7.03 7.07
CA GLN B 10 9.67 7.50 5.69
C GLN B 10 8.54 8.48 5.38
N CYS B 11 7.43 8.28 6.06
CA CYS B 11 6.27 9.14 5.86
C CYS B 11 6.54 10.49 6.52
N ALA B 12 7.72 10.58 7.13
CA ALA B 12 8.12 11.81 7.79
C ALA B 12 9.36 12.39 7.09
N VAL B 13 9.73 11.73 6.00
CA VAL B 13 10.89 12.17 5.23
C VAL B 13 10.86 13.70 5.09
N PRO B 14 12.02 14.25 4.65
CA PRO B 14 12.13 15.69 4.46
C PRO B 14 11.38 16.14 3.20
N ALA B 15 10.36 15.38 2.85
CA ALA B 15 9.57 15.69 1.67
C ALA B 15 10.50 16.05 0.51
N LYS B 16 11.38 15.11 0.20
CA LYS B 16 12.32 15.31 -0.89
C LYS B 16 13.07 14.00 -1.16
N ASP B 17 12.35 12.90 -0.95
CA ASP B 17 12.94 11.59 -1.17
C ASP B 17 11.82 10.56 -1.33
N ARG B 18 10.63 11.07 -1.63
CA ARG B 18 9.48 10.21 -1.81
C ARG B 18 9.39 9.73 -3.26
N VAL B 19 8.42 8.87 -3.51
CA VAL B 19 8.22 8.33 -4.84
C VAL B 19 7.00 8.99 -5.48
N ASP B 20 6.63 10.13 -4.94
CA ASP B 20 5.49 10.87 -5.44
C ASP B 20 4.46 9.89 -6.02
N CYS B 21 3.60 9.40 -5.16
CA CYS B 21 2.57 8.46 -5.58
C CYS B 21 1.91 9.00 -6.84
N GLY B 22 1.81 10.32 -6.90
CA GLY B 22 1.21 10.97 -8.04
C GLY B 22 -0.24 10.50 -8.25
N TYR B 23 -0.99 10.52 -7.17
CA TYR B 23 -2.38 10.10 -7.21
C TYR B 23 -3.29 11.25 -7.61
N PRO B 24 -4.23 10.95 -8.56
CA PRO B 24 -5.16 11.95 -9.04
C PRO B 24 -6.26 12.22 -8.00
N HIS B 25 -6.22 11.45 -6.94
CA HIS B 25 -7.20 11.58 -5.87
C HIS B 25 -6.48 11.84 -4.55
N VAL B 26 -5.28 12.40 -4.65
CA VAL B 26 -4.48 12.70 -3.48
C VAL B 26 -5.36 13.38 -2.44
N THR B 27 -5.43 12.76 -1.26
CA THR B 27 -6.22 13.29 -0.17
C THR B 27 -5.90 12.56 1.13
N PRO B 28 -6.10 13.29 2.26
CA PRO B 28 -5.84 12.72 3.58
C PRO B 28 -6.93 11.73 3.98
N LYS B 29 -7.23 10.82 3.05
CA LYS B 29 -8.24 9.81 3.30
C LYS B 29 -8.29 8.85 2.11
N GLU B 30 -7.79 9.33 0.97
CA GLU B 30 -7.77 8.52 -0.23
C GLU B 30 -6.40 7.86 -0.41
N CYS B 31 -5.36 8.66 -0.21
CA CYS B 31 -4.00 8.18 -0.35
C CYS B 31 -3.77 7.09 0.70
N ASN B 32 -4.02 7.45 1.95
CA ASN B 32 -3.84 6.51 3.04
C ASN B 32 -4.83 5.36 2.89
N ASN B 33 -5.71 5.51 1.91
CA ASN B 33 -6.72 4.49 1.64
C ASN B 33 -6.27 3.65 0.45
N ARG B 34 -5.54 4.29 -0.46
CA ARG B 34 -5.05 3.61 -1.63
C ARG B 34 -3.72 2.91 -1.34
N GLY B 35 -2.98 3.48 -0.41
CA GLY B 35 -1.70 2.93 -0.02
C GLY B 35 -0.59 3.98 -0.12
N CYS B 36 -1.00 5.24 -0.03
CA CYS B 36 -0.06 6.34 -0.11
C CYS B 36 -0.17 7.16 1.17
N CYS B 37 0.81 8.03 1.37
CA CYS B 37 0.83 8.89 2.54
C CYS B 37 0.68 10.33 2.09
N PHE B 38 -0.24 11.03 2.75
CA PHE B 38 -0.50 12.42 2.42
C PHE B 38 0.21 13.34 3.41
N ASP B 39 1.11 14.16 2.88
CA ASP B 39 1.85 15.09 3.69
C ASP B 39 1.01 16.34 3.94
N SER B 40 0.98 17.21 2.94
CA SER B 40 0.21 18.43 3.03
C SER B 40 1.06 19.53 3.68
N ARG B 41 2.15 19.11 4.29
CA ARG B 41 3.05 20.04 4.95
C ARG B 41 3.75 20.93 3.92
N ILE B 42 4.18 20.29 2.84
CA ILE B 42 4.86 21.01 1.77
C ILE B 42 4.08 20.85 0.47
N PRO B 43 3.48 21.98 0.01
CA PRO B 43 2.71 21.97 -1.21
C PRO B 43 3.62 21.90 -2.45
N GLY B 44 4.92 21.98 -2.18
CA GLY B 44 5.90 21.93 -3.25
C GLY B 44 6.44 20.51 -3.44
N VAL B 45 5.97 19.61 -2.58
CA VAL B 45 6.40 18.23 -2.63
C VAL B 45 5.18 17.34 -2.87
N PRO B 46 5.45 16.00 -2.95
CA PRO B 46 4.39 15.03 -3.18
C PRO B 46 3.55 14.83 -1.92
N TRP B 47 2.30 15.22 -2.02
CA TRP B 47 1.38 15.09 -0.89
C TRP B 47 0.71 13.71 -0.99
N CYS B 48 1.43 12.78 -1.59
CA CYS B 48 0.93 11.43 -1.75
C CYS B 48 2.08 10.54 -2.23
N PHE B 49 2.63 9.78 -1.31
CA PHE B 49 3.73 8.89 -1.63
C PHE B 49 3.57 7.54 -0.92
N LYS B 50 4.61 6.73 -1.00
CA LYS B 50 4.60 5.42 -0.39
C LYS B 50 5.73 5.33 0.64
N PRO B 51 5.56 6.10 1.75
CA PRO B 51 6.56 6.12 2.81
C PRO B 51 6.48 4.84 3.65
N LEU B 52 5.91 4.99 4.84
CA LEU B 52 5.78 3.86 5.75
C LEU B 52 4.39 3.26 5.59
N GLN B 53 3.96 3.13 4.34
CA GLN B 53 2.66 2.57 4.04
C GLN B 53 2.49 1.22 4.74
N GLU B 54 3.62 0.64 5.12
CA GLU B 54 3.61 -0.65 5.80
C GLU B 54 2.46 -0.70 6.81
N ALA B 55 2.06 0.47 7.27
CA ALA B 55 0.97 0.57 8.24
C ALA B 55 -0.04 -0.54 7.97
N GLU B 56 -0.68 -0.46 6.81
CA GLU B 56 -1.67 -1.44 6.43
C GLU B 56 -1.56 -1.75 4.93
N CYS B 57 -0.38 -1.50 4.40
CA CYS B 57 -0.14 -1.75 2.99
C CYS B 57 0.66 -3.05 2.85
N THR B 58 1.78 -3.08 3.56
CA THR B 58 2.64 -4.26 3.53
C THR B 58 1.94 -5.45 4.17
N PHE B 59 1.27 -5.17 5.28
CA PHE B 59 0.55 -6.21 6.00
C PHE B 59 -0.04 -7.24 5.04
N GLU A 1 11.02 -7.93 11.03
CA GLU A 1 11.99 -8.26 9.99
C GLU A 1 11.55 -9.52 9.24
N GLU A 2 11.24 -10.56 10.01
CA GLU A 2 10.81 -11.82 9.43
C GLU A 2 9.44 -11.66 8.78
N TYR A 3 9.42 -10.85 7.72
CA TYR A 3 8.18 -10.61 6.99
C TYR A 3 7.74 -11.85 6.23
N VAL A 4 6.93 -12.66 6.90
CA VAL A 4 6.43 -13.89 6.31
C VAL A 4 4.98 -13.67 5.86
N GLY A 5 4.15 -13.24 6.80
CA GLY A 5 2.76 -12.99 6.51
C GLY A 5 2.58 -11.72 5.68
N LEU A 6 3.71 -11.20 5.21
CA LEU A 6 3.70 -9.99 4.41
C LEU A 6 4.68 -10.14 3.25
N SER A 7 5.14 -11.37 3.07
CA SER A 7 6.08 -11.67 2.00
C SER A 7 5.34 -11.75 0.66
N ALA A 8 6.06 -12.25 -0.34
CA ALA A 8 5.49 -12.39 -1.67
C ALA A 8 4.44 -13.50 -1.65
N ASN A 9 4.59 -14.39 -0.68
CA ASN A 9 3.66 -15.50 -0.54
C ASN A 9 2.50 -15.08 0.37
N GLN A 10 2.60 -13.86 0.88
CA GLN A 10 1.58 -13.34 1.76
C GLN A 10 0.26 -13.15 1.00
N CYS A 11 0.39 -12.73 -0.24
CA CYS A 11 -0.78 -12.51 -1.08
C CYS A 11 -1.40 -13.87 -1.39
N ALA A 12 -0.73 -14.91 -0.95
CA ALA A 12 -1.21 -16.27 -1.16
C ALA A 12 -1.95 -16.75 0.08
N VAL A 13 -2.32 -15.79 0.92
CA VAL A 13 -3.04 -16.10 2.15
C VAL A 13 -4.23 -17.00 1.82
N PRO A 14 -4.80 -17.63 2.88
CA PRO A 14 -5.94 -18.50 2.72
C PRO A 14 -7.22 -17.70 2.48
N ALA A 15 -7.04 -16.54 1.87
CA ALA A 15 -8.16 -15.67 1.57
C ALA A 15 -9.10 -15.63 2.77
N LYS A 16 -8.55 -15.27 3.91
CA LYS A 16 -9.33 -15.19 5.14
C LYS A 16 -8.52 -14.43 6.21
N ASP A 17 -7.69 -13.52 5.73
CA ASP A 17 -6.86 -12.72 6.62
C ASP A 17 -6.43 -11.45 5.90
N ARG A 18 -7.15 -11.13 4.84
CA ARG A 18 -6.86 -9.94 4.06
C ARG A 18 -7.58 -8.72 4.65
N VAL A 19 -7.26 -7.56 4.10
CA VAL A 19 -7.87 -6.32 4.56
C VAL A 19 -8.94 -5.89 3.56
N ASP A 20 -9.39 -6.84 2.76
CA ASP A 20 -10.42 -6.57 1.76
C ASP A 20 -10.28 -5.12 1.28
N CYS A 21 -9.48 -4.95 0.24
CA CYS A 21 -9.26 -3.63 -0.32
C CYS A 21 -10.62 -3.00 -0.63
N GLY A 22 -11.55 -3.85 -1.03
CA GLY A 22 -12.89 -3.39 -1.35
C GLY A 22 -12.86 -2.31 -2.43
N TYR A 23 -12.24 -2.64 -3.54
CA TYR A 23 -12.12 -1.70 -4.65
C TYR A 23 -13.32 -1.83 -5.60
N PRO A 24 -13.76 -0.66 -6.11
CA PRO A 24 -14.89 -0.62 -7.03
C PRO A 24 -14.49 -1.12 -8.42
N HIS A 25 -13.19 -1.29 -8.60
CA HIS A 25 -12.66 -1.76 -9.87
C HIS A 25 -11.76 -2.97 -9.63
N VAL A 26 -12.17 -3.80 -8.69
CA VAL A 26 -11.41 -5.00 -8.36
C VAL A 26 -11.22 -5.84 -9.62
N THR A 27 -9.96 -6.02 -9.99
CA THR A 27 -9.63 -6.81 -11.17
C THR A 27 -8.14 -7.11 -11.20
N PRO A 28 -7.80 -8.25 -11.87
CA PRO A 28 -6.43 -8.68 -11.98
C PRO A 28 -5.67 -7.82 -12.99
N LYS A 29 -5.63 -6.52 -12.70
CA LYS A 29 -4.94 -5.58 -13.58
C LYS A 29 -5.11 -4.16 -13.02
N GLU A 30 -6.20 -3.97 -12.30
CA GLU A 30 -6.49 -2.68 -11.70
C GLU A 30 -6.02 -2.65 -10.24
N CYS A 31 -6.36 -3.70 -9.52
CA CYS A 31 -5.99 -3.81 -8.12
C CYS A 31 -4.46 -3.86 -8.04
N ASN A 32 -3.90 -4.84 -8.73
CA ASN A 32 -2.45 -5.02 -8.73
C ASN A 32 -1.81 -3.78 -9.33
N ASN A 33 -2.64 -2.90 -9.85
CA ASN A 33 -2.16 -1.67 -10.46
C ASN A 33 -2.45 -0.49 -9.52
N ARG A 34 -3.46 -0.67 -8.70
CA ARG A 34 -3.86 0.36 -7.75
C ARG A 34 -3.07 0.21 -6.45
N GLY A 35 -2.65 -1.01 -6.19
CA GLY A 35 -1.90 -1.31 -4.98
C GLY A 35 -2.57 -2.41 -4.16
N CYS A 36 -3.40 -3.18 -4.85
CA CYS A 36 -4.12 -4.27 -4.20
C CYS A 36 -3.72 -5.58 -4.88
N CYS A 37 -4.20 -6.68 -4.30
CA CYS A 37 -3.91 -7.99 -4.84
C CYS A 37 -5.23 -8.68 -5.19
N PHE A 38 -5.35 -9.07 -6.45
CA PHE A 38 -6.54 -9.72 -6.92
C PHE A 38 -6.42 -11.25 -6.78
N ASP A 39 -7.36 -11.81 -6.03
CA ASP A 39 -7.37 -13.25 -5.81
C ASP A 39 -8.20 -13.93 -6.90
N SER A 40 -9.51 -13.95 -6.67
CA SER A 40 -10.42 -14.56 -7.62
C SER A 40 -10.59 -16.04 -7.30
N ARG A 41 -9.65 -16.57 -6.53
CA ARG A 41 -9.69 -17.96 -6.15
C ARG A 41 -10.97 -18.26 -5.36
N ILE A 42 -11.28 -17.37 -4.43
CA ILE A 42 -12.46 -17.54 -3.60
C ILE A 42 -13.37 -16.32 -3.80
N PRO A 43 -14.56 -16.58 -4.40
CA PRO A 43 -15.53 -15.53 -4.64
C PRO A 43 -16.24 -15.12 -3.35
N GLY A 44 -15.97 -15.89 -2.30
CA GLY A 44 -16.57 -15.62 -1.00
C GLY A 44 -15.66 -14.74 -0.15
N VAL A 45 -14.48 -14.47 -0.69
CA VAL A 45 -13.51 -13.64 0.02
C VAL A 45 -13.20 -12.40 -0.82
N PRO A 46 -12.30 -11.55 -0.27
CA PRO A 46 -11.91 -10.33 -0.96
C PRO A 46 -10.96 -10.63 -2.12
N TRP A 47 -11.43 -10.30 -3.32
CA TRP A 47 -10.65 -10.53 -4.52
C TRP A 47 -9.81 -9.28 -4.80
N CYS A 48 -9.50 -8.56 -3.72
CA CYS A 48 -8.72 -7.35 -3.83
C CYS A 48 -8.34 -6.89 -2.42
N PHE A 49 -7.07 -7.07 -2.09
CA PHE A 49 -6.57 -6.67 -0.78
C PHE A 49 -5.16 -6.08 -0.89
N LYS A 50 -4.56 -5.88 0.27
CA LYS A 50 -3.21 -5.33 0.33
C LYS A 50 -2.28 -6.32 1.03
N PRO A 51 -2.02 -7.45 0.33
CA PRO A 51 -1.15 -8.49 0.88
C PRO A 51 0.32 -8.05 0.80
N LEU A 52 1.00 -8.56 -0.22
CA LEU A 52 2.40 -8.24 -0.42
C LEU A 52 2.51 -7.04 -1.36
N GLN A 53 1.56 -6.13 -1.23
CA GLN A 53 1.55 -4.93 -2.06
C GLN A 53 2.84 -4.15 -1.89
N GLU A 54 3.54 -4.44 -0.80
CA GLU A 54 4.78 -3.77 -0.50
C GLU A 54 5.67 -3.72 -1.75
N ALA A 55 5.40 -4.64 -2.66
CA ALA A 55 6.16 -4.72 -3.90
C ALA A 55 6.26 -3.32 -4.51
N GLU A 56 5.14 -2.86 -5.05
CA GLU A 56 5.08 -1.55 -5.67
C GLU A 56 4.10 -0.64 -4.92
N CYS A 57 3.92 -0.95 -3.64
CA CYS A 57 3.02 -0.18 -2.81
C CYS A 57 3.85 0.71 -1.88
N THR A 58 4.44 0.07 -0.88
CA THR A 58 5.26 0.78 0.08
C THR A 58 6.55 1.28 -0.58
N PHE A 59 6.99 0.53 -1.58
CA PHE A 59 8.20 0.89 -2.31
C PHE A 59 8.35 2.41 -2.42
N GLU B 1 19.50 -5.65 7.51
CA GLU B 1 18.12 -5.30 7.82
C GLU B 1 18.01 -3.80 8.12
N GLU B 2 18.45 -3.01 7.14
CA GLU B 2 18.39 -1.56 7.28
C GLU B 2 16.99 -1.06 6.93
N TYR B 3 16.04 -1.39 7.79
CA TYR B 3 14.66 -0.97 7.59
C TYR B 3 14.39 0.37 8.27
N VAL B 4 14.78 1.44 7.59
CA VAL B 4 14.59 2.78 8.12
C VAL B 4 13.84 3.62 7.09
N GLY B 5 14.36 3.62 5.87
CA GLY B 5 13.76 4.38 4.79
C GLY B 5 12.44 3.74 4.34
N LEU B 6 12.04 2.71 5.06
CA LEU B 6 10.81 2.00 4.75
C LEU B 6 10.09 1.65 6.05
N SER B 7 10.53 2.27 7.13
CA SER B 7 9.94 2.03 8.44
C SER B 7 9.10 3.24 8.86
N ALA B 8 8.46 3.10 10.01
CA ALA B 8 7.63 4.16 10.55
C ALA B 8 8.51 5.38 10.86
N ASN B 9 8.64 6.25 9.87
CA ASN B 9 9.44 7.45 10.03
C ASN B 9 9.77 8.03 8.65
N GLN B 10 9.79 7.14 7.67
CA GLN B 10 10.10 7.55 6.30
C GLN B 10 9.04 8.52 5.80
N CYS B 11 7.82 8.34 6.29
CA CYS B 11 6.71 9.20 5.90
C CYS B 11 7.02 10.62 6.39
N ALA B 12 8.05 10.72 7.21
CA ALA B 12 8.45 12.00 7.75
C ALA B 12 9.62 12.55 6.95
N VAL B 13 9.85 11.93 5.80
CA VAL B 13 10.94 12.34 4.94
C VAL B 13 11.07 13.86 4.96
N PRO B 14 12.28 14.34 4.58
CA PRO B 14 12.54 15.78 4.55
C PRO B 14 11.86 16.44 3.36
N ALA B 15 10.72 15.87 2.97
CA ALA B 15 9.96 16.39 1.85
C ALA B 15 10.91 16.60 0.66
N LYS B 16 11.42 15.48 0.15
CA LYS B 16 12.32 15.52 -0.98
C LYS B 16 13.06 14.19 -1.09
N ASP B 17 12.31 13.12 -0.88
CA ASP B 17 12.88 11.78 -0.95
C ASP B 17 11.76 10.76 -1.15
N ARG B 18 10.59 11.28 -1.51
CA ARG B 18 9.43 10.44 -1.72
C ARG B 18 9.37 9.99 -3.18
N VAL B 19 8.39 9.14 -3.47
CA VAL B 19 8.21 8.64 -4.83
C VAL B 19 6.98 9.29 -5.45
N ASP B 20 6.58 10.41 -4.86
CA ASP B 20 5.41 11.14 -5.34
C ASP B 20 4.40 10.15 -5.92
N CYS B 21 3.53 9.66 -5.05
CA CYS B 21 2.52 8.71 -5.46
C CYS B 21 1.76 9.30 -6.65
N GLY B 22 1.63 10.62 -6.63
CA GLY B 22 0.93 11.31 -7.71
C GLY B 22 -0.48 10.76 -7.90
N TYR B 23 -1.24 10.79 -6.81
CA TYR B 23 -2.61 10.30 -6.84
C TYR B 23 -3.59 11.42 -7.21
N PRO B 24 -4.61 11.03 -8.02
CA PRO B 24 -5.62 11.99 -8.46
C PRO B 24 -6.59 12.32 -7.33
N HIS B 25 -6.52 11.51 -6.28
CA HIS B 25 -7.38 11.72 -5.12
C HIS B 25 -6.53 11.89 -3.87
N VAL B 26 -5.36 12.49 -4.06
CA VAL B 26 -4.44 12.74 -2.96
C VAL B 26 -5.19 13.43 -1.81
N THR B 27 -5.23 12.75 -0.68
CA THR B 27 -5.91 13.29 0.49
C THR B 27 -5.59 12.44 1.72
N PRO B 28 -5.70 13.09 2.91
CA PRO B 28 -5.44 12.41 4.17
C PRO B 28 -6.58 11.46 4.54
N LYS B 29 -6.94 10.62 3.58
CA LYS B 29 -8.01 9.66 3.79
C LYS B 29 -8.09 8.72 2.59
N GLU B 30 -7.60 9.20 1.45
CA GLU B 30 -7.61 8.41 0.23
C GLU B 30 -6.24 7.77 0.02
N CYS B 31 -5.21 8.57 0.21
CA CYS B 31 -3.84 8.10 0.03
C CYS B 31 -3.57 7.03 1.09
N ASN B 32 -3.81 7.40 2.34
CA ASN B 32 -3.59 6.48 3.44
C ASN B 32 -4.58 5.31 3.34
N ASN B 33 -5.46 5.42 2.35
CA ASN B 33 -6.45 4.38 2.13
C ASN B 33 -6.07 3.58 0.90
N ARG B 34 -5.36 4.23 0.00
CA ARG B 34 -4.93 3.59 -1.24
C ARG B 34 -3.58 2.89 -1.02
N GLY B 35 -2.79 3.48 -0.14
CA GLY B 35 -1.47 2.92 0.17
C GLY B 35 -0.39 4.00 0.03
N CYS B 36 -0.81 5.25 0.17
CA CYS B 36 0.12 6.37 0.07
C CYS B 36 0.06 7.14 1.38
N CYS B 37 1.02 8.05 1.53
CA CYS B 37 1.11 8.88 2.73
C CYS B 37 0.86 10.32 2.32
N PHE B 38 -0.12 10.94 2.99
CA PHE B 38 -0.45 12.33 2.72
C PHE B 38 0.31 13.27 3.64
N ASP B 39 1.07 14.16 3.02
CA ASP B 39 1.86 15.12 3.77
C ASP B 39 1.02 16.37 4.03
N SER B 40 0.99 17.25 3.03
CA SER B 40 0.23 18.48 3.13
C SER B 40 1.08 19.57 3.80
N ARG B 41 2.18 19.14 4.39
CA ARG B 41 3.09 20.05 5.06
C ARG B 41 3.72 21.00 4.04
N ILE B 42 4.17 20.43 2.94
CA ILE B 42 4.79 21.21 1.88
C ILE B 42 4.01 21.02 0.58
N PRO B 43 3.37 22.13 0.12
CA PRO B 43 2.59 22.09 -1.11
C PRO B 43 3.50 22.06 -2.34
N GLY B 44 4.80 22.18 -2.08
CA GLY B 44 5.78 22.17 -3.15
C GLY B 44 6.34 20.76 -3.37
N VAL B 45 5.91 19.85 -2.50
CA VAL B 45 6.35 18.47 -2.59
C VAL B 45 5.14 17.55 -2.78
N PRO B 46 5.42 16.22 -2.86
CA PRO B 46 4.37 15.25 -3.04
C PRO B 46 3.59 15.03 -1.74
N TRP B 47 2.30 15.39 -1.79
CA TRP B 47 1.44 15.24 -0.63
C TRP B 47 0.79 13.87 -0.70
N CYS B 48 1.49 12.94 -1.34
CA CYS B 48 0.99 11.59 -1.48
C CYS B 48 2.12 10.71 -2.03
N PHE B 49 2.69 9.91 -1.14
CA PHE B 49 3.77 9.03 -1.52
C PHE B 49 3.63 7.66 -0.85
N LYS B 50 4.70 6.87 -0.94
CA LYS B 50 4.70 5.55 -0.34
C LYS B 50 5.91 5.42 0.59
N PRO B 51 5.86 6.19 1.71
CA PRO B 51 6.94 6.17 2.68
C PRO B 51 6.90 4.89 3.52
N LEU B 52 6.26 4.99 4.67
CA LEU B 52 6.14 3.86 5.58
C LEU B 52 4.76 3.23 5.42
N GLN B 53 4.33 3.13 4.16
CA GLN B 53 3.03 2.55 3.86
C GLN B 53 2.88 1.21 4.56
N GLU B 54 4.01 0.65 4.97
CA GLU B 54 4.01 -0.63 5.65
C GLU B 54 2.87 -0.68 6.68
N ALA B 55 2.47 0.49 7.12
CA ALA B 55 1.40 0.60 8.09
C ALA B 55 0.38 -0.52 7.86
N GLU B 56 -0.34 -0.40 6.75
CA GLU B 56 -1.34 -1.39 6.40
C GLU B 56 -1.28 -1.69 4.89
N CYS B 57 -0.12 -1.40 4.31
CA CYS B 57 0.07 -1.64 2.89
C CYS B 57 0.82 -2.96 2.72
N THR B 58 2.03 -3.00 3.26
CA THR B 58 2.85 -4.19 3.17
C THR B 58 2.15 -5.37 3.87
N PHE B 59 1.51 -5.06 4.97
CA PHE B 59 0.79 -6.08 5.74
C PHE B 59 0.22 -7.15 4.81
N GLU A 1 12.62 -9.67 11.64
CA GLU A 1 12.84 -9.95 10.22
C GLU A 1 12.08 -11.20 9.80
N GLU A 2 10.95 -11.41 10.46
CA GLU A 2 10.13 -12.57 10.16
C GLU A 2 9.13 -12.24 9.03
N TYR A 3 9.67 -12.01 7.85
CA TYR A 3 8.85 -11.69 6.70
C TYR A 3 8.43 -12.96 5.94
N VAL A 4 7.47 -13.66 6.52
CA VAL A 4 6.98 -14.88 5.92
C VAL A 4 5.46 -14.78 5.73
N GLY A 5 4.79 -14.42 6.80
CA GLY A 5 3.34 -14.27 6.77
C GLY A 5 2.93 -13.07 5.92
N LEU A 6 3.94 -12.36 5.42
CA LEU A 6 3.69 -11.19 4.61
C LEU A 6 4.60 -11.24 3.37
N SER A 7 5.22 -12.39 3.18
CA SER A 7 6.12 -12.59 2.05
C SER A 7 5.33 -12.44 0.74
N ALA A 8 6.01 -12.77 -0.35
CA ALA A 8 5.40 -12.69 -1.66
C ALA A 8 4.36 -13.80 -1.80
N ASN A 9 4.37 -14.70 -0.84
CA ASN A 9 3.44 -15.82 -0.85
C ASN A 9 2.21 -15.46 0.01
N GLN A 10 2.34 -14.36 0.74
CA GLN A 10 1.27 -13.91 1.60
C GLN A 10 0.02 -13.61 0.78
N CYS A 11 0.24 -12.97 -0.37
CA CYS A 11 -0.85 -12.62 -1.26
C CYS A 11 -1.52 -13.91 -1.72
N ALA A 12 -0.89 -15.02 -1.39
CA ALA A 12 -1.41 -16.33 -1.76
C ALA A 12 -2.10 -16.95 -0.55
N VAL A 13 -2.41 -16.11 0.42
CA VAL A 13 -3.07 -16.57 1.63
C VAL A 13 -4.24 -17.48 1.26
N PRO A 14 -4.76 -18.20 2.29
CA PRO A 14 -5.88 -19.10 2.08
C PRO A 14 -7.19 -18.33 1.91
N ALA A 15 -7.06 -17.10 1.41
CA ALA A 15 -8.22 -16.26 1.19
C ALA A 15 -9.09 -16.27 2.44
N LYS A 16 -8.53 -15.74 3.52
CA LYS A 16 -9.24 -15.68 4.79
C LYS A 16 -8.33 -15.07 5.85
N ASP A 17 -7.53 -14.11 5.42
CA ASP A 17 -6.61 -13.44 6.33
C ASP A 17 -6.18 -12.10 5.72
N ARG A 18 -6.96 -11.66 4.73
CA ARG A 18 -6.66 -10.41 4.06
C ARG A 18 -7.38 -9.25 4.77
N VAL A 19 -7.03 -8.04 4.36
CA VAL A 19 -7.62 -6.85 4.94
C VAL A 19 -8.70 -6.31 4.00
N ASP A 20 -9.17 -7.19 3.12
CA ASP A 20 -10.19 -6.82 2.16
C ASP A 20 -10.05 -5.34 1.81
N CYS A 21 -9.28 -5.07 0.77
CA CYS A 21 -9.04 -3.71 0.33
C CYS A 21 -10.41 -3.04 0.12
N GLY A 22 -11.35 -3.84 -0.37
CA GLY A 22 -12.69 -3.34 -0.62
C GLY A 22 -12.66 -2.18 -1.62
N TYR A 23 -12.05 -2.43 -2.77
CA TYR A 23 -11.94 -1.41 -3.79
C TYR A 23 -13.15 -1.47 -4.74
N PRO A 24 -13.62 -0.25 -5.14
CA PRO A 24 -14.76 -0.15 -6.04
C PRO A 24 -14.37 -0.51 -7.46
N HIS A 25 -13.07 -0.61 -7.69
CA HIS A 25 -12.55 -0.96 -9.00
C HIS A 25 -11.66 -2.20 -8.89
N VAL A 26 -12.05 -3.09 -7.98
CA VAL A 26 -11.30 -4.32 -7.78
C VAL A 26 -11.12 -5.04 -9.11
N THR A 27 -9.87 -5.20 -9.50
CA THR A 27 -9.55 -5.86 -10.75
C THR A 27 -8.05 -6.18 -10.83
N PRO A 28 -7.72 -7.24 -11.62
CA PRO A 28 -6.35 -7.66 -11.78
C PRO A 28 -5.58 -6.69 -12.69
N LYS A 29 -5.58 -5.42 -12.29
CA LYS A 29 -4.90 -4.40 -13.05
C LYS A 29 -5.06 -3.05 -12.34
N GLU A 30 -6.14 -2.94 -11.57
CA GLU A 30 -6.41 -1.72 -10.84
C GLU A 30 -5.93 -1.85 -9.39
N CYS A 31 -6.26 -2.99 -8.80
CA CYS A 31 -5.86 -3.24 -7.42
C CYS A 31 -4.34 -3.31 -7.36
N ASN A 32 -3.77 -4.18 -8.17
CA ASN A 32 -2.33 -4.35 -8.23
C ASN A 32 -1.69 -3.04 -8.71
N ASN A 33 -2.55 -2.11 -9.09
CA ASN A 33 -2.08 -0.82 -9.57
C ASN A 33 -2.32 0.24 -8.50
N ARG A 34 -3.34 -0.01 -7.69
CA ARG A 34 -3.69 0.92 -6.63
C ARG A 34 -2.86 0.63 -5.37
N GLY A 35 -2.51 -0.64 -5.22
CA GLY A 35 -1.71 -1.07 -4.08
C GLY A 35 -2.38 -2.24 -3.36
N CYS A 36 -3.20 -2.96 -4.10
CA CYS A 36 -3.91 -4.10 -3.55
C CYS A 36 -3.53 -5.34 -4.36
N CYS A 37 -4.02 -6.49 -3.91
CA CYS A 37 -3.74 -7.74 -4.59
C CYS A 37 -5.08 -8.37 -5.00
N PHE A 38 -5.20 -8.63 -6.29
CA PHE A 38 -6.42 -9.22 -6.82
C PHE A 38 -6.32 -10.75 -6.84
N ASP A 39 -7.26 -11.37 -6.15
CA ASP A 39 -7.29 -12.82 -6.08
C ASP A 39 -8.14 -13.37 -7.22
N SER A 40 -9.45 -13.41 -7.00
CA SER A 40 -10.36 -13.90 -7.99
C SER A 40 -10.55 -15.42 -7.83
N ARG A 41 -9.62 -16.02 -7.12
CA ARG A 41 -9.68 -17.45 -6.88
C ARG A 41 -10.96 -17.81 -6.12
N ILE A 42 -11.23 -17.03 -5.09
CA ILE A 42 -12.42 -17.25 -4.28
C ILE A 42 -13.32 -16.01 -4.33
N PRO A 43 -14.50 -16.17 -4.98
CA PRO A 43 -15.44 -15.08 -5.11
C PRO A 43 -16.17 -14.83 -3.78
N GLY A 44 -15.87 -15.68 -2.81
CA GLY A 44 -16.48 -15.56 -1.49
C GLY A 44 -15.58 -14.77 -0.54
N VAL A 45 -14.40 -14.43 -1.03
CA VAL A 45 -13.45 -13.68 -0.24
C VAL A 45 -13.11 -12.38 -0.96
N PRO A 46 -12.18 -11.59 -0.34
CA PRO A 46 -11.77 -10.32 -0.90
C PRO A 46 -10.84 -10.53 -2.10
N TRP A 47 -11.31 -10.09 -3.25
CA TRP A 47 -10.54 -10.21 -4.48
C TRP A 47 -9.69 -8.95 -4.64
N CYS A 48 -9.37 -8.33 -3.51
CA CYS A 48 -8.59 -7.11 -3.52
C CYS A 48 -8.20 -6.78 -2.08
N PHE A 49 -6.94 -7.02 -1.77
CA PHE A 49 -6.43 -6.74 -0.43
C PHE A 49 -5.01 -6.17 -0.49
N LYS A 50 -4.39 -6.10 0.68
CA LYS A 50 -3.05 -5.57 0.79
C LYS A 50 -2.13 -6.62 1.40
N PRO A 51 -1.88 -7.71 0.61
CA PRO A 51 -1.03 -8.79 1.07
C PRO A 51 0.44 -8.39 1.03
N LEU A 52 1.12 -8.84 -0.01
CA LEU A 52 2.53 -8.54 -0.18
C LEU A 52 2.67 -7.27 -1.02
N GLN A 53 1.73 -6.36 -0.85
CA GLN A 53 1.75 -5.11 -1.59
C GLN A 53 3.09 -4.39 -1.41
N GLU A 54 3.80 -4.80 -0.37
CA GLU A 54 5.09 -4.21 -0.07
C GLU A 54 5.91 -4.04 -1.35
N ALA A 55 5.58 -4.86 -2.34
CA ALA A 55 6.26 -4.81 -3.62
C ALA A 55 6.53 -3.35 -3.99
N GLU A 56 5.46 -2.65 -4.32
CA GLU A 56 5.57 -1.25 -4.70
C GLU A 56 4.56 -0.41 -3.89
N CYS A 57 4.22 -0.92 -2.72
CA CYS A 57 3.29 -0.24 -1.85
C CYS A 57 4.07 0.39 -0.69
N THR A 58 4.76 -0.47 0.04
CA THR A 58 5.56 -0.02 1.17
C THR A 58 6.69 0.90 0.69
N PHE A 59 7.32 0.51 -0.40
CA PHE A 59 8.40 1.28 -0.97
C PHE A 59 8.17 2.78 -0.76
N GLU B 1 18.11 -6.53 8.35
CA GLU B 1 17.17 -5.68 7.62
C GLU B 1 17.05 -4.32 8.30
N GLU B 2 17.69 -3.33 7.67
CA GLU B 2 17.66 -1.98 8.20
C GLU B 2 16.42 -1.24 7.70
N TYR B 3 15.28 -1.67 8.20
CA TYR B 3 14.01 -1.07 7.82
C TYR B 3 13.65 0.08 8.76
N VAL B 4 14.34 1.20 8.57
CA VAL B 4 14.10 2.37 9.39
C VAL B 4 13.72 3.56 8.49
N GLY B 5 14.54 3.78 7.49
CA GLY B 5 14.30 4.86 6.55
C GLY B 5 13.10 4.56 5.65
N LEU B 6 12.51 3.40 5.88
CA LEU B 6 11.36 2.98 5.10
C LEU B 6 10.24 2.53 6.06
N SER B 7 10.46 2.80 7.34
CA SER B 7 9.49 2.42 8.35
C SER B 7 8.75 3.66 8.85
N ALA B 8 8.07 3.50 9.98
CA ALA B 8 7.33 4.60 10.58
C ALA B 8 8.28 5.75 10.87
N ASN B 9 8.52 6.56 9.85
CA ASN B 9 9.41 7.71 9.99
C ASN B 9 9.74 8.26 8.60
N GLN B 10 9.75 7.36 7.63
CA GLN B 10 10.05 7.75 6.26
C GLN B 10 8.97 8.69 5.74
N CYS B 11 7.76 8.49 6.22
CA CYS B 11 6.63 9.31 5.81
C CYS B 11 6.90 10.74 6.25
N ALA B 12 7.96 10.91 7.02
CA ALA B 12 8.33 12.22 7.53
C ALA B 12 9.55 12.74 6.75
N VAL B 13 9.73 12.16 5.56
CA VAL B 13 10.85 12.54 4.71
C VAL B 13 10.99 14.07 4.73
N PRO B 14 12.14 14.55 4.19
CA PRO B 14 12.41 15.98 4.14
C PRO B 14 11.58 16.65 3.05
N ALA B 15 10.74 15.86 2.41
CA ALA B 15 9.87 16.36 1.35
C ALA B 15 10.67 16.37 0.04
N LYS B 16 11.28 15.23 -0.26
CA LYS B 16 12.07 15.09 -1.47
C LYS B 16 12.78 13.75 -1.47
N ASP B 17 12.06 12.72 -1.03
CA ASP B 17 12.61 11.38 -0.97
C ASP B 17 11.49 10.37 -1.18
N ARG B 18 10.34 10.88 -1.59
CA ARG B 18 9.18 10.01 -1.83
C ARG B 18 9.16 9.56 -3.29
N VAL B 19 8.15 8.75 -3.61
CA VAL B 19 8.00 8.24 -4.95
C VAL B 19 6.80 8.91 -5.62
N ASP B 20 6.41 10.05 -5.04
CA ASP B 20 5.27 10.80 -5.56
C ASP B 20 4.24 9.83 -6.13
N CYS B 21 3.40 9.32 -5.25
CA CYS B 21 2.36 8.38 -5.64
C CYS B 21 1.65 8.94 -6.87
N GLY B 22 1.52 10.26 -6.88
CA GLY B 22 0.86 10.94 -7.99
C GLY B 22 -0.53 10.33 -8.26
N TYR B 23 -1.36 10.37 -7.22
CA TYR B 23 -2.71 9.85 -7.34
C TYR B 23 -3.69 10.92 -7.78
N PRO B 24 -4.63 10.51 -8.67
CA PRO B 24 -5.63 11.43 -9.20
C PRO B 24 -6.70 11.72 -8.15
N HIS B 25 -6.57 11.05 -7.01
CA HIS B 25 -7.52 11.23 -5.92
C HIS B 25 -6.77 11.60 -4.64
N VAL B 26 -5.50 11.95 -4.82
CA VAL B 26 -4.68 12.33 -3.68
C VAL B 26 -5.51 13.12 -2.68
N THR B 27 -5.48 12.66 -1.44
CA THR B 27 -6.23 13.31 -0.38
C THR B 27 -5.80 12.77 0.99
N PRO B 28 -5.97 13.63 2.02
CA PRO B 28 -5.60 13.26 3.38
C PRO B 28 -6.62 12.29 3.98
N LYS B 29 -6.95 11.28 3.19
CA LYS B 29 -7.92 10.27 3.63
C LYS B 29 -8.08 9.22 2.54
N GLU B 30 -7.64 9.58 1.34
CA GLU B 30 -7.73 8.67 0.20
C GLU B 30 -6.39 7.98 -0.02
N CYS B 31 -5.33 8.78 0.02
CA CYS B 31 -3.99 8.26 -0.18
C CYS B 31 -3.75 7.13 0.81
N ASN B 32 -3.96 7.46 2.08
CA ASN B 32 -3.78 6.47 3.15
C ASN B 32 -4.75 5.31 2.93
N ASN B 33 -5.71 5.55 2.05
CA ASN B 33 -6.70 4.53 1.75
C ASN B 33 -6.23 3.69 0.56
N ARG B 34 -5.49 4.34 -0.33
CA ARG B 34 -4.99 3.68 -1.51
C ARG B 34 -3.67 2.96 -1.19
N GLY B 35 -2.99 3.47 -0.18
CA GLY B 35 -1.73 2.88 0.25
C GLY B 35 -0.58 3.89 0.12
N CYS B 36 -0.96 5.17 0.18
CA CYS B 36 0.03 6.23 0.06
C CYS B 36 -0.05 7.08 1.34
N CYS B 37 0.93 7.96 1.48
CA CYS B 37 0.98 8.84 2.63
C CYS B 37 0.75 10.28 2.16
N PHE B 38 -0.12 10.97 2.86
CA PHE B 38 -0.44 12.35 2.53
C PHE B 38 0.38 13.32 3.38
N ASP B 39 1.22 14.10 2.69
CA ASP B 39 2.06 15.07 3.37
C ASP B 39 1.21 16.28 3.79
N SER B 40 1.03 17.18 2.83
CA SER B 40 0.24 18.38 3.08
C SER B 40 1.13 19.47 3.67
N ARG B 41 2.22 19.04 4.29
CA ARG B 41 3.15 19.97 4.90
C ARG B 41 3.81 20.84 3.83
N ILE B 42 4.22 20.18 2.75
CA ILE B 42 4.86 20.88 1.65
C ILE B 42 4.05 20.67 0.38
N PRO B 43 3.35 21.75 -0.05
CA PRO B 43 2.54 21.71 -1.24
C PRO B 43 3.41 21.74 -2.50
N GLY B 44 4.71 21.84 -2.28
CA GLY B 44 5.65 21.89 -3.39
C GLY B 44 6.17 20.49 -3.72
N VAL B 45 5.76 19.53 -2.89
CA VAL B 45 6.17 18.15 -3.10
C VAL B 45 4.93 17.27 -3.25
N PRO B 46 5.17 15.94 -3.37
CA PRO B 46 4.08 14.99 -3.52
C PRO B 46 3.36 14.76 -2.19
N TRP B 47 2.07 15.11 -2.19
CA TRP B 47 1.26 14.95 -0.99
C TRP B 47 0.61 13.57 -1.05
N CYS B 48 1.31 12.64 -1.67
CA CYS B 48 0.81 11.28 -1.80
C CYS B 48 1.97 10.39 -2.28
N PHE B 49 2.47 9.59 -1.35
CA PHE B 49 3.56 8.68 -1.66
C PHE B 49 3.43 7.37 -0.88
N LYS B 50 4.49 6.58 -0.93
CA LYS B 50 4.52 5.31 -0.24
C LYS B 50 5.73 5.26 0.70
N PRO B 51 5.64 6.08 1.78
CA PRO B 51 6.72 6.14 2.76
C PRO B 51 6.71 4.90 3.66
N LEU B 52 6.06 5.05 4.80
CA LEU B 52 5.96 3.95 5.75
C LEU B 52 4.61 3.25 5.59
N GLN B 53 4.18 3.15 4.34
CA GLN B 53 2.91 2.51 4.04
C GLN B 53 2.85 1.13 4.68
N GLU B 54 4.01 0.62 5.03
CA GLU B 54 4.11 -0.69 5.66
C GLU B 54 3.02 -0.85 6.72
N ALA B 55 2.55 0.29 7.22
CA ALA B 55 1.53 0.30 8.23
C ALA B 55 0.56 -0.88 7.99
N GLU B 56 -0.18 -0.77 6.91
CA GLU B 56 -1.13 -1.80 6.55
C GLU B 56 -1.10 -2.06 5.04
N CYS B 57 0.01 -1.68 4.43
CA CYS B 57 0.18 -1.86 3.00
C CYS B 57 1.03 -3.11 2.76
N THR B 58 2.19 -3.13 3.39
CA THR B 58 3.10 -4.25 3.27
C THR B 58 2.43 -5.52 3.78
N PHE B 59 1.65 -5.37 4.84
CA PHE B 59 0.96 -6.50 5.43
C PHE B 59 -0.04 -7.11 4.44
N GLU A 1 10.19 -6.93 11.67
CA GLU A 1 10.90 -8.20 11.69
C GLU A 1 10.94 -8.80 10.29
N GLU A 2 11.27 -10.09 10.24
CA GLU A 2 11.34 -10.80 8.97
C GLU A 2 9.95 -10.95 8.37
N TYR A 3 9.40 -9.81 7.95
CA TYR A 3 8.08 -9.79 7.35
C TYR A 3 7.99 -10.81 6.20
N VAL A 4 7.56 -12.01 6.54
CA VAL A 4 7.43 -13.07 5.56
C VAL A 4 5.95 -13.26 5.22
N GLY A 5 5.13 -13.35 6.27
CA GLY A 5 3.71 -13.53 6.09
C GLY A 5 3.05 -12.25 5.58
N LEU A 6 3.88 -11.25 5.35
CA LEU A 6 3.40 -9.97 4.86
C LEU A 6 4.23 -9.54 3.65
N SER A 7 5.09 -10.44 3.21
CA SER A 7 5.95 -10.17 2.08
C SER A 7 5.47 -10.94 0.85
N ALA A 8 6.28 -10.92 -0.20
CA ALA A 8 5.95 -11.62 -1.43
C ALA A 8 5.69 -13.09 -1.11
N ASN A 9 4.45 -13.38 -0.78
CA ASN A 9 4.05 -14.74 -0.46
C ASN A 9 2.69 -14.72 0.24
N GLN A 10 2.43 -13.63 0.95
CA GLN A 10 1.18 -13.48 1.67
C GLN A 10 0.02 -13.37 0.67
N CYS A 11 0.31 -12.79 -0.48
CA CYS A 11 -0.69 -12.62 -1.51
C CYS A 11 -1.16 -14.00 -1.97
N ALA A 12 -0.48 -15.01 -1.45
CA ALA A 12 -0.81 -16.39 -1.79
C ALA A 12 -1.46 -17.07 -0.60
N VAL A 13 -1.97 -16.24 0.32
CA VAL A 13 -2.63 -16.76 1.50
C VAL A 13 -3.55 -17.91 1.12
N PRO A 14 -4.03 -18.64 2.17
CA PRO A 14 -4.92 -19.77 1.96
C PRO A 14 -6.33 -19.29 1.60
N ALA A 15 -6.46 -17.98 1.47
CA ALA A 15 -7.75 -17.39 1.14
C ALA A 15 -8.55 -17.19 2.42
N LYS A 16 -7.96 -16.46 3.36
CA LYS A 16 -8.61 -16.19 4.63
C LYS A 16 -7.61 -15.56 5.59
N ASP A 17 -6.82 -14.63 5.06
CA ASP A 17 -5.82 -13.95 5.85
C ASP A 17 -5.58 -12.55 5.29
N ARG A 18 -6.46 -12.16 4.37
CA ARG A 18 -6.36 -10.85 3.75
C ARG A 18 -7.19 -9.83 4.54
N VAL A 19 -7.02 -8.57 4.15
CA VAL A 19 -7.74 -7.49 4.82
C VAL A 19 -8.87 -7.02 3.89
N ASP A 20 -9.23 -7.88 2.95
CA ASP A 20 -10.29 -7.56 2.01
C ASP A 20 -10.26 -6.06 1.70
N CYS A 21 -9.48 -5.72 0.69
CA CYS A 21 -9.34 -4.33 0.28
C CYS A 21 -10.74 -3.75 0.10
N GLY A 22 -11.64 -4.58 -0.41
CA GLY A 22 -13.01 -4.16 -0.64
C GLY A 22 -13.06 -2.82 -1.37
N TYR A 23 -12.50 -2.83 -2.58
CA TYR A 23 -12.48 -1.62 -3.39
C TYR A 23 -13.70 -1.56 -4.31
N PRO A 24 -14.18 -0.31 -4.55
CA PRO A 24 -15.34 -0.10 -5.40
C PRO A 24 -14.97 -0.26 -6.87
N HIS A 25 -13.67 -0.38 -7.12
CA HIS A 25 -13.17 -0.54 -8.47
C HIS A 25 -12.29 -1.79 -8.55
N VAL A 26 -12.53 -2.70 -7.61
CA VAL A 26 -11.78 -3.94 -7.57
C VAL A 26 -11.72 -4.55 -8.96
N THR A 27 -10.51 -4.82 -9.41
CA THR A 27 -10.32 -5.42 -10.73
C THR A 27 -8.87 -5.92 -10.87
N PRO A 28 -8.70 -6.92 -11.79
CA PRO A 28 -7.39 -7.48 -12.03
C PRO A 28 -6.52 -6.53 -12.86
N LYS A 29 -6.40 -5.31 -12.35
CA LYS A 29 -5.60 -4.30 -13.03
C LYS A 29 -5.68 -2.99 -12.26
N GLU A 30 -6.73 -2.88 -11.44
CA GLU A 30 -6.93 -1.69 -10.64
C GLU A 30 -6.46 -1.92 -9.22
N CYS A 31 -6.83 -3.07 -8.68
CA CYS A 31 -6.45 -3.42 -7.32
C CYS A 31 -4.93 -3.36 -7.21
N ASN A 32 -4.27 -4.05 -8.14
CA ASN A 32 -2.82 -4.07 -8.17
C ASN A 32 -2.29 -2.69 -8.56
N ASN A 33 -3.22 -1.79 -8.84
CA ASN A 33 -2.87 -0.44 -9.23
C ASN A 33 -3.15 0.51 -8.06
N ARG A 34 -4.10 0.13 -7.22
CA ARG A 34 -4.46 0.92 -6.07
C ARG A 34 -3.54 0.59 -4.89
N GLY A 35 -2.99 -0.61 -4.93
CA GLY A 35 -2.09 -1.06 -3.88
C GLY A 35 -2.63 -2.31 -3.19
N CYS A 36 -3.42 -3.07 -3.95
CA CYS A 36 -4.01 -4.28 -3.43
C CYS A 36 -3.52 -5.45 -4.29
N CYS A 37 -4.03 -6.63 -3.96
CA CYS A 37 -3.66 -7.83 -4.69
C CYS A 37 -4.94 -8.55 -5.11
N PHE A 38 -5.05 -8.80 -6.41
CA PHE A 38 -6.21 -9.48 -6.95
C PHE A 38 -6.01 -11.00 -6.93
N ASP A 39 -6.92 -11.67 -6.24
CA ASP A 39 -6.87 -13.12 -6.13
C ASP A 39 -7.66 -13.74 -7.28
N SER A 40 -8.96 -13.85 -7.08
CA SER A 40 -9.84 -14.43 -8.07
C SER A 40 -9.90 -15.95 -7.91
N ARG A 41 -8.96 -16.47 -7.14
CA ARG A 41 -8.89 -17.90 -6.90
C ARG A 41 -10.17 -18.37 -6.19
N ILE A 42 -10.55 -17.62 -5.16
CA ILE A 42 -11.74 -17.94 -4.41
C ILE A 42 -12.73 -16.77 -4.48
N PRO A 43 -13.90 -17.05 -5.11
CA PRO A 43 -14.93 -16.04 -5.25
C PRO A 43 -15.66 -15.80 -3.93
N GLY A 44 -15.33 -16.64 -2.95
CA GLY A 44 -15.94 -16.52 -1.64
C GLY A 44 -15.07 -15.69 -0.69
N VAL A 45 -13.91 -15.32 -1.20
CA VAL A 45 -12.98 -14.52 -0.41
C VAL A 45 -12.74 -13.18 -1.11
N PRO A 46 -11.86 -12.35 -0.48
CA PRO A 46 -11.55 -11.05 -1.03
C PRO A 46 -10.61 -11.17 -2.24
N TRP A 47 -11.12 -10.74 -3.38
CA TRP A 47 -10.33 -10.81 -4.62
C TRP A 47 -9.57 -9.48 -4.75
N CYS A 48 -9.27 -8.88 -3.61
CA CYS A 48 -8.55 -7.62 -3.60
C CYS A 48 -8.20 -7.29 -2.14
N PHE A 49 -6.90 -7.36 -1.87
CA PHE A 49 -6.41 -7.08 -0.53
C PHE A 49 -5.00 -6.47 -0.58
N LYS A 50 -4.40 -6.36 0.59
CA LYS A 50 -3.06 -5.80 0.70
C LYS A 50 -2.12 -6.85 1.30
N PRO A 51 -1.82 -7.89 0.48
CA PRO A 51 -0.95 -8.96 0.92
C PRO A 51 0.52 -8.51 0.92
N LEU A 52 1.21 -8.85 -0.15
CA LEU A 52 2.61 -8.48 -0.28
C LEU A 52 2.71 -7.14 -1.02
N GLN A 53 1.70 -6.31 -0.80
CA GLN A 53 1.67 -4.99 -1.43
C GLN A 53 2.96 -4.23 -1.13
N GLU A 54 3.63 -4.65 -0.07
CA GLU A 54 4.87 -4.01 0.34
C GLU A 54 5.73 -3.71 -0.89
N ALA A 55 5.52 -4.50 -1.93
CA ALA A 55 6.28 -4.33 -3.16
C ALA A 55 6.47 -2.84 -3.43
N GLU A 56 5.38 -2.21 -3.90
CA GLU A 56 5.42 -0.79 -4.20
C GLU A 56 4.31 -0.06 -3.43
N CYS A 57 3.92 -0.67 -2.32
CA CYS A 57 2.87 -0.09 -1.49
C CYS A 57 3.53 0.51 -0.24
N THR A 58 4.29 -0.34 0.44
CA THR A 58 4.98 0.09 1.65
C THR A 58 6.29 0.79 1.30
N PHE A 59 6.86 0.40 0.17
CA PHE A 59 8.10 0.99 -0.28
C PHE A 59 8.17 2.48 0.09
N GLU B 1 14.69 -6.49 7.07
CA GLU B 1 15.35 -6.40 8.36
C GLU B 1 15.58 -4.95 8.75
N GLU B 2 16.35 -4.26 7.91
CA GLU B 2 16.65 -2.85 8.16
C GLU B 2 15.49 -1.97 7.67
N TYR B 3 14.32 -2.21 8.25
CA TYR B 3 13.14 -1.45 7.88
C TYR B 3 12.99 -0.22 8.77
N VAL B 4 13.69 0.84 8.39
CA VAL B 4 13.63 2.09 9.14
C VAL B 4 13.24 3.23 8.20
N GLY B 5 14.00 3.35 7.12
CA GLY B 5 13.74 4.40 6.14
C GLY B 5 12.46 4.12 5.37
N LEU B 6 11.84 2.99 5.70
CA LEU B 6 10.60 2.60 5.05
C LEU B 6 9.56 2.22 6.10
N SER B 7 9.89 2.55 7.35
CA SER B 7 9.00 2.24 8.46
C SER B 7 8.34 3.53 8.96
N ALA B 8 7.91 3.49 10.22
CA ALA B 8 7.26 4.64 10.82
C ALA B 8 8.28 5.78 10.96
N ASN B 9 8.39 6.55 9.91
CA ASN B 9 9.31 7.68 9.89
C ASN B 9 9.52 8.16 8.45
N GLN B 10 9.38 7.21 7.53
CA GLN B 10 9.56 7.52 6.12
C GLN B 10 8.46 8.48 5.65
N CYS B 11 7.30 8.35 6.27
CA CYS B 11 6.16 9.20 5.93
C CYS B 11 6.46 10.62 6.43
N ALA B 12 7.61 10.76 7.06
CA ALA B 12 8.03 12.04 7.59
C ALA B 12 9.35 12.46 6.94
N VAL B 13 9.73 11.71 5.92
CA VAL B 13 10.97 12.00 5.20
C VAL B 13 11.08 13.50 4.96
N PRO B 14 12.30 13.92 4.54
CA PRO B 14 12.56 15.33 4.27
C PRO B 14 11.90 15.77 2.96
N ALA B 15 10.83 15.08 2.61
CA ALA B 15 10.10 15.39 1.39
C ALA B 15 11.08 15.46 0.23
N LYS B 16 11.65 14.31 -0.09
CA LYS B 16 12.61 14.22 -1.18
C LYS B 16 13.20 12.82 -1.24
N ASP B 17 12.34 11.84 -0.97
CA ASP B 17 12.77 10.45 -0.99
C ASP B 17 11.53 9.55 -1.14
N ARG B 18 10.43 10.17 -1.53
CA ARG B 18 9.18 9.44 -1.72
C ARG B 18 9.07 8.94 -3.16
N VAL B 19 8.07 8.12 -3.40
CA VAL B 19 7.83 7.58 -4.72
C VAL B 19 6.75 8.40 -5.43
N ASP B 20 6.48 9.57 -4.86
CA ASP B 20 5.48 10.45 -5.43
C ASP B 20 4.35 9.62 -6.02
N CYS B 21 3.41 9.25 -5.16
CA CYS B 21 2.27 8.46 -5.60
C CYS B 21 1.63 9.14 -6.81
N GLY B 22 1.63 10.47 -6.77
CA GLY B 22 1.06 11.24 -7.85
C GLY B 22 -0.36 10.79 -8.17
N TYR B 23 -1.21 10.88 -7.16
CA TYR B 23 -2.61 10.48 -7.32
C TYR B 23 -3.47 11.66 -7.75
N PRO B 24 -4.41 11.36 -8.68
CA PRO B 24 -5.32 12.39 -9.18
C PRO B 24 -6.38 12.75 -8.16
N HIS B 25 -6.35 12.03 -7.04
CA HIS B 25 -7.30 12.26 -5.97
C HIS B 25 -6.55 12.53 -4.66
N VAL B 26 -5.27 12.77 -4.80
CA VAL B 26 -4.43 13.05 -3.63
C VAL B 26 -5.21 13.91 -2.64
N THR B 27 -5.27 13.43 -1.41
CA THR B 27 -5.98 14.14 -0.36
C THR B 27 -5.67 13.53 1.01
N PRO B 28 -5.82 14.37 2.06
CA PRO B 28 -5.55 13.92 3.42
C PRO B 28 -6.69 13.02 3.93
N LYS B 29 -7.06 12.07 3.09
CA LYS B 29 -8.12 11.13 3.46
C LYS B 29 -8.32 10.13 2.31
N GLU B 30 -7.76 10.48 1.16
CA GLU B 30 -7.87 9.62 -0.01
C GLU B 30 -6.57 8.83 -0.21
N CYS B 31 -5.45 9.53 -0.08
CA CYS B 31 -4.14 8.91 -0.24
C CYS B 31 -4.05 7.75 0.74
N ASN B 32 -4.27 8.07 2.01
CA ASN B 32 -4.21 7.06 3.05
C ASN B 32 -5.29 5.99 2.79
N ASN B 33 -6.18 6.32 1.88
CA ASN B 33 -7.25 5.40 1.53
C ASN B 33 -6.83 4.56 0.33
N ARG B 34 -5.99 5.15 -0.51
CA ARG B 34 -5.49 4.47 -1.69
C ARG B 34 -4.26 3.63 -1.35
N GLY B 35 -3.58 4.04 -0.29
CA GLY B 35 -2.38 3.34 0.15
C GLY B 35 -1.16 4.24 0.08
N CYS B 36 -1.41 5.55 0.13
CA CYS B 36 -0.35 6.52 0.07
C CYS B 36 -0.40 7.37 1.34
N CYS B 37 0.63 8.21 1.49
CA CYS B 37 0.70 9.08 2.66
C CYS B 37 0.67 10.52 2.17
N PHE B 38 -0.23 11.30 2.77
CA PHE B 38 -0.37 12.70 2.40
C PHE B 38 0.48 13.59 3.31
N ASP B 39 1.38 14.33 2.68
CA ASP B 39 2.26 15.23 3.40
C ASP B 39 1.58 16.59 3.56
N SER B 40 1.70 17.40 2.52
CA SER B 40 1.11 18.73 2.52
C SER B 40 2.10 19.74 3.11
N ARG B 41 3.09 19.21 3.83
CA ARG B 41 4.10 20.05 4.44
C ARG B 41 4.87 20.83 3.37
N ILE B 42 5.21 20.12 2.30
CA ILE B 42 5.95 20.73 1.21
C ILE B 42 5.14 20.59 -0.08
N PRO B 43 4.61 21.73 -0.56
CA PRO B 43 3.83 21.74 -1.78
C PRO B 43 4.72 21.60 -3.02
N GLY B 44 6.03 21.60 -2.77
CA GLY B 44 7.00 21.48 -3.84
C GLY B 44 7.38 20.02 -4.07
N VAL B 45 6.88 19.16 -3.18
CA VAL B 45 7.17 17.74 -3.27
C VAL B 45 5.85 16.97 -3.38
N PRO B 46 5.97 15.62 -3.41
CA PRO B 46 4.80 14.77 -3.52
C PRO B 46 4.05 14.70 -2.19
N TRP B 47 2.81 15.16 -2.22
CA TRP B 47 1.97 15.17 -1.02
C TRP B 47 1.15 13.87 -1.02
N CYS B 48 1.72 12.84 -1.63
CA CYS B 48 1.05 11.55 -1.70
C CYS B 48 2.06 10.52 -2.19
N PHE B 49 2.50 9.68 -1.26
CA PHE B 49 3.46 8.64 -1.57
C PHE B 49 3.20 7.38 -0.77
N LYS B 50 4.17 6.47 -0.80
CA LYS B 50 4.05 5.22 -0.07
C LYS B 50 5.20 5.11 0.92
N PRO B 51 5.14 5.97 1.97
CA PRO B 51 6.16 5.97 3.00
C PRO B 51 6.01 4.77 3.94
N LEU B 52 5.37 5.02 5.07
CA LEU B 52 5.14 3.97 6.05
C LEU B 52 3.76 3.34 5.83
N GLN B 53 3.38 3.28 4.55
CA GLN B 53 2.09 2.70 4.19
C GLN B 53 1.90 1.35 4.88
N GLU B 54 3.01 0.76 5.27
CA GLU B 54 2.99 -0.54 5.93
C GLU B 54 1.77 -0.63 6.87
N ALA B 55 1.35 0.54 7.35
CA ALA B 55 0.22 0.60 8.25
C ALA B 55 -0.75 -0.54 7.93
N GLU B 56 -1.23 -0.53 6.70
CA GLU B 56 -2.16 -1.55 6.24
C GLU B 56 -1.88 -1.93 4.79
N CYS B 57 -0.70 -1.54 4.34
CA CYS B 57 -0.30 -1.83 2.96
C CYS B 57 0.44 -3.17 2.96
N THR B 58 1.64 -3.14 3.54
CA THR B 58 2.46 -4.34 3.60
C THR B 58 1.67 -5.49 4.24
N PHE B 59 1.00 -5.17 5.34
CA PHE B 59 0.21 -6.16 6.06
C PHE B 59 -0.60 -7.02 5.08
N GLU A 1 15.14 -10.53 9.53
CA GLU A 1 13.84 -9.89 9.54
C GLU A 1 12.73 -10.92 9.33
N GLU A 2 11.57 -10.61 9.88
CA GLU A 2 10.42 -11.49 9.76
C GLU A 2 9.61 -11.15 8.51
N TYR A 3 10.23 -11.37 7.35
CA TYR A 3 9.58 -11.09 6.09
C TYR A 3 8.71 -12.27 5.65
N VAL A 4 7.57 -12.41 6.32
CA VAL A 4 6.64 -13.48 6.01
C VAL A 4 5.26 -12.90 5.74
N GLY A 5 4.76 -12.15 6.72
CA GLY A 5 3.45 -11.53 6.59
C GLY A 5 3.47 -10.42 5.55
N LEU A 6 4.63 -10.27 4.90
CA LEU A 6 4.79 -9.26 3.87
C LEU A 6 5.73 -9.77 2.79
N SER A 7 5.80 -11.09 2.69
CA SER A 7 6.66 -11.73 1.70
C SER A 7 5.82 -12.26 0.54
N ALA A 8 6.47 -12.40 -0.61
CA ALA A 8 5.80 -12.90 -1.79
C ALA A 8 5.26 -14.30 -1.51
N ASN A 9 4.07 -14.34 -0.92
CA ASN A 9 3.43 -15.60 -0.59
C ASN A 9 2.13 -15.32 0.16
N GLN A 10 2.14 -14.24 0.94
CA GLN A 10 0.98 -13.86 1.71
C GLN A 10 -0.22 -13.61 0.79
N CYS A 11 0.08 -13.12 -0.41
CA CYS A 11 -0.96 -12.84 -1.38
C CYS A 11 -1.62 -14.17 -1.77
N ALA A 12 -1.01 -15.25 -1.31
CA ALA A 12 -1.53 -16.58 -1.60
C ALA A 12 -2.23 -17.14 -0.36
N VAL A 13 -2.48 -16.25 0.59
CA VAL A 13 -3.14 -16.64 1.82
C VAL A 13 -4.26 -17.64 1.50
N PRO A 14 -4.70 -18.37 2.57
CA PRO A 14 -5.76 -19.36 2.40
C PRO A 14 -7.12 -18.69 2.25
N ALA A 15 -7.09 -17.48 1.69
CA ALA A 15 -8.31 -16.73 1.47
C ALA A 15 -9.12 -16.70 2.77
N LYS A 16 -8.63 -15.93 3.73
CA LYS A 16 -9.31 -15.81 5.01
C LYS A 16 -8.34 -15.20 6.03
N ASP A 17 -7.75 -14.08 5.64
CA ASP A 17 -6.81 -13.39 6.51
C ASP A 17 -6.55 -11.99 5.96
N ARG A 18 -6.74 -11.85 4.65
CA ARG A 18 -6.53 -10.58 3.99
C ARG A 18 -7.27 -9.47 4.75
N VAL A 19 -7.14 -8.26 4.21
CA VAL A 19 -7.79 -7.11 4.81
C VAL A 19 -8.86 -6.56 3.87
N ASP A 20 -9.28 -7.42 2.95
CA ASP A 20 -10.29 -7.05 1.98
C ASP A 20 -10.14 -5.56 1.65
N CYS A 21 -9.30 -5.29 0.66
CA CYS A 21 -9.06 -3.92 0.23
C CYS A 21 -10.42 -3.23 0.03
N GLY A 22 -11.36 -4.02 -0.47
CA GLY A 22 -12.70 -3.50 -0.71
C GLY A 22 -12.65 -2.22 -1.55
N TYR A 23 -12.10 -2.36 -2.75
CA TYR A 23 -11.99 -1.23 -3.66
C TYR A 23 -13.19 -1.15 -4.58
N PRO A 24 -13.65 0.11 -4.83
CA PRO A 24 -14.79 0.34 -5.69
C PRO A 24 -14.41 0.17 -7.16
N HIS A 25 -13.12 -0.02 -7.39
CA HIS A 25 -12.61 -0.20 -8.74
C HIS A 25 -11.87 -1.54 -8.83
N VAL A 26 -12.07 -2.36 -7.81
CA VAL A 26 -11.43 -3.67 -7.76
C VAL A 26 -11.38 -4.25 -9.17
N THR A 27 -10.19 -4.66 -9.57
CA THR A 27 -10.00 -5.25 -10.88
C THR A 27 -8.63 -5.93 -10.97
N PRO A 28 -8.55 -6.95 -11.87
CA PRO A 28 -7.31 -7.69 -12.06
C PRO A 28 -6.30 -6.86 -12.86
N LYS A 29 -6.08 -5.64 -12.39
CA LYS A 29 -5.15 -4.76 -13.05
C LYS A 29 -5.15 -3.40 -12.34
N GLU A 30 -6.22 -3.16 -11.61
CA GLU A 30 -6.36 -1.91 -10.86
C GLU A 30 -5.93 -2.11 -9.41
N CYS A 31 -6.38 -3.21 -8.84
CA CYS A 31 -6.05 -3.52 -7.46
C CYS A 31 -4.52 -3.53 -7.32
N ASN A 32 -3.89 -4.28 -8.22
CA ASN A 32 -2.43 -4.39 -8.21
C ASN A 32 -1.83 -3.06 -8.64
N ASN A 33 -2.72 -2.11 -8.95
CA ASN A 33 -2.28 -0.80 -9.37
C ASN A 33 -2.50 0.20 -8.23
N ARG A 34 -3.51 -0.09 -7.43
CA ARG A 34 -3.83 0.77 -6.30
C ARG A 34 -2.96 0.42 -5.09
N GLY A 35 -2.48 -0.81 -5.08
CA GLY A 35 -1.63 -1.28 -4.00
C GLY A 35 -2.26 -2.48 -3.29
N CYS A 36 -3.11 -3.19 -4.03
CA CYS A 36 -3.77 -4.35 -3.48
C CYS A 36 -3.38 -5.58 -4.32
N CYS A 37 -3.92 -6.72 -3.93
CA CYS A 37 -3.64 -7.96 -4.63
C CYS A 37 -4.96 -8.60 -5.06
N PHE A 38 -5.08 -8.84 -6.35
CA PHE A 38 -6.29 -9.44 -6.90
C PHE A 38 -6.19 -10.97 -6.89
N ASP A 39 -7.14 -11.58 -6.21
CA ASP A 39 -7.17 -13.04 -6.13
C ASP A 39 -8.01 -13.59 -7.28
N SER A 40 -9.32 -13.60 -7.08
CA SER A 40 -10.23 -14.10 -8.09
C SER A 40 -10.44 -15.60 -7.91
N ARG A 41 -9.53 -16.21 -7.16
CA ARG A 41 -9.60 -17.64 -6.90
C ARG A 41 -10.94 -17.99 -6.22
N ILE A 42 -11.26 -17.23 -5.19
CA ILE A 42 -12.50 -17.45 -4.46
C ILE A 42 -13.36 -16.19 -4.53
N PRO A 43 -14.60 -16.38 -5.02
CA PRO A 43 -15.53 -15.27 -5.15
C PRO A 43 -16.10 -14.87 -3.79
N GLY A 44 -15.88 -15.74 -2.82
CA GLY A 44 -16.37 -15.49 -1.47
C GLY A 44 -15.32 -14.75 -0.64
N VAL A 45 -14.13 -14.65 -1.21
CA VAL A 45 -13.03 -13.97 -0.54
C VAL A 45 -12.77 -12.64 -1.22
N PRO A 46 -11.91 -11.81 -0.57
CA PRO A 46 -11.57 -10.51 -1.12
C PRO A 46 -10.60 -10.64 -2.30
N TRP A 47 -11.10 -10.29 -3.46
CA TRP A 47 -10.29 -10.36 -4.68
C TRP A 47 -9.51 -9.05 -4.80
N CYS A 48 -9.21 -8.46 -3.65
CA CYS A 48 -8.48 -7.21 -3.62
C CYS A 48 -8.08 -6.92 -2.16
N PHE A 49 -6.82 -7.18 -1.87
CA PHE A 49 -6.31 -6.94 -0.53
C PHE A 49 -4.87 -6.41 -0.57
N LYS A 50 -4.27 -6.33 0.60
CA LYS A 50 -2.90 -5.85 0.72
C LYS A 50 -2.03 -6.93 1.36
N PRO A 51 -1.79 -8.02 0.57
CA PRO A 51 -0.98 -9.12 1.05
C PRO A 51 0.51 -8.75 1.05
N LEU A 52 1.20 -9.17 0.00
CA LEU A 52 2.61 -8.88 -0.13
C LEU A 52 2.80 -7.60 -0.94
N GLN A 53 1.87 -6.69 -0.77
CA GLN A 53 1.92 -5.42 -1.48
C GLN A 53 3.26 -4.72 -1.23
N GLU A 54 3.88 -5.09 -0.11
CA GLU A 54 5.16 -4.51 0.25
C GLU A 54 6.05 -4.36 -0.98
N ALA A 55 5.80 -5.22 -1.95
CA ALA A 55 6.56 -5.21 -3.19
C ALA A 55 6.87 -3.75 -3.57
N GLU A 56 5.81 -3.06 -4.00
CA GLU A 56 5.94 -1.67 -4.40
C GLU A 56 4.89 -0.82 -3.71
N CYS A 57 4.45 -1.28 -2.55
CA CYS A 57 3.45 -0.57 -1.79
C CYS A 57 4.12 0.10 -0.59
N THR A 58 4.77 -0.73 0.22
CA THR A 58 5.47 -0.22 1.39
C THR A 58 6.72 0.54 0.98
N PHE A 59 7.51 -0.08 0.12
CA PHE A 59 8.74 0.53 -0.35
C PHE A 59 8.59 2.04 -0.47
N GLU B 1 18.53 -6.34 8.44
CA GLU B 1 17.91 -5.36 7.55
C GLU B 1 17.58 -4.08 8.33
N GLU B 2 18.16 -2.98 7.88
CA GLU B 2 17.94 -1.70 8.51
C GLU B 2 16.75 -0.99 7.88
N TYR B 3 15.56 -1.48 8.22
CA TYR B 3 14.33 -0.91 7.70
C TYR B 3 13.82 0.21 8.61
N VAL B 4 14.45 1.37 8.49
CA VAL B 4 14.07 2.52 9.30
C VAL B 4 13.61 3.65 8.38
N GLY B 5 14.41 3.90 7.35
CA GLY B 5 14.10 4.95 6.39
C GLY B 5 12.92 4.54 5.50
N LEU B 6 12.38 3.37 5.78
CA LEU B 6 11.27 2.85 5.01
C LEU B 6 10.18 2.36 5.97
N SER B 7 10.37 2.67 7.25
CA SER B 7 9.41 2.28 8.26
C SER B 7 8.63 3.50 8.74
N ALA B 8 8.00 3.33 9.90
CA ALA B 8 7.21 4.41 10.49
C ALA B 8 8.13 5.60 10.79
N ASN B 9 8.35 6.42 9.77
CA ASN B 9 9.20 7.57 9.92
C ASN B 9 9.51 8.16 8.54
N GLN B 10 9.56 7.28 7.56
CA GLN B 10 9.84 7.69 6.19
C GLN B 10 8.73 8.61 5.67
N CYS B 11 7.53 8.38 6.18
CA CYS B 11 6.38 9.19 5.78
C CYS B 11 6.62 10.62 6.25
N ALA B 12 7.67 10.78 7.03
CA ALA B 12 8.02 12.10 7.56
C ALA B 12 9.25 12.64 6.83
N VAL B 13 9.61 11.94 5.74
CA VAL B 13 10.75 12.34 4.94
C VAL B 13 10.79 13.86 4.83
N PRO B 14 11.99 14.38 4.47
CA PRO B 14 12.17 15.81 4.32
C PRO B 14 11.54 16.31 3.01
N ALA B 15 10.49 15.62 2.60
CA ALA B 15 9.78 15.97 1.38
C ALA B 15 10.80 16.11 0.24
N LYS B 16 11.37 14.97 -0.14
CA LYS B 16 12.35 14.94 -1.21
C LYS B 16 13.04 13.58 -1.23
N ASP B 17 12.25 12.54 -0.97
CA ASP B 17 12.77 11.19 -0.95
C ASP B 17 11.62 10.19 -1.16
N ARG B 18 10.49 10.74 -1.57
CA ARG B 18 9.31 9.92 -1.80
C ARG B 18 9.28 9.42 -3.25
N VAL B 19 8.23 8.68 -3.56
CA VAL B 19 8.08 8.13 -4.91
C VAL B 19 6.87 8.80 -5.58
N ASP B 20 6.51 9.96 -5.06
CA ASP B 20 5.39 10.71 -5.59
C ASP B 20 4.35 9.73 -6.14
N CYS B 21 3.44 9.31 -5.27
CA CYS B 21 2.40 8.38 -5.66
C CYS B 21 1.68 8.94 -6.88
N GLY B 22 1.58 10.27 -6.91
CA GLY B 22 0.92 10.94 -8.02
C GLY B 22 -0.51 10.42 -8.22
N TYR B 23 -1.29 10.50 -7.15
CA TYR B 23 -2.67 10.04 -7.19
C TYR B 23 -3.60 11.17 -7.62
N PRO B 24 -4.63 10.78 -8.42
CA PRO B 24 -5.60 11.74 -8.91
C PRO B 24 -6.58 12.15 -7.81
N HIS B 25 -6.52 11.40 -6.72
CA HIS B 25 -7.39 11.67 -5.58
C HIS B 25 -6.56 11.90 -4.33
N VAL B 26 -5.36 12.42 -4.54
CA VAL B 26 -4.45 12.69 -3.44
C VAL B 26 -5.19 13.45 -2.35
N THR B 27 -5.30 12.82 -1.19
CA THR B 27 -5.97 13.43 -0.06
C THR B 27 -5.68 12.65 1.23
N PRO B 28 -5.79 13.37 2.37
CA PRO B 28 -5.54 12.76 3.67
C PRO B 28 -6.70 11.85 4.08
N LYS B 29 -7.09 10.98 3.16
CA LYS B 29 -8.18 10.06 3.42
C LYS B 29 -8.28 9.06 2.26
N GLU B 30 -7.76 9.47 1.12
CA GLU B 30 -7.79 8.64 -0.06
C GLU B 30 -6.44 7.93 -0.25
N CYS B 31 -5.38 8.71 -0.09
CA CYS B 31 -4.03 8.19 -0.24
C CYS B 31 -3.81 7.13 0.85
N ASN B 32 -4.02 7.55 2.09
CA ASN B 32 -3.84 6.64 3.22
C ASN B 32 -4.87 5.51 3.12
N ASN B 33 -5.77 5.65 2.16
CA ASN B 33 -6.80 4.65 1.95
C ASN B 33 -6.42 3.76 0.76
N ARG B 34 -5.68 4.35 -0.16
CA ARG B 34 -5.25 3.63 -1.35
C ARG B 34 -3.92 2.91 -1.07
N GLY B 35 -3.12 3.52 -0.21
CA GLY B 35 -1.83 2.96 0.15
C GLY B 35 -0.71 3.99 -0.02
N CYS B 36 -1.11 5.25 0.05
CA CYS B 36 -0.15 6.34 -0.09
C CYS B 36 -0.19 7.18 1.19
N CYS B 37 0.80 8.04 1.34
CA CYS B 37 0.90 8.90 2.50
C CYS B 37 0.71 10.34 2.04
N PHE B 38 -0.20 11.03 2.71
CA PHE B 38 -0.48 12.42 2.39
C PHE B 38 0.34 13.37 3.26
N ASP B 39 1.14 14.18 2.59
CA ASP B 39 1.98 15.14 3.29
C ASP B 39 1.16 16.38 3.63
N SER B 40 1.07 17.27 2.64
CA SER B 40 0.31 18.50 2.82
C SER B 40 1.21 19.57 3.46
N ARG B 41 2.24 19.10 4.14
CA ARG B 41 3.17 20.00 4.79
C ARG B 41 3.93 20.83 3.76
N ILE B 42 4.34 20.17 2.70
CA ILE B 42 5.07 20.82 1.62
C ILE B 42 4.30 20.67 0.31
N PRO B 43 3.68 21.80 -0.13
CA PRO B 43 2.92 21.78 -1.36
C PRO B 43 3.84 21.77 -2.58
N GLY B 44 5.14 21.84 -2.31
CA GLY B 44 6.13 21.84 -3.37
C GLY B 44 6.61 20.41 -3.67
N VAL B 45 6.14 19.49 -2.84
CA VAL B 45 6.52 18.09 -3.01
C VAL B 45 5.25 17.25 -3.20
N PRO B 46 5.45 15.91 -3.28
CA PRO B 46 4.35 14.99 -3.46
C PRO B 46 3.56 14.83 -2.16
N TRP B 47 2.29 15.20 -2.24
CA TRP B 47 1.41 15.11 -1.08
C TRP B 47 0.72 13.73 -1.12
N CYS B 48 1.42 12.78 -1.74
CA CYS B 48 0.89 11.44 -1.84
C CYS B 48 2.01 10.52 -2.34
N PHE B 49 2.54 9.74 -1.40
CA PHE B 49 3.62 8.82 -1.73
C PHE B 49 3.44 7.49 -1.00
N LYS B 50 4.49 6.67 -1.03
CA LYS B 50 4.46 5.38 -0.39
C LYS B 50 5.65 5.26 0.57
N PRO B 51 5.58 6.08 1.66
CA PRO B 51 6.64 6.07 2.66
C PRO B 51 6.56 4.83 3.53
N LEU B 52 5.91 4.98 4.69
CA LEU B 52 5.76 3.89 5.62
C LEU B 52 4.38 3.26 5.43
N GLN B 53 3.96 3.17 4.18
CA GLN B 53 2.66 2.59 3.86
C GLN B 53 2.48 1.27 4.61
N GLU B 54 3.59 0.70 5.02
CA GLU B 54 3.56 -0.56 5.75
C GLU B 54 2.36 -0.61 6.68
N ALA B 55 1.93 0.57 7.11
CA ALA B 55 0.79 0.69 8.01
C ALA B 55 -0.20 -0.44 7.70
N GLU B 56 -0.85 -0.32 6.55
CA GLU B 56 -1.82 -1.33 6.15
C GLU B 56 -1.56 -1.76 4.69
N CYS B 57 -0.36 -1.45 4.23
CA CYS B 57 0.03 -1.79 2.87
C CYS B 57 0.84 -3.09 2.91
N THR B 58 2.10 -2.95 3.31
CA THR B 58 2.98 -4.10 3.40
C THR B 58 2.24 -5.30 3.96
N PHE B 59 1.42 -5.04 4.97
CA PHE B 59 0.65 -6.09 5.60
C PHE B 59 -0.01 -6.99 4.56
N GLU A 1 6.34 -11.85 10.63
CA GLU A 1 7.53 -11.54 11.41
C GLU A 1 8.66 -11.06 10.49
N GLU A 2 9.21 -12.00 9.74
CA GLU A 2 10.28 -11.68 8.81
C GLU A 2 9.72 -11.31 7.45
N TYR A 3 10.24 -11.97 6.42
CA TYR A 3 9.80 -11.71 5.06
C TYR A 3 8.66 -12.66 4.67
N VAL A 4 7.56 -12.53 5.39
CA VAL A 4 6.38 -13.36 5.13
C VAL A 4 5.17 -12.46 4.90
N GLY A 5 4.93 -11.58 5.87
CA GLY A 5 3.80 -10.67 5.79
C GLY A 5 4.02 -9.64 4.68
N LEU A 6 5.15 -9.77 4.00
CA LEU A 6 5.49 -8.86 2.92
C LEU A 6 6.15 -9.64 1.79
N SER A 7 5.81 -10.93 1.72
CA SER A 7 6.36 -11.79 0.69
C SER A 7 5.32 -12.02 -0.41
N ALA A 8 5.80 -12.54 -1.53
CA ALA A 8 4.93 -12.81 -2.66
C ALA A 8 3.99 -13.96 -2.31
N ASN A 9 4.22 -14.54 -1.14
CA ASN A 9 3.40 -15.65 -0.67
C ASN A 9 2.25 -15.11 0.17
N GLN A 10 2.35 -13.82 0.51
CA GLN A 10 1.34 -13.18 1.32
C GLN A 10 0.02 -13.12 0.55
N CYS A 11 0.13 -12.83 -0.74
CA CYS A 11 -1.04 -12.74 -1.59
C CYS A 11 -1.56 -14.16 -1.86
N ALA A 12 -0.86 -15.13 -1.28
CA ALA A 12 -1.24 -16.52 -1.45
C ALA A 12 -1.87 -17.03 -0.16
N VAL A 13 -2.13 -16.10 0.75
CA VAL A 13 -2.73 -16.44 2.02
C VAL A 13 -3.81 -17.51 1.80
N PRO A 14 -4.14 -18.22 2.91
CA PRO A 14 -5.16 -19.26 2.85
C PRO A 14 -6.56 -18.66 2.77
N ALA A 15 -6.63 -17.48 2.16
CA ALA A 15 -7.90 -16.79 2.02
C ALA A 15 -8.62 -16.77 3.37
N LYS A 16 -8.12 -15.95 4.27
CA LYS A 16 -8.70 -15.83 5.59
C LYS A 16 -7.70 -15.15 6.52
N ASP A 17 -7.18 -14.02 6.08
CA ASP A 17 -6.22 -13.27 6.86
C ASP A 17 -6.04 -11.88 6.25
N ARG A 18 -6.32 -11.79 4.97
CA ARG A 18 -6.21 -10.52 4.26
C ARG A 18 -6.89 -9.41 5.05
N VAL A 19 -6.77 -8.20 4.53
CA VAL A 19 -7.36 -7.04 5.17
C VAL A 19 -8.54 -6.54 4.33
N ASP A 20 -9.05 -7.43 3.49
CA ASP A 20 -10.17 -7.09 2.63
C ASP A 20 -10.08 -5.62 2.24
N CYS A 21 -9.42 -5.37 1.11
CA CYS A 21 -9.25 -4.01 0.62
C CYS A 21 -10.63 -3.36 0.54
N GLY A 22 -11.62 -4.18 0.19
CA GLY A 22 -12.98 -3.69 0.07
C GLY A 22 -13.07 -2.54 -0.93
N TYR A 23 -12.59 -2.83 -2.14
CA TYR A 23 -12.62 -1.82 -3.19
C TYR A 23 -13.92 -1.91 -4.00
N PRO A 24 -14.44 -0.72 -4.38
CA PRO A 24 -15.66 -0.65 -5.15
C PRO A 24 -15.42 -1.02 -6.61
N HIS A 25 -14.15 -1.21 -6.93
CA HIS A 25 -13.75 -1.57 -8.28
C HIS A 25 -12.79 -2.76 -8.24
N VAL A 26 -13.14 -3.72 -7.40
CA VAL A 26 -12.32 -4.91 -7.25
C VAL A 26 -12.25 -5.64 -8.59
N THR A 27 -11.02 -5.79 -9.10
CA THR A 27 -10.81 -6.47 -10.36
C THR A 27 -9.32 -6.78 -10.55
N PRO A 28 -9.06 -7.86 -11.34
CA PRO A 28 -7.70 -8.28 -11.61
C PRO A 28 -7.02 -7.34 -12.61
N LYS A 29 -6.99 -6.06 -12.24
CA LYS A 29 -6.38 -5.05 -13.09
C LYS A 29 -6.50 -3.69 -12.42
N GLU A 30 -7.52 -3.56 -11.59
CA GLU A 30 -7.76 -2.31 -10.88
C GLU A 30 -7.16 -2.38 -9.48
N CYS A 31 -7.43 -3.50 -8.81
CA CYS A 31 -6.92 -3.70 -7.46
C CYS A 31 -5.40 -3.72 -7.52
N ASN A 32 -4.88 -4.63 -8.34
CA ASN A 32 -3.45 -4.77 -8.49
C ASN A 32 -2.87 -3.48 -9.06
N ASN A 33 -3.76 -2.58 -9.42
CA ASN A 33 -3.37 -1.30 -9.98
C ASN A 33 -3.56 -0.20 -8.93
N ARG A 34 -4.50 -0.45 -8.03
CA ARG A 34 -4.79 0.49 -6.97
C ARG A 34 -3.86 0.27 -5.77
N GLY A 35 -3.38 -0.97 -5.67
CA GLY A 35 -2.49 -1.32 -4.58
C GLY A 35 -3.05 -2.49 -3.76
N CYS A 36 -3.93 -3.25 -4.41
CA CYS A 36 -4.55 -4.39 -3.76
C CYS A 36 -4.18 -5.64 -4.55
N CYS A 37 -4.65 -6.78 -4.05
CA CYS A 37 -4.37 -8.05 -4.69
C CYS A 37 -5.71 -8.75 -4.97
N PHE A 38 -5.92 -9.08 -6.23
CA PHE A 38 -7.15 -9.74 -6.63
C PHE A 38 -7.00 -11.27 -6.56
N ASP A 39 -7.85 -11.87 -5.73
CA ASP A 39 -7.82 -13.31 -5.56
C ASP A 39 -8.60 -13.97 -6.70
N SER A 40 -9.91 -14.04 -6.51
CA SER A 40 -10.78 -14.64 -7.51
C SER A 40 -10.85 -16.16 -7.30
N ARG A 41 -9.82 -16.68 -6.64
CA ARG A 41 -9.75 -18.10 -6.36
C ARG A 41 -10.88 -18.51 -5.40
N ILE A 42 -11.07 -17.69 -4.38
CA ILE A 42 -12.10 -17.95 -3.40
C ILE A 42 -13.09 -16.77 -3.37
N PRO A 43 -14.31 -17.03 -3.91
CA PRO A 43 -15.33 -16.00 -3.94
C PRO A 43 -15.95 -15.80 -2.55
N GLY A 44 -15.53 -16.63 -1.62
CA GLY A 44 -16.02 -16.55 -0.26
C GLY A 44 -15.16 -15.62 0.59
N VAL A 45 -14.05 -15.19 0.00
CA VAL A 45 -13.14 -14.29 0.68
C VAL A 45 -13.01 -12.99 -0.11
N PRO A 46 -12.09 -12.11 0.38
CA PRO A 46 -11.86 -10.83 -0.28
C PRO A 46 -11.05 -11.01 -1.57
N TRP A 47 -11.64 -10.54 -2.66
CA TRP A 47 -10.99 -10.64 -3.95
C TRP A 47 -10.22 -9.34 -4.20
N CYS A 48 -9.86 -8.69 -3.11
CA CYS A 48 -9.12 -7.44 -3.19
C CYS A 48 -8.59 -7.09 -1.80
N PHE A 49 -7.30 -7.30 -1.63
CA PHE A 49 -6.65 -7.03 -0.35
C PHE A 49 -5.26 -6.42 -0.56
N LYS A 50 -4.53 -6.33 0.53
CA LYS A 50 -3.18 -5.77 0.48
C LYS A 50 -2.19 -6.79 1.04
N PRO A 51 -2.00 -7.89 0.27
CA PRO A 51 -1.07 -8.94 0.68
C PRO A 51 0.37 -8.50 0.49
N LEU A 52 0.94 -8.92 -0.63
CA LEU A 52 2.32 -8.59 -0.95
C LEU A 52 2.36 -7.31 -1.78
N GLN A 53 1.39 -6.44 -1.51
CA GLN A 53 1.30 -5.18 -2.21
C GLN A 53 2.64 -4.43 -2.17
N GLU A 54 3.45 -4.81 -1.19
CA GLU A 54 4.75 -4.20 -1.03
C GLU A 54 5.42 -3.97 -2.38
N ALA A 55 5.02 -4.79 -3.35
CA ALA A 55 5.56 -4.68 -4.69
C ALA A 55 5.72 -3.21 -5.06
N GLU A 56 4.62 -2.62 -5.49
CA GLU A 56 4.62 -1.23 -5.88
C GLU A 56 3.69 -0.41 -4.96
N CYS A 57 3.50 -0.96 -3.76
CA CYS A 57 2.64 -0.30 -2.78
C CYS A 57 3.54 0.29 -1.68
N THR A 58 4.35 -0.59 -1.11
CA THR A 58 5.26 -0.18 -0.05
C THR A 58 6.61 0.27 -0.64
N PHE A 59 6.79 -0.05 -1.90
CA PHE A 59 8.02 0.32 -2.59
C PHE A 59 8.57 1.64 -2.08
N GLU B 1 17.91 -5.89 9.17
CA GLU B 1 16.60 -5.32 9.35
C GLU B 1 16.64 -3.81 9.09
N GLU B 2 16.76 -3.45 7.82
CA GLU B 2 16.81 -2.05 7.44
C GLU B 2 15.39 -1.52 7.18
N TYR B 3 14.62 -1.41 8.26
CA TYR B 3 13.27 -0.92 8.16
C TYR B 3 13.21 0.60 8.34
N VAL B 4 13.34 1.31 7.23
CA VAL B 4 13.31 2.75 7.27
C VAL B 4 12.41 3.27 6.13
N GLY B 5 12.74 2.86 4.92
CA GLY B 5 11.97 3.27 3.76
C GLY B 5 10.57 2.65 3.79
N LEU B 6 10.30 1.91 4.86
CA LEU B 6 9.01 1.27 5.01
C LEU B 6 8.69 1.14 6.51
N SER B 7 9.31 2.00 7.29
CA SER B 7 9.10 2.01 8.72
C SER B 7 8.27 3.22 9.13
N ALA B 8 7.49 3.04 10.20
CA ALA B 8 6.65 4.11 10.70
C ALA B 8 7.52 5.29 11.11
N ASN B 9 7.87 6.10 10.12
CA ASN B 9 8.70 7.27 10.36
C ASN B 9 9.09 7.90 9.02
N GLN B 10 9.20 7.05 8.01
CA GLN B 10 9.57 7.51 6.68
C GLN B 10 8.54 8.51 6.17
N CYS B 11 7.30 8.31 6.59
CA CYS B 11 6.22 9.19 6.18
C CYS B 11 6.42 10.55 6.87
N ALA B 12 7.39 10.58 7.76
CA ALA B 12 7.69 11.80 8.49
C ALA B 12 8.93 12.47 7.89
N VAL B 13 9.36 11.92 6.76
CA VAL B 13 10.53 12.44 6.07
C VAL B 13 10.53 13.97 6.16
N PRO B 14 11.75 14.56 6.00
CA PRO B 14 11.90 15.99 6.06
C PRO B 14 11.37 16.66 4.79
N ALA B 15 10.39 16.02 4.19
CA ALA B 15 9.79 16.53 2.97
C ALA B 15 10.90 16.85 1.96
N LYS B 16 11.57 15.79 1.52
CA LYS B 16 12.65 15.95 0.56
C LYS B 16 13.45 14.64 0.48
N ASP B 17 12.71 13.54 0.54
CA ASP B 17 13.35 12.23 0.47
C ASP B 17 12.30 11.20 0.03
N ARG B 18 11.18 11.71 -0.46
CA ARG B 18 10.10 10.84 -0.92
C ARG B 18 10.26 10.55 -2.41
N VAL B 19 9.31 9.79 -2.94
CA VAL B 19 9.33 9.43 -4.34
C VAL B 19 8.17 10.14 -5.06
N ASP B 20 7.67 11.19 -4.42
CA ASP B 20 6.58 11.95 -4.99
C ASP B 20 5.66 11.01 -5.78
N CYS B 21 4.71 10.43 -5.07
CA CYS B 21 3.77 9.51 -5.69
C CYS B 21 3.16 10.20 -6.91
N GLY B 22 3.01 11.51 -6.80
CA GLY B 22 2.45 12.29 -7.88
C GLY B 22 1.27 11.56 -8.54
N TYR B 23 0.24 11.32 -7.74
CA TYR B 23 -0.95 10.64 -8.22
C TYR B 23 -1.98 11.63 -8.75
N PRO B 24 -2.74 11.18 -9.78
CA PRO B 24 -3.76 12.01 -10.39
C PRO B 24 -4.99 12.11 -9.48
N HIS B 25 -4.95 11.35 -8.40
CA HIS B 25 -6.05 11.34 -7.45
C HIS B 25 -5.52 11.66 -6.05
N VAL B 26 -4.30 12.17 -6.02
CA VAL B 26 -3.66 12.52 -4.76
C VAL B 26 -4.69 13.22 -3.86
N THR B 27 -4.90 12.62 -2.69
CA THR B 27 -5.85 13.16 -1.73
C THR B 27 -5.63 12.55 -0.35
N PRO B 28 -6.11 13.28 0.69
CA PRO B 28 -5.97 12.81 2.06
C PRO B 28 -6.95 11.68 2.36
N LYS B 29 -6.99 10.72 1.44
CA LYS B 29 -7.87 9.57 1.60
C LYS B 29 -7.69 8.63 0.41
N GLU B 30 -7.18 9.19 -0.68
CA GLU B 30 -6.95 8.41 -1.89
C GLU B 30 -5.51 7.89 -1.91
N CYS B 31 -4.59 8.76 -1.55
CA CYS B 31 -3.19 8.40 -1.52
C CYS B 31 -3.02 7.17 -0.63
N ASN B 32 -3.45 7.31 0.61
CA ASN B 32 -3.36 6.22 1.56
C ASN B 32 -4.16 5.02 1.04
N ASN B 33 -4.99 5.30 0.06
CA ASN B 33 -5.82 4.25 -0.54
C ASN B 33 -5.02 3.53 -1.63
N ARG B 34 -4.20 4.30 -2.33
CA ARG B 34 -3.38 3.75 -3.39
C ARG B 34 -2.13 3.09 -2.80
N GLY B 35 -1.76 3.56 -1.63
CA GLY B 35 -0.58 3.03 -0.95
C GLY B 35 0.47 4.12 -0.76
N CYS B 36 0.03 5.37 -0.85
CA CYS B 36 0.93 6.50 -0.69
C CYS B 36 0.63 7.15 0.66
N CYS B 37 1.40 8.18 0.96
CA CYS B 37 1.24 8.91 2.21
C CYS B 37 1.02 10.39 1.89
N PHE B 38 -0.08 10.91 2.41
CA PHE B 38 -0.41 12.30 2.19
C PHE B 38 0.21 13.20 3.26
N ASP B 39 1.00 14.16 2.80
CA ASP B 39 1.66 15.09 3.70
C ASP B 39 0.73 16.26 3.99
N SER B 40 0.74 17.22 3.07
CA SER B 40 -0.10 18.40 3.20
C SER B 40 0.61 19.44 4.08
N ARG B 41 1.54 18.95 4.90
CA ARG B 41 2.29 19.83 5.78
C ARG B 41 3.12 20.81 4.97
N ILE B 42 3.72 20.29 3.91
CA ILE B 42 4.55 21.12 3.04
C ILE B 42 4.01 21.05 1.62
N PRO B 43 3.39 22.19 1.19
CA PRO B 43 2.83 22.28 -0.15
C PRO B 43 3.92 22.43 -1.21
N GLY B 44 5.15 22.55 -0.72
CA GLY B 44 6.30 22.71 -1.60
C GLY B 44 6.91 21.35 -1.95
N VAL B 45 6.41 20.32 -1.29
CA VAL B 45 6.89 18.97 -1.53
C VAL B 45 5.72 18.08 -1.99
N PRO B 46 6.03 16.77 -2.15
CA PRO B 46 5.02 15.81 -2.57
C PRO B 46 4.06 15.48 -1.43
N TRP B 47 2.79 15.83 -1.65
CA TRP B 47 1.77 15.57 -0.65
C TRP B 47 1.20 14.17 -0.90
N CYS B 48 2.05 13.32 -1.46
CA CYS B 48 1.65 11.95 -1.75
C CYS B 48 2.88 11.16 -2.19
N PHE B 49 3.32 10.27 -1.31
CA PHE B 49 4.49 9.46 -1.58
C PHE B 49 4.31 8.04 -1.03
N LYS B 50 5.41 7.30 -1.03
CA LYS B 50 5.40 5.94 -0.54
C LYS B 50 6.42 5.79 0.59
N PRO B 51 6.12 6.47 1.73
CA PRO B 51 7.00 6.42 2.87
C PRO B 51 6.90 5.08 3.60
N LEU B 52 6.08 5.08 4.65
CA LEU B 52 5.88 3.88 5.44
C LEU B 52 4.53 3.25 5.06
N GLN B 53 4.27 3.25 3.76
CA GLN B 53 3.03 2.68 3.25
C GLN B 53 2.70 1.38 3.99
N GLU B 54 3.74 0.76 4.52
CA GLU B 54 3.58 -0.48 5.25
C GLU B 54 2.36 -0.42 6.16
N ALA B 55 1.99 0.80 6.51
CA ALA B 55 0.83 1.02 7.37
C ALA B 55 -0.17 -0.12 7.17
N GLU B 56 -0.67 -0.21 5.95
CA GLU B 56 -1.64 -1.25 5.61
C GLU B 56 -1.49 -1.65 4.14
N CYS B 57 -0.33 -1.34 3.59
CA CYS B 57 -0.05 -1.67 2.21
C CYS B 57 0.83 -2.92 2.17
N THR B 58 2.07 -2.75 2.62
CA THR B 58 3.02 -3.85 2.65
C THR B 58 2.41 -5.06 3.36
N PHE B 59 1.73 -4.78 4.47
CA PHE B 59 1.11 -5.83 5.25
C PHE B 59 0.57 -6.93 4.35
N GLU A 1 9.01 -10.88 13.13
CA GLU A 1 10.31 -10.65 12.53
C GLU A 1 10.43 -11.45 11.23
N GLU A 2 9.84 -12.63 11.23
CA GLU A 2 9.88 -13.49 10.06
C GLU A 2 8.93 -12.95 8.99
N TYR A 3 9.35 -11.86 8.36
CA TYR A 3 8.56 -11.25 7.31
C TYR A 3 8.25 -12.25 6.20
N VAL A 4 7.22 -13.05 6.44
CA VAL A 4 6.82 -14.05 5.46
C VAL A 4 5.32 -13.91 5.17
N GLY A 5 4.54 -13.90 6.25
CA GLY A 5 3.10 -13.77 6.14
C GLY A 5 2.71 -12.38 5.67
N LEU A 6 3.73 -11.54 5.50
CA LEU A 6 3.51 -10.17 5.06
C LEU A 6 4.38 -9.88 3.85
N SER A 7 5.16 -10.89 3.46
CA SER A 7 6.05 -10.76 2.32
C SER A 7 5.54 -11.61 1.16
N ALA A 8 6.27 -11.56 0.05
CA ALA A 8 5.91 -12.32 -1.13
C ALA A 8 5.39 -13.69 -0.69
N ASN A 9 4.28 -14.09 -1.31
CA ASN A 9 3.67 -15.37 -1.00
C ASN A 9 2.41 -15.14 -0.15
N GLN A 10 2.47 -14.10 0.66
CA GLN A 10 1.35 -13.76 1.53
C GLN A 10 0.08 -13.55 0.69
N CYS A 11 0.26 -12.90 -0.45
CA CYS A 11 -0.85 -12.63 -1.34
C CYS A 11 -1.46 -13.97 -1.76
N ALA A 12 -0.75 -15.03 -1.43
CA ALA A 12 -1.21 -16.37 -1.78
C ALA A 12 -1.89 -17.00 -0.56
N VAL A 13 -2.25 -16.15 0.39
CA VAL A 13 -2.91 -16.60 1.60
C VAL A 13 -4.06 -17.54 1.23
N PRO A 14 -4.57 -18.26 2.26
CA PRO A 14 -5.66 -19.20 2.06
C PRO A 14 -6.98 -18.46 1.86
N ALA A 15 -6.88 -17.26 1.34
CA ALA A 15 -8.06 -16.44 1.09
C ALA A 15 -8.95 -16.45 2.33
N LYS A 16 -8.44 -15.86 3.40
CA LYS A 16 -9.18 -15.80 4.65
C LYS A 16 -8.30 -15.16 5.72
N ASP A 17 -7.52 -14.16 5.29
CA ASP A 17 -6.64 -13.45 6.20
C ASP A 17 -6.25 -12.12 5.57
N ARG A 18 -7.00 -11.72 4.57
CA ARG A 18 -6.74 -10.47 3.88
C ARG A 18 -7.51 -9.32 4.54
N VAL A 19 -7.16 -8.11 4.15
CA VAL A 19 -7.80 -6.93 4.70
C VAL A 19 -8.92 -6.48 3.75
N ASP A 20 -9.31 -7.39 2.88
CA ASP A 20 -10.37 -7.11 1.92
C ASP A 20 -10.31 -5.63 1.54
N CYS A 21 -9.53 -5.33 0.51
CA CYS A 21 -9.38 -3.97 0.04
C CYS A 21 -10.77 -3.39 -0.20
N GLY A 22 -11.66 -4.26 -0.68
CA GLY A 22 -13.03 -3.83 -0.95
C GLY A 22 -13.07 -2.51 -1.72
N TYR A 23 -12.47 -2.55 -2.91
CA TYR A 23 -12.42 -1.37 -3.76
C TYR A 23 -13.62 -1.33 -4.70
N PRO A 24 -14.09 -0.08 -4.98
CA PRO A 24 -15.23 0.11 -5.87
C PRO A 24 -14.81 -0.09 -7.33
N HIS A 25 -13.51 -0.17 -7.54
CA HIS A 25 -12.98 -0.35 -8.88
C HIS A 25 -12.20 -1.68 -8.93
N VAL A 26 -12.36 -2.47 -7.88
CA VAL A 26 -11.67 -3.74 -7.80
C VAL A 26 -11.62 -4.37 -9.20
N THR A 27 -10.41 -4.73 -9.61
CA THR A 27 -10.21 -5.33 -10.91
C THR A 27 -8.81 -5.95 -11.00
N PRO A 28 -8.69 -6.96 -11.90
CA PRO A 28 -7.41 -7.63 -12.09
C PRO A 28 -6.45 -6.77 -12.90
N LYS A 29 -6.27 -5.54 -12.42
CA LYS A 29 -5.38 -4.61 -13.09
C LYS A 29 -5.43 -3.25 -12.37
N GLU A 30 -6.54 -3.05 -11.66
CA GLU A 30 -6.72 -1.81 -10.92
C GLU A 30 -6.29 -1.99 -9.47
N CYS A 31 -6.68 -3.11 -8.89
CA CYS A 31 -6.34 -3.42 -7.51
C CYS A 31 -4.81 -3.34 -7.37
N ASN A 32 -4.14 -4.08 -8.24
CA ASN A 32 -2.69 -4.12 -8.22
C ASN A 32 -2.14 -2.73 -8.61
N ASN A 33 -3.07 -1.86 -8.99
CA ASN A 33 -2.70 -0.51 -9.40
C ASN A 33 -2.95 0.44 -8.23
N ARG A 34 -3.95 0.11 -7.43
CA ARG A 34 -4.30 0.93 -6.28
C ARG A 34 -3.39 0.59 -5.09
N GLY A 35 -2.84 -0.61 -5.13
CA GLY A 35 -1.97 -1.06 -4.07
C GLY A 35 -2.55 -2.29 -3.36
N CYS A 36 -3.38 -3.01 -4.09
CA CYS A 36 -4.01 -4.21 -3.54
C CYS A 36 -3.55 -5.42 -4.37
N CYS A 37 -4.06 -6.57 -3.98
CA CYS A 37 -3.73 -7.80 -4.68
C CYS A 37 -5.02 -8.50 -5.09
N PHE A 38 -5.15 -8.72 -6.39
CA PHE A 38 -6.34 -9.37 -6.93
C PHE A 38 -6.17 -10.89 -6.93
N ASP A 39 -7.08 -11.56 -6.23
CA ASP A 39 -7.04 -13.01 -6.14
C ASP A 39 -7.86 -13.60 -7.28
N SER A 40 -9.17 -13.69 -7.05
CA SER A 40 -10.08 -14.24 -8.05
C SER A 40 -10.21 -15.75 -7.87
N ARG A 41 -9.26 -16.31 -7.13
CA ARG A 41 -9.25 -17.73 -6.87
C ARG A 41 -10.52 -18.14 -6.09
N ILE A 42 -10.86 -17.31 -5.12
CA ILE A 42 -12.03 -17.57 -4.30
C ILE A 42 -12.99 -16.37 -4.40
N PRO A 43 -14.14 -16.62 -5.10
CA PRO A 43 -15.14 -15.58 -5.28
C PRO A 43 -15.93 -15.35 -3.99
N GLY A 44 -15.62 -16.18 -2.99
CA GLY A 44 -16.29 -16.07 -1.70
C GLY A 44 -15.49 -15.21 -0.74
N VAL A 45 -14.30 -14.83 -1.18
CA VAL A 45 -13.42 -14.02 -0.36
C VAL A 45 -13.09 -12.72 -1.11
N PRO A 46 -12.22 -11.89 -0.47
CA PRO A 46 -11.82 -10.63 -1.07
C PRO A 46 -10.84 -10.85 -2.22
N TRP A 47 -11.27 -10.47 -3.42
CA TRP A 47 -10.45 -10.63 -4.60
C TRP A 47 -9.65 -9.34 -4.78
N CYS A 48 -9.36 -8.69 -3.66
CA CYS A 48 -8.61 -7.44 -3.68
C CYS A 48 -8.26 -7.06 -2.25
N PHE A 49 -6.98 -7.16 -1.92
CA PHE A 49 -6.52 -6.83 -0.59
C PHE A 49 -5.10 -6.27 -0.63
N LYS A 50 -4.51 -6.14 0.56
CA LYS A 50 -3.15 -5.62 0.67
C LYS A 50 -2.26 -6.67 1.33
N PRO A 51 -1.97 -7.75 0.55
CA PRO A 51 -1.13 -8.82 1.05
C PRO A 51 0.34 -8.40 1.08
N LEU A 52 1.08 -8.88 0.10
CA LEU A 52 2.49 -8.55 0.00
C LEU A 52 2.67 -7.30 -0.85
N GLN A 53 1.71 -6.40 -0.73
CA GLN A 53 1.75 -5.15 -1.49
C GLN A 53 3.09 -4.45 -1.29
N GLU A 54 3.78 -4.84 -0.22
CA GLU A 54 5.08 -4.26 0.09
C GLU A 54 5.89 -4.08 -1.18
N ALA A 55 5.60 -4.92 -2.16
CA ALA A 55 6.30 -4.85 -3.44
C ALA A 55 6.57 -3.39 -3.80
N GLU A 56 5.50 -2.71 -4.20
CA GLU A 56 5.61 -1.31 -4.57
C GLU A 56 4.64 -0.46 -3.75
N CYS A 57 4.31 -0.97 -2.57
CA CYS A 57 3.39 -0.28 -1.69
C CYS A 57 4.20 0.37 -0.56
N THR A 58 4.83 -0.49 0.23
CA THR A 58 5.63 -0.02 1.34
C THR A 58 6.80 0.84 0.83
N PHE A 59 7.21 0.55 -0.39
CA PHE A 59 8.31 1.29 -0.99
C PHE A 59 8.30 2.75 -0.54
N GLU B 1 21.12 1.21 9.98
CA GLU B 1 20.09 1.91 9.23
C GLU B 1 19.28 0.92 8.39
N GLU B 2 18.57 0.05 9.08
CA GLU B 2 17.75 -0.96 8.42
C GLU B 2 16.36 -0.41 8.13
N TYR B 3 15.36 -1.21 8.48
CA TYR B 3 13.98 -0.82 8.27
C TYR B 3 13.60 0.37 9.16
N VAL B 4 14.29 1.48 8.94
CA VAL B 4 14.04 2.68 9.71
C VAL B 4 13.67 3.83 8.76
N GLY B 5 14.51 4.01 7.75
CA GLY B 5 14.28 5.06 6.78
C GLY B 5 13.10 4.71 5.87
N LEU B 6 12.49 3.57 6.15
CA LEU B 6 11.35 3.12 5.37
C LEU B 6 10.22 2.72 6.31
N SER B 7 10.43 3.00 7.59
CA SER B 7 9.45 2.67 8.60
C SER B 7 8.74 3.94 9.08
N ALA B 8 8.12 3.83 10.25
CA ALA B 8 7.41 4.96 10.83
C ALA B 8 8.39 6.12 11.04
N ASN B 9 8.60 6.86 9.97
CA ASN B 9 9.49 8.01 10.00
C ASN B 9 9.76 8.50 8.58
N GLN B 10 9.73 7.56 7.65
CA GLN B 10 9.96 7.89 6.25
C GLN B 10 8.83 8.78 5.72
N CYS B 11 7.66 8.59 6.28
CA CYS B 11 6.50 9.37 5.88
C CYS B 11 6.72 10.82 6.33
N ALA B 12 7.83 11.03 7.01
CA ALA B 12 8.16 12.37 7.49
C ALA B 12 9.44 12.84 6.81
N VAL B 13 9.83 12.12 5.77
CA VAL B 13 11.02 12.45 5.01
C VAL B 13 11.07 13.97 4.80
N PRO B 14 12.26 14.45 4.35
CA PRO B 14 12.46 15.87 4.10
C PRO B 14 11.76 16.30 2.81
N ALA B 15 10.71 15.56 2.46
CA ALA B 15 9.95 15.85 1.26
C ALA B 15 10.91 15.98 0.08
N LYS B 16 11.49 14.85 -0.31
CA LYS B 16 12.43 14.82 -1.41
C LYS B 16 13.11 13.45 -1.47
N ASP B 17 12.31 12.43 -1.21
CA ASP B 17 12.83 11.07 -1.23
C ASP B 17 11.66 10.08 -1.37
N ARG B 18 10.51 10.64 -1.74
CA ARG B 18 9.31 9.83 -1.91
C ARG B 18 9.19 9.37 -3.37
N VAL B 19 8.22 8.50 -3.61
CA VAL B 19 8.00 7.98 -4.94
C VAL B 19 6.84 8.73 -5.59
N ASP B 20 6.51 9.86 -4.99
CA ASP B 20 5.41 10.68 -5.50
C ASP B 20 4.32 9.77 -6.08
N CYS B 21 3.47 9.29 -5.18
CA CYS B 21 2.38 8.42 -5.58
C CYS B 21 1.65 9.06 -6.76
N GLY B 22 1.59 10.38 -6.73
CA GLY B 22 0.93 11.13 -7.78
C GLY B 22 -0.43 10.52 -8.11
N TYR B 23 -1.30 10.51 -7.11
CA TYR B 23 -2.64 9.96 -7.28
C TYR B 23 -3.63 11.06 -7.71
N PRO B 24 -4.58 10.63 -8.58
CA PRO B 24 -5.59 11.56 -9.08
C PRO B 24 -6.64 11.86 -8.01
N HIS B 25 -6.55 11.12 -6.92
CA HIS B 25 -7.48 11.30 -5.81
C HIS B 25 -6.71 11.66 -4.54
N VAL B 26 -5.43 11.95 -4.73
CA VAL B 26 -4.58 12.33 -3.62
C VAL B 26 -5.39 13.13 -2.60
N THR B 27 -5.42 12.62 -1.38
CA THR B 27 -6.15 13.29 -0.31
C THR B 27 -5.76 12.70 1.06
N PRO B 28 -5.93 13.54 2.11
CA PRO B 28 -5.59 13.12 3.46
C PRO B 28 -6.66 12.16 4.01
N LYS B 29 -6.97 11.16 3.21
CA LYS B 29 -7.97 10.17 3.59
C LYS B 29 -8.09 9.12 2.48
N GLU B 30 -7.62 9.49 1.30
CA GLU B 30 -7.67 8.59 0.16
C GLU B 30 -6.32 7.92 -0.05
N CYS B 31 -5.28 8.73 0.04
CA CYS B 31 -3.92 8.22 -0.15
C CYS B 31 -3.69 7.08 0.85
N ASN B 32 -3.92 7.40 2.12
CA ASN B 32 -3.75 6.42 3.18
C ASN B 32 -4.71 5.26 2.95
N ASN B 33 -5.66 5.49 2.05
CA ASN B 33 -6.67 4.48 1.75
C ASN B 33 -6.20 3.66 0.54
N ARG B 34 -5.41 4.32 -0.30
CA ARG B 34 -4.89 3.67 -1.50
C ARG B 34 -3.58 2.95 -1.19
N GLY B 35 -2.91 3.44 -0.15
CA GLY B 35 -1.64 2.85 0.26
C GLY B 35 -0.50 3.86 0.14
N CYS B 36 -0.88 5.13 0.21
CA CYS B 36 0.10 6.20 0.12
C CYS B 36 0.00 7.06 1.38
N CYS B 37 0.97 7.95 1.54
CA CYS B 37 1.00 8.83 2.69
C CYS B 37 0.83 10.28 2.19
N PHE B 38 -0.12 10.97 2.81
CA PHE B 38 -0.39 12.35 2.45
C PHE B 38 0.33 13.31 3.39
N ASP B 39 1.22 14.10 2.79
CA ASP B 39 1.99 15.07 3.57
C ASP B 39 1.17 16.34 3.73
N SER B 40 1.19 17.16 2.68
CA SER B 40 0.46 18.42 2.69
C SER B 40 1.31 19.52 3.31
N ARG B 41 2.38 19.10 3.97
CA ARG B 41 3.29 20.03 4.61
C ARG B 41 4.03 20.85 3.56
N ILE B 42 4.42 20.18 2.49
CA ILE B 42 5.13 20.83 1.41
C ILE B 42 4.35 20.65 0.10
N PRO B 43 3.74 21.77 -0.36
CA PRO B 43 2.96 21.73 -1.60
C PRO B 43 3.88 21.68 -2.82
N GLY B 44 5.17 21.75 -2.55
CA GLY B 44 6.15 21.72 -3.62
C GLY B 44 6.65 20.29 -3.87
N VAL B 45 6.21 19.40 -2.98
CA VAL B 45 6.60 17.99 -3.09
C VAL B 45 5.35 17.13 -3.23
N PRO B 46 5.58 15.79 -3.28
CA PRO B 46 4.47 14.86 -3.41
C PRO B 46 3.72 14.71 -2.09
N TRP B 47 2.45 15.10 -2.13
CA TRP B 47 1.61 15.02 -0.95
C TRP B 47 0.91 13.66 -0.96
N CYS B 48 1.57 12.69 -1.56
CA CYS B 48 1.02 11.34 -1.65
C CYS B 48 2.12 10.41 -2.16
N PHE B 49 2.63 9.59 -1.26
CA PHE B 49 3.67 8.64 -1.61
C PHE B 49 3.54 7.35 -0.80
N LYS B 50 4.58 6.54 -0.87
CA LYS B 50 4.59 5.28 -0.14
C LYS B 50 5.79 5.25 0.82
N PRO B 51 5.68 6.09 1.88
CA PRO B 51 6.74 6.17 2.87
C PRO B 51 6.72 4.94 3.79
N LEU B 52 6.07 5.10 4.93
CA LEU B 52 5.97 4.02 5.90
C LEU B 52 4.62 3.33 5.74
N GLN B 53 4.21 3.14 4.50
CA GLN B 53 2.94 2.50 4.21
C GLN B 53 2.89 1.11 4.85
N GLU B 54 4.05 0.65 5.30
CA GLU B 54 4.15 -0.65 5.93
C GLU B 54 3.12 -0.77 7.06
N ALA B 55 2.62 0.38 7.48
CA ALA B 55 1.62 0.41 8.54
C ALA B 55 0.74 -0.82 8.44
N GLU B 56 -0.06 -0.87 7.37
CA GLU B 56 -0.96 -1.98 7.14
C GLU B 56 -0.95 -2.38 5.67
N CYS B 57 0.01 -1.82 4.95
CA CYS B 57 0.13 -2.10 3.52
C CYS B 57 1.04 -3.32 3.36
N THR B 58 2.27 -3.17 3.82
CA THR B 58 3.25 -4.25 3.72
C THR B 58 2.77 -5.47 4.51
N PHE B 59 1.92 -5.20 5.50
CA PHE B 59 1.39 -6.27 6.34
C PHE B 59 1.19 -7.55 5.53
N GLU A 1 4.81 -12.01 13.53
CA GLU A 1 4.87 -12.02 12.07
C GLU A 1 6.11 -11.26 11.58
N GLU A 2 7.05 -12.04 11.07
CA GLU A 2 8.29 -11.47 10.56
C GLU A 2 8.11 -11.02 9.11
N TYR A 3 8.97 -11.55 8.26
CA TYR A 3 8.91 -11.20 6.84
C TYR A 3 8.02 -12.19 6.07
N VAL A 4 6.74 -12.15 6.39
CA VAL A 4 5.78 -13.02 5.74
C VAL A 4 4.58 -12.19 5.27
N GLY A 5 4.08 -11.35 6.16
CA GLY A 5 2.95 -10.51 5.85
C GLY A 5 3.33 -9.42 4.85
N LEU A 6 4.60 -9.43 4.47
CA LEU A 6 5.12 -8.45 3.53
C LEU A 6 6.02 -9.16 2.51
N SER A 7 5.87 -10.47 2.45
CA SER A 7 6.66 -11.28 1.53
C SER A 7 5.80 -11.75 0.36
N ALA A 8 6.45 -11.99 -0.76
CA ALA A 8 5.75 -12.45 -1.95
C ALA A 8 5.17 -13.84 -1.69
N ASN A 9 4.13 -13.86 -0.85
CA ASN A 9 3.48 -15.11 -0.52
C ASN A 9 2.16 -14.82 0.21
N GLN A 10 2.16 -13.71 0.95
CA GLN A 10 0.99 -13.30 1.69
C GLN A 10 -0.20 -13.12 0.74
N CYS A 11 0.11 -12.65 -0.46
CA CYS A 11 -0.91 -12.42 -1.47
C CYS A 11 -1.52 -13.77 -1.85
N ALA A 12 -0.90 -14.83 -1.33
CA ALA A 12 -1.37 -16.18 -1.61
C ALA A 12 -2.00 -16.76 -0.34
N VAL A 13 -2.30 -15.88 0.59
CA VAL A 13 -2.90 -16.30 1.85
C VAL A 13 -3.95 -17.38 1.58
N PRO A 14 -4.36 -18.07 2.68
CA PRO A 14 -5.35 -19.13 2.56
C PRO A 14 -6.75 -18.54 2.37
N ALA A 15 -6.79 -17.35 1.77
CA ALA A 15 -8.05 -16.69 1.51
C ALA A 15 -8.86 -16.64 2.81
N LYS A 16 -8.40 -15.83 3.75
CA LYS A 16 -9.08 -15.68 5.02
C LYS A 16 -8.12 -15.04 6.02
N ASP A 17 -7.55 -13.92 5.61
CA ASP A 17 -6.63 -13.19 6.46
C ASP A 17 -6.41 -11.78 5.89
N ARG A 18 -6.62 -11.67 4.59
CA ARG A 18 -6.45 -10.40 3.91
C ARG A 18 -7.13 -9.28 4.70
N VAL A 19 -6.95 -8.07 4.22
CA VAL A 19 -7.54 -6.91 4.88
C VAL A 19 -8.65 -6.34 3.99
N ASP A 20 -9.11 -7.18 3.06
CA ASP A 20 -10.17 -6.78 2.15
C ASP A 20 -10.01 -5.29 1.82
N CYS A 21 -9.29 -5.03 0.74
CA CYS A 21 -9.06 -3.66 0.31
C CYS A 21 -10.42 -2.98 0.12
N GLY A 22 -11.37 -3.77 -0.34
CA GLY A 22 -12.71 -3.25 -0.57
C GLY A 22 -12.70 -2.09 -1.56
N TYR A 23 -12.13 -2.37 -2.73
CA TYR A 23 -12.04 -1.36 -3.77
C TYR A 23 -13.27 -1.41 -4.69
N PRO A 24 -13.72 -0.20 -5.11
CA PRO A 24 -14.88 -0.09 -5.98
C PRO A 24 -14.53 -0.50 -7.41
N HIS A 25 -13.24 -0.67 -7.65
CA HIS A 25 -12.75 -1.05 -8.96
C HIS A 25 -11.83 -2.27 -8.83
N VAL A 26 -12.24 -3.19 -7.97
CA VAL A 26 -11.48 -4.40 -7.75
C VAL A 26 -11.31 -5.15 -9.07
N THR A 27 -10.06 -5.30 -9.49
CA THR A 27 -9.76 -5.99 -10.72
C THR A 27 -8.25 -6.26 -10.83
N PRO A 28 -7.92 -7.33 -11.61
CA PRO A 28 -6.53 -7.70 -11.80
C PRO A 28 -5.83 -6.73 -12.75
N LYS A 29 -5.84 -5.46 -12.37
CA LYS A 29 -5.20 -4.43 -13.17
C LYS A 29 -5.36 -3.08 -12.47
N GLU A 30 -6.41 -2.98 -11.67
CA GLU A 30 -6.70 -1.76 -10.94
C GLU A 30 -6.17 -1.86 -9.50
N CYS A 31 -6.48 -3.00 -8.88
CA CYS A 31 -6.05 -3.23 -7.51
C CYS A 31 -4.52 -3.29 -7.49
N ASN A 32 -3.98 -4.18 -8.32
CA ASN A 32 -2.54 -4.34 -8.41
C ASN A 32 -1.92 -3.04 -8.93
N ASN A 33 -2.78 -2.10 -9.28
CA ASN A 33 -2.32 -0.82 -9.79
C ASN A 33 -2.55 0.25 -8.73
N ARG A 34 -3.54 0.01 -7.88
CA ARG A 34 -3.86 0.94 -6.82
C ARG A 34 -2.99 0.66 -5.58
N GLY A 35 -2.64 -0.60 -5.43
CA GLY A 35 -1.82 -1.00 -4.30
C GLY A 35 -2.45 -2.19 -3.56
N CYS A 36 -3.30 -2.90 -4.28
CA CYS A 36 -3.98 -4.06 -3.70
C CYS A 36 -3.61 -5.29 -4.52
N CYS A 37 -4.07 -6.43 -4.04
CA CYS A 37 -3.80 -7.70 -4.72
C CYS A 37 -5.14 -8.34 -5.09
N PHE A 38 -5.28 -8.65 -6.37
CA PHE A 38 -6.50 -9.26 -6.86
C PHE A 38 -6.39 -10.80 -6.82
N ASP A 39 -7.31 -11.40 -6.08
CA ASP A 39 -7.33 -12.85 -5.94
C ASP A 39 -8.15 -13.45 -7.09
N SER A 40 -9.46 -13.49 -6.88
CA SER A 40 -10.37 -14.03 -7.88
C SER A 40 -10.52 -15.54 -7.69
N ARG A 41 -9.58 -16.10 -6.94
CA ARG A 41 -9.59 -17.53 -6.67
C ARG A 41 -10.86 -17.92 -5.92
N ILE A 42 -11.16 -17.14 -4.89
CA ILE A 42 -12.35 -17.39 -4.08
C ILE A 42 -13.27 -16.17 -4.14
N PRO A 43 -14.49 -16.39 -4.70
CA PRO A 43 -15.46 -15.32 -4.82
C PRO A 43 -16.11 -15.01 -3.46
N GLY A 44 -15.81 -15.87 -2.50
CA GLY A 44 -16.34 -15.70 -1.17
C GLY A 44 -15.39 -14.90 -0.28
N VAL A 45 -14.24 -14.59 -0.84
CA VAL A 45 -13.23 -13.82 -0.12
C VAL A 45 -12.97 -12.51 -0.85
N PRO A 46 -12.04 -11.71 -0.27
CA PRO A 46 -11.69 -10.42 -0.85
C PRO A 46 -10.82 -10.61 -2.10
N TRP A 47 -11.33 -10.12 -3.22
CA TRP A 47 -10.61 -10.22 -4.48
C TRP A 47 -9.78 -8.95 -4.65
N CYS A 48 -9.46 -8.33 -3.53
CA CYS A 48 -8.68 -7.10 -3.54
C CYS A 48 -8.25 -6.79 -2.10
N PHE A 49 -6.96 -6.93 -1.86
CA PHE A 49 -6.42 -6.67 -0.54
C PHE A 49 -5.00 -6.09 -0.64
N LYS A 50 -4.35 -6.01 0.52
CA LYS A 50 -2.99 -5.48 0.58
C LYS A 50 -2.06 -6.52 1.20
N PRO A 51 -1.82 -7.61 0.44
CA PRO A 51 -0.97 -8.69 0.91
C PRO A 51 0.51 -8.27 0.85
N LEU A 52 1.18 -8.72 -0.20
CA LEU A 52 2.59 -8.41 -0.39
C LEU A 52 2.71 -7.14 -1.24
N GLN A 53 1.76 -6.25 -1.05
CA GLN A 53 1.76 -4.99 -1.80
C GLN A 53 3.12 -4.32 -1.71
N GLU A 54 3.84 -4.63 -0.64
CA GLU A 54 5.16 -4.07 -0.44
C GLU A 54 5.88 -3.90 -1.77
N ALA A 55 5.56 -4.78 -2.70
CA ALA A 55 6.17 -4.74 -4.02
C ALA A 55 6.38 -3.29 -4.44
N GLU A 56 5.28 -2.57 -4.59
CA GLU A 56 5.34 -1.17 -4.98
C GLU A 56 4.79 -0.29 -3.85
N CYS A 57 4.55 -0.91 -2.72
CA CYS A 57 4.02 -0.20 -1.57
C CYS A 57 5.20 0.25 -0.70
N THR A 58 5.57 -0.61 0.25
CA THR A 58 6.68 -0.32 1.14
C THR A 58 7.86 0.27 0.35
N PHE A 59 7.93 -0.11 -0.91
CA PHE A 59 9.00 0.37 -1.78
C PHE A 59 9.42 1.78 -1.39
N GLU B 1 16.15 -6.27 11.65
CA GLU B 1 15.00 -5.38 11.73
C GLU B 1 15.41 -3.94 11.37
N GLU B 2 16.06 -3.82 10.23
CA GLU B 2 16.51 -2.51 9.77
C GLU B 2 15.38 -1.79 9.04
N TYR B 3 14.41 -1.34 9.81
CA TYR B 3 13.26 -0.63 9.25
C TYR B 3 13.53 0.88 9.20
N VAL B 4 14.08 1.31 8.08
CA VAL B 4 14.38 2.72 7.89
C VAL B 4 13.64 3.23 6.66
N GLY B 5 13.99 2.66 5.52
CA GLY B 5 13.36 3.06 4.26
C GLY B 5 11.90 2.62 4.22
N LEU B 6 11.42 2.13 5.36
CA LEU B 6 10.05 1.67 5.46
C LEU B 6 9.59 1.76 6.92
N SER B 7 10.25 2.65 7.66
CA SER B 7 9.93 2.85 9.07
C SER B 7 8.75 3.82 9.20
N ALA B 8 8.18 3.86 10.40
CA ALA B 8 7.07 4.73 10.67
C ALA B 8 7.52 6.19 10.55
N ASN B 9 8.81 6.36 10.36
CA ASN B 9 9.39 7.68 10.22
C ASN B 9 9.53 8.03 8.74
N GLN B 10 9.42 7.00 7.91
CA GLN B 10 9.53 7.17 6.47
C GLN B 10 8.45 8.15 5.98
N CYS B 11 7.27 8.01 6.55
CA CYS B 11 6.15 8.86 6.17
C CYS B 11 6.38 10.24 6.77
N ALA B 12 7.50 10.37 7.48
CA ALA B 12 7.85 11.64 8.10
C ALA B 12 9.10 12.21 7.43
N VAL B 13 9.43 11.64 6.28
CA VAL B 13 10.59 12.08 5.53
C VAL B 13 10.54 13.60 5.36
N PRO B 14 11.71 14.18 4.97
CA PRO B 14 11.80 15.61 4.77
C PRO B 14 11.12 16.03 3.46
N ALA B 15 10.12 15.25 3.09
CA ALA B 15 9.39 15.53 1.86
C ALA B 15 10.37 15.87 0.74
N LYS B 16 11.25 14.92 0.45
CA LYS B 16 12.24 15.10 -0.58
C LYS B 16 13.00 13.79 -0.80
N ASP B 17 12.28 12.70 -0.62
CA ASP B 17 12.86 11.38 -0.80
C ASP B 17 11.75 10.34 -0.98
N ARG B 18 10.59 10.84 -1.36
CA ARG B 18 9.44 9.98 -1.58
C ARG B 18 9.41 9.49 -3.03
N VAL B 19 8.45 8.61 -3.31
CA VAL B 19 8.30 8.07 -4.64
C VAL B 19 7.09 8.72 -5.33
N ASP B 20 6.70 9.87 -4.80
CA ASP B 20 5.57 10.59 -5.35
C ASP B 20 4.55 9.59 -5.90
N CYS B 21 3.63 9.20 -5.03
CA CYS B 21 2.60 8.26 -5.41
C CYS B 21 1.93 8.77 -6.69
N GLY B 22 1.80 10.08 -6.77
CA GLY B 22 1.18 10.72 -7.92
C GLY B 22 -0.24 10.20 -8.13
N TYR B 23 -1.01 10.20 -7.05
CA TYR B 23 -2.38 9.73 -7.10
C TYR B 23 -3.32 10.84 -7.58
N PRO B 24 -4.27 10.45 -8.46
CA PRO B 24 -5.24 11.40 -9.00
C PRO B 24 -6.29 11.77 -7.96
N HIS B 25 -6.26 11.05 -6.84
CA HIS B 25 -7.20 11.29 -5.76
C HIS B 25 -6.43 11.60 -4.47
N VAL B 26 -5.21 12.09 -4.65
CA VAL B 26 -4.37 12.45 -3.51
C VAL B 26 -5.21 13.18 -2.48
N THR B 27 -5.33 12.57 -1.31
CA THR B 27 -6.10 13.17 -0.23
C THR B 27 -5.79 12.46 1.10
N PRO B 28 -5.96 13.23 2.21
CA PRO B 28 -5.70 12.69 3.53
C PRO B 28 -6.81 11.73 3.97
N LYS B 29 -7.11 10.78 3.10
CA LYS B 29 -8.15 9.80 3.38
C LYS B 29 -8.18 8.77 2.24
N GLU B 30 -7.68 9.17 1.09
CA GLU B 30 -7.65 8.30 -0.06
C GLU B 30 -6.27 7.66 -0.21
N CYS B 31 -5.25 8.48 -0.03
CA CYS B 31 -3.88 8.01 -0.14
C CYS B 31 -3.64 6.96 0.94
N ASN B 32 -3.89 7.37 2.18
CA ASN B 32 -3.72 6.47 3.31
C ASN B 32 -4.71 5.31 3.21
N ASN B 33 -5.57 5.42 2.21
CA ASN B 33 -6.59 4.40 1.99
C ASN B 33 -6.17 3.52 0.81
N ARG B 34 -5.40 4.13 -0.09
CA ARG B 34 -4.92 3.42 -1.27
C ARG B 34 -3.60 2.71 -0.97
N GLY B 35 -2.84 3.31 -0.07
CA GLY B 35 -1.56 2.74 0.32
C GLY B 35 -0.44 3.78 0.20
N CYS B 36 -0.85 5.04 0.23
CA CYS B 36 0.11 6.13 0.12
C CYS B 36 0.02 6.98 1.39
N CYS B 37 0.92 7.94 1.51
CA CYS B 37 0.96 8.81 2.66
C CYS B 37 0.79 10.25 2.17
N PHE B 38 -0.18 10.93 2.75
CA PHE B 38 -0.46 12.31 2.38
C PHE B 38 0.31 13.28 3.29
N ASP B 39 1.10 14.13 2.65
CA ASP B 39 1.89 15.11 3.37
C ASP B 39 1.05 16.38 3.57
N SER B 40 1.06 17.22 2.56
CA SER B 40 0.31 18.46 2.61
C SER B 40 1.17 19.57 3.22
N ARG B 41 2.26 19.14 3.85
CA ARG B 41 3.17 20.07 4.48
C ARG B 41 3.91 20.89 3.43
N ILE B 42 4.32 20.21 2.37
CA ILE B 42 5.03 20.85 1.28
C ILE B 42 4.25 20.68 -0.02
N PRO B 43 3.70 21.81 -0.53
CA PRO B 43 2.93 21.78 -1.76
C PRO B 43 3.85 21.63 -2.98
N GLY B 44 5.14 21.71 -2.71
CA GLY B 44 6.13 21.58 -3.77
C GLY B 44 6.63 20.14 -3.89
N VAL B 45 6.15 19.31 -2.99
CA VAL B 45 6.53 17.90 -2.99
C VAL B 45 5.28 17.04 -3.18
N PRO B 46 5.51 15.70 -3.18
CA PRO B 46 4.42 14.75 -3.34
C PRO B 46 3.58 14.65 -2.07
N TRP B 47 2.32 15.03 -2.20
CA TRP B 47 1.40 14.99 -1.08
C TRP B 47 0.74 13.61 -1.07
N CYS B 48 1.44 12.64 -1.63
CA CYS B 48 0.92 11.29 -1.70
C CYS B 48 2.04 10.37 -2.21
N PHE B 49 2.64 9.65 -1.28
CA PHE B 49 3.72 8.73 -1.62
C PHE B 49 3.55 7.40 -0.89
N LYS B 50 4.60 6.59 -0.96
CA LYS B 50 4.58 5.29 -0.32
C LYS B 50 5.76 5.18 0.65
N PRO B 51 5.69 6.01 1.73
CA PRO B 51 6.73 6.02 2.74
C PRO B 51 6.66 4.78 3.63
N LEU B 52 5.92 4.94 4.72
CA LEU B 52 5.75 3.84 5.67
C LEU B 52 4.35 3.26 5.53
N GLN B 53 3.80 3.42 4.32
CA GLN B 53 2.47 2.91 4.04
C GLN B 53 2.34 1.45 4.49
N GLU B 54 3.50 0.81 4.63
CA GLU B 54 3.53 -0.58 5.06
C GLU B 54 2.46 -0.83 6.13
N ALA B 55 2.14 0.23 6.86
CA ALA B 55 1.14 0.14 7.91
C ALA B 55 0.03 -0.82 7.47
N GLU B 56 -0.78 -0.35 6.54
CA GLU B 56 -1.88 -1.15 6.02
C GLU B 56 -1.68 -1.44 4.54
N CYS B 57 -0.44 -1.27 4.09
CA CYS B 57 -0.11 -1.51 2.70
C CYS B 57 0.60 -2.86 2.60
N THR B 58 1.66 -3.00 3.38
CA THR B 58 2.43 -4.23 3.39
C THR B 58 1.69 -5.32 4.18
N PHE B 59 1.12 -4.90 5.30
CA PHE B 59 0.39 -5.81 6.16
C PHE B 59 -0.30 -6.91 5.33
N GLU A 1 9.62 -8.62 11.76
CA GLU A 1 10.89 -8.21 11.20
C GLU A 1 11.25 -9.10 10.00
N GLU A 2 10.76 -10.32 10.04
CA GLU A 2 11.02 -11.27 8.97
C GLU A 2 9.95 -11.15 7.88
N TYR A 3 10.09 -10.10 7.07
CA TYR A 3 9.15 -9.86 6.00
C TYR A 3 8.97 -11.11 5.13
N VAL A 4 8.08 -11.98 5.59
CA VAL A 4 7.81 -13.22 4.87
C VAL A 4 6.30 -13.39 4.73
N GLY A 5 5.63 -13.38 5.88
CA GLY A 5 4.18 -13.54 5.90
C GLY A 5 3.49 -12.31 5.30
N LEU A 6 4.31 -11.34 4.91
CA LEU A 6 3.78 -10.12 4.32
C LEU A 6 4.60 -9.78 3.07
N SER A 7 5.38 -10.75 2.62
CA SER A 7 6.21 -10.56 1.45
C SER A 7 5.61 -11.31 0.25
N ALA A 8 6.48 -11.70 -0.66
CA ALA A 8 6.05 -12.42 -1.84
C ALA A 8 5.53 -13.80 -1.43
N ASN A 9 4.28 -13.82 -1.01
CA ASN A 9 3.65 -15.07 -0.59
C ASN A 9 2.34 -14.76 0.13
N GLN A 10 2.32 -13.59 0.77
CA GLN A 10 1.15 -13.16 1.50
C GLN A 10 -0.05 -13.02 0.56
N CYS A 11 0.24 -12.57 -0.65
CA CYS A 11 -0.80 -12.40 -1.66
C CYS A 11 -1.37 -13.77 -2.01
N ALA A 12 -0.75 -14.80 -1.44
CA ALA A 12 -1.18 -16.16 -1.68
C ALA A 12 -1.83 -16.73 -0.41
N VAL A 13 -2.09 -15.83 0.53
CA VAL A 13 -2.70 -16.22 1.79
C VAL A 13 -3.86 -17.17 1.50
N PRO A 14 -4.33 -17.83 2.60
CA PRO A 14 -5.43 -18.77 2.48
C PRO A 14 -6.77 -18.04 2.31
N ALA A 15 -6.67 -16.85 1.73
CA ALA A 15 -7.86 -16.03 1.51
C ALA A 15 -8.72 -16.02 2.77
N LYS A 16 -8.14 -15.49 3.83
CA LYS A 16 -8.84 -15.42 5.10
C LYS A 16 -7.92 -14.77 6.15
N ASP A 17 -7.13 -13.81 5.69
CA ASP A 17 -6.21 -13.10 6.56
C ASP A 17 -5.80 -11.78 5.90
N ARG A 18 -6.58 -11.38 4.90
CA ARG A 18 -6.31 -10.15 4.19
C ARG A 18 -6.98 -8.97 4.89
N VAL A 19 -6.85 -7.81 4.28
CA VAL A 19 -7.44 -6.60 4.82
C VAL A 19 -8.56 -6.12 3.90
N ASP A 20 -9.07 -7.05 3.11
CA ASP A 20 -10.14 -6.72 2.17
C ASP A 20 -10.02 -5.27 1.74
N CYS A 21 -9.23 -5.05 0.70
CA CYS A 21 -9.02 -3.72 0.18
C CYS A 21 -10.39 -3.05 0.00
N GLY A 22 -11.37 -3.87 -0.36
CA GLY A 22 -12.73 -3.38 -0.57
C GLY A 22 -12.74 -2.24 -1.58
N TYR A 23 -12.21 -2.52 -2.76
CA TYR A 23 -12.17 -1.52 -3.81
C TYR A 23 -13.42 -1.57 -4.67
N PRO A 24 -13.90 -0.36 -5.05
CA PRO A 24 -15.11 -0.25 -5.88
C PRO A 24 -14.80 -0.63 -7.34
N HIS A 25 -13.53 -0.86 -7.60
CA HIS A 25 -13.10 -1.23 -8.94
C HIS A 25 -12.18 -2.45 -8.87
N VAL A 26 -12.52 -3.35 -7.96
CA VAL A 26 -11.73 -4.56 -7.77
C VAL A 26 -11.67 -5.33 -9.09
N THR A 27 -10.45 -5.54 -9.56
CA THR A 27 -10.24 -6.25 -10.80
C THR A 27 -8.78 -6.70 -10.93
N PRO A 28 -8.57 -7.81 -11.69
CA PRO A 28 -7.23 -8.34 -11.90
C PRO A 28 -6.45 -7.48 -12.88
N LYS A 29 -6.37 -6.19 -12.55
CA LYS A 29 -5.64 -5.25 -13.40
C LYS A 29 -5.74 -3.85 -12.79
N GLU A 30 -6.81 -3.64 -12.04
CA GLU A 30 -7.03 -2.36 -11.39
C GLU A 30 -6.47 -2.36 -9.98
N CYS A 31 -6.78 -3.44 -9.25
CA CYS A 31 -6.30 -3.58 -7.89
C CYS A 31 -4.77 -3.64 -7.91
N ASN A 32 -4.27 -4.62 -8.64
CA ASN A 32 -2.83 -4.79 -8.75
C ASN A 32 -2.21 -3.53 -9.35
N ASN A 33 -3.08 -2.64 -9.79
CA ASN A 33 -2.63 -1.38 -10.38
C ASN A 33 -2.86 -0.24 -9.39
N ARG A 34 -3.83 -0.44 -8.52
CA ARG A 34 -4.17 0.56 -7.52
C ARG A 34 -3.31 0.37 -6.27
N GLY A 35 -2.87 -0.88 -6.07
CA GLY A 35 -2.05 -1.21 -4.93
C GLY A 35 -2.68 -2.34 -4.10
N CYS A 36 -3.55 -3.09 -4.77
CA CYS A 36 -4.23 -4.20 -4.12
C CYS A 36 -3.88 -5.48 -4.88
N CYS A 37 -4.28 -6.61 -4.30
CA CYS A 37 -4.03 -7.90 -4.91
C CYS A 37 -5.36 -8.57 -5.20
N PHE A 38 -5.52 -9.00 -6.44
CA PHE A 38 -6.75 -9.65 -6.86
C PHE A 38 -6.65 -11.16 -6.65
N ASP A 39 -7.62 -11.69 -5.91
CA ASP A 39 -7.67 -13.11 -5.62
C ASP A 39 -8.28 -13.85 -6.82
N SER A 40 -9.60 -13.93 -6.81
CA SER A 40 -10.32 -14.59 -7.88
C SER A 40 -10.46 -16.08 -7.56
N ARG A 41 -9.47 -16.60 -6.85
CA ARG A 41 -9.47 -18.00 -6.47
C ARG A 41 -10.63 -18.30 -5.53
N ILE A 42 -10.85 -17.37 -4.60
CA ILE A 42 -11.93 -17.53 -3.64
C ILE A 42 -12.89 -16.34 -3.76
N PRO A 43 -14.05 -16.62 -4.42
CA PRO A 43 -15.07 -15.58 -4.61
C PRO A 43 -15.82 -15.31 -3.32
N GLY A 44 -15.50 -16.09 -2.30
CA GLY A 44 -16.14 -15.94 -1.00
C GLY A 44 -15.33 -15.00 -0.10
N VAL A 45 -14.17 -14.61 -0.60
CA VAL A 45 -13.29 -13.71 0.15
C VAL A 45 -13.05 -12.44 -0.65
N PRO A 46 -12.16 -11.57 -0.10
CA PRO A 46 -11.84 -10.31 -0.76
C PRO A 46 -10.92 -10.56 -1.96
N TRP A 47 -11.41 -10.16 -3.12
CA TRP A 47 -10.64 -10.32 -4.36
C TRP A 47 -9.85 -9.02 -4.58
N CYS A 48 -9.50 -8.38 -3.49
CA CYS A 48 -8.74 -7.13 -3.56
C CYS A 48 -8.26 -6.79 -2.15
N PHE A 49 -6.98 -7.07 -1.92
CA PHE A 49 -6.38 -6.80 -0.63
C PHE A 49 -5.01 -6.14 -0.79
N LYS A 50 -4.29 -6.06 0.33
CA LYS A 50 -2.97 -5.46 0.33
C LYS A 50 -1.97 -6.46 0.90
N PRO A 51 -1.75 -7.56 0.12
CA PRO A 51 -0.82 -8.60 0.55
C PRO A 51 0.62 -8.14 0.36
N LEU A 52 1.21 -8.56 -0.75
CA LEU A 52 2.59 -8.21 -1.05
C LEU A 52 2.61 -6.93 -1.90
N GLN A 53 1.63 -6.07 -1.63
CA GLN A 53 1.53 -4.81 -2.35
C GLN A 53 2.81 -4.00 -2.19
N GLU A 54 3.51 -4.26 -1.09
CA GLU A 54 4.75 -3.55 -0.81
C GLU A 54 5.59 -3.42 -2.09
N ALA A 55 5.35 -4.36 -3.01
CA ALA A 55 6.07 -4.35 -4.27
C ALA A 55 6.24 -2.91 -4.76
N GLU A 56 5.11 -2.29 -5.05
CA GLU A 56 5.11 -0.92 -5.53
C GLU A 56 4.04 -0.10 -4.80
N CYS A 57 3.70 -0.56 -3.61
CA CYS A 57 2.69 0.12 -2.81
C CYS A 57 3.41 0.88 -1.70
N THR A 58 4.21 0.16 -0.94
CA THR A 58 4.95 0.76 0.15
C THR A 58 6.33 1.22 -0.33
N PHE A 59 6.86 0.49 -1.30
CA PHE A 59 8.17 0.80 -1.85
C PHE A 59 8.39 2.32 -1.90
N GLU B 1 21.04 1.15 6.27
CA GLU B 1 19.68 1.53 6.59
C GLU B 1 18.82 0.28 6.84
N GLU B 2 18.54 0.05 8.11
CA GLU B 2 17.73 -1.10 8.50
C GLU B 2 16.25 -0.78 8.34
N TYR B 3 15.54 -0.83 9.47
CA TYR B 3 14.11 -0.56 9.46
C TYR B 3 13.84 0.93 9.72
N VAL B 4 14.08 1.72 8.70
CA VAL B 4 13.87 3.16 8.80
C VAL B 4 13.03 3.63 7.60
N GLY B 5 13.50 3.27 6.42
CA GLY B 5 12.81 3.65 5.19
C GLY B 5 11.48 2.90 5.06
N LEU B 6 11.20 2.09 6.06
CA LEU B 6 9.97 1.31 6.06
C LEU B 6 9.38 1.31 7.48
N SER B 7 9.90 2.21 8.30
CA SER B 7 9.43 2.32 9.67
C SER B 7 8.58 3.58 9.84
N ALA B 8 7.66 3.51 10.79
CA ALA B 8 6.79 4.65 11.05
C ALA B 8 7.62 5.88 11.39
N ASN B 9 8.01 6.59 10.35
CA ASN B 9 8.82 7.79 10.52
C ASN B 9 9.25 8.30 9.15
N GLN B 10 9.44 7.37 8.24
CA GLN B 10 9.86 7.71 6.88
C GLN B 10 8.83 8.63 6.23
N CYS B 11 7.58 8.44 6.61
CA CYS B 11 6.50 9.24 6.07
C CYS B 11 6.70 10.69 6.53
N ALA B 12 7.66 10.87 7.42
CA ALA B 12 7.97 12.19 7.95
C ALA B 12 9.24 12.72 7.28
N VAL B 13 9.61 12.06 6.19
CA VAL B 13 10.80 12.45 5.45
C VAL B 13 10.81 13.97 5.28
N PRO B 14 12.00 14.50 4.90
CA PRO B 14 12.16 15.93 4.70
C PRO B 14 11.51 16.36 3.38
N ALA B 15 10.48 15.62 2.98
CA ALA B 15 9.77 15.92 1.75
C ALA B 15 10.78 16.10 0.62
N LYS B 16 11.46 15.01 0.28
CA LYS B 16 12.45 15.03 -0.78
C LYS B 16 13.16 13.68 -0.83
N ASP B 17 12.39 12.63 -0.59
CA ASP B 17 12.93 11.28 -0.61
C ASP B 17 11.79 10.28 -0.85
N ARG B 18 10.66 10.82 -1.26
CA ARG B 18 9.48 9.99 -1.53
C ARG B 18 9.49 9.52 -2.98
N VAL B 19 8.49 8.70 -3.31
CA VAL B 19 8.37 8.17 -4.66
C VAL B 19 7.18 8.84 -5.36
N ASP B 20 6.79 9.98 -4.83
CA ASP B 20 5.67 10.73 -5.38
C ASP B 20 4.66 9.75 -5.97
N CYS B 21 3.73 9.32 -5.12
CA CYS B 21 2.70 8.38 -5.54
C CYS B 21 2.03 8.94 -6.79
N GLY B 22 1.95 10.26 -6.84
CA GLY B 22 1.33 10.94 -7.98
C GLY B 22 -0.09 10.42 -8.20
N TYR B 23 -0.89 10.50 -7.16
CA TYR B 23 -2.28 10.04 -7.23
C TYR B 23 -3.20 11.17 -7.69
N PRO B 24 -4.17 10.79 -8.56
CA PRO B 24 -5.12 11.76 -9.08
C PRO B 24 -6.16 12.13 -8.03
N HIS B 25 -6.14 11.39 -6.94
CA HIS B 25 -7.07 11.64 -5.85
C HIS B 25 -6.29 11.89 -4.55
N VAL B 26 -5.09 12.42 -4.72
CA VAL B 26 -4.24 12.71 -3.58
C VAL B 26 -5.05 13.47 -2.52
N THR B 27 -5.15 12.86 -1.35
CA THR B 27 -5.90 13.46 -0.26
C THR B 27 -5.64 12.69 1.04
N PRO B 28 -5.81 13.42 2.18
CA PRO B 28 -5.61 12.82 3.49
C PRO B 28 -6.77 11.90 3.86
N LYS B 29 -7.08 11.00 2.94
CA LYS B 29 -8.17 10.05 3.16
C LYS B 29 -8.20 9.05 2.00
N GLU B 30 -7.65 9.47 0.87
CA GLU B 30 -7.62 8.63 -0.31
C GLU B 30 -6.25 7.94 -0.43
N CYS B 31 -5.21 8.74 -0.24
CA CYS B 31 -3.85 8.21 -0.32
C CYS B 31 -3.67 7.17 0.78
N ASN B 32 -3.92 7.60 2.00
CA ASN B 32 -3.79 6.72 3.15
C ASN B 32 -4.80 5.57 3.03
N ASN B 33 -5.64 5.68 2.01
CA ASN B 33 -6.66 4.66 1.77
C ASN B 33 -6.23 3.79 0.59
N ARG B 34 -5.46 4.39 -0.30
CA ARG B 34 -4.99 3.69 -1.48
C ARG B 34 -3.66 2.97 -1.16
N GLY B 35 -2.92 3.55 -0.24
CA GLY B 35 -1.65 2.97 0.17
C GLY B 35 -0.52 3.99 0.04
N CYS B 36 -0.90 5.26 0.11
CA CYS B 36 0.06 6.34 0.01
C CYS B 36 -0.02 7.18 1.28
N CYS B 37 0.95 8.06 1.43
CA CYS B 37 1.01 8.94 2.60
C CYS B 37 0.82 10.38 2.13
N PHE B 38 -0.12 11.05 2.78
CA PHE B 38 -0.40 12.45 2.44
C PHE B 38 0.40 13.40 3.33
N ASP B 39 1.23 14.20 2.68
CA ASP B 39 2.05 15.16 3.40
C ASP B 39 1.21 16.40 3.71
N SER B 40 1.13 17.28 2.73
CA SER B 40 0.38 18.51 2.88
C SER B 40 1.24 19.59 3.53
N ARG B 41 2.27 19.13 4.24
CA ARG B 41 3.18 20.04 4.91
C ARG B 41 3.95 20.86 3.89
N ILE B 42 4.38 20.19 2.83
CA ILE B 42 5.14 20.85 1.78
C ILE B 42 4.38 20.70 0.45
N PRO B 43 3.78 21.83 0.00
CA PRO B 43 3.03 21.83 -1.24
C PRO B 43 3.97 21.82 -2.44
N GLY B 44 5.26 21.87 -2.15
CA GLY B 44 6.27 21.87 -3.20
C GLY B 44 6.77 20.45 -3.47
N VAL B 45 6.29 19.52 -2.66
CA VAL B 45 6.69 18.13 -2.80
C VAL B 45 5.43 17.28 -3.03
N PRO B 46 5.66 15.94 -3.09
CA PRO B 46 4.56 15.00 -3.30
C PRO B 46 3.73 14.84 -2.02
N TRP B 47 2.46 15.21 -2.13
CA TRP B 47 1.55 15.11 -0.99
C TRP B 47 0.87 13.74 -1.05
N CYS B 48 1.58 12.79 -1.64
CA CYS B 48 1.06 11.44 -1.76
C CYS B 48 2.21 10.52 -2.23
N PHE B 49 2.71 9.74 -1.29
CA PHE B 49 3.81 8.82 -1.58
C PHE B 49 3.61 7.50 -0.84
N LYS B 50 4.67 6.70 -0.86
CA LYS B 50 4.64 5.40 -0.20
C LYS B 50 5.80 5.31 0.80
N PRO B 51 5.69 6.12 1.89
CA PRO B 51 6.71 6.13 2.91
C PRO B 51 6.63 4.88 3.79
N LEU B 52 5.94 5.03 4.90
CA LEU B 52 5.78 3.92 5.84
C LEU B 52 4.42 3.26 5.60
N GLN B 53 4.07 3.13 4.33
CA GLN B 53 2.81 2.51 3.96
C GLN B 53 2.69 1.12 4.58
N GLU B 54 3.83 0.59 5.00
CA GLU B 54 3.87 -0.72 5.61
C GLU B 54 2.75 -0.87 6.64
N ALA B 55 2.31 0.28 7.14
CA ALA B 55 1.25 0.29 8.13
C ALA B 55 0.22 -0.79 7.79
N GLU B 56 -0.52 -0.53 6.71
CA GLU B 56 -1.54 -1.46 6.27
C GLU B 56 -1.44 -1.68 4.75
N CYS B 57 -0.22 -1.49 4.25
CA CYS B 57 0.02 -1.67 2.83
C CYS B 57 0.73 -3.01 2.62
N THR B 58 1.96 -3.07 3.13
CA THR B 58 2.76 -4.27 3.01
C THR B 58 2.05 -5.45 3.69
N PHE B 59 1.42 -5.15 4.81
CA PHE B 59 0.71 -6.17 5.58
C PHE B 59 -0.18 -7.00 4.65
N GLU A 1 14.23 -9.46 9.92
CA GLU A 1 12.94 -8.85 9.64
C GLU A 1 12.60 -8.96 8.16
N GLU A 2 12.77 -10.16 7.63
CA GLU A 2 12.49 -10.40 6.22
C GLU A 2 11.01 -10.75 6.03
N TYR A 3 10.18 -9.72 6.08
CA TYR A 3 8.75 -9.91 5.91
C TYR A 3 8.45 -10.87 4.76
N VAL A 4 8.35 -12.15 5.10
CA VAL A 4 8.08 -13.17 4.11
C VAL A 4 6.60 -13.59 4.21
N GLY A 5 6.18 -13.84 5.44
CA GLY A 5 4.80 -14.25 5.69
C GLY A 5 3.84 -13.09 5.43
N LEU A 6 4.41 -11.95 5.07
CA LEU A 6 3.61 -10.77 4.79
C LEU A 6 3.85 -10.33 3.34
N SER A 7 4.81 -10.99 2.72
CA SER A 7 5.15 -10.67 1.33
C SER A 7 4.75 -11.83 0.42
N ALA A 8 5.63 -12.13 -0.52
CA ALA A 8 5.38 -13.22 -1.46
C ALA A 8 4.74 -14.39 -0.72
N ASN A 9 3.80 -15.05 -1.39
CA ASN A 9 3.12 -16.19 -0.81
C ASN A 9 1.91 -15.69 -0.01
N GLN A 10 2.07 -14.51 0.57
CA GLN A 10 1.00 -13.93 1.36
C GLN A 10 -0.20 -13.60 0.48
N CYS A 11 0.10 -13.10 -0.71
CA CYS A 11 -0.95 -12.74 -1.65
C CYS A 11 -1.62 -14.03 -2.14
N ALA A 12 -1.07 -15.15 -1.68
CA ALA A 12 -1.60 -16.44 -2.06
C ALA A 12 -2.21 -17.12 -0.83
N VAL A 13 -2.40 -16.32 0.20
CA VAL A 13 -2.97 -16.82 1.44
C VAL A 13 -4.13 -17.76 1.12
N PRO A 14 -4.56 -18.53 2.16
CA PRO A 14 -5.66 -19.46 1.99
C PRO A 14 -7.00 -18.73 1.93
N ALA A 15 -6.95 -17.50 1.44
CA ALA A 15 -8.14 -16.68 1.33
C ALA A 15 -8.88 -16.67 2.67
N LYS A 16 -8.28 -15.98 3.63
CA LYS A 16 -8.87 -15.87 4.96
C LYS A 16 -7.83 -15.30 5.92
N ASP A 17 -7.08 -14.32 5.42
CA ASP A 17 -6.06 -13.67 6.22
C ASP A 17 -5.74 -12.29 5.63
N ARG A 18 -6.59 -11.87 4.71
CA ARG A 18 -6.42 -10.59 4.06
C ARG A 18 -7.16 -9.50 4.82
N VAL A 19 -6.97 -8.26 4.37
CA VAL A 19 -7.62 -7.13 5.01
C VAL A 19 -8.69 -6.58 4.08
N ASP A 20 -9.14 -7.43 3.18
CA ASP A 20 -10.17 -7.04 2.22
C ASP A 20 -10.03 -5.54 1.90
N CYS A 21 -9.22 -5.26 0.90
CA CYS A 21 -8.99 -3.89 0.49
C CYS A 21 -10.35 -3.21 0.28
N GLY A 22 -11.31 -4.01 -0.17
CA GLY A 22 -12.65 -3.50 -0.40
C GLY A 22 -12.62 -2.29 -1.33
N TYR A 23 -12.06 -2.49 -2.52
CA TYR A 23 -11.96 -1.42 -3.49
C TYR A 23 -13.18 -1.40 -4.40
N PRO A 24 -13.61 -0.16 -4.77
CA PRO A 24 -14.77 0.02 -5.63
C PRO A 24 -14.42 -0.34 -7.08
N HIS A 25 -13.13 -0.53 -7.33
CA HIS A 25 -12.66 -0.87 -8.66
C HIS A 25 -11.73 -2.08 -8.58
N VAL A 26 -12.16 -3.07 -7.80
CA VAL A 26 -11.39 -4.28 -7.64
C VAL A 26 -11.23 -4.98 -8.99
N THR A 27 -9.98 -5.15 -9.40
CA THR A 27 -9.68 -5.79 -10.66
C THR A 27 -8.18 -6.10 -10.77
N PRO A 28 -7.88 -7.14 -11.58
CA PRO A 28 -6.50 -7.56 -11.77
C PRO A 28 -5.75 -6.58 -12.68
N LYS A 29 -5.72 -5.33 -12.26
CA LYS A 29 -5.04 -4.29 -13.02
C LYS A 29 -5.18 -2.96 -12.28
N GLU A 30 -6.25 -2.85 -11.51
CA GLU A 30 -6.51 -1.63 -10.76
C GLU A 30 -6.03 -1.79 -9.31
N CYS A 31 -6.36 -2.92 -8.73
CA CYS A 31 -5.96 -3.20 -7.36
C CYS A 31 -4.43 -3.29 -7.31
N ASN A 32 -3.89 -4.17 -8.14
CA ASN A 32 -2.46 -4.37 -8.20
C ASN A 32 -1.80 -3.07 -8.67
N ASN A 33 -2.63 -2.11 -9.05
CA ASN A 33 -2.15 -0.82 -9.51
C ASN A 33 -2.41 0.23 -8.43
N ARG A 34 -3.41 -0.05 -7.60
CA ARG A 34 -3.77 0.87 -6.53
C ARG A 34 -2.95 0.54 -5.27
N GLY A 35 -2.52 -0.70 -5.18
CA GLY A 35 -1.73 -1.14 -4.05
C GLY A 35 -2.40 -2.33 -3.34
N CYS A 36 -3.25 -3.02 -4.09
CA CYS A 36 -3.95 -4.17 -3.56
C CYS A 36 -3.59 -5.39 -4.41
N CYS A 37 -4.09 -6.54 -3.97
CA CYS A 37 -3.83 -7.78 -4.69
C CYS A 37 -5.17 -8.40 -5.07
N PHE A 38 -5.32 -8.67 -6.36
CA PHE A 38 -6.54 -9.26 -6.87
C PHE A 38 -6.44 -10.78 -6.88
N ASP A 39 -7.38 -11.41 -6.19
CA ASP A 39 -7.42 -12.87 -6.11
C ASP A 39 -8.28 -13.41 -7.25
N SER A 40 -9.58 -13.42 -7.01
CA SER A 40 -10.52 -13.91 -8.01
C SER A 40 -10.73 -15.42 -7.83
N ARG A 41 -9.81 -16.03 -7.09
CA ARG A 41 -9.88 -17.46 -6.85
C ARG A 41 -11.21 -17.81 -6.17
N ILE A 42 -11.45 -17.17 -5.03
CA ILE A 42 -12.68 -17.40 -4.29
C ILE A 42 -13.54 -16.14 -4.32
N PRO A 43 -14.82 -16.32 -4.75
CA PRO A 43 -15.75 -15.21 -4.82
C PRO A 43 -16.24 -14.81 -3.43
N GLY A 44 -15.98 -15.69 -2.47
CA GLY A 44 -16.40 -15.44 -1.10
C GLY A 44 -15.30 -14.71 -0.32
N VAL A 45 -14.14 -14.60 -0.96
CA VAL A 45 -13.01 -13.93 -0.35
C VAL A 45 -12.79 -12.57 -1.03
N PRO A 46 -11.91 -11.75 -0.40
CA PRO A 46 -11.61 -10.44 -0.94
C PRO A 46 -10.70 -10.54 -2.16
N TRP A 47 -11.24 -10.14 -3.30
CA TRP A 47 -10.50 -10.18 -4.56
C TRP A 47 -9.70 -8.89 -4.67
N CYS A 48 -9.36 -8.34 -3.51
CA CYS A 48 -8.59 -7.10 -3.48
C CYS A 48 -8.16 -6.85 -2.03
N PHE A 49 -6.90 -7.14 -1.75
CA PHE A 49 -6.35 -6.94 -0.42
C PHE A 49 -4.94 -6.37 -0.49
N LYS A 50 -4.28 -6.37 0.67
CA LYS A 50 -2.93 -5.83 0.76
C LYS A 50 -2.00 -6.93 1.29
N PRO A 51 -1.79 -7.97 0.44
CA PRO A 51 -0.93 -9.07 0.81
C PRO A 51 0.55 -8.68 0.73
N LEU A 52 1.16 -9.02 -0.38
CA LEU A 52 2.56 -8.70 -0.60
C LEU A 52 2.67 -7.36 -1.33
N GLN A 53 1.71 -6.49 -1.05
CA GLN A 53 1.69 -5.18 -1.67
C GLN A 53 3.01 -4.44 -1.40
N GLU A 54 3.68 -4.86 -0.35
CA GLU A 54 4.95 -4.26 0.03
C GLU A 54 5.80 -3.99 -1.21
N ALA A 55 5.54 -4.79 -2.24
CA ALA A 55 6.27 -4.66 -3.49
C ALA A 55 6.48 -3.18 -3.81
N GLU A 56 5.39 -2.53 -4.21
CA GLU A 56 5.44 -1.11 -4.54
C GLU A 56 4.40 -0.35 -3.72
N CYS A 57 4.07 -0.91 -2.57
CA CYS A 57 3.09 -0.28 -1.70
C CYS A 57 3.84 0.33 -0.50
N THR A 58 4.56 -0.54 0.21
CA THR A 58 5.32 -0.10 1.37
C THR A 58 6.46 0.82 0.94
N PHE A 59 7.08 0.47 -0.19
CA PHE A 59 8.18 1.26 -0.71
C PHE A 59 7.98 2.75 -0.42
N GLU B 1 21.79 0.24 7.91
CA GLU B 1 20.46 0.51 8.45
C GLU B 1 19.44 -0.43 7.84
N GLU B 2 18.54 -0.91 8.68
CA GLU B 2 17.49 -1.82 8.23
C GLU B 2 16.27 -1.04 7.76
N TYR B 3 15.13 -1.39 8.30
CA TYR B 3 13.88 -0.74 7.95
C TYR B 3 13.66 0.51 8.80
N VAL B 4 14.31 1.59 8.39
CA VAL B 4 14.19 2.85 9.12
C VAL B 4 13.76 3.95 8.15
N GLY B 5 14.51 4.06 7.06
CA GLY B 5 14.21 5.06 6.05
C GLY B 5 12.92 4.72 5.29
N LEU B 6 12.34 3.59 5.68
CA LEU B 6 11.10 3.14 5.06
C LEU B 6 10.12 2.70 6.14
N SER B 7 10.44 3.07 7.37
CA SER B 7 9.59 2.70 8.50
C SER B 7 8.83 3.93 8.99
N ALA B 8 8.35 3.84 10.22
CA ALA B 8 7.60 4.92 10.83
C ALA B 8 8.51 6.14 10.99
N ASN B 9 8.59 6.93 9.93
CA ASN B 9 9.42 8.13 9.94
C ASN B 9 9.61 8.62 8.50
N GLN B 10 9.55 7.68 7.57
CA GLN B 10 9.72 8.02 6.17
C GLN B 10 8.57 8.90 5.70
N CYS B 11 7.41 8.70 6.31
CA CYS B 11 6.23 9.46 5.96
C CYS B 11 6.42 10.89 6.47
N ALA B 12 7.55 11.10 7.13
CA ALA B 12 7.87 12.41 7.68
C ALA B 12 9.16 12.93 7.05
N VAL B 13 9.62 12.19 6.04
CA VAL B 13 10.84 12.57 5.34
C VAL B 13 10.85 14.08 5.11
N PRO B 14 12.04 14.59 4.69
CA PRO B 14 12.20 16.01 4.43
C PRO B 14 11.53 16.39 3.09
N ALA B 15 10.53 15.62 2.73
CA ALA B 15 9.81 15.86 1.49
C ALA B 15 10.80 15.97 0.34
N LYS B 16 11.43 14.85 0.03
CA LYS B 16 12.42 14.79 -1.04
C LYS B 16 13.08 13.42 -1.07
N ASP B 17 12.27 12.41 -0.79
CA ASP B 17 12.77 11.04 -0.77
C ASP B 17 11.60 10.08 -0.97
N ARG B 18 10.47 10.64 -1.38
CA ARG B 18 9.27 9.84 -1.62
C ARG B 18 9.22 9.38 -3.07
N VAL B 19 8.26 8.51 -3.34
CA VAL B 19 8.08 7.98 -4.69
C VAL B 19 6.93 8.71 -5.37
N ASP B 20 6.59 9.87 -4.82
CA ASP B 20 5.51 10.67 -5.36
C ASP B 20 4.45 9.75 -5.96
N CYS B 21 3.54 9.30 -5.11
CA CYS B 21 2.47 8.42 -5.54
C CYS B 21 1.80 9.05 -6.76
N GLY B 22 1.70 10.37 -6.73
CA GLY B 22 1.06 11.10 -7.82
C GLY B 22 -0.30 10.51 -8.17
N TYR B 23 -1.18 10.53 -7.18
CA TYR B 23 -2.52 10.00 -7.37
C TYR B 23 -3.49 11.09 -7.85
N PRO B 24 -4.39 10.69 -8.78
CA PRO B 24 -5.37 11.63 -9.32
C PRO B 24 -6.48 11.90 -8.30
N HIS B 25 -6.40 11.20 -7.19
CA HIS B 25 -7.39 11.36 -6.12
C HIS B 25 -6.69 11.69 -4.81
N VAL B 26 -5.42 12.05 -4.92
CA VAL B 26 -4.62 12.39 -3.76
C VAL B 26 -5.49 13.18 -2.77
N THR B 27 -5.53 12.69 -1.54
CA THR B 27 -6.32 13.34 -0.51
C THR B 27 -5.97 12.77 0.87
N PRO B 28 -6.21 13.60 1.91
CA PRO B 28 -5.92 13.18 3.28
C PRO B 28 -6.98 12.19 3.78
N LYS B 29 -7.26 11.21 2.95
CA LYS B 29 -8.25 10.19 3.29
C LYS B 29 -8.33 9.16 2.17
N GLU B 30 -7.78 9.53 1.01
CA GLU B 30 -7.79 8.66 -0.14
C GLU B 30 -6.42 7.99 -0.31
N CYS B 31 -5.38 8.82 -0.18
CA CYS B 31 -4.03 8.32 -0.32
C CYS B 31 -3.82 7.18 0.68
N ASN B 32 -4.10 7.49 1.94
CA ASN B 32 -3.95 6.51 3.00
C ASN B 32 -4.92 5.34 2.75
N ASN B 33 -5.83 5.57 1.81
CA ASN B 33 -6.82 4.55 1.48
C ASN B 33 -6.32 3.75 0.27
N ARG B 34 -5.50 4.41 -0.54
CA ARG B 34 -4.96 3.77 -1.72
C ARG B 34 -3.66 3.03 -1.37
N GLY B 35 -3.01 3.51 -0.33
CA GLY B 35 -1.76 2.91 0.12
C GLY B 35 -0.61 3.91 0.05
N CYS B 36 -0.97 5.18 0.13
CA CYS B 36 0.01 6.25 0.08
C CYS B 36 -0.11 7.08 1.37
N CYS B 37 0.79 8.04 1.50
CA CYS B 37 0.79 8.90 2.67
C CYS B 37 0.62 10.35 2.19
N PHE B 38 -0.35 11.03 2.79
CA PHE B 38 -0.61 12.41 2.44
C PHE B 38 0.15 13.37 3.35
N ASP B 39 0.98 14.19 2.73
CA ASP B 39 1.77 15.16 3.46
C ASP B 39 0.99 16.46 3.60
N SER B 40 1.06 17.26 2.55
CA SER B 40 0.37 18.54 2.54
C SER B 40 1.24 19.63 3.16
N ARG B 41 2.27 19.18 3.87
CA ARG B 41 3.19 20.09 4.53
C ARG B 41 3.94 20.92 3.48
N ILE B 42 4.37 20.24 2.43
CA ILE B 42 5.10 20.91 1.36
C ILE B 42 4.35 20.71 0.05
N PRO B 43 3.78 21.83 -0.47
CA PRO B 43 3.05 21.79 -1.73
C PRO B 43 4.00 21.68 -2.92
N GLY B 44 5.29 21.78 -2.62
CA GLY B 44 6.30 21.68 -3.65
C GLY B 44 6.78 20.24 -3.84
N VAL B 45 6.30 19.38 -2.95
CA VAL B 45 6.67 17.98 -2.99
C VAL B 45 5.40 17.13 -3.17
N PRO B 46 5.61 15.78 -3.19
CA PRO B 46 4.51 14.85 -3.34
C PRO B 46 3.71 14.74 -2.04
N TRP B 47 2.45 15.13 -2.12
CA TRP B 47 1.57 15.08 -0.96
C TRP B 47 0.85 13.72 -0.98
N CYS B 48 1.52 12.75 -1.57
CA CYS B 48 0.97 11.40 -1.66
C CYS B 48 2.06 10.47 -2.14
N PHE B 49 2.57 9.66 -1.22
CA PHE B 49 3.62 8.71 -1.53
C PHE B 49 3.45 7.42 -0.72
N LYS B 50 4.49 6.60 -0.78
CA LYS B 50 4.48 5.33 -0.05
C LYS B 50 5.62 5.31 0.95
N PRO B 51 5.47 6.16 2.01
CA PRO B 51 6.49 6.24 3.05
C PRO B 51 6.43 5.03 3.97
N LEU B 52 5.74 5.21 5.09
CA LEU B 52 5.59 4.14 6.06
C LEU B 52 4.27 3.41 5.82
N GLN B 53 3.95 3.25 4.55
CA GLN B 53 2.72 2.58 4.17
C GLN B 53 2.66 1.18 4.80
N GLU B 54 3.82 0.72 5.24
CA GLU B 54 3.91 -0.58 5.86
C GLU B 54 2.82 -0.75 6.91
N ALA B 55 2.31 0.38 7.37
CA ALA B 55 1.26 0.37 8.38
C ALA B 55 0.35 -0.84 8.14
N GLU B 56 -0.32 -0.83 7.01
CA GLU B 56 -1.22 -1.91 6.65
C GLU B 56 -1.19 -2.16 5.14
N CYS B 57 -0.09 -1.75 4.53
CA CYS B 57 0.08 -1.91 3.10
C CYS B 57 1.02 -3.10 2.87
N THR B 58 2.17 -3.04 3.51
CA THR B 58 3.16 -4.10 3.39
C THR B 58 2.60 -5.42 3.93
N PHE B 59 1.91 -5.32 5.05
CA PHE B 59 1.32 -6.48 5.68
C PHE B 59 0.87 -7.51 4.63
N GLU A 1 12.54 -8.24 12.00
CA GLU A 1 12.60 -8.60 10.60
C GLU A 1 11.64 -9.75 10.31
N GLU A 2 10.51 -9.73 10.99
CA GLU A 2 9.50 -10.75 10.81
C GLU A 2 8.58 -10.40 9.64
N TYR A 3 9.21 -9.98 8.55
CA TYR A 3 8.46 -9.62 7.36
C TYR A 3 8.27 -10.82 6.43
N VAL A 4 7.52 -11.80 6.93
CA VAL A 4 7.26 -13.00 6.17
C VAL A 4 5.75 -13.23 6.10
N GLY A 5 5.12 -13.19 7.26
CA GLY A 5 3.69 -13.39 7.34
C GLY A 5 2.93 -12.20 6.76
N LEU A 6 3.69 -11.24 6.25
CA LEU A 6 3.11 -10.05 5.66
C LEU A 6 3.84 -9.72 4.36
N SER A 7 4.69 -10.65 3.94
CA SER A 7 5.46 -10.46 2.72
C SER A 7 5.03 -11.49 1.67
N ALA A 8 5.94 -11.77 0.76
CA ALA A 8 5.67 -12.72 -0.31
C ALA A 8 4.99 -13.96 0.29
N ASN A 9 4.06 -14.51 -0.47
CA ASN A 9 3.34 -15.69 -0.03
C ASN A 9 2.05 -15.26 0.68
N GLN A 10 2.13 -14.12 1.34
CA GLN A 10 1.00 -13.59 2.07
C GLN A 10 -0.19 -13.37 1.12
N CYS A 11 0.15 -12.94 -0.09
CA CYS A 11 -0.86 -12.70 -1.10
C CYS A 11 -1.46 -14.03 -1.52
N ALA A 12 -0.93 -15.10 -0.94
CA ALA A 12 -1.40 -16.44 -1.24
C ALA A 12 -2.23 -16.96 -0.07
N VAL A 13 -2.53 -16.06 0.86
CA VAL A 13 -3.30 -16.41 2.03
C VAL A 13 -4.49 -17.28 1.60
N PRO A 14 -5.14 -17.92 2.62
CA PRO A 14 -6.28 -18.77 2.36
C PRO A 14 -7.53 -17.94 2.05
N ALA A 15 -7.29 -16.76 1.49
CA ALA A 15 -8.37 -15.87 1.14
C ALA A 15 -9.39 -15.83 2.28
N LYS A 16 -8.90 -15.52 3.47
CA LYS A 16 -9.74 -15.44 4.64
C LYS A 16 -8.98 -14.76 5.78
N ASP A 17 -8.08 -13.87 5.40
CA ASP A 17 -7.28 -13.15 6.37
C ASP A 17 -6.77 -11.85 5.74
N ARG A 18 -7.42 -11.47 4.66
CA ARG A 18 -7.04 -10.25 3.95
C ARG A 18 -7.76 -9.04 4.55
N VAL A 19 -7.38 -7.86 4.08
CA VAL A 19 -7.98 -6.64 4.55
C VAL A 19 -9.00 -6.14 3.52
N ASP A 20 -9.43 -7.06 2.67
CA ASP A 20 -10.40 -6.73 1.64
C ASP A 20 -10.24 -5.27 1.24
N CYS A 21 -9.34 -5.04 0.30
CA CYS A 21 -9.08 -3.69 -0.18
C CYS A 21 -10.42 -3.02 -0.48
N GLY A 22 -11.36 -3.83 -0.96
CA GLY A 22 -12.68 -3.34 -1.29
C GLY A 22 -12.59 -2.05 -2.11
N TYR A 23 -11.97 -2.17 -3.28
CA TYR A 23 -11.81 -1.03 -4.16
C TYR A 23 -12.98 -0.93 -5.15
N PRO A 24 -13.38 0.33 -5.44
CA PRO A 24 -14.47 0.57 -6.36
C PRO A 24 -14.04 0.35 -7.82
N HIS A 25 -12.74 0.12 -7.97
CA HIS A 25 -12.18 -0.11 -9.30
C HIS A 25 -11.41 -1.43 -9.30
N VAL A 26 -11.71 -2.26 -8.31
CA VAL A 26 -11.07 -3.56 -8.19
C VAL A 26 -10.98 -4.20 -9.57
N THR A 27 -9.76 -4.60 -9.93
CA THR A 27 -9.52 -5.22 -11.22
C THR A 27 -8.15 -5.91 -11.24
N PRO A 28 -8.04 -6.95 -12.11
CA PRO A 28 -6.80 -7.69 -12.22
C PRO A 28 -5.75 -6.89 -12.99
N LYS A 29 -5.54 -5.66 -12.53
CA LYS A 29 -4.56 -4.79 -13.16
C LYS A 29 -4.59 -3.42 -12.47
N GLU A 30 -5.72 -3.15 -11.81
CA GLU A 30 -5.88 -1.89 -11.11
C GLU A 30 -5.53 -2.05 -9.63
N CYS A 31 -6.01 -3.14 -9.05
CA CYS A 31 -5.75 -3.44 -7.66
C CYS A 31 -4.23 -3.44 -7.45
N ASN A 32 -3.56 -4.22 -8.28
CA ASN A 32 -2.12 -4.33 -8.18
C ASN A 32 -1.48 -3.00 -8.58
N ASN A 33 -2.33 -2.07 -8.98
CA ASN A 33 -1.87 -0.75 -9.38
C ASN A 33 -2.11 0.24 -8.24
N ARG A 34 -3.19 0.00 -7.50
CA ARG A 34 -3.53 0.87 -6.38
C ARG A 34 -2.69 0.51 -5.16
N GLY A 35 -2.21 -0.73 -5.15
CA GLY A 35 -1.39 -1.21 -4.04
C GLY A 35 -2.06 -2.40 -3.35
N CYS A 36 -2.90 -3.10 -4.09
CA CYS A 36 -3.60 -4.24 -3.56
C CYS A 36 -3.16 -5.48 -4.35
N CYS A 37 -3.76 -6.61 -3.99
CA CYS A 37 -3.45 -7.87 -4.65
C CYS A 37 -4.76 -8.52 -5.10
N PHE A 38 -4.83 -8.78 -6.39
CA PHE A 38 -6.01 -9.40 -6.96
C PHE A 38 -5.93 -10.93 -6.89
N ASP A 39 -6.92 -11.51 -6.23
CA ASP A 39 -6.98 -12.95 -6.09
C ASP A 39 -7.76 -13.55 -7.26
N SER A 40 -9.08 -13.58 -7.10
CA SER A 40 -9.94 -14.13 -8.12
C SER A 40 -10.15 -15.62 -7.89
N ARG A 41 -9.26 -16.21 -7.11
CA ARG A 41 -9.34 -17.62 -6.80
C ARG A 41 -10.69 -17.95 -6.14
N ILE A 42 -11.04 -17.11 -5.18
CA ILE A 42 -12.30 -17.29 -4.46
C ILE A 42 -13.17 -16.05 -4.64
N PRO A 43 -14.31 -16.24 -5.35
CA PRO A 43 -15.24 -15.15 -5.61
C PRO A 43 -16.04 -14.82 -4.35
N GLY A 44 -15.84 -15.63 -3.32
CA GLY A 44 -16.53 -15.43 -2.06
C GLY A 44 -15.67 -14.63 -1.09
N VAL A 45 -14.45 -14.34 -1.51
CA VAL A 45 -13.53 -13.58 -0.69
C VAL A 45 -13.13 -12.30 -1.42
N PRO A 46 -12.23 -11.52 -0.76
CA PRO A 46 -11.76 -10.26 -1.33
C PRO A 46 -10.75 -10.53 -2.46
N TRP A 47 -11.14 -10.12 -3.66
CA TRP A 47 -10.28 -10.31 -4.82
C TRP A 47 -9.42 -9.05 -4.97
N CYS A 48 -9.16 -8.41 -3.83
CA CYS A 48 -8.35 -7.20 -3.83
C CYS A 48 -8.03 -6.85 -2.38
N PHE A 49 -6.76 -7.04 -2.02
CA PHE A 49 -6.31 -6.74 -0.67
C PHE A 49 -4.87 -6.23 -0.67
N LYS A 50 -4.32 -6.12 0.52
CA LYS A 50 -2.96 -5.65 0.68
C LYS A 50 -2.12 -6.73 1.39
N PRO A 51 -1.84 -7.82 0.63
CA PRO A 51 -1.07 -8.92 1.18
C PRO A 51 0.42 -8.56 1.26
N LEU A 52 1.17 -9.00 0.26
CA LEU A 52 2.59 -8.73 0.21
C LEU A 52 2.83 -7.48 -0.64
N GLN A 53 1.91 -6.54 -0.53
CA GLN A 53 2.01 -5.29 -1.27
C GLN A 53 3.35 -4.61 -0.98
N GLU A 54 3.90 -4.93 0.18
CA GLU A 54 5.17 -4.35 0.59
C GLU A 54 6.13 -4.29 -0.60
N ALA A 55 5.92 -5.20 -1.54
CA ALA A 55 6.75 -5.26 -2.72
C ALA A 55 7.04 -3.83 -3.21
N GLU A 56 6.03 -3.25 -3.85
CA GLU A 56 6.16 -1.90 -4.37
C GLU A 56 5.19 -0.96 -3.66
N CYS A 57 4.80 -1.36 -2.45
CA CYS A 57 3.88 -0.57 -1.66
C CYS A 57 4.67 0.21 -0.61
N THR A 58 5.12 -0.53 0.41
CA THR A 58 5.89 0.08 1.48
C THR A 58 7.17 0.73 0.92
N PHE A 59 7.60 0.21 -0.22
CA PHE A 59 8.79 0.72 -0.87
C PHE A 59 8.98 2.21 -0.58
N GLU B 1 19.82 -5.53 5.47
CA GLU B 1 18.42 -5.13 5.46
C GLU B 1 18.23 -3.82 6.23
N GLU B 2 18.60 -2.73 5.58
CA GLU B 2 18.48 -1.42 6.20
C GLU B 2 17.09 -0.83 5.93
N TYR B 3 16.10 -1.42 6.59
CA TYR B 3 14.73 -0.98 6.43
C TYR B 3 14.40 0.13 7.44
N VAL B 4 14.98 1.30 7.19
CA VAL B 4 14.74 2.44 8.06
C VAL B 4 14.21 3.60 7.23
N GLY B 5 14.89 3.87 6.13
CA GLY B 5 14.50 4.96 5.25
C GLY B 5 13.20 4.61 4.50
N LEU B 6 12.68 3.42 4.80
CA LEU B 6 11.46 2.96 4.16
C LEU B 6 10.49 2.46 5.23
N SER B 7 10.85 2.72 6.49
CA SER B 7 10.03 2.30 7.61
C SER B 7 9.32 3.52 8.22
N ALA B 8 8.82 3.32 9.42
CA ALA B 8 8.11 4.38 10.12
C ALA B 8 9.05 5.57 10.31
N ASN B 9 9.11 6.40 9.27
CA ASN B 9 9.96 7.58 9.30
C ASN B 9 10.06 8.16 7.90
N GLN B 10 10.00 7.28 6.91
CA GLN B 10 10.08 7.69 5.53
C GLN B 10 8.89 8.58 5.16
N CYS B 11 7.77 8.33 5.84
CA CYS B 11 6.56 9.09 5.60
C CYS B 11 6.78 10.51 6.14
N ALA B 12 7.95 10.72 6.71
CA ALA B 12 8.29 12.02 7.26
C ALA B 12 9.50 12.59 6.52
N VAL B 13 9.85 11.92 5.43
CA VAL B 13 10.98 12.35 4.62
C VAL B 13 10.95 13.86 4.46
N PRO B 14 12.09 14.41 3.96
CA PRO B 14 12.20 15.84 3.75
C PRO B 14 11.40 16.28 2.51
N ALA B 15 10.36 15.51 2.22
CA ALA B 15 9.51 15.81 1.08
C ALA B 15 10.38 16.04 -0.15
N LYS B 16 11.06 14.99 -0.57
CA LYS B 16 11.94 15.07 -1.73
C LYS B 16 12.66 13.74 -1.91
N ASP B 17 11.94 12.66 -1.62
CA ASP B 17 12.51 11.33 -1.75
C ASP B 17 11.37 10.31 -1.85
N ARG B 18 10.18 10.82 -2.13
CA ARG B 18 9.00 9.98 -2.27
C ARG B 18 8.83 9.53 -3.72
N VAL B 19 7.89 8.62 -3.91
CA VAL B 19 7.61 8.10 -5.25
C VAL B 19 6.39 8.82 -5.82
N ASP B 20 6.07 9.96 -5.22
CA ASP B 20 4.93 10.74 -5.67
C ASP B 20 3.86 9.81 -6.23
N CYS B 21 3.07 9.26 -5.32
CA CYS B 21 2.00 8.34 -5.71
C CYS B 21 1.22 8.98 -6.86
N GLY B 22 1.09 10.30 -6.79
CA GLY B 22 0.37 11.03 -7.82
C GLY B 22 -1.04 10.47 -8.02
N TYR B 23 -1.80 10.47 -6.93
CA TYR B 23 -3.16 9.96 -6.98
C TYR B 23 -4.15 11.07 -7.32
N PRO B 24 -5.15 10.72 -8.18
CA PRO B 24 -6.16 11.68 -8.58
C PRO B 24 -7.17 11.92 -7.45
N HIS B 25 -7.00 11.17 -6.38
CA HIS B 25 -7.88 11.29 -5.23
C HIS B 25 -7.06 11.58 -3.97
N VAL B 26 -5.81 11.94 -4.21
CA VAL B 26 -4.90 12.25 -3.11
C VAL B 26 -5.67 13.00 -2.02
N THR B 27 -5.59 12.48 -0.80
CA THR B 27 -6.26 13.09 0.33
C THR B 27 -5.73 12.51 1.64
N PRO B 28 -5.85 13.34 2.72
CA PRO B 28 -5.39 12.92 4.03
C PRO B 28 -6.35 11.91 4.66
N LYS B 29 -6.73 10.93 3.85
CA LYS B 29 -7.64 9.90 4.32
C LYS B 29 -7.88 8.88 3.20
N GLU B 30 -7.60 9.32 1.98
CA GLU B 30 -7.78 8.47 0.82
C GLU B 30 -6.45 7.78 0.46
N CYS B 31 -5.39 8.57 0.47
CA CYS B 31 -4.07 8.05 0.16
C CYS B 31 -3.78 6.87 1.09
N ASN B 32 -3.84 7.15 2.38
CA ASN B 32 -3.60 6.13 3.38
C ASN B 32 -4.59 4.97 3.18
N ASN B 33 -5.62 5.25 2.40
CA ASN B 33 -6.64 4.26 2.13
C ASN B 33 -6.27 3.49 0.85
N ARG B 34 -5.59 4.20 -0.04
CA ARG B 34 -5.18 3.59 -1.30
C ARG B 34 -3.84 2.87 -1.12
N GLY B 35 -3.09 3.32 -0.13
CA GLY B 35 -1.79 2.73 0.17
C GLY B 35 -0.67 3.76 0.03
N CYS B 36 -1.07 5.02 0.11
CA CYS B 36 -0.11 6.11 0.00
C CYS B 36 -0.18 6.94 1.28
N CYS B 37 0.85 7.76 1.47
CA CYS B 37 0.92 8.61 2.65
C CYS B 37 0.69 10.06 2.21
N PHE B 38 -0.12 10.76 2.98
CA PHE B 38 -0.43 12.15 2.68
C PHE B 38 0.43 13.09 3.53
N ASP B 39 1.25 13.86 2.83
CA ASP B 39 2.12 14.82 3.50
C ASP B 39 1.31 16.01 3.98
N SER B 40 1.08 16.94 3.07
CA SER B 40 0.31 18.13 3.39
C SER B 40 1.24 19.21 3.97
N ARG B 41 2.36 18.76 4.52
CA ARG B 41 3.34 19.67 5.10
C ARG B 41 3.95 20.55 4.01
N ILE B 42 4.28 19.92 2.90
CA ILE B 42 4.88 20.63 1.78
C ILE B 42 3.99 20.49 0.55
N PRO B 43 3.28 21.60 0.22
CA PRO B 43 2.39 21.60 -0.93
C PRO B 43 3.18 21.68 -2.24
N GLY B 44 4.49 21.79 -2.09
CA GLY B 44 5.36 21.87 -3.25
C GLY B 44 5.87 20.47 -3.65
N VAL B 45 5.53 19.49 -2.82
CA VAL B 45 5.94 18.13 -3.08
C VAL B 45 4.70 17.23 -3.18
N PRO B 46 4.95 15.91 -3.35
CA PRO B 46 3.87 14.95 -3.47
C PRO B 46 3.22 14.69 -2.11
N TRP B 47 1.92 14.98 -2.04
CA TRP B 47 1.18 14.79 -0.82
C TRP B 47 0.51 13.41 -0.88
N CYS B 48 1.17 12.50 -1.59
CA CYS B 48 0.65 11.15 -1.73
C CYS B 48 1.78 10.27 -2.28
N PHE B 49 2.34 9.46 -1.39
CA PHE B 49 3.42 8.57 -1.77
C PHE B 49 3.34 7.25 -1.00
N LYS B 50 4.40 6.46 -1.12
CA LYS B 50 4.45 5.18 -0.44
C LYS B 50 5.68 5.15 0.47
N PRO B 51 5.60 5.94 1.56
CA PRO B 51 6.70 6.01 2.53
C PRO B 51 6.73 4.76 3.41
N LEU B 52 6.17 4.90 4.59
CA LEU B 52 6.14 3.79 5.54
C LEU B 52 4.75 3.13 5.48
N GLN B 53 4.25 2.97 4.27
CA GLN B 53 2.95 2.36 4.08
C GLN B 53 2.88 1.01 4.80
N GLU B 54 4.05 0.51 5.17
CA GLU B 54 4.14 -0.76 5.87
C GLU B 54 3.10 -0.82 6.99
N ALA B 55 2.65 0.35 7.40
CA ALA B 55 1.67 0.45 8.47
C ALA B 55 0.66 -0.69 8.33
N GLU B 56 -0.25 -0.52 7.38
CA GLU B 56 -1.27 -1.52 7.12
C GLU B 56 -1.22 -1.97 5.66
N CYS B 57 -0.12 -1.63 5.01
CA CYS B 57 0.06 -2.00 3.61
C CYS B 57 0.79 -3.35 3.56
N THR B 58 2.03 -3.34 4.03
CA THR B 58 2.83 -4.54 4.04
C THR B 58 2.05 -5.70 4.68
N PHE B 59 1.29 -5.36 5.69
CA PHE B 59 0.49 -6.35 6.40
C PHE B 59 0.03 -7.46 5.44
N GLU A 1 7.63 -13.39 14.64
CA GLU A 1 8.20 -12.36 13.79
C GLU A 1 8.87 -12.99 12.57
N GLU A 2 8.29 -14.09 12.12
CA GLU A 2 8.81 -14.80 10.96
C GLU A 2 8.15 -14.28 9.69
N TYR A 3 8.70 -13.18 9.18
CA TYR A 3 8.18 -12.57 7.97
C TYR A 3 7.68 -13.64 6.99
N VAL A 4 6.43 -14.03 7.19
CA VAL A 4 5.82 -15.04 6.33
C VAL A 4 4.42 -14.59 5.92
N GLY A 5 3.67 -14.14 6.91
CA GLY A 5 2.32 -13.66 6.66
C GLY A 5 2.33 -12.33 5.90
N LEU A 6 3.54 -11.85 5.65
CA LEU A 6 3.70 -10.59 4.94
C LEU A 6 4.71 -10.78 3.81
N SER A 7 5.12 -12.04 3.62
CA SER A 7 6.08 -12.36 2.58
C SER A 7 5.43 -12.23 1.20
N ALA A 8 6.19 -12.61 0.18
CA ALA A 8 5.70 -12.53 -1.18
C ALA A 8 4.67 -13.64 -1.42
N ASN A 9 4.52 -14.48 -0.40
CA ASN A 9 3.57 -15.59 -0.48
C ASN A 9 2.32 -15.24 0.33
N GLN A 10 2.37 -14.08 0.97
CA GLN A 10 1.25 -13.61 1.78
C GLN A 10 0.02 -13.39 0.90
N CYS A 11 0.27 -12.82 -0.28
CA CYS A 11 -0.80 -12.54 -1.22
C CYS A 11 -1.46 -13.87 -1.59
N ALA A 12 -0.80 -14.95 -1.21
CA ALA A 12 -1.31 -16.28 -1.50
C ALA A 12 -2.02 -16.84 -0.27
N VAL A 13 -2.44 -15.92 0.61
CA VAL A 13 -3.12 -16.30 1.82
C VAL A 13 -4.12 -17.42 1.52
N PRO A 14 -4.64 -18.05 2.61
CA PRO A 14 -5.60 -19.13 2.47
C PRO A 14 -6.99 -18.58 2.07
N ALA A 15 -7.03 -17.27 1.86
CA ALA A 15 -8.28 -16.63 1.48
C ALA A 15 -9.09 -16.32 2.73
N LYS A 16 -8.42 -15.73 3.71
CA LYS A 16 -9.06 -15.39 4.96
C LYS A 16 -8.03 -14.80 5.93
N ASP A 17 -7.22 -13.89 5.39
CA ASP A 17 -6.19 -13.25 6.18
C ASP A 17 -5.84 -11.90 5.56
N ARG A 18 -6.68 -11.48 4.62
CA ARG A 18 -6.48 -10.21 3.95
C ARG A 18 -7.24 -9.09 4.67
N VAL A 19 -7.06 -7.88 4.17
CA VAL A 19 -7.72 -6.73 4.76
C VAL A 19 -8.81 -6.24 3.80
N ASP A 20 -9.21 -7.13 2.90
CA ASP A 20 -10.24 -6.79 1.93
C ASP A 20 -10.11 -5.32 1.54
N CYS A 21 -9.34 -5.08 0.50
CA CYS A 21 -9.13 -3.72 0.01
C CYS A 21 -10.50 -3.09 -0.24
N GLY A 22 -11.44 -3.91 -0.67
CA GLY A 22 -12.78 -3.44 -0.94
C GLY A 22 -12.76 -2.30 -1.96
N TYR A 23 -12.19 -2.59 -3.12
CA TYR A 23 -12.11 -1.60 -4.18
C TYR A 23 -13.33 -1.68 -5.10
N PRO A 24 -13.76 -0.48 -5.58
CA PRO A 24 -14.91 -0.40 -6.46
C PRO A 24 -14.55 -0.87 -7.88
N HIS A 25 -13.25 -1.00 -8.10
CA HIS A 25 -12.76 -1.45 -9.40
C HIS A 25 -11.81 -2.63 -9.21
N VAL A 26 -12.22 -3.55 -8.37
CA VAL A 26 -11.42 -4.73 -8.09
C VAL A 26 -11.24 -5.53 -9.38
N THR A 27 -9.98 -5.68 -9.77
CA THR A 27 -9.65 -6.41 -10.99
C THR A 27 -8.15 -6.69 -11.04
N PRO A 28 -7.80 -7.78 -11.79
CA PRO A 28 -6.42 -8.18 -11.93
C PRO A 28 -5.68 -7.24 -12.90
N LYS A 29 -5.71 -5.96 -12.55
CA LYS A 29 -5.04 -4.96 -13.38
C LYS A 29 -5.24 -3.58 -12.74
N GLU A 30 -6.30 -3.45 -11.98
CA GLU A 30 -6.61 -2.20 -11.31
C GLU A 30 -6.12 -2.24 -9.86
N CYS A 31 -6.43 -3.34 -9.19
CA CYS A 31 -6.03 -3.52 -7.81
C CYS A 31 -4.49 -3.56 -7.75
N ASN A 32 -3.94 -4.48 -8.52
CA ASN A 32 -2.49 -4.64 -8.58
C ASN A 32 -1.86 -3.36 -9.13
N ASN A 33 -2.73 -2.45 -9.56
CA ASN A 33 -2.27 -1.18 -10.11
C ASN A 33 -2.53 -0.06 -9.09
N ARG A 34 -3.54 -0.28 -8.27
CA ARG A 34 -3.90 0.70 -7.25
C ARG A 34 -3.05 0.48 -5.99
N GLY A 35 -2.68 -0.76 -5.77
CA GLY A 35 -1.88 -1.12 -4.61
C GLY A 35 -2.52 -2.27 -3.83
N CYS A 36 -3.33 -3.03 -4.53
CA CYS A 36 -4.01 -4.17 -3.91
C CYS A 36 -3.61 -5.44 -4.67
N CYS A 37 -4.06 -6.56 -4.14
CA CYS A 37 -3.76 -7.85 -4.76
C CYS A 37 -5.08 -8.52 -5.12
N PHE A 38 -5.18 -8.92 -6.39
CA PHE A 38 -6.38 -9.58 -6.87
C PHE A 38 -6.25 -11.10 -6.75
N ASP A 39 -7.18 -11.68 -6.00
CA ASP A 39 -7.19 -13.11 -5.78
C ASP A 39 -7.86 -13.79 -6.97
N SER A 40 -9.18 -13.82 -6.94
CA SER A 40 -9.95 -14.44 -7.99
C SER A 40 -10.09 -15.95 -7.74
N ARG A 41 -9.15 -16.47 -6.96
CA ARG A 41 -9.15 -17.89 -6.64
C ARG A 41 -10.41 -18.24 -5.84
N ILE A 42 -10.72 -17.39 -4.88
CA ILE A 42 -11.89 -17.60 -4.05
C ILE A 42 -12.84 -16.41 -4.19
N PRO A 43 -14.01 -16.69 -4.83
CA PRO A 43 -15.01 -15.65 -5.04
C PRO A 43 -15.75 -15.34 -3.73
N GLY A 44 -15.49 -16.15 -2.73
CA GLY A 44 -16.12 -15.98 -1.43
C GLY A 44 -15.26 -15.10 -0.52
N VAL A 45 -14.10 -14.72 -1.03
CA VAL A 45 -13.19 -13.88 -0.27
C VAL A 45 -12.93 -12.59 -1.05
N PRO A 46 -12.06 -11.73 -0.46
CA PRO A 46 -11.72 -10.46 -1.07
C PRO A 46 -10.78 -10.66 -2.27
N TRP A 47 -11.25 -10.25 -3.43
CA TRP A 47 -10.47 -10.38 -4.65
C TRP A 47 -9.66 -9.09 -4.82
N CYS A 48 -9.37 -8.45 -3.70
CA CYS A 48 -8.61 -7.21 -3.72
C CYS A 48 -8.22 -6.86 -2.29
N PHE A 49 -6.94 -7.03 -1.99
CA PHE A 49 -6.43 -6.75 -0.66
C PHE A 49 -5.04 -6.13 -0.73
N LYS A 50 -4.40 -6.03 0.43
CA LYS A 50 -3.07 -5.46 0.51
C LYS A 50 -2.12 -6.48 1.15
N PRO A 51 -1.87 -7.58 0.38
CA PRO A 51 -0.98 -8.64 0.87
C PRO A 51 0.48 -8.20 0.79
N LEU A 52 1.14 -8.64 -0.27
CA LEU A 52 2.54 -8.31 -0.47
C LEU A 52 2.64 -7.03 -1.30
N GLN A 53 1.65 -6.17 -1.13
CA GLN A 53 1.62 -4.90 -1.86
C GLN A 53 2.92 -4.14 -1.65
N GLU A 54 3.63 -4.51 -0.59
CA GLU A 54 4.89 -3.86 -0.27
C GLU A 54 5.70 -3.62 -1.54
N ALA A 55 5.44 -4.45 -2.53
CA ALA A 55 6.14 -4.35 -3.81
C ALA A 55 6.32 -2.86 -4.16
N GLU A 56 5.22 -2.23 -4.52
CA GLU A 56 5.23 -0.82 -4.88
C GLU A 56 4.25 -0.05 -4.02
N CYS A 57 3.92 -0.62 -2.87
CA CYS A 57 2.99 0.00 -1.95
C CYS A 57 3.79 0.63 -0.81
N THR A 58 4.55 -0.21 -0.13
CA THR A 58 5.37 0.24 0.98
C THR A 58 6.56 1.06 0.48
N PHE A 59 7.06 0.66 -0.68
CA PHE A 59 8.18 1.34 -1.29
C PHE A 59 8.15 2.84 -0.99
N GLU B 1 21.68 1.30 5.00
CA GLU B 1 20.35 1.79 5.35
C GLU B 1 19.55 0.69 6.03
N GLU B 2 19.27 0.91 7.32
CA GLU B 2 18.52 -0.05 8.10
C GLU B 2 17.02 0.24 7.98
N TYR B 3 16.36 0.26 9.14
CA TYR B 3 14.94 0.52 9.18
C TYR B 3 14.65 2.01 8.98
N VAL B 4 14.77 2.43 7.73
CA VAL B 4 14.51 3.83 7.39
C VAL B 4 13.55 3.89 6.21
N GLY B 5 13.95 3.27 5.12
CA GLY B 5 13.12 3.25 3.92
C GLY B 5 11.87 2.41 4.14
N LEU B 6 11.72 1.93 5.37
CA LEU B 6 10.56 1.11 5.71
C LEU B 6 10.23 1.32 7.19
N SER B 7 10.56 2.50 7.68
CA SER B 7 10.31 2.83 9.08
C SER B 7 9.12 3.79 9.17
N ALA B 8 8.66 3.98 10.39
CA ALA B 8 7.54 4.88 10.63
C ALA B 8 8.00 6.33 10.46
N ASN B 9 9.29 6.48 10.19
CA ASN B 9 9.86 7.79 10.00
C ASN B 9 10.02 8.07 8.50
N GLN B 10 9.67 7.07 7.71
CA GLN B 10 9.75 7.19 6.26
C GLN B 10 8.79 8.26 5.76
N CYS B 11 7.60 8.26 6.32
CA CYS B 11 6.59 9.23 5.95
C CYS B 11 7.03 10.61 6.44
N ALA B 12 8.14 10.61 7.15
CA ALA B 12 8.68 11.86 7.69
C ALA B 12 9.90 12.27 6.88
N VAL B 13 9.98 11.73 5.67
CA VAL B 13 11.10 12.03 4.78
C VAL B 13 11.41 13.53 4.86
N PRO B 14 12.59 13.90 4.28
CA PRO B 14 13.01 15.29 4.28
C PRO B 14 12.21 16.10 3.24
N ALA B 15 11.25 15.43 2.62
CA ALA B 15 10.42 16.06 1.62
C ALA B 15 11.14 16.05 0.28
N LYS B 16 11.69 14.88 -0.05
CA LYS B 16 12.40 14.73 -1.31
C LYS B 16 13.00 13.32 -1.37
N ASP B 17 12.20 12.35 -0.95
CA ASP B 17 12.64 10.97 -0.96
C ASP B 17 11.44 10.06 -1.18
N ARG B 18 10.33 10.67 -1.55
CA ARG B 18 9.10 9.94 -1.80
C ARG B 18 9.01 9.56 -3.28
N VAL B 19 7.98 8.79 -3.60
CA VAL B 19 7.76 8.35 -4.96
C VAL B 19 6.58 9.11 -5.56
N ASP B 20 6.26 10.23 -4.94
CA ASP B 20 5.16 11.06 -5.40
C ASP B 20 4.06 10.17 -5.98
N CYS B 21 3.22 9.67 -5.09
CA CYS B 21 2.12 8.81 -5.49
C CYS B 21 1.39 9.47 -6.66
N GLY B 22 1.31 10.80 -6.60
CA GLY B 22 0.65 11.56 -7.63
C GLY B 22 -0.71 10.95 -7.98
N TYR B 23 -1.58 10.93 -6.98
CA TYR B 23 -2.92 10.37 -7.17
C TYR B 23 -3.91 11.47 -7.57
N PRO B 24 -4.88 11.07 -8.43
CA PRO B 24 -5.89 12.00 -8.90
C PRO B 24 -6.93 12.28 -7.82
N HIS B 25 -6.83 11.51 -6.74
CA HIS B 25 -7.75 11.67 -5.62
C HIS B 25 -6.97 12.00 -4.35
N VAL B 26 -5.69 12.29 -4.54
CA VAL B 26 -4.82 12.63 -3.43
C VAL B 26 -5.61 13.46 -2.41
N THR B 27 -5.60 12.98 -1.17
CA THR B 27 -6.30 13.66 -0.10
C THR B 27 -5.87 13.09 1.26
N PRO B 28 -6.03 13.94 2.31
CA PRO B 28 -5.67 13.54 3.66
C PRO B 28 -6.70 12.57 4.24
N LYS B 29 -7.04 11.57 3.44
CA LYS B 29 -8.01 10.58 3.87
C LYS B 29 -8.18 9.53 2.77
N GLU B 30 -7.74 9.90 1.57
CA GLU B 30 -7.83 9.01 0.43
C GLU B 30 -6.49 8.31 0.18
N CYS B 31 -5.43 9.11 0.24
CA CYS B 31 -4.10 8.60 0.03
C CYS B 31 -3.86 7.44 1.01
N ASN B 32 -4.06 7.75 2.29
CA ASN B 32 -3.88 6.75 3.33
C ASN B 32 -4.88 5.61 3.12
N ASN B 33 -5.83 5.85 2.23
CA ASN B 33 -6.85 4.87 1.93
C ASN B 33 -6.41 4.04 0.71
N ARG B 34 -5.67 4.69 -0.16
CA ARG B 34 -5.18 4.05 -1.37
C ARG B 34 -3.88 3.31 -1.08
N GLY B 35 -3.17 3.78 -0.07
CA GLY B 35 -1.91 3.17 0.31
C GLY B 35 -0.76 4.17 0.19
N CYS B 36 -1.11 5.45 0.28
CA CYS B 36 -0.12 6.51 0.17
C CYS B 36 -0.16 7.34 1.46
N CYS B 37 0.83 8.19 1.61
CA CYS B 37 0.92 9.04 2.79
C CYS B 37 0.74 10.49 2.35
N PHE B 38 -0.16 11.18 3.04
CA PHE B 38 -0.44 12.57 2.74
C PHE B 38 0.38 13.50 3.62
N ASP B 39 1.23 14.30 2.98
CA ASP B 39 2.07 15.24 3.69
C ASP B 39 1.30 16.53 3.94
N SER B 40 1.26 17.38 2.92
CA SER B 40 0.55 18.64 3.03
C SER B 40 1.49 19.72 3.57
N ARG B 41 2.57 19.27 4.17
CA ARG B 41 3.56 20.18 4.74
C ARG B 41 4.05 21.15 3.66
N ILE B 42 4.66 20.57 2.63
CA ILE B 42 5.18 21.37 1.53
C ILE B 42 4.30 21.17 0.30
N PRO B 43 3.84 22.31 -0.27
CA PRO B 43 2.99 22.27 -1.45
C PRO B 43 3.81 21.94 -2.71
N GLY B 44 5.12 22.04 -2.55
CA GLY B 44 6.02 21.75 -3.65
C GLY B 44 6.44 20.28 -3.66
N VAL B 45 6.07 19.60 -2.59
CA VAL B 45 6.41 18.19 -2.45
C VAL B 45 5.15 17.35 -2.68
N PRO B 46 5.37 16.01 -2.82
CA PRO B 46 4.27 15.09 -3.03
C PRO B 46 3.47 14.87 -1.75
N TRP B 47 2.24 15.35 -1.76
CA TRP B 47 1.37 15.21 -0.60
C TRP B 47 0.66 13.86 -0.71
N CYS B 48 1.33 12.92 -1.34
CA CYS B 48 0.77 11.58 -1.51
C CYS B 48 1.87 10.67 -2.06
N PHE B 49 2.40 9.85 -1.17
CA PHE B 49 3.45 8.92 -1.53
C PHE B 49 3.31 7.60 -0.78
N LYS B 50 4.35 6.78 -0.89
CA LYS B 50 4.35 5.49 -0.23
C LYS B 50 5.59 5.38 0.67
N PRO B 51 5.56 6.17 1.77
CA PRO B 51 6.67 6.17 2.71
C PRO B 51 6.66 4.92 3.58
N LEU B 52 6.03 5.03 4.74
CA LEU B 52 5.95 3.91 5.66
C LEU B 52 4.56 3.27 5.56
N GLN B 53 4.05 3.23 4.33
CA GLN B 53 2.74 2.66 4.08
C GLN B 53 2.63 1.29 4.75
N GLU B 54 3.78 0.70 5.03
CA GLU B 54 3.82 -0.60 5.67
C GLU B 54 2.73 -0.70 6.73
N ALA B 55 2.37 0.45 7.27
CA ALA B 55 1.33 0.51 8.30
C ALA B 55 0.34 -0.64 8.07
N GLU B 56 -0.33 -0.58 6.93
CA GLU B 56 -1.31 -1.60 6.58
C GLU B 56 -1.26 -1.89 5.08
N CYS B 57 -0.15 -1.52 4.47
CA CYS B 57 0.04 -1.73 3.05
C CYS B 57 0.77 -3.05 2.85
N THR B 58 1.94 -3.14 3.47
CA THR B 58 2.76 -4.34 3.37
C THR B 58 2.04 -5.53 4.03
N PHE B 59 1.32 -5.23 5.10
CA PHE B 59 0.58 -6.25 5.82
C PHE B 59 -0.34 -7.02 4.89
N GLU A 1 13.12 -8.94 8.29
CA GLU A 1 13.04 -9.72 9.50
C GLU A 1 12.14 -10.94 9.29
N GLU A 2 11.21 -11.12 10.22
CA GLU A 2 10.28 -12.23 10.14
C GLU A 2 9.04 -11.84 9.33
N TYR A 3 9.28 -11.04 8.30
CA TYR A 3 8.20 -10.59 7.44
C TYR A 3 8.00 -11.54 6.27
N VAL A 4 7.31 -12.64 6.55
CA VAL A 4 7.04 -13.64 5.53
C VAL A 4 5.54 -13.65 5.21
N GLY A 5 4.75 -13.74 6.28
CA GLY A 5 3.30 -13.77 6.13
C GLY A 5 2.76 -12.39 5.73
N LEU A 6 3.70 -11.47 5.50
CA LEU A 6 3.34 -10.13 5.11
C LEU A 6 4.17 -9.71 3.89
N SER A 7 5.03 -10.62 3.47
CA SER A 7 5.88 -10.36 2.32
C SER A 7 5.42 -11.20 1.12
N ALA A 8 6.37 -11.54 0.27
CA ALA A 8 6.07 -12.32 -0.92
C ALA A 8 5.47 -13.66 -0.50
N ASN A 9 4.43 -14.07 -1.21
CA ASN A 9 3.77 -15.32 -0.91
C ASN A 9 2.58 -15.06 0.02
N GLN A 10 2.67 -13.94 0.73
CA GLN A 10 1.61 -13.57 1.66
C GLN A 10 0.31 -13.32 0.92
N CYS A 11 0.44 -12.85 -0.31
CA CYS A 11 -0.71 -12.57 -1.14
C CYS A 11 -1.37 -13.90 -1.52
N ALA A 12 -0.71 -14.98 -1.12
CA ALA A 12 -1.23 -16.31 -1.40
C ALA A 12 -1.91 -16.86 -0.15
N VAL A 13 -2.21 -15.97 0.77
CA VAL A 13 -2.86 -16.35 2.01
C VAL A 13 -4.00 -17.33 1.70
N PRO A 14 -4.52 -17.97 2.78
CA PRO A 14 -5.61 -18.91 2.64
C PRO A 14 -6.94 -18.19 2.39
N ALA A 15 -6.83 -17.00 1.81
CA ALA A 15 -8.01 -16.20 1.51
C ALA A 15 -8.88 -16.11 2.78
N LYS A 16 -8.33 -15.46 3.79
CA LYS A 16 -9.05 -15.29 5.04
C LYS A 16 -8.13 -14.62 6.06
N ASP A 17 -7.33 -13.69 5.56
CA ASP A 17 -6.40 -12.96 6.41
C ASP A 17 -6.04 -11.63 5.76
N ARG A 18 -6.82 -11.28 4.74
CA ARG A 18 -6.60 -10.04 4.02
C ARG A 18 -7.39 -8.90 4.65
N VAL A 19 -7.17 -7.71 4.13
CA VAL A 19 -7.86 -6.53 4.64
C VAL A 19 -8.93 -6.10 3.64
N ASP A 20 -9.31 -7.04 2.78
CA ASP A 20 -10.32 -6.76 1.77
C ASP A 20 -10.23 -5.30 1.34
N CYS A 21 -9.39 -5.06 0.35
CA CYS A 21 -9.20 -3.71 -0.16
C CYS A 21 -10.58 -3.10 -0.43
N GLY A 22 -11.49 -3.95 -0.88
CA GLY A 22 -12.84 -3.52 -1.18
C GLY A 22 -12.83 -2.23 -2.00
N TYR A 23 -12.24 -2.33 -3.18
CA TYR A 23 -12.15 -1.19 -4.07
C TYR A 23 -13.34 -1.16 -5.04
N PRO A 24 -13.81 0.09 -5.31
CA PRO A 24 -14.94 0.28 -6.21
C PRO A 24 -14.52 0.06 -7.67
N HIS A 25 -13.23 -0.15 -7.86
CA HIS A 25 -12.69 -0.37 -9.19
C HIS A 25 -11.89 -1.67 -9.21
N VAL A 26 -12.12 -2.49 -8.19
CA VAL A 26 -11.42 -3.76 -8.09
C VAL A 26 -11.38 -4.43 -9.46
N THR A 27 -10.17 -4.81 -9.85
CA THR A 27 -9.97 -5.45 -11.14
C THR A 27 -8.57 -6.08 -11.21
N PRO A 28 -8.44 -7.10 -12.09
CA PRO A 28 -7.17 -7.78 -12.27
C PRO A 28 -6.19 -6.92 -13.07
N LYS A 29 -6.01 -5.69 -12.59
CA LYS A 29 -5.10 -4.77 -13.25
C LYS A 29 -5.19 -3.41 -12.56
N GLU A 30 -6.29 -3.20 -11.86
CA GLU A 30 -6.51 -1.95 -11.14
C GLU A 30 -6.09 -2.09 -9.68
N CYS A 31 -6.49 -3.21 -9.10
CA CYS A 31 -6.17 -3.49 -7.70
C CYS A 31 -4.64 -3.40 -7.54
N ASN A 32 -3.94 -4.15 -8.38
CA ASN A 32 -2.49 -4.17 -8.34
C ASN A 32 -1.96 -2.80 -8.79
N ASN A 33 -2.89 -1.93 -9.15
CA ASN A 33 -2.52 -0.60 -9.60
C ASN A 33 -2.73 0.40 -8.45
N ARG A 34 -3.76 0.13 -7.67
CA ARG A 34 -4.08 0.98 -6.53
C ARG A 34 -3.16 0.66 -5.35
N GLY A 35 -2.66 -0.56 -5.34
CA GLY A 35 -1.77 -1.00 -4.28
C GLY A 35 -2.36 -2.20 -3.54
N CYS A 36 -3.20 -2.94 -4.25
CA CYS A 36 -3.84 -4.12 -3.67
C CYS A 36 -3.37 -5.34 -4.45
N CYS A 37 -3.91 -6.49 -4.08
CA CYS A 37 -3.56 -7.74 -4.73
C CYS A 37 -4.86 -8.45 -5.15
N PHE A 38 -4.96 -8.71 -6.44
CA PHE A 38 -6.14 -9.38 -6.97
C PHE A 38 -5.97 -10.89 -6.94
N ASP A 39 -6.87 -11.53 -6.21
CA ASP A 39 -6.83 -12.99 -6.08
C ASP A 39 -7.67 -13.61 -7.20
N SER A 40 -8.97 -13.66 -6.97
CA SER A 40 -9.88 -14.23 -7.95
C SER A 40 -10.00 -15.73 -7.73
N ARG A 41 -9.04 -16.27 -7.00
CA ARG A 41 -9.02 -17.70 -6.72
C ARG A 41 -10.27 -18.10 -5.92
N ILE A 42 -10.61 -17.26 -4.96
CA ILE A 42 -11.77 -17.50 -4.13
C ILE A 42 -12.73 -16.32 -4.23
N PRO A 43 -13.89 -16.57 -4.90
CA PRO A 43 -14.89 -15.53 -5.08
C PRO A 43 -15.66 -15.29 -3.79
N GLY A 44 -15.34 -16.10 -2.78
CA GLY A 44 -16.00 -15.99 -1.50
C GLY A 44 -15.21 -15.08 -0.55
N VAL A 45 -14.02 -14.70 -1.00
CA VAL A 45 -13.16 -13.84 -0.22
C VAL A 45 -12.85 -12.57 -1.01
N PRO A 46 -11.99 -11.71 -0.41
CA PRO A 46 -11.60 -10.46 -1.04
C PRO A 46 -10.62 -10.71 -2.20
N TRP A 47 -11.07 -10.37 -3.39
CA TRP A 47 -10.24 -10.55 -4.57
C TRP A 47 -9.44 -9.26 -4.80
N CYS A 48 -9.20 -8.56 -3.70
CA CYS A 48 -8.45 -7.32 -3.76
C CYS A 48 -8.10 -6.89 -2.34
N PHE A 49 -6.83 -7.02 -2.01
CA PHE A 49 -6.34 -6.65 -0.69
C PHE A 49 -4.92 -6.12 -0.76
N LYS A 50 -4.33 -5.94 0.43
CA LYS A 50 -2.97 -5.44 0.52
C LYS A 50 -2.09 -6.48 1.21
N PRO A 51 -1.82 -7.59 0.48
CA PRO A 51 -1.00 -8.67 1.01
C PRO A 51 0.48 -8.27 1.02
N LEU A 52 1.19 -8.73 -0.01
CA LEU A 52 2.61 -8.43 -0.13
C LEU A 52 2.79 -7.17 -0.98
N GLN A 53 1.86 -6.24 -0.81
CA GLN A 53 1.90 -4.99 -1.56
C GLN A 53 3.22 -4.27 -1.28
N GLU A 54 3.88 -4.67 -0.21
CA GLU A 54 5.15 -4.08 0.16
C GLU A 54 6.09 -4.05 -1.04
N ALA A 55 5.79 -4.89 -2.01
CA ALA A 55 6.61 -4.97 -3.21
C ALA A 55 7.12 -3.57 -3.57
N GLU A 56 6.19 -2.72 -4.00
CA GLU A 56 6.54 -1.37 -4.38
C GLU A 56 5.70 -0.37 -3.59
N CYS A 57 5.07 -0.87 -2.53
CA CYS A 57 4.23 -0.04 -1.69
C CYS A 57 5.07 0.41 -0.48
N THR A 58 5.02 -0.40 0.56
CA THR A 58 5.76 -0.09 1.78
C THR A 58 7.05 0.66 1.44
N PHE A 59 7.68 0.24 0.35
CA PHE A 59 8.92 0.85 -0.09
C PHE A 59 8.93 2.35 0.26
N GLU B 1 20.01 -1.49 10.21
CA GLU B 1 18.86 -0.60 10.12
C GLU B 1 18.26 -0.65 8.71
N GLU B 2 17.70 -1.80 8.38
CA GLU B 2 17.09 -1.99 7.07
C GLU B 2 15.65 -1.47 7.08
N TYR B 3 15.17 -1.14 8.28
CA TYR B 3 13.83 -0.64 8.43
C TYR B 3 13.81 0.90 8.38
N VAL B 4 13.77 1.41 7.15
CA VAL B 4 13.76 2.86 6.95
C VAL B 4 12.76 3.19 5.84
N GLY B 5 12.99 2.59 4.68
CA GLY B 5 12.13 2.83 3.54
C GLY B 5 10.73 2.26 3.78
N LEU B 6 10.56 1.68 4.97
CA LEU B 6 9.27 1.10 5.34
C LEU B 6 9.12 1.15 6.86
N SER B 7 9.84 2.09 7.47
CA SER B 7 9.79 2.25 8.91
C SER B 7 9.02 3.53 9.26
N ALA B 8 8.33 3.46 10.40
CA ALA B 8 7.54 4.59 10.86
C ALA B 8 8.47 5.81 11.00
N ASN B 9 8.65 6.51 9.90
CA ASN B 9 9.49 7.69 9.89
C ASN B 9 9.71 8.16 8.45
N GLN B 10 9.67 7.19 7.54
CA GLN B 10 9.86 7.48 6.14
C GLN B 10 8.76 8.43 5.63
N CYS B 11 7.61 8.34 6.29
CA CYS B 11 6.48 9.17 5.92
C CYS B 11 6.76 10.60 6.39
N ALA B 12 7.88 10.75 7.09
CA ALA B 12 8.28 12.05 7.60
C ALA B 12 9.53 12.53 6.86
N VAL B 13 9.84 11.83 5.77
CA VAL B 13 11.00 12.17 4.97
C VAL B 13 11.05 13.69 4.77
N PRO B 14 12.23 14.17 4.29
CA PRO B 14 12.42 15.58 4.06
C PRO B 14 11.69 16.04 2.79
N ALA B 15 10.62 15.32 2.48
CA ALA B 15 9.82 15.63 1.31
C ALA B 15 10.75 15.80 0.10
N LYS B 16 11.40 14.70 -0.26
CA LYS B 16 12.31 14.70 -1.39
C LYS B 16 12.98 13.33 -1.51
N ASP B 17 12.20 12.30 -1.20
CA ASP B 17 12.70 10.93 -1.27
C ASP B 17 11.52 9.97 -1.42
N ARG B 18 10.37 10.54 -1.74
CA ARG B 18 9.16 9.75 -1.92
C ARG B 18 9.03 9.29 -3.37
N VAL B 19 8.02 8.47 -3.61
CA VAL B 19 7.77 7.95 -4.94
C VAL B 19 6.57 8.68 -5.55
N ASP B 20 6.30 9.85 -5.01
CA ASP B 20 5.19 10.65 -5.50
C ASP B 20 4.10 9.74 -6.04
N CYS B 21 3.24 9.28 -5.13
CA CYS B 21 2.16 8.40 -5.51
C CYS B 21 1.41 9.02 -6.69
N GLY B 22 1.37 10.34 -6.70
CA GLY B 22 0.70 11.07 -7.76
C GLY B 22 -0.67 10.47 -8.06
N TYR B 23 -1.51 10.46 -7.04
CA TYR B 23 -2.85 9.92 -7.17
C TYR B 23 -3.84 11.01 -7.59
N PRO B 24 -4.80 10.60 -8.47
CA PRO B 24 -5.81 11.53 -8.95
C PRO B 24 -6.86 11.80 -7.88
N HIS B 25 -6.74 11.08 -6.77
CA HIS B 25 -7.67 11.23 -5.67
C HIS B 25 -6.91 11.63 -4.40
N VAL B 26 -5.64 11.95 -4.60
CA VAL B 26 -4.78 12.34 -3.49
C VAL B 26 -5.61 13.18 -2.50
N THR B 27 -5.61 12.72 -1.25
CA THR B 27 -6.34 13.41 -0.21
C THR B 27 -5.92 12.90 1.17
N PRO B 28 -6.18 13.75 2.20
CA PRO B 28 -5.83 13.39 3.57
C PRO B 28 -6.81 12.37 4.13
N LYS B 29 -7.06 11.33 3.34
CA LYS B 29 -7.97 10.28 3.74
C LYS B 29 -8.09 9.25 2.61
N GLU B 30 -7.72 9.69 1.41
CA GLU B 30 -7.78 8.81 0.26
C GLU B 30 -6.43 8.13 0.04
N CYS B 31 -5.37 8.93 0.13
CA CYS B 31 -4.02 8.41 -0.05
C CYS B 31 -3.83 7.24 0.90
N ASN B 32 -4.02 7.51 2.18
CA ASN B 32 -3.88 6.49 3.20
C ASN B 32 -4.87 5.36 2.94
N ASN B 33 -5.81 5.65 2.06
CA ASN B 33 -6.83 4.67 1.71
C ASN B 33 -6.31 3.79 0.56
N ARG B 34 -5.57 4.42 -0.33
CA ARG B 34 -5.02 3.71 -1.47
C ARG B 34 -3.72 2.99 -1.07
N GLY B 35 -3.08 3.52 -0.05
CA GLY B 35 -1.84 2.94 0.45
C GLY B 35 -0.69 3.95 0.34
N CYS B 36 -1.06 5.22 0.29
CA CYS B 36 -0.07 6.27 0.19
C CYS B 36 -0.13 7.11 1.47
N CYS B 37 0.84 7.99 1.62
CA CYS B 37 0.92 8.86 2.77
C CYS B 37 0.73 10.30 2.32
N PHE B 38 -0.17 11.00 3.01
CA PHE B 38 -0.45 12.38 2.68
C PHE B 38 0.41 13.33 3.51
N ASP B 39 1.19 14.14 2.82
CA ASP B 39 2.07 15.09 3.48
C ASP B 39 1.28 16.36 3.81
N SER B 40 1.18 17.23 2.82
CA SER B 40 0.45 18.47 2.98
C SER B 40 1.36 19.53 3.60
N ARG B 41 2.40 19.06 4.28
CA ARG B 41 3.36 19.94 4.91
C ARG B 41 4.11 20.76 3.86
N ILE B 42 4.48 20.07 2.78
CA ILE B 42 5.20 20.72 1.69
C ILE B 42 4.40 20.58 0.40
N PRO B 43 3.79 21.72 -0.03
CA PRO B 43 3.00 21.73 -1.25
C PRO B 43 3.89 21.69 -2.49
N GLY B 44 5.19 21.75 -2.24
CA GLY B 44 6.16 21.73 -3.33
C GLY B 44 6.61 20.29 -3.62
N VAL B 45 6.15 19.37 -2.80
CA VAL B 45 6.49 17.97 -2.96
C VAL B 45 5.21 17.15 -3.11
N PRO B 46 5.39 15.81 -3.20
CA PRO B 46 4.27 14.90 -3.35
C PRO B 46 3.50 14.76 -2.03
N TRP B 47 2.24 15.16 -2.08
CA TRP B 47 1.39 15.07 -0.90
C TRP B 47 0.69 13.71 -0.91
N CYS B 48 1.35 12.75 -1.55
CA CYS B 48 0.81 11.41 -1.63
C CYS B 48 1.91 10.48 -2.14
N PHE B 49 2.42 9.67 -1.22
CA PHE B 49 3.49 8.73 -1.56
C PHE B 49 3.33 7.44 -0.77
N LYS B 50 4.37 6.61 -0.85
CA LYS B 50 4.37 5.33 -0.16
C LYS B 50 5.62 5.23 0.71
N PRO B 51 5.64 6.05 1.80
CA PRO B 51 6.76 6.07 2.72
C PRO B 51 6.75 4.82 3.61
N LEU B 52 6.14 4.97 4.78
CA LEU B 52 6.05 3.88 5.72
C LEU B 52 4.67 3.22 5.61
N GLN B 53 4.21 3.10 4.38
CA GLN B 53 2.91 2.49 4.12
C GLN B 53 2.81 1.14 4.83
N GLU B 54 3.97 0.62 5.19
CA GLU B 54 4.02 -0.67 5.88
C GLU B 54 2.93 -0.75 6.94
N ALA B 55 2.51 0.42 7.41
CA ALA B 55 1.47 0.50 8.43
C ALA B 55 0.50 -0.67 8.24
N GLU B 56 -0.27 -0.59 7.16
CA GLU B 56 -1.25 -1.62 6.87
C GLU B 56 -1.15 -2.03 5.39
N CYS B 57 -0.02 -1.67 4.78
CA CYS B 57 0.21 -1.99 3.39
C CYS B 57 0.96 -3.32 3.32
N THR B 58 2.22 -3.27 3.72
CA THR B 58 3.06 -4.46 3.70
C THR B 58 2.33 -5.64 4.35
N PHE B 59 1.60 -5.33 5.40
CA PHE B 59 0.84 -6.35 6.12
C PHE B 59 0.32 -7.41 5.16
N GLU A 1 12.63 -14.52 9.50
CA GLU A 1 11.41 -15.30 9.67
C GLU A 1 10.24 -14.38 10.01
N GLU A 2 10.57 -13.12 10.30
CA GLU A 2 9.55 -12.14 10.63
C GLU A 2 8.86 -11.64 9.36
N TYR A 3 9.42 -12.03 8.22
CA TYR A 3 8.88 -11.63 6.94
C TYR A 3 7.87 -12.66 6.42
N VAL A 4 6.73 -12.72 7.09
CA VAL A 4 5.69 -13.65 6.70
C VAL A 4 4.43 -12.87 6.32
N GLY A 5 3.99 -12.02 7.23
CA GLY A 5 2.80 -11.22 6.99
C GLY A 5 3.09 -10.11 5.97
N LEU A 6 4.26 -10.20 5.36
CA LEU A 6 4.67 -9.22 4.38
C LEU A 6 5.46 -9.92 3.27
N SER A 7 5.34 -11.23 3.24
CA SER A 7 6.03 -12.03 2.24
C SER A 7 5.17 -12.15 0.98
N ALA A 8 5.81 -12.63 -0.08
CA ALA A 8 5.12 -12.80 -1.35
C ALA A 8 4.06 -13.90 -1.21
N ASN A 9 4.10 -14.57 -0.07
CA ASN A 9 3.17 -15.65 0.20
C ASN A 9 1.93 -15.07 0.90
N GLN A 10 2.08 -13.85 1.39
CA GLN A 10 0.99 -13.18 2.07
C GLN A 10 -0.20 -13.01 1.13
N CYS A 11 0.11 -12.69 -0.11
CA CYS A 11 -0.93 -12.49 -1.11
C CYS A 11 -1.58 -13.86 -1.41
N ALA A 12 -0.98 -14.89 -0.82
CA ALA A 12 -1.49 -16.24 -1.01
C ALA A 12 -2.22 -16.68 0.25
N VAL A 13 -2.68 -15.71 1.02
CA VAL A 13 -3.39 -15.99 2.24
C VAL A 13 -4.34 -17.16 2.02
N PRO A 14 -4.89 -17.68 3.14
CA PRO A 14 -5.82 -18.80 3.09
C PRO A 14 -7.18 -18.35 2.59
N ALA A 15 -7.28 -17.07 2.27
CA ALA A 15 -8.52 -16.51 1.78
C ALA A 15 -9.40 -16.11 2.97
N LYS A 16 -8.78 -15.41 3.92
CA LYS A 16 -9.49 -14.97 5.10
C LYS A 16 -8.50 -14.30 6.07
N ASP A 17 -7.65 -13.46 5.50
CA ASP A 17 -6.66 -12.77 6.30
C ASP A 17 -6.29 -11.45 5.61
N ARG A 18 -7.09 -11.10 4.61
CA ARG A 18 -6.85 -9.88 3.86
C ARG A 18 -7.63 -8.72 4.49
N VAL A 19 -7.45 -7.54 3.92
CA VAL A 19 -8.12 -6.35 4.41
C VAL A 19 -9.14 -5.89 3.37
N ASP A 20 -9.49 -6.80 2.48
CA ASP A 20 -10.46 -6.51 1.43
C ASP A 20 -10.26 -5.06 0.97
N CYS A 21 -9.43 -4.90 -0.04
CA CYS A 21 -9.15 -3.58 -0.59
C CYS A 21 -10.49 -2.91 -0.94
N GLY A 22 -11.42 -3.75 -1.39
CA GLY A 22 -12.74 -3.25 -1.77
C GLY A 22 -12.64 -2.19 -2.86
N TYR A 23 -12.00 -2.58 -3.96
CA TYR A 23 -11.83 -1.66 -5.08
C TYR A 23 -13.00 -1.79 -6.07
N PRO A 24 -13.40 -0.63 -6.64
CA PRO A 24 -14.48 -0.59 -7.60
C PRO A 24 -14.03 -1.14 -8.96
N HIS A 25 -12.72 -1.27 -9.10
CA HIS A 25 -12.15 -1.78 -10.34
C HIS A 25 -11.28 -3.00 -10.04
N VAL A 26 -11.74 -3.79 -9.08
CA VAL A 26 -11.02 -4.99 -8.69
C VAL A 26 -10.78 -5.86 -9.93
N THR A 27 -9.50 -6.05 -10.23
CA THR A 27 -9.12 -6.85 -11.39
C THR A 27 -7.62 -7.16 -11.35
N PRO A 28 -7.25 -8.30 -12.00
CA PRO A 28 -5.86 -8.70 -12.05
C PRO A 28 -5.07 -7.85 -13.04
N LYS A 29 -5.06 -6.54 -12.77
CA LYS A 29 -4.35 -5.61 -13.64
C LYS A 29 -4.51 -4.20 -13.09
N GLU A 30 -5.62 -3.99 -12.39
CA GLU A 30 -5.92 -2.69 -11.81
C GLU A 30 -5.52 -2.67 -10.34
N CYS A 31 -5.89 -3.73 -9.64
CA CYS A 31 -5.58 -3.84 -8.22
C CYS A 31 -4.06 -3.91 -8.07
N ASN A 32 -3.47 -4.87 -8.78
CA ASN A 32 -2.03 -5.05 -8.73
C ASN A 32 -1.33 -3.83 -9.33
N ASN A 33 -2.16 -2.93 -9.84
CA ASN A 33 -1.64 -1.71 -10.45
C ASN A 33 -1.94 -0.52 -9.53
N ARG A 34 -3.00 -0.68 -8.74
CA ARG A 34 -3.40 0.37 -7.81
C ARG A 34 -2.63 0.23 -6.49
N GLY A 35 -2.35 -1.02 -6.14
CA GLY A 35 -1.63 -1.30 -4.90
C GLY A 35 -2.32 -2.40 -4.11
N CYS A 36 -3.12 -3.19 -4.81
CA CYS A 36 -3.84 -4.29 -4.18
C CYS A 36 -3.41 -5.59 -4.85
N CYS A 37 -3.94 -6.69 -4.32
CA CYS A 37 -3.62 -8.01 -4.86
C CYS A 37 -4.93 -8.70 -5.24
N PHE A 38 -5.02 -9.08 -6.51
CA PHE A 38 -6.21 -9.75 -7.00
C PHE A 38 -6.10 -11.27 -6.83
N ASP A 39 -7.06 -11.82 -6.12
CA ASP A 39 -7.09 -13.26 -5.87
C ASP A 39 -7.85 -13.95 -7.00
N SER A 40 -9.16 -13.98 -6.87
CA SER A 40 -10.00 -14.61 -7.87
C SER A 40 -10.17 -16.09 -7.55
N ARG A 41 -9.30 -16.59 -6.67
CA ARG A 41 -9.34 -17.98 -6.28
C ARG A 41 -10.66 -18.30 -5.57
N ILE A 42 -11.01 -17.42 -4.64
CA ILE A 42 -12.24 -17.58 -3.88
C ILE A 42 -13.15 -16.37 -4.11
N PRO A 43 -14.32 -16.63 -4.73
CA PRO A 43 -15.28 -15.58 -5.00
C PRO A 43 -16.01 -15.15 -3.74
N GLY A 44 -15.78 -15.92 -2.67
CA GLY A 44 -16.41 -15.63 -1.40
C GLY A 44 -15.52 -14.74 -0.53
N VAL A 45 -14.33 -14.46 -1.06
CA VAL A 45 -13.37 -13.63 -0.35
C VAL A 45 -13.06 -12.39 -1.18
N PRO A 46 -12.18 -11.52 -0.61
CA PRO A 46 -11.78 -10.30 -1.30
C PRO A 46 -10.81 -10.60 -2.44
N TRP A 47 -11.24 -10.31 -3.65
CA TRP A 47 -10.41 -10.54 -4.83
C TRP A 47 -9.57 -9.28 -5.07
N CYS A 48 -9.30 -8.58 -3.98
CA CYS A 48 -8.50 -7.37 -4.06
C CYS A 48 -8.20 -6.90 -2.63
N PHE A 49 -6.93 -7.06 -2.26
CA PHE A 49 -6.50 -6.66 -0.93
C PHE A 49 -5.09 -6.08 -0.97
N LYS A 50 -4.51 -5.92 0.21
CA LYS A 50 -3.17 -5.36 0.33
C LYS A 50 -2.28 -6.37 1.07
N PRO A 51 -2.00 -7.50 0.39
CA PRO A 51 -1.17 -8.55 0.98
C PRO A 51 0.30 -8.14 0.96
N LEU A 52 1.02 -8.65 -0.02
CA LEU A 52 2.44 -8.36 -0.15
C LEU A 52 2.61 -7.15 -1.07
N GLN A 53 1.67 -6.23 -0.97
CA GLN A 53 1.70 -5.02 -1.78
C GLN A 53 3.01 -4.26 -1.55
N GLU A 54 3.62 -4.54 -0.40
CA GLU A 54 4.88 -3.89 -0.05
C GLU A 54 5.83 -3.89 -1.24
N ALA A 55 5.59 -4.82 -2.15
CA ALA A 55 6.42 -4.95 -3.34
C ALA A 55 6.77 -3.54 -3.85
N GLU A 56 5.74 -2.82 -4.27
CA GLU A 56 5.93 -1.49 -4.78
C GLU A 56 5.03 -0.50 -4.03
N CYS A 57 4.57 -0.94 -2.87
CA CYS A 57 3.72 -0.11 -2.04
C CYS A 57 4.57 0.55 -0.96
N THR A 58 4.73 -0.17 0.15
CA THR A 58 5.52 0.34 1.26
C THR A 58 6.76 1.08 0.74
N PHE A 59 7.30 0.57 -0.36
CA PHE A 59 8.47 1.17 -0.96
C PHE A 59 8.44 2.70 -0.83
N GLU B 1 21.10 -1.42 4.69
CA GLU B 1 19.85 -0.70 4.55
C GLU B 1 18.69 -1.52 5.15
N GLU B 2 18.57 -1.45 6.46
CA GLU B 2 17.53 -2.18 7.17
C GLU B 2 16.19 -1.44 7.02
N TYR B 3 15.61 -1.11 8.16
CA TYR B 3 14.34 -0.40 8.18
C TYR B 3 14.55 1.11 8.18
N VAL B 4 14.88 1.63 7.00
CA VAL B 4 15.11 3.06 6.86
C VAL B 4 14.29 3.58 5.66
N GLY B 5 14.63 3.06 4.49
CA GLY B 5 13.94 3.47 3.27
C GLY B 5 12.50 2.97 3.28
N LEU B 6 12.11 2.36 4.39
CA LEU B 6 10.76 1.84 4.53
C LEU B 6 10.38 1.82 6.01
N SER B 7 10.99 2.74 6.76
CA SER B 7 10.73 2.83 8.19
C SER B 7 9.54 3.77 8.44
N ALA B 8 9.13 3.82 9.70
CA ALA B 8 8.01 4.67 10.09
C ALA B 8 8.43 6.13 9.97
N ASN B 9 9.70 6.33 9.64
CA ASN B 9 10.24 7.68 9.50
C ASN B 9 10.26 8.05 8.02
N GLN B 10 10.03 7.05 7.18
CA GLN B 10 10.02 7.28 5.74
C GLN B 10 8.91 8.25 5.36
N CYS B 11 7.81 8.15 6.08
CA CYS B 11 6.67 9.02 5.83
C CYS B 11 7.01 10.42 6.34
N ALA B 12 8.20 10.55 6.89
CA ALA B 12 8.66 11.82 7.42
C ALA B 12 9.89 12.28 6.63
N VAL B 13 10.12 11.61 5.51
CA VAL B 13 11.25 11.95 4.67
C VAL B 13 11.40 13.47 4.60
N PRO B 14 12.60 13.91 4.15
CA PRO B 14 12.88 15.33 4.03
C PRO B 14 12.17 15.94 2.81
N ALA B 15 11.03 15.35 2.49
CA ALA B 15 10.24 15.81 1.36
C ALA B 15 11.14 15.97 0.14
N LYS B 16 11.51 14.83 -0.44
CA LYS B 16 12.36 14.82 -1.60
C LYS B 16 12.95 13.42 -1.79
N ASP B 17 12.08 12.43 -1.71
CA ASP B 17 12.49 11.05 -1.87
C ASP B 17 11.26 10.18 -2.20
N ARG B 18 10.13 10.61 -1.66
CA ARG B 18 8.89 9.88 -1.89
C ARG B 18 8.76 9.49 -3.36
N VAL B 19 7.76 8.67 -3.64
CA VAL B 19 7.53 8.20 -4.99
C VAL B 19 6.27 8.90 -5.55
N ASP B 20 5.95 10.04 -4.95
CA ASP B 20 4.80 10.80 -5.37
C ASP B 20 3.72 9.84 -5.89
N CYS B 21 2.89 9.37 -4.97
CA CYS B 21 1.82 8.46 -5.33
C CYS B 21 1.08 9.03 -6.54
N GLY B 22 0.97 10.36 -6.54
CA GLY B 22 0.28 11.04 -7.63
C GLY B 22 -1.17 10.57 -7.73
N TYR B 23 -1.88 10.68 -6.61
CA TYR B 23 -3.27 10.27 -6.58
C TYR B 23 -4.19 11.44 -6.93
N PRO B 24 -5.21 11.13 -7.79
CA PRO B 24 -6.16 12.14 -8.21
C PRO B 24 -7.15 12.47 -7.09
N HIS B 25 -7.00 11.77 -5.98
CA HIS B 25 -7.86 11.98 -4.82
C HIS B 25 -7.01 12.22 -3.58
N VAL B 26 -5.80 12.69 -3.82
CA VAL B 26 -4.88 12.98 -2.72
C VAL B 26 -5.62 13.76 -1.63
N THR B 27 -5.58 13.22 -0.43
CA THR B 27 -6.23 13.85 0.70
C THR B 27 -5.85 13.16 2.01
N PRO B 28 -5.97 13.91 3.13
CA PRO B 28 -5.64 13.38 4.44
C PRO B 28 -6.74 12.42 4.92
N LYS B 29 -7.12 11.50 4.05
CA LYS B 29 -8.14 10.54 4.38
C LYS B 29 -8.31 9.56 3.22
N GLU B 30 -7.83 9.98 2.05
CA GLU B 30 -7.91 9.16 0.86
C GLU B 30 -6.58 8.43 0.61
N CYS B 31 -5.50 9.19 0.75
CA CYS B 31 -4.18 8.64 0.54
C CYS B 31 -3.94 7.55 1.58
N ASN B 32 -4.06 7.93 2.84
CA ASN B 32 -3.87 6.98 3.93
C ASN B 32 -4.96 5.91 3.86
N ASN B 33 -5.88 6.10 2.94
CA ASN B 33 -6.98 5.16 2.76
C ASN B 33 -6.69 4.28 1.55
N ARG B 34 -5.96 4.85 0.60
CA ARG B 34 -5.61 4.13 -0.61
C ARG B 34 -4.32 3.35 -0.40
N GLY B 35 -3.46 3.88 0.47
CA GLY B 35 -2.19 3.23 0.77
C GLY B 35 -1.04 4.20 0.56
N CYS B 36 -1.35 5.48 0.64
CA CYS B 36 -0.35 6.52 0.48
C CYS B 36 -0.32 7.37 1.75
N CYS B 37 0.72 8.19 1.84
CA CYS B 37 0.88 9.06 3.00
C CYS B 37 0.60 10.49 2.55
N PHE B 38 -0.12 11.22 3.41
CA PHE B 38 -0.46 12.60 3.11
C PHE B 38 0.56 13.56 3.73
N ASP B 39 1.13 14.39 2.87
CA ASP B 39 2.12 15.35 3.32
C ASP B 39 1.46 16.38 4.23
N SER B 40 1.13 17.52 3.64
CA SER B 40 0.48 18.59 4.38
C SER B 40 1.54 19.54 4.96
N ARG B 41 2.79 19.11 4.86
CA ARG B 41 3.90 19.90 5.37
C ARG B 41 4.44 20.83 4.28
N ILE B 42 4.82 20.21 3.16
CA ILE B 42 5.36 20.96 2.04
C ILE B 42 4.40 20.83 0.85
N PRO B 43 3.89 22.00 0.39
CA PRO B 43 2.97 22.03 -0.73
C PRO B 43 3.72 21.80 -2.05
N GLY B 44 5.04 21.82 -1.95
CA GLY B 44 5.88 21.62 -3.13
C GLY B 44 6.24 20.14 -3.29
N VAL B 45 5.91 19.37 -2.28
CA VAL B 45 6.19 17.94 -2.30
C VAL B 45 4.89 17.16 -2.54
N PRO B 46 5.05 15.83 -2.73
CA PRO B 46 3.90 14.97 -2.97
C PRO B 46 3.12 14.73 -1.68
N TRP B 47 1.88 15.19 -1.68
CA TRP B 47 1.02 15.03 -0.52
C TRP B 47 0.30 13.69 -0.64
N CYS B 48 0.96 12.76 -1.30
CA CYS B 48 0.40 11.44 -1.51
C CYS B 48 1.50 10.52 -2.04
N PHE B 49 2.15 9.82 -1.11
CA PHE B 49 3.23 8.91 -1.48
C PHE B 49 3.08 7.57 -0.75
N LYS B 50 4.11 6.75 -0.87
CA LYS B 50 4.10 5.45 -0.24
C LYS B 50 5.40 5.28 0.57
N PRO B 51 5.48 6.07 1.68
CA PRO B 51 6.64 6.01 2.54
C PRO B 51 6.63 4.75 3.41
N LEU B 52 6.05 4.88 4.59
CA LEU B 52 5.97 3.76 5.51
C LEU B 52 4.56 3.17 5.46
N GLN B 53 4.03 3.09 4.25
CA GLN B 53 2.69 2.55 4.05
C GLN B 53 2.56 1.20 4.75
N GLU B 54 3.70 0.63 5.10
CA GLU B 54 3.73 -0.66 5.77
C GLU B 54 2.68 -0.70 6.88
N ALA B 55 2.29 0.49 7.33
CA ALA B 55 1.30 0.61 8.39
C ALA B 55 0.28 -0.51 8.23
N GLU B 56 -0.50 -0.42 7.15
CA GLU B 56 -1.52 -1.41 6.88
C GLU B 56 -1.48 -1.83 5.41
N CYS B 57 -0.35 -1.53 4.77
CA CYS B 57 -0.17 -1.87 3.37
C CYS B 57 0.53 -3.22 3.29
N THR B 58 1.81 -3.22 3.62
CA THR B 58 2.60 -4.43 3.58
C THR B 58 1.88 -5.56 4.32
N PHE B 59 1.17 -5.18 5.37
CA PHE B 59 0.43 -6.14 6.16
C PHE B 59 -0.06 -7.31 5.30
N GLU A 1 13.42 -9.09 10.25
CA GLU A 1 13.67 -10.06 9.19
C GLU A 1 12.50 -11.03 9.09
N GLU A 2 11.35 -10.60 9.58
CA GLU A 2 10.15 -11.42 9.55
C GLU A 2 9.37 -11.17 8.26
N TYR A 3 9.85 -11.77 7.19
CA TYR A 3 9.21 -11.63 5.89
C TYR A 3 8.17 -12.72 5.68
N VAL A 4 7.06 -12.59 6.38
CA VAL A 4 5.97 -13.55 6.26
C VAL A 4 4.66 -12.82 5.99
N GLY A 5 4.34 -11.90 6.88
CA GLY A 5 3.12 -11.12 6.75
C GLY A 5 3.23 -10.13 5.59
N LEU A 6 4.30 -10.27 4.83
CA LEU A 6 4.54 -9.39 3.70
C LEU A 6 5.34 -10.14 2.63
N SER A 7 5.27 -11.46 2.71
CA SER A 7 5.98 -12.30 1.76
C SER A 7 5.15 -12.48 0.48
N ALA A 8 5.80 -13.03 -0.54
CA ALA A 8 5.13 -13.25 -1.81
C ALA A 8 4.06 -14.33 -1.63
N ASN A 9 4.04 -14.91 -0.44
CA ASN A 9 3.07 -15.94 -0.14
C ASN A 9 1.87 -15.32 0.59
N GLN A 10 2.03 -14.06 0.96
CA GLN A 10 0.97 -13.34 1.65
C GLN A 10 -0.25 -13.19 0.75
N CYS A 11 0.01 -12.97 -0.52
CA CYS A 11 -1.06 -12.81 -1.49
C CYS A 11 -1.67 -14.18 -1.77
N ALA A 12 -1.10 -15.19 -1.10
CA ALA A 12 -1.58 -16.55 -1.27
C ALA A 12 -2.40 -16.95 -0.03
N VAL A 13 -2.63 -15.98 0.82
CA VAL A 13 -3.40 -16.21 2.04
C VAL A 13 -4.53 -17.19 1.74
N PRO A 14 -4.99 -17.87 2.83
CA PRO A 14 -6.07 -18.85 2.69
C PRO A 14 -7.42 -18.15 2.50
N ALA A 15 -7.36 -16.97 1.91
CA ALA A 15 -8.57 -16.20 1.67
C ALA A 15 -9.35 -16.05 2.98
N LYS A 16 -8.74 -15.32 3.92
CA LYS A 16 -9.37 -15.11 5.21
C LYS A 16 -8.34 -14.51 6.17
N ASP A 17 -7.54 -13.60 5.64
CA ASP A 17 -6.51 -12.95 6.43
C ASP A 17 -6.08 -11.65 5.74
N ARG A 18 -6.87 -11.26 4.77
CA ARG A 18 -6.58 -10.04 4.01
C ARG A 18 -7.28 -8.84 4.67
N VAL A 19 -7.01 -7.68 4.11
CA VAL A 19 -7.60 -6.44 4.63
C VAL A 19 -8.68 -5.96 3.66
N ASP A 20 -9.16 -6.89 2.84
CA ASP A 20 -10.20 -6.56 1.88
C ASP A 20 -10.03 -5.11 1.42
N CYS A 21 -9.21 -4.93 0.39
CA CYS A 21 -8.96 -3.60 -0.14
C CYS A 21 -10.30 -2.92 -0.37
N GLY A 22 -11.28 -3.73 -0.77
CA GLY A 22 -12.61 -3.20 -1.03
C GLY A 22 -12.56 -1.93 -1.87
N TYR A 23 -12.02 -2.08 -3.07
CA TYR A 23 -11.90 -0.95 -3.98
C TYR A 23 -13.12 -0.85 -4.90
N PRO A 24 -13.51 0.41 -5.20
CA PRO A 24 -14.65 0.66 -6.06
C PRO A 24 -14.31 0.39 -7.53
N HIS A 25 -13.03 0.14 -7.76
CA HIS A 25 -12.56 -0.14 -9.11
C HIS A 25 -11.86 -1.51 -9.13
N VAL A 26 -12.07 -2.26 -8.07
CA VAL A 26 -11.47 -3.58 -7.96
C VAL A 26 -11.50 -4.26 -9.33
N THR A 27 -10.32 -4.72 -9.75
CA THR A 27 -10.19 -5.39 -11.03
C THR A 27 -8.84 -6.10 -11.12
N PRO A 28 -8.81 -7.15 -11.98
CA PRO A 28 -7.59 -7.93 -12.17
C PRO A 28 -6.58 -7.16 -13.04
N LYS A 29 -6.34 -5.92 -12.62
CA LYS A 29 -5.41 -5.07 -13.35
C LYS A 29 -5.36 -3.70 -12.69
N GLU A 30 -6.42 -3.38 -11.96
CA GLU A 30 -6.51 -2.11 -11.27
C GLU A 30 -6.04 -2.26 -9.82
N CYS A 31 -6.50 -3.32 -9.19
CA CYS A 31 -6.14 -3.58 -7.81
C CYS A 31 -4.61 -3.62 -7.70
N ASN A 32 -4.02 -4.44 -8.55
CA ASN A 32 -2.56 -4.58 -8.58
C ASN A 32 -1.94 -3.26 -9.04
N ASN A 33 -2.81 -2.33 -9.42
CA ASN A 33 -2.36 -1.04 -9.88
C ASN A 33 -2.49 -0.01 -8.75
N ARG A 34 -3.51 -0.23 -7.92
CA ARG A 34 -3.76 0.65 -6.80
C ARG A 34 -2.85 0.31 -5.63
N GLY A 35 -2.38 -0.94 -5.64
CA GLY A 35 -1.50 -1.40 -4.59
C GLY A 35 -2.13 -2.55 -3.80
N CYS A 36 -3.04 -3.26 -4.48
CA CYS A 36 -3.72 -4.38 -3.87
C CYS A 36 -3.38 -5.65 -4.65
N CYS A 37 -3.98 -6.75 -4.22
CA CYS A 37 -3.75 -8.03 -4.88
C CYS A 37 -5.10 -8.64 -5.23
N PHE A 38 -5.28 -8.88 -6.52
CA PHE A 38 -6.52 -9.46 -7.01
C PHE A 38 -6.46 -10.99 -6.99
N ASP A 39 -7.38 -11.58 -6.22
CA ASP A 39 -7.44 -13.02 -6.11
C ASP A 39 -8.35 -13.58 -7.21
N SER A 40 -9.64 -13.51 -6.94
CA SER A 40 -10.63 -14.02 -7.89
C SER A 40 -10.84 -15.52 -7.70
N ARG A 41 -9.92 -16.12 -6.96
CA ARG A 41 -9.98 -17.54 -6.69
C ARG A 41 -11.20 -17.87 -5.83
N ILE A 42 -11.44 -17.01 -4.85
CA ILE A 42 -12.57 -17.19 -3.95
C ILE A 42 -13.45 -15.95 -3.99
N PRO A 43 -14.65 -16.12 -4.60
CA PRO A 43 -15.60 -15.03 -4.72
C PRO A 43 -16.28 -14.75 -3.38
N GLY A 44 -15.96 -15.59 -2.40
CA GLY A 44 -16.54 -15.44 -1.07
C GLY A 44 -15.63 -14.59 -0.18
N VAL A 45 -14.45 -14.28 -0.69
CA VAL A 45 -13.49 -13.48 0.04
C VAL A 45 -13.15 -12.23 -0.76
N PRO A 46 -12.20 -11.43 -0.22
CA PRO A 46 -11.78 -10.20 -0.87
C PRO A 46 -10.88 -10.50 -2.07
N TRP A 47 -11.36 -10.13 -3.24
CA TRP A 47 -10.62 -10.36 -4.47
C TRP A 47 -9.75 -9.13 -4.72
N CYS A 48 -9.40 -8.46 -3.65
CA CYS A 48 -8.57 -7.27 -3.73
C CYS A 48 -8.14 -6.86 -2.32
N PHE A 49 -6.87 -7.06 -2.04
CA PHE A 49 -6.31 -6.72 -0.74
C PHE A 49 -4.86 -6.26 -0.86
N LYS A 50 -4.23 -6.11 0.30
CA LYS A 50 -2.85 -5.68 0.34
C LYS A 50 -1.99 -6.76 1.02
N PRO A 51 -1.81 -7.89 0.29
CA PRO A 51 -1.03 -9.00 0.81
C PRO A 51 0.47 -8.68 0.76
N LEU A 52 1.10 -9.17 -0.30
CA LEU A 52 2.52 -8.95 -0.48
C LEU A 52 2.74 -7.68 -1.32
N GLN A 53 1.83 -6.74 -1.15
CA GLN A 53 1.91 -5.49 -1.89
C GLN A 53 3.28 -4.84 -1.69
N GLU A 54 3.94 -5.24 -0.62
CA GLU A 54 5.25 -4.71 -0.30
C GLU A 54 6.08 -4.56 -1.58
N ALA A 55 5.74 -5.38 -2.56
CA ALA A 55 6.45 -5.35 -3.83
C ALA A 55 6.71 -3.90 -4.23
N GLU A 56 5.68 -3.29 -4.81
CA GLU A 56 5.79 -1.91 -5.26
C GLU A 56 4.91 -1.01 -4.38
N CYS A 57 4.62 -1.50 -3.18
CA CYS A 57 3.79 -0.76 -2.26
C CYS A 57 4.68 -0.27 -1.11
N THR A 58 5.41 -1.21 -0.53
CA THR A 58 6.30 -0.88 0.57
C THR A 58 7.32 0.19 0.14
N PHE A 59 7.63 0.17 -1.15
CA PHE A 59 8.57 1.13 -1.70
C PHE A 59 8.44 2.49 -1.02
N GLU B 1 21.37 -3.45 8.53
CA GLU B 1 19.95 -3.31 8.82
C GLU B 1 19.61 -1.84 9.06
N GLU B 2 19.60 -1.08 7.97
CA GLU B 2 19.29 0.34 8.05
C GLU B 2 17.78 0.57 7.94
N TYR B 3 17.07 0.20 8.99
CA TYR B 3 15.62 0.36 9.01
C TYR B 3 15.22 1.72 9.58
N VAL B 4 15.63 2.76 8.88
CA VAL B 4 15.33 4.12 9.30
C VAL B 4 14.54 4.82 8.20
N GLY B 5 15.08 4.76 6.99
CA GLY B 5 14.44 5.39 5.85
C GLY B 5 13.18 4.62 5.43
N LEU B 6 12.88 3.58 6.20
CA LEU B 6 11.71 2.76 5.93
C LEU B 6 10.87 2.64 7.20
N SER B 7 11.31 3.34 8.23
CA SER B 7 10.61 3.32 9.50
C SER B 7 9.30 4.12 9.38
N ALA B 8 8.59 4.20 10.50
CA ALA B 8 7.34 4.93 10.54
C ALA B 8 7.61 6.43 10.49
N ASN B 9 8.89 6.77 10.52
CA ASN B 9 9.31 8.16 10.48
C ASN B 9 9.73 8.52 9.06
N GLN B 10 9.75 7.50 8.21
CA GLN B 10 10.13 7.70 6.82
C GLN B 10 9.11 8.58 6.11
N CYS B 11 7.84 8.33 6.41
CA CYS B 11 6.76 9.11 5.82
C CYS B 11 6.91 10.57 6.25
N ALA B 12 7.84 10.79 7.17
CA ALA B 12 8.08 12.12 7.69
C ALA B 12 9.32 12.70 7.00
N VAL B 13 9.69 12.07 5.89
CA VAL B 13 10.84 12.52 5.13
C VAL B 13 10.87 14.05 5.08
N PRO B 14 12.06 14.60 4.74
CA PRO B 14 12.22 16.04 4.65
C PRO B 14 11.56 16.59 3.38
N ALA B 15 10.53 15.89 2.95
CA ALA B 15 9.80 16.30 1.76
C ALA B 15 10.79 16.58 0.63
N LYS B 16 11.35 15.50 0.10
CA LYS B 16 12.32 15.61 -0.98
C LYS B 16 13.08 14.30 -1.11
N ASP B 17 12.33 13.22 -1.14
CA ASP B 17 12.91 11.89 -1.26
C ASP B 17 11.83 10.89 -1.67
N ARG B 18 10.60 11.22 -1.31
CA ARG B 18 9.47 10.36 -1.61
C ARG B 18 9.51 9.94 -3.09
N VAL B 19 8.52 9.14 -3.47
CA VAL B 19 8.44 8.66 -4.84
C VAL B 19 7.19 9.26 -5.50
N ASP B 20 6.69 10.33 -4.90
CA ASP B 20 5.50 10.99 -5.42
C ASP B 20 4.57 9.95 -6.03
N CYS B 21 3.66 9.45 -5.20
CA CYS B 21 2.71 8.46 -5.65
C CYS B 21 1.94 9.02 -6.84
N GLY B 22 1.75 10.33 -6.82
CA GLY B 22 1.04 11.01 -7.89
C GLY B 22 -0.34 10.37 -8.12
N TYR B 23 -1.13 10.35 -7.06
CA TYR B 23 -2.46 9.78 -7.12
C TYR B 23 -3.49 10.84 -7.53
N PRO B 24 -4.41 10.42 -8.44
CA PRO B 24 -5.44 11.32 -8.92
C PRO B 24 -6.53 11.51 -7.86
N HIS B 25 -6.42 10.74 -6.79
CA HIS B 25 -7.38 10.81 -5.71
C HIS B 25 -6.65 11.14 -4.40
N VAL B 26 -5.47 11.71 -4.55
CA VAL B 26 -4.67 12.09 -3.39
C VAL B 26 -5.58 12.68 -2.31
N THR B 27 -5.54 12.07 -1.14
CA THR B 27 -6.35 12.52 -0.03
C THR B 27 -5.90 11.85 1.27
N PRO B 28 -6.11 12.58 2.40
CA PRO B 28 -5.73 12.06 3.70
C PRO B 28 -6.72 10.98 4.17
N LYS B 29 -6.97 10.03 3.28
CA LYS B 29 -7.88 8.95 3.59
C LYS B 29 -7.91 7.96 2.43
N GLU B 30 -7.53 8.46 1.26
CA GLU B 30 -7.51 7.64 0.07
C GLU B 30 -6.10 7.10 -0.18
N CYS B 31 -5.13 7.98 -0.02
CA CYS B 31 -3.74 7.60 -0.21
C CYS B 31 -3.39 6.51 0.80
N ASN B 32 -3.60 6.83 2.06
CA ASN B 32 -3.31 5.89 3.14
C ASN B 32 -4.22 4.68 3.00
N ASN B 33 -5.16 4.77 2.06
CA ASN B 33 -6.09 3.69 1.81
C ASN B 33 -5.66 2.91 0.58
N ARG B 34 -5.00 3.62 -0.33
CA ARG B 34 -4.51 3.01 -1.56
C ARG B 34 -3.14 2.36 -1.33
N GLY B 35 -2.39 2.96 -0.42
CA GLY B 35 -1.07 2.46 -0.10
C GLY B 35 -0.02 3.57 -0.21
N CYS B 36 -0.49 4.80 -0.09
CA CYS B 36 0.39 5.95 -0.16
C CYS B 36 0.29 6.73 1.16
N CYS B 37 1.12 7.74 1.27
CA CYS B 37 1.15 8.56 2.47
C CYS B 37 0.87 10.02 2.06
N PHE B 38 -0.12 10.60 2.71
CA PHE B 38 -0.49 11.97 2.43
C PHE B 38 0.22 12.94 3.37
N ASP B 39 0.92 13.89 2.78
CA ASP B 39 1.65 14.88 3.55
C ASP B 39 0.75 16.07 3.84
N SER B 40 0.63 16.94 2.84
CA SER B 40 -0.20 18.13 2.96
C SER B 40 0.61 19.27 3.58
N ARG B 41 1.73 18.90 4.18
CA ARG B 41 2.60 19.88 4.81
C ARG B 41 3.10 20.89 3.78
N ILE B 42 3.78 20.37 2.76
CA ILE B 42 4.31 21.21 1.71
C ILE B 42 3.53 20.97 0.42
N PRO B 43 3.00 22.09 -0.15
CA PRO B 43 2.24 22.00 -1.38
C PRO B 43 3.15 21.78 -2.59
N GLY B 44 4.43 21.99 -2.36
CA GLY B 44 5.42 21.81 -3.41
C GLY B 44 5.94 20.38 -3.44
N VAL B 45 5.59 19.63 -2.41
CA VAL B 45 6.01 18.25 -2.29
C VAL B 45 4.83 17.33 -2.60
N PRO B 46 5.13 16.01 -2.74
CA PRO B 46 4.11 15.03 -3.02
C PRO B 46 3.28 14.73 -1.77
N TRP B 47 2.01 15.10 -1.85
CA TRP B 47 1.10 14.88 -0.74
C TRP B 47 0.50 13.47 -0.88
N CYS B 48 1.29 12.60 -1.50
CA CYS B 48 0.86 11.23 -1.70
C CYS B 48 2.04 10.43 -2.25
N PHE B 49 2.69 9.71 -1.34
CA PHE B 49 3.83 8.89 -1.72
C PHE B 49 3.74 7.49 -1.11
N LYS B 50 4.86 6.78 -1.16
CA LYS B 50 4.92 5.44 -0.63
C LYS B 50 6.07 5.34 0.38
N PRO B 51 5.92 6.09 1.50
CA PRO B 51 6.95 6.10 2.54
C PRO B 51 6.91 4.82 3.35
N LEU B 52 6.28 4.91 4.52
CA LEU B 52 6.17 3.77 5.40
C LEU B 52 4.81 3.09 5.19
N GLN B 53 4.41 3.02 3.93
CA GLN B 53 3.14 2.41 3.58
C GLN B 53 2.92 1.12 4.40
N GLU B 54 4.02 0.57 4.87
CA GLU B 54 3.96 -0.64 5.67
C GLU B 54 2.74 -0.63 6.58
N ALA B 55 2.34 0.58 6.96
CA ALA B 55 1.19 0.76 7.83
C ALA B 55 0.19 -0.38 7.58
N GLU B 56 -0.28 -0.46 6.35
CA GLU B 56 -1.22 -1.50 5.97
C GLU B 56 -1.05 -1.87 4.50
N CYS B 57 0.13 -1.58 3.99
CA CYS B 57 0.44 -1.88 2.60
C CYS B 57 1.23 -3.19 2.55
N THR B 58 2.31 -3.22 3.31
CA THR B 58 3.16 -4.40 3.36
C THR B 58 2.44 -5.54 4.10
N PHE B 59 1.72 -5.15 5.15
CA PHE B 59 0.99 -6.13 5.96
C PHE B 59 0.49 -7.29 5.09
N GLU A 1 8.95 -11.67 13.51
CA GLU A 1 9.65 -10.52 12.97
C GLU A 1 10.11 -10.80 11.54
N GLU A 2 9.96 -12.06 11.14
CA GLU A 2 10.36 -12.47 9.80
C GLU A 2 9.19 -12.31 8.82
N TYR A 3 9.01 -11.08 8.37
CA TYR A 3 7.94 -10.78 7.43
C TYR A 3 7.61 -12.00 6.56
N VAL A 4 6.70 -12.82 7.07
CA VAL A 4 6.28 -14.02 6.36
C VAL A 4 4.85 -13.83 5.85
N GLY A 5 3.98 -13.43 6.77
CA GLY A 5 2.58 -13.22 6.43
C GLY A 5 2.41 -11.92 5.64
N LEU A 6 3.53 -11.36 5.23
CA LEU A 6 3.50 -10.11 4.47
C LEU A 6 4.50 -10.22 3.31
N SER A 7 5.01 -11.42 3.11
CA SER A 7 5.97 -11.66 2.05
C SER A 7 5.25 -11.69 0.70
N ALA A 8 5.99 -12.11 -0.32
CA ALA A 8 5.45 -12.19 -1.66
C ALA A 8 4.40 -13.30 -1.71
N ASN A 9 4.55 -14.25 -0.81
CA ASN A 9 3.63 -15.38 -0.74
C ASN A 9 2.45 -15.01 0.17
N GLN A 10 2.55 -13.84 0.78
CA GLN A 10 1.51 -13.36 1.66
C GLN A 10 0.21 -13.14 0.88
N CYS A 11 0.37 -12.64 -0.33
CA CYS A 11 -0.78 -12.38 -1.19
C CYS A 11 -1.41 -13.72 -1.56
N ALA A 12 -0.73 -14.78 -1.17
CA ALA A 12 -1.21 -16.13 -1.46
C ALA A 12 -1.88 -16.71 -0.21
N VAL A 13 -2.28 -15.81 0.67
CA VAL A 13 -2.93 -16.22 1.90
C VAL A 13 -3.92 -17.36 1.61
N PRO A 14 -4.38 -18.02 2.70
CA PRO A 14 -5.33 -19.12 2.57
C PRO A 14 -6.72 -18.61 2.23
N ALA A 15 -6.82 -17.30 2.07
CA ALA A 15 -8.09 -16.67 1.75
C ALA A 15 -8.87 -16.40 3.04
N LYS A 16 -8.20 -15.73 3.97
CA LYS A 16 -8.81 -15.41 5.24
C LYS A 16 -7.76 -14.76 6.16
N ASP A 17 -7.03 -13.82 5.58
CA ASP A 17 -5.99 -13.12 6.32
C ASP A 17 -5.74 -11.76 5.68
N ARG A 18 -6.63 -11.40 4.76
CA ARG A 18 -6.52 -10.12 4.08
C ARG A 18 -7.32 -9.04 4.81
N VAL A 19 -7.32 -7.86 4.22
CA VAL A 19 -8.05 -6.74 4.81
C VAL A 19 -9.13 -6.27 3.85
N ASP A 20 -9.53 -7.18 2.96
CA ASP A 20 -10.56 -6.88 1.98
C ASP A 20 -10.46 -5.40 1.59
N CYS A 21 -9.68 -5.14 0.55
CA CYS A 21 -9.50 -3.79 0.07
C CYS A 21 -10.88 -3.18 -0.18
N GLY A 22 -11.80 -4.03 -0.62
CA GLY A 22 -13.16 -3.58 -0.90
C GLY A 22 -13.17 -2.47 -1.94
N TYR A 23 -12.54 -2.76 -3.07
CA TYR A 23 -12.46 -1.78 -4.16
C TYR A 23 -13.65 -1.94 -5.11
N PRO A 24 -14.21 -0.77 -5.53
CA PRO A 24 -15.33 -0.76 -6.45
C PRO A 24 -14.90 -1.11 -7.86
N HIS A 25 -13.59 -1.23 -8.04
CA HIS A 25 -13.03 -1.57 -9.34
C HIS A 25 -12.07 -2.75 -9.19
N VAL A 26 -12.43 -3.66 -8.29
CA VAL A 26 -11.61 -4.83 -8.05
C VAL A 26 -11.41 -5.59 -9.37
N THR A 27 -10.14 -5.76 -9.72
CA THR A 27 -9.80 -6.44 -10.95
C THR A 27 -8.31 -6.80 -10.96
N PRO A 28 -7.98 -7.90 -11.70
CA PRO A 28 -6.60 -8.34 -11.80
C PRO A 28 -5.80 -7.44 -12.73
N LYS A 29 -5.82 -6.15 -12.43
CA LYS A 29 -5.10 -5.18 -13.22
C LYS A 29 -5.32 -3.78 -12.63
N GLU A 30 -6.44 -3.63 -11.95
CA GLU A 30 -6.77 -2.36 -11.33
C GLU A 30 -6.32 -2.35 -9.86
N CYS A 31 -6.61 -3.44 -9.18
CA CYS A 31 -6.23 -3.56 -7.78
C CYS A 31 -4.72 -3.54 -7.68
N ASN A 32 -4.09 -4.49 -8.38
CA ASN A 32 -2.65 -4.59 -8.38
C ASN A 32 -2.05 -3.30 -8.94
N ASN A 33 -2.93 -2.44 -9.44
CA ASN A 33 -2.50 -1.17 -10.00
C ASN A 33 -2.85 -0.04 -9.03
N ARG A 34 -3.88 -0.29 -8.22
CA ARG A 34 -4.32 0.70 -7.25
C ARG A 34 -3.56 0.52 -5.94
N GLY A 35 -3.09 -0.70 -5.72
CA GLY A 35 -2.34 -1.01 -4.51
C GLY A 35 -2.98 -2.18 -3.75
N CYS A 36 -3.79 -2.94 -4.48
CA CYS A 36 -4.46 -4.08 -3.89
C CYS A 36 -4.04 -5.34 -4.65
N CYS A 37 -4.37 -6.48 -4.07
CA CYS A 37 -4.03 -7.76 -4.70
C CYS A 37 -5.33 -8.47 -5.07
N PHE A 38 -5.42 -8.85 -6.33
CA PHE A 38 -6.59 -9.53 -6.84
C PHE A 38 -6.43 -11.05 -6.75
N ASP A 39 -7.33 -11.67 -6.00
CA ASP A 39 -7.29 -13.12 -5.82
C ASP A 39 -8.09 -13.78 -6.95
N SER A 40 -9.40 -13.81 -6.76
CA SER A 40 -10.28 -14.42 -7.75
C SER A 40 -10.43 -15.91 -7.47
N ARG A 41 -9.51 -16.43 -6.67
CA ARG A 41 -9.54 -17.84 -6.31
C ARG A 41 -10.89 -18.21 -5.70
N ILE A 42 -11.20 -17.55 -4.59
CA ILE A 42 -12.46 -17.80 -3.91
C ILE A 42 -13.36 -16.57 -4.05
N PRO A 43 -14.63 -16.84 -4.49
CA PRO A 43 -15.59 -15.77 -4.67
C PRO A 43 -16.13 -15.28 -3.32
N GLY A 44 -15.87 -16.07 -2.30
CA GLY A 44 -16.33 -15.74 -0.96
C GLY A 44 -15.26 -14.93 -0.21
N VAL A 45 -14.09 -14.82 -0.84
CA VAL A 45 -13.00 -14.09 -0.24
C VAL A 45 -12.82 -12.76 -0.99
N PRO A 46 -11.98 -11.87 -0.39
CA PRO A 46 -11.72 -10.57 -0.99
C PRO A 46 -10.79 -10.70 -2.19
N TRP A 47 -11.33 -10.40 -3.36
CA TRP A 47 -10.55 -10.48 -4.59
C TRP A 47 -9.82 -9.15 -4.77
N CYS A 48 -9.54 -8.51 -3.65
CA CYS A 48 -8.85 -7.23 -3.67
C CYS A 48 -8.48 -6.86 -2.23
N PHE A 49 -7.20 -7.04 -1.90
CA PHE A 49 -6.72 -6.73 -0.58
C PHE A 49 -5.33 -6.08 -0.64
N LYS A 50 -4.72 -5.95 0.53
CA LYS A 50 -3.40 -5.36 0.62
C LYS A 50 -2.43 -6.35 1.27
N PRO A 51 -2.14 -7.45 0.50
CA PRO A 51 -1.24 -8.48 0.98
C PRO A 51 0.21 -8.00 0.92
N LEU A 52 0.91 -8.45 -0.11
CA LEU A 52 2.30 -8.09 -0.29
C LEU A 52 2.38 -6.86 -1.20
N GLN A 53 1.40 -5.99 -1.06
CA GLN A 53 1.35 -4.78 -1.86
C GLN A 53 2.67 -4.01 -1.74
N GLU A 54 3.41 -4.32 -0.68
CA GLU A 54 4.68 -3.67 -0.44
C GLU A 54 5.47 -3.55 -1.75
N ALA A 55 5.17 -4.46 -2.66
CA ALA A 55 5.85 -4.46 -3.96
C ALA A 55 5.98 -3.03 -4.46
N GLU A 56 4.85 -2.48 -4.90
CA GLU A 56 4.83 -1.12 -5.41
C GLU A 56 3.86 -0.27 -4.59
N CYS A 57 3.68 -0.67 -3.34
CA CYS A 57 2.78 0.04 -2.45
C CYS A 57 3.63 0.87 -1.48
N THR A 58 4.35 0.15 -0.62
CA THR A 58 5.20 0.80 0.36
C THR A 58 6.53 1.22 -0.29
N PHE A 59 6.88 0.52 -1.34
CA PHE A 59 8.11 0.81 -2.06
C PHE A 59 8.39 2.32 -2.08
N GLU B 1 16.98 -5.84 6.15
CA GLU B 1 17.70 -5.71 7.41
C GLU B 1 17.56 -4.29 7.95
N GLU B 2 17.95 -3.33 7.11
CA GLU B 2 17.88 -1.93 7.49
C GLU B 2 16.51 -1.34 7.11
N TYR B 3 15.50 -1.72 7.87
CA TYR B 3 14.16 -1.24 7.63
C TYR B 3 13.89 0.07 8.38
N VAL B 4 14.60 1.10 7.95
CA VAL B 4 14.46 2.41 8.56
C VAL B 4 13.93 3.40 7.53
N GLY B 5 14.64 3.48 6.41
CA GLY B 5 14.24 4.38 5.34
C GLY B 5 13.02 3.85 4.59
N LEU B 6 12.36 2.89 5.22
CA LEU B 6 11.18 2.29 4.63
C LEU B 6 10.21 1.86 5.74
N SER B 7 10.51 2.31 6.94
CA SER B 7 9.69 1.99 8.09
C SER B 7 9.03 3.26 8.64
N ALA B 8 8.46 3.13 9.83
CA ALA B 8 7.80 4.25 10.47
C ALA B 8 8.77 5.43 10.56
N ASN B 9 8.22 6.61 10.42
CA ASN B 9 9.02 7.83 10.48
C ASN B 9 9.43 8.25 9.07
N GLN B 10 9.46 7.25 8.19
CA GLN B 10 9.82 7.50 6.80
C GLN B 10 8.85 8.49 6.16
N CYS B 11 7.58 8.32 6.49
CA CYS B 11 6.55 9.19 5.95
C CYS B 11 6.84 10.62 6.41
N ALA B 12 7.82 10.74 7.29
CA ALA B 12 8.21 12.03 7.82
C ALA B 12 9.45 12.53 7.07
N VAL B 13 9.64 11.99 5.87
CA VAL B 13 10.78 12.36 5.05
C VAL B 13 11.00 13.88 5.15
N PRO B 14 12.17 14.32 4.62
CA PRO B 14 12.51 15.73 4.63
C PRO B 14 11.70 16.51 3.59
N ALA B 15 10.80 15.78 2.93
CA ALA B 15 9.96 16.38 1.90
C ALA B 15 10.75 16.47 0.60
N LYS B 16 11.44 15.38 0.28
CA LYS B 16 12.23 15.33 -0.93
C LYS B 16 12.98 14.00 -0.98
N ASP B 17 12.29 12.95 -0.57
CA ASP B 17 12.89 11.61 -0.56
C ASP B 17 11.80 10.58 -0.86
N ARG B 18 10.65 11.08 -1.29
CA ARG B 18 9.53 10.21 -1.61
C ARG B 18 9.59 9.80 -3.08
N VAL B 19 8.55 9.09 -3.50
CA VAL B 19 8.46 8.63 -4.88
C VAL B 19 7.25 9.27 -5.55
N ASP B 20 6.78 10.36 -4.95
CA ASP B 20 5.63 11.07 -5.48
C ASP B 20 4.66 10.07 -6.09
N CYS B 21 3.75 9.60 -5.24
CA CYS B 21 2.75 8.64 -5.67
C CYS B 21 2.06 9.19 -6.92
N GLY B 22 1.94 10.51 -6.96
CA GLY B 22 1.31 11.17 -8.08
C GLY B 22 -0.11 10.63 -8.32
N TYR B 23 -0.90 10.68 -7.26
CA TYR B 23 -2.27 10.20 -7.32
C TYR B 23 -3.22 11.33 -7.75
N PRO B 24 -4.21 10.95 -8.60
CA PRO B 24 -5.19 11.91 -9.09
C PRO B 24 -6.20 12.27 -8.00
N HIS B 25 -6.14 11.52 -6.91
CA HIS B 25 -7.04 11.74 -5.80
C HIS B 25 -6.23 11.90 -4.50
N VAL B 26 -5.08 12.54 -4.63
CA VAL B 26 -4.21 12.75 -3.49
C VAL B 26 -4.99 13.48 -2.38
N THR B 27 -5.11 12.80 -1.26
CA THR B 27 -5.84 13.37 -0.12
C THR B 27 -5.55 12.55 1.14
N PRO B 28 -5.69 13.24 2.31
CA PRO B 28 -5.45 12.60 3.59
C PRO B 28 -6.60 11.67 3.96
N LYS B 29 -6.94 10.80 3.02
CA LYS B 29 -8.02 9.84 3.24
C LYS B 29 -8.08 8.87 2.05
N GLU B 30 -7.59 9.36 0.91
CA GLU B 30 -7.58 8.55 -0.29
C GLU B 30 -6.22 7.88 -0.48
N CYS B 31 -5.17 8.66 -0.26
CA CYS B 31 -3.82 8.17 -0.40
C CYS B 31 -3.58 7.10 0.67
N ASN B 32 -3.86 7.50 1.91
CA ASN B 32 -3.68 6.59 3.03
C ASN B 32 -4.66 5.43 2.90
N ASN B 33 -5.51 5.53 1.90
CA ASN B 33 -6.51 4.50 1.66
C ASN B 33 -6.09 3.67 0.45
N ARG B 34 -5.37 4.31 -0.45
CA ARG B 34 -4.90 3.65 -1.66
C ARG B 34 -3.56 2.94 -1.39
N GLY B 35 -2.79 3.55 -0.50
CA GLY B 35 -1.49 2.99 -0.16
C GLY B 35 -0.40 4.06 -0.27
N CYS B 36 -0.81 5.31 -0.15
CA CYS B 36 0.12 6.42 -0.23
C CYS B 36 0.04 7.21 1.07
N CYS B 37 1.02 8.09 1.25
CA CYS B 37 1.07 8.93 2.45
C CYS B 37 0.86 10.38 2.02
N PHE B 38 -0.07 11.04 2.69
CA PHE B 38 -0.37 12.42 2.39
C PHE B 38 0.39 13.36 3.33
N ASP B 39 1.26 14.16 2.74
CA ASP B 39 2.06 15.09 3.51
C ASP B 39 1.19 16.28 3.93
N SER B 40 1.05 17.23 3.00
CA SER B 40 0.24 18.40 3.26
C SER B 40 1.10 19.48 3.94
N ARG B 41 2.16 19.03 4.59
CA ARG B 41 3.05 19.94 5.27
C ARG B 41 3.76 20.85 4.27
N ILE B 42 4.27 20.22 3.22
CA ILE B 42 4.97 20.96 2.18
C ILE B 42 4.20 20.85 0.86
N PRO B 43 3.61 22.00 0.44
CA PRO B 43 2.85 22.04 -0.79
C PRO B 43 3.77 22.02 -2.02
N GLY B 44 5.06 22.11 -1.75
CA GLY B 44 6.05 22.10 -2.81
C GLY B 44 6.58 20.68 -3.05
N VAL B 45 6.08 19.75 -2.24
CA VAL B 45 6.49 18.36 -2.37
C VAL B 45 5.27 17.50 -2.67
N PRO B 46 5.52 16.17 -2.81
CA PRO B 46 4.45 15.22 -3.10
C PRO B 46 3.59 14.97 -1.86
N TRP B 47 2.32 15.33 -1.97
CA TRP B 47 1.38 15.15 -0.88
C TRP B 47 0.76 13.76 -1.01
N CYS B 48 1.53 12.86 -1.61
CA CYS B 48 1.07 11.50 -1.81
C CYS B 48 2.25 10.66 -2.29
N PHE B 49 2.76 9.83 -1.39
CA PHE B 49 3.87 8.96 -1.70
C PHE B 49 3.75 7.61 -1.01
N LYS B 50 4.81 6.83 -1.09
CA LYS B 50 4.83 5.51 -0.47
C LYS B 50 6.00 5.43 0.52
N PRO B 51 5.86 6.17 1.65
CA PRO B 51 6.88 6.19 2.68
C PRO B 51 6.86 4.88 3.49
N LEU B 52 6.21 4.95 4.63
CA LEU B 52 6.11 3.79 5.50
C LEU B 52 4.70 3.20 5.40
N GLN B 53 4.22 3.09 4.18
CA GLN B 53 2.90 2.55 3.94
C GLN B 53 2.77 1.17 4.58
N GLU B 54 3.91 0.60 4.93
CA GLU B 54 3.94 -0.72 5.55
C GLU B 54 2.90 -0.79 6.68
N ALA B 55 2.51 0.38 7.15
CA ALA B 55 1.53 0.46 8.23
C ALA B 55 0.52 -0.69 8.08
N GLU B 56 -0.25 -0.62 7.00
CA GLU B 56 -1.26 -1.63 6.73
C GLU B 56 -1.29 -1.96 5.24
N CYS B 57 -0.24 -1.53 4.55
CA CYS B 57 -0.14 -1.77 3.12
C CYS B 57 0.64 -3.07 2.91
N THR B 58 1.86 -3.07 3.41
CA THR B 58 2.72 -4.24 3.27
C THR B 58 2.08 -5.45 3.97
N PHE B 59 1.37 -5.16 5.05
CA PHE B 59 0.71 -6.20 5.81
C PHE B 59 0.25 -7.34 4.91
N GLU A 1 3.35 -15.91 11.40
CA GLU A 1 4.00 -15.65 12.68
C GLU A 1 4.83 -14.37 12.59
N GLU A 2 6.05 -14.52 12.10
CA GLU A 2 6.96 -13.40 11.96
C GLU A 2 6.79 -12.75 10.58
N TYR A 3 7.83 -12.85 9.79
CA TYR A 3 7.82 -12.27 8.45
C TYR A 3 7.31 -13.29 7.42
N VAL A 4 6.09 -13.76 7.66
CA VAL A 4 5.48 -14.73 6.77
C VAL A 4 4.20 -14.14 6.17
N GLY A 5 3.40 -13.55 7.04
CA GLY A 5 2.14 -12.95 6.61
C GLY A 5 2.40 -11.66 5.83
N LEU A 6 3.68 -11.35 5.66
CA LEU A 6 4.07 -10.15 4.93
C LEU A 6 5.04 -10.53 3.82
N SER A 7 5.30 -11.83 3.72
CA SER A 7 6.21 -12.33 2.70
C SER A 7 5.54 -12.27 1.33
N ALA A 8 6.29 -12.69 0.32
CA ALA A 8 5.78 -12.70 -1.04
C ALA A 8 4.75 -13.82 -1.19
N ASN A 9 4.62 -14.61 -0.14
CA ASN A 9 3.68 -15.71 -0.14
C ASN A 9 2.43 -15.31 0.64
N GLN A 10 2.47 -14.10 1.18
CA GLN A 10 1.35 -13.59 1.96
C GLN A 10 0.13 -13.39 1.06
N CYS A 11 0.39 -12.91 -0.15
CA CYS A 11 -0.67 -12.67 -1.11
C CYS A 11 -1.33 -14.02 -1.45
N ALA A 12 -0.69 -15.08 -0.97
CA ALA A 12 -1.21 -16.42 -1.21
C ALA A 12 -1.85 -16.96 0.08
N VAL A 13 -2.14 -16.04 0.98
CA VAL A 13 -2.75 -16.39 2.24
C VAL A 13 -3.85 -17.44 2.00
N PRO A 14 -4.33 -18.05 3.12
CA PRO A 14 -5.36 -19.06 3.04
C PRO A 14 -6.73 -18.42 2.76
N ALA A 15 -6.69 -17.27 2.12
CA ALA A 15 -7.91 -16.55 1.79
C ALA A 15 -8.77 -16.43 3.04
N LYS A 16 -8.32 -15.58 3.95
CA LYS A 16 -9.05 -15.36 5.19
C LYS A 16 -8.13 -14.66 6.20
N ASP A 17 -7.39 -13.69 5.69
CA ASP A 17 -6.47 -12.94 6.53
C ASP A 17 -6.06 -11.65 5.81
N ARG A 18 -6.83 -11.32 4.78
CA ARG A 18 -6.55 -10.12 4.01
C ARG A 18 -7.33 -8.93 4.58
N VAL A 19 -7.02 -7.76 4.04
CA VAL A 19 -7.68 -6.54 4.49
C VAL A 19 -8.80 -6.17 3.52
N ASP A 20 -9.17 -7.16 2.71
CA ASP A 20 -10.23 -6.96 1.73
C ASP A 20 -10.17 -5.52 1.22
N CYS A 21 -9.33 -5.32 0.21
CA CYS A 21 -9.17 -4.00 -0.38
C CYS A 21 -10.55 -3.42 -0.64
N GLY A 22 -11.46 -4.29 -1.07
CA GLY A 22 -12.83 -3.87 -1.36
C GLY A 22 -12.85 -2.54 -2.11
N TYR A 23 -12.19 -2.54 -3.25
CA TYR A 23 -12.12 -1.33 -4.08
C TYR A 23 -13.27 -1.30 -5.09
N PRO A 24 -13.73 -0.05 -5.40
CA PRO A 24 -14.82 0.13 -6.34
C PRO A 24 -14.34 -0.08 -7.77
N HIS A 25 -13.05 -0.33 -7.90
CA HIS A 25 -12.45 -0.55 -9.21
C HIS A 25 -11.68 -1.88 -9.21
N VAL A 26 -11.95 -2.67 -8.17
CA VAL A 26 -11.29 -3.96 -8.04
C VAL A 26 -11.30 -4.68 -9.39
N THR A 27 -10.12 -5.12 -9.80
CA THR A 27 -9.98 -5.82 -11.07
C THR A 27 -8.63 -6.52 -11.14
N PRO A 28 -8.59 -7.61 -11.96
CA PRO A 28 -7.36 -8.38 -12.13
C PRO A 28 -6.36 -7.63 -13.02
N LYS A 29 -6.11 -6.38 -12.66
CA LYS A 29 -5.19 -5.56 -13.42
C LYS A 29 -5.17 -4.14 -12.82
N GLU A 30 -6.24 -3.82 -12.11
CA GLU A 30 -6.35 -2.51 -11.49
C GLU A 30 -5.90 -2.58 -10.03
N CYS A 31 -6.34 -3.62 -9.35
CA CYS A 31 -5.98 -3.81 -7.96
C CYS A 31 -4.46 -3.81 -7.85
N ASN A 32 -3.84 -4.66 -8.63
CA ASN A 32 -2.38 -4.76 -8.64
C ASN A 32 -1.79 -3.46 -9.17
N ASN A 33 -2.68 -2.56 -9.58
CA ASN A 33 -2.25 -1.27 -10.11
C ASN A 33 -2.48 -0.19 -9.05
N ARG A 34 -3.48 -0.43 -8.22
CA ARG A 34 -3.82 0.51 -7.17
C ARG A 34 -2.95 0.27 -5.94
N GLY A 35 -2.49 -0.97 -5.81
CA GLY A 35 -1.65 -1.34 -4.69
C GLY A 35 -2.27 -2.49 -3.88
N CYS A 36 -3.09 -3.28 -4.58
CA CYS A 36 -3.75 -4.41 -3.95
C CYS A 36 -3.32 -5.68 -4.68
N CYS A 37 -3.84 -6.81 -4.21
CA CYS A 37 -3.51 -8.09 -4.81
C CYS A 37 -4.83 -8.79 -5.17
N PHE A 38 -4.96 -9.11 -6.45
CA PHE A 38 -6.15 -9.78 -6.93
C PHE A 38 -6.01 -11.31 -6.82
N ASP A 39 -6.95 -11.90 -6.11
CA ASP A 39 -6.94 -13.34 -5.92
C ASP A 39 -7.76 -14.01 -7.03
N SER A 40 -9.07 -14.01 -6.85
CA SER A 40 -9.97 -14.60 -7.82
C SER A 40 -10.12 -16.10 -7.55
N ARG A 41 -9.22 -16.61 -6.71
CA ARG A 41 -9.25 -18.03 -6.37
C ARG A 41 -10.51 -18.36 -5.58
N ILE A 42 -10.84 -17.47 -4.65
CA ILE A 42 -12.03 -17.66 -3.82
C ILE A 42 -12.96 -16.46 -4.00
N PRO A 43 -14.13 -16.73 -4.63
CA PRO A 43 -15.11 -15.69 -4.86
C PRO A 43 -15.85 -15.33 -3.57
N GLY A 44 -15.56 -16.10 -2.53
CA GLY A 44 -16.18 -15.87 -1.24
C GLY A 44 -15.31 -15.00 -0.33
N VAL A 45 -14.12 -14.70 -0.85
CA VAL A 45 -13.18 -13.87 -0.11
C VAL A 45 -12.86 -12.62 -0.92
N PRO A 46 -11.94 -11.78 -0.35
CA PRO A 46 -11.54 -10.56 -1.02
C PRO A 46 -10.60 -10.85 -2.19
N TRP A 47 -11.07 -10.52 -3.38
CA TRP A 47 -10.28 -10.75 -4.59
C TRP A 47 -9.45 -9.49 -4.84
N CYS A 48 -9.14 -8.79 -3.77
CA CYS A 48 -8.36 -7.56 -3.87
C CYS A 48 -8.00 -7.10 -2.45
N PHE A 49 -6.74 -7.28 -2.11
CA PHE A 49 -6.25 -6.88 -0.79
C PHE A 49 -4.86 -6.28 -0.87
N LYS A 50 -4.25 -6.12 0.29
CA LYS A 50 -2.91 -5.54 0.36
C LYS A 50 -1.97 -6.54 1.05
N PRO A 51 -1.71 -7.66 0.33
CA PRO A 51 -0.83 -8.70 0.86
C PRO A 51 0.63 -8.26 0.79
N LEU A 52 1.32 -8.79 -0.21
CA LEU A 52 2.72 -8.46 -0.40
C LEU A 52 2.84 -7.20 -1.25
N GLN A 53 1.88 -6.31 -1.07
CA GLN A 53 1.86 -5.06 -1.81
C GLN A 53 3.15 -4.28 -1.57
N GLU A 54 3.83 -4.64 -0.49
CA GLU A 54 5.08 -3.99 -0.14
C GLU A 54 5.96 -3.82 -1.38
N ALA A 55 5.73 -4.68 -2.35
CA ALA A 55 6.48 -4.64 -3.59
C ALA A 55 6.71 -3.19 -4.00
N GLU A 56 5.61 -2.51 -4.29
CA GLU A 56 5.67 -1.11 -4.70
C GLU A 56 4.60 -0.30 -3.97
N CYS A 57 4.20 -0.81 -2.81
CA CYS A 57 3.19 -0.14 -2.00
C CYS A 57 3.89 0.54 -0.82
N THR A 58 4.59 -0.28 -0.04
CA THR A 58 5.30 0.24 1.12
C THR A 58 6.49 1.10 0.67
N PHE A 59 7.09 0.70 -0.43
CA PHE A 59 8.22 1.43 -0.96
C PHE A 59 8.09 2.93 -0.71
N GLU B 1 14.83 -6.58 8.33
CA GLU B 1 16.11 -6.16 8.86
C GLU B 1 16.41 -4.72 8.45
N GLU B 2 16.38 -4.48 7.15
CA GLU B 2 16.65 -3.15 6.61
C GLU B 2 15.34 -2.36 6.51
N TYR B 3 14.77 -2.07 7.66
CA TYR B 3 13.53 -1.32 7.71
C TYR B 3 13.80 0.18 7.83
N VAL B 4 14.08 0.80 6.68
CA VAL B 4 14.35 2.23 6.65
C VAL B 4 13.51 2.87 5.55
N GLY B 5 13.78 2.47 4.32
CA GLY B 5 13.07 3.01 3.18
C GLY B 5 11.60 2.55 3.19
N LEU B 6 11.24 1.88 4.28
CA LEU B 6 9.88 1.41 4.43
C LEU B 6 9.57 1.22 5.92
N SER B 7 10.25 2.01 6.74
CA SER B 7 10.06 1.94 8.18
C SER B 7 9.27 3.16 8.66
N ALA B 8 8.68 3.02 9.84
CA ALA B 8 7.89 4.09 10.41
C ALA B 8 8.78 5.32 10.61
N ASN B 9 8.80 6.17 9.61
CA ASN B 9 9.59 7.39 9.66
C ASN B 9 9.74 7.96 8.25
N GLN B 10 9.67 7.07 7.27
CA GLN B 10 9.79 7.48 5.88
C GLN B 10 8.66 8.42 5.50
N CYS B 11 7.52 8.23 6.18
CA CYS B 11 6.36 9.05 5.92
C CYS B 11 6.61 10.45 6.51
N ALA B 12 7.77 10.59 7.13
CA ALA B 12 8.15 11.85 7.75
C ALA B 12 9.40 12.39 7.06
N VAL B 13 9.76 11.75 5.96
CA VAL B 13 10.93 12.15 5.21
C VAL B 13 10.94 13.68 5.07
N PRO B 14 12.11 14.20 4.62
CA PRO B 14 12.27 15.64 4.44
C PRO B 14 11.54 16.13 3.19
N ALA B 15 10.49 15.40 2.85
CA ALA B 15 9.69 15.74 1.68
C ALA B 15 10.62 15.98 0.49
N LYS B 16 11.30 14.93 0.09
CA LYS B 16 12.22 15.01 -1.04
C LYS B 16 12.90 13.64 -1.23
N ASP B 17 12.12 12.60 -1.01
CA ASP B 17 12.63 11.25 -1.16
C ASP B 17 11.44 10.28 -1.31
N ARG B 18 10.29 10.85 -1.62
CA ARG B 18 9.08 10.05 -1.80
C ARG B 18 8.94 9.62 -3.26
N VAL B 19 7.98 8.73 -3.49
CA VAL B 19 7.73 8.23 -4.83
C VAL B 19 6.58 9.02 -5.45
N ASP B 20 6.32 10.18 -4.87
CA ASP B 20 5.25 11.04 -5.37
C ASP B 20 4.16 10.18 -5.99
N CYS B 21 3.29 9.65 -5.14
CA CYS B 21 2.20 8.82 -5.58
C CYS B 21 1.53 9.49 -6.78
N GLY B 22 1.44 10.82 -6.69
CA GLY B 22 0.82 11.59 -7.75
C GLY B 22 -0.58 11.09 -8.06
N TYR B 23 -1.42 11.12 -7.03
CA TYR B 23 -2.80 10.67 -7.18
C TYR B 23 -3.72 11.84 -7.56
N PRO B 24 -4.68 11.53 -8.47
CA PRO B 24 -5.62 12.54 -8.94
C PRO B 24 -6.68 12.83 -7.87
N HIS B 25 -6.59 12.07 -6.78
CA HIS B 25 -7.53 12.23 -5.68
C HIS B 25 -6.77 12.53 -4.39
N VAL B 26 -5.48 12.76 -4.55
CA VAL B 26 -4.63 13.05 -3.40
C VAL B 26 -5.42 13.85 -2.37
N THR B 27 -5.44 13.32 -1.15
CA THR B 27 -6.16 13.98 -0.07
C THR B 27 -5.80 13.34 1.27
N PRO B 28 -5.97 14.14 2.36
CA PRO B 28 -5.66 13.67 3.70
C PRO B 28 -6.75 12.70 4.19
N LYS B 29 -7.09 11.77 3.33
CA LYS B 29 -8.11 10.78 3.68
C LYS B 29 -8.28 9.81 2.51
N GLU B 30 -7.75 10.21 1.36
CA GLU B 30 -7.84 9.39 0.16
C GLU B 30 -6.52 8.65 -0.07
N CYS B 31 -5.43 9.39 0.09
CA CYS B 31 -4.11 8.82 -0.11
C CYS B 31 -3.94 7.64 0.86
N ASN B 32 -4.17 7.93 2.14
CA ASN B 32 -4.05 6.92 3.16
C ASN B 32 -5.09 5.83 2.92
N ASN B 33 -6.00 6.11 1.99
CA ASN B 33 -7.04 5.16 1.66
C ASN B 33 -6.64 4.38 0.40
N ARG B 34 -5.84 5.03 -0.42
CA ARG B 34 -5.37 4.41 -1.65
C ARG B 34 -4.10 3.59 -1.38
N GLY B 35 -3.39 3.98 -0.34
CA GLY B 35 -2.16 3.30 0.03
C GLY B 35 -0.96 4.25 -0.03
N CYS B 36 -1.26 5.54 0.09
CA CYS B 36 -0.22 6.55 0.04
C CYS B 36 -0.27 7.35 1.35
N CYS B 37 0.75 8.17 1.53
CA CYS B 37 0.83 9.00 2.73
C CYS B 37 0.69 10.45 2.32
N PHE B 38 -0.14 11.18 3.07
CA PHE B 38 -0.36 12.58 2.80
C PHE B 38 0.53 13.47 3.67
N ASP B 39 1.40 14.22 3.01
CA ASP B 39 2.31 15.10 3.71
C ASP B 39 1.55 16.35 4.17
N SER B 40 1.41 17.29 3.24
CA SER B 40 0.71 18.53 3.53
C SER B 40 1.67 19.55 4.15
N ARG B 41 2.74 19.02 4.73
CA ARG B 41 3.74 19.86 5.36
C ARG B 41 4.43 20.73 4.30
N ILE B 42 4.76 20.10 3.19
CA ILE B 42 5.41 20.81 2.10
C ILE B 42 4.54 20.73 0.84
N PRO B 43 3.91 21.90 0.52
CA PRO B 43 3.05 21.96 -0.65
C PRO B 43 3.87 22.02 -1.94
N GLY B 44 5.19 22.05 -1.76
CA GLY B 44 6.09 22.10 -2.90
C GLY B 44 6.55 20.70 -3.29
N VAL B 45 6.13 19.73 -2.49
CA VAL B 45 6.49 18.35 -2.74
C VAL B 45 5.22 17.50 -2.89
N PRO B 46 5.43 16.17 -3.04
CA PRO B 46 4.31 15.25 -3.19
C PRO B 46 3.60 15.03 -1.86
N TRP B 47 2.32 15.37 -1.84
CA TRP B 47 1.52 15.21 -0.64
C TRP B 47 0.78 13.87 -0.74
N CYS B 48 1.41 12.94 -1.43
CA CYS B 48 0.84 11.62 -1.61
C CYS B 48 1.92 10.68 -2.14
N PHE B 49 2.39 9.81 -1.24
CA PHE B 49 3.43 8.86 -1.60
C PHE B 49 3.24 7.54 -0.85
N LYS B 50 4.25 6.69 -0.96
CA LYS B 50 4.22 5.39 -0.30
C LYS B 50 5.42 5.28 0.65
N PRO B 51 5.37 6.07 1.75
CA PRO B 51 6.44 6.06 2.72
C PRO B 51 6.38 4.80 3.60
N LEU B 52 5.76 4.96 4.76
CA LEU B 52 5.61 3.85 5.69
C LEU B 52 4.23 3.22 5.52
N GLN B 53 3.76 3.21 4.28
CA GLN B 53 2.46 2.65 3.98
C GLN B 53 2.31 1.28 4.66
N GLU B 54 3.44 0.68 4.99
CA GLU B 54 3.43 -0.62 5.65
C GLU B 54 2.26 -0.72 6.60
N ALA B 55 1.85 0.43 7.13
CA ALA B 55 0.74 0.47 8.06
C ALA B 55 -0.25 -0.64 7.72
N GLU B 56 -0.78 -0.57 6.51
CA GLU B 56 -1.74 -1.56 6.05
C GLU B 56 -1.49 -1.90 4.58
N CYS B 57 -0.32 -1.49 4.09
CA CYS B 57 0.05 -1.74 2.71
C CYS B 57 0.75 -3.09 2.64
N THR B 58 1.84 -3.20 3.39
CA THR B 58 2.60 -4.43 3.42
C THR B 58 1.82 -5.53 4.16
N PHE B 59 1.24 -5.15 5.28
CA PHE B 59 0.48 -6.08 6.08
C PHE B 59 -0.41 -6.97 5.19
N GLU A 1 8.17 -9.30 12.74
CA GLU A 1 9.57 -9.03 12.44
C GLU A 1 10.04 -9.90 11.28
N GLU A 2 9.31 -10.99 11.06
CA GLU A 2 9.65 -11.91 9.99
C GLU A 2 8.90 -11.52 8.71
N TYR A 3 9.56 -10.74 7.88
CA TYR A 3 8.97 -10.29 6.62
C TYR A 3 8.75 -11.47 5.68
N VAL A 4 7.82 -12.33 6.05
CA VAL A 4 7.51 -13.51 5.24
C VAL A 4 6.00 -13.55 4.98
N GLY A 5 5.25 -13.48 6.06
CA GLY A 5 3.80 -13.51 5.97
C GLY A 5 3.26 -12.22 5.34
N LEU A 6 4.18 -11.33 5.03
CA LEU A 6 3.82 -10.05 4.43
C LEU A 6 4.68 -9.80 3.19
N SER A 7 5.36 -10.84 2.76
CA SER A 7 6.23 -10.75 1.60
C SER A 7 5.59 -11.47 0.41
N ALA A 8 6.43 -11.86 -0.53
CA ALA A 8 5.96 -12.55 -1.72
C ALA A 8 5.44 -13.94 -1.32
N ASN A 9 4.20 -13.95 -0.85
CA ASN A 9 3.57 -15.18 -0.44
C ASN A 9 2.26 -14.87 0.29
N GLN A 10 2.25 -13.72 0.95
CA GLN A 10 1.08 -13.29 1.69
C GLN A 10 -0.13 -13.16 0.74
N CYS A 11 0.18 -12.76 -0.48
CA CYS A 11 -0.86 -12.59 -1.48
C CYS A 11 -1.47 -13.95 -1.78
N ALA A 12 -0.85 -14.99 -1.23
CA ALA A 12 -1.31 -16.35 -1.43
C ALA A 12 -1.94 -16.86 -0.13
N VAL A 13 -2.20 -15.94 0.78
CA VAL A 13 -2.80 -16.28 2.06
C VAL A 13 -3.88 -17.34 1.83
N PRO A 14 -4.29 -17.99 2.96
CA PRO A 14 -5.32 -19.01 2.91
C PRO A 14 -6.71 -18.38 2.71
N ALA A 15 -6.71 -17.22 2.08
CA ALA A 15 -7.97 -16.52 1.82
C ALA A 15 -8.75 -16.41 3.13
N LYS A 16 -8.25 -15.57 4.02
CA LYS A 16 -8.90 -15.36 5.30
C LYS A 16 -7.91 -14.70 6.26
N ASP A 17 -7.34 -13.60 5.81
CA ASP A 17 -6.37 -12.86 6.61
C ASP A 17 -6.14 -11.49 5.98
N ARG A 18 -6.34 -11.44 4.67
CA ARG A 18 -6.15 -10.19 3.94
C ARG A 18 -6.83 -9.04 4.68
N VAL A 19 -6.63 -7.84 4.14
CA VAL A 19 -7.21 -6.64 4.73
C VAL A 19 -8.36 -6.15 3.86
N ASP A 20 -8.85 -7.05 3.01
CA ASP A 20 -9.95 -6.72 2.12
C ASP A 20 -9.84 -5.26 1.72
N CYS A 21 -9.10 -5.03 0.65
CA CYS A 21 -8.90 -3.67 0.14
C CYS A 21 -10.28 -3.02 -0.01
N GLY A 22 -11.24 -3.83 -0.41
CA GLY A 22 -12.60 -3.35 -0.59
C GLY A 22 -12.62 -2.11 -1.49
N TYR A 23 -12.16 -2.29 -2.71
CA TYR A 23 -12.12 -1.19 -3.67
C TYR A 23 -13.40 -1.16 -4.51
N PRO A 24 -13.87 0.09 -4.80
CA PRO A 24 -15.06 0.27 -5.60
C PRO A 24 -14.79 -0.01 -7.07
N HIS A 25 -13.52 -0.17 -7.40
CA HIS A 25 -13.11 -0.44 -8.76
C HIS A 25 -12.34 -1.76 -8.82
N VAL A 26 -12.49 -2.54 -7.75
CA VAL A 26 -11.82 -3.82 -7.66
C VAL A 26 -11.86 -4.51 -9.03
N THR A 27 -10.69 -4.91 -9.49
CA THR A 27 -10.59 -5.58 -10.78
C THR A 27 -9.20 -6.21 -10.94
N PRO A 28 -9.16 -7.29 -11.77
CA PRO A 28 -7.91 -8.00 -12.01
C PRO A 28 -7.01 -7.20 -12.96
N LYS A 29 -6.76 -5.95 -12.57
CA LYS A 29 -5.91 -5.08 -13.38
C LYS A 29 -5.88 -3.69 -12.73
N GLU A 30 -6.87 -3.43 -11.90
CA GLU A 30 -6.97 -2.15 -11.22
C GLU A 30 -6.43 -2.27 -9.80
N CYS A 31 -6.83 -3.34 -9.12
CA CYS A 31 -6.39 -3.58 -7.76
C CYS A 31 -4.87 -3.59 -7.73
N ASN A 32 -4.29 -4.39 -8.62
CA ASN A 32 -2.85 -4.49 -8.72
C ASN A 32 -2.27 -3.19 -9.25
N ASN A 33 -3.18 -2.26 -9.55
CA ASN A 33 -2.78 -0.97 -10.08
C ASN A 33 -2.94 0.09 -8.98
N ARG A 34 -3.89 -0.17 -8.09
CA ARG A 34 -4.16 0.75 -7.00
C ARG A 34 -3.20 0.48 -5.84
N GLY A 35 -2.70 -0.75 -5.79
CA GLY A 35 -1.78 -1.14 -4.74
C GLY A 35 -2.35 -2.32 -3.92
N CYS A 36 -3.22 -3.07 -4.57
CA CYS A 36 -3.84 -4.22 -3.92
C CYS A 36 -3.47 -5.48 -4.70
N CYS A 37 -3.99 -6.60 -4.24
CA CYS A 37 -3.72 -7.88 -4.88
C CYS A 37 -5.06 -8.54 -5.19
N PHE A 38 -5.22 -8.91 -6.46
CA PHE A 38 -6.45 -9.56 -6.89
C PHE A 38 -6.35 -11.08 -6.74
N ASP A 39 -7.27 -11.63 -5.96
CA ASP A 39 -7.30 -13.06 -5.72
C ASP A 39 -8.05 -13.75 -6.87
N SER A 40 -9.37 -13.74 -6.75
CA SER A 40 -10.21 -14.35 -7.77
C SER A 40 -10.35 -15.85 -7.48
N ARG A 41 -9.39 -16.38 -6.75
CA ARG A 41 -9.40 -17.79 -6.40
C ARG A 41 -10.62 -18.12 -5.55
N ILE A 42 -10.87 -17.27 -4.56
CA ILE A 42 -12.00 -17.45 -3.67
C ILE A 42 -12.95 -16.25 -3.80
N PRO A 43 -14.15 -16.52 -4.39
CA PRO A 43 -15.14 -15.49 -4.58
C PRO A 43 -15.83 -15.14 -3.25
N GLY A 44 -15.51 -15.94 -2.24
CA GLY A 44 -16.10 -15.73 -0.92
C GLY A 44 -15.17 -14.87 -0.04
N VAL A 45 -14.03 -14.52 -0.61
CA VAL A 45 -13.07 -13.70 0.11
C VAL A 45 -12.82 -12.42 -0.67
N PRO A 46 -11.88 -11.58 -0.12
CA PRO A 46 -11.55 -10.32 -0.76
C PRO A 46 -10.67 -10.53 -1.99
N TRP A 47 -11.20 -10.13 -3.14
CA TRP A 47 -10.48 -10.27 -4.39
C TRP A 47 -9.67 -8.99 -4.62
N CYS A 48 -9.32 -8.35 -3.52
CA CYS A 48 -8.55 -7.11 -3.59
C CYS A 48 -8.07 -6.77 -2.18
N PHE A 49 -6.78 -6.97 -1.97
CA PHE A 49 -6.18 -6.68 -0.67
C PHE A 49 -4.76 -6.12 -0.84
N LYS A 50 -4.07 -6.02 0.29
CA LYS A 50 -2.71 -5.51 0.29
C LYS A 50 -1.78 -6.55 0.89
N PRO A 51 -1.59 -7.67 0.15
CA PRO A 51 -0.73 -8.74 0.61
C PRO A 51 0.75 -8.36 0.46
N LEU A 52 1.32 -8.80 -0.64
CA LEU A 52 2.73 -8.51 -0.92
C LEU A 52 2.83 -7.22 -1.72
N GLN A 53 1.90 -6.31 -1.46
CA GLN A 53 1.88 -5.04 -2.15
C GLN A 53 3.19 -4.28 -1.92
N GLU A 54 3.81 -4.58 -0.78
CA GLU A 54 5.07 -3.93 -0.44
C GLU A 54 5.98 -3.86 -1.67
N ALA A 55 5.75 -4.76 -2.60
CA ALA A 55 6.53 -4.80 -3.82
C ALA A 55 6.81 -3.38 -4.29
N GLU A 56 5.74 -2.67 -4.61
CA GLU A 56 5.85 -1.30 -5.07
C GLU A 56 4.76 -0.44 -4.43
N CYS A 57 4.29 -0.88 -3.28
CA CYS A 57 3.26 -0.16 -2.56
C CYS A 57 3.92 0.59 -1.40
N THR A 58 4.63 -0.16 -0.58
CA THR A 58 5.31 0.42 0.56
C THR A 58 6.72 0.88 0.18
N PHE A 59 7.34 0.11 -0.70
CA PHE A 59 8.68 0.43 -1.16
C PHE A 59 8.87 1.94 -1.29
N GLU B 1 19.20 -3.14 10.96
CA GLU B 1 18.20 -2.10 10.90
C GLU B 1 17.81 -1.81 9.45
N GLU B 2 17.20 -2.80 8.82
CA GLU B 2 16.78 -2.67 7.43
C GLU B 2 15.38 -2.04 7.36
N TYR B 3 14.70 -2.05 8.49
CA TYR B 3 13.37 -1.49 8.57
C TYR B 3 13.41 -0.02 9.01
N VAL B 4 13.80 0.83 8.06
CA VAL B 4 13.88 2.25 8.33
C VAL B 4 13.24 3.03 7.17
N GLY B 5 13.73 2.74 5.97
CA GLY B 5 13.21 3.41 4.78
C GLY B 5 11.77 2.99 4.51
N LEU B 6 11.25 2.12 5.38
CA LEU B 6 9.89 1.65 5.24
C LEU B 6 9.30 1.41 6.64
N SER B 7 9.81 2.16 7.60
CA SER B 7 9.34 2.05 8.96
C SER B 7 8.52 3.27 9.35
N ALA B 8 7.90 3.20 10.52
CA ALA B 8 7.09 4.29 11.01
C ALA B 8 7.97 5.51 11.26
N ASN B 9 8.16 6.30 10.22
CA ASN B 9 8.99 7.49 10.32
C ASN B 9 9.35 7.98 8.92
N GLN B 10 9.36 7.04 7.99
CA GLN B 10 9.68 7.36 6.61
C GLN B 10 8.68 8.37 6.04
N CYS B 11 7.45 8.26 6.53
CA CYS B 11 6.38 9.15 6.09
C CYS B 11 6.69 10.56 6.62
N ALA B 12 7.72 10.64 7.43
CA ALA B 12 8.13 11.91 8.00
C ALA B 12 9.39 12.41 7.28
N VAL B 13 9.59 11.89 6.08
CA VAL B 13 10.74 12.27 5.29
C VAL B 13 10.94 13.78 5.37
N PRO B 14 12.12 14.24 4.88
CA PRO B 14 12.43 15.66 4.89
C PRO B 14 11.66 16.41 3.81
N ALA B 15 10.79 15.67 3.13
CA ALA B 15 9.98 16.25 2.07
C ALA B 15 10.78 16.29 0.78
N LYS B 16 11.43 15.17 0.50
CA LYS B 16 12.24 15.06 -0.71
C LYS B 16 12.95 13.70 -0.72
N ASP B 17 12.21 12.68 -0.35
CA ASP B 17 12.74 11.33 -0.30
C ASP B 17 11.62 10.33 -0.60
N ARG B 18 10.51 10.86 -1.07
CA ARG B 18 9.36 10.03 -1.40
C ARG B 18 9.41 9.62 -2.88
N VAL B 19 8.41 8.83 -3.27
CA VAL B 19 8.33 8.36 -4.63
C VAL B 19 7.15 9.04 -5.34
N ASP B 20 6.74 10.17 -4.78
CA ASP B 20 5.63 10.92 -5.33
C ASP B 20 4.63 9.96 -5.96
N CYS B 21 3.73 9.46 -5.13
CA CYS B 21 2.72 8.52 -5.59
C CYS B 21 2.08 9.08 -6.85
N GLY B 22 1.91 10.40 -6.87
CA GLY B 22 1.32 11.07 -8.00
C GLY B 22 -0.03 10.45 -8.37
N TYR B 23 -0.93 10.46 -7.40
CA TYR B 23 -2.25 9.90 -7.59
C TYR B 23 -3.23 10.98 -8.08
N PRO B 24 -4.12 10.56 -9.03
CA PRO B 24 -5.10 11.48 -9.58
C PRO B 24 -6.23 11.73 -8.60
N HIS B 25 -6.17 11.01 -7.48
CA HIS B 25 -7.19 11.14 -6.44
C HIS B 25 -6.52 11.51 -5.12
N VAL B 26 -5.26 11.92 -5.21
CA VAL B 26 -4.50 12.30 -4.03
C VAL B 26 -5.42 13.09 -3.09
N THR B 27 -5.46 12.63 -1.84
CA THR B 27 -6.28 13.27 -0.84
C THR B 27 -5.92 12.74 0.56
N PRO B 28 -6.20 13.60 1.58
CA PRO B 28 -5.92 13.23 2.95
C PRO B 28 -6.95 12.21 3.48
N LYS B 29 -7.17 11.18 2.66
CA LYS B 29 -8.12 10.15 3.02
C LYS B 29 -8.18 9.11 1.89
N GLU B 30 -7.69 9.51 0.73
CA GLU B 30 -7.68 8.63 -0.42
C GLU B 30 -6.30 7.98 -0.58
N CYS B 31 -5.28 8.80 -0.44
CA CYS B 31 -3.92 8.31 -0.57
C CYS B 31 -3.73 7.16 0.41
N ASN B 32 -4.01 7.43 1.67
CA ASN B 32 -3.87 6.42 2.71
C ASN B 32 -4.82 5.25 2.40
N ASN B 33 -5.73 5.49 1.47
CA ASN B 33 -6.68 4.48 1.07
C ASN B 33 -6.09 3.64 -0.07
N ARG B 34 -5.32 4.30 -0.91
CA ARG B 34 -4.69 3.64 -2.03
C ARG B 34 -3.41 2.93 -1.59
N GLY B 35 -2.82 3.47 -0.53
CA GLY B 35 -1.59 2.91 0.01
C GLY B 35 -0.45 3.94 -0.03
N CYS B 36 -0.84 5.20 -0.01
CA CYS B 36 0.13 6.28 -0.05
C CYS B 36 -0.02 7.11 1.24
N CYS B 37 0.93 8.02 1.43
CA CYS B 37 0.91 8.87 2.61
C CYS B 37 0.69 10.31 2.16
N PHE B 38 -0.24 10.97 2.83
CA PHE B 38 -0.56 12.35 2.51
C PHE B 38 0.23 13.32 3.41
N ASP B 39 1.07 14.11 2.76
CA ASP B 39 1.87 15.08 3.49
C ASP B 39 1.02 16.30 3.84
N SER B 40 0.91 17.20 2.88
CA SER B 40 0.13 18.41 3.06
C SER B 40 0.99 19.49 3.73
N ARG B 41 2.02 19.03 4.41
CA ARG B 41 2.93 19.94 5.10
C ARG B 41 3.67 20.81 4.09
N ILE B 42 4.18 20.17 3.05
CA ILE B 42 4.91 20.88 2.01
C ILE B 42 4.15 20.74 0.69
N PRO B 43 3.59 21.89 0.22
CA PRO B 43 2.84 21.91 -1.02
C PRO B 43 3.78 21.85 -2.23
N GLY B 44 5.08 21.94 -1.93
CA GLY B 44 6.08 21.90 -2.98
C GLY B 44 6.59 20.47 -3.19
N VAL B 45 6.08 19.56 -2.37
CA VAL B 45 6.46 18.16 -2.47
C VAL B 45 5.22 17.31 -2.77
N PRO B 46 5.46 15.98 -2.87
CA PRO B 46 4.38 15.04 -3.16
C PRO B 46 3.50 14.83 -1.92
N TRP B 47 2.25 15.23 -2.06
CA TRP B 47 1.30 15.08 -0.96
C TRP B 47 0.66 13.70 -1.06
N CYS B 48 1.42 12.78 -1.63
CA CYS B 48 0.95 11.41 -1.80
C CYS B 48 2.12 10.54 -2.24
N PHE B 49 2.60 9.73 -1.30
CA PHE B 49 3.71 8.84 -1.57
C PHE B 49 3.56 7.51 -0.83
N LYS B 50 4.61 6.72 -0.86
CA LYS B 50 4.60 5.43 -0.20
C LYS B 50 5.79 5.33 0.76
N PRO B 51 5.69 6.12 1.87
CA PRO B 51 6.74 6.14 2.87
C PRO B 51 6.71 4.88 3.72
N LEU B 52 5.99 4.96 4.83
CA LEU B 52 5.88 3.84 5.75
C LEU B 52 4.51 3.17 5.55
N GLN B 53 4.10 3.10 4.29
CA GLN B 53 2.82 2.48 3.96
C GLN B 53 2.70 1.11 4.60
N GLU B 54 3.85 0.55 4.96
CA GLU B 54 3.89 -0.76 5.59
C GLU B 54 2.75 -0.89 6.60
N ALA B 55 2.32 0.24 7.11
CA ALA B 55 1.25 0.27 8.10
C ALA B 55 0.22 -0.80 7.73
N GLU B 56 -0.53 -0.52 6.67
CA GLU B 56 -1.55 -1.45 6.20
C GLU B 56 -1.36 -1.74 4.72
N CYS B 57 -0.13 -1.54 4.26
CA CYS B 57 0.20 -1.79 2.87
C CYS B 57 0.86 -3.17 2.77
N THR B 58 2.09 -3.23 3.24
CA THR B 58 2.85 -4.47 3.22
C THR B 58 2.06 -5.58 3.90
N PHE B 59 1.41 -5.22 5.00
CA PHE B 59 0.62 -6.18 5.75
C PHE B 59 -0.41 -6.86 4.86
N GLU A 1 6.18 -16.01 9.24
CA GLU A 1 6.02 -15.00 10.27
C GLU A 1 6.83 -13.74 9.92
N GLU A 2 8.11 -13.95 9.68
CA GLU A 2 8.99 -12.85 9.33
C GLU A 2 8.63 -12.30 7.95
N TYR A 3 9.41 -12.71 6.96
CA TYR A 3 9.20 -12.28 5.59
C TYR A 3 7.98 -12.98 4.98
N VAL A 4 6.82 -12.70 5.58
CA VAL A 4 5.58 -13.29 5.11
C VAL A 4 4.59 -12.18 4.79
N GLY A 5 4.38 -11.30 5.76
CA GLY A 5 3.47 -10.20 5.59
C GLY A 5 4.01 -9.17 4.58
N LEU A 6 5.18 -9.50 4.04
CA LEU A 6 5.81 -8.62 3.06
C LEU A 6 6.41 -9.47 1.94
N SER A 7 5.95 -10.71 1.86
CA SER A 7 6.42 -11.62 0.85
C SER A 7 5.37 -11.78 -0.26
N ALA A 8 5.84 -12.18 -1.43
CA ALA A 8 4.96 -12.37 -2.57
C ALA A 8 4.09 -13.61 -2.34
N ASN A 9 4.35 -14.28 -1.22
CA ASN A 9 3.60 -15.46 -0.88
C ASN A 9 2.36 -15.07 -0.07
N GLN A 10 2.39 -13.85 0.43
CA GLN A 10 1.28 -13.34 1.22
C GLN A 10 0.04 -13.16 0.34
N CYS A 11 0.28 -12.74 -0.89
CA CYS A 11 -0.81 -12.54 -1.84
C CYS A 11 -1.34 -13.91 -2.26
N ALA A 12 -0.70 -14.94 -1.73
CA ALA A 12 -1.10 -16.31 -2.05
C ALA A 12 -1.75 -16.93 -0.81
N VAL A 13 -2.02 -16.10 0.17
CA VAL A 13 -2.63 -16.55 1.41
C VAL A 13 -3.75 -17.55 1.07
N PRO A 14 -4.20 -18.28 2.13
CA PRO A 14 -5.26 -19.26 1.96
C PRO A 14 -6.61 -18.58 1.81
N ALA A 15 -6.58 -17.37 1.28
CA ALA A 15 -7.80 -16.60 1.08
C ALA A 15 -8.65 -16.67 2.35
N LYS A 16 -8.10 -16.14 3.43
CA LYS A 16 -8.79 -16.13 4.70
C LYS A 16 -7.89 -15.51 5.77
N ASP A 17 -7.25 -14.40 5.39
CA ASP A 17 -6.36 -13.71 6.30
C ASP A 17 -6.15 -12.28 5.79
N ARG A 18 -6.40 -12.10 4.50
CA ARG A 18 -6.23 -10.79 3.88
C ARG A 18 -6.93 -9.72 4.72
N VAL A 19 -6.85 -8.48 4.24
CA VAL A 19 -7.46 -7.36 4.93
C VAL A 19 -8.61 -6.81 4.09
N ASP A 20 -9.08 -7.65 3.17
CA ASP A 20 -10.18 -7.26 2.30
C ASP A 20 -10.09 -5.77 2.00
N CYS A 21 -9.38 -5.45 0.92
CA CYS A 21 -9.20 -4.06 0.52
C CYS A 21 -10.58 -3.41 0.44
N GLY A 22 -11.56 -4.22 0.05
CA GLY A 22 -12.93 -3.73 -0.08
C GLY A 22 -13.00 -2.54 -1.04
N TYR A 23 -12.52 -2.77 -2.25
CA TYR A 23 -12.52 -1.73 -3.26
C TYR A 23 -13.80 -1.78 -4.10
N PRO A 24 -14.32 -0.58 -4.43
CA PRO A 24 -15.54 -0.47 -5.22
C PRO A 24 -15.26 -0.80 -6.69
N HIS A 25 -13.99 -0.97 -7.00
CA HIS A 25 -13.58 -1.29 -8.36
C HIS A 25 -12.59 -2.45 -8.33
N VAL A 26 -12.95 -3.48 -7.59
CA VAL A 26 -12.10 -4.65 -7.47
C VAL A 26 -11.99 -5.33 -8.85
N THR A 27 -10.76 -5.46 -9.31
CA THR A 27 -10.51 -6.08 -10.60
C THR A 27 -9.02 -6.38 -10.76
N PRO A 28 -8.73 -7.41 -11.61
CA PRO A 28 -7.35 -7.80 -11.87
C PRO A 28 -6.66 -6.80 -12.80
N LYS A 29 -6.66 -5.55 -12.37
CA LYS A 29 -6.05 -4.49 -13.16
C LYS A 29 -6.20 -3.16 -12.43
N GLU A 30 -7.24 -3.10 -11.59
CA GLU A 30 -7.50 -1.89 -10.83
C GLU A 30 -6.94 -2.02 -9.41
N CYS A 31 -7.19 -3.17 -8.80
CA CYS A 31 -6.71 -3.43 -7.46
C CYS A 31 -5.18 -3.44 -7.49
N ASN A 32 -4.65 -4.29 -8.36
CA ASN A 32 -3.20 -4.40 -8.49
C ASN A 32 -2.63 -3.08 -9.02
N ASN A 33 -3.54 -2.16 -9.32
CA ASN A 33 -3.14 -0.86 -9.83
C ASN A 33 -3.36 0.19 -8.74
N ARG A 34 -4.30 -0.10 -7.85
CA ARG A 34 -4.62 0.80 -6.76
C ARG A 34 -3.67 0.56 -5.58
N GLY A 35 -3.27 -0.70 -5.43
CA GLY A 35 -2.38 -1.07 -4.36
C GLY A 35 -2.91 -2.30 -3.60
N CYS A 36 -3.75 -3.05 -4.29
CA CYS A 36 -4.35 -4.25 -3.70
C CYS A 36 -3.94 -5.45 -4.55
N CYS A 37 -4.41 -6.62 -4.12
CA CYS A 37 -4.10 -7.84 -4.84
C CYS A 37 -5.42 -8.54 -5.18
N PHE A 38 -5.57 -8.89 -6.45
CA PHE A 38 -6.77 -9.57 -6.92
C PHE A 38 -6.63 -11.08 -6.81
N ASP A 39 -7.56 -11.68 -6.07
CA ASP A 39 -7.54 -13.12 -5.88
C ASP A 39 -8.06 -13.80 -7.15
N SER A 40 -9.38 -13.99 -7.18
CA SER A 40 -10.01 -14.62 -8.33
C SER A 40 -10.08 -16.13 -8.11
N ARG A 41 -9.18 -16.63 -7.28
CA ARG A 41 -9.13 -18.05 -6.98
C ARG A 41 -10.32 -18.46 -6.13
N ILE A 42 -10.60 -17.62 -5.13
CA ILE A 42 -11.71 -17.89 -4.22
C ILE A 42 -12.70 -16.73 -4.29
N PRO A 43 -13.84 -16.99 -4.99
CA PRO A 43 -14.88 -15.98 -5.14
C PRO A 43 -15.66 -15.81 -3.85
N GLY A 44 -15.32 -16.64 -2.87
CA GLY A 44 -15.99 -16.59 -1.58
C GLY A 44 -15.24 -15.70 -0.60
N VAL A 45 -14.09 -15.21 -1.05
CA VAL A 45 -13.26 -14.35 -0.24
C VAL A 45 -13.05 -13.01 -0.95
N PRO A 46 -12.18 -12.16 -0.34
CA PRO A 46 -11.90 -10.85 -0.91
C PRO A 46 -10.98 -10.98 -2.13
N TRP A 47 -11.45 -10.43 -3.25
CA TRP A 47 -10.70 -10.47 -4.48
C TRP A 47 -9.95 -9.14 -4.62
N CYS A 48 -9.65 -8.54 -3.47
CA CYS A 48 -8.95 -7.28 -3.46
C CYS A 48 -8.45 -7.02 -2.03
N PHE A 49 -7.16 -7.22 -1.84
CA PHE A 49 -6.55 -7.02 -0.54
C PHE A 49 -5.17 -6.38 -0.67
N LYS A 50 -4.47 -6.30 0.46
CA LYS A 50 -3.15 -5.72 0.47
C LYS A 50 -2.15 -6.75 1.03
N PRO A 51 -1.90 -7.80 0.22
CA PRO A 51 -0.98 -8.86 0.61
C PRO A 51 0.47 -8.38 0.51
N LEU A 52 1.09 -8.73 -0.61
CA LEU A 52 2.47 -8.35 -0.86
C LEU A 52 2.51 -7.01 -1.61
N GLN A 53 1.50 -6.20 -1.34
CA GLN A 53 1.40 -4.89 -1.98
C GLN A 53 2.71 -4.12 -1.81
N GLU A 54 3.46 -4.51 -0.79
CA GLU A 54 4.73 -3.86 -0.52
C GLU A 54 5.46 -3.53 -1.81
N ALA A 55 5.19 -4.33 -2.83
CA ALA A 55 5.81 -4.13 -4.13
C ALA A 55 5.95 -2.63 -4.40
N GLU A 56 4.80 -2.01 -4.67
CA GLU A 56 4.79 -0.58 -4.94
C GLU A 56 3.77 0.11 -4.05
N CYS A 57 3.50 -0.51 -2.91
CA CYS A 57 2.55 0.04 -1.96
C CYS A 57 3.33 0.59 -0.77
N THR A 58 4.20 -0.26 -0.22
CA THR A 58 5.00 0.12 0.91
C THR A 58 6.33 0.73 0.45
N PHE A 59 6.78 0.26 -0.70
CA PHE A 59 8.03 0.74 -1.27
C PHE A 59 8.24 2.22 -0.96
N GLU B 1 19.48 0.53 13.93
CA GLU B 1 18.16 0.97 13.52
C GLU B 1 17.51 -0.09 12.60
N GLU B 2 16.38 -0.61 13.08
CA GLU B 2 15.66 -1.61 12.32
C GLU B 2 14.64 -0.95 11.40
N TYR B 3 13.44 -1.51 11.40
CA TYR B 3 12.36 -0.99 10.57
C TYR B 3 11.71 0.23 11.23
N VAL B 4 12.52 1.27 11.43
CA VAL B 4 12.03 2.49 12.04
C VAL B 4 12.27 3.66 11.09
N GLY B 5 13.47 3.68 10.52
CA GLY B 5 13.84 4.75 9.61
C GLY B 5 13.06 4.62 8.29
N LEU B 6 12.27 3.57 8.21
CA LEU B 6 11.46 3.33 7.02
C LEU B 6 9.97 3.47 7.39
N SER B 7 9.72 3.59 8.67
CA SER B 7 8.36 3.74 9.16
C SER B 7 8.17 5.12 9.79
N ALA B 8 6.90 5.49 9.96
CA ALA B 8 6.57 6.77 10.54
C ALA B 8 7.59 7.82 10.07
N ASN B 9 8.64 7.97 10.86
CA ASN B 9 9.69 8.92 10.54
C ASN B 9 9.88 8.97 9.03
N GLN B 10 9.66 7.83 8.40
CA GLN B 10 9.81 7.73 6.95
C GLN B 10 8.78 8.62 6.25
N CYS B 11 7.53 8.47 6.69
CA CYS B 11 6.45 9.24 6.11
C CYS B 11 6.66 10.72 6.47
N ALA B 12 7.67 10.94 7.31
CA ALA B 12 7.99 12.29 7.74
C ALA B 12 9.31 12.73 7.10
N VAL B 13 9.70 12.00 6.07
CA VAL B 13 10.94 12.29 5.37
C VAL B 13 11.02 13.80 5.09
N PRO B 14 12.24 14.25 4.68
CA PRO B 14 12.46 15.65 4.38
C PRO B 14 11.81 16.04 3.04
N ALA B 15 10.77 15.30 2.69
CA ALA B 15 10.07 15.55 1.44
C ALA B 15 11.08 15.63 0.29
N LYS B 16 11.72 14.51 0.04
CA LYS B 16 12.70 14.44 -1.02
C LYS B 16 13.36 13.05 -1.02
N ASP B 17 12.54 12.06 -0.72
CA ASP B 17 13.03 10.69 -0.68
C ASP B 17 11.84 9.73 -0.88
N ARG B 18 10.73 10.29 -1.32
CA ARG B 18 9.53 9.51 -1.56
C ARG B 18 9.51 8.99 -2.99
N VAL B 19 8.49 8.19 -3.28
CA VAL B 19 8.35 7.62 -4.62
C VAL B 19 7.18 8.31 -5.33
N ASP B 20 6.87 9.50 -4.86
CA ASP B 20 5.78 10.28 -5.44
C ASP B 20 4.72 9.32 -5.99
N CYS B 21 3.79 8.94 -5.12
CA CYS B 21 2.73 8.04 -5.50
C CYS B 21 2.10 8.55 -6.80
N GLY B 22 2.09 9.87 -6.93
CA GLY B 22 1.53 10.50 -8.11
C GLY B 22 0.07 10.08 -8.31
N TYR B 23 -0.70 10.22 -7.24
CA TYR B 23 -2.11 9.86 -7.29
C TYR B 23 -2.96 11.04 -7.76
N PRO B 24 -3.91 10.74 -8.68
CA PRO B 24 -4.80 11.76 -9.22
C PRO B 24 -5.87 12.15 -8.19
N HIS B 25 -5.87 11.41 -7.08
CA HIS B 25 -6.83 11.66 -6.02
C HIS B 25 -6.10 11.94 -4.72
N VAL B 26 -4.87 12.42 -4.85
CA VAL B 26 -4.06 12.72 -3.69
C VAL B 26 -4.88 13.53 -2.68
N THR B 27 -5.00 12.98 -1.48
CA THR B 27 -5.76 13.64 -0.43
C THR B 27 -5.47 12.98 0.93
N PRO B 28 -5.60 13.81 2.00
CA PRO B 28 -5.35 13.32 3.34
C PRO B 28 -6.51 12.45 3.83
N LYS B 29 -6.88 11.49 2.98
CA LYS B 29 -7.97 10.59 3.32
C LYS B 29 -8.11 9.54 2.20
N GLU B 30 -7.63 9.91 1.02
CA GLU B 30 -7.69 9.02 -0.12
C GLU B 30 -6.38 8.24 -0.27
N CYS B 31 -5.28 8.98 -0.15
CA CYS B 31 -3.97 8.37 -0.26
C CYS B 31 -3.82 7.33 0.85
N ASN B 32 -3.95 7.80 2.08
CA ASN B 32 -3.83 6.93 3.24
C ASN B 32 -4.89 5.83 3.15
N ASN B 33 -5.81 6.02 2.20
CA ASN B 33 -6.88 5.05 2.00
C ASN B 33 -6.53 4.15 0.83
N ARG B 34 -5.75 4.69 -0.09
CA ARG B 34 -5.35 3.95 -1.27
C ARG B 34 -4.05 3.19 -1.00
N GLY B 35 -3.29 3.71 -0.04
CA GLY B 35 -2.02 3.08 0.32
C GLY B 35 -0.86 4.06 0.15
N CYS B 36 -1.20 5.35 0.17
CA CYS B 36 -0.20 6.39 0.01
C CYS B 36 -0.25 7.29 1.25
N CYS B 37 0.81 8.08 1.41
CA CYS B 37 0.91 8.97 2.54
C CYS B 37 0.80 10.41 2.02
N PHE B 38 -0.05 11.19 2.68
CA PHE B 38 -0.25 12.57 2.29
C PHE B 38 0.61 13.51 3.14
N ASP B 39 1.51 14.22 2.47
CA ASP B 39 2.39 15.15 3.16
C ASP B 39 1.62 16.42 3.50
N SER B 40 1.54 17.31 2.51
CA SER B 40 0.84 18.57 2.69
C SER B 40 1.78 19.61 3.29
N ARG B 41 2.80 19.13 3.97
CA ARG B 41 3.78 20.00 4.60
C ARG B 41 4.57 20.77 3.54
N ILE B 42 4.95 20.04 2.49
CA ILE B 42 5.71 20.63 1.40
C ILE B 42 4.93 20.45 0.09
N PRO B 43 4.35 21.58 -0.38
CA PRO B 43 3.58 21.57 -1.62
C PRO B 43 4.51 21.49 -2.84
N GLY B 44 5.79 21.52 -2.57
CA GLY B 44 6.79 21.46 -3.62
C GLY B 44 7.22 20.01 -3.87
N VAL B 45 6.72 19.12 -3.03
CA VAL B 45 7.05 17.71 -3.15
C VAL B 45 5.75 16.91 -3.35
N PRO B 46 5.92 15.55 -3.39
CA PRO B 46 4.78 14.67 -3.56
C PRO B 46 3.96 14.57 -2.28
N TRP B 47 2.69 14.96 -2.39
CA TRP B 47 1.80 14.92 -1.25
C TRP B 47 1.07 13.57 -1.26
N CYS B 48 1.74 12.58 -1.83
CA CYS B 48 1.18 11.24 -1.92
C CYS B 48 2.28 10.27 -2.32
N PHE B 49 2.76 9.53 -1.33
CA PHE B 49 3.81 8.56 -1.56
C PHE B 49 3.56 7.26 -0.79
N LYS B 50 4.58 6.43 -0.75
CA LYS B 50 4.47 5.15 -0.04
C LYS B 50 5.57 5.06 1.01
N PRO B 51 5.44 5.93 2.06
CA PRO B 51 6.42 5.96 3.13
C PRO B 51 6.25 4.75 4.06
N LEU B 52 5.58 5.00 5.17
CA LEU B 52 5.34 3.95 6.15
C LEU B 52 3.99 3.30 5.86
N GLN B 53 3.65 3.23 4.58
CA GLN B 53 2.40 2.64 4.16
C GLN B 53 2.25 1.24 4.77
N GLU B 54 3.39 0.66 5.13
CA GLU B 54 3.40 -0.67 5.71
C GLU B 54 2.26 -0.82 6.72
N ALA B 55 1.80 0.33 7.22
CA ALA B 55 0.72 0.35 8.19
C ALA B 55 -0.28 -0.77 7.85
N GLU B 56 -0.82 -0.67 6.65
CA GLU B 56 -1.79 -1.66 6.19
C GLU B 56 -1.65 -1.89 4.69
N CYS B 57 -0.47 -1.55 4.18
CA CYS B 57 -0.19 -1.71 2.76
C CYS B 57 0.60 -3.00 2.58
N THR B 58 1.70 -3.10 3.31
CA THR B 58 2.55 -4.28 3.23
C THR B 58 1.87 -5.47 3.89
N PHE B 59 1.26 -5.21 5.04
CA PHE B 59 0.58 -6.24 5.79
C PHE B 59 -0.09 -7.25 4.84
N GLU A 1 10.67 -7.61 11.68
CA GLU A 1 11.72 -7.10 10.81
C GLU A 1 11.75 -7.89 9.49
N GLU A 2 11.55 -9.19 9.61
CA GLU A 2 11.55 -10.06 8.44
C GLU A 2 10.13 -10.17 7.87
N TYR A 3 9.69 -9.10 7.23
CA TYR A 3 8.37 -9.08 6.63
C TYR A 3 8.21 -10.18 5.60
N VAL A 4 7.82 -11.36 6.08
CA VAL A 4 7.63 -12.51 5.21
C VAL A 4 6.15 -12.89 5.21
N GLY A 5 5.60 -13.02 6.41
CA GLY A 5 4.20 -13.40 6.56
C GLY A 5 3.29 -12.25 6.13
N LEU A 6 3.91 -11.15 5.71
CA LEU A 6 3.16 -9.99 5.26
C LEU A 6 3.66 -9.56 3.88
N SER A 7 4.62 -10.33 3.37
CA SER A 7 5.19 -10.04 2.08
C SER A 7 4.82 -11.15 1.08
N ALA A 8 5.69 -11.35 0.10
CA ALA A 8 5.46 -12.36 -0.90
C ALA A 8 4.84 -13.61 -0.24
N ASN A 9 3.94 -14.24 -0.98
CA ASN A 9 3.28 -15.43 -0.48
C ASN A 9 2.02 -15.03 0.28
N GLN A 10 2.11 -13.89 0.95
CA GLN A 10 0.98 -13.38 1.72
C GLN A 10 -0.22 -13.15 0.80
N CYS A 11 0.07 -12.71 -0.41
CA CYS A 11 -0.97 -12.44 -1.39
C CYS A 11 -1.61 -13.77 -1.78
N ALA A 12 -1.03 -14.84 -1.27
CA ALA A 12 -1.54 -16.18 -1.55
C ALA A 12 -2.23 -16.73 -0.30
N VAL A 13 -2.49 -15.84 0.63
CA VAL A 13 -3.16 -16.22 1.87
C VAL A 13 -4.33 -17.15 1.56
N PRO A 14 -4.86 -17.80 2.63
CA PRO A 14 -5.97 -18.72 2.46
C PRO A 14 -7.28 -17.95 2.24
N ALA A 15 -7.15 -16.77 1.66
CA ALA A 15 -8.30 -15.94 1.39
C ALA A 15 -9.18 -15.86 2.64
N LYS A 16 -8.61 -15.32 3.70
CA LYS A 16 -9.33 -15.19 4.95
C LYS A 16 -8.41 -14.54 6.00
N ASP A 17 -7.58 -13.62 5.52
CA ASP A 17 -6.65 -12.92 6.38
C ASP A 17 -6.25 -11.61 5.73
N ARG A 18 -7.00 -11.22 4.71
CA ARG A 18 -6.73 -10.00 3.99
C ARG A 18 -7.45 -8.82 4.65
N VAL A 19 -7.18 -7.63 4.13
CA VAL A 19 -7.80 -6.42 4.66
C VAL A 19 -8.88 -5.95 3.69
N ASP A 20 -9.34 -6.88 2.87
CA ASP A 20 -10.37 -6.57 1.90
C ASP A 20 -10.25 -5.11 1.49
N CYS A 21 -9.42 -4.88 0.48
CA CYS A 21 -9.20 -3.53 -0.03
C CYS A 21 -10.57 -2.88 -0.27
N GLY A 22 -11.52 -3.72 -0.66
CA GLY A 22 -12.87 -3.24 -0.94
C GLY A 22 -12.84 -1.95 -1.76
N TYR A 23 -12.26 -2.07 -2.95
CA TYR A 23 -12.17 -0.93 -3.85
C TYR A 23 -13.38 -0.86 -4.78
N PRO A 24 -13.78 0.40 -5.11
CA PRO A 24 -14.92 0.61 -5.99
C PRO A 24 -14.56 0.30 -7.44
N HIS A 25 -13.26 0.12 -7.67
CA HIS A 25 -12.79 -0.18 -9.00
C HIS A 25 -11.92 -1.45 -8.97
N VAL A 26 -12.32 -2.37 -8.11
CA VAL A 26 -11.60 -3.63 -7.96
C VAL A 26 -11.55 -4.34 -9.32
N THR A 27 -10.35 -4.72 -9.70
CA THR A 27 -10.15 -5.40 -10.97
C THR A 27 -8.72 -5.95 -11.06
N PRO A 28 -8.57 -7.01 -11.90
CA PRO A 28 -7.26 -7.63 -12.07
C PRO A 28 -6.36 -6.77 -12.96
N LYS A 29 -6.20 -5.52 -12.54
CA LYS A 29 -5.36 -4.58 -13.28
C LYS A 29 -5.41 -3.22 -12.60
N GLU A 30 -6.47 -3.01 -11.82
CA GLU A 30 -6.65 -1.76 -11.12
C GLU A 30 -6.19 -1.90 -9.66
N CYS A 31 -6.63 -2.99 -9.04
CA CYS A 31 -6.28 -3.26 -7.66
C CYS A 31 -4.76 -3.25 -7.55
N ASN A 32 -4.13 -4.02 -8.42
CA ASN A 32 -2.68 -4.12 -8.43
C ASN A 32 -2.08 -2.78 -8.88
N ASN A 33 -2.97 -1.86 -9.20
CA ASN A 33 -2.55 -0.55 -9.66
C ASN A 33 -2.72 0.46 -8.52
N ARG A 34 -3.73 0.22 -7.70
CA ARG A 34 -4.01 1.09 -6.57
C ARG A 34 -3.09 0.74 -5.40
N GLY A 35 -2.64 -0.50 -5.40
CA GLY A 35 -1.75 -0.97 -4.34
C GLY A 35 -2.36 -2.15 -3.60
N CYS A 36 -3.24 -2.86 -4.30
CA CYS A 36 -3.91 -4.01 -3.72
C CYS A 36 -3.50 -5.25 -4.52
N CYS A 37 -4.04 -6.39 -4.11
CA CYS A 37 -3.75 -7.64 -4.77
C CYS A 37 -5.07 -8.31 -5.15
N PHE A 38 -5.19 -8.62 -6.43
CA PHE A 38 -6.40 -9.26 -6.94
C PHE A 38 -6.31 -10.78 -6.80
N ASP A 39 -7.27 -11.33 -6.07
CA ASP A 39 -7.32 -12.77 -5.86
C ASP A 39 -8.02 -13.43 -7.04
N SER A 40 -9.35 -13.45 -6.97
CA SER A 40 -10.14 -14.05 -8.02
C SER A 40 -10.27 -15.56 -7.78
N ARG A 41 -9.34 -16.09 -7.02
CA ARG A 41 -9.33 -17.51 -6.70
C ARG A 41 -10.58 -17.87 -5.88
N ILE A 42 -10.89 -17.01 -4.93
CA ILE A 42 -12.04 -17.22 -4.07
C ILE A 42 -13.00 -16.03 -4.20
N PRO A 43 -14.14 -16.29 -4.89
CA PRO A 43 -15.14 -15.26 -5.10
C PRO A 43 -15.93 -15.00 -3.82
N GLY A 44 -15.64 -15.80 -2.81
CA GLY A 44 -16.31 -15.68 -1.53
C GLY A 44 -15.52 -14.77 -0.58
N VAL A 45 -14.34 -14.38 -1.04
CA VAL A 45 -13.48 -13.51 -0.24
C VAL A 45 -13.20 -12.23 -1.02
N PRO A 46 -12.31 -11.38 -0.43
CA PRO A 46 -11.95 -10.11 -1.06
C PRO A 46 -11.00 -10.35 -2.24
N TRP A 47 -11.45 -9.95 -3.41
CA TRP A 47 -10.64 -10.10 -4.61
C TRP A 47 -9.81 -8.84 -4.79
N CYS A 48 -9.46 -8.24 -3.66
CA CYS A 48 -8.66 -7.02 -3.68
C CYS A 48 -8.25 -6.69 -2.23
N PHE A 49 -6.96 -6.80 -1.98
CA PHE A 49 -6.43 -6.53 -0.66
C PHE A 49 -5.00 -6.01 -0.74
N LYS A 50 -4.37 -5.90 0.43
CA LYS A 50 -3.00 -5.42 0.50
C LYS A 50 -2.13 -6.47 1.18
N PRO A 51 -1.88 -7.58 0.41
CA PRO A 51 -1.06 -8.67 0.91
C PRO A 51 0.42 -8.29 0.93
N LEU A 52 1.12 -8.71 -0.13
CA LEU A 52 2.53 -8.42 -0.26
C LEU A 52 2.72 -7.15 -1.08
N GLN A 53 1.76 -6.25 -0.94
CA GLN A 53 1.81 -4.98 -1.67
C GLN A 53 3.14 -4.28 -1.43
N GLU A 54 3.74 -4.61 -0.30
CA GLU A 54 5.02 -4.01 0.05
C GLU A 54 5.91 -3.87 -1.18
N ALA A 55 5.67 -4.74 -2.14
CA ALA A 55 6.45 -4.72 -3.38
C ALA A 55 6.41 -3.31 -3.97
N GLU A 56 5.38 -3.06 -4.76
CA GLU A 56 5.21 -1.76 -5.39
C GLU A 56 4.51 -0.79 -4.44
N CYS A 57 4.42 -1.22 -3.18
CA CYS A 57 3.77 -0.39 -2.17
C CYS A 57 4.86 0.20 -1.26
N THR A 58 5.50 -0.69 -0.52
CA THR A 58 6.56 -0.26 0.39
C THR A 58 7.53 0.67 -0.33
N PHE A 59 7.66 0.46 -1.63
CA PHE A 59 8.55 1.26 -2.44
C PHE A 59 8.59 2.71 -1.93
N GLU B 1 17.01 -5.60 6.24
CA GLU B 1 17.57 -5.57 7.58
C GLU B 1 17.59 -4.14 8.11
N GLU B 2 18.22 -3.26 7.34
CA GLU B 2 18.32 -1.86 7.72
C GLU B 2 17.11 -1.09 7.21
N TYR B 3 15.94 -1.53 7.64
CA TYR B 3 14.70 -0.89 7.23
C TYR B 3 14.31 0.22 8.22
N VAL B 4 14.98 1.35 8.08
CA VAL B 4 14.71 2.48 8.95
C VAL B 4 14.24 3.67 8.10
N GLY B 5 15.03 3.97 7.08
CA GLY B 5 14.71 5.08 6.18
C GLY B 5 13.50 4.74 5.32
N LEU B 6 12.98 3.55 5.51
CA LEU B 6 11.83 3.10 4.75
C LEU B 6 10.78 2.53 5.72
N SER B 7 11.01 2.76 7.00
CA SER B 7 10.10 2.28 8.02
C SER B 7 9.31 3.45 8.60
N ALA B 8 8.69 3.19 9.75
CA ALA B 8 7.90 4.21 10.42
C ALA B 8 8.78 5.43 10.72
N ASN B 9 8.89 6.30 9.73
CA ASN B 9 9.71 7.49 9.87
C ASN B 9 9.93 8.12 8.50
N GLN B 10 9.97 7.26 7.49
CA GLN B 10 10.17 7.72 6.12
C GLN B 10 9.01 8.61 5.68
N CYS B 11 7.84 8.30 6.20
CA CYS B 11 6.66 9.08 5.87
C CYS B 11 6.83 10.50 6.40
N ALA B 12 7.91 10.67 7.16
CA ALA B 12 8.21 11.98 7.74
C ALA B 12 9.37 12.62 6.97
N VAL B 13 9.73 11.97 5.87
CA VAL B 13 10.81 12.47 5.05
C VAL B 13 10.74 13.99 4.96
N PRO B 14 11.90 14.61 4.63
CA PRO B 14 11.97 16.06 4.52
C PRO B 14 11.31 16.55 3.23
N ALA B 15 10.32 15.78 2.79
CA ALA B 15 9.58 16.12 1.58
C ALA B 15 10.58 16.32 0.43
N LYS B 16 11.18 15.21 0.01
CA LYS B 16 12.15 15.26 -1.08
C LYS B 16 12.93 13.94 -1.10
N ASP B 17 12.20 12.85 -0.91
CA ASP B 17 12.81 11.54 -0.91
C ASP B 17 11.73 10.47 -1.12
N ARG B 18 10.55 10.94 -1.52
CA ARG B 18 9.43 10.05 -1.75
C ARG B 18 9.39 9.61 -3.21
N VAL B 19 8.40 8.78 -3.53
CA VAL B 19 8.24 8.30 -4.88
C VAL B 19 7.02 8.95 -5.51
N ASP B 20 6.61 10.07 -4.94
CA ASP B 20 5.46 10.81 -5.43
C ASP B 20 4.43 9.81 -5.99
N CYS B 21 3.57 9.35 -5.11
CA CYS B 21 2.54 8.40 -5.50
C CYS B 21 1.79 8.97 -6.70
N GLY B 22 1.64 10.29 -6.69
CA GLY B 22 0.94 10.98 -7.77
C GLY B 22 -0.29 10.18 -8.22
N TYR B 23 -1.17 9.95 -7.26
CA TYR B 23 -2.40 9.20 -7.54
C TYR B 23 -3.54 10.15 -7.93
N PRO B 24 -4.43 9.64 -8.81
CA PRO B 24 -5.56 10.42 -9.27
C PRO B 24 -6.64 10.52 -8.19
N HIS B 25 -6.38 9.82 -7.08
CA HIS B 25 -7.32 9.83 -5.97
C HIS B 25 -6.60 10.30 -4.70
N VAL B 26 -5.41 10.87 -4.90
CA VAL B 26 -4.62 11.36 -3.79
C VAL B 26 -5.52 12.12 -2.82
N THR B 27 -5.54 11.67 -1.58
CA THR B 27 -6.35 12.29 -0.56
C THR B 27 -5.92 11.82 0.83
N PRO B 28 -6.19 12.68 1.84
CA PRO B 28 -5.84 12.36 3.22
C PRO B 28 -6.80 11.31 3.80
N LYS B 29 -7.01 10.25 3.04
CA LYS B 29 -7.91 9.19 3.46
C LYS B 29 -7.93 8.10 2.40
N GLU B 30 -7.50 8.48 1.20
CA GLU B 30 -7.47 7.53 0.09
C GLU B 30 -6.06 6.98 -0.09
N CYS B 31 -5.09 7.88 -0.05
CA CYS B 31 -3.70 7.49 -0.20
C CYS B 31 -3.39 6.39 0.82
N ASN B 32 -3.62 6.73 2.09
CA ASN B 32 -3.36 5.80 3.17
C ASN B 32 -4.22 4.55 2.97
N ASN B 33 -5.20 4.68 2.08
CA ASN B 33 -6.10 3.57 1.79
C ASN B 33 -5.54 2.76 0.62
N ARG B 34 -4.83 3.46 -0.27
CA ARG B 34 -4.25 2.82 -1.43
C ARG B 34 -2.89 2.22 -1.07
N GLY B 35 -2.27 2.81 -0.06
CA GLY B 35 -0.96 2.34 0.39
C GLY B 35 0.09 3.44 0.27
N CYS B 36 -0.39 4.68 0.23
CA CYS B 36 0.49 5.82 0.12
C CYS B 36 0.38 6.64 1.41
N CYS B 37 1.21 7.67 1.50
CA CYS B 37 1.23 8.52 2.66
C CYS B 37 0.93 9.95 2.21
N PHE B 38 -0.07 10.55 2.84
CA PHE B 38 -0.46 11.91 2.51
C PHE B 38 0.28 12.91 3.39
N ASP B 39 1.00 13.80 2.74
CA ASP B 39 1.75 14.82 3.45
C ASP B 39 0.84 16.01 3.75
N SER B 40 0.70 16.88 2.75
CA SER B 40 -0.15 18.06 2.90
C SER B 40 0.65 19.19 3.53
N ARG B 41 1.69 18.81 4.27
CA ARG B 41 2.54 19.78 4.94
C ARG B 41 3.23 20.67 3.91
N ILE B 42 3.71 20.03 2.85
CA ILE B 42 4.40 20.74 1.79
C ILE B 42 3.68 20.52 0.47
N PRO B 43 2.99 21.59 0.00
CA PRO B 43 2.25 21.52 -1.26
C PRO B 43 3.20 21.55 -2.45
N GLY B 44 4.48 21.71 -2.15
CA GLY B 44 5.49 21.77 -3.19
C GLY B 44 6.05 20.37 -3.48
N VAL B 45 5.65 19.42 -2.64
CA VAL B 45 6.11 18.05 -2.79
C VAL B 45 4.90 17.13 -2.98
N PRO B 46 5.19 15.81 -3.04
CA PRO B 46 4.14 14.82 -3.23
C PRO B 46 3.34 14.63 -1.93
N TRP B 47 2.05 14.93 -2.03
CA TRP B 47 1.17 14.78 -0.88
C TRP B 47 0.58 13.37 -0.90
N CYS B 48 1.34 12.47 -1.49
CA CYS B 48 0.90 11.08 -1.59
C CYS B 48 2.06 10.25 -2.14
N PHE B 49 2.71 9.52 -1.25
CA PHE B 49 3.82 8.69 -1.63
C PHE B 49 3.75 7.32 -0.94
N LYS B 50 4.86 6.59 -1.02
CA LYS B 50 4.93 5.27 -0.42
C LYS B 50 6.12 5.23 0.55
N PRO B 51 6.02 6.05 1.62
CA PRO B 51 7.07 6.11 2.63
C PRO B 51 7.05 4.87 3.52
N LEU B 52 6.38 5.02 4.67
CA LEU B 52 6.28 3.92 5.61
C LEU B 52 4.86 3.34 5.57
N GLN B 53 4.25 3.46 4.40
CA GLN B 53 2.90 2.96 4.21
C GLN B 53 2.77 1.55 4.81
N GLU B 54 3.91 0.93 5.02
CA GLU B 54 3.94 -0.41 5.58
C GLU B 54 2.93 -0.53 6.72
N ALA B 55 2.61 0.62 7.29
CA ALA B 55 1.65 0.66 8.40
C ALA B 55 0.65 -0.48 8.24
N GLU B 56 -0.21 -0.35 7.24
CA GLU B 56 -1.22 -1.36 6.97
C GLU B 56 -1.15 -1.80 5.50
N CYS B 57 -0.10 -1.35 4.83
CA CYS B 57 0.08 -1.69 3.43
C CYS B 57 0.86 -3.00 3.35
N THR B 58 2.15 -2.91 3.62
CA THR B 58 3.01 -4.07 3.59
C THR B 58 2.30 -5.28 4.21
N PHE B 59 1.54 -4.99 5.26
CA PHE B 59 0.82 -6.04 5.96
C PHE B 59 0.42 -7.17 5.01
N GLU A 1 12.78 -13.29 6.49
CA GLU A 1 12.84 -13.45 7.93
C GLU A 1 11.88 -12.49 8.63
N GLU A 2 12.16 -11.20 8.45
CA GLU A 2 11.33 -10.16 9.03
C GLU A 2 10.01 -10.03 8.27
N TYR A 3 10.10 -9.42 7.09
CA TYR A 3 8.93 -9.24 6.26
C TYR A 3 8.73 -10.42 5.31
N VAL A 4 8.14 -11.47 5.84
CA VAL A 4 7.88 -12.66 5.06
C VAL A 4 6.40 -13.02 5.15
N GLY A 5 5.90 -13.07 6.38
CA GLY A 5 4.51 -13.40 6.62
C GLY A 5 3.59 -12.26 6.16
N LEU A 6 4.22 -11.21 5.65
CA LEU A 6 3.47 -10.05 5.17
C LEU A 6 3.91 -9.72 3.74
N SER A 7 4.84 -10.53 3.24
CA SER A 7 5.35 -10.33 1.89
C SER A 7 4.89 -11.47 0.99
N ALA A 8 5.70 -11.75 -0.02
CA ALA A 8 5.39 -12.82 -0.96
C ALA A 8 4.78 -13.99 -0.20
N ASN A 9 3.84 -14.65 -0.86
CA ASN A 9 3.17 -15.80 -0.27
C ASN A 9 1.95 -15.32 0.52
N GLN A 10 2.12 -14.17 1.16
CA GLN A 10 1.05 -13.59 1.94
C GLN A 10 -0.19 -13.35 1.08
N CYS A 11 0.06 -12.88 -0.14
CA CYS A 11 -1.03 -12.62 -1.07
C CYS A 11 -1.70 -13.95 -1.40
N ALA A 12 -1.09 -15.02 -0.94
CA ALA A 12 -1.62 -16.36 -1.19
C ALA A 12 -2.38 -16.83 0.05
N VAL A 13 -2.76 -15.86 0.88
CA VAL A 13 -3.49 -16.16 2.10
C VAL A 13 -4.52 -17.26 1.82
N PRO A 14 -5.10 -17.82 2.91
CA PRO A 14 -6.09 -18.85 2.80
C PRO A 14 -7.44 -18.29 2.34
N ALA A 15 -7.43 -17.00 2.04
CA ALA A 15 -8.63 -16.32 1.60
C ALA A 15 -9.48 -15.95 2.82
N LYS A 16 -8.81 -15.39 3.82
CA LYS A 16 -9.50 -14.98 5.04
C LYS A 16 -8.47 -14.43 6.03
N ASP A 17 -7.57 -13.62 5.50
CA ASP A 17 -6.54 -13.02 6.32
C ASP A 17 -6.12 -11.67 5.72
N ARG A 18 -6.92 -11.22 4.76
CA ARG A 18 -6.64 -9.96 4.08
C ARG A 18 -7.39 -8.82 4.79
N VAL A 19 -7.25 -7.64 4.21
CA VAL A 19 -7.90 -6.46 4.77
C VAL A 19 -8.96 -5.95 3.78
N ASP A 20 -9.37 -6.84 2.90
CA ASP A 20 -10.37 -6.49 1.89
C ASP A 20 -10.18 -5.03 1.48
N CYS A 21 -9.35 -4.83 0.47
CA CYS A 21 -9.08 -3.50 -0.03
C CYS A 21 -10.42 -2.79 -0.27
N GLY A 22 -11.40 -3.59 -0.68
CA GLY A 22 -12.73 -3.06 -0.94
C GLY A 22 -12.67 -1.94 -1.98
N TYR A 23 -12.10 -2.27 -3.13
CA TYR A 23 -11.97 -1.31 -4.21
C TYR A 23 -13.18 -1.35 -5.14
N PRO A 24 -13.61 -0.15 -5.61
CA PRO A 24 -14.75 -0.06 -6.50
C PRO A 24 -14.38 -0.52 -7.92
N HIS A 25 -13.09 -0.74 -8.11
CA HIS A 25 -12.61 -1.18 -9.41
C HIS A 25 -11.66 -2.38 -9.22
N VAL A 26 -12.14 -3.34 -8.45
CA VAL A 26 -11.36 -4.54 -8.19
C VAL A 26 -11.16 -5.32 -9.49
N THR A 27 -9.91 -5.53 -9.84
CA THR A 27 -9.58 -6.26 -11.05
C THR A 27 -8.08 -6.59 -11.09
N PRO A 28 -7.76 -7.69 -11.82
CA PRO A 28 -6.38 -8.12 -11.95
C PRO A 28 -5.59 -7.21 -12.89
N LYS A 29 -5.59 -5.92 -12.55
CA LYS A 29 -4.88 -4.94 -13.36
C LYS A 29 -5.03 -3.57 -12.72
N GLU A 30 -6.12 -3.41 -11.98
CA GLU A 30 -6.38 -2.15 -11.30
C GLU A 30 -5.93 -2.21 -9.85
N CYS A 31 -6.30 -3.31 -9.20
CA CYS A 31 -5.94 -3.51 -7.81
C CYS A 31 -4.41 -3.61 -7.71
N ASN A 32 -3.86 -4.52 -8.48
CA ASN A 32 -2.41 -4.72 -8.50
C ASN A 32 -1.73 -3.45 -9.03
N ASN A 33 -2.57 -2.52 -9.48
CA ASN A 33 -2.06 -1.27 -10.02
C ASN A 33 -2.31 -0.14 -9.00
N ARG A 34 -3.34 -0.34 -8.20
CA ARG A 34 -3.70 0.64 -7.18
C ARG A 34 -2.88 0.42 -5.91
N GLY A 35 -2.53 -0.84 -5.68
CA GLY A 35 -1.75 -1.21 -4.51
C GLY A 35 -2.42 -2.34 -3.74
N CYS A 36 -3.25 -3.09 -4.45
CA CYS A 36 -3.95 -4.21 -3.84
C CYS A 36 -3.55 -5.48 -4.59
N CYS A 37 -4.08 -6.60 -4.10
CA CYS A 37 -3.78 -7.89 -4.70
C CYS A 37 -5.11 -8.54 -5.11
N PHE A 38 -5.16 -8.96 -6.36
CA PHE A 38 -6.36 -9.60 -6.89
C PHE A 38 -6.32 -11.11 -6.67
N ASP A 39 -7.31 -11.60 -5.95
CA ASP A 39 -7.39 -13.03 -5.67
C ASP A 39 -7.87 -13.77 -6.93
N SER A 40 -9.18 -13.89 -7.03
CA SER A 40 -9.78 -14.56 -8.17
C SER A 40 -9.93 -16.06 -7.88
N ARG A 41 -9.12 -16.52 -6.94
CA ARG A 41 -9.15 -17.92 -6.56
C ARG A 41 -10.43 -18.23 -5.76
N ILE A 42 -10.73 -17.34 -4.83
CA ILE A 42 -11.92 -17.51 -4.01
C ILE A 42 -12.85 -16.30 -4.21
N PRO A 43 -13.97 -16.57 -4.94
CA PRO A 43 -14.94 -15.52 -5.23
C PRO A 43 -15.78 -15.20 -3.99
N GLY A 44 -15.53 -15.98 -2.94
CA GLY A 44 -16.26 -15.80 -1.69
C GLY A 44 -15.48 -14.88 -0.73
N VAL A 45 -14.29 -14.49 -1.18
CA VAL A 45 -13.45 -13.61 -0.38
C VAL A 45 -13.16 -12.33 -1.16
N PRO A 46 -12.30 -11.47 -0.55
CA PRO A 46 -11.93 -10.21 -1.19
C PRO A 46 -10.95 -10.44 -2.33
N TRP A 47 -11.35 -9.99 -3.51
CA TRP A 47 -10.52 -10.14 -4.69
C TRP A 47 -9.70 -8.86 -4.86
N CYS A 48 -9.44 -8.22 -3.73
CA CYS A 48 -8.66 -6.98 -3.74
C CYS A 48 -8.27 -6.66 -2.29
N PHE A 49 -7.01 -6.93 -1.98
CA PHE A 49 -6.50 -6.67 -0.65
C PHE A 49 -5.08 -6.11 -0.71
N LYS A 50 -4.46 -6.01 0.47
CA LYS A 50 -3.11 -5.49 0.56
C LYS A 50 -2.22 -6.53 1.25
N PRO A 51 -1.96 -7.65 0.50
CA PRO A 51 -1.13 -8.72 1.03
C PRO A 51 0.35 -8.33 1.01
N LEU A 52 1.04 -8.82 -0.01
CA LEU A 52 2.45 -8.52 -0.16
C LEU A 52 2.63 -7.30 -1.06
N GLN A 53 1.68 -6.38 -0.95
CA GLN A 53 1.71 -5.16 -1.75
C GLN A 53 3.06 -4.46 -1.58
N GLU A 54 3.73 -4.78 -0.48
CA GLU A 54 5.02 -4.18 -0.19
C GLU A 54 5.85 -4.08 -1.46
N ALA A 55 5.57 -5.00 -2.39
CA ALA A 55 6.29 -5.02 -3.66
C ALA A 55 6.51 -3.59 -4.14
N GLU A 56 5.41 -2.95 -4.53
CA GLU A 56 5.48 -1.59 -5.01
C GLU A 56 4.54 -0.69 -4.20
N CYS A 57 4.28 -1.12 -2.97
CA CYS A 57 3.41 -0.37 -2.10
C CYS A 57 4.28 0.39 -1.08
N THR A 58 4.85 -0.37 -0.17
CA THR A 58 5.71 0.21 0.86
C THR A 58 6.89 0.95 0.21
N PHE A 59 7.39 0.36 -0.86
CA PHE A 59 8.52 0.95 -1.57
C PHE A 59 8.43 2.48 -1.57
N GLU B 1 17.11 -5.88 5.55
CA GLU B 1 16.94 -6.13 6.97
C GLU B 1 16.88 -4.82 7.75
N GLU B 2 17.69 -3.87 7.29
CA GLU B 2 17.75 -2.56 7.94
C GLU B 2 16.73 -1.62 7.29
N TYR B 3 15.46 -1.90 7.54
CA TYR B 3 14.39 -1.09 6.98
C TYR B 3 14.00 0.03 7.95
N VAL B 4 14.69 1.15 7.80
CA VAL B 4 14.43 2.31 8.65
C VAL B 4 13.98 3.48 7.78
N GLY B 5 14.75 3.74 6.74
CA GLY B 5 14.44 4.83 5.82
C GLY B 5 13.21 4.49 4.97
N LEU B 6 12.65 3.32 5.23
CA LEU B 6 11.48 2.87 4.50
C LEU B 6 10.43 2.38 5.49
N SER B 7 10.70 2.62 6.76
CA SER B 7 9.78 2.23 7.81
C SER B 7 9.10 3.46 8.41
N ALA B 8 8.53 3.27 9.60
CA ALA B 8 7.85 4.35 10.27
C ALA B 8 8.83 5.50 10.51
N ASN B 9 8.97 6.34 9.49
CA ASN B 9 9.86 7.47 9.57
C ASN B 9 10.06 8.06 8.17
N GLN B 10 9.97 7.19 7.18
CA GLN B 10 10.13 7.60 5.79
C GLN B 10 9.00 8.53 5.38
N CYS B 11 7.85 8.33 6.01
CA CYS B 11 6.68 9.15 5.72
C CYS B 11 6.93 10.56 6.24
N ALA B 12 8.08 10.72 6.89
CA ALA B 12 8.45 12.01 7.43
C ALA B 12 9.68 12.54 6.70
N VAL B 13 10.02 11.86 5.61
CA VAL B 13 11.16 12.25 4.81
C VAL B 13 11.21 13.78 4.69
N PRO B 14 12.39 14.29 4.26
CA PRO B 14 12.58 15.72 4.11
C PRO B 14 11.86 16.23 2.86
N ALA B 15 10.74 15.60 2.56
CA ALA B 15 9.96 15.97 1.39
C ALA B 15 10.90 16.20 0.20
N LYS B 16 11.44 15.11 -0.30
CA LYS B 16 12.35 15.17 -1.43
C LYS B 16 13.02 13.80 -1.61
N ASP B 17 12.20 12.76 -1.48
CA ASP B 17 12.70 11.40 -1.64
C ASP B 17 11.53 10.47 -2.00
N ARG B 18 10.36 10.84 -1.50
CA ARG B 18 9.17 10.06 -1.76
C ARG B 18 9.09 9.67 -3.24
N VAL B 19 8.13 8.81 -3.56
CA VAL B 19 7.95 8.36 -4.93
C VAL B 19 6.72 9.06 -5.53
N ASP B 20 6.36 10.18 -4.92
CA ASP B 20 5.20 10.93 -5.38
C ASP B 20 4.19 9.98 -6.00
N CYS B 21 3.33 9.45 -5.14
CA CYS B 21 2.31 8.52 -5.60
C CYS B 21 1.59 9.15 -6.80
N GLY B 22 1.43 10.46 -6.74
CA GLY B 22 0.77 11.18 -7.80
C GLY B 22 -0.61 10.60 -8.09
N TYR B 23 -1.45 10.62 -7.06
CA TYR B 23 -2.81 10.10 -7.19
C TYR B 23 -3.79 11.20 -7.61
N PRO B 24 -4.71 10.83 -8.53
CA PRO B 24 -5.70 11.77 -9.02
C PRO B 24 -6.80 12.00 -7.97
N HIS B 25 -6.66 11.29 -6.86
CA HIS B 25 -7.63 11.42 -5.78
C HIS B 25 -6.89 11.72 -4.47
N VAL B 26 -5.63 12.11 -4.61
CA VAL B 26 -4.82 12.44 -3.46
C VAL B 26 -5.67 13.19 -2.43
N THR B 27 -5.65 12.69 -1.21
CA THR B 27 -6.41 13.30 -0.13
C THR B 27 -5.96 12.73 1.22
N PRO B 28 -6.17 13.56 2.28
CA PRO B 28 -5.78 13.16 3.63
C PRO B 28 -6.78 12.15 4.20
N LYS B 29 -7.09 11.16 3.37
CA LYS B 29 -8.01 10.11 3.78
C LYS B 29 -8.15 9.09 2.65
N GLU B 30 -7.71 9.49 1.47
CA GLU B 30 -7.78 8.63 0.30
C GLU B 30 -6.42 7.98 0.05
N CYS B 31 -5.38 8.80 0.12
CA CYS B 31 -4.03 8.32 -0.10
C CYS B 31 -3.77 7.16 0.87
N ASN B 32 -3.96 7.44 2.14
CA ASN B 32 -3.75 6.43 3.17
C ASN B 32 -4.72 5.27 2.96
N ASN B 33 -5.70 5.51 2.09
CA ASN B 33 -6.69 4.50 1.78
C ASN B 33 -6.27 3.74 0.52
N ARG B 34 -5.50 4.42 -0.32
CA ARG B 34 -5.03 3.83 -1.56
C ARG B 34 -3.72 3.08 -1.31
N GLY B 35 -3.00 3.52 -0.29
CA GLY B 35 -1.73 2.90 0.06
C GLY B 35 -0.59 3.92 -0.02
N CYS B 36 -0.95 5.18 0.09
CA CYS B 36 0.03 6.25 0.03
C CYS B 36 -0.03 7.03 1.34
N CYS B 37 0.91 7.96 1.48
CA CYS B 37 0.97 8.78 2.69
C CYS B 37 0.69 10.23 2.29
N PHE B 38 -0.18 10.85 3.07
CA PHE B 38 -0.54 12.24 2.82
C PHE B 38 0.41 13.20 3.55
N ASP B 39 1.00 14.09 2.76
CA ASP B 39 1.93 15.06 3.30
C ASP B 39 1.17 16.07 4.17
N SER B 40 0.86 17.21 3.55
CA SER B 40 0.13 18.26 4.26
C SER B 40 1.11 19.26 4.86
N ARG B 41 2.37 18.87 4.87
CA ARG B 41 3.41 19.73 5.42
C ARG B 41 3.99 20.63 4.33
N ILE B 42 4.49 20.00 3.27
CA ILE B 42 5.08 20.73 2.17
C ILE B 42 4.12 20.66 0.97
N PRO B 43 3.62 21.85 0.57
CA PRO B 43 2.70 21.93 -0.56
C PRO B 43 3.44 21.78 -1.88
N GLY B 44 4.76 21.89 -1.81
CA GLY B 44 5.60 21.76 -2.99
C GLY B 44 6.04 20.31 -3.18
N VAL B 45 5.71 19.49 -2.20
CA VAL B 45 6.07 18.08 -2.25
C VAL B 45 4.82 17.24 -2.51
N PRO B 46 5.04 15.93 -2.77
CA PRO B 46 3.94 15.02 -3.05
C PRO B 46 3.19 14.67 -1.75
N TRP B 47 1.93 15.05 -1.72
CA TRP B 47 1.09 14.79 -0.56
C TRP B 47 0.44 13.42 -0.75
N CYS B 48 1.16 12.55 -1.45
CA CYS B 48 0.65 11.20 -1.71
C CYS B 48 1.82 10.35 -2.21
N PHE B 49 2.41 9.62 -1.27
CA PHE B 49 3.53 8.75 -1.61
C PHE B 49 3.44 7.42 -0.87
N LYS B 50 4.49 6.62 -1.00
CA LYS B 50 4.54 5.32 -0.36
C LYS B 50 5.75 5.25 0.57
N PRO B 51 5.68 6.04 1.67
CA PRO B 51 6.76 6.08 2.64
C PRO B 51 6.77 4.82 3.50
N LEU B 52 6.14 4.93 4.66
CA LEU B 52 6.08 3.81 5.59
C LEU B 52 4.70 3.14 5.47
N GLN B 53 4.22 3.05 4.24
CA GLN B 53 2.92 2.45 3.99
C GLN B 53 2.82 1.09 4.69
N GLU B 54 3.98 0.55 5.05
CA GLU B 54 4.03 -0.72 5.73
C GLU B 54 2.93 -0.81 6.79
N ALA B 55 2.52 0.36 7.27
CA ALA B 55 1.48 0.42 8.28
C ALA B 55 0.48 -0.71 8.04
N GLU B 56 -0.26 -0.59 6.95
CA GLU B 56 -1.25 -1.59 6.60
C GLU B 56 -1.21 -1.90 5.11
N CYS B 57 -0.06 -1.59 4.51
CA CYS B 57 0.12 -1.82 3.09
C CYS B 57 0.91 -3.12 2.92
N THR B 58 2.04 -3.18 3.60
CA THR B 58 2.90 -4.36 3.54
C THR B 58 2.24 -5.54 4.26
N PHE B 59 1.46 -5.21 5.29
CA PHE B 59 0.78 -6.23 6.06
C PHE B 59 0.38 -7.41 5.19
N GLU A 1 6.03 -11.77 13.42
CA GLU A 1 7.38 -11.62 13.92
C GLU A 1 8.39 -11.69 12.77
N GLU A 2 8.42 -12.85 12.12
CA GLU A 2 9.33 -13.05 11.00
C GLU A 2 8.64 -12.68 9.68
N TYR A 3 8.63 -11.38 9.40
CA TYR A 3 8.02 -10.88 8.19
C TYR A 3 7.99 -11.95 7.10
N VAL A 4 6.96 -12.79 7.16
CA VAL A 4 6.81 -13.85 6.19
C VAL A 4 5.34 -13.97 5.79
N GLY A 5 4.49 -13.97 6.81
CA GLY A 5 3.05 -14.07 6.59
C GLY A 5 2.50 -12.78 5.98
N LEU A 6 3.38 -11.81 5.81
CA LEU A 6 2.99 -10.53 5.24
C LEU A 6 3.97 -10.16 4.13
N SER A 7 4.77 -11.14 3.72
CA SER A 7 5.75 -10.92 2.68
C SER A 7 5.27 -11.56 1.36
N ALA A 8 6.17 -11.59 0.40
CA ALA A 8 5.86 -12.16 -0.89
C ALA A 8 5.45 -13.62 -0.72
N ASN A 9 4.16 -13.82 -0.45
CA ASN A 9 3.63 -15.15 -0.26
C ASN A 9 2.26 -15.06 0.41
N GLN A 10 2.09 -14.00 1.19
CA GLN A 10 0.83 -13.79 1.88
C GLN A 10 -0.30 -13.55 0.88
N CYS A 11 0.06 -12.91 -0.23
CA CYS A 11 -0.92 -12.63 -1.27
C CYS A 11 -1.46 -13.95 -1.80
N ALA A 12 -0.83 -15.03 -1.35
CA ALA A 12 -1.24 -16.36 -1.78
C ALA A 12 -1.93 -17.07 -0.62
N VAL A 13 -2.45 -16.27 0.31
CA VAL A 13 -3.14 -16.80 1.47
C VAL A 13 -4.17 -17.83 1.01
N PRO A 14 -4.70 -18.60 2.00
CA PRO A 14 -5.70 -19.61 1.71
C PRO A 14 -7.06 -18.98 1.42
N ALA A 15 -7.06 -17.66 1.36
CA ALA A 15 -8.28 -16.92 1.09
C ALA A 15 -9.05 -16.71 2.39
N LYS A 16 -8.37 -16.07 3.33
CA LYS A 16 -8.97 -15.79 4.63
C LYS A 16 -7.91 -15.25 5.58
N ASP A 17 -7.10 -14.34 5.06
CA ASP A 17 -6.04 -13.74 5.84
C ASP A 17 -5.76 -12.33 5.33
N ARG A 18 -6.62 -11.88 4.43
CA ARG A 18 -6.49 -10.55 3.85
C ARG A 18 -7.28 -9.53 4.67
N VAL A 19 -7.16 -8.27 4.26
CA VAL A 19 -7.84 -7.20 4.94
C VAL A 19 -8.89 -6.60 4.01
N ASP A 20 -9.31 -7.40 3.04
CA ASP A 20 -10.30 -6.96 2.08
C ASP A 20 -10.15 -5.46 1.84
N CYS A 21 -9.31 -5.13 0.86
CA CYS A 21 -9.07 -3.74 0.52
C CYS A 21 -10.42 -3.05 0.35
N GLY A 22 -11.38 -3.81 -0.15
CA GLY A 22 -12.72 -3.28 -0.38
C GLY A 22 -12.67 -2.04 -1.27
N TYR A 23 -12.10 -2.21 -2.45
CA TYR A 23 -11.99 -1.12 -3.40
C TYR A 23 -13.21 -1.06 -4.32
N PRO A 24 -13.69 0.19 -4.57
CA PRO A 24 -14.85 0.40 -5.42
C PRO A 24 -14.48 0.21 -6.90
N HIS A 25 -13.20 0.02 -7.13
CA HIS A 25 -12.69 -0.17 -8.48
C HIS A 25 -11.93 -1.49 -8.56
N VAL A 26 -12.18 -2.35 -7.59
CA VAL A 26 -11.52 -3.65 -7.54
C VAL A 26 -11.44 -4.22 -8.96
N THR A 27 -10.23 -4.54 -9.37
CA THR A 27 -10.00 -5.09 -10.69
C THR A 27 -8.58 -5.67 -10.79
N PRO A 28 -8.44 -6.67 -11.71
CA PRO A 28 -7.15 -7.31 -11.90
C PRO A 28 -6.21 -6.41 -12.70
N LYS A 29 -6.04 -5.20 -12.19
CA LYS A 29 -5.16 -4.23 -12.85
C LYS A 29 -5.22 -2.91 -12.08
N GLU A 30 -6.33 -2.72 -11.38
CA GLU A 30 -6.52 -1.50 -10.60
C GLU A 30 -6.05 -1.71 -9.16
N CYS A 31 -6.41 -2.87 -8.62
CA CYS A 31 -6.03 -3.21 -7.26
C CYS A 31 -4.51 -3.22 -7.17
N ASN A 32 -3.91 -4.05 -8.02
CA ASN A 32 -2.46 -4.17 -8.05
C ASN A 32 -1.85 -2.84 -8.50
N ASN A 33 -2.73 -1.90 -8.85
CA ASN A 33 -2.29 -0.60 -9.30
C ASN A 33 -2.53 0.42 -8.18
N ARG A 34 -3.51 0.14 -7.36
CA ARG A 34 -3.85 1.02 -6.26
C ARG A 34 -2.98 0.70 -5.03
N GLY A 35 -2.61 -0.56 -4.94
CA GLY A 35 -1.77 -1.01 -3.83
C GLY A 35 -2.40 -2.22 -3.13
N CYS A 36 -3.25 -2.92 -3.88
CA CYS A 36 -3.91 -4.10 -3.35
C CYS A 36 -3.50 -5.31 -4.19
N CYS A 37 -4.01 -6.46 -3.81
CA CYS A 37 -3.71 -7.69 -4.52
C CYS A 37 -5.03 -8.30 -5.01
N PHE A 38 -5.04 -8.63 -6.30
CA PHE A 38 -6.22 -9.22 -6.90
C PHE A 38 -6.29 -10.71 -6.62
N ASP A 39 -7.46 -11.14 -6.13
CA ASP A 39 -7.65 -12.55 -5.82
C ASP A 39 -7.57 -13.37 -7.11
N SER A 40 -8.74 -13.71 -7.63
CA SER A 40 -8.82 -14.48 -8.86
C SER A 40 -8.83 -15.98 -8.53
N ARG A 41 -8.62 -16.27 -7.26
CA ARG A 41 -8.62 -17.65 -6.80
C ARG A 41 -10.02 -18.07 -6.34
N ILE A 42 -10.52 -17.37 -5.35
CA ILE A 42 -11.84 -17.65 -4.82
C ILE A 42 -12.72 -16.41 -4.97
N PRO A 43 -13.94 -16.64 -5.54
CA PRO A 43 -14.89 -15.55 -5.74
C PRO A 43 -15.53 -15.13 -4.42
N GLY A 44 -15.33 -15.96 -3.41
CA GLY A 44 -15.88 -15.68 -2.09
C GLY A 44 -14.89 -14.89 -1.23
N VAL A 45 -13.69 -14.72 -1.77
CA VAL A 45 -12.66 -13.98 -1.06
C VAL A 45 -12.54 -12.59 -1.66
N PRO A 46 -11.75 -11.72 -0.95
CA PRO A 46 -11.54 -10.37 -1.41
C PRO A 46 -10.59 -10.31 -2.60
N TRP A 47 -11.12 -9.87 -3.73
CA TRP A 47 -10.33 -9.77 -4.94
C TRP A 47 -9.61 -8.43 -4.93
N CYS A 48 -9.31 -7.96 -3.72
CA CYS A 48 -8.63 -6.69 -3.56
C CYS A 48 -8.24 -6.54 -2.09
N PHE A 49 -7.00 -6.89 -1.80
CA PHE A 49 -6.48 -6.81 -0.44
C PHE A 49 -5.06 -6.23 -0.42
N LYS A 50 -4.48 -6.23 0.76
CA LYS A 50 -3.13 -5.71 0.93
C LYS A 50 -2.25 -6.81 1.55
N PRO A 51 -1.97 -7.85 0.73
CA PRO A 51 -1.14 -8.95 1.18
C PRO A 51 0.33 -8.55 1.23
N LEU A 52 1.06 -8.96 0.20
CA LEU A 52 2.48 -8.65 0.12
C LEU A 52 2.67 -7.36 -0.69
N GLN A 53 1.70 -6.46 -0.55
CA GLN A 53 1.75 -5.19 -1.26
C GLN A 53 3.09 -4.51 -1.02
N GLU A 54 3.74 -4.89 0.07
CA GLU A 54 5.03 -4.32 0.43
C GLU A 54 5.89 -4.16 -0.83
N ALA A 55 5.62 -5.00 -1.81
CA ALA A 55 6.37 -4.96 -3.05
C ALA A 55 6.67 -3.50 -3.41
N GLU A 56 5.63 -2.80 -3.83
CA GLU A 56 5.77 -1.40 -4.20
C GLU A 56 4.76 -0.54 -3.45
N CYS A 57 4.34 -1.05 -2.29
CA CYS A 57 3.38 -0.35 -1.46
C CYS A 57 4.13 0.31 -0.30
N THR A 58 4.76 -0.52 0.49
CA THR A 58 5.51 -0.04 1.64
C THR A 58 6.76 0.72 1.18
N PHE A 59 7.34 0.23 0.08
CA PHE A 59 8.53 0.85 -0.48
C PHE A 59 8.46 2.37 -0.36
N GLU B 1 21.18 1.36 7.37
CA GLU B 1 20.04 1.00 8.18
C GLU B 1 19.10 0.08 7.40
N GLU B 2 18.33 -0.71 8.14
CA GLU B 2 17.40 -1.63 7.52
C GLU B 2 16.04 -0.96 7.32
N TYR B 3 15.00 -1.67 7.73
CA TYR B 3 13.64 -1.16 7.61
C TYR B 3 13.43 0.05 8.52
N VAL B 4 14.13 1.13 8.20
CA VAL B 4 14.02 2.35 8.98
C VAL B 4 13.63 3.51 8.07
N GLY B 5 14.40 3.66 6.99
CA GLY B 5 14.15 4.72 6.03
C GLY B 5 12.90 4.42 5.21
N LEU B 6 12.26 3.30 5.53
CA LEU B 6 11.06 2.89 4.83
C LEU B 6 9.99 2.50 5.86
N SER B 7 10.29 2.79 7.12
CA SER B 7 9.36 2.48 8.19
C SER B 7 8.71 3.75 8.71
N ALA B 8 8.11 3.63 9.89
CA ALA B 8 7.44 4.77 10.50
C ALA B 8 8.44 5.91 10.69
N ASN B 9 8.64 6.67 9.63
CA ASN B 9 9.56 7.79 9.67
C ASN B 9 9.79 8.31 8.25
N GLN B 10 9.72 7.39 7.30
CA GLN B 10 9.92 7.74 5.91
C GLN B 10 8.80 8.66 5.43
N CYS B 11 7.64 8.50 6.04
CA CYS B 11 6.48 9.31 5.69
C CYS B 11 6.75 10.75 6.14
N ALA B 12 7.88 10.93 6.81
CA ALA B 12 8.26 12.24 7.29
C ALA B 12 9.50 12.72 6.53
N VAL B 13 9.83 11.98 5.49
CA VAL B 13 10.98 12.32 4.67
C VAL B 13 11.05 13.84 4.47
N PRO B 14 12.24 14.31 4.05
CA PRO B 14 12.44 15.74 3.82
C PRO B 14 11.78 16.18 2.53
N ALA B 15 10.70 15.50 2.18
CA ALA B 15 9.96 15.81 0.97
C ALA B 15 10.93 15.82 -0.21
N LYS B 16 11.39 14.64 -0.58
CA LYS B 16 12.32 14.50 -1.69
C LYS B 16 12.98 13.13 -1.64
N ASP B 17 12.16 12.13 -1.35
CA ASP B 17 12.64 10.76 -1.27
C ASP B 17 11.47 9.79 -1.44
N ARG B 18 10.33 10.35 -1.83
CA ARG B 18 9.14 9.56 -2.02
C ARG B 18 9.05 9.08 -3.48
N VAL B 19 8.01 8.32 -3.76
CA VAL B 19 7.80 7.80 -5.10
C VAL B 19 6.61 8.52 -5.75
N ASP B 20 6.28 9.66 -5.17
CA ASP B 20 5.17 10.46 -5.68
C ASP B 20 4.09 9.52 -6.23
N CYS B 21 3.23 9.06 -5.33
CA CYS B 21 2.15 8.17 -5.71
C CYS B 21 1.43 8.77 -6.92
N GLY B 22 1.33 10.09 -6.90
CA GLY B 22 0.67 10.79 -7.99
C GLY B 22 -0.73 10.24 -8.23
N TYR B 23 -1.56 10.33 -7.19
CA TYR B 23 -2.92 9.84 -7.28
C TYR B 23 -3.88 10.96 -7.70
N PRO B 24 -4.84 10.59 -8.60
CA PRO B 24 -5.81 11.54 -9.09
C PRO B 24 -6.87 11.85 -8.02
N HIS B 25 -6.74 11.18 -6.89
CA HIS B 25 -7.67 11.37 -5.79
C HIS B 25 -6.90 11.71 -4.52
N VAL B 26 -5.62 12.03 -4.71
CA VAL B 26 -4.76 12.38 -3.59
C VAL B 26 -5.56 13.22 -2.58
N THR B 27 -5.53 12.76 -1.33
CA THR B 27 -6.24 13.45 -0.28
C THR B 27 -5.83 12.89 1.09
N PRO B 28 -5.99 13.75 2.13
CA PRO B 28 -5.64 13.35 3.48
C PRO B 28 -6.70 12.40 4.07
N LYS B 29 -7.05 11.40 3.27
CA LYS B 29 -8.04 10.42 3.68
C LYS B 29 -8.21 9.38 2.59
N GLU B 30 -7.73 9.73 1.40
CA GLU B 30 -7.83 8.83 0.26
C GLU B 30 -6.50 8.11 0.04
N CYS B 31 -5.42 8.89 0.08
CA CYS B 31 -4.09 8.34 -0.11
C CYS B 31 -3.88 7.21 0.90
N ASN B 32 -4.06 7.56 2.17
CA ASN B 32 -3.90 6.59 3.24
C ASN B 32 -4.91 5.46 3.06
N ASN B 33 -5.87 5.70 2.17
CA ASN B 33 -6.90 4.71 1.89
C ASN B 33 -6.48 3.88 0.68
N ARG B 34 -5.71 4.50 -0.20
CA ARG B 34 -5.24 3.82 -1.40
C ARG B 34 -3.94 3.08 -1.11
N GLY B 35 -3.23 3.54 -0.09
CA GLY B 35 -1.98 2.92 0.31
C GLY B 35 -0.82 3.91 0.17
N CYS B 36 -1.16 5.19 0.19
CA CYS B 36 -0.16 6.23 0.07
C CYS B 36 -0.23 7.11 1.32
N CYS B 37 0.79 7.95 1.48
CA CYS B 37 0.86 8.84 2.63
C CYS B 37 0.67 10.27 2.12
N PHE B 38 -0.16 11.01 2.85
CA PHE B 38 -0.45 12.39 2.49
C PHE B 38 0.41 13.36 3.33
N ASP B 39 1.27 14.08 2.63
CA ASP B 39 2.15 15.03 3.29
C ASP B 39 1.34 16.28 3.68
N SER B 40 1.22 17.18 2.72
CA SER B 40 0.48 18.41 2.93
C SER B 40 1.40 19.48 3.51
N ARG B 41 2.46 19.02 4.17
CA ARG B 41 3.43 19.92 4.76
C ARG B 41 4.17 20.70 3.68
N ILE B 42 4.54 19.99 2.63
CA ILE B 42 5.26 20.60 1.52
C ILE B 42 4.45 20.40 0.23
N PRO B 43 3.82 21.52 -0.22
CA PRO B 43 3.02 21.49 -1.42
C PRO B 43 3.91 21.46 -2.67
N GLY B 44 5.21 21.52 -2.44
CA GLY B 44 6.17 21.49 -3.52
C GLY B 44 6.59 20.06 -3.84
N VAL B 45 6.13 19.14 -3.01
CA VAL B 45 6.46 17.74 -3.19
C VAL B 45 5.16 16.93 -3.34
N PRO B 46 5.33 15.59 -3.45
CA PRO B 46 4.19 14.70 -3.60
C PRO B 46 3.45 14.53 -2.27
N TRP B 47 2.19 14.92 -2.28
CA TRP B 47 1.37 14.82 -1.09
C TRP B 47 0.66 13.46 -1.11
N CYS B 48 1.30 12.51 -1.77
CA CYS B 48 0.74 11.17 -1.88
C CYS B 48 1.85 10.23 -2.35
N PHE B 49 2.40 9.49 -1.41
CA PHE B 49 3.46 8.54 -1.72
C PHE B 49 3.31 7.26 -0.90
N LYS B 50 4.34 6.44 -0.95
CA LYS B 50 4.34 5.18 -0.22
C LYS B 50 5.56 5.14 0.71
N PRO B 51 5.49 6.01 1.77
CA PRO B 51 6.56 6.07 2.74
C PRO B 51 6.53 4.87 3.68
N LEU B 52 5.89 5.05 4.82
CA LEU B 52 5.79 3.99 5.81
C LEU B 52 4.42 3.33 5.70
N GLN B 53 3.97 3.17 4.45
CA GLN B 53 2.68 2.57 4.20
C GLN B 53 2.57 1.22 4.92
N GLU B 54 3.73 0.71 5.31
CA GLU B 54 3.78 -0.56 6.01
C GLU B 54 2.69 -0.63 7.07
N ALA B 55 2.23 0.54 7.48
CA ALA B 55 1.19 0.63 8.50
C ALA B 55 0.26 -0.57 8.37
N GLU B 56 -0.46 -0.61 7.26
CA GLU B 56 -1.39 -1.70 7.00
C GLU B 56 -1.32 -2.13 5.54
N CYS B 57 -0.28 -1.65 4.86
CA CYS B 57 -0.08 -1.97 3.45
C CYS B 57 0.75 -3.25 3.38
N THR B 58 1.94 -3.18 3.97
CA THR B 58 2.84 -4.32 3.97
C THR B 58 2.19 -5.51 4.68
N PHE B 59 1.40 -5.20 5.70
CA PHE B 59 0.72 -6.22 6.47
C PHE B 59 0.23 -7.35 5.57
N GLU A 1 4.71 -12.99 11.92
CA GLU A 1 5.92 -13.39 12.60
C GLU A 1 7.14 -12.77 11.90
N GLU A 2 7.77 -13.57 11.07
CA GLU A 2 8.95 -13.13 10.34
C GLU A 2 8.54 -12.50 9.00
N TYR A 3 9.24 -12.88 7.95
CA TYR A 3 8.96 -12.37 6.63
C TYR A 3 7.97 -13.27 5.88
N VAL A 4 6.75 -13.31 6.40
CA VAL A 4 5.71 -14.12 5.80
C VAL A 4 4.46 -13.27 5.59
N GLY A 5 4.08 -12.55 6.65
CA GLY A 5 2.92 -11.69 6.60
C GLY A 5 3.17 -10.48 5.69
N LEU A 6 4.35 -10.47 5.09
CA LEU A 6 4.73 -9.37 4.21
C LEU A 6 5.57 -9.92 3.07
N SER A 7 5.47 -11.23 2.86
CA SER A 7 6.23 -11.88 1.81
C SER A 7 5.40 -11.91 0.52
N ALA A 8 6.08 -12.19 -0.58
CA ALA A 8 5.43 -12.26 -1.88
C ALA A 8 4.48 -13.46 -1.91
N ASN A 9 4.55 -14.25 -0.84
CA ASN A 9 3.69 -15.42 -0.73
C ASN A 9 2.46 -15.08 0.11
N GLN A 10 2.46 -13.87 0.65
CA GLN A 10 1.37 -13.41 1.46
C GLN A 10 0.09 -13.30 0.63
N CYS A 11 0.27 -12.81 -0.59
CA CYS A 11 -0.85 -12.64 -1.50
C CYS A 11 -1.41 -14.03 -1.84
N ALA A 12 -0.70 -15.05 -1.38
CA ALA A 12 -1.10 -16.42 -1.62
C ALA A 12 -1.81 -16.96 -0.37
N VAL A 13 -2.28 -16.04 0.45
CA VAL A 13 -2.97 -16.42 1.67
C VAL A 13 -3.93 -17.57 1.38
N PRO A 14 -4.43 -18.18 2.48
CA PRO A 14 -5.36 -19.31 2.36
C PRO A 14 -6.75 -18.83 1.93
N ALA A 15 -6.84 -17.53 1.71
CA ALA A 15 -8.11 -16.94 1.29
C ALA A 15 -8.96 -16.67 2.53
N LYS A 16 -8.33 -16.08 3.53
CA LYS A 16 -9.02 -15.75 4.77
C LYS A 16 -8.00 -15.21 5.78
N ASP A 17 -7.10 -14.38 5.28
CA ASP A 17 -6.08 -13.78 6.13
C ASP A 17 -5.73 -12.39 5.60
N ARG A 18 -6.56 -11.92 4.69
CA ARG A 18 -6.35 -10.60 4.10
C ARG A 18 -7.10 -9.54 4.90
N VAL A 19 -7.00 -8.31 4.42
CA VAL A 19 -7.66 -7.19 5.08
C VAL A 19 -8.76 -6.65 4.18
N ASP A 20 -9.19 -7.49 3.25
CA ASP A 20 -10.24 -7.11 2.31
C ASP A 20 -10.13 -5.61 2.01
N CYS A 21 -9.33 -5.31 0.98
CA CYS A 21 -9.13 -3.94 0.59
C CYS A 21 -10.50 -3.26 0.46
N GLY A 22 -11.47 -4.05 0.05
CA GLY A 22 -12.83 -3.56 -0.13
C GLY A 22 -12.86 -2.36 -1.08
N TYR A 23 -12.34 -2.60 -2.28
CA TYR A 23 -12.30 -1.56 -3.29
C TYR A 23 -13.55 -1.60 -4.16
N PRO A 24 -14.05 -0.38 -4.52
CA PRO A 24 -15.24 -0.27 -5.35
C PRO A 24 -14.92 -0.58 -6.81
N HIS A 25 -13.63 -0.76 -7.08
CA HIS A 25 -13.18 -1.07 -8.42
C HIS A 25 -12.17 -2.22 -8.37
N VAL A 26 -12.58 -3.31 -7.75
CA VAL A 26 -11.73 -4.48 -7.62
C VAL A 26 -11.57 -5.14 -8.99
N THR A 27 -10.32 -5.29 -9.40
CA THR A 27 -10.02 -5.90 -10.68
C THR A 27 -8.52 -6.17 -10.80
N PRO A 28 -8.18 -7.19 -11.65
CA PRO A 28 -6.79 -7.55 -11.87
C PRO A 28 -6.09 -6.53 -12.75
N LYS A 29 -6.11 -5.28 -12.29
CA LYS A 29 -5.47 -4.21 -13.03
C LYS A 29 -5.67 -2.89 -12.27
N GLU A 30 -6.73 -2.86 -11.48
CA GLU A 30 -7.04 -1.68 -10.69
C GLU A 30 -6.51 -1.83 -9.27
N CYS A 31 -6.81 -2.98 -8.68
CA CYS A 31 -6.38 -3.27 -7.32
C CYS A 31 -4.85 -3.33 -7.31
N ASN A 32 -4.31 -4.18 -8.18
CA ASN A 32 -2.87 -4.34 -8.28
C ASN A 32 -2.24 -3.01 -8.73
N ASN A 33 -3.11 -2.07 -9.07
CA ASN A 33 -2.65 -0.77 -9.52
C ASN A 33 -2.91 0.27 -8.41
N ARG A 34 -3.91 -0.03 -7.59
CA ARG A 34 -4.25 0.85 -6.49
C ARG A 34 -3.36 0.58 -5.28
N GLY A 35 -2.94 -0.67 -5.17
CA GLY A 35 -2.08 -1.07 -4.08
C GLY A 35 -2.67 -2.29 -3.34
N CYS A 36 -3.50 -3.02 -4.06
CA CYS A 36 -4.13 -4.20 -3.49
C CYS A 36 -3.74 -5.41 -4.34
N CYS A 37 -4.23 -6.57 -3.93
CA CYS A 37 -3.92 -7.80 -4.63
C CYS A 37 -5.25 -8.46 -5.04
N PHE A 38 -5.36 -8.73 -6.33
CA PHE A 38 -6.57 -9.36 -6.84
C PHE A 38 -6.52 -10.88 -6.68
N ASP A 39 -7.57 -11.40 -6.06
CA ASP A 39 -7.65 -12.84 -5.84
C ASP A 39 -7.88 -13.55 -7.16
N SER A 40 -9.13 -13.88 -7.42
CA SER A 40 -9.50 -14.56 -8.64
C SER A 40 -9.53 -16.08 -8.41
N ARG A 41 -8.97 -16.48 -7.29
CA ARG A 41 -8.93 -17.89 -6.93
C ARG A 41 -10.19 -18.28 -6.17
N ILE A 42 -10.47 -17.53 -5.12
CA ILE A 42 -11.64 -17.80 -4.30
C ILE A 42 -12.61 -16.62 -4.41
N PRO A 43 -13.75 -16.88 -5.11
CA PRO A 43 -14.75 -15.85 -5.30
C PRO A 43 -15.55 -15.63 -4.01
N GLY A 44 -15.23 -16.42 -3.00
CA GLY A 44 -15.91 -16.33 -1.72
C GLY A 44 -15.10 -15.49 -0.74
N VAL A 45 -13.94 -15.04 -1.20
CA VAL A 45 -13.06 -14.22 -0.38
C VAL A 45 -12.85 -12.86 -1.05
N PRO A 46 -11.98 -12.04 -0.41
CA PRO A 46 -11.68 -10.72 -0.94
C PRO A 46 -10.77 -10.80 -2.15
N TRP A 47 -11.25 -10.27 -3.26
CA TRP A 47 -10.48 -10.27 -4.49
C TRP A 47 -9.74 -8.94 -4.60
N CYS A 48 -9.45 -8.37 -3.44
CA CYS A 48 -8.75 -7.10 -3.39
C CYS A 48 -8.30 -6.85 -1.95
N PHE A 49 -7.03 -7.13 -1.71
CA PHE A 49 -6.46 -6.95 -0.38
C PHE A 49 -5.06 -6.33 -0.46
N LYS A 50 -4.40 -6.29 0.68
CA LYS A 50 -3.06 -5.74 0.76
C LYS A 50 -2.10 -6.80 1.33
N PRO A 51 -1.87 -7.85 0.49
CA PRO A 51 -0.98 -8.93 0.91
C PRO A 51 0.48 -8.50 0.83
N LEU A 52 1.12 -8.88 -0.27
CA LEU A 52 2.52 -8.53 -0.47
C LEU A 52 2.61 -7.22 -1.26
N GLN A 53 1.64 -6.35 -1.03
CA GLN A 53 1.60 -5.07 -1.71
C GLN A 53 2.91 -4.33 -1.52
N GLU A 54 3.66 -4.76 -0.52
CA GLU A 54 4.95 -4.15 -0.22
C GLU A 54 5.72 -3.90 -1.51
N ALA A 55 5.41 -4.69 -2.53
CA ALA A 55 6.07 -4.57 -3.81
C ALA A 55 6.31 -3.09 -4.12
N GLU A 56 5.21 -2.38 -4.31
CA GLU A 56 5.29 -0.96 -4.61
C GLU A 56 4.25 -0.18 -3.78
N CYS A 57 3.86 -0.77 -2.66
CA CYS A 57 2.89 -0.16 -1.79
C CYS A 57 3.62 0.40 -0.56
N THR A 58 4.42 -0.46 0.05
CA THR A 58 5.18 -0.07 1.23
C THR A 58 6.42 0.73 0.82
N PHE A 59 7.08 0.26 -0.22
CA PHE A 59 8.28 0.91 -0.72
C PHE A 59 8.18 2.43 -0.54
N GLU B 1 20.38 -0.62 6.07
CA GLU B 1 19.07 -0.07 6.42
C GLU B 1 17.99 -1.13 6.25
N GLU B 2 17.55 -1.67 7.37
CA GLU B 2 16.51 -2.69 7.35
C GLU B 2 15.13 -2.05 7.29
N TYR B 3 14.37 -2.25 8.36
CA TYR B 3 13.02 -1.70 8.45
C TYR B 3 13.05 -0.30 9.06
N VAL B 4 13.55 0.65 8.28
CA VAL B 4 13.64 2.03 8.73
C VAL B 4 13.09 2.95 7.64
N GLY B 5 13.60 2.75 6.43
CA GLY B 5 13.18 3.56 5.30
C GLY B 5 11.76 3.20 4.88
N LEU B 6 11.16 2.28 5.63
CA LEU B 6 9.80 1.84 5.34
C LEU B 6 9.04 1.68 6.66
N SER B 7 9.59 2.30 7.70
CA SER B 7 8.96 2.23 9.01
C SER B 7 8.27 3.56 9.34
N ALA B 8 7.54 3.56 10.44
CA ALA B 8 6.82 4.74 10.87
C ALA B 8 7.84 5.87 11.12
N ASN B 9 8.16 6.58 10.06
CA ASN B 9 9.11 7.68 10.15
C ASN B 9 9.48 8.14 8.74
N GLN B 10 9.48 7.19 7.81
CA GLN B 10 9.82 7.49 6.43
C GLN B 10 8.83 8.49 5.84
N CYS B 11 7.59 8.41 6.32
CA CYS B 11 6.54 9.30 5.86
C CYS B 11 6.85 10.70 6.36
N ALA B 12 7.90 10.80 7.17
CA ALA B 12 8.31 12.08 7.72
C ALA B 12 9.60 12.54 7.04
N VAL B 13 9.94 11.84 5.96
CA VAL B 13 11.15 12.16 5.21
C VAL B 13 11.28 13.68 5.11
N PRO B 14 12.51 14.12 4.72
CA PRO B 14 12.79 15.53 4.58
C PRO B 14 12.16 16.10 3.30
N ALA B 15 11.05 15.47 2.91
CA ALA B 15 10.35 15.89 1.71
C ALA B 15 11.34 16.01 0.55
N LYS B 16 11.75 14.86 0.05
CA LYS B 16 12.69 14.82 -1.07
C LYS B 16 13.31 13.43 -1.16
N ASP B 17 12.44 12.43 -1.08
CA ASP B 17 12.88 11.04 -1.15
C ASP B 17 11.70 10.16 -1.58
N ARG B 18 10.51 10.60 -1.20
CA ARG B 18 9.30 9.87 -1.54
C ARG B 18 9.35 9.42 -3.00
N VAL B 19 8.36 8.61 -3.37
CA VAL B 19 8.28 8.10 -4.73
C VAL B 19 7.09 8.75 -5.43
N ASP B 20 6.68 9.90 -4.92
CA ASP B 20 5.57 10.63 -5.50
C ASP B 20 4.56 9.64 -6.07
N CYS B 21 3.63 9.23 -5.23
CA CYS B 21 2.60 8.29 -5.64
C CYS B 21 1.96 8.81 -6.93
N GLY B 22 1.91 10.13 -7.04
CA GLY B 22 1.33 10.76 -8.21
C GLY B 22 -0.10 10.28 -8.43
N TYR B 23 -0.89 10.37 -7.37
CA TYR B 23 -2.29 9.96 -7.43
C TYR B 23 -3.18 11.11 -7.91
N PRO B 24 -4.09 10.78 -8.87
CA PRO B 24 -4.99 11.77 -9.41
C PRO B 24 -6.11 12.08 -8.42
N HIS B 25 -6.07 11.41 -7.29
CA HIS B 25 -7.07 11.59 -6.26
C HIS B 25 -6.38 11.92 -4.93
N VAL B 26 -5.16 12.41 -5.03
CA VAL B 26 -4.39 12.77 -3.86
C VAL B 26 -5.28 13.55 -2.89
N THR B 27 -5.35 13.04 -1.67
CA THR B 27 -6.16 13.68 -0.64
C THR B 27 -5.82 13.09 0.73
N PRO B 28 -6.03 13.94 1.78
CA PRO B 28 -5.76 13.53 3.15
C PRO B 28 -6.84 12.56 3.65
N LYS B 29 -7.13 11.57 2.84
CA LYS B 29 -8.13 10.58 3.20
C LYS B 29 -8.22 9.53 2.09
N GLU B 30 -7.74 9.90 0.92
CA GLU B 30 -7.75 9.01 -0.23
C GLU B 30 -6.40 8.31 -0.37
N CYS B 31 -5.35 9.09 -0.22
CA CYS B 31 -4.00 8.56 -0.33
C CYS B 31 -3.81 7.49 0.75
N ASN B 32 -4.01 7.93 1.99
CA ASN B 32 -3.85 7.02 3.13
C ASN B 32 -4.92 5.91 3.03
N ASN B 33 -5.79 6.06 2.05
CA ASN B 33 -6.84 5.09 1.83
C ASN B 33 -6.49 4.20 0.65
N ARG B 34 -5.69 4.76 -0.26
CA ARG B 34 -5.28 4.03 -1.44
C ARG B 34 -3.96 3.27 -1.17
N GLY B 35 -3.21 3.81 -0.21
CA GLY B 35 -1.94 3.19 0.16
C GLY B 35 -0.79 4.19 0.01
N CYS B 36 -1.15 5.48 0.02
CA CYS B 36 -0.16 6.53 -0.10
C CYS B 36 -0.20 7.38 1.16
N CYS B 37 0.80 8.24 1.30
CA CYS B 37 0.89 9.12 2.46
C CYS B 37 0.66 10.55 1.99
N PHE B 38 -0.18 11.26 2.73
CA PHE B 38 -0.49 12.64 2.41
C PHE B 38 0.51 13.60 3.06
N ASP B 39 1.11 14.44 2.24
CA ASP B 39 2.07 15.41 2.73
C ASP B 39 1.36 16.44 3.61
N SER B 40 1.06 17.58 3.00
CA SER B 40 0.39 18.64 3.72
C SER B 40 1.42 19.57 4.38
N ARG B 41 2.67 19.15 4.31
CA ARG B 41 3.75 19.92 4.89
C ARG B 41 4.33 20.89 3.85
N ILE B 42 4.75 20.31 2.73
CA ILE B 42 5.33 21.11 1.66
C ILE B 42 4.51 20.91 0.39
N PRO B 43 4.07 22.06 -0.20
CA PRO B 43 3.27 22.03 -1.41
C PRO B 43 4.14 21.70 -2.62
N GLY B 44 5.45 21.76 -2.41
CA GLY B 44 6.39 21.47 -3.48
C GLY B 44 6.75 19.98 -3.51
N VAL B 45 6.29 19.28 -2.47
CA VAL B 45 6.55 17.85 -2.36
C VAL B 45 5.30 17.08 -2.74
N PRO B 46 5.47 15.73 -2.88
CA PRO B 46 4.35 14.87 -3.24
C PRO B 46 3.41 14.66 -2.05
N TRP B 47 2.19 15.12 -2.23
CA TRP B 47 1.18 15.00 -1.18
C TRP B 47 0.51 13.63 -1.34
N CYS B 48 1.27 12.68 -1.86
CA CYS B 48 0.76 11.34 -2.06
C CYS B 48 1.94 10.44 -2.47
N PHE B 49 2.51 9.80 -1.46
CA PHE B 49 3.63 8.90 -1.69
C PHE B 49 3.43 7.57 -0.96
N LYS B 50 4.48 6.76 -0.97
CA LYS B 50 4.43 5.47 -0.31
C LYS B 50 5.62 5.36 0.66
N PRO B 51 5.54 6.16 1.75
CA PRO B 51 6.58 6.15 2.76
C PRO B 51 6.50 4.89 3.62
N LEU B 52 5.88 5.06 4.78
CA LEU B 52 5.72 3.94 5.71
C LEU B 52 4.35 3.30 5.51
N GLN B 53 3.91 3.31 4.26
CA GLN B 53 2.62 2.73 3.92
C GLN B 53 2.46 1.35 4.57
N GLU B 54 3.60 0.75 4.89
CA GLU B 54 3.61 -0.55 5.52
C GLU B 54 2.46 -0.65 6.53
N ALA B 55 2.07 0.49 7.07
CA ALA B 55 1.00 0.55 8.04
C ALA B 55 0.01 -0.58 7.76
N GLU B 56 -0.67 -0.47 6.62
CA GLU B 56 -1.65 -1.47 6.22
C GLU B 56 -1.40 -1.91 4.78
N CYS B 57 -0.21 -1.60 4.30
CA CYS B 57 0.17 -1.95 2.94
C CYS B 57 0.97 -3.26 2.99
N THR B 58 2.27 -3.09 3.18
CA THR B 58 3.16 -4.25 3.26
C THR B 58 2.47 -5.40 3.98
N PHE B 59 1.62 -5.04 4.94
CA PHE B 59 0.90 -6.04 5.71
C PHE B 59 0.56 -7.26 4.84
N GLU A 1 12.54 -8.34 9.76
CA GLU A 1 11.87 -9.50 10.31
C GLU A 1 11.78 -10.61 9.26
N GLU A 2 11.16 -11.71 9.66
CA GLU A 2 11.00 -12.85 8.77
C GLU A 2 9.99 -12.50 7.67
N TYR A 3 10.43 -11.66 6.75
CA TYR A 3 9.59 -11.25 5.64
C TYR A 3 9.08 -12.47 4.85
N VAL A 4 8.03 -13.07 5.37
CA VAL A 4 7.44 -14.24 4.74
C VAL A 4 5.92 -14.09 4.71
N GLY A 5 5.36 -13.87 5.90
CA GLY A 5 3.92 -13.72 6.02
C GLY A 5 3.42 -12.56 5.17
N LEU A 6 4.37 -11.77 4.67
CA LEU A 6 4.02 -10.63 3.84
C LEU A 6 4.97 -10.58 2.63
N SER A 7 5.48 -11.76 2.27
CA SER A 7 6.38 -11.88 1.15
C SER A 7 5.66 -12.50 -0.05
N ALA A 8 5.52 -11.71 -1.09
CA ALA A 8 4.86 -12.17 -2.30
C ALA A 8 3.87 -13.29 -1.94
N ASN A 9 4.42 -14.47 -1.70
CA ASN A 9 3.61 -15.61 -1.34
C ASN A 9 2.45 -15.17 -0.44
N GLN A 10 2.68 -14.05 0.24
CA GLN A 10 1.67 -13.50 1.11
C GLN A 10 0.36 -13.28 0.36
N CYS A 11 0.49 -12.70 -0.83
CA CYS A 11 -0.68 -12.44 -1.66
C CYS A 11 -1.32 -13.77 -2.03
N ALA A 12 -0.63 -14.84 -1.66
CA ALA A 12 -1.12 -16.18 -1.96
C ALA A 12 -1.61 -16.84 -0.67
N VAL A 13 -1.80 -16.00 0.34
CA VAL A 13 -2.26 -16.48 1.64
C VAL A 13 -3.39 -17.50 1.43
N PRO A 14 -3.73 -18.21 2.53
CA PRO A 14 -4.79 -19.21 2.48
C PRO A 14 -6.16 -18.55 2.44
N ALA A 15 -6.19 -17.34 1.90
CA ALA A 15 -7.43 -16.59 1.80
C ALA A 15 -8.10 -16.53 3.18
N LYS A 16 -7.51 -15.75 4.07
CA LYS A 16 -8.03 -15.60 5.41
C LYS A 16 -6.98 -14.93 6.29
N ASP A 17 -6.33 -13.93 5.72
CA ASP A 17 -5.30 -13.20 6.44
C ASP A 17 -5.08 -11.83 5.78
N ARG A 18 -5.99 -11.51 4.88
CA ARG A 18 -5.92 -10.24 4.16
C ARG A 18 -6.71 -9.17 4.90
N VAL A 19 -6.64 -7.95 4.38
CA VAL A 19 -7.35 -6.84 4.98
C VAL A 19 -8.56 -6.48 4.12
N ASP A 20 -8.99 -7.45 3.33
CA ASP A 20 -10.13 -7.26 2.46
C ASP A 20 -10.20 -5.80 2.03
N CYS A 21 -9.48 -5.49 0.95
CA CYS A 21 -9.45 -4.14 0.44
C CYS A 21 -10.90 -3.65 0.29
N GLY A 22 -11.78 -4.58 -0.07
CA GLY A 22 -13.18 -4.26 -0.25
C GLY A 22 -13.34 -2.92 -0.99
N TYR A 23 -12.87 -2.90 -2.22
CA TYR A 23 -12.96 -1.70 -3.04
C TYR A 23 -14.25 -1.71 -3.87
N PRO A 24 -14.76 -0.48 -4.14
CA PRO A 24 -15.98 -0.33 -4.93
C PRO A 24 -15.71 -0.58 -6.42
N HIS A 25 -14.43 -0.68 -6.74
CA HIS A 25 -14.01 -0.92 -8.12
C HIS A 25 -13.16 -2.19 -8.18
N VAL A 26 -13.28 -2.99 -7.13
CA VAL A 26 -12.51 -4.23 -7.07
C VAL A 26 -12.60 -4.96 -8.41
N THR A 27 -11.43 -5.18 -9.00
CA THR A 27 -11.35 -5.86 -10.28
C THR A 27 -9.93 -6.35 -10.54
N PRO A 28 -9.84 -7.41 -11.38
CA PRO A 28 -8.55 -8.00 -11.71
C PRO A 28 -7.78 -7.11 -12.69
N LYS A 29 -7.59 -5.86 -12.29
CA LYS A 29 -6.89 -4.90 -13.11
C LYS A 29 -6.90 -3.53 -12.43
N GLU A 30 -7.87 -3.36 -11.53
CA GLU A 30 -8.00 -2.12 -10.81
C GLU A 30 -7.40 -2.25 -9.41
N CYS A 31 -7.69 -3.36 -8.77
CA CYS A 31 -7.18 -3.62 -7.44
C CYS A 31 -5.65 -3.52 -7.48
N ASN A 32 -5.06 -4.26 -8.41
CA ASN A 32 -3.61 -4.25 -8.56
C ASN A 32 -3.17 -2.88 -9.09
N ASN A 33 -4.15 -2.03 -9.33
CA ASN A 33 -3.86 -0.70 -9.83
C ASN A 33 -4.04 0.32 -8.69
N ARG A 34 -4.93 -0.02 -7.76
CA ARG A 34 -5.20 0.84 -6.63
C ARG A 34 -4.18 0.59 -5.52
N GLY A 35 -3.61 -0.60 -5.54
CA GLY A 35 -2.61 -0.97 -4.54
C GLY A 35 -3.07 -2.20 -3.75
N CYS A 36 -3.94 -2.98 -4.37
CA CYS A 36 -4.45 -4.18 -3.74
C CYS A 36 -4.02 -5.39 -4.57
N CYS A 37 -4.43 -6.56 -4.11
CA CYS A 37 -4.09 -7.80 -4.79
C CYS A 37 -5.39 -8.56 -5.07
N PHE A 38 -5.58 -8.90 -6.34
CA PHE A 38 -6.77 -9.62 -6.75
C PHE A 38 -6.55 -11.14 -6.64
N ASP A 39 -7.40 -11.77 -5.84
CA ASP A 39 -7.31 -13.20 -5.65
C ASP A 39 -8.05 -13.92 -6.78
N SER A 40 -9.37 -14.05 -6.60
CA SER A 40 -10.20 -14.70 -7.59
C SER A 40 -10.19 -16.21 -7.37
N ARG A 41 -9.15 -16.67 -6.70
CA ARG A 41 -9.02 -18.10 -6.41
C ARG A 41 -10.13 -18.54 -5.47
N ILE A 42 -10.38 -17.72 -4.45
CA ILE A 42 -11.41 -18.03 -3.47
C ILE A 42 -12.45 -16.90 -3.46
N PRO A 43 -13.64 -17.22 -4.04
CA PRO A 43 -14.71 -16.24 -4.10
C PRO A 43 -15.38 -16.07 -2.74
N GLY A 44 -14.91 -16.86 -1.78
CA GLY A 44 -15.44 -16.80 -0.42
C GLY A 44 -14.65 -15.82 0.43
N VAL A 45 -13.57 -15.31 -0.14
CA VAL A 45 -12.72 -14.36 0.55
C VAL A 45 -12.64 -13.07 -0.25
N PRO A 46 -11.79 -12.13 0.25
CA PRO A 46 -11.61 -10.85 -0.41
C PRO A 46 -10.76 -10.99 -1.67
N TRP A 47 -11.36 -10.65 -2.80
CA TRP A 47 -10.67 -10.74 -4.07
C TRP A 47 -9.96 -9.40 -4.31
N CYS A 48 -9.60 -8.76 -3.22
CA CYS A 48 -8.91 -7.47 -3.30
C CYS A 48 -8.40 -7.11 -1.90
N PHE A 49 -7.09 -7.20 -1.75
CA PHE A 49 -6.46 -6.89 -0.47
C PHE A 49 -5.10 -6.23 -0.67
N LYS A 50 -4.37 -6.09 0.43
CA LYS A 50 -3.06 -5.48 0.39
C LYS A 50 -2.03 -6.48 0.94
N PRO A 51 -1.79 -7.56 0.15
CA PRO A 51 -0.84 -8.58 0.56
C PRO A 51 0.59 -8.09 0.38
N LEU A 52 1.19 -8.51 -0.73
CA LEU A 52 2.57 -8.12 -1.04
C LEU A 52 2.55 -6.82 -1.84
N GLN A 53 1.57 -5.98 -1.54
CA GLN A 53 1.43 -4.71 -2.22
C GLN A 53 2.74 -3.91 -2.10
N GLU A 54 3.53 -4.27 -1.11
CA GLU A 54 4.80 -3.60 -0.89
C GLU A 54 5.50 -3.34 -2.22
N ALA A 55 5.20 -4.18 -3.19
CA ALA A 55 5.80 -4.05 -4.51
C ALA A 55 5.89 -2.57 -4.87
N GLU A 56 4.74 -1.99 -5.18
CA GLU A 56 4.68 -0.58 -5.54
C GLU A 56 3.70 0.16 -4.64
N CYS A 57 3.50 -0.39 -3.45
CA CYS A 57 2.58 0.21 -2.49
C CYS A 57 3.41 0.87 -1.39
N THR A 58 4.27 0.08 -0.77
CA THR A 58 5.12 0.57 0.29
C THR A 58 6.44 1.08 -0.28
N PHE A 59 6.87 0.47 -1.37
CA PHE A 59 8.10 0.85 -2.02
C PHE A 59 8.33 2.36 -1.91
N GLU B 1 19.68 0.19 5.84
CA GLU B 1 18.37 0.40 5.25
C GLU B 1 17.37 -0.61 5.81
N GLU B 2 17.39 -0.76 7.13
CA GLU B 2 16.49 -1.68 7.79
C GLU B 2 15.06 -1.14 7.77
N TYR B 3 14.54 -0.88 8.95
CA TYR B 3 13.19 -0.37 9.08
C TYR B 3 13.18 1.17 9.08
N VAL B 4 13.29 1.73 7.89
CA VAL B 4 13.30 3.17 7.74
C VAL B 4 12.40 3.57 6.57
N GLY B 5 12.76 3.08 5.39
CA GLY B 5 11.99 3.38 4.20
C GLY B 5 10.60 2.74 4.26
N LEU B 6 10.34 2.10 5.39
CA LEU B 6 9.05 1.43 5.59
C LEU B 6 8.75 1.38 7.09
N SER B 7 9.36 2.30 7.83
CA SER B 7 9.16 2.35 9.26
C SER B 7 8.33 3.58 9.62
N ALA B 8 7.56 3.43 10.70
CA ALA B 8 6.71 4.51 11.16
C ALA B 8 7.56 5.75 11.45
N ASN B 9 7.80 6.52 10.40
CA ASN B 9 8.59 7.73 10.52
C ASN B 9 8.92 8.27 9.12
N GLN B 10 9.00 7.35 8.18
CA GLN B 10 9.32 7.71 6.80
C GLN B 10 8.23 8.63 6.24
N CYS B 11 7.03 8.47 6.78
CA CYS B 11 5.90 9.29 6.34
C CYS B 11 6.07 10.68 6.93
N ALA B 12 7.11 10.83 7.74
CA ALA B 12 7.39 12.11 8.37
C ALA B 12 8.74 12.64 7.88
N VAL B 13 9.24 11.99 6.84
CA VAL B 13 10.52 12.38 6.26
C VAL B 13 10.56 13.90 6.11
N PRO B 14 11.78 14.43 5.83
CA PRO B 14 11.97 15.86 5.67
C PRO B 14 11.41 16.33 4.32
N ALA B 15 10.42 15.61 3.83
CA ALA B 15 9.79 15.93 2.56
C ALA B 15 10.89 16.18 1.52
N LYS B 16 11.64 15.12 1.25
CA LYS B 16 12.72 15.21 0.26
C LYS B 16 13.43 13.86 0.18
N ASP B 17 12.64 12.80 0.34
CA ASP B 17 13.18 11.45 0.27
C ASP B 17 12.05 10.48 -0.09
N ARG B 18 10.95 11.04 -0.53
CA ARG B 18 9.80 10.23 -0.91
C ARG B 18 9.91 9.80 -2.38
N VAL B 19 8.98 8.96 -2.79
CA VAL B 19 8.96 8.47 -4.16
C VAL B 19 7.87 9.20 -4.94
N ASP B 20 7.47 10.34 -4.41
CA ASP B 20 6.44 11.15 -5.05
C ASP B 20 5.47 10.22 -5.81
N CYS B 21 4.50 9.70 -5.07
CA CYS B 21 3.51 8.81 -5.64
C CYS B 21 2.98 9.46 -6.93
N GLY B 22 2.90 10.77 -6.90
CA GLY B 22 2.41 11.51 -8.05
C GLY B 22 1.12 10.90 -8.60
N TYR B 23 0.11 10.84 -7.74
CA TYR B 23 -1.17 10.28 -8.12
C TYR B 23 -2.11 11.36 -8.67
N PRO B 24 -2.91 10.97 -9.68
CA PRO B 24 -3.85 11.88 -10.30
C PRO B 24 -5.05 12.13 -9.39
N HIS B 25 -5.07 11.42 -8.27
CA HIS B 25 -6.15 11.56 -7.31
C HIS B 25 -5.58 11.92 -5.94
N VAL B 26 -4.30 12.27 -5.94
CA VAL B 26 -3.63 12.64 -4.71
C VAL B 26 -4.58 13.46 -3.84
N THR B 27 -4.82 12.96 -2.64
CA THR B 27 -5.70 13.64 -1.70
C THR B 27 -5.56 13.03 -0.31
N PRO B 28 -5.98 13.84 0.71
CA PRO B 28 -5.90 13.39 2.09
C PRO B 28 -7.01 12.38 2.40
N LYS B 29 -7.12 11.39 1.53
CA LYS B 29 -8.12 10.35 1.69
C LYS B 29 -8.03 9.36 0.54
N GLU B 30 -7.36 9.80 -0.52
CA GLU B 30 -7.18 8.97 -1.70
C GLU B 30 -5.82 8.30 -1.68
N CYS B 31 -4.80 9.10 -1.37
CA CYS B 31 -3.44 8.59 -1.31
C CYS B 31 -3.40 7.40 -0.35
N ASN B 32 -3.85 7.65 0.87
CA ASN B 32 -3.88 6.62 1.89
C ASN B 32 -4.80 5.49 1.43
N ASN B 33 -5.56 5.78 0.38
CA ASN B 33 -6.48 4.79 -0.17
C ASN B 33 -5.77 3.95 -1.22
N ARG B 34 -4.88 4.61 -1.96
CA ARG B 34 -4.14 3.93 -3.00
C ARG B 34 -2.93 3.21 -2.42
N GLY B 35 -2.48 3.71 -1.27
CA GLY B 35 -1.34 3.13 -0.60
C GLY B 35 -0.19 4.14 -0.49
N CYS B 36 -0.55 5.41 -0.49
CA CYS B 36 0.44 6.47 -0.40
C CYS B 36 0.15 7.29 0.85
N CYS B 37 1.09 8.16 1.19
CA CYS B 37 0.95 9.00 2.37
C CYS B 37 0.83 10.45 1.90
N PHE B 38 -0.15 11.14 2.47
CA PHE B 38 -0.39 12.53 2.13
C PHE B 38 0.31 13.47 3.12
N ASP B 39 1.25 14.23 2.60
CA ASP B 39 1.99 15.18 3.43
C ASP B 39 1.12 16.39 3.71
N SER B 40 1.12 17.32 2.77
CA SER B 40 0.34 18.54 2.91
C SER B 40 1.13 19.59 3.68
N ARG B 41 2.09 19.10 4.47
CA ARG B 41 2.92 19.99 5.27
C ARG B 41 3.79 20.86 4.36
N ILE B 42 4.32 20.22 3.32
CA ILE B 42 5.17 20.92 2.37
C ILE B 42 4.55 20.83 0.97
N PRO B 43 3.99 21.98 0.51
CA PRO B 43 3.37 22.04 -0.81
C PRO B 43 4.42 22.06 -1.91
N GLY B 44 5.67 22.14 -1.49
CA GLY B 44 6.78 22.18 -2.43
C GLY B 44 7.31 20.77 -2.71
N VAL B 45 6.76 19.80 -1.97
CA VAL B 45 7.16 18.42 -2.14
C VAL B 45 5.95 17.58 -2.52
N PRO B 46 6.17 16.24 -2.62
CA PRO B 46 5.11 15.33 -2.98
C PRO B 46 4.15 15.11 -1.81
N TRP B 47 2.90 15.45 -2.03
CA TRP B 47 1.89 15.29 -1.00
C TRP B 47 1.23 13.92 -1.18
N CYS B 48 2.02 12.99 -1.72
CA CYS B 48 1.54 11.64 -1.95
C CYS B 48 2.74 10.75 -2.29
N PHE B 49 3.06 9.87 -1.35
CA PHE B 49 4.18 8.96 -1.54
C PHE B 49 3.94 7.64 -0.80
N LYS B 50 4.99 6.83 -0.76
CA LYS B 50 4.89 5.54 -0.09
C LYS B 50 5.97 5.47 1.00
N PRO B 51 5.73 6.23 2.10
CA PRO B 51 6.66 6.26 3.20
C PRO B 51 6.57 4.98 4.04
N LEU B 52 5.80 5.07 5.12
CA LEU B 52 5.61 3.93 6.00
C LEU B 52 4.26 3.29 5.72
N GLN B 53 3.92 3.23 4.44
CA GLN B 53 2.67 2.65 4.02
C GLN B 53 2.49 1.25 4.62
N GLU B 54 3.62 0.69 5.04
CA GLU B 54 3.61 -0.64 5.65
C GLU B 54 2.42 -0.79 6.60
N ALA B 55 1.95 0.36 7.08
CA ALA B 55 0.83 0.37 7.99
C ALA B 55 -0.13 -0.78 7.64
N GLU B 56 -0.72 -0.67 6.46
CA GLU B 56 -1.65 -1.69 6.00
C GLU B 56 -1.51 -1.88 4.49
N CYS B 57 -0.36 -1.48 3.98
CA CYS B 57 -0.09 -1.60 2.55
C CYS B 57 0.80 -2.83 2.34
N THR B 58 1.92 -2.84 3.04
CA THR B 58 2.86 -3.95 2.94
C THR B 58 2.23 -5.23 3.50
N PHE B 59 1.58 -5.07 4.65
CA PHE B 59 0.95 -6.21 5.30
C PHE B 59 -0.14 -6.81 4.40
N GLU A 1 7.43 -13.56 13.30
CA GLU A 1 8.00 -12.27 13.64
C GLU A 1 8.86 -11.74 12.49
N GLU A 2 9.21 -12.66 11.60
CA GLU A 2 10.04 -12.31 10.45
C GLU A 2 9.15 -11.94 9.26
N TYR A 3 8.86 -10.66 9.15
CA TYR A 3 8.03 -10.17 8.06
C TYR A 3 8.18 -11.05 6.82
N VAL A 4 7.40 -12.11 6.79
CA VAL A 4 7.44 -13.03 5.67
C VAL A 4 6.01 -13.43 5.30
N GLY A 5 5.25 -13.80 6.31
CA GLY A 5 3.86 -14.21 6.10
C GLY A 5 3.03 -13.04 5.57
N LEU A 6 3.64 -11.86 5.59
CA LEU A 6 2.96 -10.67 5.12
C LEU A 6 3.73 -10.08 3.93
N SER A 7 4.72 -10.85 3.48
CA SER A 7 5.54 -10.41 2.36
C SER A 7 5.20 -11.24 1.11
N ALA A 8 6.18 -11.34 0.23
CA ALA A 8 6.00 -12.10 -1.01
C ALA A 8 5.56 -13.51 -0.66
N ASN A 9 4.26 -13.66 -0.43
CA ASN A 9 3.70 -14.95 -0.09
C ASN A 9 2.31 -14.76 0.52
N GLN A 10 2.15 -13.64 1.19
CA GLN A 10 0.88 -13.32 1.83
C GLN A 10 -0.21 -13.13 0.77
N CYS A 11 0.22 -12.72 -0.41
CA CYS A 11 -0.70 -12.50 -1.52
C CYS A 11 -1.16 -13.87 -2.04
N ALA A 12 -0.60 -14.91 -1.45
CA ALA A 12 -0.94 -16.27 -1.84
C ALA A 12 -1.66 -16.97 -0.69
N VAL A 13 -1.99 -16.18 0.32
CA VAL A 13 -2.68 -16.70 1.49
C VAL A 13 -3.80 -17.64 1.03
N PRO A 14 -4.35 -18.40 2.02
CA PRO A 14 -5.42 -19.33 1.74
C PRO A 14 -6.75 -18.59 1.52
N ALA A 15 -6.63 -17.35 1.06
CA ALA A 15 -7.80 -16.52 0.82
C ALA A 15 -8.72 -16.58 2.05
N LYS A 16 -8.21 -16.02 3.14
CA LYS A 16 -8.98 -16.00 4.39
C LYS A 16 -8.11 -15.37 5.48
N ASP A 17 -7.33 -14.38 5.09
CA ASP A 17 -6.46 -13.69 6.03
C ASP A 17 -6.08 -12.32 5.46
N ARG A 18 -6.83 -11.90 4.46
CA ARG A 18 -6.58 -10.62 3.82
C ARG A 18 -7.38 -9.52 4.52
N VAL A 19 -7.10 -8.29 4.11
CA VAL A 19 -7.79 -7.14 4.70
C VAL A 19 -8.87 -6.66 3.74
N ASP A 20 -9.24 -7.54 2.82
CA ASP A 20 -10.26 -7.22 1.83
C ASP A 20 -10.19 -5.73 1.50
N CYS A 21 -9.36 -5.42 0.52
CA CYS A 21 -9.19 -4.04 0.10
C CYS A 21 -10.58 -3.43 -0.14
N GLY A 22 -11.47 -4.26 -0.66
CA GLY A 22 -12.83 -3.83 -0.93
C GLY A 22 -12.83 -2.47 -1.67
N TYR A 23 -12.26 -2.49 -2.86
CA TYR A 23 -12.19 -1.28 -3.66
C TYR A 23 -13.40 -1.18 -4.61
N PRO A 24 -13.86 0.09 -4.82
CA PRO A 24 -14.99 0.33 -5.69
C PRO A 24 -14.59 0.19 -7.16
N HIS A 25 -13.30 0.04 -7.38
CA HIS A 25 -12.77 -0.10 -8.73
C HIS A 25 -11.95 -1.40 -8.82
N VAL A 26 -12.16 -2.26 -7.84
CA VAL A 26 -11.45 -3.53 -7.80
C VAL A 26 -11.34 -4.09 -9.22
N THR A 27 -10.12 -4.43 -9.61
CA THR A 27 -9.87 -4.98 -10.92
C THR A 27 -8.45 -5.56 -11.00
N PRO A 28 -8.29 -6.55 -11.92
CA PRO A 28 -7.00 -7.20 -12.10
C PRO A 28 -6.04 -6.29 -12.86
N LYS A 29 -5.91 -5.06 -12.37
CA LYS A 29 -5.04 -4.09 -12.99
C LYS A 29 -5.09 -2.78 -12.21
N GLU A 30 -6.20 -2.60 -11.49
CA GLU A 30 -6.40 -1.40 -10.70
C GLU A 30 -5.98 -1.64 -9.25
N CYS A 31 -6.40 -2.78 -8.73
CA CYS A 31 -6.07 -3.15 -7.36
C CYS A 31 -4.56 -3.13 -7.20
N ASN A 32 -3.89 -3.82 -8.12
CA ASN A 32 -2.44 -3.88 -8.09
C ASN A 32 -1.86 -2.51 -8.44
N ASN A 33 -2.76 -1.58 -8.72
CA ASN A 33 -2.36 -0.22 -9.06
C ASN A 33 -2.64 0.71 -7.88
N ARG A 34 -3.66 0.35 -7.12
CA ARG A 34 -4.04 1.14 -5.96
C ARG A 34 -3.17 0.77 -4.75
N GLY A 35 -2.65 -0.44 -4.80
CA GLY A 35 -1.80 -0.93 -3.72
C GLY A 35 -2.39 -2.19 -3.08
N CYS A 36 -3.17 -2.90 -3.87
CA CYS A 36 -3.80 -4.13 -3.40
C CYS A 36 -3.32 -5.29 -4.26
N CYS A 37 -3.84 -6.46 -3.96
CA CYS A 37 -3.48 -7.65 -4.71
C CYS A 37 -4.76 -8.35 -5.18
N PHE A 38 -4.84 -8.56 -6.49
CA PHE A 38 -6.00 -9.21 -7.07
C PHE A 38 -5.83 -10.73 -7.09
N ASP A 39 -6.74 -11.40 -6.41
CA ASP A 39 -6.71 -12.86 -6.33
C ASP A 39 -7.52 -13.44 -7.49
N SER A 40 -8.81 -13.49 -7.29
CA SER A 40 -9.70 -14.03 -8.32
C SER A 40 -9.82 -15.55 -8.17
N ARG A 41 -8.87 -16.12 -7.43
CA ARG A 41 -8.85 -17.55 -7.21
C ARG A 41 -10.11 -17.99 -6.47
N ILE A 42 -10.48 -17.21 -5.47
CA ILE A 42 -11.66 -17.50 -4.68
C ILE A 42 -12.63 -16.32 -4.75
N PRO A 43 -13.77 -16.56 -5.46
CA PRO A 43 -14.78 -15.53 -5.61
C PRO A 43 -15.58 -15.34 -4.32
N GLY A 44 -15.29 -16.20 -3.36
CA GLY A 44 -15.97 -16.15 -2.08
C GLY A 44 -15.19 -15.31 -1.07
N VAL A 45 -13.99 -14.90 -1.50
CA VAL A 45 -13.14 -14.09 -0.65
C VAL A 45 -12.83 -12.78 -1.36
N PRO A 46 -11.97 -11.96 -0.70
CA PRO A 46 -11.58 -10.67 -1.26
C PRO A 46 -10.57 -10.85 -2.41
N TRP A 47 -11.00 -10.43 -3.58
CA TRP A 47 -10.16 -10.53 -4.77
C TRP A 47 -9.37 -9.23 -4.89
N CYS A 48 -9.14 -8.59 -3.76
CA CYS A 48 -8.39 -7.35 -3.74
C CYS A 48 -8.05 -7.02 -2.28
N PHE A 49 -6.78 -7.15 -1.95
CA PHE A 49 -6.32 -6.87 -0.61
C PHE A 49 -4.89 -6.30 -0.63
N LYS A 50 -4.32 -6.20 0.57
CA LYS A 50 -2.96 -5.69 0.70
C LYS A 50 -2.07 -6.77 1.32
N PRO A 51 -1.79 -7.82 0.50
CA PRO A 51 -0.95 -8.92 0.96
C PRO A 51 0.52 -8.51 1.00
N LEU A 52 1.23 -8.87 -0.05
CA LEU A 52 2.65 -8.54 -0.15
C LEU A 52 2.81 -7.21 -0.88
N GLN A 53 1.84 -6.34 -0.68
CA GLN A 53 1.87 -5.03 -1.31
C GLN A 53 3.20 -4.33 -1.04
N GLU A 54 3.83 -4.73 0.06
CA GLU A 54 5.11 -4.15 0.44
C GLU A 54 5.96 -3.87 -0.80
N ALA A 55 5.71 -4.66 -1.84
CA ALA A 55 6.44 -4.51 -3.08
C ALA A 55 6.74 -3.03 -3.32
N GLU A 56 5.67 -2.26 -3.49
CA GLU A 56 5.81 -0.84 -3.73
C GLU A 56 5.00 -0.04 -2.69
N CYS A 57 4.60 -0.76 -1.64
CA CYS A 57 3.83 -0.14 -0.58
C CYS A 57 4.79 0.31 0.53
N THR A 58 5.06 -0.61 1.44
CA THR A 58 5.97 -0.32 2.54
C THR A 58 7.17 0.47 2.05
N PHE A 59 7.70 0.06 0.91
CA PHE A 59 8.85 0.72 0.32
C PHE A 59 8.76 2.24 0.52
N GLU B 1 21.82 0.68 6.17
CA GLU B 1 20.62 1.23 6.78
C GLU B 1 19.67 0.10 7.19
N GLU B 2 19.23 0.15 8.43
CA GLU B 2 18.31 -0.85 8.94
C GLU B 2 16.86 -0.42 8.71
N TYR B 3 16.08 -0.46 9.78
CA TYR B 3 14.68 -0.08 9.69
C TYR B 3 14.50 1.41 9.99
N VAL B 4 15.00 2.23 9.08
CA VAL B 4 14.90 3.68 9.24
C VAL B 4 14.19 4.27 8.02
N GLY B 5 14.71 3.94 6.85
CA GLY B 5 14.14 4.43 5.61
C GLY B 5 12.79 3.77 5.32
N LEU B 6 12.38 2.92 6.25
CA LEU B 6 11.11 2.22 6.12
C LEU B 6 10.37 2.27 7.45
N SER B 7 10.78 3.20 8.29
CA SER B 7 10.15 3.37 9.59
C SER B 7 8.95 4.30 9.47
N ALA B 8 8.32 4.55 10.62
CA ALA B 8 7.16 5.41 10.66
C ALA B 8 7.61 6.86 10.44
N ASN B 9 8.91 7.05 10.44
CA ASN B 9 9.48 8.37 10.24
C ASN B 9 9.80 8.57 8.76
N GLN B 10 9.67 7.49 8.00
CA GLN B 10 9.94 7.53 6.57
C GLN B 10 8.92 8.43 5.87
N CYS B 11 7.69 8.35 6.33
CA CYS B 11 6.62 9.14 5.75
C CYS B 11 6.91 10.62 6.03
N ALA B 12 7.94 10.84 6.84
CA ALA B 12 8.34 12.19 7.19
C ALA B 12 9.62 12.56 6.44
N VAL B 13 9.92 11.77 5.41
CA VAL B 13 11.10 12.00 4.61
C VAL B 13 11.24 13.49 4.32
N PRO B 14 12.44 13.88 3.82
CA PRO B 14 12.72 15.26 3.49
C PRO B 14 12.01 15.69 2.21
N ALA B 15 10.89 15.02 1.95
CA ALA B 15 10.10 15.31 0.75
C ALA B 15 11.03 15.30 -0.47
N LYS B 16 11.44 14.09 -0.84
CA LYS B 16 12.32 13.93 -1.99
C LYS B 16 12.92 12.52 -1.97
N ASP B 17 12.08 11.56 -1.64
CA ASP B 17 12.50 10.17 -1.58
C ASP B 17 11.28 9.26 -1.65
N ARG B 18 10.15 9.86 -2.00
CA ARG B 18 8.91 9.11 -2.12
C ARG B 18 8.73 8.59 -3.54
N VAL B 19 7.65 7.84 -3.73
CA VAL B 19 7.36 7.27 -5.03
C VAL B 19 6.18 8.03 -5.66
N ASP B 20 5.97 9.23 -5.16
CA ASP B 20 4.89 10.06 -5.66
C ASP B 20 3.74 9.17 -6.13
N CYS B 21 2.88 8.81 -5.19
CA CYS B 21 1.74 7.96 -5.50
C CYS B 21 1.02 8.54 -6.72
N GLY B 22 1.00 9.87 -6.78
CA GLY B 22 0.36 10.56 -7.87
C GLY B 22 -1.07 10.06 -8.07
N TYR B 23 -1.87 10.20 -7.02
CA TYR B 23 -3.25 9.77 -7.06
C TYR B 23 -4.17 10.90 -7.51
N PRO B 24 -5.18 10.54 -8.35
CA PRO B 24 -6.12 11.51 -8.86
C PRO B 24 -7.12 11.92 -7.77
N HIS B 25 -7.01 11.26 -6.63
CA HIS B 25 -7.90 11.55 -5.51
C HIS B 25 -7.07 11.91 -4.28
N VAL B 26 -5.79 12.16 -4.52
CA VAL B 26 -4.88 12.50 -3.45
C VAL B 26 -5.60 13.42 -2.45
N THR B 27 -5.59 13.01 -1.19
CA THR B 27 -6.24 13.78 -0.15
C THR B 27 -5.78 13.30 1.23
N PRO B 28 -5.89 14.22 2.22
CA PRO B 28 -5.48 13.90 3.58
C PRO B 28 -6.50 13.00 4.27
N LYS B 29 -6.91 11.97 3.54
CA LYS B 29 -7.89 11.02 4.06
C LYS B 29 -8.14 9.94 3.02
N GLU B 30 -7.81 10.25 1.78
CA GLU B 30 -8.01 9.32 0.69
C GLU B 30 -6.72 8.53 0.43
N CYS B 31 -5.61 9.26 0.42
CA CYS B 31 -4.32 8.64 0.19
C CYS B 31 -4.13 7.52 1.21
N ASN B 32 -4.23 7.89 2.48
CA ASN B 32 -4.08 6.94 3.56
C ASN B 32 -5.14 5.84 3.42
N ASN B 33 -6.13 6.12 2.59
CA ASN B 33 -7.20 5.18 2.35
C ASN B 33 -6.83 4.25 1.19
N ARG B 34 -6.08 4.82 0.24
CA ARG B 34 -5.65 4.07 -0.92
C ARG B 34 -4.40 3.26 -0.59
N GLY B 35 -3.66 3.74 0.39
CA GLY B 35 -2.44 3.08 0.81
C GLY B 35 -1.23 3.98 0.61
N CYS B 36 -1.48 5.29 0.59
CA CYS B 36 -0.43 6.26 0.39
C CYS B 36 -0.38 7.16 1.64
N CYS B 37 0.63 8.03 1.65
CA CYS B 37 0.79 8.94 2.78
C CYS B 37 0.66 10.37 2.24
N PHE B 38 -0.16 11.15 2.93
CA PHE B 38 -0.37 12.53 2.55
C PHE B 38 0.55 13.47 3.31
N ASP B 39 1.37 14.19 2.56
CA ASP B 39 2.31 15.13 3.16
C ASP B 39 1.58 16.44 3.46
N SER B 40 1.48 17.27 2.44
CA SER B 40 0.82 18.56 2.59
C SER B 40 1.81 19.60 3.10
N ARG B 41 2.85 19.12 3.77
CA ARG B 41 3.88 20.00 4.31
C ARG B 41 4.60 20.72 3.18
N ILE B 42 4.93 19.95 2.14
CA ILE B 42 5.63 20.51 1.00
C ILE B 42 4.78 20.31 -0.26
N PRO B 43 4.19 21.43 -0.74
CA PRO B 43 3.35 21.39 -1.92
C PRO B 43 4.20 21.26 -3.20
N GLY B 44 5.50 21.27 -2.99
CA GLY B 44 6.44 21.15 -4.10
C GLY B 44 6.80 19.69 -4.36
N VAL B 45 6.34 18.83 -3.46
CA VAL B 45 6.61 17.40 -3.57
C VAL B 45 5.28 16.65 -3.65
N PRO B 46 5.39 15.29 -3.68
CA PRO B 46 4.22 14.45 -3.74
C PRO B 46 3.51 14.39 -2.39
N TRP B 47 2.27 14.84 -2.38
CA TRP B 47 1.47 14.84 -1.18
C TRP B 47 0.70 13.53 -1.11
N CYS B 48 1.28 12.50 -1.72
CA CYS B 48 0.66 11.19 -1.73
C CYS B 48 1.70 10.18 -2.23
N PHE B 49 2.22 9.39 -1.28
CA PHE B 49 3.21 8.39 -1.61
C PHE B 49 3.02 7.14 -0.76
N LYS B 50 3.99 6.25 -0.82
CA LYS B 50 3.94 5.01 -0.07
C LYS B 50 5.17 4.91 0.84
N PRO B 51 5.19 5.79 1.88
CA PRO B 51 6.30 5.81 2.81
C PRO B 51 6.23 4.62 3.78
N LEU B 52 5.71 4.89 4.96
CA LEU B 52 5.58 3.87 5.97
C LEU B 52 4.19 3.22 5.87
N GLN B 53 3.71 3.13 4.64
CA GLN B 53 2.40 2.55 4.40
C GLN B 53 2.29 1.18 5.09
N GLU B 54 3.44 0.63 5.42
CA GLU B 54 3.48 -0.67 6.09
C GLU B 54 2.37 -0.76 7.13
N ALA B 55 1.96 0.41 7.62
CA ALA B 55 0.91 0.46 8.62
C ALA B 55 -0.10 -0.66 8.36
N GLU B 56 -0.70 -0.62 7.18
CA GLU B 56 -1.68 -1.62 6.80
C GLU B 56 -1.55 -1.96 5.32
N CYS B 57 -0.40 -1.59 4.76
CA CYS B 57 -0.14 -1.84 3.36
C CYS B 57 0.65 -3.14 3.24
N THR B 58 1.73 -3.20 4.00
CA THR B 58 2.59 -4.37 3.99
C THR B 58 1.85 -5.57 4.61
N PHE B 59 1.21 -5.32 5.73
CA PHE B 59 0.47 -6.36 6.43
C PHE B 59 -0.16 -7.34 5.42
N GLU A 1 6.18 -13.01 11.15
CA GLU A 1 7.39 -12.68 11.89
C GLU A 1 8.43 -12.04 10.97
N GLU A 2 9.03 -12.89 10.14
CA GLU A 2 10.05 -12.43 9.21
C GLU A 2 9.39 -11.94 7.91
N TYR A 3 9.80 -12.55 6.81
CA TYR A 3 9.26 -12.19 5.51
C TYR A 3 8.06 -13.06 5.14
N VAL A 4 6.96 -12.81 5.84
CA VAL A 4 5.74 -13.56 5.59
C VAL A 4 4.58 -12.59 5.34
N GLY A 5 4.32 -11.77 6.35
CA GLY A 5 3.25 -10.79 6.24
C GLY A 5 3.58 -9.72 5.20
N LEU A 6 4.72 -9.90 4.55
CA LEU A 6 5.16 -8.97 3.53
C LEU A 6 5.97 -9.71 2.48
N SER A 7 5.64 -10.99 2.31
CA SER A 7 6.34 -11.82 1.34
C SER A 7 5.46 -12.00 0.09
N ALA A 8 6.11 -12.46 -0.98
CA ALA A 8 5.41 -12.68 -2.23
C ALA A 8 4.41 -13.82 -2.07
N ASN A 9 4.46 -14.44 -0.89
CA ASN A 9 3.58 -15.56 -0.59
C ASN A 9 2.36 -15.03 0.18
N GLN A 10 2.43 -13.76 0.55
CA GLN A 10 1.34 -13.13 1.28
C GLN A 10 0.07 -13.09 0.42
N CYS A 11 0.27 -12.74 -0.84
CA CYS A 11 -0.84 -12.66 -1.77
C CYS A 11 -1.27 -14.08 -2.14
N ALA A 12 -0.57 -15.05 -1.55
CA ALA A 12 -0.87 -16.45 -1.80
C ALA A 12 -1.54 -17.06 -0.57
N VAL A 13 -1.85 -16.19 0.38
CA VAL A 13 -2.49 -16.63 1.61
C VAL A 13 -3.57 -17.67 1.27
N PRO A 14 -3.97 -18.44 2.33
CA PRO A 14 -4.97 -19.47 2.16
C PRO A 14 -6.37 -18.85 2.02
N ALA A 15 -6.40 -17.64 1.50
CA ALA A 15 -7.66 -16.94 1.32
C ALA A 15 -8.47 -17.00 2.62
N LYS A 16 -8.05 -16.18 3.58
CA LYS A 16 -8.72 -16.13 4.86
C LYS A 16 -7.79 -15.48 5.89
N ASP A 17 -7.23 -14.35 5.50
CA ASP A 17 -6.33 -13.62 6.38
C ASP A 17 -6.18 -12.18 5.88
N ARG A 18 -6.37 -12.02 4.57
CA ARG A 18 -6.27 -10.71 3.96
C ARG A 18 -7.07 -9.68 4.76
N VAL A 19 -6.99 -8.44 4.32
CA VAL A 19 -7.70 -7.36 4.99
C VAL A 19 -8.83 -6.86 4.08
N ASP A 20 -9.24 -7.73 3.16
CA ASP A 20 -10.31 -7.39 2.24
C ASP A 20 -10.29 -5.89 1.97
N CYS A 21 -9.46 -5.49 1.01
CA CYS A 21 -9.34 -4.09 0.64
C CYS A 21 -10.76 -3.51 0.52
N GLY A 22 -11.65 -4.34 0.01
CA GLY A 22 -13.03 -3.91 -0.18
C GLY A 22 -13.12 -2.64 -1.00
N TYR A 23 -12.61 -2.73 -2.23
CA TYR A 23 -12.61 -1.59 -3.13
C TYR A 23 -13.88 -1.57 -3.99
N PRO A 24 -14.45 -0.35 -4.17
CA PRO A 24 -15.65 -0.19 -4.97
C PRO A 24 -15.33 -0.30 -6.46
N HIS A 25 -14.04 -0.38 -6.75
CA HIS A 25 -13.60 -0.49 -8.13
C HIS A 25 -12.76 -1.76 -8.31
N VAL A 26 -12.87 -2.64 -7.32
CA VAL A 26 -12.13 -3.89 -7.36
C VAL A 26 -12.11 -4.43 -8.79
N THR A 27 -10.90 -4.76 -9.24
CA THR A 27 -10.73 -5.28 -10.59
C THR A 27 -9.32 -5.85 -10.76
N PRO A 28 -9.20 -6.85 -11.68
CA PRO A 28 -7.93 -7.47 -11.95
C PRO A 28 -7.04 -6.55 -12.79
N LYS A 29 -6.86 -5.33 -12.30
CA LYS A 29 -6.04 -4.35 -12.99
C LYS A 29 -6.09 -3.02 -12.23
N GLU A 30 -7.11 -2.89 -11.40
CA GLU A 30 -7.29 -1.68 -10.61
C GLU A 30 -6.78 -1.89 -9.18
N CYS A 31 -7.15 -3.04 -8.62
CA CYS A 31 -6.74 -3.37 -7.27
C CYS A 31 -5.21 -3.32 -7.20
N ASN A 32 -4.59 -4.04 -8.13
CA ASN A 32 -3.13 -4.07 -8.18
C ASN A 32 -2.60 -2.69 -8.59
N ASN A 33 -3.54 -1.80 -8.88
CA ASN A 33 -3.19 -0.45 -9.27
C ASN A 33 -3.46 0.51 -8.11
N ARG A 34 -4.39 0.10 -7.26
CA ARG A 34 -4.75 0.91 -6.11
C ARG A 34 -3.82 0.62 -4.94
N GLY A 35 -3.25 -0.58 -4.96
CA GLY A 35 -2.33 -0.99 -3.91
C GLY A 35 -2.84 -2.25 -3.21
N CYS A 36 -3.67 -2.99 -3.93
CA CYS A 36 -4.24 -4.23 -3.39
C CYS A 36 -3.82 -5.38 -4.29
N CYS A 37 -4.33 -6.56 -3.96
CA CYS A 37 -4.02 -7.75 -4.73
C CYS A 37 -5.33 -8.41 -5.15
N PHE A 38 -5.44 -8.67 -6.45
CA PHE A 38 -6.63 -9.29 -6.99
C PHE A 38 -6.59 -10.81 -6.80
N ASP A 39 -7.67 -11.32 -6.24
CA ASP A 39 -7.78 -12.76 -6.00
C ASP A 39 -7.95 -13.49 -7.33
N SER A 40 -9.21 -13.81 -7.64
CA SER A 40 -9.52 -14.50 -8.87
C SER A 40 -9.52 -16.02 -8.64
N ARG A 41 -9.04 -16.40 -7.47
CA ARG A 41 -8.98 -17.80 -7.11
C ARG A 41 -10.27 -18.23 -6.41
N ILE A 42 -10.60 -17.53 -5.33
CA ILE A 42 -11.80 -17.83 -4.58
C ILE A 42 -12.74 -16.63 -4.63
N PRO A 43 -13.97 -16.88 -5.14
CA PRO A 43 -14.97 -15.84 -5.26
C PRO A 43 -15.57 -15.50 -3.88
N GLY A 44 -15.27 -16.35 -2.92
CA GLY A 44 -15.77 -16.15 -1.57
C GLY A 44 -14.80 -15.32 -0.74
N VAL A 45 -13.62 -15.10 -1.31
CA VAL A 45 -12.60 -14.32 -0.64
C VAL A 45 -12.52 -12.94 -1.28
N PRO A 46 -11.74 -12.04 -0.60
CA PRO A 46 -11.58 -10.68 -1.10
C PRO A 46 -10.64 -10.65 -2.31
N TRP A 47 -11.20 -10.24 -3.44
CA TRP A 47 -10.43 -10.15 -4.67
C TRP A 47 -9.76 -8.78 -4.71
N CYS A 48 -9.48 -8.25 -3.53
CA CYS A 48 -8.85 -6.95 -3.42
C CYS A 48 -8.36 -6.77 -1.98
N PHE A 49 -7.09 -7.10 -1.77
CA PHE A 49 -6.49 -7.00 -0.46
C PHE A 49 -5.08 -6.43 -0.55
N LYS A 50 -4.43 -6.35 0.60
CA LYS A 50 -3.07 -5.83 0.67
C LYS A 50 -2.14 -6.92 1.21
N PRO A 51 -1.90 -7.94 0.37
CA PRO A 51 -1.04 -9.05 0.75
C PRO A 51 0.44 -8.62 0.72
N LEU A 52 1.09 -8.96 -0.39
CA LEU A 52 2.49 -8.62 -0.56
C LEU A 52 2.61 -7.29 -1.31
N GLN A 53 1.61 -6.43 -1.07
CA GLN A 53 1.58 -5.13 -1.71
C GLN A 53 2.91 -4.40 -1.48
N GLU A 54 3.61 -4.84 -0.43
CA GLU A 54 4.88 -4.23 -0.09
C GLU A 54 5.70 -3.94 -1.36
N ALA A 55 5.42 -4.72 -2.39
CA ALA A 55 6.11 -4.55 -3.66
C ALA A 55 6.35 -3.07 -3.92
N GLU A 56 5.26 -2.35 -4.14
CA GLU A 56 5.32 -0.93 -4.40
C GLU A 56 4.28 -0.18 -3.57
N CYS A 57 3.90 -0.81 -2.47
CA CYS A 57 2.91 -0.21 -1.58
C CYS A 57 3.63 0.28 -0.33
N THR A 58 4.45 -0.58 0.23
CA THR A 58 5.21 -0.24 1.43
C THR A 58 6.47 0.55 1.06
N PHE A 59 7.16 0.04 0.04
CA PHE A 59 8.38 0.67 -0.42
C PHE A 59 8.29 2.20 -0.29
N GLU B 1 21.99 2.60 7.66
CA GLU B 1 20.67 2.88 8.20
C GLU B 1 19.79 1.64 8.13
N GLU B 2 19.32 1.22 9.29
CA GLU B 2 18.46 0.05 9.38
C GLU B 2 16.99 0.45 9.22
N TYR B 3 16.16 -0.15 10.07
CA TYR B 3 14.74 0.14 10.03
C TYR B 3 14.45 1.58 10.47
N VAL B 4 14.97 2.52 9.68
CA VAL B 4 14.77 3.92 9.97
C VAL B 4 14.00 4.57 8.81
N GLY B 5 14.55 4.42 7.62
CA GLY B 5 13.93 4.98 6.43
C GLY B 5 12.67 4.22 6.06
N LEU B 6 12.31 3.26 6.90
CA LEU B 6 11.12 2.46 6.68
C LEU B 6 10.25 2.46 7.94
N SER B 7 10.70 3.24 8.92
CA SER B 7 9.98 3.34 10.18
C SER B 7 8.73 4.20 10.00
N ALA B 8 8.03 4.42 11.10
CA ALA B 8 6.81 5.21 11.08
C ALA B 8 7.19 6.68 10.94
N ASN B 9 8.49 6.95 10.95
CA ASN B 9 8.98 8.30 10.83
C ASN B 9 9.46 8.54 9.39
N GLN B 10 9.42 7.47 8.60
CA GLN B 10 9.84 7.55 7.22
C GLN B 10 8.90 8.46 6.43
N CYS B 11 7.62 8.34 6.74
CA CYS B 11 6.61 9.14 6.08
C CYS B 11 6.87 10.61 6.40
N ALA B 12 7.79 10.83 7.33
CA ALA B 12 8.14 12.18 7.75
C ALA B 12 9.43 12.60 7.04
N VAL B 13 9.78 11.84 6.02
CA VAL B 13 10.99 12.14 5.26
C VAL B 13 11.09 13.64 5.01
N PRO B 14 12.30 14.08 4.58
CA PRO B 14 12.53 15.48 4.30
C PRO B 14 11.86 15.92 3.00
N ALA B 15 10.80 15.20 2.66
CA ALA B 15 10.07 15.49 1.43
C ALA B 15 11.05 15.62 0.27
N LYS B 16 11.68 14.51 -0.05
CA LYS B 16 12.64 14.48 -1.14
C LYS B 16 13.27 13.08 -1.23
N ASP B 17 12.44 12.09 -0.98
CA ASP B 17 12.89 10.70 -1.03
C ASP B 17 11.68 9.78 -1.18
N ARG B 18 10.56 10.38 -1.54
CA ARG B 18 9.34 9.62 -1.71
C ARG B 18 9.20 9.15 -3.16
N VAL B 19 8.20 8.31 -3.39
CA VAL B 19 7.95 7.78 -4.72
C VAL B 19 6.84 8.59 -5.40
N ASP B 20 6.59 9.77 -4.83
CA ASP B 20 5.56 10.65 -5.36
C ASP B 20 4.43 9.80 -5.95
N CYS B 21 3.53 9.38 -5.08
CA CYS B 21 2.41 8.56 -5.50
C CYS B 21 1.74 9.24 -6.70
N GLY B 22 1.74 10.57 -6.65
CA GLY B 22 1.14 11.35 -7.73
C GLY B 22 -0.09 10.64 -8.30
N TYR B 23 -1.06 10.41 -7.43
CA TYR B 23 -2.29 9.75 -7.84
C TYR B 23 -3.34 10.77 -8.28
N PRO B 24 -4.32 10.26 -9.08
CA PRO B 24 -5.38 11.12 -9.59
C PRO B 24 -6.40 11.44 -8.49
N HIS B 25 -6.27 10.73 -7.38
CA HIS B 25 -7.16 10.93 -6.26
C HIS B 25 -6.36 11.43 -5.05
N VAL B 26 -5.08 11.69 -5.30
CA VAL B 26 -4.20 12.18 -4.24
C VAL B 26 -4.97 13.17 -3.37
N THR B 27 -5.20 12.77 -2.13
CA THR B 27 -5.90 13.62 -1.19
C THR B 27 -5.75 13.08 0.23
N PRO B 28 -6.09 13.96 1.23
CA PRO B 28 -5.98 13.58 2.62
C PRO B 28 -7.13 12.64 3.02
N LYS B 29 -7.32 11.61 2.22
CA LYS B 29 -8.37 10.64 2.47
C LYS B 29 -8.35 9.58 1.37
N GLU B 30 -7.72 9.93 0.26
CA GLU B 30 -7.62 9.00 -0.86
C GLU B 30 -6.26 8.30 -0.85
N CYS B 31 -5.22 9.08 -0.61
CA CYS B 31 -3.87 8.54 -0.57
C CYS B 31 -3.85 7.40 0.44
N ASN B 32 -4.24 7.72 1.66
CA ASN B 32 -4.26 6.73 2.73
C ASN B 32 -5.27 5.64 2.37
N ASN B 33 -6.04 5.90 1.33
CA ASN B 33 -7.05 4.95 0.89
C ASN B 33 -6.42 3.97 -0.11
N ARG B 34 -5.52 4.50 -0.93
CA ARG B 34 -4.85 3.69 -1.92
C ARG B 34 -3.65 2.98 -1.30
N GLY B 35 -3.09 3.62 -0.28
CA GLY B 35 -1.94 3.06 0.41
C GLY B 35 -0.74 4.02 0.34
N CYS B 36 -1.05 5.29 0.22
CA CYS B 36 -0.02 6.31 0.15
C CYS B 36 -0.09 7.16 1.41
N CYS B 37 0.89 8.04 1.54
CA CYS B 37 0.96 8.92 2.71
C CYS B 37 0.84 10.37 2.22
N PHE B 38 -0.13 11.06 2.79
CA PHE B 38 -0.36 12.45 2.43
C PHE B 38 0.39 13.40 3.36
N ASP B 39 1.29 14.18 2.76
CA ASP B 39 2.08 15.12 3.52
C ASP B 39 1.32 16.45 3.65
N SER B 40 1.44 17.25 2.60
CA SER B 40 0.77 18.55 2.58
C SER B 40 1.67 19.61 3.21
N ARG B 41 2.67 19.13 3.93
CA ARG B 41 3.60 20.04 4.59
C ARG B 41 4.38 20.84 3.57
N ILE B 42 4.79 20.16 2.50
CA ILE B 42 5.54 20.80 1.44
C ILE B 42 4.78 20.64 0.11
N PRO B 43 4.24 21.79 -0.38
CA PRO B 43 3.50 21.79 -1.62
C PRO B 43 4.44 21.68 -2.82
N GLY B 44 5.73 21.72 -2.53
CA GLY B 44 6.74 21.63 -3.57
C GLY B 44 7.18 20.18 -3.77
N VAL B 45 6.70 19.32 -2.89
CA VAL B 45 7.04 17.91 -2.96
C VAL B 45 5.76 17.08 -3.12
N PRO B 46 5.94 15.73 -3.16
CA PRO B 46 4.82 14.82 -3.31
C PRO B 46 4.02 14.72 -2.00
N TRP B 47 2.78 15.19 -2.07
CA TRP B 47 1.91 15.15 -0.90
C TRP B 47 1.15 13.82 -0.92
N CYS B 48 1.79 12.81 -1.50
CA CYS B 48 1.19 11.50 -1.59
C CYS B 48 2.25 10.51 -2.08
N PHE B 49 2.65 9.62 -1.18
CA PHE B 49 3.65 8.62 -1.50
C PHE B 49 3.43 7.34 -0.71
N LYS B 50 4.43 6.47 -0.75
CA LYS B 50 4.36 5.21 -0.04
C LYS B 50 5.55 5.10 0.92
N PRO B 51 5.51 5.92 2.00
CA PRO B 51 6.58 5.92 2.98
C PRO B 51 6.49 4.69 3.89
N LEU B 52 5.88 4.89 5.05
CA LEU B 52 5.72 3.82 6.01
C LEU B 52 4.35 3.17 5.82
N GLN B 53 3.94 3.09 4.57
CA GLN B 53 2.65 2.50 4.24
C GLN B 53 2.52 1.12 4.89
N GLU B 54 3.66 0.55 5.24
CA GLU B 54 3.69 -0.75 5.87
C GLU B 54 2.56 -0.87 6.90
N ALA B 55 2.11 0.28 7.38
CA ALA B 55 1.04 0.32 8.36
C ALA B 55 0.07 -0.84 8.09
N GLU B 56 -0.51 -0.81 6.90
CA GLU B 56 -1.46 -1.84 6.51
C GLU B 56 -1.36 -2.12 5.01
N CYS B 57 -0.25 -1.67 4.44
CA CYS B 57 -0.03 -1.85 3.01
C CYS B 57 0.83 -3.12 2.82
N THR B 58 1.92 -3.16 3.55
CA THR B 58 2.84 -4.29 3.47
C THR B 58 2.20 -5.52 4.13
N PHE B 59 1.41 -5.27 5.16
CA PHE B 59 0.75 -6.34 5.88
C PHE B 59 0.38 -7.48 4.94
N GLU A 1 12.01 -8.60 12.61
CA GLU A 1 10.77 -8.50 11.86
C GLU A 1 10.51 -9.79 11.08
N GLU A 2 9.33 -10.36 11.31
CA GLU A 2 8.96 -11.59 10.64
C GLU A 2 8.29 -11.28 9.31
N TYR A 3 9.10 -10.90 8.34
CA TYR A 3 8.60 -10.57 7.02
C TYR A 3 7.99 -11.80 6.35
N VAL A 4 6.84 -12.22 6.88
CA VAL A 4 6.14 -13.38 6.34
C VAL A 4 4.76 -12.95 5.87
N GLY A 5 3.96 -12.47 6.82
CA GLY A 5 2.61 -12.03 6.52
C GLY A 5 2.62 -10.70 5.77
N LEU A 6 3.81 -10.32 5.34
CA LEU A 6 3.97 -9.07 4.60
C LEU A 6 5.05 -9.25 3.54
N SER A 7 5.39 -10.50 3.28
CA SER A 7 6.41 -10.82 2.29
C SER A 7 5.76 -11.45 1.06
N ALA A 8 6.58 -11.68 0.04
CA ALA A 8 6.09 -12.27 -1.19
C ALA A 8 5.59 -13.69 -0.90
N ASN A 9 4.34 -13.76 -0.46
CA ASN A 9 3.73 -15.04 -0.15
C ASN A 9 2.38 -14.80 0.55
N GLN A 10 2.31 -13.69 1.25
CA GLN A 10 1.10 -13.33 1.97
C GLN A 10 -0.08 -13.23 1.00
N CYS A 11 0.23 -12.77 -0.20
CA CYS A 11 -0.78 -12.62 -1.23
C CYS A 11 -1.34 -14.01 -1.56
N ALA A 12 -0.72 -15.01 -0.99
CA ALA A 12 -1.14 -16.38 -1.22
C ALA A 12 -1.86 -16.90 0.03
N VAL A 13 -2.33 -15.97 0.83
CA VAL A 13 -3.04 -16.32 2.05
C VAL A 13 -3.99 -17.47 1.77
N PRO A 14 -4.52 -18.07 2.88
CA PRO A 14 -5.44 -19.19 2.77
C PRO A 14 -6.83 -18.71 2.33
N ALA A 15 -6.91 -17.41 2.06
CA ALA A 15 -8.17 -16.82 1.64
C ALA A 15 -9.00 -16.49 2.87
N LYS A 16 -8.38 -15.82 3.81
CA LYS A 16 -9.05 -15.43 5.05
C LYS A 16 -8.04 -14.79 6.01
N ASP A 17 -7.21 -13.93 5.45
CA ASP A 17 -6.20 -13.24 6.24
C ASP A 17 -5.88 -11.90 5.61
N ARG A 18 -6.72 -11.51 4.65
CA ARG A 18 -6.53 -10.25 3.95
C ARG A 18 -7.33 -9.15 4.65
N VAL A 19 -7.12 -7.93 4.18
CA VAL A 19 -7.81 -6.78 4.74
C VAL A 19 -8.87 -6.29 3.75
N ASP A 20 -9.26 -7.19 2.85
CA ASP A 20 -10.26 -6.86 1.86
C ASP A 20 -10.15 -5.39 1.48
N CYS A 21 -9.28 -5.12 0.52
CA CYS A 21 -9.08 -3.75 0.07
C CYS A 21 -10.44 -3.10 -0.15
N GLY A 22 -11.38 -3.93 -0.59
CA GLY A 22 -12.74 -3.45 -0.85
C GLY A 22 -12.71 -2.17 -1.69
N TYR A 23 -12.16 -2.30 -2.89
CA TYR A 23 -12.07 -1.16 -3.79
C TYR A 23 -13.28 -1.12 -4.73
N PRO A 24 -13.73 0.14 -5.02
CA PRO A 24 -14.88 0.34 -5.89
C PRO A 24 -14.49 0.09 -7.35
N HIS A 25 -13.21 -0.09 -7.57
CA HIS A 25 -12.71 -0.33 -8.92
C HIS A 25 -11.95 -1.67 -8.95
N VAL A 26 -12.17 -2.45 -7.90
CA VAL A 26 -11.52 -3.76 -7.80
C VAL A 26 -11.50 -4.42 -9.18
N THR A 27 -10.31 -4.81 -9.60
CA THR A 27 -10.14 -5.45 -10.88
C THR A 27 -8.74 -6.06 -11.00
N PRO A 28 -8.62 -7.10 -11.88
CA PRO A 28 -7.34 -7.75 -12.10
C PRO A 28 -6.42 -6.89 -12.94
N LYS A 29 -6.22 -5.66 -12.48
CA LYS A 29 -5.35 -4.74 -13.19
C LYS A 29 -5.39 -3.38 -12.49
N GLU A 30 -6.44 -3.18 -11.70
CA GLU A 30 -6.60 -1.94 -10.96
C GLU A 30 -6.14 -2.11 -9.51
N CYS A 31 -6.55 -3.22 -8.93
CA CYS A 31 -6.18 -3.52 -7.55
C CYS A 31 -4.65 -3.47 -7.44
N ASN A 32 -4.00 -4.22 -8.32
CA ASN A 32 -2.55 -4.28 -8.34
C ASN A 32 -1.99 -2.92 -8.79
N ASN A 33 -2.92 -2.02 -9.11
CA ASN A 33 -2.54 -0.69 -9.56
C ASN A 33 -2.71 0.29 -8.40
N ARG A 34 -3.71 0.01 -7.57
CA ARG A 34 -3.99 0.87 -6.43
C ARG A 34 -3.06 0.52 -5.27
N GLY A 35 -2.57 -0.71 -5.28
CA GLY A 35 -1.67 -1.17 -4.24
C GLY A 35 -2.27 -2.37 -3.50
N CYS A 36 -3.14 -3.08 -4.20
CA CYS A 36 -3.78 -4.25 -3.63
C CYS A 36 -3.36 -5.48 -4.44
N CYS A 37 -3.85 -6.63 -4.01
CA CYS A 37 -3.54 -7.89 -4.68
C CYS A 37 -4.85 -8.55 -5.09
N PHE A 38 -4.94 -8.87 -6.37
CA PHE A 38 -6.13 -9.51 -6.91
C PHE A 38 -6.01 -11.03 -6.84
N ASP A 39 -6.95 -11.64 -6.15
CA ASP A 39 -6.96 -13.09 -6.00
C ASP A 39 -7.77 -13.71 -7.14
N SER A 40 -9.08 -13.72 -6.97
CA SER A 40 -9.96 -14.28 -7.97
C SER A 40 -10.19 -15.76 -7.71
N ARG A 41 -9.26 -16.34 -6.95
CA ARG A 41 -9.35 -17.76 -6.61
C ARG A 41 -10.74 -18.09 -6.04
N ILE A 42 -11.08 -17.37 -4.99
CA ILE A 42 -12.37 -17.57 -4.33
C ILE A 42 -13.22 -16.31 -4.49
N PRO A 43 -14.46 -16.50 -5.02
CA PRO A 43 -15.38 -15.39 -5.22
C PRO A 43 -15.98 -14.94 -3.89
N GLY A 44 -15.78 -15.76 -2.88
CA GLY A 44 -16.30 -15.46 -1.55
C GLY A 44 -15.26 -14.71 -0.71
N VAL A 45 -14.06 -14.64 -1.26
CA VAL A 45 -12.97 -13.96 -0.57
C VAL A 45 -12.69 -12.63 -1.26
N PRO A 46 -11.85 -11.79 -0.59
CA PRO A 46 -11.49 -10.49 -1.12
C PRO A 46 -10.49 -10.63 -2.27
N TRP A 47 -10.96 -10.34 -3.47
CA TRP A 47 -10.12 -10.43 -4.65
C TRP A 47 -9.40 -9.09 -4.81
N CYS A 48 -9.14 -8.45 -3.68
CA CYS A 48 -8.46 -7.17 -3.68
C CYS A 48 -8.07 -6.83 -2.25
N PHE A 49 -6.79 -7.04 -1.95
CA PHE A 49 -6.27 -6.76 -0.61
C PHE A 49 -4.84 -6.23 -0.67
N LYS A 50 -4.24 -6.11 0.50
CA LYS A 50 -2.88 -5.62 0.59
C LYS A 50 -2.00 -6.67 1.27
N PRO A 51 -1.74 -7.78 0.52
CA PRO A 51 -0.92 -8.86 1.03
C PRO A 51 0.56 -8.47 1.06
N LEU A 52 1.27 -8.92 0.03
CA LEU A 52 2.68 -8.63 -0.08
C LEU A 52 2.88 -7.38 -0.95
N GLN A 53 1.91 -6.47 -0.84
CA GLN A 53 1.96 -5.24 -1.60
C GLN A 53 3.31 -4.54 -1.39
N GLU A 54 3.97 -4.93 -0.31
CA GLU A 54 5.27 -4.35 0.00
C GLU A 54 6.11 -4.17 -1.27
N ALA A 55 5.82 -5.02 -2.24
CA ALA A 55 6.53 -4.97 -3.51
C ALA A 55 6.82 -3.51 -3.87
N GLU A 56 5.78 -2.82 -4.29
CA GLU A 56 5.92 -1.42 -4.67
C GLU A 56 4.89 -0.58 -3.92
N CYS A 57 4.44 -1.10 -2.78
CA CYS A 57 3.47 -0.39 -1.98
C CYS A 57 4.18 0.19 -0.76
N THR A 58 4.90 -0.67 -0.05
CA THR A 58 5.63 -0.26 1.13
C THR A 58 6.99 0.35 0.73
N PHE A 59 7.54 -0.18 -0.35
CA PHE A 59 8.82 0.31 -0.84
C PHE A 59 8.96 1.81 -0.61
N GLU B 1 20.15 1.02 2.02
CA GLU B 1 19.37 1.56 3.11
C GLU B 1 18.72 0.43 3.92
N GLU B 2 18.64 0.66 5.22
CA GLU B 2 18.05 -0.33 6.12
C GLU B 2 16.54 -0.11 6.23
N TYR B 3 16.09 -0.01 7.47
CA TYR B 3 14.68 0.20 7.73
C TYR B 3 14.35 1.69 7.79
N VAL B 4 14.27 2.30 6.63
CA VAL B 4 13.96 3.72 6.54
C VAL B 4 12.86 3.94 5.49
N GLY B 5 13.14 3.48 4.28
CA GLY B 5 12.19 3.62 3.19
C GLY B 5 10.97 2.71 3.41
N LEU B 6 10.95 2.08 4.57
CA LEU B 6 9.85 1.19 4.91
C LEU B 6 9.72 1.12 6.44
N SER B 7 10.25 2.14 7.10
CA SER B 7 10.20 2.20 8.55
C SER B 7 9.22 3.29 8.98
N ALA B 8 8.61 3.07 10.14
CA ALA B 8 7.65 4.03 10.68
C ALA B 8 8.36 5.36 10.92
N ASN B 9 8.39 6.17 9.87
CA ASN B 9 9.03 7.48 9.96
C ASN B 9 9.18 8.05 8.54
N GLN B 10 9.24 7.15 7.57
CA GLN B 10 9.38 7.56 6.18
C GLN B 10 8.21 8.45 5.77
N CYS B 11 7.06 8.18 6.38
CA CYS B 11 5.86 8.93 6.09
C CYS B 11 6.09 10.39 6.52
N ALA B 12 7.19 10.60 7.22
CA ALA B 12 7.53 11.92 7.69
C ALA B 12 8.85 12.36 7.06
N VAL B 13 9.21 11.69 5.98
CA VAL B 13 10.44 12.00 5.26
C VAL B 13 10.57 13.51 5.12
N PRO B 14 11.80 13.95 4.72
CA PRO B 14 12.07 15.37 4.54
C PRO B 14 11.42 15.89 3.26
N ALA B 15 10.35 15.23 2.86
CA ALA B 15 9.63 15.61 1.66
C ALA B 15 10.64 15.86 0.53
N LYS B 16 11.35 14.80 0.16
CA LYS B 16 12.34 14.90 -0.90
C LYS B 16 13.05 13.55 -1.04
N ASP B 17 12.28 12.49 -0.87
CA ASP B 17 12.83 11.15 -0.98
C ASP B 17 11.68 10.16 -1.21
N ARG B 18 10.53 10.71 -1.59
CA ARG B 18 9.36 9.89 -1.84
C ARG B 18 9.34 9.44 -3.31
N VAL B 19 8.31 8.68 -3.64
CA VAL B 19 8.15 8.19 -5.00
C VAL B 19 6.94 8.86 -5.65
N ASP B 20 6.56 9.99 -5.08
CA ASP B 20 5.41 10.74 -5.58
C ASP B 20 4.38 9.77 -6.15
N CYS B 21 3.47 9.35 -5.28
CA CYS B 21 2.42 8.43 -5.68
C CYS B 21 1.70 9.00 -6.90
N GLY B 22 1.62 10.33 -6.92
CA GLY B 22 0.96 11.02 -8.02
C GLY B 22 -0.47 10.50 -8.22
N TYR B 23 -1.21 10.49 -7.11
CA TYR B 23 -2.59 10.04 -7.15
C TYR B 23 -3.52 11.16 -7.57
N PRO B 24 -4.50 10.79 -8.44
CA PRO B 24 -5.47 11.75 -8.94
C PRO B 24 -6.51 12.09 -7.86
N HIS B 25 -6.43 11.36 -6.76
CA HIS B 25 -7.35 11.57 -5.65
C HIS B 25 -6.56 11.91 -4.39
N VAL B 26 -5.32 12.33 -4.59
CA VAL B 26 -4.46 12.69 -3.48
C VAL B 26 -5.28 13.41 -2.42
N THR B 27 -5.32 12.80 -1.23
CA THR B 27 -6.06 13.36 -0.13
C THR B 27 -5.69 12.66 1.19
N PRO B 28 -5.80 13.42 2.30
CA PRO B 28 -5.49 12.88 3.61
C PRO B 28 -6.59 11.93 4.10
N LYS B 29 -6.93 11.00 3.23
CA LYS B 29 -7.97 10.03 3.55
C LYS B 29 -8.08 9.00 2.42
N GLU B 30 -7.64 9.43 1.24
CA GLU B 30 -7.68 8.56 0.07
C GLU B 30 -6.33 7.89 -0.14
N CYS B 31 -5.28 8.68 0.02
CA CYS B 31 -3.93 8.18 -0.15
C CYS B 31 -3.69 7.09 0.90
N ASN B 32 -3.87 7.47 2.15
CA ASN B 32 -3.69 6.55 3.25
C ASN B 32 -4.71 5.41 3.14
N ASN B 33 -5.60 5.56 2.18
CA ASN B 33 -6.64 4.57 1.97
C ASN B 33 -6.28 3.71 0.76
N ARG B 34 -5.55 4.32 -0.17
CA ARG B 34 -5.13 3.63 -1.38
C ARG B 34 -3.80 2.90 -1.12
N GLY B 35 -2.98 3.50 -0.27
CA GLY B 35 -1.69 2.92 0.05
C GLY B 35 -0.57 3.96 -0.07
N CYS B 36 -0.98 5.23 0.02
CA CYS B 36 -0.03 6.33 -0.07
C CYS B 36 -0.14 7.17 1.20
N CYS B 37 0.89 7.96 1.43
CA CYS B 37 0.93 8.82 2.60
C CYS B 37 0.78 10.27 2.13
N PHE B 38 -0.21 10.94 2.71
CA PHE B 38 -0.48 12.33 2.36
C PHE B 38 0.33 13.27 3.25
N ASP B 39 1.16 14.09 2.61
CA ASP B 39 1.99 15.04 3.33
C ASP B 39 1.15 16.26 3.69
N SER B 40 1.06 17.18 2.73
CA SER B 40 0.29 18.40 2.93
C SER B 40 1.17 19.46 3.60
N ARG B 41 2.20 18.99 4.27
CA ARG B 41 3.12 19.88 4.96
C ARG B 41 3.90 20.72 3.94
N ILE B 42 4.31 20.05 2.86
CA ILE B 42 5.07 20.72 1.82
C ILE B 42 4.30 20.60 0.50
N PRO B 43 3.71 21.75 0.06
CA PRO B 43 2.96 21.78 -1.17
C PRO B 43 3.90 21.78 -2.39
N GLY B 44 5.19 21.84 -2.09
CA GLY B 44 6.19 21.84 -3.14
C GLY B 44 6.66 20.42 -3.45
N VAL B 45 6.19 19.48 -2.64
CA VAL B 45 6.55 18.08 -2.81
C VAL B 45 5.29 17.26 -3.03
N PRO B 46 5.48 15.91 -3.11
CA PRO B 46 4.36 15.01 -3.33
C PRO B 46 3.54 14.85 -2.05
N TRP B 47 2.26 15.19 -2.15
CA TRP B 47 1.36 15.09 -1.01
C TRP B 47 0.68 13.71 -1.08
N CYS B 48 1.38 12.78 -1.69
CA CYS B 48 0.87 11.43 -1.83
C CYS B 48 1.98 10.53 -2.35
N PHE B 49 2.58 9.78 -1.43
CA PHE B 49 3.66 8.89 -1.78
C PHE B 49 3.50 7.53 -1.09
N LYS B 50 4.56 6.74 -1.16
CA LYS B 50 4.55 5.42 -0.54
C LYS B 50 5.76 5.29 0.40
N PRO B 51 5.72 6.09 1.49
CA PRO B 51 6.80 6.08 2.47
C PRO B 51 6.74 4.82 3.34
N LEU B 52 6.15 4.99 4.51
CA LEU B 52 6.02 3.88 5.44
C LEU B 52 4.65 3.23 5.27
N GLN B 53 4.19 3.20 4.02
CA GLN B 53 2.90 2.61 3.71
C GLN B 53 2.73 1.29 4.47
N GLU B 54 3.84 0.69 4.83
CA GLU B 54 3.83 -0.58 5.54
C GLU B 54 2.65 -0.61 6.52
N ALA B 55 2.25 0.58 6.96
CA ALA B 55 1.16 0.69 7.90
C ALA B 55 0.16 -0.45 7.66
N GLU B 56 -0.44 -0.42 6.47
CA GLU B 56 -1.41 -1.44 6.10
C GLU B 56 -1.23 -1.84 4.64
N CYS B 57 -0.09 -1.43 4.08
CA CYS B 57 0.23 -1.75 2.70
C CYS B 57 0.95 -3.10 2.67
N THR B 58 2.05 -3.18 3.41
CA THR B 58 2.83 -4.39 3.47
C THR B 58 2.07 -5.47 4.23
N PHE B 59 1.43 -5.06 5.32
CA PHE B 59 0.67 -5.97 6.15
C PHE B 59 0.07 -7.11 5.30
N GLU A 1 7.17 -6.74 13.11
CA GLU A 1 8.56 -7.10 13.32
C GLU A 1 8.97 -8.23 12.38
N GLU A 2 8.15 -9.29 12.40
CA GLU A 2 8.42 -10.44 11.56
C GLU A 2 7.73 -10.28 10.20
N TYR A 3 8.38 -9.53 9.33
CA TYR A 3 7.85 -9.28 8.00
C TYR A 3 7.80 -10.57 7.19
N VAL A 4 6.96 -11.49 7.64
CA VAL A 4 6.82 -12.77 6.96
C VAL A 4 5.34 -13.01 6.65
N GLY A 5 4.53 -12.97 7.71
CA GLY A 5 3.11 -13.18 7.55
C GLY A 5 2.44 -12.00 6.84
N LEU A 6 3.27 -11.04 6.47
CA LEU A 6 2.78 -9.86 5.77
C LEU A 6 3.73 -9.52 4.63
N SER A 7 4.57 -10.49 4.29
CA SER A 7 5.53 -10.31 3.20
C SER A 7 5.11 -11.14 2.00
N ALA A 8 6.09 -11.40 1.13
CA ALA A 8 5.83 -12.18 -0.06
C ALA A 8 5.31 -13.57 0.33
N ASN A 9 4.01 -13.61 0.59
CA ASN A 9 3.37 -14.85 0.98
C ASN A 9 1.98 -14.56 1.54
N GLN A 10 1.86 -13.38 2.15
CA GLN A 10 0.59 -12.96 2.72
C GLN A 10 -0.49 -12.88 1.64
N CYS A 11 -0.06 -12.53 0.45
CA CYS A 11 -0.97 -12.41 -0.68
C CYS A 11 -1.50 -13.81 -1.01
N ALA A 12 -0.94 -14.79 -0.32
CA ALA A 12 -1.34 -16.18 -0.54
C ALA A 12 -2.19 -16.64 0.65
N VAL A 13 -2.58 -15.68 1.47
CA VAL A 13 -3.40 -15.98 2.63
C VAL A 13 -4.56 -16.89 2.22
N PRO A 14 -5.20 -17.52 3.25
CA PRO A 14 -6.31 -18.41 3.01
C PRO A 14 -7.57 -17.64 2.64
N ALA A 15 -7.37 -16.46 2.04
CA ALA A 15 -8.48 -15.61 1.64
C ALA A 15 -9.45 -15.47 2.82
N LYS A 16 -8.95 -14.88 3.88
CA LYS A 16 -9.76 -14.68 5.08
C LYS A 16 -8.95 -13.92 6.12
N ASP A 17 -8.09 -13.03 5.63
CA ASP A 17 -7.26 -12.23 6.52
C ASP A 17 -6.79 -10.98 5.77
N ARG A 18 -7.46 -10.70 4.68
CA ARG A 18 -7.13 -9.54 3.87
C ARG A 18 -7.93 -8.31 4.33
N VAL A 19 -7.56 -7.16 3.80
CA VAL A 19 -8.23 -5.93 4.15
C VAL A 19 -9.24 -5.57 3.05
N ASP A 20 -9.59 -6.58 2.26
CA ASP A 20 -10.54 -6.39 1.18
C ASP A 20 -10.41 -4.96 0.64
N CYS A 21 -9.51 -4.81 -0.32
CA CYS A 21 -9.28 -3.50 -0.93
C CYS A 21 -10.63 -2.95 -1.40
N GLY A 22 -11.48 -3.86 -1.83
CA GLY A 22 -12.80 -3.47 -2.31
C GLY A 22 -12.73 -2.19 -3.14
N TYR A 23 -11.98 -2.27 -4.22
CA TYR A 23 -11.82 -1.13 -5.10
C TYR A 23 -12.86 -1.15 -6.23
N PRO A 24 -13.13 0.05 -6.79
CA PRO A 24 -14.09 0.18 -7.87
C PRO A 24 -13.51 -0.34 -9.18
N HIS A 25 -12.19 -0.45 -9.21
CA HIS A 25 -11.51 -0.93 -10.40
C HIS A 25 -10.92 -2.33 -10.13
N VAL A 26 -11.32 -2.88 -8.99
CA VAL A 26 -10.85 -4.20 -8.61
C VAL A 26 -10.75 -5.09 -9.85
N THR A 27 -9.53 -5.47 -10.18
CA THR A 27 -9.30 -6.32 -11.33
C THR A 27 -7.88 -6.87 -11.31
N PRO A 28 -7.69 -8.04 -11.99
CA PRO A 28 -6.40 -8.68 -12.05
C PRO A 28 -5.46 -7.93 -13.01
N LYS A 29 -5.30 -6.64 -12.75
CA LYS A 29 -4.44 -5.81 -13.57
C LYS A 29 -4.46 -4.38 -13.03
N GLU A 30 -5.55 -4.06 -12.34
CA GLU A 30 -5.70 -2.73 -11.78
C GLU A 30 -5.28 -2.73 -10.30
N CYS A 31 -5.66 -3.79 -9.62
CA CYS A 31 -5.34 -3.93 -8.21
C CYS A 31 -3.82 -3.96 -8.06
N ASN A 32 -3.20 -4.87 -8.79
CA ASN A 32 -1.76 -5.02 -8.76
C ASN A 32 -1.11 -3.81 -9.46
N ASN A 33 -1.97 -2.87 -9.86
CA ASN A 33 -1.50 -1.68 -10.53
C ASN A 33 -1.61 -0.49 -9.58
N ARG A 34 -2.62 -0.54 -8.72
CA ARG A 34 -2.85 0.51 -7.76
C ARG A 34 -2.05 0.25 -6.47
N GLY A 35 -1.91 -1.03 -6.16
CA GLY A 35 -1.20 -1.43 -4.96
C GLY A 35 -1.97 -2.49 -4.18
N CYS A 36 -2.82 -3.20 -4.90
CA CYS A 36 -3.63 -4.25 -4.29
C CYS A 36 -3.24 -5.58 -4.92
N CYS A 37 -3.68 -6.66 -4.27
CA CYS A 37 -3.39 -8.00 -4.76
C CYS A 37 -4.70 -8.67 -5.15
N PHE A 38 -4.77 -9.10 -6.40
CA PHE A 38 -5.96 -9.76 -6.91
C PHE A 38 -5.85 -11.27 -6.76
N ASP A 39 -6.81 -11.84 -6.03
CA ASP A 39 -6.82 -13.27 -5.81
C ASP A 39 -7.57 -13.95 -6.97
N SER A 40 -8.88 -13.96 -6.86
CA SER A 40 -9.71 -14.56 -7.89
C SER A 40 -9.92 -16.05 -7.57
N ARG A 41 -9.06 -16.56 -6.70
CA ARG A 41 -9.14 -17.96 -6.31
C ARG A 41 -10.47 -18.24 -5.62
N ILE A 42 -10.85 -17.32 -4.73
CA ILE A 42 -12.09 -17.47 -3.99
C ILE A 42 -12.98 -16.26 -4.27
N PRO A 43 -14.11 -16.54 -4.99
CA PRO A 43 -15.05 -15.48 -5.33
C PRO A 43 -15.88 -15.08 -4.11
N GLY A 44 -15.67 -15.80 -3.02
CA GLY A 44 -16.39 -15.53 -1.79
C GLY A 44 -15.58 -14.61 -0.87
N VAL A 45 -14.35 -14.34 -1.29
CA VAL A 45 -13.48 -13.47 -0.52
C VAL A 45 -13.09 -12.27 -1.37
N PRO A 46 -12.22 -11.40 -0.78
CA PRO A 46 -11.76 -10.21 -1.47
C PRO A 46 -10.73 -10.56 -2.54
N TRP A 47 -11.09 -10.29 -3.78
CA TRP A 47 -10.20 -10.57 -4.90
C TRP A 47 -9.36 -9.32 -5.15
N CYS A 48 -9.13 -8.57 -4.09
CA CYS A 48 -8.34 -7.36 -4.18
C CYS A 48 -8.09 -6.84 -2.76
N PHE A 49 -6.83 -6.94 -2.34
CA PHE A 49 -6.45 -6.49 -1.02
C PHE A 49 -5.01 -5.95 -1.01
N LYS A 50 -4.50 -5.73 0.19
CA LYS A 50 -3.15 -5.22 0.34
C LYS A 50 -2.33 -6.22 1.17
N PRO A 51 -2.03 -7.38 0.55
CA PRO A 51 -1.25 -8.41 1.21
C PRO A 51 0.23 -8.03 1.28
N LEU A 52 1.00 -8.63 0.37
CA LEU A 52 2.43 -8.36 0.33
C LEU A 52 2.69 -7.21 -0.66
N GLN A 53 1.76 -6.26 -0.66
CA GLN A 53 1.88 -5.11 -1.55
C GLN A 53 3.22 -4.40 -1.31
N GLU A 54 3.73 -4.56 -0.10
CA GLU A 54 4.99 -3.94 0.27
C GLU A 54 5.97 -4.01 -0.91
N ALA A 55 5.81 -5.05 -1.72
CA ALA A 55 6.66 -5.25 -2.87
C ALA A 55 6.96 -3.89 -3.52
N GLU A 56 5.90 -3.25 -3.98
CA GLU A 56 6.03 -1.95 -4.62
C GLU A 56 5.10 -0.93 -3.95
N CYS A 57 4.63 -1.30 -2.77
CA CYS A 57 3.74 -0.43 -2.01
C CYS A 57 4.59 0.45 -1.09
N THR A 58 4.97 -0.13 0.04
CA THR A 58 5.79 0.58 1.01
C THR A 58 7.04 1.15 0.34
N PHE A 59 7.55 0.39 -0.63
CA PHE A 59 8.74 0.81 -1.36
C PHE A 59 8.80 2.33 -1.49
N GLU B 1 22.15 0.30 4.96
CA GLU B 1 20.83 0.48 5.54
C GLU B 1 19.80 -0.34 4.77
N GLU B 2 19.11 -1.21 5.51
CA GLU B 2 18.09 -2.05 4.91
C GLU B 2 16.73 -1.36 4.95
N TYR B 3 15.72 -2.12 5.34
CA TYR B 3 14.37 -1.59 5.43
C TYR B 3 14.28 -0.48 6.48
N VAL B 4 14.87 0.65 6.14
CA VAL B 4 14.87 1.80 7.04
C VAL B 4 14.35 3.03 6.29
N GLY B 5 14.99 3.30 5.15
CA GLY B 5 14.60 4.43 4.33
C GLY B 5 13.24 4.21 3.68
N LEU B 6 12.67 3.03 3.94
CA LEU B 6 11.38 2.68 3.39
C LEU B 6 10.48 2.14 4.51
N SER B 7 10.96 2.30 5.73
CA SER B 7 10.21 1.84 6.89
C SER B 7 9.62 3.04 7.63
N ALA B 8 9.19 2.78 8.86
CA ALA B 8 8.60 3.82 9.68
C ALA B 8 9.60 4.98 9.83
N ASN B 9 9.56 5.87 8.86
CA ASN B 9 10.45 7.02 8.86
C ASN B 9 10.46 7.67 7.48
N GLN B 10 10.24 6.83 6.47
CA GLN B 10 10.21 7.31 5.10
C GLN B 10 9.04 8.28 4.90
N CYS B 11 7.97 8.03 5.62
CA CYS B 11 6.78 8.86 5.54
C CYS B 11 7.13 10.25 6.10
N ALA B 12 8.36 10.37 6.57
CA ALA B 12 8.82 11.62 7.14
C ALA B 12 10.02 12.13 6.32
N VAL B 13 10.25 11.48 5.19
CA VAL B 13 11.34 11.85 4.32
C VAL B 13 11.44 13.38 4.25
N PRO B 14 12.59 13.86 3.70
CA PRO B 14 12.81 15.29 3.57
C PRO B 14 11.99 15.87 2.43
N ALA B 15 10.86 15.22 2.15
CA ALA B 15 9.98 15.67 1.10
C ALA B 15 10.79 15.89 -0.18
N LYS B 16 11.23 14.79 -0.76
CA LYS B 16 12.02 14.86 -1.99
C LYS B 16 12.65 13.48 -2.26
N ASP B 17 11.84 12.45 -2.03
CA ASP B 17 12.31 11.09 -2.25
C ASP B 17 11.10 10.16 -2.32
N ARG B 18 9.93 10.76 -2.44
CA ARG B 18 8.69 9.99 -2.51
C ARG B 18 8.34 9.67 -3.96
N VAL B 19 7.37 8.80 -4.13
CA VAL B 19 6.93 8.41 -5.46
C VAL B 19 5.73 9.25 -5.88
N ASP B 20 5.54 10.34 -5.15
CA ASP B 20 4.44 11.25 -5.43
C ASP B 20 3.23 10.44 -5.91
N CYS B 21 2.52 9.85 -4.96
CA CYS B 21 1.35 9.05 -5.29
C CYS B 21 0.53 9.80 -6.34
N GLY B 22 0.45 11.11 -6.16
CA GLY B 22 -0.30 11.96 -7.07
C GLY B 22 -1.63 11.30 -7.45
N TYR B 23 -2.45 11.08 -6.45
CA TYR B 23 -3.75 10.47 -6.66
C TYR B 23 -4.82 11.54 -6.89
N PRO B 24 -5.88 11.11 -7.64
CA PRO B 24 -6.99 12.02 -7.95
C PRO B 24 -7.87 12.23 -6.73
N HIS B 25 -7.58 11.49 -5.67
CA HIS B 25 -8.34 11.58 -4.44
C HIS B 25 -7.40 11.89 -3.28
N VAL B 26 -6.16 12.20 -3.63
CA VAL B 26 -5.16 12.52 -2.62
C VAL B 26 -5.81 13.34 -1.51
N THR B 27 -5.81 12.76 -0.31
CA THR B 27 -6.38 13.43 0.84
C THR B 27 -6.01 12.71 2.13
N PRO B 28 -6.17 13.43 3.27
CA PRO B 28 -5.84 12.87 4.56
C PRO B 28 -6.90 11.86 5.01
N LYS B 29 -7.23 10.95 4.11
CA LYS B 29 -8.23 9.93 4.39
C LYS B 29 -8.37 9.01 3.18
N GLU B 30 -7.91 9.51 2.03
CA GLU B 30 -7.98 8.75 0.80
C GLU B 30 -6.63 8.07 0.51
N CYS B 31 -5.58 8.85 0.68
CA CYS B 31 -4.23 8.34 0.45
C CYS B 31 -4.02 7.10 1.32
N ASN B 32 -4.19 7.30 2.62
CA ASN B 32 -4.04 6.21 3.57
C ASN B 32 -5.04 5.10 3.25
N ASN B 33 -5.99 5.44 2.39
CA ASN B 33 -7.03 4.50 2.00
C ASN B 33 -6.55 3.73 0.76
N ARG B 34 -5.81 4.43 -0.08
CA ARG B 34 -5.29 3.83 -1.31
C ARG B 34 -3.98 3.08 -1.02
N GLY B 35 -3.31 3.53 0.03
CA GLY B 35 -2.05 2.91 0.42
C GLY B 35 -0.89 3.91 0.31
N CYS B 36 -1.25 5.18 0.41
CA CYS B 36 -0.25 6.24 0.32
C CYS B 36 -0.20 6.96 1.67
N CYS B 37 0.81 7.82 1.81
CA CYS B 37 0.98 8.58 3.03
C CYS B 37 0.77 10.06 2.71
N PHE B 38 -0.09 10.69 3.49
CA PHE B 38 -0.39 12.11 3.30
C PHE B 38 0.48 12.97 4.21
N ASP B 39 1.30 13.79 3.58
CA ASP B 39 2.19 14.68 4.33
C ASP B 39 1.42 15.95 4.70
N SER B 40 1.36 16.87 3.74
CA SER B 40 0.67 18.12 3.96
C SER B 40 1.63 19.15 4.57
N ARG B 41 2.75 18.65 5.06
CA ARG B 41 3.75 19.50 5.68
C ARG B 41 4.35 20.46 4.63
N ILE B 42 4.61 19.90 3.45
CA ILE B 42 5.17 20.68 2.37
C ILE B 42 4.24 20.62 1.15
N PRO B 43 3.59 21.78 0.86
CA PRO B 43 2.67 21.85 -0.27
C PRO B 43 3.44 21.89 -1.59
N GLY B 44 4.76 21.96 -1.48
CA GLY B 44 5.61 22.00 -2.66
C GLY B 44 6.06 20.60 -3.06
N VAL B 45 5.71 19.64 -2.21
CA VAL B 45 6.07 18.25 -2.47
C VAL B 45 4.80 17.40 -2.53
N PRO B 46 5.00 16.07 -2.74
CA PRO B 46 3.89 15.14 -2.82
C PRO B 46 3.29 14.88 -1.44
N TRP B 47 2.03 15.27 -1.29
CA TRP B 47 1.33 15.08 -0.03
C TRP B 47 0.60 13.73 -0.10
N CYS B 48 1.17 12.82 -0.87
CA CYS B 48 0.59 11.50 -1.02
C CYS B 48 1.60 10.60 -1.75
N PHE B 49 2.19 9.69 -0.99
CA PHE B 49 3.17 8.78 -1.55
C PHE B 49 3.13 7.42 -0.84
N LYS B 50 4.14 6.61 -1.12
CA LYS B 50 4.22 5.30 -0.52
C LYS B 50 5.52 5.20 0.30
N PRO B 51 5.53 5.94 1.44
CA PRO B 51 6.69 5.94 2.31
C PRO B 51 6.77 4.65 3.11
N LEU B 52 6.27 4.72 4.34
CA LEU B 52 6.28 3.56 5.22
C LEU B 52 4.89 2.92 5.23
N GLN B 53 4.29 2.85 4.05
CA GLN B 53 2.97 2.26 3.91
C GLN B 53 2.91 0.91 4.62
N GLU B 54 4.08 0.36 4.87
CA GLU B 54 4.17 -0.93 5.55
C GLU B 54 3.20 -0.98 6.73
N ALA B 55 2.86 0.20 7.21
CA ALA B 55 1.94 0.31 8.34
C ALA B 55 0.82 -0.73 8.18
N GLU B 56 -0.16 -0.36 7.39
CA GLU B 56 -1.30 -1.24 7.14
C GLU B 56 -1.31 -1.69 5.68
N CYS B 57 -0.20 -1.44 5.01
CA CYS B 57 -0.08 -1.80 3.60
C CYS B 57 0.51 -3.22 3.52
N THR B 58 1.78 -3.31 3.90
CA THR B 58 2.47 -4.58 3.88
C THR B 58 1.68 -5.63 4.65
N PHE B 59 0.97 -5.17 5.67
CA PHE B 59 0.17 -6.05 6.49
C PHE B 59 -0.47 -7.17 5.65
N GLU A 1 13.20 -7.72 6.78
CA GLU A 1 14.03 -8.91 6.61
C GLU A 1 13.15 -10.16 6.56
N GLU A 2 12.60 -10.50 7.71
CA GLU A 2 11.74 -11.67 7.81
C GLU A 2 10.45 -11.44 7.02
N TYR A 3 10.60 -11.39 5.71
CA TYR A 3 9.45 -11.18 4.83
C TYR A 3 8.62 -12.47 4.69
N VAL A 4 7.64 -12.59 5.57
CA VAL A 4 6.77 -13.76 5.56
C VAL A 4 5.31 -13.30 5.58
N GLY A 5 4.96 -12.65 6.68
CA GLY A 5 3.60 -12.16 6.85
C GLY A 5 3.28 -11.05 5.84
N LEU A 6 4.27 -10.78 4.99
CA LEU A 6 4.11 -9.75 3.98
C LEU A 6 5.04 -10.07 2.79
N SER A 7 5.22 -11.36 2.56
CA SER A 7 6.07 -11.80 1.46
C SER A 7 5.26 -11.91 0.17
N ALA A 8 5.94 -12.31 -0.88
CA ALA A 8 5.30 -12.46 -2.18
C ALA A 8 4.30 -13.62 -2.11
N ASN A 9 4.35 -14.34 -1.00
CA ASN A 9 3.46 -15.48 -0.81
C ASN A 9 2.24 -15.02 -0.01
N GLN A 10 2.30 -13.77 0.44
CA GLN A 10 1.22 -13.20 1.22
C GLN A 10 -0.03 -13.05 0.35
N CYS A 11 0.19 -12.74 -0.91
CA CYS A 11 -0.90 -12.58 -1.86
C CYS A 11 -1.46 -13.95 -2.21
N ALA A 12 -0.84 -14.97 -1.62
CA ALA A 12 -1.25 -16.34 -1.86
C ALA A 12 -1.88 -16.91 -0.58
N VAL A 13 -2.09 -16.02 0.38
CA VAL A 13 -2.68 -16.43 1.65
C VAL A 13 -3.78 -17.45 1.40
N PRO A 14 -4.13 -18.20 2.48
CA PRO A 14 -5.16 -19.21 2.39
C PRO A 14 -6.55 -18.58 2.33
N ALA A 15 -6.59 -17.37 1.79
CA ALA A 15 -7.86 -16.66 1.68
C ALA A 15 -8.56 -16.66 3.03
N LYS A 16 -8.04 -15.85 3.94
CA LYS A 16 -8.62 -15.76 5.28
C LYS A 16 -7.62 -15.09 6.21
N ASP A 17 -7.09 -13.95 5.76
CA ASP A 17 -6.13 -13.21 6.55
C ASP A 17 -5.97 -11.81 5.97
N ARG A 18 -6.27 -11.70 4.68
CA ARG A 18 -6.16 -10.42 3.99
C ARG A 18 -6.91 -9.34 4.77
N VAL A 19 -6.79 -8.12 4.29
CA VAL A 19 -7.44 -6.98 4.92
C VAL A 19 -8.61 -6.52 4.06
N ASP A 20 -9.03 -7.40 3.17
CA ASP A 20 -10.15 -7.09 2.28
C ASP A 20 -10.10 -5.62 1.92
N CYS A 21 -9.36 -5.32 0.85
CA CYS A 21 -9.22 -3.94 0.39
C CYS A 21 -10.62 -3.34 0.29
N GLY A 22 -11.58 -4.20 -0.05
CA GLY A 22 -12.96 -3.76 -0.20
C GLY A 22 -13.03 -2.45 -0.99
N TYR A 23 -12.53 -2.50 -2.21
CA TYR A 23 -12.54 -1.33 -3.08
C TYR A 23 -13.80 -1.29 -3.93
N PRO A 24 -14.31 -0.04 -4.14
CA PRO A 24 -15.51 0.15 -4.93
C PRO A 24 -15.22 -0.02 -6.43
N HIS A 25 -13.94 -0.13 -6.74
CA HIS A 25 -13.51 -0.30 -8.12
C HIS A 25 -12.73 -1.61 -8.25
N VAL A 26 -12.87 -2.45 -7.24
CA VAL A 26 -12.19 -3.73 -7.24
C VAL A 26 -12.27 -4.35 -8.64
N THR A 27 -11.11 -4.72 -9.16
CA THR A 27 -11.03 -5.31 -10.48
C THR A 27 -9.65 -5.92 -10.71
N PRO A 28 -9.62 -6.95 -11.61
CA PRO A 28 -8.37 -7.62 -11.92
C PRO A 28 -7.49 -6.76 -12.83
N LYS A 29 -7.27 -5.54 -12.39
CA LYS A 29 -6.45 -4.60 -13.15
C LYS A 29 -6.45 -3.24 -12.44
N GLU A 30 -7.40 -3.07 -11.55
CA GLU A 30 -7.51 -1.82 -10.80
C GLU A 30 -6.93 -2.01 -9.39
N CYS A 31 -7.30 -3.11 -8.77
CA CYS A 31 -6.83 -3.41 -7.43
C CYS A 31 -5.30 -3.38 -7.44
N ASN A 32 -4.74 -4.11 -8.38
CA ASN A 32 -3.28 -4.18 -8.51
C ASN A 32 -2.76 -2.83 -9.00
N ASN A 33 -3.69 -1.91 -9.23
CA ASN A 33 -3.34 -0.58 -9.69
C ASN A 33 -3.48 0.41 -8.54
N ARG A 34 -4.40 0.09 -7.65
CA ARG A 34 -4.66 0.94 -6.49
C ARG A 34 -3.66 0.62 -5.37
N GLY A 35 -3.14 -0.60 -5.41
CA GLY A 35 -2.19 -1.04 -4.41
C GLY A 35 -2.71 -2.26 -3.64
N CYS A 36 -3.60 -2.99 -4.30
CA CYS A 36 -4.18 -4.18 -3.70
C CYS A 36 -3.81 -5.39 -4.57
N CYS A 37 -4.29 -6.55 -4.14
CA CYS A 37 -4.02 -7.77 -4.88
C CYS A 37 -5.35 -8.46 -5.18
N PHE A 38 -5.55 -8.73 -6.46
CA PHE A 38 -6.78 -9.38 -6.89
C PHE A 38 -6.62 -10.90 -6.94
N ASP A 39 -7.44 -11.58 -6.15
CA ASP A 39 -7.40 -13.03 -6.10
C ASP A 39 -8.33 -13.61 -7.17
N SER A 40 -9.61 -13.66 -6.83
CA SER A 40 -10.60 -14.18 -7.75
C SER A 40 -10.73 -15.70 -7.56
N ARG A 41 -9.73 -16.28 -6.93
CA ARG A 41 -9.71 -17.70 -6.68
C ARG A 41 -10.92 -18.11 -5.83
N ILE A 42 -11.16 -17.33 -4.79
CA ILE A 42 -12.28 -17.59 -3.90
C ILE A 42 -13.24 -16.41 -3.92
N PRO A 43 -14.50 -16.69 -4.35
CA PRO A 43 -15.51 -15.65 -4.43
C PRO A 43 -16.04 -15.29 -3.04
N GLY A 44 -15.70 -16.15 -2.08
CA GLY A 44 -16.13 -15.94 -0.71
C GLY A 44 -15.10 -15.12 0.07
N VAL A 45 -13.95 -14.93 -0.55
CA VAL A 45 -12.87 -14.18 0.07
C VAL A 45 -12.70 -12.84 -0.66
N PRO A 46 -11.82 -11.98 -0.08
CA PRO A 46 -11.57 -10.67 -0.67
C PRO A 46 -10.68 -10.79 -1.91
N TRP A 47 -11.27 -10.44 -3.05
CA TRP A 47 -10.55 -10.50 -4.30
C TRP A 47 -9.84 -9.17 -4.51
N CYS A 48 -9.49 -8.54 -3.40
CA CYS A 48 -8.80 -7.26 -3.44
C CYS A 48 -8.31 -6.94 -2.03
N PHE A 49 -7.00 -7.08 -1.84
CA PHE A 49 -6.40 -6.81 -0.54
C PHE A 49 -4.98 -6.26 -0.72
N LYS A 50 -4.28 -6.16 0.40
CA LYS A 50 -2.91 -5.65 0.39
C LYS A 50 -1.97 -6.73 0.96
N PRO A 51 -1.76 -7.79 0.14
CA PRO A 51 -0.89 -8.89 0.55
C PRO A 51 0.58 -8.48 0.45
N LEU A 52 1.19 -8.86 -0.66
CA LEU A 52 2.59 -8.55 -0.91
C LEU A 52 2.68 -7.24 -1.68
N GLN A 53 1.73 -6.36 -1.43
CA GLN A 53 1.70 -5.06 -2.09
C GLN A 53 3.05 -4.37 -1.96
N GLU A 54 3.82 -4.80 -0.98
CA GLU A 54 5.13 -4.23 -0.75
C GLU A 54 5.83 -3.94 -2.08
N ALA A 55 5.47 -4.72 -3.08
CA ALA A 55 6.05 -4.57 -4.40
C ALA A 55 6.34 -3.08 -4.65
N GLU A 56 5.26 -2.30 -4.71
CA GLU A 56 5.39 -0.87 -4.95
C GLU A 56 4.44 -0.10 -4.03
N CYS A 57 4.12 -0.73 -2.90
CA CYS A 57 3.23 -0.11 -1.93
C CYS A 57 4.07 0.42 -0.77
N THR A 58 4.73 -0.51 -0.09
CA THR A 58 5.57 -0.15 1.04
C THR A 58 6.79 0.66 0.56
N PHE A 59 7.36 0.22 -0.55
CA PHE A 59 8.52 0.89 -1.10
C PHE A 59 8.46 2.39 -0.85
N GLU B 1 21.11 2.76 10.65
CA GLU B 1 19.71 3.01 10.35
C GLU B 1 19.13 1.84 9.56
N GLU B 2 18.61 0.85 10.29
CA GLU B 2 18.03 -0.31 9.66
C GLU B 2 16.64 0.01 9.10
N TYR B 3 15.64 -0.69 9.63
CA TYR B 3 14.27 -0.47 9.20
C TYR B 3 13.62 0.69 9.95
N VAL B 4 14.20 1.87 9.77
CA VAL B 4 13.69 3.05 10.42
C VAL B 4 13.25 4.08 9.37
N GLY B 5 14.17 4.36 8.46
CA GLY B 5 13.90 5.31 7.40
C GLY B 5 12.93 4.73 6.37
N LEU B 6 12.44 3.54 6.68
CA LEU B 6 11.51 2.85 5.80
C LEU B 6 10.31 2.36 6.62
N SER B 7 10.39 2.60 7.91
CA SER B 7 9.32 2.18 8.81
C SER B 7 8.53 3.40 9.30
N ALA B 8 7.82 3.22 10.39
CA ALA B 8 7.03 4.29 10.97
C ALA B 8 7.94 5.50 11.24
N ASN B 9 7.53 6.63 10.69
CA ASN B 9 8.29 7.86 10.87
C ASN B 9 8.86 8.30 9.52
N GLN B 10 9.13 7.31 8.67
CA GLN B 10 9.68 7.58 7.36
C GLN B 10 8.75 8.53 6.58
N CYS B 11 7.46 8.29 6.74
CA CYS B 11 6.46 9.10 6.06
C CYS B 11 6.59 10.54 6.56
N ALA B 12 7.44 10.71 7.56
CA ALA B 12 7.67 12.03 8.13
C ALA B 12 8.95 12.62 7.54
N VAL B 13 9.41 12.00 6.46
CA VAL B 13 10.61 12.47 5.79
C VAL B 13 10.61 14.00 5.74
N PRO B 14 11.82 14.56 5.52
CA PRO B 14 11.98 16.01 5.45
C PRO B 14 11.45 16.55 4.12
N ALA B 15 10.47 15.84 3.58
CA ALA B 15 9.88 16.24 2.31
C ALA B 15 10.98 16.49 1.28
N LYS B 16 11.56 15.41 0.79
CA LYS B 16 12.63 15.51 -0.19
C LYS B 16 13.37 14.17 -0.26
N ASP B 17 12.59 13.10 -0.39
CA ASP B 17 13.17 11.77 -0.47
C ASP B 17 12.10 10.80 -0.98
N ARG B 18 10.85 11.15 -0.73
CA ARG B 18 9.74 10.32 -1.16
C ARG B 18 9.93 9.91 -2.62
N VAL B 19 8.97 9.11 -3.10
CA VAL B 19 9.01 8.65 -4.47
C VAL B 19 7.82 9.22 -5.24
N ASP B 20 7.28 10.31 -4.71
CA ASP B 20 6.14 10.96 -5.34
C ASP B 20 5.25 9.91 -5.98
N CYS B 21 4.27 9.45 -5.21
CA CYS B 21 3.34 8.44 -5.70
C CYS B 21 2.73 8.95 -7.00
N GLY B 22 2.53 10.25 -7.06
CA GLY B 22 1.96 10.87 -8.24
C GLY B 22 0.61 10.26 -8.58
N TYR B 23 -0.30 10.30 -7.61
CA TYR B 23 -1.62 9.75 -7.78
C TYR B 23 -2.58 10.81 -8.32
N PRO B 24 -3.48 10.36 -9.24
CA PRO B 24 -4.46 11.26 -9.84
C PRO B 24 -5.59 11.58 -8.85
N HIS B 25 -5.60 10.83 -7.76
CA HIS B 25 -6.61 11.02 -6.73
C HIS B 25 -5.94 11.29 -5.39
N VAL B 26 -4.77 11.92 -5.46
CA VAL B 26 -4.02 12.24 -4.26
C VAL B 26 -4.93 12.96 -3.26
N THR B 27 -5.08 12.35 -2.10
CA THR B 27 -5.92 12.93 -1.05
C THR B 27 -5.71 12.19 0.26
N PRO B 28 -5.99 12.91 1.38
CA PRO B 28 -5.83 12.34 2.70
C PRO B 28 -6.96 11.35 3.01
N LYS B 29 -7.17 10.43 2.09
CA LYS B 29 -8.21 9.43 2.25
C LYS B 29 -8.13 8.43 1.10
N GLU B 30 -7.53 8.88 0.01
CA GLU B 30 -7.39 8.03 -1.16
C GLU B 30 -5.98 7.42 -1.21
N CYS B 31 -5.00 8.27 -0.96
CA CYS B 31 -3.61 7.84 -0.97
C CYS B 31 -3.42 6.81 0.14
N ASN B 32 -3.81 7.21 1.35
CA ASN B 32 -3.69 6.33 2.50
C ASN B 32 -4.63 5.14 2.33
N ASN B 33 -5.41 5.20 1.26
CA ASN B 33 -6.36 4.13 0.98
C ASN B 33 -5.81 3.27 -0.17
N ARG B 34 -5.03 3.90 -1.02
CA ARG B 34 -4.44 3.20 -2.16
C ARG B 34 -3.12 2.55 -1.76
N GLY B 35 -2.42 3.24 -0.86
CA GLY B 35 -1.14 2.74 -0.39
C GLY B 35 -0.06 3.83 -0.46
N CYS B 36 -0.52 5.08 -0.39
CA CYS B 36 0.38 6.21 -0.45
C CYS B 36 0.22 7.03 0.84
N CYS B 37 1.11 7.98 1.03
CA CYS B 37 1.08 8.83 2.21
C CYS B 37 0.85 10.27 1.75
N PHE B 38 -0.16 10.90 2.34
CA PHE B 38 -0.48 12.27 2.01
C PHE B 38 0.11 13.23 3.04
N ASP B 39 1.01 14.09 2.56
CA ASP B 39 1.65 15.06 3.42
C ASP B 39 0.75 16.30 3.55
N SER B 40 0.82 17.15 2.53
CA SER B 40 0.02 18.36 2.50
C SER B 40 0.79 19.50 3.20
N ARG B 41 1.77 19.10 3.98
CA ARG B 41 2.59 20.07 4.71
C ARG B 41 3.24 21.05 3.73
N ILE B 42 3.89 20.48 2.72
CA ILE B 42 4.56 21.28 1.71
C ILE B 42 3.90 21.04 0.35
N PRO B 43 3.45 22.16 -0.28
CA PRO B 43 2.80 22.09 -1.58
C PRO B 43 3.83 21.83 -2.69
N GLY B 44 5.10 22.03 -2.33
CA GLY B 44 6.17 21.83 -3.28
C GLY B 44 6.67 20.38 -3.26
N VAL B 45 6.19 19.65 -2.26
CA VAL B 45 6.57 18.26 -2.11
C VAL B 45 5.40 17.37 -2.53
N PRO B 46 5.69 16.04 -2.64
CA PRO B 46 4.68 15.08 -3.03
C PRO B 46 3.71 14.80 -1.86
N TRP B 47 2.46 15.18 -2.08
CA TRP B 47 1.44 14.97 -1.07
C TRP B 47 0.85 13.58 -1.26
N CYS B 48 1.68 12.69 -1.79
CA CYS B 48 1.25 11.32 -2.04
C CYS B 48 2.47 10.50 -2.44
N PHE B 49 2.97 9.73 -1.49
CA PHE B 49 4.14 8.89 -1.73
C PHE B 49 3.98 7.53 -1.06
N LYS B 50 5.06 6.76 -1.11
CA LYS B 50 5.06 5.43 -0.51
C LYS B 50 6.14 5.35 0.56
N PRO B 51 5.92 6.11 1.67
CA PRO B 51 6.87 6.14 2.76
C PRO B 51 6.80 4.85 3.58
N LEU B 52 6.26 4.98 4.79
CA LEU B 52 6.13 3.85 5.69
C LEU B 52 4.76 3.20 5.48
N GLN B 53 4.35 3.15 4.22
CA GLN B 53 3.07 2.57 3.88
C GLN B 53 2.92 1.19 4.51
N GLU B 54 4.06 0.61 4.85
CA GLU B 54 4.09 -0.71 5.46
C GLU B 54 2.96 -0.84 6.48
N ALA B 55 2.51 0.31 6.98
CA ALA B 55 1.45 0.34 7.96
C ALA B 55 0.50 -0.82 7.70
N GLU B 56 -0.19 -0.75 6.57
CA GLU B 56 -1.13 -1.79 6.20
C GLU B 56 -1.03 -2.08 4.69
N CYS B 57 0.07 -1.62 4.10
CA CYS B 57 0.29 -1.83 2.69
C CYS B 57 1.11 -3.11 2.51
N THR B 58 2.27 -3.12 3.16
CA THR B 58 3.15 -4.28 3.08
C THR B 58 2.50 -5.49 3.76
N PHE B 59 1.89 -5.22 4.91
CA PHE B 59 1.24 -6.28 5.66
C PHE B 59 0.64 -7.33 4.73
N GLU A 1 13.06 -6.39 8.06
CA GLU A 1 13.86 -7.43 7.45
C GLU A 1 13.08 -8.75 7.43
N GLU A 2 12.18 -8.88 8.40
CA GLU A 2 11.37 -10.09 8.50
C GLU A 2 10.10 -9.95 7.64
N TYR A 3 10.29 -9.40 6.45
CA TYR A 3 9.18 -9.21 5.53
C TYR A 3 8.99 -10.42 4.64
N VAL A 4 8.32 -11.42 5.19
CA VAL A 4 8.07 -12.66 4.46
C VAL A 4 6.56 -12.90 4.38
N GLY A 5 5.92 -12.86 5.54
CA GLY A 5 4.49 -13.07 5.61
C GLY A 5 3.73 -11.89 5.00
N LEU A 6 4.49 -10.91 4.55
CA LEU A 6 3.91 -9.72 3.94
C LEU A 6 4.61 -9.43 2.61
N SER A 7 5.38 -10.41 2.16
CA SER A 7 6.12 -10.28 0.92
C SER A 7 5.47 -11.14 -0.16
N ALA A 8 6.19 -11.29 -1.26
CA ALA A 8 5.71 -12.09 -2.38
C ALA A 8 5.35 -13.49 -1.89
N ASN A 9 4.15 -13.61 -1.34
CA ASN A 9 3.68 -14.88 -0.84
C ASN A 9 2.39 -14.67 -0.03
N GLN A 10 2.33 -13.51 0.62
CA GLN A 10 1.17 -13.17 1.42
C GLN A 10 -0.07 -13.03 0.53
N CYS A 11 0.17 -12.58 -0.69
CA CYS A 11 -0.91 -12.40 -1.65
C CYS A 11 -1.49 -13.77 -1.99
N ALA A 12 -0.84 -14.80 -1.47
CA ALA A 12 -1.29 -16.16 -1.70
C ALA A 12 -1.87 -16.74 -0.41
N VAL A 13 -2.10 -15.85 0.55
CA VAL A 13 -2.64 -16.26 1.83
C VAL A 13 -3.72 -17.31 1.61
N PRO A 14 -4.06 -18.04 2.71
CA PRO A 14 -5.07 -19.08 2.63
C PRO A 14 -6.48 -18.48 2.57
N ALA A 15 -6.54 -17.29 2.00
CA ALA A 15 -7.81 -16.59 1.87
C ALA A 15 -8.53 -16.59 3.22
N LYS A 16 -8.01 -15.76 4.12
CA LYS A 16 -8.59 -15.64 5.44
C LYS A 16 -7.59 -14.96 6.37
N ASP A 17 -7.07 -13.83 5.91
CA ASP A 17 -6.10 -13.07 6.68
C ASP A 17 -5.96 -11.67 6.08
N ARG A 18 -6.22 -11.58 4.79
CA ARG A 18 -6.13 -10.32 4.08
C ARG A 18 -6.87 -9.22 4.84
N VAL A 19 -6.76 -8.01 4.34
CA VAL A 19 -7.41 -6.87 4.96
C VAL A 19 -8.59 -6.43 4.09
N ASP A 20 -9.00 -7.32 3.20
CA ASP A 20 -10.10 -7.03 2.31
C ASP A 20 -10.09 -5.55 1.94
N CYS A 21 -9.35 -5.25 0.87
CA CYS A 21 -9.24 -3.88 0.40
C CYS A 21 -10.65 -3.30 0.29
N GLY A 22 -11.57 -4.15 -0.13
CA GLY A 22 -12.96 -3.73 -0.29
C GLY A 22 -13.05 -2.45 -1.13
N TYR A 23 -12.59 -2.56 -2.38
CA TYR A 23 -12.62 -1.42 -3.28
C TYR A 23 -13.90 -1.43 -4.12
N PRO A 24 -14.43 -0.20 -4.33
CA PRO A 24 -15.65 -0.05 -5.11
C PRO A 24 -15.37 -0.23 -6.61
N HIS A 25 -14.10 -0.42 -6.93
CA HIS A 25 -13.69 -0.60 -8.31
C HIS A 25 -12.84 -1.87 -8.42
N VAL A 26 -12.95 -2.71 -7.41
CA VAL A 26 -12.20 -3.95 -7.38
C VAL A 26 -12.23 -4.59 -8.77
N THR A 27 -11.04 -4.93 -9.25
CA THR A 27 -10.91 -5.55 -10.56
C THR A 27 -9.51 -6.13 -10.75
N PRO A 28 -9.43 -7.16 -11.63
CA PRO A 28 -8.16 -7.82 -11.89
C PRO A 28 -7.28 -6.94 -12.79
N LYS A 29 -7.11 -5.71 -12.36
CA LYS A 29 -6.29 -4.77 -13.12
C LYS A 29 -6.33 -3.40 -12.42
N GLU A 30 -7.36 -3.21 -11.63
CA GLU A 30 -7.53 -1.96 -10.90
C GLU A 30 -6.98 -2.09 -9.48
N CYS A 31 -7.30 -3.21 -8.85
CA CYS A 31 -6.85 -3.47 -7.49
C CYS A 31 -5.32 -3.37 -7.48
N ASN A 32 -4.71 -4.10 -8.40
CA ASN A 32 -3.26 -4.13 -8.49
C ASN A 32 -2.77 -2.76 -8.99
N ASN A 33 -3.73 -1.89 -9.26
CA ASN A 33 -3.41 -0.55 -9.73
C ASN A 33 -3.62 0.46 -8.60
N ARG A 34 -4.55 0.10 -7.71
CA ARG A 34 -4.85 0.96 -6.58
C ARG A 34 -3.87 0.70 -5.44
N GLY A 35 -3.30 -0.50 -5.44
CA GLY A 35 -2.34 -0.87 -4.41
C GLY A 35 -2.83 -2.10 -3.64
N CYS A 36 -3.67 -2.88 -4.30
CA CYS A 36 -4.22 -4.09 -3.68
C CYS A 36 -3.82 -5.29 -4.53
N CYS A 37 -4.26 -6.46 -4.09
CA CYS A 37 -3.95 -7.68 -4.80
C CYS A 37 -5.27 -8.41 -5.11
N PHE A 38 -5.46 -8.70 -6.39
CA PHE A 38 -6.68 -9.37 -6.83
C PHE A 38 -6.48 -10.89 -6.82
N ASP A 39 -7.31 -11.57 -6.06
CA ASP A 39 -7.25 -13.02 -5.97
C ASP A 39 -8.15 -13.64 -7.04
N SER A 40 -9.42 -13.71 -6.71
CA SER A 40 -10.40 -14.29 -7.63
C SER A 40 -10.50 -15.80 -7.42
N ARG A 41 -9.49 -16.33 -6.75
CA ARG A 41 -9.45 -17.76 -6.47
C ARG A 41 -10.67 -18.17 -5.64
N ILE A 42 -10.96 -17.36 -4.62
CA ILE A 42 -12.08 -17.63 -3.75
C ILE A 42 -13.04 -16.44 -3.80
N PRO A 43 -14.30 -16.75 -4.24
CA PRO A 43 -15.33 -15.72 -4.34
C PRO A 43 -15.87 -15.35 -2.96
N GLY A 44 -15.53 -16.20 -1.99
CA GLY A 44 -15.99 -15.97 -0.63
C GLY A 44 -14.97 -15.13 0.15
N VAL A 45 -13.81 -14.94 -0.46
CA VAL A 45 -12.75 -14.16 0.17
C VAL A 45 -12.59 -12.83 -0.58
N PRO A 46 -11.74 -11.95 -0.01
CA PRO A 46 -11.50 -10.65 -0.61
C PRO A 46 -10.59 -10.77 -1.83
N TRP A 47 -11.16 -10.45 -2.98
CA TRP A 47 -10.41 -10.53 -4.23
C TRP A 47 -9.73 -9.19 -4.45
N CYS A 48 -9.39 -8.53 -3.35
CA CYS A 48 -8.74 -7.24 -3.40
C CYS A 48 -8.25 -6.89 -2.00
N PHE A 49 -6.96 -7.04 -1.79
CA PHE A 49 -6.37 -6.73 -0.49
C PHE A 49 -4.96 -6.15 -0.66
N LYS A 50 -4.28 -6.01 0.47
CA LYS A 50 -2.93 -5.46 0.47
C LYS A 50 -1.97 -6.50 1.03
N PRO A 51 -1.75 -7.58 0.23
CA PRO A 51 -0.85 -8.65 0.65
C PRO A 51 0.61 -8.22 0.51
N LEU A 52 1.22 -8.61 -0.59
CA LEU A 52 2.61 -8.27 -0.85
C LEU A 52 2.67 -6.97 -1.66
N GLN A 53 1.70 -6.10 -1.39
CA GLN A 53 1.64 -4.81 -2.09
C GLN A 53 2.96 -4.06 -1.94
N GLU A 54 3.71 -4.45 -0.90
CA GLU A 54 4.99 -3.82 -0.64
C GLU A 54 5.74 -3.57 -1.95
N ALA A 55 5.42 -4.38 -2.95
CA ALA A 55 6.06 -4.27 -4.25
C ALA A 55 6.25 -2.78 -4.58
N GLU A 56 5.13 -2.12 -4.84
CA GLU A 56 5.16 -0.70 -5.17
C GLU A 56 4.18 0.07 -4.30
N CYS A 57 3.88 -0.51 -3.14
CA CYS A 57 2.96 0.11 -2.21
C CYS A 57 3.77 0.71 -1.05
N THR A 58 4.58 -0.14 -0.44
CA THR A 58 5.40 0.29 0.68
C THR A 58 6.73 0.86 0.16
N PHE A 59 7.24 0.23 -0.89
CA PHE A 59 8.49 0.66 -1.48
C PHE A 59 8.63 2.18 -1.43
N GLU B 1 19.31 -2.61 13.24
CA GLU B 1 19.01 -2.57 11.82
C GLU B 1 18.74 -1.13 11.38
N GLU B 2 18.77 -0.95 10.07
CA GLU B 2 18.52 0.38 9.49
C GLU B 2 17.04 0.56 9.22
N TYR B 3 16.28 0.73 10.30
CA TYR B 3 14.85 0.93 10.19
C TYR B 3 14.50 2.41 10.10
N VAL B 4 14.81 3.00 8.95
CA VAL B 4 14.53 4.42 8.73
C VAL B 4 13.80 4.58 7.40
N GLY B 5 14.46 4.15 6.33
CA GLY B 5 13.89 4.26 5.01
C GLY B 5 12.69 3.32 4.86
N LEU B 6 12.31 2.70 5.97
CA LEU B 6 11.19 1.79 5.98
C LEU B 6 10.62 1.70 7.39
N SER B 7 10.71 2.80 8.11
CA SER B 7 10.22 2.87 9.47
C SER B 7 8.91 3.66 9.51
N ALA B 8 8.33 3.71 10.71
CA ALA B 8 7.08 4.42 10.90
C ALA B 8 7.34 5.93 10.80
N ASN B 9 8.62 6.26 10.65
CA ASN B 9 9.02 7.65 10.55
C ASN B 9 9.30 8.00 9.09
N GLN B 10 9.12 7.00 8.23
CA GLN B 10 9.35 7.18 6.81
C GLN B 10 8.35 8.19 6.23
N CYS B 11 7.11 8.04 6.66
CA CYS B 11 6.06 8.94 6.19
C CYS B 11 6.29 10.31 6.81
N ALA B 12 7.32 10.39 7.65
CA ALA B 12 7.66 11.64 8.31
C ALA B 12 8.95 12.20 7.70
N VAL B 13 9.26 11.72 6.51
CA VAL B 13 10.45 12.16 5.81
C VAL B 13 10.58 13.68 5.93
N PRO B 14 11.79 14.19 5.59
CA PRO B 14 12.04 15.63 5.66
C PRO B 14 11.36 16.36 4.49
N ALA B 15 10.65 15.58 3.68
CA ALA B 15 9.96 16.14 2.53
C ALA B 15 10.91 16.18 1.34
N LYS B 16 11.57 15.06 1.10
CA LYS B 16 12.50 14.96 0.00
C LYS B 16 13.20 13.60 0.04
N ASP B 17 12.39 12.57 0.25
CA ASP B 17 12.92 11.22 0.32
C ASP B 17 11.82 10.24 -0.09
N ARG B 18 10.74 10.78 -0.63
CA ARG B 18 9.62 9.97 -1.07
C ARG B 18 9.80 9.56 -2.54
N VAL B 19 8.85 8.78 -3.02
CA VAL B 19 8.88 8.32 -4.40
C VAL B 19 7.72 8.95 -5.17
N ASP B 20 7.26 10.08 -4.66
CA ASP B 20 6.16 10.79 -5.29
C ASP B 20 5.23 9.78 -5.97
N CYS B 21 4.29 9.28 -5.18
CA CYS B 21 3.34 8.30 -5.70
C CYS B 21 2.77 8.84 -7.01
N GLY B 22 2.61 10.15 -7.06
CA GLY B 22 2.08 10.80 -8.25
C GLY B 22 0.70 10.21 -8.62
N TYR B 23 -0.21 10.29 -7.66
CA TYR B 23 -1.55 9.77 -7.88
C TYR B 23 -2.47 10.86 -8.45
N PRO B 24 -3.31 10.44 -9.44
CA PRO B 24 -4.23 11.37 -10.07
C PRO B 24 -5.42 11.67 -9.15
N HIS B 25 -5.44 10.97 -8.02
CA HIS B 25 -6.51 11.16 -7.06
C HIS B 25 -5.91 11.53 -5.70
N VAL B 26 -4.67 12.00 -5.73
CA VAL B 26 -3.98 12.39 -4.52
C VAL B 26 -4.95 13.14 -3.60
N THR B 27 -5.11 12.61 -2.41
CA THR B 27 -6.00 13.21 -1.42
C THR B 27 -5.80 12.57 -0.05
N PRO B 28 -6.15 13.36 1.00
CA PRO B 28 -6.00 12.88 2.37
C PRO B 28 -7.12 11.87 2.71
N LYS B 29 -7.30 10.91 1.82
CA LYS B 29 -8.31 9.89 2.02
C LYS B 29 -8.23 8.87 0.88
N GLU B 30 -7.58 9.29 -0.20
CA GLU B 30 -7.42 8.42 -1.35
C GLU B 30 -6.03 7.78 -1.36
N CYS B 31 -5.03 8.61 -1.06
CA CYS B 31 -3.66 8.15 -1.02
C CYS B 31 -3.54 7.08 0.07
N ASN B 32 -3.91 7.47 1.28
CA ASN B 32 -3.85 6.56 2.41
C ASN B 32 -4.86 5.43 2.20
N ASN B 33 -5.60 5.53 1.10
CA ASN B 33 -6.59 4.53 0.78
C ASN B 33 -6.05 3.63 -0.34
N ARG B 34 -5.22 4.22 -1.18
CA ARG B 34 -4.62 3.49 -2.28
C ARG B 34 -3.34 2.79 -1.83
N GLY B 35 -2.65 3.43 -0.89
CA GLY B 35 -1.42 2.87 -0.37
C GLY B 35 -0.29 3.91 -0.40
N CYS B 36 -0.70 5.17 -0.38
CA CYS B 36 0.25 6.27 -0.41
C CYS B 36 0.04 7.12 0.85
N CYS B 37 0.98 8.02 1.08
CA CYS B 37 0.93 8.89 2.24
C CYS B 37 0.66 10.32 1.75
N PHE B 38 -0.27 10.97 2.42
CA PHE B 38 -0.63 12.33 2.07
C PHE B 38 0.25 13.34 2.83
N ASP B 39 0.90 14.19 2.06
CA ASP B 39 1.77 15.20 2.64
C ASP B 39 0.95 16.13 3.53
N SER B 40 0.59 17.28 2.99
CA SER B 40 -0.20 18.26 3.71
C SER B 40 0.72 19.22 4.46
N ARG B 41 2.01 18.88 4.45
CA ARG B 41 3.00 19.70 5.12
C ARG B 41 3.58 20.74 4.15
N ILE B 42 4.14 20.23 3.07
CA ILE B 42 4.73 21.10 2.05
C ILE B 42 4.02 20.88 0.72
N PRO B 43 3.52 22.00 0.14
CA PRO B 43 2.82 21.94 -1.13
C PRO B 43 3.80 21.72 -2.29
N GLY B 44 5.09 21.80 -1.97
CA GLY B 44 6.12 21.62 -2.96
C GLY B 44 6.60 20.17 -2.99
N VAL B 45 6.12 19.40 -2.03
CA VAL B 45 6.49 18.00 -1.93
C VAL B 45 5.33 17.13 -2.44
N PRO B 46 5.61 15.81 -2.55
CA PRO B 46 4.61 14.87 -3.03
C PRO B 46 3.57 14.59 -1.94
N TRP B 47 2.34 14.99 -2.22
CA TRP B 47 1.25 14.78 -1.28
C TRP B 47 0.66 13.40 -1.52
N CYS B 48 1.54 12.49 -1.94
CA CYS B 48 1.12 11.13 -2.22
C CYS B 48 2.36 10.30 -2.54
N PHE B 49 2.86 9.62 -1.51
CA PHE B 49 4.05 8.79 -1.67
C PHE B 49 3.86 7.44 -0.96
N LYS B 50 4.94 6.66 -0.98
CA LYS B 50 4.91 5.35 -0.36
C LYS B 50 6.03 5.26 0.69
N PRO B 51 5.84 6.04 1.79
CA PRO B 51 6.82 6.05 2.87
C PRO B 51 6.74 4.78 3.70
N LEU B 52 6.08 4.90 4.85
CA LEU B 52 5.94 3.77 5.75
C LEU B 52 4.55 3.15 5.56
N GLN B 53 4.09 3.16 4.32
CA GLN B 53 2.78 2.61 3.99
C GLN B 53 2.61 1.24 4.64
N GLU B 54 3.73 0.62 4.94
CA GLU B 54 3.72 -0.69 5.57
C GLU B 54 2.54 -0.79 6.55
N ALA B 55 2.16 0.35 7.09
CA ALA B 55 1.06 0.41 8.03
C ALA B 55 0.04 -0.69 7.69
N GLU B 56 -0.50 -0.60 6.50
CA GLU B 56 -1.48 -1.57 6.04
C GLU B 56 -1.32 -1.83 4.54
N CYS B 57 -0.16 -1.42 4.03
CA CYS B 57 0.14 -1.61 2.62
C CYS B 57 0.83 -2.96 2.45
N THR B 58 1.95 -3.09 3.14
CA THR B 58 2.72 -4.33 3.07
C THR B 58 1.98 -5.45 3.80
N PHE B 59 1.34 -5.08 4.89
CA PHE B 59 0.59 -6.05 5.69
C PHE B 59 -0.41 -6.81 4.83
N GLU A 1 8.72 -7.52 11.70
CA GLU A 1 10.12 -7.31 11.39
C GLU A 1 10.57 -8.26 10.27
N GLU A 2 10.19 -9.52 10.42
CA GLU A 2 10.53 -10.53 9.44
C GLU A 2 9.44 -10.65 8.39
N TYR A 3 9.49 -9.77 7.41
CA TYR A 3 8.51 -9.77 6.34
C TYR A 3 8.58 -11.06 5.52
N VAL A 4 8.12 -12.14 6.15
CA VAL A 4 8.13 -13.44 5.50
C VAL A 4 6.74 -14.08 5.66
N GLY A 5 6.30 -14.16 6.89
CA GLY A 5 5.01 -14.76 7.20
C GLY A 5 3.89 -13.99 6.50
N LEU A 6 4.25 -12.82 5.98
CA LEU A 6 3.28 -11.98 5.28
C LEU A 6 3.89 -11.46 3.98
N SER A 7 4.80 -12.26 3.44
CA SER A 7 5.48 -11.90 2.21
C SER A 7 5.03 -12.83 1.07
N ALA A 8 5.05 -12.29 -0.14
CA ALA A 8 4.66 -13.05 -1.31
C ALA A 8 3.53 -14.01 -0.93
N ASN A 9 3.93 -15.20 -0.46
CA ASN A 9 2.97 -16.20 -0.05
C ASN A 9 1.80 -15.53 0.68
N GLN A 10 2.10 -14.37 1.24
CA GLN A 10 1.09 -13.61 1.97
C GLN A 10 -0.14 -13.37 1.08
N CYS A 11 0.13 -12.87 -0.12
CA CYS A 11 -0.94 -12.60 -1.06
C CYS A 11 -1.59 -13.92 -1.45
N ALA A 12 -1.02 -14.99 -0.94
CA ALA A 12 -1.54 -16.33 -1.23
C ALA A 12 -2.30 -16.85 -0.02
N VAL A 13 -2.72 -15.90 0.82
CA VAL A 13 -3.46 -16.26 2.02
C VAL A 13 -4.49 -17.34 1.69
N PRO A 14 -5.06 -17.95 2.76
CA PRO A 14 -6.06 -18.99 2.60
C PRO A 14 -7.40 -18.41 2.16
N ALA A 15 -7.39 -17.11 1.90
CA ALA A 15 -8.60 -16.42 1.47
C ALA A 15 -9.45 -16.09 2.70
N LYS A 16 -8.78 -15.56 3.71
CA LYS A 16 -9.46 -15.18 4.95
C LYS A 16 -8.45 -14.59 5.93
N ASP A 17 -7.60 -13.71 5.40
CA ASP A 17 -6.59 -13.07 6.22
C ASP A 17 -6.21 -11.72 5.59
N ARG A 18 -7.01 -11.32 4.61
CA ARG A 18 -6.78 -10.06 3.92
C ARG A 18 -7.55 -8.93 4.60
N VAL A 19 -7.33 -7.72 4.11
CA VAL A 19 -8.00 -6.56 4.65
C VAL A 19 -9.04 -6.06 3.66
N ASP A 20 -9.43 -6.96 2.77
CA ASP A 20 -10.43 -6.63 1.76
C ASP A 20 -10.26 -5.16 1.35
N CYS A 21 -9.46 -4.96 0.31
CA CYS A 21 -9.21 -3.62 -0.20
C CYS A 21 -10.56 -2.95 -0.46
N GLY A 22 -11.51 -3.76 -0.89
CA GLY A 22 -12.85 -3.25 -1.19
C GLY A 22 -12.80 -2.15 -2.23
N TYR A 23 -12.18 -2.48 -3.36
CA TYR A 23 -12.06 -1.52 -4.46
C TYR A 23 -13.25 -1.62 -5.41
N PRO A 24 -13.73 -0.43 -5.87
CA PRO A 24 -14.85 -0.38 -6.78
C PRO A 24 -14.43 -0.79 -8.19
N HIS A 25 -13.14 -0.97 -8.36
CA HIS A 25 -12.59 -1.35 -9.65
C HIS A 25 -11.69 -2.58 -9.47
N VAL A 26 -12.10 -3.47 -8.59
CA VAL A 26 -11.35 -4.68 -8.33
C VAL A 26 -11.15 -5.44 -9.64
N THR A 27 -9.87 -5.63 -9.97
CA THR A 27 -9.53 -6.34 -11.20
C THR A 27 -8.04 -6.68 -11.21
N PRO A 28 -7.71 -7.78 -11.95
CA PRO A 28 -6.32 -8.22 -12.05
C PRO A 28 -5.52 -7.31 -12.99
N LYS A 29 -5.50 -6.03 -12.63
CA LYS A 29 -4.78 -5.05 -13.43
C LYS A 29 -4.94 -3.66 -12.80
N GLU A 30 -6.04 -3.51 -12.07
CA GLU A 30 -6.32 -2.25 -11.41
C GLU A 30 -5.90 -2.30 -9.95
N CYS A 31 -6.26 -3.40 -9.29
CA CYS A 31 -5.92 -3.60 -7.90
C CYS A 31 -4.40 -3.65 -7.77
N ASN A 32 -3.81 -4.55 -8.53
CA ASN A 32 -2.36 -4.72 -8.52
C ASN A 32 -1.71 -3.43 -9.05
N ASN A 33 -2.54 -2.52 -9.51
CA ASN A 33 -2.06 -1.27 -10.05
C ASN A 33 -2.34 -0.15 -9.04
N ARG A 34 -3.38 -0.35 -8.25
CA ARG A 34 -3.76 0.62 -7.24
C ARG A 34 -2.96 0.41 -5.96
N GLY A 35 -2.60 -0.84 -5.73
CA GLY A 35 -1.84 -1.20 -4.54
C GLY A 35 -2.50 -2.33 -3.78
N CYS A 36 -3.30 -3.10 -4.50
CA CYS A 36 -4.00 -4.23 -3.90
C CYS A 36 -3.57 -5.50 -4.63
N CYS A 37 -4.09 -6.62 -4.15
CA CYS A 37 -3.77 -7.91 -4.75
C CYS A 37 -5.08 -8.58 -5.17
N PHE A 38 -5.12 -9.00 -6.43
CA PHE A 38 -6.30 -9.66 -6.96
C PHE A 38 -6.21 -11.17 -6.80
N ASP A 39 -7.18 -11.72 -6.08
CA ASP A 39 -7.21 -13.16 -5.84
C ASP A 39 -7.84 -13.84 -7.05
N SER A 40 -9.17 -13.87 -7.06
CA SER A 40 -9.90 -14.50 -8.16
C SER A 40 -10.04 -15.99 -7.88
N ARG A 41 -9.13 -16.51 -7.06
CA ARG A 41 -9.14 -17.92 -6.72
C ARG A 41 -10.41 -18.27 -5.95
N ILE A 42 -10.76 -17.40 -5.00
CA ILE A 42 -11.94 -17.60 -4.19
C ILE A 42 -12.88 -16.41 -4.36
N PRO A 43 -14.03 -16.68 -5.05
CA PRO A 43 -15.02 -15.64 -5.30
C PRO A 43 -15.81 -15.33 -4.03
N GLY A 44 -15.54 -16.11 -2.99
CA GLY A 44 -16.21 -15.93 -1.72
C GLY A 44 -15.39 -15.03 -0.78
N VAL A 45 -14.22 -14.65 -1.26
CA VAL A 45 -13.34 -13.80 -0.48
C VAL A 45 -13.07 -12.51 -1.25
N PRO A 46 -12.20 -11.65 -0.65
CA PRO A 46 -11.84 -10.39 -1.28
C PRO A 46 -10.88 -10.60 -2.44
N TRP A 47 -11.33 -10.20 -3.62
CA TRP A 47 -10.53 -10.33 -4.82
C TRP A 47 -9.71 -9.05 -4.99
N CYS A 48 -9.47 -8.38 -3.87
CA CYS A 48 -8.71 -7.14 -3.89
C CYS A 48 -8.36 -6.78 -2.45
N PHE A 49 -7.10 -7.01 -2.09
CA PHE A 49 -6.62 -6.72 -0.76
C PHE A 49 -5.21 -6.13 -0.79
N LYS A 50 -4.63 -6.00 0.40
CA LYS A 50 -3.29 -5.45 0.51
C LYS A 50 -2.39 -6.47 1.21
N PRO A 51 -2.11 -7.58 0.49
CA PRO A 51 -1.27 -8.64 1.02
C PRO A 51 0.20 -8.23 1.01
N LEU A 52 0.94 -8.80 0.06
CA LEU A 52 2.35 -8.49 -0.06
C LEU A 52 2.53 -7.24 -0.93
N GLN A 53 1.54 -6.35 -0.84
CA GLN A 53 1.58 -5.12 -1.60
C GLN A 53 2.91 -4.40 -1.40
N GLU A 54 3.59 -4.78 -0.33
CA GLU A 54 4.88 -4.18 0.00
C GLU A 54 5.71 -4.01 -1.27
N ALA A 55 5.42 -4.86 -2.26
CA ALA A 55 6.14 -4.80 -3.51
C ALA A 55 6.42 -3.35 -3.88
N GLU A 56 5.36 -2.62 -4.18
CA GLU A 56 5.48 -1.23 -4.55
C GLU A 56 4.48 -0.38 -3.76
N CYS A 57 4.08 -0.92 -2.61
CA CYS A 57 3.14 -0.22 -1.75
C CYS A 57 3.90 0.38 -0.57
N THR A 58 4.66 -0.49 0.10
CA THR A 58 5.45 -0.05 1.24
C THR A 58 6.58 0.87 0.78
N PHE A 59 7.22 0.48 -0.31
CA PHE A 59 8.32 1.25 -0.85
C PHE A 59 8.07 2.75 -0.67
N GLU B 1 20.86 -3.70 8.62
CA GLU B 1 19.54 -3.32 9.09
C GLU B 1 19.25 -1.85 8.75
N GLU B 2 19.01 -1.61 7.47
CA GLU B 2 18.72 -0.26 7.01
C GLU B 2 17.22 0.01 7.07
N TYR B 3 16.72 0.15 8.29
CA TYR B 3 15.31 0.41 8.49
C TYR B 3 15.03 1.92 8.54
N VAL B 4 15.29 2.57 7.41
CA VAL B 4 15.09 4.00 7.31
C VAL B 4 14.10 4.28 6.16
N GLY B 5 14.47 3.80 4.99
CA GLY B 5 13.64 4.00 3.81
C GLY B 5 12.36 3.16 3.90
N LEU B 6 12.18 2.53 5.05
CA LEU B 6 11.02 1.70 5.28
C LEU B 6 10.59 1.82 6.74
N SER B 7 10.94 2.94 7.34
CA SER B 7 10.60 3.19 8.73
C SER B 7 9.39 4.12 8.82
N ALA B 8 8.89 4.27 10.03
CA ALA B 8 7.72 5.11 10.27
C ALA B 8 8.15 6.58 10.13
N ASN B 9 9.44 6.78 9.94
CA ASN B 9 9.98 8.12 9.79
C ASN B 9 10.11 8.46 8.31
N GLN B 10 9.85 7.45 7.48
CA GLN B 10 9.94 7.64 6.04
C GLN B 10 8.84 8.59 5.55
N CYS B 11 7.70 8.50 6.22
CA CYS B 11 6.57 9.34 5.86
C CYS B 11 6.85 10.77 6.35
N ALA B 12 8.02 10.92 6.97
CA ALA B 12 8.42 12.22 7.48
C ALA B 12 9.55 12.77 6.61
N VAL B 13 9.78 12.10 5.49
CA VAL B 13 10.82 12.52 4.57
C VAL B 13 10.86 14.05 4.51
N PRO B 14 12.08 14.58 4.20
CA PRO B 14 12.27 16.01 4.11
C PRO B 14 11.66 16.57 2.82
N ALA B 15 10.52 16.01 2.46
CA ALA B 15 9.83 16.44 1.26
C ALA B 15 10.83 16.50 0.10
N LYS B 16 11.32 15.33 -0.27
CA LYS B 16 12.29 15.23 -1.36
C LYS B 16 12.97 13.86 -1.30
N ASP B 17 12.16 12.84 -1.08
CA ASP B 17 12.67 11.48 -1.00
C ASP B 17 11.51 10.49 -1.18
N ARG B 18 10.38 11.03 -1.59
CA ARG B 18 9.20 10.21 -1.81
C ARG B 18 9.14 9.74 -3.27
N VAL B 19 8.13 8.93 -3.55
CA VAL B 19 7.95 8.41 -4.89
C VAL B 19 6.72 9.07 -5.52
N ASP B 20 6.34 10.21 -4.95
CA ASP B 20 5.19 10.95 -5.46
C ASP B 20 4.16 9.96 -5.98
N CYS B 21 3.26 9.55 -5.09
CA CYS B 21 2.21 8.61 -5.46
C CYS B 21 1.45 9.19 -6.65
N GLY B 22 1.34 10.51 -6.66
CA GLY B 22 0.64 11.20 -7.73
C GLY B 22 -0.78 10.66 -7.89
N TYR B 23 -1.52 10.72 -6.79
CA TYR B 23 -2.90 10.25 -6.79
C TYR B 23 -3.87 11.37 -7.16
N PRO B 24 -4.91 10.99 -7.96
CA PRO B 24 -5.91 11.96 -8.40
C PRO B 24 -6.86 12.30 -7.25
N HIS B 25 -6.72 11.56 -6.16
CA HIS B 25 -7.56 11.79 -4.99
C HIS B 25 -6.68 11.98 -3.76
N VAL B 26 -5.51 12.57 -3.99
CA VAL B 26 -4.58 12.83 -2.91
C VAL B 26 -5.29 13.57 -1.77
N THR B 27 -5.35 12.91 -0.62
CA THR B 27 -6.01 13.49 0.54
C THR B 27 -5.65 12.70 1.80
N PRO B 28 -5.75 13.39 2.96
CA PRO B 28 -5.46 12.77 4.23
C PRO B 28 -6.59 11.84 4.66
N LYS B 29 -6.97 10.95 3.74
CA LYS B 29 -8.04 10.01 4.01
C LYS B 29 -8.16 9.04 2.83
N GLU B 30 -7.69 9.50 1.68
CA GLU B 30 -7.74 8.70 0.47
C GLU B 30 -6.39 8.01 0.23
N CYS B 31 -5.33 8.80 0.37
CA CYS B 31 -3.99 8.28 0.17
C CYS B 31 -3.72 7.21 1.23
N ASN B 32 -3.87 7.62 2.48
CA ASN B 32 -3.64 6.70 3.60
C ASN B 32 -4.67 5.57 3.52
N ASN B 33 -5.59 5.70 2.59
CA ASN B 33 -6.62 4.69 2.40
C ASN B 33 -6.29 3.85 1.18
N ARG B 34 -5.58 4.48 0.24
CA ARG B 34 -5.20 3.81 -0.99
C ARG B 34 -3.85 3.10 -0.80
N GLY B 35 -3.06 3.62 0.12
CA GLY B 35 -1.75 3.06 0.41
C GLY B 35 -0.66 4.10 0.23
N CYS B 36 -1.06 5.36 0.33
CA CYS B 36 -0.12 6.46 0.18
C CYS B 36 -0.13 7.28 1.48
N CYS B 37 0.87 8.14 1.60
CA CYS B 37 0.99 8.98 2.78
C CYS B 37 0.80 10.44 2.35
N PHE B 38 -0.14 11.11 3.01
CA PHE B 38 -0.42 12.50 2.70
C PHE B 38 0.41 13.43 3.59
N ASP B 39 1.21 14.25 2.94
CA ASP B 39 2.06 15.20 3.64
C ASP B 39 1.27 16.47 3.93
N SER B 40 1.21 17.33 2.92
CA SER B 40 0.48 18.58 3.05
C SER B 40 1.39 19.64 3.68
N ARG B 41 2.50 19.18 4.22
CA ARG B 41 3.46 20.07 4.86
C ARG B 41 4.10 20.99 3.81
N ILE B 42 4.48 20.39 2.70
CA ILE B 42 5.11 21.12 1.62
C ILE B 42 4.28 20.95 0.34
N PRO B 43 3.64 22.07 -0.09
CA PRO B 43 2.83 22.05 -1.29
C PRO B 43 3.70 22.02 -2.55
N GLY B 44 5.00 22.13 -2.33
CA GLY B 44 5.95 22.12 -3.43
C GLY B 44 6.45 20.70 -3.71
N VAL B 45 6.05 19.78 -2.85
CA VAL B 45 6.44 18.39 -2.99
C VAL B 45 5.19 17.51 -3.11
N PRO B 46 5.43 16.18 -3.18
CA PRO B 46 4.33 15.23 -3.28
C PRO B 46 3.61 15.08 -1.94
N TRP B 47 2.33 15.42 -1.95
CA TRP B 47 1.54 15.32 -0.74
C TRP B 47 0.83 13.95 -0.74
N CYS B 48 1.48 13.00 -1.40
CA CYS B 48 0.94 11.66 -1.49
C CYS B 48 2.02 10.74 -2.06
N PHE B 49 2.53 9.87 -1.20
CA PHE B 49 3.56 8.93 -1.60
C PHE B 49 3.43 7.60 -0.84
N LYS B 50 4.47 6.79 -0.95
CA LYS B 50 4.48 5.50 -0.28
C LYS B 50 5.70 5.41 0.64
N PRO B 51 5.65 6.21 1.73
CA PRO B 51 6.75 6.23 2.69
C PRO B 51 6.74 4.97 3.56
N LEU B 52 6.11 5.10 4.72
CA LEU B 52 6.02 3.99 5.64
C LEU B 52 4.66 3.31 5.50
N GLN B 53 4.20 3.23 4.26
CA GLN B 53 2.92 2.62 3.97
C GLN B 53 2.84 1.24 4.62
N GLU B 54 4.01 0.70 4.95
CA GLU B 54 4.07 -0.60 5.58
C GLU B 54 2.96 -0.75 6.64
N ALA B 55 2.53 0.39 7.14
CA ALA B 55 1.49 0.41 8.15
C ALA B 55 0.59 -0.81 7.98
N GLU B 56 -0.21 -0.78 6.93
CA GLU B 56 -1.12 -1.88 6.64
C GLU B 56 -1.07 -2.23 5.15
N CYS B 57 -0.10 -1.65 4.47
CA CYS B 57 0.06 -1.88 3.05
C CYS B 57 0.89 -3.15 2.86
N THR B 58 2.10 -3.11 3.41
CA THR B 58 3.00 -4.25 3.31
C THR B 58 2.27 -5.54 3.70
N PHE B 59 1.46 -5.43 4.75
CA PHE B 59 0.71 -6.58 5.23
C PHE B 59 -0.31 -7.04 4.17
N GLU A 1 13.98 -4.60 6.63
CA GLU A 1 13.41 -4.78 5.31
C GLU A 1 13.24 -6.27 5.01
N GLU A 2 13.01 -7.04 6.06
CA GLU A 2 12.83 -8.47 5.92
C GLU A 2 11.36 -8.80 5.69
N TYR A 3 10.82 -8.24 4.60
CA TYR A 3 9.42 -8.46 4.26
C TYR A 3 9.29 -9.65 3.30
N VAL A 4 8.89 -10.79 3.88
CA VAL A 4 8.71 -11.99 3.10
C VAL A 4 7.23 -12.36 3.07
N GLY A 5 6.64 -12.44 4.26
CA GLY A 5 5.24 -12.78 4.39
C GLY A 5 4.35 -11.64 3.88
N LEU A 6 5.00 -10.59 3.40
CA LEU A 6 4.29 -9.43 2.89
C LEU A 6 4.87 -9.04 1.53
N SER A 7 5.65 -9.94 0.97
CA SER A 7 6.28 -9.72 -0.31
C SER A 7 5.59 -10.56 -1.39
N ALA A 8 6.20 -10.59 -2.57
CA ALA A 8 5.66 -11.36 -3.67
C ALA A 8 5.52 -12.82 -3.26
N ASN A 9 4.39 -13.11 -2.62
CA ASN A 9 4.11 -14.46 -2.16
C ASN A 9 2.93 -14.43 -1.19
N GLN A 10 2.84 -13.34 -0.45
CA GLN A 10 1.77 -13.17 0.51
C GLN A 10 0.41 -13.14 -0.20
N CYS A 11 0.41 -12.57 -1.39
CA CYS A 11 -0.80 -12.46 -2.17
C CYS A 11 -1.27 -13.87 -2.51
N ALA A 12 -0.46 -14.84 -2.14
CA ALA A 12 -0.77 -16.24 -2.41
C ALA A 12 -1.27 -16.89 -1.11
N VAL A 13 -1.66 -16.05 -0.17
CA VAL A 13 -2.15 -16.52 1.11
C VAL A 13 -3.11 -17.70 0.89
N PRO A 14 -3.43 -18.41 1.99
CA PRO A 14 -4.32 -19.55 1.92
C PRO A 14 -5.78 -19.10 1.74
N ALA A 15 -5.94 -17.79 1.63
CA ALA A 15 -7.27 -17.22 1.46
C ALA A 15 -7.92 -17.02 2.83
N LYS A 16 -7.15 -16.43 3.73
CA LYS A 16 -7.64 -16.18 5.08
C LYS A 16 -6.51 -15.58 5.91
N ASP A 17 -5.80 -14.64 5.31
CA ASP A 17 -4.70 -13.98 5.99
C ASP A 17 -4.54 -12.56 5.42
N ARG A 18 -5.54 -12.15 4.66
CA ARG A 18 -5.51 -10.83 4.06
C ARG A 18 -6.22 -9.82 4.97
N VAL A 19 -6.29 -8.58 4.49
CA VAL A 19 -6.93 -7.52 5.24
C VAL A 19 -8.20 -7.08 4.52
N ASP A 20 -8.70 -7.97 3.67
CA ASP A 20 -9.90 -7.68 2.91
C ASP A 20 -9.96 -6.19 2.60
N CYS A 21 -9.35 -5.82 1.47
CA CYS A 21 -9.32 -4.43 1.06
C CYS A 21 -10.75 -3.89 1.11
N GLY A 22 -11.70 -4.77 0.82
CA GLY A 22 -13.11 -4.39 0.83
C GLY A 22 -13.36 -3.20 -0.09
N TYR A 23 -12.95 -3.37 -1.34
CA TYR A 23 -13.12 -2.32 -2.33
C TYR A 23 -14.47 -2.45 -3.04
N PRO A 24 -15.14 -1.28 -3.24
CA PRO A 24 -16.42 -1.27 -3.90
C PRO A 24 -16.28 -1.47 -5.41
N HIS A 25 -15.03 -1.53 -5.84
CA HIS A 25 -14.73 -1.72 -7.25
C HIS A 25 -13.73 -2.86 -7.42
N VAL A 26 -13.89 -3.88 -6.58
CA VAL A 26 -13.01 -5.04 -6.62
C VAL A 26 -13.04 -5.64 -8.02
N THR A 27 -11.86 -5.74 -8.61
CA THR A 27 -11.72 -6.30 -9.95
C THR A 27 -10.25 -6.58 -10.27
N PRO A 28 -10.04 -7.60 -11.14
CA PRO A 28 -8.69 -7.98 -11.53
C PRO A 28 -8.11 -6.98 -12.52
N LYS A 29 -8.10 -5.73 -12.10
CA LYS A 29 -7.57 -4.66 -12.93
C LYS A 29 -7.71 -3.32 -12.20
N GLU A 30 -8.66 -3.29 -11.28
CA GLU A 30 -8.90 -2.09 -10.50
C GLU A 30 -8.20 -2.17 -9.15
N CYS A 31 -8.34 -3.32 -8.52
CA CYS A 31 -7.71 -3.55 -7.23
C CYS A 31 -6.19 -3.47 -7.40
N ASN A 32 -5.68 -4.29 -8.30
CA ASN A 32 -4.25 -4.33 -8.57
C ASN A 32 -3.83 -2.97 -9.14
N ASN A 33 -4.81 -2.12 -9.39
CA ASN A 33 -4.55 -0.80 -9.92
C ASN A 33 -4.74 0.24 -8.82
N ARG A 34 -5.57 -0.12 -7.85
CA ARG A 34 -5.85 0.78 -6.74
C ARG A 34 -4.81 0.58 -5.63
N GLY A 35 -4.27 -0.63 -5.56
CA GLY A 35 -3.27 -0.95 -4.56
C GLY A 35 -3.69 -2.19 -3.77
N CYS A 36 -4.54 -3.00 -4.38
CA CYS A 36 -5.02 -4.21 -3.73
C CYS A 36 -4.62 -5.41 -4.62
N CYS A 37 -4.96 -6.59 -4.13
CA CYS A 37 -4.65 -7.81 -4.86
C CYS A 37 -5.94 -8.58 -5.08
N PHE A 38 -6.18 -8.94 -6.34
CA PHE A 38 -7.38 -9.67 -6.70
C PHE A 38 -7.15 -11.18 -6.56
N ASP A 39 -8.02 -11.80 -5.78
CA ASP A 39 -7.92 -13.25 -5.57
C ASP A 39 -8.53 -13.97 -6.76
N SER A 40 -9.84 -14.21 -6.69
CA SER A 40 -10.54 -14.90 -7.75
C SER A 40 -10.47 -16.41 -7.53
N ARG A 41 -9.46 -16.82 -6.80
CA ARG A 41 -9.28 -18.23 -6.50
C ARG A 41 -10.34 -18.71 -5.50
N ILE A 42 -10.54 -17.90 -4.48
CA ILE A 42 -11.53 -18.22 -3.46
C ILE A 42 -12.59 -17.12 -3.41
N PRO A 43 -13.80 -17.47 -3.94
CA PRO A 43 -14.89 -16.53 -3.96
C PRO A 43 -15.51 -16.37 -2.57
N GLY A 44 -15.02 -17.18 -1.64
CA GLY A 44 -15.51 -17.15 -0.28
C GLY A 44 -14.66 -16.22 0.59
N VAL A 45 -13.61 -15.69 -0.02
CA VAL A 45 -12.72 -14.78 0.68
C VAL A 45 -12.68 -13.43 -0.05
N PRO A 46 -11.80 -12.53 0.47
CA PRO A 46 -11.67 -11.20 -0.12
C PRO A 46 -10.89 -11.27 -1.44
N TRP A 47 -11.54 -10.82 -2.50
CA TRP A 47 -10.92 -10.81 -3.82
C TRP A 47 -10.28 -9.45 -4.03
N CYS A 48 -9.88 -8.83 -2.93
CA CYS A 48 -9.25 -7.52 -2.99
C CYS A 48 -8.63 -7.23 -1.63
N PHE A 49 -7.32 -7.42 -1.56
CA PHE A 49 -6.58 -7.18 -0.32
C PHE A 49 -5.27 -6.45 -0.61
N LYS A 50 -4.44 -6.37 0.44
CA LYS A 50 -3.16 -5.71 0.32
C LYS A 50 -2.05 -6.67 0.72
N PRO A 51 -1.87 -7.73 -0.12
CA PRO A 51 -0.85 -8.72 0.12
C PRO A 51 0.55 -8.19 -0.21
N LEU A 52 0.98 -8.47 -1.43
CA LEU A 52 2.29 -8.02 -1.88
C LEU A 52 2.15 -6.63 -2.50
N GLN A 53 1.13 -5.91 -2.05
CA GLN A 53 0.88 -4.56 -2.55
C GLN A 53 2.11 -3.68 -2.32
N GLU A 54 2.88 -4.04 -1.32
CA GLU A 54 4.09 -3.30 -0.99
C GLU A 54 4.82 -2.87 -2.26
N ALA A 55 4.60 -3.65 -3.31
CA ALA A 55 5.23 -3.37 -4.60
C ALA A 55 5.07 -1.88 -4.92
N GLU A 56 3.97 -1.55 -5.57
CA GLU A 56 3.68 -0.18 -5.95
C GLU A 56 2.73 0.46 -4.93
N CYS A 57 2.68 -0.15 -3.75
CA CYS A 57 1.82 0.35 -2.69
C CYS A 57 2.71 1.02 -1.64
N THR A 58 3.58 0.22 -1.03
CA THR A 58 4.47 0.71 -0.01
C THR A 58 5.81 1.14 -0.64
N PHE A 59 5.93 0.90 -1.93
CA PHE A 59 7.13 1.25 -2.65
C PHE A 59 7.81 2.48 -2.03
N GLU B 1 19.48 0.77 14.63
CA GLU B 1 18.89 1.41 13.45
C GLU B 1 18.07 0.39 12.65
N GLU B 2 16.96 -0.01 13.24
CA GLU B 2 16.09 -0.97 12.60
C GLU B 2 15.04 -0.25 11.75
N TYR B 3 13.79 -0.64 11.96
CA TYR B 3 12.69 -0.03 11.22
C TYR B 3 12.30 1.32 11.83
N VAL B 4 13.08 2.33 11.49
CA VAL B 4 12.84 3.66 11.98
C VAL B 4 12.68 4.63 10.80
N GLY B 5 13.71 4.68 9.97
CA GLY B 5 13.71 5.54 8.81
C GLY B 5 12.61 5.12 7.82
N LEU B 6 11.99 3.99 8.13
CA LEU B 6 10.93 3.48 7.28
C LEU B 6 9.78 2.95 8.17
N SER B 7 9.63 3.58 9.32
CA SER B 7 8.59 3.20 10.25
C SER B 7 7.36 4.09 10.08
N ALA B 8 6.57 4.18 11.14
CA ALA B 8 5.38 5.00 11.12
C ALA B 8 5.77 6.47 11.21
N ASN B 9 7.08 6.71 11.17
CA ASN B 9 7.59 8.07 11.25
C ASN B 9 8.07 8.51 9.86
N GLN B 10 8.09 7.55 8.94
CA GLN B 10 8.52 7.82 7.58
C GLN B 10 7.51 8.74 6.88
N CYS B 11 6.25 8.59 7.27
CA CYS B 11 5.19 9.39 6.69
C CYS B 11 5.47 10.86 7.00
N ALA B 12 6.44 11.07 7.88
CA ALA B 12 6.82 12.42 8.26
C ALA B 12 8.27 12.67 7.84
N VAL B 13 8.71 11.89 6.87
CA VAL B 13 10.07 12.03 6.37
C VAL B 13 10.43 13.52 6.25
N PRO B 14 11.74 13.78 6.07
CA PRO B 14 12.23 15.15 5.94
C PRO B 14 11.89 15.71 4.56
N ALA B 15 10.83 15.17 3.97
CA ALA B 15 10.40 15.61 2.65
C ALA B 15 11.61 15.68 1.73
N LYS B 16 12.11 14.50 1.37
CA LYS B 16 13.26 14.41 0.49
C LYS B 16 13.87 13.01 0.58
N ASP B 17 12.98 12.02 0.60
CA ASP B 17 13.41 10.64 0.69
C ASP B 17 12.24 9.72 0.31
N ARG B 18 11.21 10.34 -0.27
CA ARG B 18 10.04 9.60 -0.67
C ARG B 18 10.18 9.13 -2.13
N VAL B 19 9.15 8.44 -2.60
CA VAL B 19 9.15 7.93 -3.97
C VAL B 19 8.15 8.74 -4.80
N ASP B 20 7.78 9.89 -4.26
CA ASP B 20 6.84 10.77 -4.95
C ASP B 20 5.82 9.91 -5.70
N CYS B 21 4.79 9.50 -4.97
CA CYS B 21 3.74 8.68 -5.55
C CYS B 21 3.28 9.34 -6.85
N GLY B 22 3.25 10.67 -6.83
CA GLY B 22 2.84 11.43 -7.99
C GLY B 22 1.59 10.82 -8.62
N TYR B 23 0.52 10.80 -7.83
CA TYR B 23 -0.75 10.25 -8.31
C TYR B 23 -1.62 11.34 -8.93
N PRO B 24 -2.43 10.92 -9.93
CA PRO B 24 -3.32 11.84 -10.61
C PRO B 24 -4.53 12.20 -9.74
N HIS B 25 -4.58 11.55 -8.59
CA HIS B 25 -5.68 11.79 -7.65
C HIS B 25 -5.10 12.14 -6.27
N VAL B 26 -3.81 12.40 -6.26
CA VAL B 26 -3.13 12.75 -5.01
C VAL B 26 -4.04 13.65 -4.17
N THR B 27 -4.44 13.13 -3.03
CA THR B 27 -5.31 13.87 -2.13
C THR B 27 -5.30 13.24 -0.74
N PRO B 28 -5.71 14.05 0.27
CA PRO B 28 -5.76 13.59 1.64
C PRO B 28 -6.95 12.64 1.86
N LYS B 29 -7.08 11.69 0.96
CA LYS B 29 -8.17 10.72 1.04
C LYS B 29 -8.03 9.71 -0.09
N GLU B 30 -7.23 10.08 -1.09
CA GLU B 30 -7.01 9.22 -2.24
C GLU B 30 -5.67 8.49 -2.10
N CYS B 31 -4.66 9.25 -1.70
CA CYS B 31 -3.33 8.69 -1.53
C CYS B 31 -3.42 7.54 -0.52
N ASN B 32 -3.93 7.86 0.66
CA ASN B 32 -4.08 6.87 1.71
C ASN B 32 -5.01 5.76 1.23
N ASN B 33 -5.69 6.03 0.12
CA ASN B 33 -6.61 5.07 -0.44
C ASN B 33 -5.89 4.23 -1.51
N ARG B 34 -4.90 4.86 -2.13
CA ARG B 34 -4.12 4.19 -3.15
C ARG B 34 -2.96 3.41 -2.53
N GLY B 35 -2.54 3.89 -1.36
CA GLY B 35 -1.45 3.26 -0.65
C GLY B 35 -0.26 4.22 -0.50
N CYS B 36 -0.58 5.51 -0.50
CA CYS B 36 0.44 6.53 -0.36
C CYS B 36 0.09 7.38 0.85
N CYS B 37 1.08 8.18 1.27
CA CYS B 37 0.89 9.05 2.42
C CYS B 37 0.92 10.50 1.94
N PHE B 38 -0.17 11.20 2.22
CA PHE B 38 -0.30 12.59 1.82
C PHE B 38 0.31 13.51 2.87
N ASP B 39 1.27 14.32 2.43
CA ASP B 39 1.94 15.25 3.32
C ASP B 39 1.18 16.59 3.31
N SER B 40 1.47 17.38 2.29
CA SER B 40 0.84 18.67 2.15
C SER B 40 1.61 19.73 2.94
N ARG B 41 2.47 19.25 3.81
CA ARG B 41 3.28 20.13 4.64
C ARG B 41 4.25 20.94 3.78
N ILE B 42 4.83 20.25 2.80
CA ILE B 42 5.78 20.89 1.90
C ILE B 42 5.29 20.72 0.46
N PRO B 43 4.87 21.86 -0.14
CA PRO B 43 4.38 21.85 -1.51
C PRO B 43 5.53 21.72 -2.50
N GLY B 44 6.74 21.75 -1.96
CA GLY B 44 7.93 21.63 -2.79
C GLY B 44 8.36 20.17 -2.93
N VAL B 45 7.70 19.31 -2.17
CA VAL B 45 8.00 17.90 -2.19
C VAL B 45 6.74 17.11 -2.57
N PRO B 46 6.88 15.76 -2.58
CA PRO B 46 5.76 14.90 -2.93
C PRO B 46 4.75 14.84 -1.77
N TRP B 47 3.54 15.30 -2.06
CA TRP B 47 2.48 15.29 -1.07
C TRP B 47 1.71 13.98 -1.21
N CYS B 48 2.42 12.96 -1.68
CA CYS B 48 1.81 11.64 -1.87
C CYS B 48 2.93 10.65 -2.21
N PHE B 49 3.32 9.89 -1.21
CA PHE B 49 4.37 8.90 -1.40
C PHE B 49 4.03 7.58 -0.68
N LYS B 50 5.02 6.73 -0.57
CA LYS B 50 4.84 5.45 0.10
C LYS B 50 5.82 5.34 1.26
N PRO B 51 5.58 6.20 2.30
CA PRO B 51 6.43 6.20 3.48
C PRO B 51 6.14 4.98 4.37
N LEU B 52 5.31 5.21 5.37
CA LEU B 52 4.94 4.15 6.29
C LEU B 52 3.64 3.50 5.82
N GLN B 53 3.54 3.28 4.53
CA GLN B 53 2.37 2.67 3.94
C GLN B 53 2.14 1.28 4.55
N GLU B 54 3.21 0.72 5.08
CA GLU B 54 3.14 -0.60 5.69
C GLU B 54 1.95 -0.68 6.65
N ALA B 55 1.52 0.49 7.11
CA ALA B 55 0.40 0.56 8.02
C ALA B 55 -0.59 -0.56 7.70
N GLU B 56 -1.10 -0.53 6.47
CA GLU B 56 -2.05 -1.54 6.04
C GLU B 56 -1.95 -1.73 4.53
N CYS B 57 -0.80 -1.36 3.99
CA CYS B 57 -0.57 -1.49 2.56
C CYS B 57 0.37 -2.67 2.33
N THR B 58 1.59 -2.54 2.81
CA THR B 58 2.58 -3.59 2.67
C THR B 58 2.05 -4.90 3.26
N PHE B 59 1.61 -4.81 4.51
CA PHE B 59 1.08 -5.97 5.21
C PHE B 59 0.31 -6.88 4.24
N GLU A 1 9.88 -11.25 13.74
CA GLU A 1 10.57 -10.47 12.73
C GLU A 1 10.71 -11.27 11.44
N GLU A 2 10.20 -12.49 11.48
CA GLU A 2 10.26 -13.36 10.32
C GLU A 2 9.11 -13.05 9.36
N TYR A 3 9.24 -11.94 8.67
CA TYR A 3 8.22 -11.52 7.71
C TYR A 3 7.94 -12.62 6.69
N VAL A 4 7.03 -13.51 7.07
CA VAL A 4 6.66 -14.61 6.20
C VAL A 4 5.21 -14.44 5.75
N GLY A 5 4.33 -14.30 6.74
CA GLY A 5 2.92 -14.11 6.46
C GLY A 5 2.65 -12.73 5.87
N LEU A 6 3.73 -11.99 5.66
CA LEU A 6 3.60 -10.66 5.10
C LEU A 6 4.71 -10.45 4.06
N SER A 7 5.29 -11.56 3.62
CA SER A 7 6.34 -11.51 2.62
C SER A 7 5.79 -11.96 1.27
N ALA A 8 6.72 -12.19 0.35
CA ALA A 8 6.35 -12.61 -0.99
C ALA A 8 5.72 -14.01 -0.93
N ASN A 9 4.42 -14.03 -0.75
CA ASN A 9 3.69 -15.29 -0.66
C ASN A 9 2.40 -15.07 0.14
N GLN A 10 2.41 -14.03 0.95
CA GLN A 10 1.26 -13.70 1.78
C GLN A 10 0.02 -13.50 0.89
N CYS A 11 0.25 -12.88 -0.26
CA CYS A 11 -0.82 -12.63 -1.19
C CYS A 11 -1.44 -13.96 -1.62
N ALA A 12 -0.75 -15.04 -1.25
CA ALA A 12 -1.23 -16.37 -1.57
C ALA A 12 -1.96 -16.96 -0.37
N VAL A 13 -2.33 -16.06 0.54
CA VAL A 13 -3.05 -16.47 1.75
C VAL A 13 -4.21 -17.38 1.36
N PRO A 14 -4.77 -18.06 2.39
CA PRO A 14 -5.89 -18.96 2.17
C PRO A 14 -7.19 -18.18 1.93
N ALA A 15 -7.02 -16.99 1.39
CA ALA A 15 -8.17 -16.13 1.10
C ALA A 15 -9.10 -16.12 2.31
N LYS A 16 -8.58 -15.62 3.42
CA LYS A 16 -9.35 -15.54 4.65
C LYS A 16 -8.49 -14.91 5.75
N ASP A 17 -7.67 -13.96 5.33
CA ASP A 17 -6.80 -13.27 6.27
C ASP A 17 -6.31 -11.96 5.64
N ARG A 18 -7.05 -11.53 4.61
CA ARG A 18 -6.70 -10.29 3.92
C ARG A 18 -7.43 -9.11 4.57
N VAL A 19 -7.05 -7.92 4.13
CA VAL A 19 -7.64 -6.70 4.66
C VAL A 19 -8.75 -6.24 3.72
N ASP A 20 -9.20 -7.17 2.88
CA ASP A 20 -10.26 -6.87 1.93
C ASP A 20 -10.17 -5.39 1.53
N CYS A 21 -9.34 -5.12 0.53
CA CYS A 21 -9.16 -3.77 0.05
C CYS A 21 -10.54 -3.16 -0.21
N GLY A 22 -11.44 -4.01 -0.68
CA GLY A 22 -12.80 -3.58 -0.97
C GLY A 22 -12.80 -2.30 -1.81
N TYR A 23 -12.23 -2.41 -3.00
CA TYR A 23 -12.16 -1.27 -3.90
C TYR A 23 -13.38 -1.21 -4.81
N PRO A 24 -13.82 0.05 -5.11
CA PRO A 24 -14.97 0.26 -5.96
C PRO A 24 -14.62 0.00 -7.43
N HIS A 25 -13.32 -0.15 -7.68
CA HIS A 25 -12.84 -0.39 -9.02
C HIS A 25 -12.04 -1.69 -9.05
N VAL A 26 -12.25 -2.50 -8.03
CA VAL A 26 -11.55 -3.78 -7.93
C VAL A 26 -11.47 -4.42 -9.30
N THR A 27 -10.26 -4.78 -9.70
CA THR A 27 -10.04 -5.41 -10.98
C THR A 27 -8.65 -6.06 -11.03
N PRO A 28 -8.55 -7.13 -11.85
CA PRO A 28 -7.30 -7.86 -12.00
C PRO A 28 -6.30 -7.07 -12.84
N LYS A 29 -6.10 -5.82 -12.46
CA LYS A 29 -5.19 -4.95 -13.18
C LYS A 29 -5.19 -3.56 -12.53
N GLU A 30 -6.26 -3.29 -11.80
CA GLU A 30 -6.40 -2.00 -11.13
C GLU A 30 -5.99 -2.13 -9.67
N CYS A 31 -6.43 -3.21 -9.04
CA CYS A 31 -6.11 -3.45 -7.65
C CYS A 31 -4.59 -3.44 -7.50
N ASN A 32 -3.94 -4.24 -8.33
CA ASN A 32 -2.48 -4.33 -8.30
C ASN A 32 -1.89 -2.99 -8.75
N ASN A 33 -2.76 -2.10 -9.18
CA ASN A 33 -2.34 -0.79 -9.63
C ASN A 33 -2.63 0.24 -8.55
N ARG A 34 -3.63 -0.07 -7.73
CA ARG A 34 -4.01 0.82 -6.65
C ARG A 34 -3.15 0.56 -5.42
N GLY A 35 -2.60 -0.64 -5.36
CA GLY A 35 -1.76 -1.03 -4.25
C GLY A 35 -2.35 -2.21 -3.48
N CYS A 36 -3.16 -2.99 -4.20
CA CYS A 36 -3.81 -4.15 -3.60
C CYS A 36 -3.37 -5.38 -4.39
N CYS A 37 -3.93 -6.52 -4.00
CA CYS A 37 -3.61 -7.78 -4.66
C CYS A 37 -4.93 -8.45 -5.06
N PHE A 38 -5.02 -8.79 -6.34
CA PHE A 38 -6.21 -9.44 -6.86
C PHE A 38 -6.11 -10.96 -6.72
N ASP A 39 -7.07 -11.52 -6.01
CA ASP A 39 -7.11 -12.96 -5.80
C ASP A 39 -7.76 -13.64 -7.00
N SER A 40 -9.09 -13.64 -6.99
CA SER A 40 -9.83 -14.24 -8.08
C SER A 40 -10.01 -15.74 -7.81
N ARG A 41 -9.10 -16.29 -7.03
CA ARG A 41 -9.13 -17.70 -6.69
C ARG A 41 -10.42 -18.04 -5.94
N ILE A 42 -10.75 -17.18 -4.98
CA ILE A 42 -11.95 -17.37 -4.19
C ILE A 42 -12.87 -16.17 -4.38
N PRO A 43 -13.99 -16.41 -5.11
CA PRO A 43 -14.97 -15.36 -5.38
C PRO A 43 -15.81 -15.08 -4.14
N GLY A 44 -15.58 -15.89 -3.10
CA GLY A 44 -16.31 -15.73 -1.86
C GLY A 44 -15.54 -14.87 -0.87
N VAL A 45 -14.33 -14.49 -1.27
CA VAL A 45 -13.48 -13.65 -0.44
C VAL A 45 -13.13 -12.37 -1.19
N PRO A 46 -12.27 -11.55 -0.54
CA PRO A 46 -11.84 -10.29 -1.13
C PRO A 46 -10.83 -10.53 -2.26
N TRP A 47 -11.22 -10.12 -3.46
CA TRP A 47 -10.36 -10.28 -4.62
C TRP A 47 -9.53 -9.00 -4.78
N CYS A 48 -9.27 -8.36 -3.65
CA CYS A 48 -8.48 -7.13 -3.65
C CYS A 48 -8.11 -6.80 -2.21
N PHE A 49 -6.83 -6.98 -1.91
CA PHE A 49 -6.32 -6.71 -0.58
C PHE A 49 -4.89 -6.14 -0.64
N LYS A 50 -4.29 -6.04 0.54
CA LYS A 50 -2.93 -5.53 0.63
C LYS A 50 -2.03 -6.60 1.27
N PRO A 51 -1.79 -7.68 0.49
CA PRO A 51 -0.95 -8.77 0.98
C PRO A 51 0.54 -8.37 0.95
N LEU A 52 1.22 -8.84 -0.08
CA LEU A 52 2.63 -8.54 -0.23
C LEU A 52 2.79 -7.25 -1.05
N GLN A 53 1.85 -6.34 -0.85
CA GLN A 53 1.87 -5.07 -1.55
C GLN A 53 3.20 -4.35 -1.29
N GLU A 54 3.82 -4.70 -0.17
CA GLU A 54 5.08 -4.09 0.19
C GLU A 54 5.97 -3.92 -1.03
N ALA A 55 5.75 -4.79 -2.01
CA ALA A 55 6.52 -4.76 -3.24
C ALA A 55 6.74 -3.29 -3.65
N GLU A 56 5.70 -2.72 -4.23
CA GLU A 56 5.76 -1.34 -4.68
C GLU A 56 4.76 -0.49 -3.90
N CYS A 57 4.43 -0.96 -2.71
CA CYS A 57 3.49 -0.25 -1.85
C CYS A 57 4.28 0.42 -0.72
N THR A 58 4.95 -0.41 0.06
CA THR A 58 5.74 0.09 1.17
C THR A 58 6.88 0.98 0.66
N PHE A 59 7.33 0.67 -0.55
CA PHE A 59 8.40 1.44 -1.16
C PHE A 59 8.35 2.90 -0.71
N GLU B 1 17.28 -5.19 6.67
CA GLU B 1 17.74 -5.12 8.04
C GLU B 1 17.54 -3.70 8.60
N GLU B 2 18.17 -2.75 7.94
CA GLU B 2 18.07 -1.36 8.35
C GLU B 2 16.80 -0.73 7.80
N TYR B 3 15.67 -1.31 8.21
CA TYR B 3 14.38 -0.81 7.77
C TYR B 3 13.85 0.26 8.72
N VAL B 4 14.43 1.45 8.62
CA VAL B 4 14.03 2.56 9.46
C VAL B 4 13.60 3.73 8.57
N GLY B 5 14.45 4.04 7.61
CA GLY B 5 14.16 5.14 6.70
C GLY B 5 13.01 4.77 5.75
N LEU B 6 12.52 3.55 5.90
CA LEU B 6 11.43 3.08 5.08
C LEU B 6 10.31 2.54 5.98
N SER B 7 10.49 2.74 7.27
CA SER B 7 9.51 2.27 8.25
C SER B 7 8.77 3.46 8.86
N ALA B 8 8.18 3.22 10.00
CA ALA B 8 7.44 4.26 10.70
C ALA B 8 8.35 5.45 10.95
N ASN B 9 8.43 6.32 9.96
CA ASN B 9 9.27 7.51 10.06
C ASN B 9 9.50 8.08 8.66
N GLN B 10 9.42 7.20 7.68
CA GLN B 10 9.62 7.60 6.29
C GLN B 10 8.51 8.56 5.85
N CYS B 11 7.34 8.36 6.44
CA CYS B 11 6.19 9.18 6.11
C CYS B 11 6.55 10.64 6.41
N ALA B 12 7.65 10.81 7.14
CA ALA B 12 8.11 12.14 7.49
C ALA B 12 9.40 12.46 6.74
N VAL B 13 9.58 11.75 5.64
CA VAL B 13 10.76 11.95 4.82
C VAL B 13 11.06 13.44 4.70
N PRO B 14 12.29 13.75 4.18
CA PRO B 14 12.71 15.12 4.02
C PRO B 14 11.99 15.78 2.82
N ALA B 15 10.82 15.24 2.51
CA ALA B 15 10.04 15.76 1.40
C ALA B 15 10.95 15.95 0.18
N LYS B 16 11.42 14.84 -0.35
CA LYS B 16 12.30 14.87 -1.51
C LYS B 16 12.99 13.52 -1.66
N ASP B 17 12.21 12.46 -1.46
CA ASP B 17 12.75 11.11 -1.57
C ASP B 17 11.58 10.13 -1.68
N ARG B 18 10.41 10.67 -2.00
CA ARG B 18 9.22 9.85 -2.15
C ARG B 18 9.07 9.36 -3.59
N VAL B 19 8.00 8.64 -3.83
CA VAL B 19 7.73 8.11 -5.16
C VAL B 19 6.53 8.84 -5.75
N ASP B 20 6.23 9.99 -5.18
CA ASP B 20 5.11 10.79 -5.66
C ASP B 20 4.00 9.87 -6.16
N CYS B 21 3.18 9.41 -5.22
CA CYS B 21 2.08 8.53 -5.55
C CYS B 21 1.31 9.13 -6.72
N GLY B 22 1.21 10.46 -6.70
CA GLY B 22 0.50 11.18 -7.73
C GLY B 22 -0.84 10.50 -8.06
N TYR B 23 -1.70 10.46 -7.04
CA TYR B 23 -3.01 9.84 -7.20
C TYR B 23 -4.05 10.88 -7.63
N PRO B 24 -5.06 10.40 -8.40
CA PRO B 24 -6.12 11.27 -8.87
C PRO B 24 -7.10 11.61 -7.76
N HIS B 25 -6.90 10.96 -6.62
CA HIS B 25 -7.76 11.18 -5.46
C HIS B 25 -6.90 11.60 -4.27
N VAL B 26 -5.65 11.92 -4.56
CA VAL B 26 -4.72 12.33 -3.52
C VAL B 26 -5.46 13.19 -2.49
N THR B 27 -5.55 12.67 -1.28
CA THR B 27 -6.22 13.39 -0.21
C THR B 27 -5.81 12.82 1.15
N PRO B 28 -5.97 13.66 2.20
CA PRO B 28 -5.61 13.26 3.55
C PRO B 28 -6.65 12.29 4.13
N LYS B 29 -6.99 11.30 3.33
CA LYS B 29 -7.96 10.30 3.75
C LYS B 29 -8.10 9.24 2.65
N GLU B 30 -7.64 9.61 1.46
CA GLU B 30 -7.73 8.71 0.33
C GLU B 30 -6.38 8.01 0.10
N CYS B 31 -5.32 8.81 0.19
CA CYS B 31 -3.97 8.29 0.01
C CYS B 31 -3.75 7.16 1.01
N ASN B 32 -3.95 7.48 2.27
CA ASN B 32 -3.78 6.50 3.34
C ASN B 32 -4.78 5.36 3.14
N ASN B 33 -5.71 5.59 2.22
CA ASN B 33 -6.73 4.59 1.92
C ASN B 33 -6.27 3.74 0.73
N ARG B 34 -5.53 4.38 -0.15
CA ARG B 34 -5.03 3.71 -1.34
C ARG B 34 -3.72 2.98 -1.02
N GLY B 35 -3.00 3.52 -0.04
CA GLY B 35 -1.73 2.94 0.36
C GLY B 35 -0.59 3.96 0.22
N CYS B 36 -0.97 5.22 0.31
CA CYS B 36 0.01 6.30 0.20
C CYS B 36 -0.07 7.16 1.46
N CYS B 37 0.96 7.96 1.66
CA CYS B 37 1.03 8.83 2.82
C CYS B 37 0.89 10.28 2.35
N PHE B 38 -0.13 10.95 2.88
CA PHE B 38 -0.38 12.33 2.52
C PHE B 38 0.47 13.29 3.37
N ASP B 39 1.25 14.10 2.68
CA ASP B 39 2.11 15.06 3.35
C ASP B 39 1.30 16.31 3.68
N SER B 40 1.17 17.18 2.69
CA SER B 40 0.44 18.42 2.86
C SER B 40 1.35 19.49 3.45
N ARG B 41 2.41 19.03 4.11
CA ARG B 41 3.35 19.95 4.73
C ARG B 41 4.06 20.77 3.66
N ILE B 42 4.46 20.10 2.58
CA ILE B 42 5.14 20.75 1.49
C ILE B 42 4.30 20.63 0.22
N PRO B 43 3.72 21.78 -0.21
CA PRO B 43 2.90 21.82 -1.39
C PRO B 43 3.75 21.73 -2.67
N GLY B 44 5.07 21.78 -2.46
CA GLY B 44 6.00 21.72 -3.57
C GLY B 44 6.47 20.28 -3.81
N VAL B 45 6.02 19.39 -2.93
CA VAL B 45 6.38 17.99 -3.04
C VAL B 45 5.11 17.15 -3.19
N PRO B 46 5.32 15.80 -3.24
CA PRO B 46 4.21 14.88 -3.39
C PRO B 46 3.44 14.74 -2.07
N TRP B 47 2.18 15.15 -2.10
CA TRP B 47 1.33 15.08 -0.93
C TRP B 47 0.64 13.71 -0.92
N CYS B 48 1.32 12.74 -1.53
CA CYS B 48 0.77 11.39 -1.61
C CYS B 48 1.86 10.48 -2.17
N PHE B 49 2.50 9.75 -1.26
CA PHE B 49 3.55 8.83 -1.65
C PHE B 49 3.42 7.49 -0.91
N LYS B 50 4.47 6.70 -1.00
CA LYS B 50 4.48 5.39 -0.36
C LYS B 50 5.70 5.30 0.58
N PRO B 51 5.66 6.14 1.65
CA PRO B 51 6.75 6.16 2.61
C PRO B 51 6.69 4.94 3.53
N LEU B 52 6.09 5.11 4.68
CA LEU B 52 5.96 4.04 5.65
C LEU B 52 4.60 3.37 5.50
N GLN B 53 4.22 3.16 4.24
CA GLN B 53 2.95 2.54 3.94
C GLN B 53 2.86 1.17 4.60
N GLU B 54 4.02 0.67 5.01
CA GLU B 54 4.09 -0.63 5.66
C GLU B 54 3.03 -0.72 6.77
N ALA B 55 2.58 0.44 7.20
CA ALA B 55 1.58 0.50 8.26
C ALA B 55 0.62 -0.67 8.11
N GLU B 56 -0.24 -0.59 7.12
CA GLU B 56 -1.22 -1.64 6.87
C GLU B 56 -1.18 -2.05 5.39
N CYS B 57 -0.17 -1.57 4.70
CA CYS B 57 0.00 -1.87 3.29
C CYS B 57 0.77 -3.19 3.17
N THR B 58 1.98 -3.18 3.69
CA THR B 58 2.83 -4.36 3.65
C THR B 58 2.06 -5.58 4.15
N PHE B 59 1.25 -5.36 5.17
CA PHE B 59 0.46 -6.42 5.76
C PHE B 59 -0.61 -6.91 4.78
N GLU A 1 3.89 -16.79 11.09
CA GLU A 1 4.54 -16.33 12.30
C GLU A 1 5.55 -15.22 11.98
N GLU A 2 6.66 -15.63 11.38
CA GLU A 2 7.70 -14.70 11.01
C GLU A 2 7.34 -13.99 9.70
N TYR A 3 8.20 -14.15 8.72
CA TYR A 3 7.98 -13.54 7.42
C TYR A 3 7.24 -14.48 6.48
N VAL A 4 5.93 -14.55 6.67
CA VAL A 4 5.11 -15.42 5.85
C VAL A 4 3.80 -14.70 5.51
N GLY A 5 3.16 -14.19 6.55
CA GLY A 5 1.90 -13.47 6.38
C GLY A 5 2.11 -12.18 5.58
N LEU A 6 3.37 -11.90 5.30
CA LEU A 6 3.72 -10.71 4.54
C LEU A 6 4.90 -11.01 3.62
N SER A 7 5.13 -12.31 3.42
CA SER A 7 6.22 -12.75 2.57
C SER A 7 5.67 -13.28 1.25
N ALA A 8 5.88 -12.49 0.20
CA ALA A 8 5.40 -12.86 -1.12
C ALA A 8 4.15 -13.74 -0.98
N ASN A 9 4.39 -15.00 -0.63
CA ASN A 9 3.31 -15.95 -0.46
C ASN A 9 2.16 -15.28 0.32
N GLN A 10 2.47 -14.14 0.90
CA GLN A 10 1.49 -13.39 1.67
C GLN A 10 0.23 -13.16 0.83
N CYS A 11 0.46 -12.74 -0.41
CA CYS A 11 -0.65 -12.48 -1.32
C CYS A 11 -1.35 -13.80 -1.61
N ALA A 12 -0.79 -14.87 -1.06
CA ALA A 12 -1.35 -16.20 -1.25
C ALA A 12 -1.98 -16.67 0.06
N VAL A 13 -2.18 -15.73 0.96
CA VAL A 13 -2.77 -16.05 2.25
C VAL A 13 -3.95 -16.99 2.05
N PRO A 14 -4.42 -17.57 3.19
CA PRO A 14 -5.55 -18.49 3.14
C PRO A 14 -6.86 -17.75 2.92
N ALA A 15 -6.76 -16.61 2.27
CA ALA A 15 -7.94 -15.79 1.98
C ALA A 15 -8.76 -15.64 3.27
N LYS A 16 -8.16 -14.97 4.24
CA LYS A 16 -8.82 -14.74 5.51
C LYS A 16 -7.87 -14.01 6.45
N ASP A 17 -7.10 -13.10 5.88
CA ASP A 17 -6.14 -12.33 6.66
C ASP A 17 -5.74 -11.08 5.87
N ARG A 18 -6.55 -10.77 4.87
CA ARG A 18 -6.29 -9.61 4.03
C ARG A 18 -7.02 -8.38 4.59
N VAL A 19 -6.71 -7.23 4.01
CA VAL A 19 -7.31 -5.99 4.43
C VAL A 19 -8.47 -5.64 3.49
N ASP A 20 -8.92 -6.65 2.75
CA ASP A 20 -10.01 -6.46 1.82
C ASP A 20 -9.96 -5.04 1.24
N CYS A 21 -9.16 -4.89 0.20
CA CYS A 21 -9.00 -3.60 -0.45
C CYS A 21 -10.40 -3.02 -0.70
N GLY A 22 -11.32 -3.91 -1.04
CA GLY A 22 -12.69 -3.51 -1.31
C GLY A 22 -12.73 -2.24 -2.15
N TYR A 23 -12.19 -2.34 -3.36
CA TYR A 23 -12.16 -1.21 -4.27
C TYR A 23 -13.39 -1.19 -5.17
N PRO A 24 -13.72 0.03 -5.67
CA PRO A 24 -14.87 0.19 -6.55
C PRO A 24 -14.58 -0.35 -7.95
N HIS A 25 -13.30 -0.56 -8.22
CA HIS A 25 -12.88 -1.08 -9.50
C HIS A 25 -11.89 -2.23 -9.30
N VAL A 26 -12.32 -3.20 -8.51
CA VAL A 26 -11.48 -4.36 -8.23
C VAL A 26 -11.46 -5.28 -9.44
N THR A 27 -10.25 -5.58 -9.90
CA THR A 27 -10.08 -6.44 -11.06
C THR A 27 -8.63 -6.92 -11.16
N PRO A 28 -8.45 -8.07 -11.85
CA PRO A 28 -7.13 -8.64 -12.03
C PRO A 28 -6.31 -7.84 -13.05
N LYS A 29 -6.20 -6.55 -12.79
CA LYS A 29 -5.45 -5.67 -13.67
C LYS A 29 -5.50 -4.25 -13.13
N GLU A 30 -6.52 -3.99 -12.32
CA GLU A 30 -6.70 -2.67 -11.73
C GLU A 30 -6.19 -2.66 -10.29
N CYS A 31 -6.63 -3.67 -9.54
CA CYS A 31 -6.22 -3.79 -8.15
C CYS A 31 -4.69 -3.81 -8.09
N ASN A 32 -4.11 -4.69 -8.89
CA ASN A 32 -2.67 -4.82 -8.95
C ASN A 32 -2.06 -3.55 -9.54
N ASN A 33 -2.94 -2.65 -9.96
CA ASN A 33 -2.51 -1.40 -10.55
C ASN A 33 -2.72 -0.27 -9.53
N ARG A 34 -3.69 -0.49 -8.66
CA ARG A 34 -4.00 0.51 -7.63
C ARG A 34 -3.08 0.32 -6.42
N GLY A 35 -2.59 -0.90 -6.27
CA GLY A 35 -1.70 -1.22 -5.17
C GLY A 35 -2.29 -2.33 -4.29
N CYS A 36 -3.12 -3.15 -4.92
CA CYS A 36 -3.75 -4.26 -4.22
C CYS A 36 -3.36 -5.55 -4.92
N CYS A 37 -3.90 -6.65 -4.42
CA CYS A 37 -3.62 -7.97 -4.97
C CYS A 37 -4.95 -8.67 -5.22
N PHE A 38 -5.15 -9.05 -6.48
CA PHE A 38 -6.38 -9.74 -6.87
C PHE A 38 -6.23 -11.24 -6.70
N ASP A 39 -7.14 -11.81 -5.91
CA ASP A 39 -7.12 -13.24 -5.65
C ASP A 39 -7.98 -13.95 -6.70
N SER A 40 -9.27 -13.99 -6.43
CA SER A 40 -10.21 -14.63 -7.33
C SER A 40 -10.36 -16.10 -6.97
N ARG A 41 -9.42 -16.59 -6.16
CA ARG A 41 -9.44 -17.98 -5.74
C ARG A 41 -10.68 -18.25 -4.89
N ILE A 42 -10.95 -17.32 -3.98
CA ILE A 42 -12.11 -17.45 -3.10
C ILE A 42 -13.03 -16.25 -3.30
N PRO A 43 -14.21 -16.52 -3.92
CA PRO A 43 -15.18 -15.47 -4.17
C PRO A 43 -15.92 -15.08 -2.88
N GLY A 44 -15.59 -15.81 -1.82
CA GLY A 44 -16.21 -15.56 -0.53
C GLY A 44 -15.36 -14.61 0.32
N VAL A 45 -14.17 -14.32 -0.21
CA VAL A 45 -13.25 -13.42 0.48
C VAL A 45 -12.93 -12.23 -0.42
N PRO A 46 -12.00 -11.38 0.07
CA PRO A 46 -11.59 -10.20 -0.67
C PRO A 46 -10.66 -10.58 -1.83
N TRP A 47 -11.14 -10.29 -3.04
CA TRP A 47 -10.37 -10.61 -4.23
C TRP A 47 -9.55 -9.37 -4.60
N CYS A 48 -9.19 -8.62 -3.56
CA CYS A 48 -8.39 -7.41 -3.76
C CYS A 48 -7.97 -6.89 -2.38
N PHE A 49 -6.67 -6.99 -2.13
CA PHE A 49 -6.12 -6.53 -0.87
C PHE A 49 -4.71 -5.98 -1.04
N LYS A 50 -4.04 -5.77 0.09
CA LYS A 50 -2.68 -5.26 0.06
C LYS A 50 -1.75 -6.25 0.74
N PRO A 51 -1.55 -7.42 0.05
CA PRO A 51 -0.68 -8.46 0.58
C PRO A 51 0.78 -8.06 0.43
N LEU A 52 1.41 -8.64 -0.60
CA LEU A 52 2.81 -8.36 -0.86
C LEU A 52 2.92 -7.13 -1.76
N GLN A 53 1.97 -6.23 -1.60
CA GLN A 53 1.95 -5.01 -2.39
C GLN A 53 3.29 -4.29 -2.28
N GLU A 54 3.99 -4.55 -1.18
CA GLU A 54 5.29 -3.94 -0.95
C GLU A 54 6.06 -3.83 -2.26
N ALA A 55 5.77 -4.75 -3.17
CA ALA A 55 6.44 -4.77 -4.46
C ALA A 55 6.66 -3.33 -4.94
N GLU A 56 5.56 -2.59 -5.00
CA GLU A 56 5.61 -1.20 -5.44
C GLU A 56 4.68 -0.34 -4.58
N CYS A 57 4.38 -0.86 -3.39
CA CYS A 57 3.49 -0.15 -2.48
C CYS A 57 4.37 0.61 -1.47
N THR A 58 4.93 -0.15 -0.54
CA THR A 58 5.79 0.44 0.48
C THR A 58 7.00 1.11 -0.16
N PHE A 59 7.55 0.43 -1.16
CA PHE A 59 8.72 0.95 -1.86
C PHE A 59 8.66 2.48 -1.97
N GLU B 1 19.51 -3.60 10.15
CA GLU B 1 18.43 -2.64 10.30
C GLU B 1 18.00 -2.11 8.92
N GLU B 2 17.41 -2.99 8.14
CA GLU B 2 16.96 -2.63 6.81
C GLU B 2 15.52 -2.10 6.87
N TYR B 3 14.95 -2.13 8.06
CA TYR B 3 13.60 -1.67 8.26
C TYR B 3 13.58 -0.19 8.66
N VAL B 4 14.02 0.65 7.72
CA VAL B 4 14.06 2.08 7.96
C VAL B 4 13.31 2.80 6.83
N GLY B 5 13.70 2.49 5.61
CA GLY B 5 13.07 3.09 4.45
C GLY B 5 11.64 2.57 4.26
N LEU B 6 11.21 1.78 5.22
CA LEU B 6 9.87 1.21 5.17
C LEU B 6 9.32 1.11 6.59
N SER B 7 9.87 1.93 7.48
CA SER B 7 9.44 1.94 8.86
C SER B 7 8.63 3.21 9.15
N ALA B 8 7.83 3.13 10.19
CA ALA B 8 7.00 4.26 10.59
C ALA B 8 7.90 5.45 10.93
N ASN B 9 8.30 6.17 9.89
CA ASN B 9 9.15 7.33 10.07
C ASN B 9 9.48 7.92 8.69
N GLN B 10 9.59 7.05 7.71
CA GLN B 10 9.90 7.47 6.36
C GLN B 10 8.83 8.44 5.85
N CYS B 11 7.61 8.23 6.32
CA CYS B 11 6.50 9.07 5.93
C CYS B 11 6.74 10.48 6.45
N ALA B 12 7.80 10.60 7.26
CA ALA B 12 8.15 11.89 7.83
C ALA B 12 9.38 12.44 7.11
N VAL B 13 9.59 11.96 5.90
CA VAL B 13 10.72 12.39 5.09
C VAL B 13 10.89 13.90 5.24
N PRO B 14 12.06 14.40 4.75
CA PRO B 14 12.35 15.83 4.83
C PRO B 14 11.55 16.60 3.78
N ALA B 15 10.71 15.87 3.06
CA ALA B 15 9.88 16.48 2.03
C ALA B 15 10.69 16.58 0.74
N LYS B 16 11.32 15.47 0.37
CA LYS B 16 12.12 15.43 -0.83
C LYS B 16 12.85 14.08 -0.90
N ASP B 17 12.12 13.02 -0.58
CA ASP B 17 12.68 11.68 -0.61
C ASP B 17 11.56 10.68 -0.90
N ARG B 18 10.43 11.21 -1.30
CA ARG B 18 9.27 10.37 -1.61
C ARG B 18 9.26 10.01 -3.10
N VAL B 19 8.31 9.16 -3.46
CA VAL B 19 8.18 8.74 -4.85
C VAL B 19 6.99 9.46 -5.49
N ASP B 20 6.58 10.53 -4.83
CA ASP B 20 5.46 11.32 -5.32
C ASP B 20 4.44 10.39 -5.98
N CYS B 21 3.55 9.84 -5.15
CA CYS B 21 2.52 8.94 -5.64
C CYS B 21 1.82 9.61 -6.81
N GLY B 22 1.65 10.92 -6.70
CA GLY B 22 0.99 11.68 -7.75
C GLY B 22 -0.38 11.09 -8.09
N TYR B 23 -1.23 11.03 -7.08
CA TYR B 23 -2.56 10.49 -7.26
C TYR B 23 -3.56 11.59 -7.63
N PRO B 24 -4.47 11.23 -8.57
CA PRO B 24 -5.49 12.17 -9.03
C PRO B 24 -6.58 12.35 -7.97
N HIS B 25 -6.46 11.60 -6.90
CA HIS B 25 -7.42 11.67 -5.81
C HIS B 25 -6.70 11.93 -4.49
N VAL B 26 -5.43 12.31 -4.61
CA VAL B 26 -4.61 12.58 -3.45
C VAL B 26 -5.46 13.31 -2.39
N THR B 27 -5.48 12.74 -1.20
CA THR B 27 -6.24 13.32 -0.10
C THR B 27 -5.81 12.70 1.23
N PRO B 28 -6.03 13.48 2.32
CA PRO B 28 -5.68 13.02 3.66
C PRO B 28 -6.68 11.97 4.15
N LYS B 29 -6.96 11.01 3.29
CA LYS B 29 -7.89 9.95 3.64
C LYS B 29 -8.02 8.98 2.46
N GLU B 30 -7.63 9.48 1.29
CA GLU B 30 -7.69 8.67 0.08
C GLU B 30 -6.34 8.01 -0.19
N CYS B 31 -5.29 8.82 -0.04
CA CYS B 31 -3.94 8.33 -0.27
C CYS B 31 -3.71 7.12 0.62
N ASN B 32 -3.91 7.32 1.91
CA ASN B 32 -3.74 6.26 2.89
C ASN B 32 -4.71 5.12 2.56
N ASN B 33 -5.66 5.42 1.69
CA ASN B 33 -6.66 4.43 1.30
C ASN B 33 -6.17 3.70 0.04
N ARG B 34 -5.40 4.42 -0.77
CA ARG B 34 -4.87 3.86 -2.00
C ARG B 34 -3.55 3.13 -1.73
N GLY B 35 -2.88 3.57 -0.67
CA GLY B 35 -1.61 2.98 -0.29
C GLY B 35 -0.49 4.02 -0.33
N CYS B 36 -0.88 5.27 -0.17
CA CYS B 36 0.08 6.37 -0.17
C CYS B 36 -0.03 7.11 1.16
N CYS B 37 0.93 7.99 1.39
CA CYS B 37 0.96 8.76 2.62
C CYS B 37 0.77 10.24 2.26
N PHE B 38 -0.18 10.86 2.94
CA PHE B 38 -0.47 12.26 2.70
C PHE B 38 0.31 13.16 3.66
N ASP B 39 1.15 14.00 3.10
CA ASP B 39 1.96 14.91 3.90
C ASP B 39 1.12 16.15 4.25
N SER B 40 1.06 17.07 3.30
CA SER B 40 0.30 18.30 3.50
C SER B 40 1.18 19.35 4.19
N ARG B 41 2.30 18.88 4.72
CA ARG B 41 3.23 19.76 5.41
C ARG B 41 3.84 20.75 4.42
N ILE B 42 4.28 20.22 3.29
CA ILE B 42 4.89 21.03 2.25
C ILE B 42 4.09 20.90 0.96
N PRO B 43 3.45 22.04 0.56
CA PRO B 43 2.65 22.06 -0.65
C PRO B 43 3.53 22.08 -1.89
N GLY B 44 4.84 22.17 -1.65
CA GLY B 44 5.80 22.20 -2.74
C GLY B 44 6.35 20.80 -3.02
N VAL B 45 5.92 19.86 -2.20
CA VAL B 45 6.36 18.48 -2.35
C VAL B 45 5.15 17.58 -2.56
N PRO B 46 5.42 16.25 -2.71
CA PRO B 46 4.37 15.29 -2.94
C PRO B 46 3.60 15.01 -1.64
N TRP B 47 2.33 15.39 -1.64
CA TRP B 47 1.48 15.19 -0.49
C TRP B 47 0.81 13.83 -0.62
N CYS B 48 1.50 12.92 -1.29
CA CYS B 48 0.97 11.58 -1.50
C CYS B 48 2.09 10.71 -2.07
N PHE B 49 2.61 9.85 -1.21
CA PHE B 49 3.69 8.96 -1.61
C PHE B 49 3.55 7.59 -0.94
N LYS B 50 4.61 6.81 -1.03
CA LYS B 50 4.63 5.48 -0.43
C LYS B 50 5.80 5.37 0.54
N PRO B 51 5.68 6.13 1.66
CA PRO B 51 6.72 6.13 2.68
C PRO B 51 6.67 4.84 3.50
N LEU B 52 5.97 4.90 4.61
CA LEU B 52 5.84 3.75 5.50
C LEU B 52 4.49 3.09 5.27
N GLN B 53 4.09 3.02 4.00
CA GLN B 53 2.83 2.42 3.63
C GLN B 53 2.70 1.04 4.28
N GLU B 54 3.84 0.48 4.66
CA GLU B 54 3.86 -0.82 5.29
C GLU B 54 2.69 -0.97 6.26
N ALA B 55 2.23 0.18 6.76
CA ALA B 55 1.12 0.19 7.69
C ALA B 55 0.18 -0.98 7.39
N GLU B 56 -0.50 -0.86 6.24
CA GLU B 56 -1.42 -1.89 5.82
C GLU B 56 -1.24 -2.19 4.32
N CYS B 57 -0.18 -1.63 3.77
CA CYS B 57 0.12 -1.83 2.36
C CYS B 57 0.91 -3.12 2.23
N THR B 58 2.00 -3.21 2.99
CA THR B 58 2.86 -4.37 2.96
C THR B 58 2.17 -5.55 3.66
N PHE B 59 1.38 -5.22 4.67
CA PHE B 59 0.66 -6.24 5.42
C PHE B 59 -0.47 -6.86 4.58
N GLU A 1 2.13 -14.97 11.01
CA GLU A 1 2.63 -14.72 12.35
C GLU A 1 3.92 -13.88 12.29
N GLU A 2 4.97 -14.49 11.78
CA GLU A 2 6.25 -13.81 11.65
C GLU A 2 6.32 -13.04 10.34
N TYR A 3 7.42 -13.25 9.63
CA TYR A 3 7.63 -12.59 8.36
C TYR A 3 7.08 -13.44 7.20
N VAL A 4 5.80 -13.76 7.30
CA VAL A 4 5.15 -14.58 6.28
C VAL A 4 3.98 -13.79 5.70
N GLY A 5 3.24 -13.14 6.59
CA GLY A 5 2.09 -12.36 6.17
C GLY A 5 2.52 -11.05 5.49
N LEU A 6 3.83 -10.95 5.28
CA LEU A 6 4.38 -9.77 4.64
C LEU A 6 5.33 -10.20 3.52
N SER A 7 5.34 -11.49 3.25
CA SER A 7 6.19 -12.03 2.22
C SER A 7 5.45 -12.07 0.88
N ALA A 8 6.15 -12.55 -0.14
CA ALA A 8 5.57 -12.64 -1.46
C ALA A 8 4.51 -13.74 -1.48
N ASN A 9 4.56 -14.58 -0.46
CA ASN A 9 3.61 -15.67 -0.34
C ASN A 9 2.44 -15.24 0.55
N GLN A 10 2.54 -14.02 1.06
CA GLN A 10 1.51 -13.48 1.92
C GLN A 10 0.21 -13.27 1.14
N CYS A 11 0.38 -12.87 -0.12
CA CYS A 11 -0.77 -12.63 -0.98
C CYS A 11 -1.41 -13.98 -1.31
N ALA A 12 -0.75 -15.04 -0.86
CA ALA A 12 -1.25 -16.39 -1.10
C ALA A 12 -2.01 -16.87 0.14
N VAL A 13 -2.30 -15.94 1.02
CA VAL A 13 -3.02 -16.26 2.24
C VAL A 13 -4.14 -17.24 1.91
N PRO A 14 -4.63 -17.93 2.99
CA PRO A 14 -5.70 -18.90 2.83
C PRO A 14 -7.05 -18.20 2.60
N ALA A 15 -6.98 -17.03 2.01
CA ALA A 15 -8.18 -16.26 1.74
C ALA A 15 -9.04 -16.20 2.99
N LYS A 16 -8.61 -15.37 3.94
CA LYS A 16 -9.34 -15.23 5.19
C LYS A 16 -8.43 -14.53 6.22
N ASP A 17 -7.79 -13.47 5.77
CA ASP A 17 -6.89 -12.71 6.64
C ASP A 17 -6.63 -11.35 6.02
N ARG A 18 -6.81 -11.27 4.70
CA ARG A 18 -6.58 -10.04 3.98
C ARG A 18 -7.33 -8.89 4.65
N VAL A 19 -7.21 -7.72 4.04
CA VAL A 19 -7.88 -6.53 4.57
C VAL A 19 -8.97 -6.09 3.59
N ASP A 20 -9.37 -7.01 2.75
CA ASP A 20 -10.40 -6.73 1.76
C ASP A 20 -10.30 -5.27 1.32
N CYS A 21 -9.47 -5.04 0.31
CA CYS A 21 -9.26 -3.70 -0.20
C CYS A 21 -10.63 -3.07 -0.47
N GLY A 22 -11.57 -3.91 -0.89
CA GLY A 22 -12.91 -3.46 -1.17
C GLY A 22 -12.89 -2.21 -2.06
N TYR A 23 -12.30 -2.37 -3.23
CA TYR A 23 -12.21 -1.27 -4.18
C TYR A 23 -13.41 -1.26 -5.13
N PRO A 24 -13.86 -0.02 -5.47
CA PRO A 24 -14.98 0.14 -6.37
C PRO A 24 -14.58 -0.16 -7.82
N HIS A 25 -13.29 -0.31 -8.02
CA HIS A 25 -12.76 -0.59 -9.34
C HIS A 25 -12.03 -1.93 -9.32
N VAL A 26 -12.23 -2.68 -8.25
CA VAL A 26 -11.59 -3.97 -8.10
C VAL A 26 -11.56 -4.67 -9.46
N THR A 27 -10.36 -5.07 -9.85
CA THR A 27 -10.17 -5.76 -11.12
C THR A 27 -8.77 -6.36 -11.20
N PRO A 28 -8.65 -7.43 -12.03
CA PRO A 28 -7.38 -8.10 -12.21
C PRO A 28 -6.42 -7.27 -13.07
N LYS A 29 -6.24 -6.02 -12.66
CA LYS A 29 -5.36 -5.13 -13.39
C LYS A 29 -5.41 -3.74 -12.74
N GLU A 30 -6.47 -3.52 -11.97
CA GLU A 30 -6.65 -2.24 -11.29
C GLU A 30 -6.20 -2.36 -9.83
N CYS A 31 -6.60 -3.46 -9.20
CA CYS A 31 -6.25 -3.69 -7.81
C CYS A 31 -4.72 -3.63 -7.69
N ASN A 32 -4.06 -4.41 -8.54
CA ASN A 32 -2.60 -4.46 -8.53
C ASN A 32 -2.05 -3.12 -9.03
N ASN A 33 -2.97 -2.24 -9.40
CA ASN A 33 -2.60 -0.94 -9.90
C ASN A 33 -2.79 0.10 -8.78
N ARG A 34 -3.78 -0.13 -7.96
CA ARG A 34 -4.08 0.76 -6.85
C ARG A 34 -3.17 0.46 -5.66
N GLY A 35 -2.68 -0.77 -5.62
CA GLY A 35 -1.80 -1.19 -4.56
C GLY A 35 -2.40 -2.37 -3.77
N CYS A 36 -3.28 -3.09 -4.45
CA CYS A 36 -3.92 -4.24 -3.84
C CYS A 36 -3.49 -5.50 -4.59
N CYS A 37 -3.99 -6.64 -4.13
CA CYS A 37 -3.66 -7.91 -4.74
C CYS A 37 -4.96 -8.60 -5.15
N PHE A 38 -5.03 -8.96 -6.42
CA PHE A 38 -6.21 -9.63 -6.94
C PHE A 38 -6.10 -11.14 -6.80
N ASP A 39 -7.04 -11.71 -6.06
CA ASP A 39 -7.07 -13.14 -5.84
C ASP A 39 -7.73 -13.83 -7.02
N SER A 40 -9.06 -13.87 -6.99
CA SER A 40 -9.82 -14.50 -8.05
C SER A 40 -9.94 -16.00 -7.79
N ARG A 41 -9.00 -16.51 -7.01
CA ARG A 41 -9.00 -17.92 -6.67
C ARG A 41 -10.24 -18.29 -5.86
N ILE A 42 -10.55 -17.44 -4.90
CA ILE A 42 -11.70 -17.66 -4.05
C ILE A 42 -12.66 -16.48 -4.18
N PRO A 43 -13.80 -16.74 -4.88
CA PRO A 43 -14.80 -15.72 -5.08
C PRO A 43 -15.61 -15.45 -3.80
N GLY A 44 -15.30 -16.25 -2.79
CA GLY A 44 -15.98 -16.12 -1.51
C GLY A 44 -15.21 -15.18 -0.57
N VAL A 45 -14.05 -14.77 -1.03
CA VAL A 45 -13.20 -13.87 -0.25
C VAL A 45 -12.95 -12.60 -1.06
N PRO A 46 -12.10 -11.72 -0.48
CA PRO A 46 -11.76 -10.46 -1.13
C PRO A 46 -10.79 -10.68 -2.28
N TRP A 47 -11.23 -10.32 -3.48
CA TRP A 47 -10.41 -10.47 -4.66
C TRP A 47 -9.62 -9.18 -4.87
N CYS A 48 -9.37 -8.50 -3.76
CA CYS A 48 -8.62 -7.25 -3.80
C CYS A 48 -8.24 -6.87 -2.36
N PHE A 49 -6.95 -6.99 -2.08
CA PHE A 49 -6.45 -6.66 -0.76
C PHE A 49 -5.02 -6.13 -0.83
N LYS A 50 -4.41 -5.96 0.34
CA LYS A 50 -3.06 -5.46 0.42
C LYS A 50 -2.18 -6.48 1.15
N PRO A 51 -1.91 -7.61 0.45
CA PRO A 51 -1.10 -8.67 1.02
C PRO A 51 0.38 -8.28 1.01
N LEU A 52 1.09 -8.79 0.02
CA LEU A 52 2.51 -8.50 -0.11
C LEU A 52 2.70 -7.27 -1.00
N GLN A 53 1.75 -6.35 -0.89
CA GLN A 53 1.80 -5.13 -1.67
C GLN A 53 3.14 -4.43 -1.47
N GLU A 54 3.81 -4.80 -0.39
CA GLU A 54 5.10 -4.21 -0.08
C GLU A 54 5.95 -4.09 -1.34
N ALA A 55 5.65 -4.95 -2.30
CA ALA A 55 6.39 -4.95 -3.56
C ALA A 55 6.73 -3.51 -3.94
N GLU A 56 5.69 -2.76 -4.30
CA GLU A 56 5.88 -1.38 -4.69
C GLU A 56 4.95 -0.48 -3.89
N CYS A 57 4.52 -0.99 -2.73
CA CYS A 57 3.63 -0.24 -1.86
C CYS A 57 4.46 0.39 -0.75
N THR A 58 4.89 -0.45 0.18
CA THR A 58 5.69 0.02 1.30
C THR A 58 6.87 0.86 0.79
N PHE A 59 7.31 0.54 -0.41
CA PHE A 59 8.42 1.26 -1.01
C PHE A 59 8.41 2.74 -0.61
N GLU B 1 19.20 -3.48 8.78
CA GLU B 1 20.11 -2.59 9.51
C GLU B 1 19.71 -1.13 9.28
N GLU B 2 19.77 -0.72 8.02
CA GLU B 2 19.42 0.64 7.66
C GLU B 2 17.91 0.77 7.46
N TYR B 3 17.18 0.59 8.55
CA TYR B 3 15.74 0.68 8.51
C TYR B 3 15.27 2.12 8.78
N VAL B 4 15.47 2.97 7.77
CA VAL B 4 15.06 4.37 7.89
C VAL B 4 14.04 4.68 6.80
N GLY B 5 14.42 4.38 5.57
CA GLY B 5 13.54 4.64 4.43
C GLY B 5 12.36 3.67 4.43
N LEU B 6 12.31 2.83 5.46
CA LEU B 6 11.24 1.86 5.58
C LEU B 6 10.67 1.92 7.00
N SER B 7 11.13 2.91 7.75
CA SER B 7 10.67 3.09 9.12
C SER B 7 9.41 3.95 9.13
N ALA B 8 8.85 4.10 10.33
CA ALA B 8 7.65 4.90 10.50
C ALA B 8 8.01 6.39 10.39
N ASN B 9 9.30 6.64 10.24
CA ASN B 9 9.78 8.00 10.12
C ASN B 9 10.04 8.32 8.64
N GLN B 10 9.91 7.30 7.82
CA GLN B 10 10.12 7.45 6.39
C GLN B 10 9.05 8.36 5.79
N CYS B 11 7.84 8.21 6.30
CA CYS B 11 6.72 9.01 5.82
C CYS B 11 6.95 10.46 6.26
N ALA B 12 8.01 10.65 7.03
CA ALA B 12 8.35 11.98 7.52
C ALA B 12 9.61 12.47 6.82
N VAL B 13 9.95 11.78 5.73
CA VAL B 13 11.12 12.14 4.96
C VAL B 13 11.20 13.66 4.83
N PRO B 14 12.38 14.15 4.35
CA PRO B 14 12.60 15.57 4.18
C PRO B 14 11.86 16.08 2.93
N ALA B 15 10.80 15.38 2.59
CA ALA B 15 10.00 15.74 1.43
C ALA B 15 10.92 15.92 0.22
N LYS B 16 11.43 14.80 -0.26
CA LYS B 16 12.32 14.80 -1.41
C LYS B 16 12.97 13.43 -1.56
N ASP B 17 12.15 12.41 -1.34
CA ASP B 17 12.63 11.03 -1.45
C ASP B 17 11.43 10.09 -1.54
N ARG B 18 10.28 10.68 -1.83
CA ARG B 18 9.05 9.90 -1.94
C ARG B 18 8.83 9.48 -3.40
N VAL B 19 7.85 8.60 -3.58
CA VAL B 19 7.53 8.11 -4.91
C VAL B 19 6.42 8.98 -5.52
N ASP B 20 6.19 10.12 -4.88
CA ASP B 20 5.17 11.05 -5.33
C ASP B 20 4.00 10.26 -5.92
N CYS B 21 3.16 9.77 -5.02
CA CYS B 21 1.99 9.00 -5.43
C CYS B 21 1.29 9.76 -6.55
N GLY B 22 1.27 11.08 -6.43
CA GLY B 22 0.64 11.92 -7.42
C GLY B 22 -0.62 11.26 -7.99
N TYR B 23 -1.57 11.00 -7.10
CA TYR B 23 -2.81 10.36 -7.50
C TYR B 23 -3.88 11.41 -7.81
N PRO B 24 -4.89 10.98 -8.62
CA PRO B 24 -5.97 11.87 -9.00
C PRO B 24 -6.95 12.06 -7.84
N HIS B 25 -6.80 11.22 -6.83
CA HIS B 25 -7.65 11.30 -5.66
C HIS B 25 -6.82 11.68 -4.44
N VAL B 26 -5.54 11.96 -4.69
CA VAL B 26 -4.64 12.32 -3.62
C VAL B 26 -5.37 13.21 -2.61
N THR B 27 -5.49 12.69 -1.40
CA THR B 27 -6.18 13.42 -0.34
C THR B 27 -5.87 12.79 1.03
N PRO B 28 -6.12 13.59 2.09
CA PRO B 28 -5.87 13.13 3.45
C PRO B 28 -6.96 12.14 3.90
N LYS B 29 -7.20 11.16 3.04
CA LYS B 29 -8.21 10.15 3.33
C LYS B 29 -8.25 9.14 2.19
N GLU B 30 -7.82 9.59 1.02
CA GLU B 30 -7.81 8.74 -0.16
C GLU B 30 -6.44 8.06 -0.31
N CYS B 31 -5.41 8.85 -0.13
CA CYS B 31 -4.05 8.34 -0.24
C CYS B 31 -3.90 7.15 0.70
N ASN B 32 -4.17 7.41 1.97
CA ASN B 32 -4.08 6.37 2.98
C ASN B 32 -5.06 5.25 2.64
N ASN B 33 -5.95 5.54 1.71
CA ASN B 33 -6.94 4.57 1.29
C ASN B 33 -6.37 3.72 0.15
N ARG B 34 -5.58 4.37 -0.69
CA ARG B 34 -4.96 3.70 -1.82
C ARG B 34 -3.69 2.98 -1.37
N GLY B 35 -3.10 3.49 -0.30
CA GLY B 35 -1.89 2.90 0.23
C GLY B 35 -0.72 3.90 0.17
N CYS B 36 -1.08 5.19 0.15
CA CYS B 36 -0.09 6.24 0.09
C CYS B 36 -0.13 7.01 1.41
N CYS B 37 0.85 7.88 1.58
CA CYS B 37 0.95 8.68 2.79
C CYS B 37 0.77 10.16 2.40
N PHE B 38 -0.18 10.80 3.06
CA PHE B 38 -0.45 12.20 2.80
C PHE B 38 0.35 13.09 3.74
N ASP B 39 1.19 13.93 3.14
CA ASP B 39 2.01 14.84 3.91
C ASP B 39 1.23 16.14 4.15
N SER B 40 1.28 17.02 3.16
CA SER B 40 0.60 18.30 3.25
C SER B 40 1.51 19.33 3.91
N ARG B 41 2.55 18.83 4.56
CA ARG B 41 3.50 19.70 5.23
C ARG B 41 4.18 20.62 4.23
N ILE B 42 4.56 20.04 3.10
CA ILE B 42 5.23 20.80 2.05
C ILE B 42 4.42 20.69 0.76
N PRO B 43 3.80 21.83 0.37
CA PRO B 43 3.00 21.86 -0.84
C PRO B 43 3.88 21.88 -2.09
N GLY B 44 5.19 21.94 -1.84
CA GLY B 44 6.15 21.97 -2.93
C GLY B 44 6.62 20.55 -3.28
N VAL B 45 6.20 19.61 -2.45
CA VAL B 45 6.57 18.21 -2.67
C VAL B 45 5.30 17.37 -2.80
N PRO B 46 5.52 16.04 -2.91
CA PRO B 46 4.40 15.12 -3.04
C PRO B 46 3.67 14.93 -1.71
N TRP B 47 2.41 15.31 -1.69
CA TRP B 47 1.61 15.20 -0.49
C TRP B 47 0.89 13.84 -0.53
N CYS B 48 1.54 12.90 -1.18
CA CYS B 48 0.99 11.56 -1.29
C CYS B 48 2.05 10.64 -1.91
N PHE B 49 2.47 9.67 -1.13
CA PHE B 49 3.48 8.72 -1.58
C PHE B 49 3.34 7.38 -0.86
N LYS B 50 4.38 6.56 -1.00
CA LYS B 50 4.38 5.25 -0.36
C LYS B 50 5.59 5.14 0.57
N PRO B 51 5.52 5.93 1.68
CA PRO B 51 6.60 5.93 2.66
C PRO B 51 6.57 4.66 3.50
N LEU B 52 6.12 4.82 4.74
CA LEU B 52 6.04 3.70 5.65
C LEU B 52 4.66 3.03 5.54
N GLN B 53 4.19 2.95 4.31
CA GLN B 53 2.88 2.36 4.04
C GLN B 53 2.78 0.99 4.73
N GLU B 54 3.94 0.44 5.06
CA GLU B 54 4.00 -0.85 5.72
C GLU B 54 2.92 -0.93 6.81
N ALA B 55 2.50 0.24 7.29
CA ALA B 55 1.49 0.31 8.32
C ALA B 55 0.51 -0.86 8.15
N GLU B 56 -0.23 -0.81 7.04
CA GLU B 56 -1.20 -1.85 6.75
C GLU B 56 -1.15 -2.21 5.26
N CYS B 57 -0.08 -1.78 4.62
CA CYS B 57 0.11 -2.06 3.20
C CYS B 57 0.90 -3.36 3.06
N THR B 58 2.09 -3.35 3.65
CA THR B 58 2.96 -4.51 3.60
C THR B 58 2.34 -5.68 4.37
N PHE B 59 1.53 -5.33 5.36
CA PHE B 59 0.87 -6.33 6.19
C PHE B 59 0.52 -7.57 5.36
N GLU A 1 7.22 -13.89 14.63
CA GLU A 1 6.58 -13.70 13.35
C GLU A 1 7.40 -12.77 12.47
N GLU A 2 8.25 -13.38 11.65
CA GLU A 2 9.11 -12.61 10.76
C GLU A 2 8.33 -12.18 9.52
N TYR A 3 9.00 -12.26 8.38
CA TYR A 3 8.39 -11.88 7.12
C TYR A 3 7.75 -13.10 6.44
N VAL A 4 6.58 -13.47 6.94
CA VAL A 4 5.85 -14.60 6.39
C VAL A 4 4.39 -14.22 6.18
N GLY A 5 3.74 -13.83 7.28
CA GLY A 5 2.35 -13.44 7.22
C GLY A 5 2.17 -12.16 6.40
N LEU A 6 3.29 -11.63 5.95
CA LEU A 6 3.28 -10.41 5.15
C LEU A 6 4.36 -10.50 4.07
N SER A 7 4.83 -11.72 3.85
CA SER A 7 5.85 -11.96 2.85
C SER A 7 5.27 -12.73 1.67
N ALA A 8 5.29 -12.09 0.51
CA ALA A 8 4.77 -12.71 -0.70
C ALA A 8 3.65 -13.69 -0.32
N ASN A 9 4.07 -14.87 0.13
CA ASN A 9 3.12 -15.89 0.53
C ASN A 9 1.93 -15.23 1.22
N GLN A 10 2.18 -14.06 1.78
CA GLN A 10 1.13 -13.32 2.46
C GLN A 10 -0.09 -13.14 1.55
N CYS A 11 0.20 -12.72 0.33
CA CYS A 11 -0.86 -12.50 -0.65
C CYS A 11 -1.57 -13.83 -0.90
N ALA A 12 -0.99 -14.88 -0.35
CA ALA A 12 -1.55 -16.22 -0.50
C ALA A 12 -2.41 -16.54 0.72
N VAL A 13 -2.75 -15.50 1.46
CA VAL A 13 -3.57 -15.66 2.66
C VAL A 13 -4.62 -16.73 2.40
N PRO A 14 -5.15 -17.30 3.51
CA PRO A 14 -6.17 -18.33 3.43
C PRO A 14 -7.53 -17.74 3.05
N ALA A 15 -7.47 -16.66 2.28
CA ALA A 15 -8.68 -15.98 1.84
C ALA A 15 -9.59 -15.73 3.04
N LYS A 16 -9.12 -14.86 3.92
CA LYS A 16 -9.86 -14.52 5.12
C LYS A 16 -8.93 -13.84 6.13
N ASP A 17 -8.09 -12.96 5.61
CA ASP A 17 -7.14 -12.25 6.45
C ASP A 17 -6.65 -11.00 5.71
N ARG A 18 -7.35 -10.67 4.63
CA ARG A 18 -6.98 -9.52 3.82
C ARG A 18 -7.72 -8.28 4.31
N VAL A 19 -7.37 -7.15 3.72
CA VAL A 19 -8.00 -5.89 4.08
C VAL A 19 -9.03 -5.50 3.03
N ASP A 20 -9.41 -6.51 2.24
CA ASP A 20 -10.39 -6.29 1.19
C ASP A 20 -10.22 -4.88 0.61
N CYS A 21 -9.31 -4.78 -0.35
CA CYS A 21 -9.04 -3.51 -0.99
C CYS A 21 -10.38 -2.86 -1.35
N GLY A 22 -11.30 -3.70 -1.80
CA GLY A 22 -12.62 -3.22 -2.18
C GLY A 22 -12.52 -1.90 -2.96
N TYR A 23 -11.84 -1.98 -4.09
CA TYR A 23 -11.67 -0.80 -4.94
C TYR A 23 -12.78 -0.70 -5.98
N PRO A 24 -13.05 0.55 -6.41
CA PRO A 24 -14.08 0.79 -7.41
C PRO A 24 -13.62 0.38 -8.80
N HIS A 25 -12.35 -0.03 -8.87
CA HIS A 25 -11.77 -0.45 -10.12
C HIS A 25 -10.91 -1.70 -9.90
N VAL A 26 -11.49 -2.65 -9.18
CA VAL A 26 -10.78 -3.89 -8.88
C VAL A 26 -10.74 -4.75 -10.15
N THR A 27 -9.54 -5.18 -10.48
CA THR A 27 -9.34 -6.01 -11.66
C THR A 27 -7.97 -6.71 -11.59
N PRO A 28 -7.88 -7.86 -12.31
CA PRO A 28 -6.65 -8.62 -12.35
C PRO A 28 -5.61 -7.94 -13.25
N LYS A 29 -5.37 -6.67 -12.96
CA LYS A 29 -4.41 -5.90 -13.73
C LYS A 29 -4.39 -4.46 -13.23
N GLU A 30 -5.50 -4.08 -12.59
CA GLU A 30 -5.62 -2.73 -12.05
C GLU A 30 -5.24 -2.71 -10.57
N CYS A 31 -5.79 -3.68 -9.84
CA CYS A 31 -5.52 -3.78 -8.41
C CYS A 31 -3.99 -3.85 -8.22
N ASN A 32 -3.39 -4.80 -8.92
CA ASN A 32 -1.95 -4.99 -8.82
C ASN A 32 -1.24 -3.74 -9.38
N ASN A 33 -2.05 -2.85 -9.94
CA ASN A 33 -1.52 -1.61 -10.50
C ASN A 33 -1.75 -0.47 -9.51
N ARG A 34 -2.81 -0.60 -8.74
CA ARG A 34 -3.16 0.42 -7.76
C ARG A 34 -2.34 0.21 -6.47
N GLY A 35 -1.97 -1.04 -6.24
CA GLY A 35 -1.20 -1.38 -5.06
C GLY A 35 -1.91 -2.45 -4.22
N CYS A 36 -2.72 -3.25 -4.91
CA CYS A 36 -3.46 -4.30 -4.24
C CYS A 36 -3.04 -5.64 -4.85
N CYS A 37 -3.67 -6.70 -4.36
CA CYS A 37 -3.37 -8.04 -4.85
C CYS A 37 -4.67 -8.71 -5.26
N PHE A 38 -4.73 -9.10 -6.53
CA PHE A 38 -5.92 -9.74 -7.06
C PHE A 38 -5.85 -11.26 -6.86
N ASP A 39 -6.86 -11.78 -6.19
CA ASP A 39 -6.94 -13.21 -5.92
C ASP A 39 -7.71 -13.90 -7.05
N SER A 40 -9.03 -13.82 -6.95
CA SER A 40 -9.88 -14.43 -7.95
C SER A 40 -10.11 -15.90 -7.62
N ARG A 41 -9.30 -16.41 -6.70
CA ARG A 41 -9.41 -17.80 -6.28
C ARG A 41 -10.74 -18.03 -5.57
N ILE A 42 -11.10 -17.09 -4.71
CA ILE A 42 -12.34 -17.19 -3.96
C ILE A 42 -13.19 -15.95 -4.25
N PRO A 43 -14.33 -16.20 -4.96
CA PRO A 43 -15.24 -15.13 -5.32
C PRO A 43 -16.06 -14.68 -4.10
N GLY A 44 -15.86 -15.40 -2.99
CA GLY A 44 -16.57 -15.09 -1.77
C GLY A 44 -15.71 -14.21 -0.85
N VAL A 45 -14.49 -13.98 -1.28
CA VAL A 45 -13.57 -13.16 -0.51
C VAL A 45 -13.13 -11.96 -1.35
N PRO A 46 -12.20 -11.15 -0.76
CA PRO A 46 -11.70 -9.98 -1.44
C PRO A 46 -10.69 -10.38 -2.54
N TRP A 47 -11.06 -10.10 -3.78
CA TRP A 47 -10.21 -10.42 -4.91
C TRP A 47 -9.33 -9.20 -5.19
N CYS A 48 -9.05 -8.46 -4.13
CA CYS A 48 -8.21 -7.27 -4.25
C CYS A 48 -7.92 -6.75 -2.84
N PHE A 49 -6.68 -6.95 -2.42
CA PHE A 49 -6.25 -6.51 -1.10
C PHE A 49 -4.84 -5.94 -1.14
N LYS A 50 -4.28 -5.74 0.04
CA LYS A 50 -2.93 -5.20 0.15
C LYS A 50 -2.06 -6.17 0.96
N PRO A 51 -1.81 -7.36 0.35
CA PRO A 51 -1.00 -8.37 1.00
C PRO A 51 0.49 -7.99 0.97
N LEU A 52 1.21 -8.61 0.03
CA LEU A 52 2.62 -8.34 -0.12
C LEU A 52 2.82 -7.15 -1.04
N GLN A 53 1.91 -6.19 -0.94
CA GLN A 53 1.98 -5.00 -1.76
C GLN A 53 3.30 -4.25 -1.51
N GLU A 54 3.89 -4.54 -0.37
CA GLU A 54 5.15 -3.91 0.00
C GLU A 54 6.15 -3.99 -1.17
N ALA A 55 5.89 -4.93 -2.05
CA ALA A 55 6.75 -5.13 -3.21
C ALA A 55 7.07 -3.77 -3.83
N GLU A 56 6.03 -3.12 -4.33
CA GLU A 56 6.20 -1.80 -4.95
C GLU A 56 5.33 -0.77 -4.22
N CYS A 57 4.91 -1.12 -3.02
CA CYS A 57 4.08 -0.24 -2.23
C CYS A 57 4.98 0.49 -1.23
N THR A 58 5.18 -0.17 -0.08
CA THR A 58 6.01 0.41 0.97
C THR A 58 7.30 0.98 0.37
N PHE A 59 7.77 0.32 -0.69
CA PHE A 59 8.99 0.76 -1.35
C PHE A 59 9.12 2.28 -1.32
N GLU B 1 22.73 3.43 4.61
CA GLU B 1 21.78 3.38 5.71
C GLU B 1 21.00 2.07 5.68
N GLU B 2 20.54 1.65 6.85
CA GLU B 2 19.77 0.43 6.96
C GLU B 2 18.28 0.71 6.81
N TYR B 3 17.49 0.07 7.65
CA TYR B 3 16.05 0.25 7.61
C TYR B 3 15.64 1.58 8.24
N VAL B 4 16.08 2.67 7.61
CA VAL B 4 15.76 4.00 8.09
C VAL B 4 14.88 4.71 7.07
N GLY B 5 15.34 4.70 5.83
CA GLY B 5 14.60 5.35 4.76
C GLY B 5 13.35 4.55 4.39
N LEU B 6 13.11 3.51 5.17
CA LEU B 6 11.95 2.65 4.94
C LEU B 6 11.24 2.40 6.28
N SER B 7 11.67 3.14 7.29
CA SER B 7 11.08 3.00 8.61
C SER B 7 9.79 3.82 8.70
N ALA B 8 9.26 3.91 9.91
CA ALA B 8 8.04 4.65 10.14
C ALA B 8 8.34 6.16 10.06
N ASN B 9 9.61 6.47 9.91
CA ASN B 9 10.05 7.85 9.81
C ASN B 9 10.28 8.20 8.34
N GLN B 10 10.20 7.19 7.50
CA GLN B 10 10.40 7.37 6.08
C GLN B 10 9.31 8.28 5.49
N CYS B 11 8.11 8.07 5.98
CA CYS B 11 6.96 8.86 5.52
C CYS B 11 7.21 10.33 5.90
N ALA B 12 8.26 10.53 6.68
CA ALA B 12 8.62 11.87 7.11
C ALA B 12 9.77 12.39 6.24
N VAL B 13 9.95 11.74 5.10
CA VAL B 13 11.01 12.13 4.19
C VAL B 13 11.14 13.66 4.17
N PRO B 14 12.33 14.13 3.70
CA PRO B 14 12.58 15.56 3.62
C PRO B 14 11.83 16.19 2.44
N ALA B 15 10.71 15.58 2.11
CA ALA B 15 9.89 16.07 1.00
C ALA B 15 10.77 16.22 -0.24
N LYS B 16 11.19 15.10 -0.80
CA LYS B 16 12.03 15.10 -1.97
C LYS B 16 12.70 13.74 -2.12
N ASP B 17 11.88 12.70 -2.12
CA ASP B 17 12.38 11.34 -2.25
C ASP B 17 11.22 10.39 -2.51
N ARG B 18 10.05 10.78 -2.03
CA ARG B 18 8.86 9.98 -2.20
C ARG B 18 8.72 9.56 -3.67
N VAL B 19 7.64 8.83 -3.95
CA VAL B 19 7.37 8.37 -5.29
C VAL B 19 6.09 9.02 -5.82
N ASP B 20 5.71 10.11 -5.16
CA ASP B 20 4.51 10.84 -5.54
C ASP B 20 3.46 9.85 -6.03
N CYS B 21 2.64 9.39 -5.10
CA CYS B 21 1.59 8.44 -5.44
C CYS B 21 0.73 9.05 -6.55
N GLY B 22 0.61 10.36 -6.51
CA GLY B 22 -0.17 11.07 -7.52
C GLY B 22 -1.60 10.53 -7.58
N TYR B 23 -2.28 10.58 -6.44
CA TYR B 23 -3.64 10.10 -6.35
C TYR B 23 -4.64 11.23 -6.63
N PRO B 24 -5.71 10.87 -7.39
CA PRO B 24 -6.74 11.83 -7.73
C PRO B 24 -7.64 12.14 -6.54
N HIS B 25 -7.45 11.35 -5.47
CA HIS B 25 -8.23 11.51 -4.27
C HIS B 25 -7.30 11.69 -3.07
N VAL B 26 -6.13 12.27 -3.35
CA VAL B 26 -5.15 12.50 -2.31
C VAL B 26 -5.81 13.20 -1.13
N THR B 27 -5.73 12.55 0.03
CA THR B 27 -6.31 13.10 1.24
C THR B 27 -5.86 12.30 2.46
N PRO B 28 -5.89 12.98 3.64
CA PRO B 28 -5.49 12.35 4.88
C PRO B 28 -6.56 11.37 5.38
N LYS B 29 -6.98 10.50 4.48
CA LYS B 29 -8.00 9.51 4.80
C LYS B 29 -8.19 8.57 3.61
N GLU B 30 -7.82 9.07 2.44
CA GLU B 30 -7.94 8.28 1.22
C GLU B 30 -6.61 7.63 0.86
N CYS B 31 -5.56 8.43 0.95
CA CYS B 31 -4.22 7.95 0.64
C CYS B 31 -3.87 6.85 1.65
N ASN B 32 -3.95 7.21 2.92
CA ASN B 32 -3.65 6.28 3.99
C ASN B 32 -4.64 5.12 3.96
N ASN B 33 -5.63 5.26 3.07
CA ASN B 33 -6.64 4.24 2.93
C ASN B 33 -6.38 3.43 1.66
N ARG B 34 -5.77 4.09 0.69
CA ARG B 34 -5.45 3.44 -0.57
C ARG B 34 -4.10 2.73 -0.48
N GLY B 35 -3.23 3.28 0.36
CA GLY B 35 -1.91 2.72 0.55
C GLY B 35 -0.82 3.77 0.31
N CYS B 36 -1.21 5.02 0.50
CA CYS B 36 -0.29 6.13 0.31
C CYS B 36 -0.20 6.91 1.62
N CYS B 37 0.78 7.80 1.68
CA CYS B 37 0.98 8.62 2.87
C CYS B 37 0.72 10.08 2.50
N PHE B 38 -0.14 10.71 3.28
CA PHE B 38 -0.48 12.11 3.05
C PHE B 38 0.38 13.04 3.92
N ASP B 39 1.10 13.92 3.23
CA ASP B 39 1.97 14.86 3.92
C ASP B 39 1.17 16.11 4.27
N SER B 40 1.08 17.02 3.30
CA SER B 40 0.36 18.25 3.48
C SER B 40 1.30 19.34 4.02
N ARG B 41 2.43 18.89 4.54
CA ARG B 41 3.42 19.80 5.09
C ARG B 41 3.92 20.76 4.00
N ILE B 42 4.36 20.16 2.89
CA ILE B 42 4.87 20.94 1.78
C ILE B 42 3.92 20.79 0.59
N PRO B 43 3.40 21.96 0.12
CA PRO B 43 2.48 21.96 -1.00
C PRO B 43 3.23 21.73 -2.32
N GLY B 44 4.55 21.86 -2.25
CA GLY B 44 5.39 21.67 -3.41
C GLY B 44 5.83 20.21 -3.54
N VAL B 45 5.54 19.44 -2.51
CA VAL B 45 5.89 18.03 -2.50
C VAL B 45 4.62 17.18 -2.65
N PRO B 46 4.83 15.86 -2.84
CA PRO B 46 3.72 14.94 -3.00
C PRO B 46 3.04 14.66 -1.66
N TRP B 47 1.80 15.12 -1.56
CA TRP B 47 1.03 14.93 -0.34
C TRP B 47 0.33 13.57 -0.42
N CYS B 48 0.97 12.67 -1.15
CA CYS B 48 0.42 11.33 -1.32
C CYS B 48 1.49 10.45 -1.98
N PHE B 49 2.13 9.64 -1.15
CA PHE B 49 3.18 8.76 -1.64
C PHE B 49 3.09 7.39 -0.96
N LYS B 50 4.14 6.61 -1.15
CA LYS B 50 4.20 5.27 -0.57
C LYS B 50 5.49 5.12 0.24
N PRO B 51 5.56 5.89 1.36
CA PRO B 51 6.72 5.85 2.22
C PRO B 51 6.76 4.56 3.05
N LEU B 52 6.31 4.68 4.29
CA LEU B 52 6.28 3.54 5.19
C LEU B 52 4.90 2.88 5.13
N GLN B 53 4.35 2.84 3.93
CA GLN B 53 3.04 2.25 3.72
C GLN B 53 2.97 0.86 4.38
N GLU B 54 4.15 0.31 4.63
CA GLU B 54 4.23 -1.00 5.26
C GLU B 54 3.21 -1.11 6.39
N ALA B 55 2.85 0.04 6.93
CA ALA B 55 1.89 0.08 8.02
C ALA B 55 0.79 -0.96 7.77
N GLU B 56 -0.21 -0.54 7.01
CA GLU B 56 -1.32 -1.43 6.69
C GLU B 56 -1.27 -1.83 5.21
N CYS B 57 -0.12 -1.57 4.60
CA CYS B 57 0.06 -1.89 3.19
C CYS B 57 0.68 -3.29 3.10
N THR B 58 1.93 -3.38 3.53
CA THR B 58 2.64 -4.64 3.50
C THR B 58 1.78 -5.75 4.10
N PHE B 59 0.82 -5.34 4.93
CA PHE B 59 -0.07 -6.29 5.57
C PHE B 59 -1.19 -6.71 4.62
N GLU A 1 11.04 -14.00 12.08
CA GLU A 1 9.86 -13.25 11.70
C GLU A 1 10.21 -12.23 10.61
N GLU A 2 10.80 -12.72 9.54
CA GLU A 2 11.20 -11.86 8.43
C GLU A 2 10.07 -11.77 7.40
N TYR A 3 10.46 -11.76 6.14
CA TYR A 3 9.49 -11.66 5.06
C TYR A 3 8.77 -12.99 4.87
N VAL A 4 7.87 -13.29 5.81
CA VAL A 4 7.10 -14.51 5.76
C VAL A 4 5.61 -14.18 5.85
N GLY A 5 5.24 -13.62 6.99
CA GLY A 5 3.85 -13.27 7.22
C GLY A 5 3.42 -12.11 6.31
N LEU A 6 4.36 -11.71 5.45
CA LEU A 6 4.10 -10.62 4.52
C LEU A 6 4.95 -10.81 3.27
N SER A 7 5.35 -12.06 3.05
CA SER A 7 6.16 -12.39 1.88
C SER A 7 5.31 -12.34 0.62
N ALA A 8 5.97 -12.58 -0.51
CA ALA A 8 5.30 -12.57 -1.78
C ALA A 8 4.29 -13.73 -1.84
N ASN A 9 4.43 -14.64 -0.88
CA ASN A 9 3.54 -15.78 -0.80
C ASN A 9 2.34 -15.44 0.07
N GLN A 10 2.42 -14.28 0.69
CA GLN A 10 1.34 -13.82 1.56
C GLN A 10 0.08 -13.56 0.75
N CYS A 11 0.29 -13.01 -0.45
CA CYS A 11 -0.83 -12.71 -1.33
C CYS A 11 -1.52 -14.02 -1.70
N ALA A 12 -0.89 -15.11 -1.30
CA ALA A 12 -1.44 -16.44 -1.58
C ALA A 12 -2.19 -16.94 -0.35
N VAL A 13 -2.43 -16.03 0.58
CA VAL A 13 -3.13 -16.37 1.81
C VAL A 13 -4.23 -17.39 1.49
N PRO A 14 -4.65 -18.12 2.56
CA PRO A 14 -5.69 -19.12 2.43
C PRO A 14 -7.07 -18.48 2.27
N ALA A 15 -7.07 -17.29 1.67
CA ALA A 15 -8.30 -16.56 1.47
C ALA A 15 -9.06 -16.47 2.79
N LYS A 16 -8.50 -15.70 3.71
CA LYS A 16 -9.12 -15.53 5.01
C LYS A 16 -8.09 -14.96 5.99
N ASP A 17 -7.32 -14.00 5.49
CA ASP A 17 -6.29 -13.36 6.31
C ASP A 17 -5.89 -12.03 5.66
N ARG A 18 -6.69 -11.62 4.69
CA ARG A 18 -6.43 -10.37 3.99
C ARG A 18 -7.15 -9.21 4.67
N VAL A 19 -6.81 -8.00 4.26
CA VAL A 19 -7.42 -6.81 4.81
C VAL A 19 -8.53 -6.33 3.89
N ASP A 20 -9.04 -7.26 3.09
CA ASP A 20 -10.10 -6.94 2.16
C ASP A 20 -10.03 -5.46 1.78
N CYS A 21 -9.20 -5.18 0.78
CA CYS A 21 -9.03 -3.81 0.31
C CYS A 21 -10.41 -3.19 0.12
N GLY A 22 -11.34 -4.02 -0.35
CA GLY A 22 -12.70 -3.57 -0.59
C GLY A 22 -12.72 -2.32 -1.47
N TYR A 23 -12.17 -2.47 -2.66
CA TYR A 23 -12.11 -1.37 -3.61
C TYR A 23 -13.35 -1.36 -4.51
N PRO A 24 -13.85 -0.12 -4.79
CA PRO A 24 -15.02 0.05 -5.63
C PRO A 24 -14.67 -0.18 -7.10
N HIS A 25 -13.38 -0.32 -7.36
CA HIS A 25 -12.91 -0.55 -8.71
C HIS A 25 -12.00 -1.78 -8.74
N VAL A 26 -12.32 -2.72 -7.87
CA VAL A 26 -11.55 -3.95 -7.79
C VAL A 26 -11.48 -4.60 -9.16
N THR A 27 -10.26 -4.92 -9.58
CA THR A 27 -10.04 -5.54 -10.87
C THR A 27 -8.61 -6.08 -10.97
N PRO A 28 -8.45 -7.15 -11.80
CA PRO A 28 -7.16 -7.76 -12.00
C PRO A 28 -6.26 -6.90 -12.89
N LYS A 29 -6.07 -5.66 -12.46
CA LYS A 29 -5.25 -4.72 -13.20
C LYS A 29 -5.29 -3.35 -12.51
N GLU A 30 -6.34 -3.15 -11.74
CA GLU A 30 -6.51 -1.90 -11.03
C GLU A 30 -6.05 -2.04 -9.57
N CYS A 31 -6.49 -3.12 -8.95
CA CYS A 31 -6.14 -3.40 -7.57
C CYS A 31 -4.60 -3.41 -7.46
N ASN A 32 -3.99 -4.19 -8.33
CA ASN A 32 -2.54 -4.31 -8.34
C ASN A 32 -1.94 -2.97 -8.79
N ASN A 33 -2.82 -2.04 -9.14
CA ASN A 33 -2.39 -0.73 -9.59
C ASN A 33 -2.64 0.29 -8.48
N ARG A 34 -3.64 0.00 -7.66
CA ARG A 34 -3.99 0.87 -6.56
C ARG A 34 -3.10 0.59 -5.35
N GLY A 35 -2.61 -0.64 -5.29
CA GLY A 35 -1.75 -1.05 -4.19
C GLY A 35 -2.35 -2.24 -3.45
N CYS A 36 -3.17 -3.00 -4.15
CA CYS A 36 -3.82 -4.16 -3.57
C CYS A 36 -3.42 -5.39 -4.39
N CYS A 37 -3.96 -6.53 -3.99
CA CYS A 37 -3.67 -7.78 -4.67
C CYS A 37 -5.00 -8.43 -5.07
N PHE A 38 -5.12 -8.72 -6.36
CA PHE A 38 -6.34 -9.34 -6.86
C PHE A 38 -6.26 -10.86 -6.75
N ASP A 39 -7.22 -11.42 -6.04
CA ASP A 39 -7.28 -12.86 -5.86
C ASP A 39 -8.02 -13.49 -7.04
N SER A 40 -9.34 -13.47 -6.95
CA SER A 40 -10.17 -14.04 -8.00
C SER A 40 -10.34 -15.54 -7.78
N ARG A 41 -9.38 -16.11 -7.05
CA ARG A 41 -9.41 -17.54 -6.76
C ARG A 41 -10.66 -17.89 -5.94
N ILE A 42 -10.93 -17.06 -4.95
CA ILE A 42 -12.08 -17.26 -4.09
C ILE A 42 -13.02 -16.05 -4.19
N PRO A 43 -14.20 -16.29 -4.82
CA PRO A 43 -15.17 -15.23 -4.99
C PRO A 43 -15.91 -14.94 -3.68
N GLY A 44 -15.62 -15.78 -2.69
CA GLY A 44 -16.23 -15.63 -1.38
C GLY A 44 -15.34 -14.80 -0.45
N VAL A 45 -14.18 -14.43 -0.96
CA VAL A 45 -13.23 -13.65 -0.19
C VAL A 45 -12.94 -12.33 -0.93
N PRO A 46 -12.04 -11.52 -0.32
CA PRO A 46 -11.66 -10.25 -0.91
C PRO A 46 -10.73 -10.44 -2.11
N TRP A 47 -11.22 -10.02 -3.27
CA TRP A 47 -10.46 -10.14 -4.49
C TRP A 47 -9.62 -8.87 -4.66
N CYS A 48 -9.30 -8.27 -3.53
CA CYS A 48 -8.51 -7.05 -3.54
C CYS A 48 -8.07 -6.74 -2.11
N PHE A 49 -6.79 -7.00 -1.84
CA PHE A 49 -6.25 -6.76 -0.51
C PHE A 49 -4.83 -6.19 -0.61
N LYS A 50 -4.17 -6.13 0.53
CA LYS A 50 -2.82 -5.61 0.60
C LYS A 50 -1.89 -6.67 1.20
N PRO A 51 -1.67 -7.76 0.42
CA PRO A 51 -0.82 -8.84 0.86
C PRO A 51 0.66 -8.45 0.78
N LEU A 52 1.31 -8.92 -0.28
CA LEU A 52 2.72 -8.63 -0.48
C LEU A 52 2.84 -7.32 -1.28
N GLN A 53 1.91 -6.42 -1.03
CA GLN A 53 1.90 -5.14 -1.72
C GLN A 53 3.23 -4.42 -1.49
N GLU A 54 3.92 -4.82 -0.43
CA GLU A 54 5.20 -4.22 -0.09
C GLU A 54 6.06 -4.05 -1.35
N ALA A 55 5.76 -4.88 -2.35
CA ALA A 55 6.49 -4.82 -3.61
C ALA A 55 6.78 -3.36 -3.96
N GLU A 56 5.71 -2.63 -4.22
CA GLU A 56 5.84 -1.22 -4.57
C GLU A 56 4.79 -0.38 -3.81
N CYS A 57 4.37 -0.92 -2.68
CA CYS A 57 3.38 -0.25 -1.86
C CYS A 57 4.08 0.36 -0.65
N THR A 58 4.79 -0.50 0.07
CA THR A 58 5.52 -0.07 1.25
C THR A 58 6.70 0.83 0.85
N PHE A 59 7.33 0.46 -0.26
CA PHE A 59 8.47 1.23 -0.74
C PHE A 59 8.29 2.71 -0.47
N GLU B 1 20.94 -2.52 9.45
CA GLU B 1 19.51 -2.26 9.65
C GLU B 1 19.17 -0.83 9.24
N GLU B 2 19.16 -0.60 7.94
CA GLU B 2 18.86 0.72 7.41
C GLU B 2 17.34 0.92 7.35
N TYR B 3 16.73 0.99 8.52
CA TYR B 3 15.29 1.17 8.62
C TYR B 3 14.93 2.66 8.61
N VAL B 4 15.01 3.25 7.42
CA VAL B 4 14.70 4.66 7.26
C VAL B 4 13.64 4.81 6.15
N GLY B 5 14.02 4.36 4.97
CA GLY B 5 13.13 4.44 3.82
C GLY B 5 11.93 3.50 3.97
N LEU B 6 11.85 2.91 5.16
CA LEU B 6 10.76 1.98 5.45
C LEU B 6 10.45 2.03 6.94
N SER B 7 10.68 3.19 7.53
CA SER B 7 10.43 3.39 8.94
C SER B 7 9.13 4.16 9.15
N ALA B 8 8.73 4.27 10.41
CA ALA B 8 7.51 4.98 10.74
C ALA B 8 7.74 6.48 10.59
N ASN B 9 8.98 6.82 10.26
CA ASN B 9 9.35 8.22 10.08
C ASN B 9 9.40 8.54 8.58
N GLN B 10 9.15 7.51 7.78
CA GLN B 10 9.16 7.66 6.34
C GLN B 10 8.02 8.56 5.90
N CYS B 11 6.89 8.43 6.60
CA CYS B 11 5.72 9.23 6.29
C CYS B 11 6.02 10.69 6.63
N ALA B 12 7.14 10.88 7.31
CA ALA B 12 7.55 12.22 7.71
C ALA B 12 8.90 12.54 7.06
N VAL B 13 9.19 11.83 5.98
CA VAL B 13 10.44 12.04 5.26
C VAL B 13 10.69 13.54 5.12
N PRO B 14 11.95 13.87 4.71
CA PRO B 14 12.34 15.26 4.54
C PRO B 14 11.73 15.84 3.26
N ALA B 15 10.61 15.26 2.85
CA ALA B 15 9.92 15.71 1.66
C ALA B 15 10.94 15.86 0.52
N LYS B 16 11.44 14.72 0.07
CA LYS B 16 12.43 14.71 -1.01
C LYS B 16 13.10 13.34 -1.07
N ASP B 17 12.28 12.32 -0.92
CA ASP B 17 12.79 10.95 -0.95
C ASP B 17 11.62 9.98 -1.17
N ARG B 18 10.49 10.55 -1.54
CA ARG B 18 9.29 9.76 -1.78
C ARG B 18 9.23 9.32 -3.25
N VAL B 19 8.20 8.57 -3.56
CA VAL B 19 8.01 8.08 -4.92
C VAL B 19 6.84 8.81 -5.57
N ASP B 20 6.50 9.96 -4.99
CA ASP B 20 5.41 10.76 -5.50
C ASP B 20 4.34 9.83 -6.09
N CYS B 21 3.47 9.35 -5.21
CA CYS B 21 2.39 8.46 -5.63
C CYS B 21 1.70 9.08 -6.84
N GLY B 22 1.59 10.40 -6.81
CA GLY B 22 0.96 11.12 -7.90
C GLY B 22 -0.40 10.50 -8.25
N TYR B 23 -1.28 10.49 -7.25
CA TYR B 23 -2.61 9.94 -7.44
C TYR B 23 -3.60 11.02 -7.89
N PRO B 24 -4.53 10.61 -8.79
CA PRO B 24 -5.53 11.53 -9.31
C PRO B 24 -6.61 11.79 -8.25
N HIS B 25 -6.48 11.12 -7.12
CA HIS B 25 -7.43 11.28 -6.04
C HIS B 25 -6.69 11.67 -4.75
N VAL B 26 -5.42 11.98 -4.92
CA VAL B 26 -4.60 12.36 -3.78
C VAL B 26 -5.43 13.19 -2.81
N THR B 27 -5.50 12.71 -1.57
CA THR B 27 -6.25 13.39 -0.54
C THR B 27 -5.91 12.81 0.84
N PRO B 28 -6.17 13.65 1.88
CA PRO B 28 -5.90 13.23 3.25
C PRO B 28 -6.95 12.22 3.74
N LYS B 29 -7.20 11.23 2.90
CA LYS B 29 -8.17 10.19 3.23
C LYS B 29 -8.24 9.18 2.08
N GLU B 30 -7.70 9.59 0.94
CA GLU B 30 -7.70 8.73 -0.23
C GLU B 30 -6.33 8.05 -0.39
N CYS B 31 -5.29 8.85 -0.23
CA CYS B 31 -3.94 8.34 -0.35
C CYS B 31 -3.77 7.17 0.62
N ASN B 32 -4.05 7.45 1.88
CA ASN B 32 -3.94 6.43 2.92
C ASN B 32 -4.92 5.30 2.61
N ASN B 33 -5.80 5.56 1.67
CA ASN B 33 -6.79 4.57 1.28
C ASN B 33 -6.25 3.73 0.13
N ARG B 34 -5.45 4.38 -0.71
CA ARG B 34 -4.85 3.70 -1.85
C ARG B 34 -3.57 2.99 -1.44
N GLY B 35 -2.96 3.52 -0.38
CA GLY B 35 -1.72 2.94 0.12
C GLY B 35 -0.58 3.96 0.07
N CYS B 36 -0.97 5.23 0.10
CA CYS B 36 0.02 6.30 0.05
C CYS B 36 -0.15 7.17 1.30
N CYS B 37 0.87 7.95 1.58
CA CYS B 37 0.85 8.83 2.74
C CYS B 37 0.73 10.27 2.25
N PHE B 38 -0.28 10.95 2.78
CA PHE B 38 -0.53 12.34 2.41
C PHE B 38 0.26 13.29 3.31
N ASP B 39 1.12 14.07 2.67
CA ASP B 39 1.94 15.03 3.41
C ASP B 39 1.10 16.28 3.72
N SER B 40 1.04 17.16 2.74
CA SER B 40 0.28 18.39 2.90
C SER B 40 1.14 19.46 3.58
N ARG B 41 2.15 18.99 4.29
CA ARG B 41 3.06 19.88 4.99
C ARG B 41 3.86 20.72 3.99
N ILE B 42 4.29 20.07 2.93
CA ILE B 42 5.07 20.73 1.90
C ILE B 42 4.34 20.60 0.56
N PRO B 43 3.76 21.74 0.10
CA PRO B 43 3.05 21.75 -1.16
C PRO B 43 4.02 21.73 -2.34
N GLY B 44 5.30 21.81 -2.02
CA GLY B 44 6.33 21.80 -3.04
C GLY B 44 6.79 20.37 -3.33
N VAL B 45 6.29 19.44 -2.53
CA VAL B 45 6.65 18.04 -2.70
C VAL B 45 5.37 17.23 -2.93
N PRO B 46 5.56 15.89 -3.01
CA PRO B 46 4.44 14.99 -3.23
C PRO B 46 3.60 14.83 -1.96
N TRP B 47 2.33 15.18 -2.08
CA TRP B 47 1.41 15.09 -0.95
C TRP B 47 0.72 13.72 -1.01
N CYS B 48 1.42 12.77 -1.62
CA CYS B 48 0.90 11.43 -1.75
C CYS B 48 2.03 10.51 -2.24
N PHE B 49 2.53 9.71 -1.31
CA PHE B 49 3.60 8.79 -1.63
C PHE B 49 3.46 7.48 -0.86
N LYS B 50 4.49 6.65 -0.94
CA LYS B 50 4.48 5.37 -0.26
C LYS B 50 5.68 5.31 0.69
N PRO B 51 5.61 6.13 1.76
CA PRO B 51 6.69 6.17 2.75
C PRO B 51 6.64 4.94 3.65
N LEU B 52 5.96 5.10 4.78
CA LEU B 52 5.85 4.01 5.74
C LEU B 52 4.49 3.32 5.55
N GLN B 53 4.09 3.20 4.29
CA GLN B 53 2.81 2.58 3.97
C GLN B 53 2.71 1.21 4.65
N GLU B 54 3.87 0.67 5.00
CA GLU B 54 3.92 -0.62 5.67
C GLU B 54 2.77 -0.76 6.67
N ALA B 55 2.33 0.38 7.16
CA ALA B 55 1.24 0.42 8.12
C ALA B 55 0.30 -0.76 7.86
N GLU B 56 -0.33 -0.71 6.70
CA GLU B 56 -1.26 -1.76 6.32
C GLU B 56 -1.13 -2.08 4.83
N CYS B 57 -0.04 -1.59 4.25
CA CYS B 57 0.22 -1.80 2.83
C CYS B 57 1.04 -3.08 2.69
N THR B 58 2.16 -3.12 3.40
CA THR B 58 3.04 -4.26 3.36
C THR B 58 2.32 -5.51 3.88
N PHE B 59 1.59 -5.32 4.97
CA PHE B 59 0.84 -6.42 5.57
C PHE B 59 -0.23 -6.94 4.61
N GLU A 1 8.84 -14.84 12.46
CA GLU A 1 9.79 -13.76 12.60
C GLU A 1 10.22 -13.25 11.22
N GLU A 2 10.19 -14.15 10.25
CA GLU A 2 10.57 -13.81 8.89
C GLU A 2 9.34 -13.37 8.10
N TYR A 3 9.05 -12.08 8.18
CA TYR A 3 7.91 -11.52 7.48
C TYR A 3 7.70 -12.23 6.13
N VAL A 4 6.91 -13.29 6.18
CA VAL A 4 6.62 -14.06 4.98
C VAL A 4 5.19 -13.76 4.53
N GLY A 5 4.29 -13.77 5.49
CA GLY A 5 2.89 -13.50 5.20
C GLY A 5 2.66 -12.02 4.91
N LEU A 6 3.77 -11.29 4.83
CA LEU A 6 3.71 -9.86 4.55
C LEU A 6 4.51 -9.55 3.29
N SER A 7 5.26 -10.56 2.84
CA SER A 7 6.07 -10.41 1.65
C SER A 7 5.48 -11.24 0.51
N ALA A 8 6.35 -11.57 -0.43
CA ALA A 8 5.94 -12.37 -1.58
C ALA A 8 5.30 -13.66 -1.09
N ASN A 9 4.27 -14.09 -1.82
CA ASN A 9 3.57 -15.31 -1.46
C ASN A 9 2.31 -14.97 -0.68
N GLN A 10 2.43 -13.93 0.14
CA GLN A 10 1.31 -13.49 0.96
C GLN A 10 0.10 -13.17 0.07
N CYS A 11 0.40 -12.64 -1.11
CA CYS A 11 -0.64 -12.28 -2.05
C CYS A 11 -1.49 -13.53 -2.33
N ALA A 12 -0.95 -14.67 -1.93
CA ALA A 12 -1.64 -15.93 -2.12
C ALA A 12 -2.14 -16.45 -0.77
N VAL A 13 -2.40 -15.51 0.13
CA VAL A 13 -2.88 -15.86 1.46
C VAL A 13 -3.96 -16.95 1.34
N PRO A 14 -4.31 -17.54 2.51
CA PRO A 14 -5.31 -18.59 2.54
C PRO A 14 -6.71 -18.00 2.38
N ALA A 15 -6.77 -16.85 1.72
CA ALA A 15 -8.04 -16.18 1.50
C ALA A 15 -8.83 -16.12 2.81
N LYS A 16 -8.32 -15.33 3.73
CA LYS A 16 -8.96 -15.18 5.03
C LYS A 16 -7.98 -14.55 6.01
N ASP A 17 -7.27 -13.54 5.52
CA ASP A 17 -6.29 -12.85 6.35
C ASP A 17 -5.94 -11.52 5.69
N ARG A 18 -6.77 -11.13 4.73
CA ARG A 18 -6.55 -9.88 4.03
C ARG A 18 -7.29 -8.74 4.72
N VAL A 19 -7.02 -7.52 4.25
CA VAL A 19 -7.65 -6.34 4.83
C VAL A 19 -8.79 -5.88 3.90
N ASP A 20 -9.22 -6.80 3.05
CA ASP A 20 -10.29 -6.50 2.11
C ASP A 20 -10.22 -5.02 1.72
N CYS A 21 -9.42 -4.74 0.71
CA CYS A 21 -9.25 -3.38 0.23
C CYS A 21 -10.64 -2.78 0.01
N GLY A 22 -11.55 -3.63 -0.44
CA GLY A 22 -12.92 -3.19 -0.69
C GLY A 22 -12.95 -1.97 -1.61
N TYR A 23 -12.37 -2.15 -2.79
CA TYR A 23 -12.32 -1.07 -3.77
C TYR A 23 -13.54 -1.11 -4.69
N PRO A 24 -14.07 0.10 -5.01
CA PRO A 24 -15.22 0.21 -5.88
C PRO A 24 -14.84 -0.03 -7.34
N HIS A 25 -13.55 -0.27 -7.55
CA HIS A 25 -13.04 -0.52 -8.89
C HIS A 25 -12.25 -1.83 -8.90
N VAL A 26 -12.39 -2.57 -7.80
CA VAL A 26 -11.70 -3.85 -7.68
C VAL A 26 -11.67 -4.56 -9.03
N THR A 27 -10.47 -4.89 -9.47
CA THR A 27 -10.30 -5.57 -10.74
C THR A 27 -8.89 -6.18 -10.84
N PRO A 28 -8.78 -7.22 -11.71
CA PRO A 28 -7.51 -7.89 -11.89
C PRO A 28 -6.56 -7.04 -12.74
N LYS A 29 -6.41 -5.79 -12.33
CA LYS A 29 -5.54 -4.87 -13.03
C LYS A 29 -5.65 -3.48 -12.40
N GLU A 30 -6.74 -3.29 -11.67
CA GLU A 30 -6.97 -2.02 -11.00
C GLU A 30 -6.45 -2.07 -9.57
N CYS A 31 -6.77 -3.15 -8.89
CA CYS A 31 -6.33 -3.33 -7.51
C CYS A 31 -4.81 -3.19 -7.47
N ASN A 32 -4.14 -4.02 -8.26
CA ASN A 32 -2.70 -3.99 -8.32
C ASN A 32 -2.23 -2.62 -8.79
N ASN A 33 -3.19 -1.82 -9.23
CA ASN A 33 -2.90 -0.48 -9.71
C ASN A 33 -3.09 0.53 -8.58
N ARG A 34 -4.10 0.25 -7.76
CA ARG A 34 -4.39 1.12 -6.62
C ARG A 34 -3.46 0.81 -5.46
N GLY A 35 -2.93 -0.41 -5.47
CA GLY A 35 -2.03 -0.84 -4.41
C GLY A 35 -2.59 -2.04 -3.66
N CYS A 36 -3.51 -2.73 -4.33
CA CYS A 36 -4.14 -3.90 -3.74
C CYS A 36 -3.88 -5.10 -4.64
N CYS A 37 -3.94 -6.28 -4.04
CA CYS A 37 -3.71 -7.51 -4.78
C CYS A 37 -5.06 -8.13 -5.12
N PHE A 38 -5.26 -8.38 -6.40
CA PHE A 38 -6.50 -8.99 -6.86
C PHE A 38 -6.43 -10.51 -6.82
N ASP A 39 -7.31 -11.09 -6.03
CA ASP A 39 -7.35 -12.54 -5.90
C ASP A 39 -8.08 -13.15 -7.11
N SER A 40 -9.41 -13.16 -7.00
CA SER A 40 -10.22 -13.70 -8.07
C SER A 40 -10.37 -15.21 -7.91
N ARG A 41 -9.41 -15.79 -7.20
CA ARG A 41 -9.43 -17.23 -6.97
C ARG A 41 -10.65 -17.62 -6.12
N ILE A 42 -10.85 -16.84 -5.06
CA ILE A 42 -11.96 -17.09 -4.16
C ILE A 42 -12.93 -15.91 -4.22
N PRO A 43 -14.12 -16.17 -4.83
CA PRO A 43 -15.14 -15.15 -4.97
C PRO A 43 -15.85 -14.90 -3.64
N GLY A 44 -15.49 -15.72 -2.65
CA GLY A 44 -16.07 -15.59 -1.32
C GLY A 44 -15.19 -14.74 -0.41
N VAL A 45 -14.05 -14.34 -0.94
CA VAL A 45 -13.12 -13.52 -0.19
C VAL A 45 -12.91 -12.19 -0.92
N PRO A 46 -12.02 -11.35 -0.33
CA PRO A 46 -11.72 -10.05 -0.91
C PRO A 46 -10.81 -10.19 -2.13
N TRP A 47 -11.35 -9.80 -3.27
CA TRP A 47 -10.60 -9.88 -4.52
C TRP A 47 -9.84 -8.57 -4.69
N CYS A 48 -9.50 -7.95 -3.56
CA CYS A 48 -8.77 -6.71 -3.58
C CYS A 48 -8.32 -6.39 -2.15
N PHE A 49 -7.05 -6.65 -1.89
CA PHE A 49 -6.48 -6.40 -0.58
C PHE A 49 -5.06 -5.85 -0.68
N LYS A 50 -4.40 -5.77 0.46
CA LYS A 50 -3.05 -5.25 0.50
C LYS A 50 -2.13 -6.31 1.14
N PRO A 51 -1.94 -7.42 0.39
CA PRO A 51 -1.09 -8.51 0.86
C PRO A 51 0.39 -8.13 0.75
N LEU A 52 1.02 -8.62 -0.31
CA LEU A 52 2.43 -8.35 -0.52
C LEU A 52 2.57 -7.10 -1.40
N GLN A 53 1.70 -6.13 -1.13
CA GLN A 53 1.72 -4.89 -1.88
C GLN A 53 3.12 -4.25 -1.83
N GLU A 54 3.88 -4.66 -0.82
CA GLU A 54 5.22 -4.14 -0.65
C GLU A 54 5.95 -4.09 -1.99
N ALA A 55 5.48 -4.92 -2.91
CA ALA A 55 6.08 -4.98 -4.24
C ALA A 55 6.40 -3.56 -4.71
N GLU A 56 5.35 -2.79 -4.94
CA GLU A 56 5.51 -1.41 -5.39
C GLU A 56 4.92 -0.45 -4.37
N CYS A 57 4.69 -0.97 -3.17
CA CYS A 57 4.13 -0.17 -2.09
C CYS A 57 5.28 0.30 -1.19
N THR A 58 5.56 -0.52 -0.19
CA THR A 58 6.63 -0.20 0.75
C THR A 58 7.80 0.45 0.02
N PHE A 59 7.99 0.04 -1.22
CA PHE A 59 9.08 0.58 -2.03
C PHE A 59 9.33 2.04 -1.70
N GLU B 1 18.53 -4.78 11.29
CA GLU B 1 17.23 -4.17 11.47
C GLU B 1 17.33 -2.65 11.26
N GLU B 2 17.69 -2.28 10.04
CA GLU B 2 17.81 -0.88 9.70
C GLU B 2 16.49 -0.33 9.18
N TYR B 3 15.56 -0.14 10.11
CA TYR B 3 14.24 0.37 9.76
C TYR B 3 14.24 1.90 9.78
N VAL B 4 14.68 2.47 8.68
CA VAL B 4 14.73 3.92 8.55
C VAL B 4 13.92 4.35 7.32
N GLY B 5 14.35 3.85 6.17
CA GLY B 5 13.67 4.17 4.92
C GLY B 5 12.30 3.49 4.85
N LEU B 6 11.92 2.87 5.95
CA LEU B 6 10.65 2.17 6.03
C LEU B 6 10.08 2.31 7.45
N SER B 7 10.63 3.26 8.18
CA SER B 7 10.20 3.51 9.55
C SER B 7 8.97 4.42 9.55
N ALA B 8 8.35 4.52 10.72
CA ALA B 8 7.16 5.34 10.87
C ALA B 8 7.55 6.81 10.73
N ASN B 9 8.87 7.05 10.66
CA ASN B 9 9.38 8.39 10.53
C ASN B 9 9.63 8.70 9.05
N GLN B 10 9.51 7.66 8.24
CA GLN B 10 9.72 7.81 6.80
C GLN B 10 8.62 8.68 6.20
N CYS B 11 7.43 8.55 6.76
CA CYS B 11 6.29 9.31 6.29
C CYS B 11 6.45 10.77 6.75
N ALA B 12 7.54 11.01 7.46
CA ALA B 12 7.82 12.34 7.96
C ALA B 12 9.08 12.88 7.27
N VAL B 13 9.49 12.18 6.22
CA VAL B 13 10.66 12.58 5.47
C VAL B 13 10.62 14.09 5.22
N PRO B 14 11.78 14.64 4.78
CA PRO B 14 11.88 16.05 4.50
C PRO B 14 11.18 16.41 3.18
N ALA B 15 10.18 15.60 2.85
CA ALA B 15 9.43 15.81 1.62
C ALA B 15 10.39 16.11 0.47
N LYS B 16 11.28 15.16 0.22
CA LYS B 16 12.25 15.31 -0.84
C LYS B 16 13.06 14.02 -0.97
N ASP B 17 12.38 12.90 -0.70
CA ASP B 17 13.02 11.60 -0.79
C ASP B 17 11.95 10.52 -0.91
N ARG B 18 10.76 10.96 -1.28
CA ARG B 18 9.65 10.04 -1.45
C ARG B 18 9.65 9.44 -2.85
N VAL B 19 8.69 8.56 -3.09
CA VAL B 19 8.57 7.92 -4.39
C VAL B 19 7.35 8.45 -5.12
N ASP B 20 6.90 9.62 -4.67
CA ASP B 20 5.74 10.26 -5.27
C ASP B 20 4.78 9.17 -5.79
N CYS B 21 3.86 8.78 -4.92
CA CYS B 21 2.88 7.76 -5.28
C CYS B 21 2.14 8.22 -6.53
N GLY B 22 2.01 9.54 -6.64
CA GLY B 22 1.32 10.12 -7.79
C GLY B 22 -0.05 9.47 -7.99
N TYR B 23 -0.86 9.53 -6.95
CA TYR B 23 -2.19 8.95 -7.00
C TYR B 23 -3.20 9.94 -7.58
N PRO B 24 -4.15 9.40 -8.37
CA PRO B 24 -5.18 10.22 -8.99
C PRO B 24 -6.23 10.66 -7.96
N HIS B 25 -6.20 10.00 -6.81
CA HIS B 25 -7.13 10.31 -5.74
C HIS B 25 -6.36 10.73 -4.48
N VAL B 26 -5.16 11.26 -4.71
CA VAL B 26 -4.32 11.70 -3.61
C VAL B 26 -5.18 12.44 -2.59
N THR B 27 -5.27 11.84 -1.40
CA THR B 27 -6.05 12.43 -0.33
C THR B 27 -5.74 11.73 1.00
N PRO B 28 -5.95 12.49 2.11
CA PRO B 28 -5.71 11.95 3.44
C PRO B 28 -6.81 10.98 3.85
N LYS B 29 -7.10 10.05 2.96
CA LYS B 29 -8.13 9.05 3.22
C LYS B 29 -8.07 7.97 2.14
N GLU B 30 -7.55 8.36 0.98
CA GLU B 30 -7.43 7.45 -0.14
C GLU B 30 -6.02 6.88 -0.21
N CYS B 31 -5.05 7.77 -0.06
CA CYS B 31 -3.65 7.37 -0.11
C CYS B 31 -3.39 6.40 1.04
N ASN B 32 -3.70 6.86 2.24
CA ASN B 32 -3.50 6.05 3.43
C ASN B 32 -4.42 4.83 3.37
N ASN B 33 -5.25 4.81 2.35
CA ASN B 33 -6.19 3.72 2.15
C ASN B 33 -5.67 2.79 1.06
N ARG B 34 -4.94 3.38 0.12
CA ARG B 34 -4.38 2.62 -0.98
C ARG B 34 -3.03 2.02 -0.58
N GLY B 35 -2.34 2.74 0.30
CA GLY B 35 -1.03 2.29 0.76
C GLY B 35 0.02 3.40 0.59
N CYS B 36 -0.47 4.63 0.54
CA CYS B 36 0.41 5.77 0.37
C CYS B 36 0.27 6.66 1.61
N CYS B 37 1.10 7.69 1.65
CA CYS B 37 1.08 8.63 2.77
C CYS B 37 0.84 10.04 2.21
N PHE B 38 -0.20 10.67 2.72
CA PHE B 38 -0.55 12.01 2.29
C PHE B 38 0.15 13.06 3.16
N ASP B 39 0.91 13.92 2.52
CA ASP B 39 1.63 14.98 3.22
C ASP B 39 0.75 16.22 3.28
N SER B 40 0.80 16.99 2.20
CA SER B 40 0.03 18.22 2.12
C SER B 40 0.81 19.39 2.71
N ARG B 41 1.86 19.04 3.45
CA ARG B 41 2.71 20.05 4.08
C ARG B 41 3.41 20.87 3.01
N ILE B 42 3.89 20.19 1.99
CA ILE B 42 4.60 20.86 0.90
C ILE B 42 3.87 20.57 -0.42
N PRO B 43 3.25 21.63 -0.98
CA PRO B 43 2.53 21.50 -2.23
C PRO B 43 3.49 21.40 -3.42
N GLY B 44 4.77 21.56 -3.11
CA GLY B 44 5.80 21.48 -4.13
C GLY B 44 6.38 20.07 -4.22
N VAL B 45 5.94 19.23 -3.30
CA VAL B 45 6.42 17.85 -3.26
C VAL B 45 5.22 16.91 -3.41
N PRO B 46 5.52 15.58 -3.35
CA PRO B 46 4.49 14.57 -3.47
C PRO B 46 3.65 14.48 -2.19
N TRP B 47 2.38 14.80 -2.33
CA TRP B 47 1.47 14.75 -1.20
C TRP B 47 0.86 13.35 -1.14
N CYS B 48 1.62 12.38 -1.64
CA CYS B 48 1.16 11.01 -1.64
C CYS B 48 2.33 10.12 -2.07
N PHE B 49 2.87 9.38 -1.11
CA PHE B 49 3.99 8.49 -1.37
C PHE B 49 3.84 7.19 -0.59
N LYS B 50 4.92 6.42 -0.57
CA LYS B 50 4.93 5.15 0.13
C LYS B 50 6.05 5.15 1.17
N PRO B 51 5.87 6.01 2.21
CA PRO B 51 6.86 6.11 3.26
C PRO B 51 6.79 4.90 4.20
N LEU B 52 6.00 5.05 5.25
CA LEU B 52 5.84 3.98 6.22
C LEU B 52 4.48 3.29 6.00
N GLN B 53 4.02 3.36 4.77
CA GLN B 53 2.74 2.75 4.42
C GLN B 53 2.69 1.30 4.90
N GLU B 54 3.86 0.79 5.26
CA GLU B 54 3.96 -0.58 5.74
C GLU B 54 2.93 -0.83 6.84
N ALA B 55 2.44 0.26 7.42
CA ALA B 55 1.46 0.17 8.47
C ALA B 55 0.54 -1.02 8.22
N GLU B 56 -0.24 -0.92 7.14
CA GLU B 56 -1.16 -1.98 6.77
C GLU B 56 -1.06 -2.26 5.27
N CYS B 57 -0.01 -1.73 4.67
CA CYS B 57 0.20 -1.91 3.23
C CYS B 57 1.16 -3.09 3.05
N THR B 58 2.44 -2.80 3.24
CA THR B 58 3.46 -3.82 3.08
C THR B 58 3.07 -5.09 3.84
N PHE B 59 2.24 -4.90 4.85
CA PHE B 59 1.79 -6.01 5.67
C PHE B 59 1.62 -7.28 4.82
N GLU A 1 8.64 -16.02 9.44
CA GLU A 1 7.54 -15.73 10.35
C GLU A 1 7.20 -14.24 10.32
N GLU A 2 8.25 -13.43 10.31
CA GLU A 2 8.08 -11.99 10.28
C GLU A 2 8.01 -11.49 8.84
N TYR A 3 8.61 -12.26 7.96
CA TYR A 3 8.62 -11.92 6.54
C TYR A 3 7.46 -12.57 5.81
N VAL A 4 6.25 -12.11 6.12
CA VAL A 4 5.06 -12.64 5.50
C VAL A 4 4.20 -11.48 4.99
N GLY A 5 3.95 -10.54 5.89
CA GLY A 5 3.14 -9.37 5.54
C GLY A 5 3.88 -8.48 4.54
N LEU A 6 5.05 -8.93 4.13
CA LEU A 6 5.85 -8.19 3.18
C LEU A 6 6.64 -9.17 2.30
N SER A 7 6.16 -10.40 2.27
CA SER A 7 6.80 -11.43 1.48
C SER A 7 5.97 -11.73 0.23
N ALA A 8 6.67 -11.92 -0.88
CA ALA A 8 6.01 -12.21 -2.14
C ALA A 8 5.35 -13.58 -2.05
N ASN A 9 4.44 -13.71 -1.10
CA ASN A 9 3.73 -14.97 -0.91
C ASN A 9 2.36 -14.68 -0.28
N GLN A 10 2.29 -13.56 0.43
CA GLN A 10 1.06 -13.16 1.08
C GLN A 10 -0.05 -12.99 0.05
N CYS A 11 0.35 -12.57 -1.13
CA CYS A 11 -0.61 -12.37 -2.21
C CYS A 11 -1.26 -13.71 -2.54
N ALA A 12 -0.72 -14.76 -1.94
CA ALA A 12 -1.23 -16.09 -2.15
C ALA A 12 -1.72 -16.67 -0.82
N VAL A 13 -1.99 -15.77 0.11
CA VAL A 13 -2.47 -16.18 1.43
C VAL A 13 -3.51 -17.29 1.28
N PRO A 14 -3.82 -17.94 2.42
CA PRO A 14 -4.80 -19.02 2.43
C PRO A 14 -6.22 -18.46 2.32
N ALA A 15 -6.32 -17.29 1.69
CA ALA A 15 -7.61 -16.65 1.52
C ALA A 15 -8.38 -16.70 2.84
N LYS A 16 -7.88 -15.93 3.80
CA LYS A 16 -8.51 -15.87 5.11
C LYS A 16 -7.57 -15.17 6.09
N ASP A 17 -6.93 -14.12 5.61
CA ASP A 17 -6.00 -13.37 6.43
C ASP A 17 -5.76 -12.00 5.79
N ARG A 18 -6.61 -11.68 4.82
CA ARG A 18 -6.50 -10.41 4.12
C ARG A 18 -7.34 -9.34 4.82
N VAL A 19 -7.18 -8.11 4.35
CA VAL A 19 -7.92 -6.99 4.93
C VAL A 19 -9.04 -6.58 3.98
N ASP A 20 -9.38 -7.51 3.09
CA ASP A 20 -10.45 -7.26 2.13
C ASP A 20 -10.46 -5.77 1.76
N CYS A 21 -9.63 -5.43 0.77
CA CYS A 21 -9.54 -4.06 0.32
C CYS A 21 -10.96 -3.54 0.05
N GLY A 22 -11.79 -4.44 -0.45
CA GLY A 22 -13.17 -4.09 -0.75
C GLY A 22 -13.24 -2.83 -1.62
N TYR A 23 -12.65 -2.94 -2.80
CA TYR A 23 -12.64 -1.82 -3.72
C TYR A 23 -13.85 -1.87 -4.66
N PRO A 24 -14.37 -0.66 -4.99
CA PRO A 24 -15.52 -0.55 -5.86
C PRO A 24 -15.13 -0.80 -7.32
N HIS A 25 -13.82 -0.94 -7.53
CA HIS A 25 -13.30 -1.18 -8.86
C HIS A 25 -12.44 -2.44 -8.85
N VAL A 26 -12.57 -3.20 -7.77
CA VAL A 26 -11.81 -4.43 -7.63
C VAL A 26 -11.72 -5.13 -8.99
N THR A 27 -10.49 -5.40 -9.40
CA THR A 27 -10.25 -6.06 -10.67
C THR A 27 -8.81 -6.59 -10.74
N PRO A 28 -8.63 -7.64 -11.58
CA PRO A 28 -7.32 -8.25 -11.75
C PRO A 28 -6.41 -7.35 -12.60
N LYS A 29 -6.34 -6.09 -12.22
CA LYS A 29 -5.51 -5.13 -12.93
C LYS A 29 -5.66 -3.76 -12.28
N GLU A 30 -6.75 -3.58 -11.56
CA GLU A 30 -7.02 -2.33 -10.88
C GLU A 30 -6.52 -2.38 -9.43
N CYS A 31 -6.83 -3.50 -8.78
CA CYS A 31 -6.43 -3.69 -7.40
C CYS A 31 -4.90 -3.53 -7.32
N ASN A 32 -4.21 -4.33 -8.11
CA ASN A 32 -2.76 -4.29 -8.14
C ASN A 32 -2.30 -2.90 -8.59
N ASN A 33 -3.27 -2.10 -9.03
CA ASN A 33 -2.98 -0.76 -9.49
C ASN A 33 -3.31 0.23 -8.36
N ARG A 34 -4.29 -0.12 -7.56
CA ARG A 34 -4.70 0.72 -6.46
C ARG A 34 -3.81 0.45 -5.23
N GLY A 35 -3.23 -0.72 -5.21
CA GLY A 35 -2.35 -1.11 -4.12
C GLY A 35 -2.87 -2.36 -3.41
N CYS A 36 -3.77 -3.06 -4.10
CA CYS A 36 -4.35 -4.27 -3.57
C CYS A 36 -4.03 -5.42 -4.52
N CYS A 37 -4.07 -6.63 -3.97
CA CYS A 37 -3.78 -7.82 -4.75
C CYS A 37 -5.11 -8.51 -5.07
N PHE A 38 -5.31 -8.76 -6.36
CA PHE A 38 -6.52 -9.41 -6.82
C PHE A 38 -6.35 -10.93 -6.86
N ASP A 39 -7.16 -11.60 -6.05
CA ASP A 39 -7.11 -13.06 -5.99
C ASP A 39 -7.93 -13.64 -7.14
N SER A 40 -9.23 -13.72 -6.93
CA SER A 40 -10.12 -14.26 -7.94
C SER A 40 -10.27 -15.77 -7.77
N ARG A 41 -9.33 -16.33 -7.02
CA ARG A 41 -9.34 -17.76 -6.76
C ARG A 41 -10.64 -18.17 -6.09
N ILE A 42 -10.89 -17.59 -4.92
CA ILE A 42 -12.09 -17.89 -4.17
C ILE A 42 -13.03 -16.69 -4.23
N PRO A 43 -14.29 -16.98 -4.68
CA PRO A 43 -15.30 -15.94 -4.80
C PRO A 43 -15.84 -15.54 -3.43
N GLY A 44 -15.55 -16.38 -2.45
CA GLY A 44 -16.00 -16.14 -1.08
C GLY A 44 -14.96 -15.32 -0.31
N VAL A 45 -13.80 -15.16 -0.91
CA VAL A 45 -12.73 -14.40 -0.29
C VAL A 45 -12.59 -13.05 -1.00
N PRO A 46 -11.77 -12.15 -0.37
CA PRO A 46 -11.55 -10.83 -0.92
C PRO A 46 -10.60 -10.90 -2.12
N TRP A 47 -11.15 -10.58 -3.29
CA TRP A 47 -10.37 -10.60 -4.52
C TRP A 47 -9.69 -9.24 -4.66
N CYS A 48 -9.42 -8.62 -3.52
CA CYS A 48 -8.78 -7.31 -3.51
C CYS A 48 -8.38 -6.98 -2.08
N PHE A 49 -7.10 -7.21 -1.79
CA PHE A 49 -6.59 -6.95 -0.46
C PHE A 49 -5.17 -6.38 -0.53
N LYS A 50 -4.53 -6.28 0.63
CA LYS A 50 -3.18 -5.75 0.71
C LYS A 50 -2.27 -6.82 1.29
N PRO A 51 -2.02 -7.88 0.49
CA PRO A 51 -1.16 -8.97 0.91
C PRO A 51 0.30 -8.56 0.86
N LEU A 52 0.95 -8.93 -0.23
CA LEU A 52 2.36 -8.62 -0.41
C LEU A 52 2.48 -7.31 -1.20
N GLN A 53 1.52 -6.43 -0.97
CA GLN A 53 1.50 -5.15 -1.65
C GLN A 53 2.85 -4.43 -1.47
N GLU A 54 3.55 -4.83 -0.41
CA GLU A 54 4.84 -4.25 -0.11
C GLU A 54 5.63 -4.00 -1.40
N ALA A 55 5.35 -4.82 -2.40
CA ALA A 55 6.02 -4.70 -3.69
C ALA A 55 6.30 -3.22 -3.97
N GLU A 56 5.22 -2.48 -4.18
CA GLU A 56 5.33 -1.06 -4.47
C GLU A 56 4.27 -0.28 -3.70
N CYS A 57 3.84 -0.86 -2.59
CA CYS A 57 2.83 -0.23 -1.76
C CYS A 57 3.52 0.31 -0.51
N THR A 58 4.30 -0.55 0.13
CA THR A 58 5.02 -0.17 1.33
C THR A 58 6.26 0.65 0.98
N PHE A 59 6.93 0.23 -0.10
CA PHE A 59 8.13 0.91 -0.54
C PHE A 59 8.03 2.42 -0.29
N GLU B 1 15.07 -7.64 8.65
CA GLU B 1 15.63 -6.54 7.89
C GLU B 1 15.50 -5.24 8.68
N GLU B 2 16.35 -4.28 8.33
CA GLU B 2 16.35 -2.98 9.00
C GLU B 2 15.28 -2.07 8.38
N TYR B 3 14.03 -2.40 8.65
CA TYR B 3 12.93 -1.61 8.13
C TYR B 3 12.60 -0.43 9.05
N VAL B 4 13.43 0.61 8.94
CA VAL B 4 13.24 1.79 9.76
C VAL B 4 12.96 2.98 8.85
N GLY B 5 13.83 3.17 7.87
CA GLY B 5 13.68 4.27 6.93
C GLY B 5 12.50 4.02 5.98
N LEU B 6 11.84 2.90 6.19
CA LEU B 6 10.70 2.53 5.37
C LEU B 6 9.52 2.14 6.28
N SER B 7 9.70 2.39 7.56
CA SER B 7 8.67 2.08 8.54
C SER B 7 8.00 3.35 9.04
N ALA B 8 7.27 3.23 10.13
CA ALA B 8 6.58 4.36 10.71
C ALA B 8 7.60 5.45 11.06
N ASN B 9 7.91 6.27 10.06
CA ASN B 9 8.85 7.34 10.24
C ASN B 9 9.27 7.89 8.87
N GLN B 10 9.25 7.00 7.89
CA GLN B 10 9.62 7.38 6.54
C GLN B 10 8.61 8.37 5.97
N CYS B 11 7.37 8.22 6.42
CA CYS B 11 6.30 9.09 5.96
C CYS B 11 6.60 10.52 6.44
N ALA B 12 7.64 10.63 7.25
CA ALA B 12 8.05 11.92 7.79
C ALA B 12 9.35 12.36 7.13
N VAL B 13 9.68 11.66 6.04
CA VAL B 13 10.91 11.97 5.31
C VAL B 13 11.08 13.48 5.22
N PRO B 14 12.34 13.90 4.92
CA PRO B 14 12.65 15.32 4.80
C PRO B 14 12.09 15.90 3.50
N ALA B 15 11.00 15.30 3.04
CA ALA B 15 10.36 15.75 1.81
C ALA B 15 11.42 15.84 0.70
N LYS B 16 11.86 14.67 0.26
CA LYS B 16 12.86 14.61 -0.80
C LYS B 16 13.47 13.20 -0.83
N ASP B 17 12.59 12.21 -0.87
CA ASP B 17 13.02 10.83 -0.91
C ASP B 17 11.84 9.94 -1.31
N ARG B 18 10.64 10.43 -1.01
CA ARG B 18 9.44 9.69 -1.33
C ARG B 18 9.48 9.21 -2.78
N VAL B 19 8.43 8.51 -3.18
CA VAL B 19 8.33 7.99 -4.54
C VAL B 19 7.19 8.69 -5.26
N ASP B 20 6.81 9.85 -4.74
CA ASP B 20 5.73 10.62 -5.33
C ASP B 20 4.69 9.67 -5.94
N CYS B 21 3.74 9.30 -5.11
CA CYS B 21 2.67 8.39 -5.54
C CYS B 21 2.04 8.97 -6.80
N GLY B 22 1.99 10.30 -6.85
CA GLY B 22 1.41 10.99 -7.99
C GLY B 22 -0.02 10.52 -8.24
N TYR B 23 -0.84 10.63 -7.20
CA TYR B 23 -2.23 10.22 -7.29
C TYR B 23 -3.11 11.39 -7.74
N PRO B 24 -4.04 11.07 -8.69
CA PRO B 24 -4.95 12.08 -9.21
C PRO B 24 -6.05 12.42 -8.19
N HIS B 25 -6.02 11.68 -7.09
CA HIS B 25 -7.00 11.88 -6.04
C HIS B 25 -6.29 12.14 -4.71
N VAL B 26 -5.04 12.56 -4.83
CA VAL B 26 -4.24 12.85 -3.65
C VAL B 26 -5.09 13.63 -2.64
N THR B 27 -5.18 13.07 -1.44
CA THR B 27 -5.96 13.69 -0.38
C THR B 27 -5.62 13.05 0.96
N PRO B 28 -5.78 13.87 2.05
CA PRO B 28 -5.50 13.39 3.39
C PRO B 28 -6.60 12.45 3.88
N LYS B 29 -6.95 11.49 3.03
CA LYS B 29 -7.98 10.53 3.36
C LYS B 29 -8.12 9.52 2.23
N GLU B 30 -7.69 9.95 1.04
CA GLU B 30 -7.77 9.09 -0.13
C GLU B 30 -6.44 8.34 -0.31
N CYS B 31 -5.35 9.08 -0.16
CA CYS B 31 -4.04 8.49 -0.30
C CYS B 31 -3.87 7.40 0.76
N ASN B 32 -4.00 7.82 2.01
CA ASN B 32 -3.88 6.90 3.13
C ASN B 32 -4.94 5.80 3.00
N ASN B 33 -5.84 6.00 2.05
CA ASN B 33 -6.90 5.04 1.82
C ASN B 33 -6.55 4.18 0.61
N ARG B 34 -5.78 4.77 -0.29
CA ARG B 34 -5.37 4.07 -1.49
C ARG B 34 -4.07 3.31 -1.25
N GLY B 35 -3.30 3.81 -0.29
CA GLY B 35 -2.03 3.19 0.05
C GLY B 35 -0.87 4.18 -0.08
N CYS B 36 -1.23 5.45 -0.02
CA CYS B 36 -0.24 6.52 -0.13
C CYS B 36 -0.29 7.36 1.15
N CYS B 37 0.75 8.16 1.34
CA CYS B 37 0.84 9.01 2.51
C CYS B 37 0.71 10.46 2.05
N PHE B 38 -0.21 11.18 2.69
CA PHE B 38 -0.43 12.57 2.36
C PHE B 38 0.36 13.49 3.29
N ASP B 39 1.22 14.30 2.69
CA ASP B 39 2.04 15.23 3.44
C ASP B 39 1.29 16.54 3.62
N SER B 40 1.36 17.38 2.59
CA SER B 40 0.68 18.66 2.63
C SER B 40 1.60 19.72 3.26
N ARG B 41 2.63 19.23 3.93
CA ARG B 41 3.59 20.12 4.57
C ARG B 41 4.26 21.02 3.53
N ILE B 42 4.80 20.39 2.51
CA ILE B 42 5.48 21.14 1.45
C ILE B 42 4.72 20.93 0.14
N PRO B 43 4.33 22.08 -0.49
CA PRO B 43 3.61 22.03 -1.75
C PRO B 43 4.54 21.67 -2.91
N GLY B 44 5.84 21.76 -2.63
CA GLY B 44 6.83 21.45 -3.64
C GLY B 44 7.20 19.96 -3.61
N VAL B 45 6.71 19.29 -2.57
CA VAL B 45 6.98 17.87 -2.41
C VAL B 45 5.71 17.08 -2.72
N PRO B 46 5.88 15.73 -2.81
CA PRO B 46 4.76 14.85 -3.09
C PRO B 46 3.86 14.69 -1.86
N TRP B 47 2.63 15.18 -2.00
CA TRP B 47 1.66 15.10 -0.92
C TRP B 47 0.93 13.76 -1.04
N CYS B 48 1.62 12.79 -1.62
CA CYS B 48 1.05 11.47 -1.80
C CYS B 48 2.15 10.52 -2.24
N PHE B 49 2.65 9.75 -1.29
CA PHE B 49 3.71 8.79 -1.56
C PHE B 49 3.45 7.46 -0.85
N LYS B 50 4.48 6.62 -0.87
CA LYS B 50 4.37 5.31 -0.23
C LYS B 50 5.50 5.15 0.79
N PRO B 51 5.40 5.97 1.88
CA PRO B 51 6.41 5.93 2.93
C PRO B 51 6.25 4.67 3.80
N LEU B 52 5.59 4.86 4.93
CA LEU B 52 5.36 3.77 5.85
C LEU B 52 3.98 3.17 5.59
N GLN B 53 3.60 3.16 4.31
CA GLN B 53 2.32 2.62 3.92
C GLN B 53 2.08 1.26 4.59
N GLU B 54 3.17 0.63 4.97
CA GLU B 54 3.10 -0.67 5.62
C GLU B 54 1.88 -0.74 6.55
N ALA B 55 1.47 0.44 7.01
CA ALA B 55 0.32 0.53 7.90
C ALA B 55 -0.68 -0.58 7.55
N GLU B 56 -1.24 -0.46 6.35
CA GLU B 56 -2.21 -1.42 5.88
C GLU B 56 -1.91 -1.82 4.43
N CYS B 57 -0.73 -1.42 3.98
CA CYS B 57 -0.31 -1.73 2.62
C CYS B 57 0.36 -3.10 2.63
N THR B 58 1.47 -3.18 3.33
CA THR B 58 2.22 -4.42 3.43
C THR B 58 1.40 -5.48 4.18
N PHE B 59 0.93 -5.09 5.35
CA PHE B 59 0.14 -5.98 6.17
C PHE B 59 -0.71 -6.92 5.31
N GLU A 1 5.32 -13.47 10.71
CA GLU A 1 6.38 -13.16 11.64
C GLU A 1 7.61 -12.65 10.91
N GLU A 2 8.13 -13.50 10.03
CA GLU A 2 9.31 -13.14 9.26
C GLU A 2 8.90 -12.51 7.93
N TYR A 3 9.59 -12.93 6.87
CA TYR A 3 9.31 -12.41 5.55
C TYR A 3 8.29 -13.29 4.83
N VAL A 4 7.10 -13.34 5.38
CA VAL A 4 6.03 -14.15 4.81
C VAL A 4 4.84 -13.24 4.48
N GLY A 5 4.41 -12.50 5.49
CA GLY A 5 3.28 -11.59 5.32
C GLY A 5 3.66 -10.40 4.43
N LEU A 6 4.89 -10.45 3.94
CA LEU A 6 5.39 -9.39 3.08
C LEU A 6 6.03 -10.00 1.83
N SER A 7 5.94 -11.33 1.75
CA SER A 7 6.51 -12.04 0.62
C SER A 7 5.50 -12.09 -0.52
N ALA A 8 6.00 -12.46 -1.70
CA ALA A 8 5.15 -12.55 -2.88
C ALA A 8 4.24 -13.77 -2.75
N ASN A 9 4.47 -14.54 -1.69
CA ASN A 9 3.68 -15.73 -1.44
C ASN A 9 2.51 -15.38 -0.52
N GLN A 10 2.61 -14.20 0.08
CA GLN A 10 1.57 -13.75 0.99
C GLN A 10 0.26 -13.50 0.22
N CYS A 11 0.40 -12.93 -0.96
CA CYS A 11 -0.74 -12.64 -1.80
C CYS A 11 -1.38 -13.97 -2.21
N ALA A 12 -0.72 -15.05 -1.83
CA ALA A 12 -1.21 -16.38 -2.16
C ALA A 12 -1.69 -17.06 -0.88
N VAL A 13 -1.88 -16.25 0.16
CA VAL A 13 -2.35 -16.76 1.43
C VAL A 13 -3.48 -17.77 1.19
N PRO A 14 -3.80 -18.53 2.27
CA PRO A 14 -4.85 -19.53 2.19
C PRO A 14 -6.24 -18.88 2.19
N ALA A 15 -6.27 -17.66 1.70
CA ALA A 15 -7.52 -16.91 1.64
C ALA A 15 -8.17 -16.88 3.03
N LYS A 16 -7.56 -16.12 3.91
CA LYS A 16 -8.06 -16.00 5.28
C LYS A 16 -7.00 -15.35 6.16
N ASP A 17 -6.36 -14.32 5.59
CA ASP A 17 -5.33 -13.60 6.31
C ASP A 17 -5.13 -12.22 5.68
N ARG A 18 -6.06 -11.88 4.79
CA ARG A 18 -6.00 -10.60 4.10
C ARG A 18 -6.78 -9.55 4.87
N VAL A 19 -6.69 -8.31 4.39
CA VAL A 19 -7.39 -7.21 5.04
C VAL A 19 -8.58 -6.80 4.18
N ASP A 20 -8.99 -7.72 3.31
CA ASP A 20 -10.11 -7.46 2.43
C ASP A 20 -10.16 -5.98 2.08
N CYS A 21 -9.44 -5.63 1.02
CA CYS A 21 -9.37 -4.25 0.56
C CYS A 21 -10.81 -3.73 0.42
N GLY A 22 -11.69 -4.63 0.00
CA GLY A 22 -13.09 -4.27 -0.18
C GLY A 22 -13.23 -2.99 -1.01
N TYR A 23 -12.78 -3.08 -2.25
CA TYR A 23 -12.85 -1.95 -3.15
C TYR A 23 -14.14 -1.97 -3.97
N PRO A 24 -14.73 -0.75 -4.17
CA PRO A 24 -15.96 -0.63 -4.92
C PRO A 24 -15.70 -0.79 -6.42
N HIS A 25 -14.42 -0.87 -6.77
CA HIS A 25 -14.04 -1.01 -8.16
C HIS A 25 -13.16 -2.26 -8.31
N VAL A 26 -13.22 -3.12 -7.30
CA VAL A 26 -12.45 -4.35 -7.30
C VAL A 26 -12.46 -4.94 -8.72
N THR A 27 -11.27 -5.24 -9.20
CA THR A 27 -11.12 -5.82 -10.53
C THR A 27 -9.72 -6.40 -10.72
N PRO A 28 -9.63 -7.42 -11.60
CA PRO A 28 -8.36 -8.06 -11.88
C PRO A 28 -7.48 -7.18 -12.76
N LYS A 29 -7.32 -5.93 -12.34
CA LYS A 29 -6.51 -4.98 -13.07
C LYS A 29 -6.57 -3.62 -12.37
N GLU A 30 -7.61 -3.44 -11.57
CA GLU A 30 -7.80 -2.20 -10.84
C GLU A 30 -7.25 -2.33 -9.42
N CYS A 31 -7.53 -3.47 -8.81
CA CYS A 31 -7.07 -3.73 -7.46
C CYS A 31 -5.54 -3.63 -7.44
N ASN A 32 -4.93 -4.35 -8.37
CA ASN A 32 -3.47 -4.37 -8.48
C ASN A 32 -3.00 -2.99 -8.94
N ASN A 33 -3.96 -2.13 -9.22
CA ASN A 33 -3.65 -0.78 -9.66
C ASN A 33 -3.90 0.21 -8.53
N ARG A 34 -4.83 -0.17 -7.65
CA ARG A 34 -5.17 0.65 -6.52
C ARG A 34 -4.19 0.42 -5.37
N GLY A 35 -3.57 -0.74 -5.39
CA GLY A 35 -2.62 -1.10 -4.36
C GLY A 35 -3.07 -2.34 -3.58
N CYS A 36 -3.90 -3.13 -4.23
CA CYS A 36 -4.43 -4.34 -3.62
C CYS A 36 -4.02 -5.53 -4.49
N CYS A 37 -4.44 -6.71 -4.07
CA CYS A 37 -4.14 -7.93 -4.79
C CYS A 37 -5.45 -8.65 -5.09
N PHE A 38 -5.64 -8.95 -6.38
CA PHE A 38 -6.84 -9.63 -6.81
C PHE A 38 -6.63 -11.15 -6.81
N ASP A 39 -7.49 -11.82 -6.05
CA ASP A 39 -7.41 -13.26 -5.94
C ASP A 39 -8.30 -13.90 -7.02
N SER A 40 -9.59 -13.96 -6.71
CA SER A 40 -10.54 -14.54 -7.64
C SER A 40 -10.65 -16.05 -7.42
N ARG A 41 -9.65 -16.58 -6.71
CA ARG A 41 -9.62 -18.01 -6.43
C ARG A 41 -10.87 -18.42 -5.65
N ILE A 42 -11.09 -17.73 -4.54
CA ILE A 42 -12.24 -18.03 -3.70
C ILE A 42 -13.18 -16.82 -3.69
N PRO A 43 -14.46 -17.09 -4.07
CA PRO A 43 -15.47 -16.04 -4.12
C PRO A 43 -15.92 -15.65 -2.70
N GLY A 44 -15.56 -16.50 -1.75
CA GLY A 44 -15.91 -16.25 -0.36
C GLY A 44 -14.83 -15.43 0.35
N VAL A 45 -13.71 -15.27 -0.33
CA VAL A 45 -12.61 -14.51 0.22
C VAL A 45 -12.50 -13.16 -0.51
N PRO A 46 -11.65 -12.27 0.05
CA PRO A 46 -11.45 -10.95 -0.53
C PRO A 46 -10.58 -11.04 -1.79
N TRP A 47 -11.22 -10.73 -2.92
CA TRP A 47 -10.52 -10.77 -4.20
C TRP A 47 -9.84 -9.41 -4.41
N CYS A 48 -9.49 -8.78 -3.30
CA CYS A 48 -8.85 -7.48 -3.36
C CYS A 48 -8.35 -7.13 -1.94
N PHE A 49 -7.07 -7.37 -1.73
CA PHE A 49 -6.45 -7.09 -0.44
C PHE A 49 -5.08 -6.45 -0.61
N LYS A 50 -4.37 -6.33 0.50
CA LYS A 50 -3.04 -5.74 0.49
C LYS A 50 -2.03 -6.76 1.01
N PRO A 51 -1.81 -7.82 0.18
CA PRO A 51 -0.87 -8.87 0.55
C PRO A 51 0.58 -8.40 0.38
N LEU A 52 1.18 -8.80 -0.73
CA LEU A 52 2.55 -8.43 -1.02
C LEU A 52 2.56 -7.12 -1.82
N GLN A 53 1.60 -6.26 -1.50
CA GLN A 53 1.49 -4.98 -2.18
C GLN A 53 2.80 -4.21 -2.08
N GLU A 54 3.61 -4.63 -1.12
CA GLU A 54 4.90 -3.98 -0.91
C GLU A 54 5.60 -3.73 -2.25
N ALA A 55 5.23 -4.55 -3.23
CA ALA A 55 5.81 -4.43 -4.56
C ALA A 55 5.96 -2.95 -4.91
N GLU A 56 4.83 -2.31 -5.16
CA GLU A 56 4.82 -0.90 -5.51
C GLU A 56 3.83 -0.14 -4.62
N CYS A 57 3.63 -0.67 -3.42
CA CYS A 57 2.72 -0.05 -2.47
C CYS A 57 3.55 0.59 -1.36
N THR A 58 4.37 -0.25 -0.72
CA THR A 58 5.21 0.21 0.36
C THR A 58 6.35 1.07 -0.18
N PHE A 59 6.75 0.76 -1.40
CA PHE A 59 7.82 1.49 -2.05
C PHE A 59 7.82 2.97 -1.64
N GLU B 1 17.61 -3.36 11.51
CA GLU B 1 18.22 -2.65 12.64
C GLU B 1 17.94 -1.15 12.53
N GLU B 2 18.24 -0.61 11.36
CA GLU B 2 18.03 0.81 11.12
C GLU B 2 16.63 1.05 10.55
N TYR B 3 15.63 0.74 11.38
CA TYR B 3 14.25 0.92 10.98
C TYR B 3 13.73 2.29 11.39
N VAL B 4 14.09 3.29 10.60
CA VAL B 4 13.67 4.66 10.88
C VAL B 4 13.26 5.33 9.56
N GLY B 5 14.14 5.22 8.58
CA GLY B 5 13.89 5.81 7.28
C GLY B 5 12.70 5.13 6.59
N LEU B 6 12.21 4.09 7.23
CA LEU B 6 11.08 3.36 6.69
C LEU B 6 10.14 2.96 7.83
N SER B 7 10.38 3.57 8.99
CA SER B 7 9.56 3.29 10.17
C SER B 7 8.70 4.52 10.49
N ALA B 8 7.39 4.31 10.40
CA ALA B 8 6.45 5.38 10.69
C ALA B 8 7.10 6.73 10.36
N ASN B 9 7.93 7.20 11.28
CA ASN B 9 8.61 8.47 11.09
C ASN B 9 8.98 8.63 9.61
N GLN B 10 9.09 7.50 8.94
CA GLN B 10 9.45 7.50 7.53
C GLN B 10 8.50 8.41 6.76
N CYS B 11 7.21 8.22 6.98
CA CYS B 11 6.20 9.02 6.31
C CYS B 11 6.41 10.49 6.71
N ALA B 12 7.29 10.69 7.68
CA ALA B 12 7.59 12.03 8.15
C ALA B 12 8.92 12.49 7.56
N VAL B 13 9.27 11.89 6.43
CA VAL B 13 10.52 12.22 5.75
C VAL B 13 10.72 13.74 5.80
N PRO B 14 11.96 14.17 5.43
CA PRO B 14 12.29 15.59 5.42
C PRO B 14 11.65 16.29 4.22
N ALA B 15 10.87 15.52 3.47
CA ALA B 15 10.20 16.06 2.29
C ALA B 15 11.17 16.03 1.10
N LYS B 16 11.79 14.89 0.90
CA LYS B 16 12.73 14.73 -0.18
C LYS B 16 13.37 13.33 -0.11
N ASP B 17 12.51 12.35 0.14
CA ASP B 17 12.98 10.97 0.24
C ASP B 17 11.82 10.03 -0.09
N ARG B 18 10.77 10.61 -0.65
CA ARG B 18 9.60 9.83 -1.02
C ARG B 18 9.70 9.38 -2.49
N VAL B 19 8.70 8.64 -2.92
CA VAL B 19 8.66 8.15 -4.28
C VAL B 19 7.59 8.90 -5.07
N ASP B 20 7.21 10.06 -4.53
CA ASP B 20 6.20 10.88 -5.17
C ASP B 20 5.19 9.98 -5.87
N CYS B 21 4.21 9.52 -5.09
CA CYS B 21 3.17 8.65 -5.62
C CYS B 21 2.65 9.27 -6.92
N GLY B 22 2.56 10.59 -6.92
CA GLY B 22 2.08 11.32 -8.07
C GLY B 22 0.75 10.72 -8.58
N TYR B 23 -0.23 10.74 -7.70
CA TYR B 23 -1.54 10.21 -8.04
C TYR B 23 -2.46 11.32 -8.58
N PRO B 24 -3.33 10.91 -9.54
CA PRO B 24 -4.26 11.86 -10.14
C PRO B 24 -5.40 12.19 -9.19
N HIS B 25 -5.45 11.46 -8.08
CA HIS B 25 -6.48 11.67 -7.09
C HIS B 25 -5.84 12.05 -5.76
N VAL B 26 -4.54 12.32 -5.82
CA VAL B 26 -3.80 12.70 -4.63
C VAL B 26 -4.68 13.60 -3.76
N THR B 27 -4.88 13.14 -2.52
CA THR B 27 -5.69 13.89 -1.58
C THR B 27 -5.52 13.33 -0.16
N PRO B 28 -5.83 14.20 0.84
CA PRO B 28 -5.70 13.81 2.23
C PRO B 28 -6.84 12.87 2.64
N LYS B 29 -7.06 11.86 1.81
CA LYS B 29 -8.11 10.89 2.07
C LYS B 29 -8.12 9.85 0.95
N GLU B 30 -7.47 10.20 -0.16
CA GLU B 30 -7.41 9.31 -1.30
C GLU B 30 -6.07 8.57 -1.32
N CYS B 31 -5.01 9.32 -1.08
CA CYS B 31 -3.67 8.75 -1.06
C CYS B 31 -3.65 7.60 -0.05
N ASN B 32 -4.04 7.91 1.18
CA ASN B 32 -4.07 6.93 2.24
C ASN B 32 -5.08 5.84 1.87
N ASN B 33 -5.85 6.11 0.84
CA ASN B 33 -6.86 5.17 0.38
C ASN B 33 -6.25 4.25 -0.69
N ARG B 34 -5.38 4.85 -1.50
CA ARG B 34 -4.72 4.09 -2.56
C ARG B 34 -3.52 3.33 -2.01
N GLY B 35 -2.98 3.84 -0.92
CA GLY B 35 -1.83 3.22 -0.28
C GLY B 35 -0.63 4.17 -0.25
N CYS B 36 -0.94 5.46 -0.29
CA CYS B 36 0.11 6.47 -0.28
C CYS B 36 -0.06 7.31 0.99
N CYS B 37 0.96 8.12 1.27
CA CYS B 37 0.93 8.98 2.44
C CYS B 37 0.83 10.43 1.98
N PHE B 38 -0.10 11.15 2.59
CA PHE B 38 -0.30 12.54 2.24
C PHE B 38 0.48 13.46 3.18
N ASP B 39 1.39 14.22 2.60
CA ASP B 39 2.21 15.15 3.37
C ASP B 39 1.39 16.41 3.68
N SER B 40 1.38 17.31 2.71
CA SER B 40 0.65 18.56 2.87
C SER B 40 1.51 19.58 3.61
N ARG B 41 2.50 19.07 4.33
CA ARG B 41 3.41 19.93 5.08
C ARG B 41 4.24 20.79 4.11
N ILE B 42 4.72 20.15 3.06
CA ILE B 42 5.53 20.83 2.07
C ILE B 42 4.84 20.75 0.71
N PRO B 43 4.32 21.92 0.25
CA PRO B 43 3.64 21.98 -1.03
C PRO B 43 4.64 21.93 -2.19
N GLY B 44 5.91 21.94 -1.82
CA GLY B 44 6.98 21.89 -2.82
C GLY B 44 7.45 20.45 -3.05
N VAL B 45 6.89 19.55 -2.27
CA VAL B 45 7.24 18.15 -2.37
C VAL B 45 5.98 17.33 -2.72
N PRO B 46 6.17 15.98 -2.80
CA PRO B 46 5.08 15.09 -3.12
C PRO B 46 4.14 14.93 -1.92
N TRP B 47 2.90 15.35 -2.11
CA TRP B 47 1.91 15.26 -1.07
C TRP B 47 1.21 13.91 -1.20
N CYS B 48 1.95 12.94 -1.72
CA CYS B 48 1.41 11.61 -1.91
C CYS B 48 2.57 10.67 -2.28
N PHE B 49 2.87 9.76 -1.36
CA PHE B 49 3.94 8.81 -1.56
C PHE B 49 3.66 7.49 -0.84
N LYS B 50 4.66 6.64 -0.80
CA LYS B 50 4.54 5.35 -0.15
C LYS B 50 5.64 5.20 0.90
N PRO B 51 5.50 5.98 2.00
CA PRO B 51 6.47 5.95 3.08
C PRO B 51 6.30 4.68 3.92
N LEU B 52 5.62 4.85 5.05
CA LEU B 52 5.39 3.73 5.94
C LEU B 52 4.04 3.07 5.60
N GLN B 53 3.71 3.13 4.32
CA GLN B 53 2.46 2.54 3.84
C GLN B 53 2.26 1.16 4.47
N GLU B 54 3.36 0.56 4.87
CA GLU B 54 3.31 -0.76 5.47
C GLU B 54 2.08 -0.88 6.39
N ALA B 55 1.66 0.26 6.90
CA ALA B 55 0.49 0.30 7.78
C ALA B 55 -0.46 -0.84 7.40
N GLU B 56 -0.91 -0.80 6.15
CA GLU B 56 -1.82 -1.82 5.65
C GLU B 56 -1.56 -2.08 4.17
N CYS B 57 -0.38 -1.66 3.73
CA CYS B 57 0.00 -1.85 2.33
C CYS B 57 0.79 -3.16 2.23
N THR B 58 1.99 -3.14 2.79
CA THR B 58 2.84 -4.32 2.76
C THR B 58 2.17 -5.48 3.49
N PHE B 59 1.56 -5.15 4.62
CA PHE B 59 0.88 -6.16 5.43
C PHE B 59 -0.07 -6.99 4.57
N GLU A 1 11.62 -8.58 11.52
CA GLU A 1 11.25 -9.94 11.19
C GLU A 1 11.62 -10.26 9.74
N GLU A 2 11.34 -11.50 9.35
CA GLU A 2 11.63 -11.94 8.00
C GLU A 2 10.42 -11.71 7.09
N TYR A 3 10.34 -10.50 6.57
CA TYR A 3 9.24 -10.13 5.69
C TYR A 3 9.00 -11.21 4.64
N VAL A 4 8.21 -12.21 5.04
CA VAL A 4 7.90 -13.31 4.14
C VAL A 4 6.38 -13.42 3.99
N GLY A 5 5.70 -13.42 5.13
CA GLY A 5 4.25 -13.53 5.15
C GLY A 5 3.61 -12.23 4.67
N LEU A 6 4.46 -11.27 4.32
CA LEU A 6 3.99 -9.98 3.85
C LEU A 6 4.68 -9.64 2.53
N SER A 7 5.43 -10.62 2.03
CA SER A 7 6.15 -10.44 0.77
C SER A 7 5.50 -11.25 -0.34
N ALA A 8 6.30 -11.63 -1.32
CA ALA A 8 5.80 -12.41 -2.44
C ALA A 8 5.39 -13.80 -1.94
N ASN A 9 4.15 -13.88 -1.48
CA ASN A 9 3.62 -15.13 -0.98
C ASN A 9 2.35 -14.86 -0.18
N GLN A 10 2.29 -13.67 0.41
CA GLN A 10 1.14 -13.27 1.20
C GLN A 10 -0.09 -13.11 0.30
N CYS A 11 0.18 -12.76 -0.95
CA CYS A 11 -0.89 -12.57 -1.91
C CYS A 11 -1.46 -13.93 -2.29
N ALA A 12 -0.87 -14.97 -1.70
CA ALA A 12 -1.30 -16.33 -1.96
C ALA A 12 -1.85 -16.94 -0.66
N VAL A 13 -2.01 -16.08 0.33
CA VAL A 13 -2.52 -16.53 1.62
C VAL A 13 -3.71 -17.46 1.40
N PRO A 14 -4.11 -18.14 2.50
CA PRO A 14 -5.23 -19.07 2.44
C PRO A 14 -6.56 -18.32 2.37
N ALA A 15 -6.50 -17.11 1.83
CA ALA A 15 -7.69 -16.29 1.70
C ALA A 15 -8.42 -16.24 3.05
N LYS A 16 -7.77 -15.66 4.02
CA LYS A 16 -8.34 -15.55 5.35
C LYS A 16 -7.33 -14.90 6.30
N ASP A 17 -6.58 -13.95 5.75
CA ASP A 17 -5.57 -13.25 6.52
C ASP A 17 -5.24 -11.92 5.85
N ARG A 18 -6.12 -11.53 4.93
CA ARG A 18 -5.95 -10.28 4.20
C ARG A 18 -6.63 -9.14 4.94
N VAL A 19 -6.46 -7.94 4.40
CA VAL A 19 -7.05 -6.75 5.00
C VAL A 19 -8.25 -6.32 4.16
N ASP A 20 -8.76 -7.25 3.37
CA ASP A 20 -9.90 -6.98 2.51
C ASP A 20 -9.88 -5.51 2.11
N CYS A 21 -9.15 -5.23 1.04
CA CYS A 21 -9.04 -3.87 0.54
C CYS A 21 -10.45 -3.29 0.43
N GLY A 22 -11.39 -4.15 0.07
CA GLY A 22 -12.78 -3.73 -0.07
C GLY A 22 -12.88 -2.49 -0.95
N TYR A 23 -12.46 -2.62 -2.19
CA TYR A 23 -12.50 -1.53 -3.13
C TYR A 23 -13.81 -1.52 -3.91
N PRO A 24 -14.34 -0.29 -4.14
CA PRO A 24 -15.59 -0.13 -4.87
C PRO A 24 -15.37 -0.36 -6.37
N HIS A 25 -14.12 -0.52 -6.74
CA HIS A 25 -13.77 -0.74 -8.13
C HIS A 25 -12.94 -2.02 -8.26
N VAL A 26 -13.02 -2.84 -7.22
CA VAL A 26 -12.27 -4.09 -7.20
C VAL A 26 -12.34 -4.74 -8.58
N THR A 27 -11.17 -5.07 -9.10
CA THR A 27 -11.08 -5.71 -10.41
C THR A 27 -9.71 -6.34 -10.60
N PRO A 28 -9.69 -7.41 -11.45
CA PRO A 28 -8.45 -8.12 -11.73
C PRO A 28 -7.55 -7.31 -12.67
N LYS A 29 -7.35 -6.05 -12.30
CA LYS A 29 -6.52 -5.17 -13.10
C LYS A 29 -6.50 -3.79 -12.46
N GLU A 30 -7.52 -3.52 -11.66
CA GLU A 30 -7.62 -2.23 -10.98
C GLU A 30 -7.04 -2.33 -9.57
N CYS A 31 -7.39 -3.41 -8.89
CA CYS A 31 -6.90 -3.64 -7.54
C CYS A 31 -5.37 -3.58 -7.57
N ASN A 32 -4.80 -4.37 -8.46
CA ASN A 32 -3.35 -4.42 -8.59
C ASN A 32 -2.84 -3.08 -9.13
N ASN A 33 -3.79 -2.20 -9.42
CA ASN A 33 -3.46 -0.89 -9.94
C ASN A 33 -3.66 0.16 -8.85
N ARG A 34 -4.55 -0.17 -7.92
CA ARG A 34 -4.84 0.74 -6.81
C ARG A 34 -3.84 0.52 -5.67
N GLY A 35 -3.29 -0.68 -5.63
CA GLY A 35 -2.33 -1.03 -4.60
C GLY A 35 -2.79 -2.24 -3.79
N CYS A 36 -3.67 -3.02 -4.41
CA CYS A 36 -4.20 -4.21 -3.75
C CYS A 36 -3.84 -5.43 -4.61
N CYS A 37 -4.32 -6.58 -4.15
CA CYS A 37 -4.07 -7.83 -4.86
C CYS A 37 -5.40 -8.53 -5.10
N PHE A 38 -5.64 -8.86 -6.36
CA PHE A 38 -6.87 -9.54 -6.74
C PHE A 38 -6.72 -11.05 -6.64
N ASP A 39 -7.57 -11.66 -5.82
CA ASP A 39 -7.54 -13.09 -5.62
C ASP A 39 -8.32 -13.77 -6.75
N SER A 40 -9.63 -13.82 -6.57
CA SER A 40 -10.50 -14.44 -7.56
C SER A 40 -10.60 -15.94 -7.31
N ARG A 41 -9.58 -16.47 -6.64
CA ARG A 41 -9.54 -17.88 -6.33
C ARG A 41 -10.68 -18.25 -5.38
N ILE A 42 -10.88 -17.41 -4.39
CA ILE A 42 -11.93 -17.62 -3.41
C ILE A 42 -12.90 -16.44 -3.42
N PRO A 43 -14.10 -16.69 -4.01
CA PRO A 43 -15.12 -15.65 -4.09
C PRO A 43 -15.78 -15.42 -2.73
N GLY A 44 -15.37 -16.23 -1.76
CA GLY A 44 -15.91 -16.13 -0.41
C GLY A 44 -15.04 -15.21 0.45
N VAL A 45 -13.92 -14.80 -0.11
CA VAL A 45 -13.01 -13.92 0.60
C VAL A 45 -12.82 -12.63 -0.20
N PRO A 46 -11.92 -11.76 0.32
CA PRO A 46 -11.65 -10.49 -0.33
C PRO A 46 -10.78 -10.69 -1.58
N TRP A 47 -11.35 -10.29 -2.71
CA TRP A 47 -10.65 -10.43 -3.98
C TRP A 47 -9.89 -9.12 -4.24
N CYS A 48 -9.49 -8.48 -3.15
CA CYS A 48 -8.76 -7.22 -3.25
C CYS A 48 -8.21 -6.88 -1.86
N PHE A 49 -6.91 -7.11 -1.70
CA PHE A 49 -6.26 -6.84 -0.44
C PHE A 49 -4.86 -6.26 -0.67
N LYS A 50 -4.10 -6.17 0.42
CA LYS A 50 -2.75 -5.64 0.35
C LYS A 50 -1.77 -6.70 0.86
N PRO A 51 -1.62 -7.78 0.04
CA PRO A 51 -0.72 -8.86 0.39
C PRO A 51 0.74 -8.46 0.18
N LEU A 52 1.25 -8.81 -1.00
CA LEU A 52 2.62 -8.49 -1.34
C LEU A 52 2.66 -7.15 -2.08
N GLN A 53 1.69 -6.30 -1.77
CA GLN A 53 1.60 -5.00 -2.38
C GLN A 53 2.92 -4.24 -2.22
N GLU A 54 3.67 -4.64 -1.20
CA GLU A 54 4.95 -4.01 -0.92
C GLU A 54 5.68 -3.70 -2.22
N ALA A 55 5.39 -4.50 -3.24
CA ALA A 55 6.01 -4.31 -4.54
C ALA A 55 6.18 -2.82 -4.81
N GLU A 56 5.04 -2.16 -5.00
CA GLU A 56 5.04 -0.73 -5.27
C GLU A 56 4.07 -0.01 -4.34
N CYS A 57 3.82 -0.63 -3.20
CA CYS A 57 2.91 -0.06 -2.22
C CYS A 57 3.74 0.53 -1.07
N THR A 58 4.58 -0.32 -0.50
CA THR A 58 5.43 0.11 0.60
C THR A 58 6.63 0.89 0.07
N PHE A 59 7.14 0.44 -1.06
CA PHE A 59 8.29 1.08 -1.68
C PHE A 59 8.25 2.60 -1.46
N GLU B 1 17.76 -4.81 9.16
CA GLU B 1 17.88 -4.55 10.58
C GLU B 1 17.63 -3.06 10.88
N GLU B 2 18.10 -2.23 9.97
CA GLU B 2 17.94 -0.79 10.11
C GLU B 2 16.59 -0.35 9.56
N TYR B 3 15.54 -0.88 10.17
CA TYR B 3 14.18 -0.54 9.76
C TYR B 3 13.64 0.65 10.55
N VAL B 4 14.22 1.81 10.27
CA VAL B 4 13.80 3.03 10.94
C VAL B 4 13.43 4.08 9.90
N GLY B 5 14.36 4.33 9.00
CA GLY B 5 14.15 5.31 7.94
C GLY B 5 13.11 4.80 6.93
N LEU B 6 12.60 3.61 7.20
CA LEU B 6 11.61 3.01 6.33
C LEU B 6 10.50 2.38 7.18
N SER B 7 10.47 2.78 8.44
CA SER B 7 9.46 2.26 9.36
C SER B 7 8.44 3.36 9.68
N ALA B 8 7.62 3.09 10.68
CA ALA B 8 6.60 4.03 11.10
C ALA B 8 7.26 5.35 11.51
N ASN B 9 7.47 6.20 10.52
CA ASN B 9 8.09 7.49 10.76
C ASN B 9 8.66 8.04 9.45
N GLN B 10 8.94 7.11 8.54
CA GLN B 10 9.50 7.48 7.24
C GLN B 10 8.56 8.46 6.53
N CYS B 11 7.26 8.23 6.70
CA CYS B 11 6.26 9.08 6.08
C CYS B 11 6.47 10.51 6.58
N ALA B 12 7.30 10.63 7.61
CA ALA B 12 7.58 11.92 8.19
C ALA B 12 8.90 12.46 7.62
N VAL B 13 9.26 11.92 6.47
CA VAL B 13 10.49 12.32 5.80
C VAL B 13 10.62 13.84 5.87
N PRO B 14 11.85 14.34 5.55
CA PRO B 14 12.11 15.77 5.57
C PRO B 14 11.49 16.45 4.35
N ALA B 15 10.77 15.66 3.57
CA ALA B 15 10.13 16.18 2.37
C ALA B 15 11.11 16.18 1.22
N LYS B 16 11.65 15.01 0.92
CA LYS B 16 12.61 14.86 -0.15
C LYS B 16 13.23 13.46 -0.09
N ASP B 17 12.37 12.47 0.13
CA ASP B 17 12.82 11.09 0.20
C ASP B 17 11.67 10.16 -0.19
N ARG B 18 10.61 10.77 -0.73
CA ARG B 18 9.46 10.02 -1.15
C ARG B 18 9.57 9.66 -2.64
N VAL B 19 8.59 8.90 -3.10
CA VAL B 19 8.56 8.48 -4.50
C VAL B 19 7.44 9.23 -5.22
N ASP B 20 7.00 10.32 -4.61
CA ASP B 20 5.93 11.12 -5.19
C ASP B 20 4.94 10.21 -5.92
N CYS B 21 3.97 9.72 -5.16
CA CYS B 21 2.96 8.84 -5.71
C CYS B 21 2.37 9.51 -6.96
N GLY B 22 2.33 10.83 -6.91
CA GLY B 22 1.79 11.60 -8.01
C GLY B 22 0.57 10.91 -8.63
N TYR B 23 -0.43 10.69 -7.78
CA TYR B 23 -1.65 10.04 -8.23
C TYR B 23 -2.67 11.07 -8.73
N PRO B 24 -3.57 10.59 -9.65
CA PRO B 24 -4.59 11.45 -10.20
C PRO B 24 -5.71 11.71 -9.19
N HIS B 25 -5.66 10.95 -8.10
CA HIS B 25 -6.65 11.08 -7.06
C HIS B 25 -5.99 11.53 -5.76
N VAL B 26 -4.71 11.85 -5.88
CA VAL B 26 -3.94 12.30 -4.72
C VAL B 26 -4.82 13.19 -3.84
N THR B 27 -5.11 12.70 -2.66
CA THR B 27 -5.94 13.44 -1.72
C THR B 27 -5.81 12.86 -0.31
N PRO B 28 -6.24 13.67 0.69
CA PRO B 28 -6.18 13.25 2.08
C PRO B 28 -7.25 12.21 2.40
N LYS B 29 -7.35 11.22 1.52
CA LYS B 29 -8.32 10.16 1.69
C LYS B 29 -8.20 9.17 0.54
N GLU B 30 -7.61 9.63 -0.55
CA GLU B 30 -7.42 8.80 -1.72
C GLU B 30 -6.03 8.16 -1.70
N CYS B 31 -5.05 8.96 -1.34
CA CYS B 31 -3.68 8.49 -1.26
C CYS B 31 -3.64 7.25 -0.35
N ASN B 32 -4.12 7.44 0.86
CA ASN B 32 -4.15 6.36 1.83
C ASN B 32 -5.07 5.24 1.31
N ASN B 33 -5.82 5.57 0.27
CA ASN B 33 -6.74 4.61 -0.33
C ASN B 33 -5.97 3.73 -1.31
N ARG B 34 -5.05 4.35 -2.03
CA ARG B 34 -4.24 3.64 -3.00
C ARG B 34 -3.07 2.93 -2.31
N GLY B 35 -2.66 3.51 -1.20
CA GLY B 35 -1.55 2.96 -0.43
C GLY B 35 -0.38 3.95 -0.35
N CYS B 36 -0.74 5.23 -0.44
CA CYS B 36 0.26 6.28 -0.38
C CYS B 36 0.07 7.04 0.95
N CYS B 37 0.96 7.99 1.17
CA CYS B 37 0.90 8.79 2.39
C CYS B 37 0.76 10.26 1.99
N PHE B 38 -0.26 10.89 2.55
CA PHE B 38 -0.52 12.30 2.25
C PHE B 38 0.12 13.20 3.31
N ASP B 39 1.08 14.00 2.83
CA ASP B 39 1.78 14.91 3.72
C ASP B 39 0.97 16.21 3.86
N SER B 40 1.13 17.09 2.88
CA SER B 40 0.43 18.35 2.88
C SER B 40 1.26 19.41 3.61
N ARG B 41 2.22 18.93 4.40
CA ARG B 41 3.08 19.83 5.15
C ARG B 41 3.86 20.74 4.20
N ILE B 42 4.30 20.17 3.10
CA ILE B 42 5.05 20.92 2.11
C ILE B 42 4.31 20.86 0.77
N PRO B 43 3.93 22.07 0.28
CA PRO B 43 3.22 22.17 -0.99
C PRO B 43 4.17 21.94 -2.17
N GLY B 44 5.45 22.07 -1.89
CA GLY B 44 6.47 21.88 -2.91
C GLY B 44 6.93 20.43 -2.97
N VAL B 45 6.46 19.66 -2.00
CA VAL B 45 6.82 18.25 -1.94
C VAL B 45 5.60 17.40 -2.31
N PRO B 46 5.86 16.07 -2.49
CA PRO B 46 4.80 15.15 -2.86
C PRO B 46 3.90 14.85 -1.65
N TRP B 47 2.68 15.34 -1.73
CA TRP B 47 1.71 15.13 -0.67
C TRP B 47 1.03 13.78 -0.90
N CYS B 48 1.79 12.86 -1.48
CA CYS B 48 1.26 11.53 -1.76
C CYS B 48 2.43 10.65 -2.21
N PHE B 49 2.80 9.73 -1.34
CA PHE B 49 3.89 8.81 -1.63
C PHE B 49 3.70 7.47 -0.92
N LYS B 50 4.74 6.65 -0.99
CA LYS B 50 4.69 5.34 -0.35
C LYS B 50 5.82 5.25 0.67
N PRO B 51 5.64 5.96 1.81
CA PRO B 51 6.64 5.96 2.88
C PRO B 51 6.60 4.64 3.65
N LEU B 52 6.12 4.74 4.89
CA LEU B 52 6.02 3.56 5.74
C LEU B 52 4.65 2.92 5.57
N GLN B 53 4.14 3.01 4.35
CA GLN B 53 2.84 2.45 4.04
C GLN B 53 2.70 1.07 4.67
N GLU B 54 3.84 0.45 4.91
CA GLU B 54 3.85 -0.88 5.52
C GLU B 54 2.70 -1.03 6.50
N ALA B 55 2.31 0.09 7.09
CA ALA B 55 1.22 0.10 8.05
C ALA B 55 0.21 -0.98 7.67
N GLU B 56 -0.37 -0.81 6.50
CA GLU B 56 -1.36 -1.77 6.01
C GLU B 56 -1.17 -2.00 4.51
N CYS B 57 -0.01 -1.60 4.03
CA CYS B 57 0.31 -1.77 2.61
C CYS B 57 0.94 -3.14 2.42
N THR B 58 2.10 -3.33 3.06
CA THR B 58 2.82 -4.58 2.96
C THR B 58 2.04 -5.70 3.66
N PHE B 59 1.59 -5.39 4.87
CA PHE B 59 0.84 -6.35 5.67
C PHE B 59 -0.21 -7.05 4.81
N GLU A 1 11.37 -16.21 10.71
CA GLU A 1 11.71 -15.45 9.52
C GLU A 1 11.21 -14.01 9.65
N GLU A 2 11.91 -13.11 8.99
CA GLU A 2 11.55 -11.70 9.03
C GLU A 2 10.33 -11.44 8.15
N TYR A 3 10.61 -11.18 6.88
CA TYR A 3 9.55 -10.91 5.91
C TYR A 3 8.89 -12.21 5.45
N VAL A 4 8.01 -12.73 6.30
CA VAL A 4 7.31 -13.96 5.99
C VAL A 4 5.81 -13.71 6.06
N GLY A 5 5.36 -13.25 7.21
CA GLY A 5 3.95 -12.97 7.42
C GLY A 5 3.49 -11.82 6.52
N LEU A 6 4.44 -11.28 5.77
CA LEU A 6 4.14 -10.17 4.87
C LEU A 6 4.94 -10.34 3.58
N SER A 7 5.16 -11.59 3.22
CA SER A 7 5.91 -11.90 2.01
C SER A 7 4.94 -12.13 0.85
N ALA A 8 5.52 -12.56 -0.28
CA ALA A 8 4.72 -12.81 -1.46
C ALA A 8 3.71 -13.91 -1.17
N ASN A 9 3.95 -14.62 -0.08
CA ASN A 9 3.08 -15.71 0.32
C ASN A 9 1.85 -15.13 1.04
N GLN A 10 2.01 -13.90 1.49
CA GLN A 10 0.93 -13.21 2.20
C GLN A 10 -0.25 -12.97 1.25
N CYS A 11 0.08 -12.68 0.00
CA CYS A 11 -0.94 -12.42 -1.00
C CYS A 11 -1.64 -13.75 -1.31
N ALA A 12 -1.14 -14.82 -0.69
CA ALA A 12 -1.71 -16.13 -0.89
C ALA A 12 -2.54 -16.52 0.33
N VAL A 13 -2.73 -15.55 1.22
CA VAL A 13 -3.49 -15.76 2.42
C VAL A 13 -4.72 -16.62 2.10
N PRO A 14 -5.30 -17.23 3.17
CA PRO A 14 -6.46 -18.07 3.00
C PRO A 14 -7.72 -17.22 2.78
N ALA A 15 -7.53 -16.13 2.06
CA ALA A 15 -8.63 -15.22 1.78
C ALA A 15 -9.46 -15.00 3.05
N LYS A 16 -8.92 -14.16 3.92
CA LYS A 16 -9.58 -13.85 5.17
C LYS A 16 -8.57 -13.22 6.13
N ASP A 17 -7.81 -12.29 5.60
CA ASP A 17 -6.80 -11.59 6.41
C ASP A 17 -6.45 -10.27 5.74
N ARG A 18 -6.65 -10.22 4.43
CA ARG A 18 -6.36 -9.02 3.67
C ARG A 18 -7.08 -7.82 4.28
N VAL A 19 -6.84 -6.66 3.68
CA VAL A 19 -7.46 -5.44 4.15
C VAL A 19 -8.47 -4.95 3.11
N ASP A 20 -8.87 -5.87 2.25
CA ASP A 20 -9.83 -5.54 1.20
C ASP A 20 -9.60 -4.10 0.73
N CYS A 21 -8.70 -3.97 -0.23
CA CYS A 21 -8.38 -2.66 -0.77
C CYS A 21 -9.68 -1.94 -1.11
N GLY A 22 -10.66 -2.73 -1.54
CA GLY A 22 -11.95 -2.20 -1.90
C GLY A 22 -11.81 -0.98 -2.82
N TYR A 23 -11.19 -1.21 -3.96
CA TYR A 23 -10.97 -0.14 -4.93
C TYR A 23 -12.11 -0.11 -5.95
N PRO A 24 -12.47 1.14 -6.35
CA PRO A 24 -13.54 1.34 -7.32
C PRO A 24 -13.07 0.98 -8.74
N HIS A 25 -11.77 0.75 -8.84
CA HIS A 25 -11.19 0.40 -10.13
C HIS A 25 -10.49 -0.96 -10.03
N VAL A 26 -10.89 -1.72 -9.02
CA VAL A 26 -10.33 -3.04 -8.79
C VAL A 26 -10.30 -3.80 -10.13
N THR A 27 -9.13 -4.33 -10.44
CA THR A 27 -8.95 -5.08 -11.67
C THR A 27 -7.64 -5.86 -11.64
N PRO A 28 -7.62 -7.00 -12.38
CA PRO A 28 -6.44 -7.84 -12.44
C PRO A 28 -5.36 -7.21 -13.33
N LYS A 29 -5.04 -5.96 -13.01
CA LYS A 29 -4.02 -5.24 -13.76
C LYS A 29 -3.92 -3.81 -13.23
N GLU A 30 -4.97 -3.40 -12.53
CA GLU A 30 -5.01 -2.06 -11.96
C GLU A 30 -4.64 -2.11 -10.48
N CYS A 31 -5.23 -3.06 -9.78
CA CYS A 31 -4.98 -3.21 -8.36
C CYS A 31 -3.46 -3.36 -8.16
N ASN A 32 -2.88 -4.29 -8.90
CA ASN A 32 -1.45 -4.53 -8.81
C ASN A 32 -0.70 -3.32 -9.36
N ASN A 33 -1.47 -2.36 -9.86
CA ASN A 33 -0.89 -1.15 -10.42
C ASN A 33 -1.07 0.00 -9.43
N ARG A 34 -2.14 -0.10 -8.64
CA ARG A 34 -2.43 0.92 -7.65
C ARG A 34 -1.64 0.66 -6.37
N GLY A 35 -1.37 -0.61 -6.12
CA GLY A 35 -0.62 -1.00 -4.94
C GLY A 35 -1.37 -2.06 -4.14
N CYS A 36 -2.21 -2.80 -4.84
CA CYS A 36 -2.99 -3.85 -4.21
C CYS A 36 -2.64 -5.18 -4.88
N CYS A 37 -3.32 -6.23 -4.43
CA CYS A 37 -3.09 -7.56 -4.98
C CYS A 37 -4.43 -8.14 -5.42
N PHE A 38 -4.48 -8.57 -6.67
CA PHE A 38 -5.69 -9.14 -7.23
C PHE A 38 -5.84 -10.61 -6.82
N ASP A 39 -7.02 -10.91 -6.30
CA ASP A 39 -7.31 -12.27 -5.86
C ASP A 39 -7.45 -13.19 -7.08
N SER A 40 -8.70 -13.45 -7.45
CA SER A 40 -8.97 -14.30 -8.60
C SER A 40 -9.14 -15.74 -8.15
N ARG A 41 -8.81 -15.98 -6.89
CA ARG A 41 -8.92 -17.31 -6.32
C ARG A 41 -10.30 -17.51 -5.69
N ILE A 42 -10.64 -16.61 -4.78
CA ILE A 42 -11.92 -16.67 -4.10
C ILE A 42 -12.73 -15.42 -4.43
N PRO A 43 -13.94 -15.66 -5.01
CA PRO A 43 -14.83 -14.57 -5.38
C PRO A 43 -15.50 -13.95 -4.14
N GLY A 44 -15.39 -14.68 -3.03
CA GLY A 44 -15.96 -14.22 -1.78
C GLY A 44 -14.98 -13.35 -1.00
N VAL A 45 -13.75 -13.30 -1.52
CA VAL A 45 -12.71 -12.52 -0.87
C VAL A 45 -12.44 -11.26 -1.70
N PRO A 46 -11.63 -10.35 -1.11
CA PRO A 46 -11.29 -9.10 -1.78
C PRO A 46 -10.27 -9.33 -2.89
N TRP A 47 -10.70 -9.05 -4.12
CA TRP A 47 -9.84 -9.23 -5.27
C TRP A 47 -9.00 -7.95 -5.44
N CYS A 48 -8.72 -7.32 -4.31
CA CYS A 48 -7.93 -6.11 -4.31
C CYS A 48 -7.54 -5.77 -2.86
N PHE A 49 -6.33 -6.18 -2.52
CA PHE A 49 -5.82 -5.93 -1.17
C PHE A 49 -4.34 -5.56 -1.20
N LYS A 50 -3.77 -5.43 -0.02
CA LYS A 50 -2.37 -5.07 0.11
C LYS A 50 -1.63 -6.15 0.92
N PRO A 51 -1.47 -7.33 0.27
CA PRO A 51 -0.79 -8.45 0.91
C PRO A 51 0.73 -8.22 0.96
N LEU A 52 1.39 -8.70 -0.07
CA LEU A 52 2.83 -8.55 -0.17
C LEU A 52 3.17 -7.22 -0.85
N GLN A 53 2.16 -6.36 -0.90
CA GLN A 53 2.33 -5.05 -1.52
C GLN A 53 3.59 -4.37 -0.97
N GLU A 54 3.99 -4.80 0.22
CA GLU A 54 5.17 -4.24 0.86
C GLU A 54 6.28 -4.03 -0.17
N ALA A 55 6.22 -4.82 -1.23
CA ALA A 55 7.20 -4.73 -2.29
C ALA A 55 7.25 -3.31 -2.83
N GLU A 56 6.36 -3.04 -3.79
CA GLU A 56 6.28 -1.72 -4.39
C GLU A 56 5.54 -0.76 -3.48
N CYS A 57 5.17 -1.27 -2.31
CA CYS A 57 4.45 -0.47 -1.33
C CYS A 57 5.45 0.04 -0.29
N THR A 58 5.88 -0.88 0.57
CA THR A 58 6.84 -0.55 1.61
C THR A 58 7.98 0.30 1.03
N PHE A 59 8.40 -0.06 -0.17
CA PHE A 59 9.47 0.65 -0.84
C PHE A 59 9.43 2.14 -0.49
N GLU B 1 20.54 -2.22 3.70
CA GLU B 1 19.25 -1.56 3.68
C GLU B 1 18.19 -2.46 4.34
N GLU B 2 18.09 -2.35 5.66
CA GLU B 2 17.13 -3.14 6.40
C GLU B 2 15.81 -2.40 6.51
N TYR B 3 15.43 -2.08 7.74
CA TYR B 3 14.18 -1.39 7.99
C TYR B 3 14.40 0.13 8.01
N VAL B 4 14.47 0.71 6.82
CA VAL B 4 14.68 2.13 6.68
C VAL B 4 13.72 2.69 5.63
N GLY B 5 13.81 2.13 4.43
CA GLY B 5 12.97 2.56 3.33
C GLY B 5 11.52 2.17 3.57
N LEU B 6 11.27 1.61 4.75
CA LEU B 6 9.93 1.19 5.12
C LEU B 6 9.78 1.25 6.64
N SER B 7 10.57 2.14 7.24
CA SER B 7 10.53 2.31 8.69
C SER B 7 9.80 3.62 9.04
N ALA B 8 9.27 3.65 10.25
CA ALA B 8 8.56 4.82 10.71
C ALA B 8 9.48 6.04 10.66
N ASN B 9 9.47 6.71 9.51
CA ASN B 9 10.30 7.88 9.32
C ASN B 9 10.30 8.26 7.84
N GLN B 10 10.15 7.24 7.00
CA GLN B 10 10.14 7.45 5.57
C GLN B 10 8.96 8.34 5.17
N CYS B 11 7.89 8.24 5.94
CA CYS B 11 6.70 9.02 5.68
C CYS B 11 7.00 10.48 6.03
N ALA B 12 8.21 10.70 6.55
CA ALA B 12 8.63 12.03 6.92
C ALA B 12 9.81 12.46 6.03
N VAL B 13 10.02 11.68 4.98
CA VAL B 13 11.10 11.97 4.05
C VAL B 13 11.16 13.47 3.79
N PRO B 14 12.30 13.91 3.18
CA PRO B 14 12.49 15.31 2.86
C PRO B 14 11.66 15.72 1.65
N ALA B 15 10.54 15.02 1.47
CA ALA B 15 9.66 15.29 0.36
C ALA B 15 10.46 15.31 -0.94
N LYS B 16 10.86 14.12 -1.37
CA LYS B 16 11.63 13.99 -2.60
C LYS B 16 12.26 12.59 -2.64
N ASP B 17 11.47 11.61 -2.23
CA ASP B 17 11.94 10.23 -2.22
C ASP B 17 10.73 9.29 -2.18
N ARG B 18 9.56 9.87 -2.41
CA ARG B 18 8.33 9.10 -2.39
C ARG B 18 8.00 8.59 -3.80
N VAL B 19 6.98 7.77 -3.88
CA VAL B 19 6.55 7.20 -5.15
C VAL B 19 5.28 7.92 -5.63
N ASP B 20 5.07 9.10 -5.06
CA ASP B 20 3.90 9.89 -5.42
C ASP B 20 2.74 8.96 -5.75
N CYS B 21 2.02 8.57 -4.70
CA CYS B 21 0.88 7.68 -4.86
C CYS B 21 0.02 8.21 -6.01
N GLY B 22 -0.04 9.54 -6.10
CA GLY B 22 -0.81 10.18 -7.15
C GLY B 22 -2.16 9.48 -7.35
N TYR B 23 -2.92 9.41 -6.25
CA TYR B 23 -4.22 8.76 -6.30
C TYR B 23 -5.32 9.77 -6.61
N PRO B 24 -6.36 9.29 -7.34
CA PRO B 24 -7.48 10.13 -7.72
C PRO B 24 -8.40 10.40 -6.52
N HIS B 25 -8.06 9.76 -5.41
CA HIS B 25 -8.84 9.91 -4.19
C HIS B 25 -7.94 10.41 -3.06
N VAL B 26 -6.74 10.82 -3.44
CA VAL B 26 -5.78 11.33 -2.48
C VAL B 26 -6.49 12.22 -1.47
N THR B 27 -6.34 11.87 -0.20
CA THR B 27 -6.95 12.63 0.87
C THR B 27 -6.32 12.28 2.22
N PRO B 28 -6.41 13.25 3.17
CA PRO B 28 -5.85 13.04 4.49
C PRO B 28 -6.74 12.11 5.32
N LYS B 29 -7.13 11.00 4.70
CA LYS B 29 -7.97 10.03 5.37
C LYS B 29 -8.23 8.85 4.42
N GLU B 30 -8.05 9.13 3.14
CA GLU B 30 -8.25 8.10 2.12
C GLU B 30 -6.92 7.41 1.78
N CYS B 31 -5.90 8.23 1.61
CA CYS B 31 -4.58 7.71 1.29
C CYS B 31 -4.19 6.70 2.35
N ASN B 32 -4.21 7.14 3.60
CA ASN B 32 -3.86 6.27 4.71
C ASN B 32 -4.83 5.08 4.75
N ASN B 33 -5.91 5.22 4.00
CA ASN B 33 -6.91 4.18 3.94
C ASN B 33 -6.64 3.26 2.76
N ARG B 34 -6.01 3.84 1.75
CA ARG B 34 -5.67 3.09 0.55
C ARG B 34 -4.33 2.37 0.72
N GLY B 35 -3.49 2.96 1.57
CA GLY B 35 -2.18 2.39 1.84
C GLY B 35 -1.07 3.39 1.48
N CYS B 36 -1.44 4.66 1.50
CA CYS B 36 -0.48 5.71 1.19
C CYS B 36 -0.34 6.62 2.42
N CYS B 37 0.53 7.59 2.29
CA CYS B 37 0.77 8.53 3.38
C CYS B 37 0.54 9.94 2.86
N PHE B 38 -0.30 10.67 3.59
CA PHE B 38 -0.62 12.04 3.21
C PHE B 38 0.32 13.03 3.91
N ASP B 39 0.99 13.84 3.10
CA ASP B 39 1.91 14.83 3.62
C ASP B 39 1.16 16.15 3.86
N SER B 40 1.02 16.91 2.78
CA SER B 40 0.34 18.18 2.85
C SER B 40 1.33 19.30 3.21
N ARG B 41 2.48 18.88 3.70
CA ARG B 41 3.51 19.82 4.09
C ARG B 41 3.94 20.66 2.90
N ILE B 42 4.27 19.97 1.80
CA ILE B 42 4.69 20.64 0.59
C ILE B 42 3.69 20.34 -0.53
N PRO B 43 3.16 21.44 -1.14
CA PRO B 43 2.19 21.31 -2.21
C PRO B 43 2.88 20.88 -3.52
N GLY B 44 4.20 21.02 -3.52
CA GLY B 44 4.98 20.65 -4.69
C GLY B 44 5.39 19.17 -4.63
N VAL B 45 5.15 18.57 -3.48
CA VAL B 45 5.49 17.17 -3.29
C VAL B 45 4.20 16.34 -3.27
N PRO B 46 4.39 15.00 -3.32
CA PRO B 46 3.25 14.08 -3.30
C PRO B 46 2.64 13.99 -1.90
N TRP B 47 1.41 14.48 -1.79
CA TRP B 47 0.71 14.46 -0.52
C TRP B 47 0.00 13.10 -0.40
N CYS B 48 0.60 12.10 -1.02
CA CYS B 48 0.04 10.75 -0.99
C CYS B 48 1.06 9.80 -1.60
N PHE B 49 1.77 9.09 -0.74
CA PHE B 49 2.77 8.15 -1.18
C PHE B 49 2.71 6.86 -0.36
N LYS B 50 3.74 6.04 -0.54
CA LYS B 50 3.82 4.78 0.18
C LYS B 50 5.11 4.73 0.99
N PRO B 51 5.18 5.62 2.01
CA PRO B 51 6.36 5.69 2.87
C PRO B 51 6.40 4.51 3.84
N LEU B 52 5.77 4.71 4.98
CA LEU B 52 5.73 3.68 6.01
C LEU B 52 4.35 3.03 6.02
N GLN B 53 3.71 3.06 4.85
CA GLN B 53 2.39 2.49 4.71
C GLN B 53 2.35 1.08 5.31
N GLU B 54 3.54 0.52 5.48
CA GLU B 54 3.66 -0.82 6.05
C GLU B 54 2.66 -1.00 7.19
N ALA B 55 2.28 0.11 7.79
CA ALA B 55 1.34 0.08 8.90
C ALA B 55 0.30 -1.03 8.65
N GLU B 56 -0.47 -0.85 7.59
CA GLU B 56 -1.49 -1.81 7.24
C GLU B 56 -1.36 -2.20 5.76
N CYS B 57 -0.21 -1.88 5.20
CA CYS B 57 0.05 -2.19 3.81
C CYS B 57 0.76 -3.55 3.73
N THR B 58 2.05 -3.51 4.00
CA THR B 58 2.85 -4.73 3.97
C THR B 58 2.09 -5.88 4.66
N PHE B 59 1.40 -5.54 5.73
CA PHE B 59 0.64 -6.52 6.48
C PHE B 59 -0.11 -7.46 5.53
N GLU A 1 13.19 -13.54 10.27
CA GLU A 1 12.32 -12.43 10.60
C GLU A 1 10.87 -12.91 10.77
N GLU A 2 10.07 -12.05 11.37
CA GLU A 2 8.67 -12.38 11.61
C GLU A 2 7.83 -12.02 10.38
N TYR A 3 8.52 -11.82 9.26
CA TYR A 3 7.85 -11.47 8.02
C TYR A 3 7.47 -12.73 7.23
N VAL A 4 6.48 -13.43 7.75
CA VAL A 4 6.02 -14.65 7.09
C VAL A 4 4.56 -14.48 6.67
N GLY A 5 3.72 -14.14 7.64
CA GLY A 5 2.31 -13.93 7.37
C GLY A 5 2.07 -12.64 6.57
N LEU A 6 3.18 -11.99 6.24
CA LEU A 6 3.12 -10.76 5.47
C LEU A 6 4.15 -10.79 4.36
N SER A 7 4.74 -11.98 4.17
CA SER A 7 5.75 -12.16 3.14
C SER A 7 5.10 -12.08 1.76
N ALA A 8 5.86 -12.51 0.76
CA ALA A 8 5.38 -12.50 -0.60
C ALA A 8 4.31 -13.59 -0.78
N ASN A 9 4.26 -14.48 0.21
CA ASN A 9 3.29 -15.56 0.18
C ASN A 9 2.04 -15.14 0.94
N GLN A 10 2.13 -13.99 1.58
CA GLN A 10 1.01 -13.47 2.34
C GLN A 10 -0.19 -13.21 1.42
N CYS A 11 0.11 -12.65 0.26
CA CYS A 11 -0.93 -12.35 -0.71
C CYS A 11 -1.63 -13.66 -1.09
N ALA A 12 -1.02 -14.76 -0.66
CA ALA A 12 -1.58 -16.08 -0.94
C ALA A 12 -2.44 -16.52 0.24
N VAL A 13 -2.88 -15.54 1.02
CA VAL A 13 -3.71 -15.81 2.18
C VAL A 13 -4.75 -16.87 1.81
N PRO A 14 -5.43 -17.40 2.86
CA PRO A 14 -6.46 -18.42 2.66
C PRO A 14 -7.73 -17.79 2.10
N ALA A 15 -7.66 -16.50 1.83
CA ALA A 15 -8.81 -15.78 1.30
C ALA A 15 -9.73 -15.37 2.44
N LYS A 16 -9.11 -14.84 3.49
CA LYS A 16 -9.87 -14.41 4.66
C LYS A 16 -8.90 -13.86 5.71
N ASP A 17 -7.97 -13.05 5.23
CA ASP A 17 -6.98 -12.46 6.13
C ASP A 17 -6.50 -11.13 5.53
N ARG A 18 -7.20 -10.69 4.50
CA ARG A 18 -6.86 -9.45 3.83
C ARG A 18 -7.64 -8.28 4.43
N VAL A 19 -7.40 -7.10 3.90
CA VAL A 19 -8.07 -5.90 4.37
C VAL A 19 -9.06 -5.43 3.30
N ASP A 20 -9.42 -6.34 2.42
CA ASP A 20 -10.35 -6.03 1.35
C ASP A 20 -10.14 -4.58 0.90
N CYS A 21 -9.27 -4.42 -0.09
CA CYS A 21 -8.97 -3.11 -0.62
C CYS A 21 -10.28 -2.47 -1.08
N GLY A 22 -11.17 -3.31 -1.58
CA GLY A 22 -12.46 -2.83 -2.06
C GLY A 22 -12.29 -1.67 -3.03
N TYR A 23 -11.50 -1.92 -4.07
CA TYR A 23 -11.25 -0.92 -5.09
C TYR A 23 -12.26 -1.01 -6.22
N PRO A 24 -12.70 0.18 -6.70
CA PRO A 24 -13.67 0.24 -7.78
C PRO A 24 -13.02 -0.11 -9.12
N HIS A 25 -11.70 -0.13 -9.12
CA HIS A 25 -10.94 -0.45 -10.31
C HIS A 25 -10.32 -1.83 -10.18
N VAL A 26 -10.73 -2.54 -9.13
CA VAL A 26 -10.22 -3.88 -8.88
C VAL A 26 -10.11 -4.64 -10.19
N THR A 27 -8.94 -5.20 -10.42
CA THR A 27 -8.69 -5.97 -11.63
C THR A 27 -7.38 -6.73 -11.53
N PRO A 28 -7.31 -7.86 -12.29
CA PRO A 28 -6.11 -8.68 -12.29
C PRO A 28 -4.98 -8.03 -13.10
N LYS A 29 -4.61 -6.83 -12.66
CA LYS A 29 -3.55 -6.10 -13.33
C LYS A 29 -3.56 -4.65 -12.83
N GLU A 30 -4.71 -4.24 -12.32
CA GLU A 30 -4.86 -2.89 -11.80
C GLU A 30 -4.58 -2.85 -10.30
N CYS A 31 -5.15 -3.82 -9.59
CA CYS A 31 -4.96 -3.90 -8.16
C CYS A 31 -3.46 -3.90 -7.86
N ASN A 32 -2.76 -4.78 -8.57
CA ASN A 32 -1.32 -4.90 -8.39
C ASN A 32 -0.63 -3.72 -9.09
N ASN A 33 -1.45 -2.78 -9.54
CA ASN A 33 -0.93 -1.60 -10.23
C ASN A 33 -1.05 -0.38 -9.30
N ARG A 34 -2.17 -0.32 -8.59
CA ARG A 34 -2.41 0.77 -7.67
C ARG A 34 -1.70 0.52 -6.35
N GLY A 35 -1.71 -0.74 -5.94
CA GLY A 35 -1.08 -1.14 -4.69
C GLY A 35 -1.91 -2.18 -3.95
N CYS A 36 -2.75 -2.88 -4.71
CA CYS A 36 -3.60 -3.90 -4.14
C CYS A 36 -3.24 -5.24 -4.78
N CYS A 37 -3.72 -6.30 -4.15
CA CYS A 37 -3.45 -7.65 -4.64
C CYS A 37 -4.77 -8.24 -5.16
N PHE A 38 -4.73 -8.70 -6.39
CA PHE A 38 -5.90 -9.28 -7.01
C PHE A 38 -5.92 -10.81 -6.82
N ASP A 39 -6.97 -11.28 -6.15
CA ASP A 39 -7.12 -12.70 -5.89
C ASP A 39 -7.66 -13.39 -7.14
N SER A 40 -8.98 -13.31 -7.29
CA SER A 40 -9.63 -13.92 -8.44
C SER A 40 -9.88 -15.41 -8.17
N ARG A 41 -8.99 -16.00 -7.39
CA ARG A 41 -9.11 -17.41 -7.04
C ARG A 41 -10.39 -17.65 -6.24
N ILE A 42 -10.68 -16.72 -5.34
CA ILE A 42 -11.86 -16.82 -4.51
C ILE A 42 -12.76 -15.61 -4.75
N PRO A 43 -13.86 -15.84 -5.52
CA PRO A 43 -14.79 -14.79 -5.83
C PRO A 43 -15.67 -14.45 -4.62
N GLY A 44 -15.51 -15.25 -3.57
CA GLY A 44 -16.27 -15.06 -2.35
C GLY A 44 -15.53 -14.15 -1.38
N VAL A 45 -14.30 -13.81 -1.75
CA VAL A 45 -13.48 -12.95 -0.92
C VAL A 45 -13.09 -11.70 -1.72
N PRO A 46 -12.25 -10.85 -1.07
CA PRO A 46 -11.79 -9.62 -1.71
C PRO A 46 -10.74 -9.92 -2.77
N TRP A 47 -11.06 -9.55 -4.00
CA TRP A 47 -10.15 -9.77 -5.12
C TRP A 47 -9.29 -8.52 -5.27
N CYS A 48 -9.08 -7.83 -4.15
CA CYS A 48 -8.28 -6.62 -4.15
C CYS A 48 -7.99 -6.25 -2.69
N PHE A 49 -6.76 -6.53 -2.28
CA PHE A 49 -6.34 -6.23 -0.92
C PHE A 49 -4.92 -5.68 -0.90
N LYS A 50 -4.37 -5.60 0.30
CA LYS A 50 -3.02 -5.09 0.48
C LYS A 50 -2.19 -6.11 1.26
N PRO A 51 -1.93 -7.27 0.60
CA PRO A 51 -1.15 -8.33 1.22
C PRO A 51 0.34 -7.97 1.27
N LEU A 52 1.08 -8.52 0.31
CA LEU A 52 2.51 -8.26 0.23
C LEU A 52 2.76 -7.05 -0.68
N GLN A 53 1.85 -6.08 -0.57
CA GLN A 53 1.96 -4.87 -1.38
C GLN A 53 3.32 -4.20 -1.14
N GLU A 54 3.89 -4.49 0.01
CA GLU A 54 5.18 -3.92 0.38
C GLU A 54 6.13 -3.95 -0.82
N ALA A 55 5.85 -4.88 -1.72
CA ALA A 55 6.67 -5.03 -2.92
C ALA A 55 6.99 -3.64 -3.49
N GLU A 56 5.93 -2.97 -3.93
CA GLU A 56 6.08 -1.64 -4.51
C GLU A 56 5.26 -0.62 -3.72
N CYS A 57 4.88 -1.02 -2.51
CA CYS A 57 4.09 -0.17 -1.65
C CYS A 57 5.04 0.53 -0.66
N THR A 58 5.31 -0.15 0.44
CA THR A 58 6.19 0.38 1.46
C THR A 58 7.41 1.04 0.81
N PHE A 59 7.75 0.56 -0.37
CA PHE A 59 8.88 1.09 -1.10
C PHE A 59 9.08 2.57 -0.80
N GLU B 1 20.66 -4.36 8.10
CA GLU B 1 19.23 -4.08 8.13
C GLU B 1 18.98 -2.57 8.00
N GLU B 2 19.09 -2.10 6.77
CA GLU B 2 18.87 -0.69 6.49
C GLU B 2 17.39 -0.40 6.28
N TYR B 3 16.60 -0.81 7.27
CA TYR B 3 15.16 -0.59 7.21
C TYR B 3 14.78 0.75 7.82
N VAL B 4 15.12 1.82 7.11
CA VAL B 4 14.82 3.16 7.57
C VAL B 4 13.87 3.83 6.57
N GLY B 5 14.28 3.81 5.32
CA GLY B 5 13.48 4.42 4.25
C GLY B 5 12.23 3.58 3.96
N LEU B 6 12.06 2.53 4.76
CA LEU B 6 10.92 1.65 4.59
C LEU B 6 10.25 1.44 5.95
N SER B 7 10.76 2.14 6.95
CA SER B 7 10.23 2.04 8.29
C SER B 7 9.49 3.33 8.67
N ALA B 8 8.90 3.32 9.84
CA ALA B 8 8.16 4.47 10.32
C ALA B 8 9.11 5.67 10.45
N ASN B 9 9.32 6.35 9.33
CA ASN B 9 10.20 7.50 9.30
C ASN B 9 10.32 8.00 7.86
N GLN B 10 10.27 7.06 6.93
CA GLN B 10 10.37 7.39 5.52
C GLN B 10 9.24 8.32 5.10
N CYS B 11 8.10 8.16 5.78
CA CYS B 11 6.94 8.98 5.50
C CYS B 11 7.24 10.41 5.93
N ALA B 12 8.40 10.58 6.54
CA ALA B 12 8.82 11.90 7.01
C ALA B 12 9.92 12.43 6.08
N VAL B 13 10.06 11.78 4.94
CA VAL B 13 11.05 12.18 3.97
C VAL B 13 11.00 13.70 3.77
N PRO B 14 12.07 14.23 3.12
CA PRO B 14 12.15 15.66 2.87
C PRO B 14 11.21 16.06 1.73
N ALA B 15 10.15 15.29 1.56
CA ALA B 15 9.18 15.55 0.53
C ALA B 15 9.91 15.84 -0.78
N LYS B 16 10.66 14.86 -1.25
CA LYS B 16 11.41 14.99 -2.48
C LYS B 16 12.13 13.68 -2.79
N ASP B 17 11.47 12.58 -2.43
CA ASP B 17 12.03 11.27 -2.66
C ASP B 17 10.92 10.22 -2.56
N ARG B 18 9.70 10.68 -2.72
CA ARG B 18 8.55 9.80 -2.65
C ARG B 18 8.22 9.24 -4.03
N VAL B 19 7.25 8.33 -4.05
CA VAL B 19 6.83 7.70 -5.30
C VAL B 19 5.55 8.37 -5.79
N ASP B 20 5.31 9.57 -5.29
CA ASP B 20 4.11 10.31 -5.66
C ASP B 20 2.98 9.34 -5.99
N CYS B 21 2.26 8.95 -4.94
CA CYS B 21 1.15 8.03 -5.10
C CYS B 21 0.28 8.51 -6.26
N GLY B 22 0.17 9.84 -6.36
CA GLY B 22 -0.64 10.44 -7.40
C GLY B 22 -2.09 9.99 -7.31
N TYR B 23 -2.60 10.00 -6.09
CA TYR B 23 -3.99 9.59 -5.86
C TYR B 23 -4.95 10.73 -6.16
N PRO B 24 -6.05 10.38 -6.87
CA PRO B 24 -7.07 11.36 -7.23
C PRO B 24 -7.93 11.72 -6.02
N HIS B 25 -7.71 10.99 -4.94
CA HIS B 25 -8.45 11.22 -3.71
C HIS B 25 -7.48 11.55 -2.57
N VAL B 26 -6.32 12.04 -2.95
CA VAL B 26 -5.30 12.40 -1.98
C VAL B 26 -5.96 13.14 -0.82
N THR B 27 -5.82 12.56 0.37
CA THR B 27 -6.39 13.15 1.57
C THR B 27 -5.77 12.54 2.81
N PRO B 28 -5.70 13.38 3.89
CA PRO B 28 -5.12 12.92 5.15
C PRO B 28 -6.09 11.99 5.89
N LYS B 29 -6.58 11.00 5.17
CA LYS B 29 -7.51 10.04 5.73
C LYS B 29 -7.85 8.97 4.69
N GLU B 30 -7.70 9.36 3.43
CA GLU B 30 -7.99 8.45 2.33
C GLU B 30 -6.71 7.74 1.90
N CYS B 31 -5.64 8.52 1.79
CA CYS B 31 -4.35 7.97 1.39
C CYS B 31 -3.92 6.95 2.44
N ASN B 32 -3.82 7.43 3.67
CA ASN B 32 -3.40 6.57 4.77
C ASN B 32 -4.42 5.44 4.94
N ASN B 33 -5.50 5.54 4.17
CA ASN B 33 -6.55 4.53 4.23
C ASN B 33 -6.47 3.65 2.97
N ARG B 34 -5.91 4.24 1.92
CA ARG B 34 -5.77 3.52 0.66
C ARG B 34 -4.43 2.79 0.62
N GLY B 35 -3.47 3.34 1.34
CA GLY B 35 -2.14 2.75 1.38
C GLY B 35 -1.07 3.78 1.00
N CYS B 36 -1.44 5.04 1.12
CA CYS B 36 -0.52 6.12 0.80
C CYS B 36 -0.34 6.99 2.05
N CYS B 37 0.65 7.86 1.99
CA CYS B 37 0.95 8.74 3.10
C CYS B 37 0.73 10.19 2.65
N PHE B 38 -0.05 10.90 3.43
CA PHE B 38 -0.35 12.29 3.12
C PHE B 38 0.66 13.23 3.79
N ASP B 39 1.30 14.05 2.95
CA ASP B 39 2.29 14.99 3.44
C ASP B 39 1.59 16.28 3.86
N SER B 40 1.39 17.15 2.88
CA SER B 40 0.73 18.43 3.13
C SER B 40 1.77 19.48 3.50
N ARG B 41 2.93 19.01 3.93
CA ARG B 41 4.01 19.90 4.31
C ARG B 41 4.45 20.74 3.10
N ILE B 42 4.66 20.06 1.99
CA ILE B 42 5.08 20.72 0.77
C ILE B 42 4.00 20.56 -0.30
N PRO B 43 3.36 21.71 -0.65
CA PRO B 43 2.31 21.72 -1.64
C PRO B 43 2.89 21.56 -3.05
N GLY B 44 4.21 21.61 -3.13
CA GLY B 44 4.90 21.48 -4.40
C GLY B 44 5.36 20.04 -4.62
N VAL B 45 5.07 19.20 -3.65
CA VAL B 45 5.45 17.80 -3.73
C VAL B 45 4.19 16.93 -3.65
N PRO B 46 4.43 15.59 -3.67
CA PRO B 46 3.33 14.63 -3.60
C PRO B 46 2.76 14.55 -2.18
N TRP B 47 1.49 14.89 -2.07
CA TRP B 47 0.82 14.86 -0.77
C TRP B 47 0.15 13.49 -0.63
N CYS B 48 0.74 12.51 -1.28
CA CYS B 48 0.22 11.15 -1.23
C CYS B 48 1.23 10.21 -1.88
N PHE B 49 1.95 9.49 -1.03
CA PHE B 49 2.96 8.56 -1.51
C PHE B 49 2.88 7.23 -0.74
N LYS B 50 3.90 6.42 -0.93
CA LYS B 50 3.97 5.12 -0.27
C LYS B 50 5.29 5.02 0.50
N PRO B 51 5.39 5.84 1.58
CA PRO B 51 6.59 5.85 2.40
C PRO B 51 6.65 4.61 3.29
N LEU B 52 6.21 4.78 4.53
CA LEU B 52 6.21 3.69 5.49
C LEU B 52 4.83 3.04 5.50
N GLN B 53 4.25 2.91 4.31
CA GLN B 53 2.94 2.30 4.17
C GLN B 53 2.92 0.93 4.84
N GLU B 54 4.12 0.41 5.08
CA GLU B 54 4.24 -0.89 5.71
C GLU B 54 3.25 -1.03 6.87
N ALA B 55 2.88 0.11 7.41
CA ALA B 55 1.93 0.14 8.52
C ALA B 55 0.86 -0.93 8.29
N GLU B 56 -0.16 -0.54 7.54
CA GLU B 56 -1.25 -1.45 7.25
C GLU B 56 -1.25 -1.83 5.77
N CYS B 57 -0.11 -1.59 5.14
CA CYS B 57 0.04 -1.89 3.72
C CYS B 57 0.70 -3.27 3.60
N THR B 58 1.96 -3.33 3.99
CA THR B 58 2.71 -4.57 3.93
C THR B 58 1.86 -5.73 4.43
N PHE B 59 0.89 -5.39 5.27
CA PHE B 59 0.01 -6.40 5.83
C PHE B 59 -1.08 -6.79 4.82
N GLU A 1 6.07 -13.11 13.57
CA GLU A 1 7.30 -12.38 13.86
C GLU A 1 8.25 -12.49 12.66
N GLU A 2 8.29 -13.66 12.06
CA GLU A 2 9.15 -13.89 10.92
C GLU A 2 8.58 -13.20 9.68
N TYR A 3 8.79 -11.89 9.62
CA TYR A 3 8.31 -11.09 8.51
C TYR A 3 8.25 -11.93 7.23
N VAL A 4 7.13 -12.63 7.06
CA VAL A 4 6.94 -13.47 5.89
C VAL A 4 5.55 -13.20 5.30
N GLY A 5 4.58 -13.15 6.19
CA GLY A 5 3.20 -12.90 5.78
C GLY A 5 3.01 -11.46 5.34
N LEU A 6 4.12 -10.72 5.32
CA LEU A 6 4.08 -9.33 4.91
C LEU A 6 4.84 -9.15 3.60
N SER A 7 5.58 -10.19 3.24
CA SER A 7 6.36 -10.17 2.02
C SER A 7 5.75 -11.13 0.99
N ALA A 8 6.43 -11.25 -0.14
CA ALA A 8 5.96 -12.12 -1.20
C ALA A 8 5.53 -13.46 -0.60
N ASN A 9 4.56 -14.08 -1.24
CA ASN A 9 4.05 -15.36 -0.78
C ASN A 9 2.81 -15.13 0.09
N GLN A 10 2.85 -14.04 0.85
CA GLN A 10 1.76 -13.71 1.73
C GLN A 10 0.46 -13.57 0.93
N CYS A 11 0.57 -12.94 -0.22
CA CYS A 11 -0.57 -12.74 -1.08
C CYS A 11 -1.17 -14.11 -1.42
N ALA A 12 -0.42 -15.14 -1.07
CA ALA A 12 -0.86 -16.50 -1.33
C ALA A 12 -1.75 -16.97 -0.18
N VAL A 13 -2.12 -16.02 0.66
CA VAL A 13 -2.97 -16.32 1.80
C VAL A 13 -3.94 -17.44 1.42
N PRO A 14 -4.31 -18.25 2.45
CA PRO A 14 -5.24 -19.35 2.24
C PRO A 14 -6.67 -18.85 2.09
N ALA A 15 -6.79 -17.67 1.49
CA ALA A 15 -8.09 -17.07 1.28
C ALA A 15 -8.83 -16.98 2.62
N LYS A 16 -8.25 -16.20 3.53
CA LYS A 16 -8.84 -16.03 4.84
C LYS A 16 -7.80 -15.44 5.79
N ASP A 17 -7.04 -14.48 5.27
CA ASP A 17 -6.01 -13.83 6.06
C ASP A 17 -5.73 -12.44 5.50
N ARG A 18 -6.59 -12.03 4.58
CA ARG A 18 -6.46 -10.73 3.95
C ARG A 18 -7.30 -9.69 4.69
N VAL A 19 -7.17 -8.44 4.25
CA VAL A 19 -7.91 -7.35 4.87
C VAL A 19 -9.03 -6.91 3.94
N ASP A 20 -9.34 -7.78 2.98
CA ASP A 20 -10.39 -7.49 2.02
C ASP A 20 -10.35 -6.01 1.65
N CYS A 21 -9.53 -5.70 0.66
CA CYS A 21 -9.38 -4.34 0.20
C CYS A 21 -10.78 -3.73 0.04
N GLY A 22 -11.69 -4.56 -0.46
CA GLY A 22 -13.07 -4.13 -0.67
C GLY A 22 -13.11 -2.75 -1.35
N TYR A 23 -12.47 -2.68 -2.50
CA TYR A 23 -12.43 -1.44 -3.26
C TYR A 23 -13.59 -1.36 -4.25
N PRO A 24 -14.05 -0.11 -4.49
CA PRO A 24 -15.15 0.11 -5.43
C PRO A 24 -14.69 -0.03 -6.87
N HIS A 25 -13.38 -0.23 -7.02
CA HIS A 25 -12.80 -0.39 -8.34
C HIS A 25 -12.04 -1.72 -8.42
N VAL A 26 -12.29 -2.56 -7.42
CA VAL A 26 -11.64 -3.85 -7.37
C VAL A 26 -11.67 -4.51 -8.75
N THR A 27 -10.49 -4.88 -9.22
CA THR A 27 -10.37 -5.52 -10.52
C THR A 27 -8.99 -6.14 -10.68
N PRO A 28 -8.93 -7.17 -11.57
CA PRO A 28 -7.67 -7.87 -11.83
C PRO A 28 -6.75 -7.02 -12.70
N LYS A 29 -6.54 -5.78 -12.25
CA LYS A 29 -5.68 -4.86 -12.97
C LYS A 29 -5.70 -3.50 -12.27
N GLU A 30 -6.73 -3.29 -11.49
CA GLU A 30 -6.89 -2.04 -10.76
C GLU A 30 -6.36 -2.20 -9.33
N CYS A 31 -6.74 -3.30 -8.71
CA CYS A 31 -6.32 -3.58 -7.35
C CYS A 31 -4.79 -3.54 -7.30
N ASN A 32 -4.18 -4.32 -8.18
CA ASN A 32 -2.73 -4.37 -8.26
C ASN A 32 -2.19 -3.01 -8.73
N ASN A 33 -3.12 -2.12 -9.02
CA ASN A 33 -2.75 -0.79 -9.48
C ASN A 33 -2.96 0.22 -8.35
N ARG A 34 -3.92 -0.10 -7.49
CA ARG A 34 -4.24 0.76 -6.36
C ARG A 34 -3.32 0.46 -5.18
N GLY A 35 -2.85 -0.78 -5.15
CA GLY A 35 -1.95 -1.21 -4.08
C GLY A 35 -2.53 -2.43 -3.34
N CYS A 36 -3.36 -3.18 -4.06
CA CYS A 36 -3.97 -4.36 -3.49
C CYS A 36 -3.54 -5.58 -4.30
N CYS A 37 -3.98 -6.74 -3.85
CA CYS A 37 -3.65 -7.98 -4.54
C CYS A 37 -4.95 -8.67 -4.94
N PHE A 38 -5.07 -8.94 -6.24
CA PHE A 38 -6.25 -9.59 -6.77
C PHE A 38 -6.05 -11.11 -6.85
N ASP A 39 -6.90 -11.83 -6.12
CA ASP A 39 -6.82 -13.27 -6.11
C ASP A 39 -7.62 -13.83 -7.28
N SER A 40 -8.93 -13.88 -7.10
CA SER A 40 -9.82 -14.38 -8.13
C SER A 40 -9.93 -15.92 -8.02
N ARG A 41 -9.00 -16.48 -7.27
CA ARG A 41 -8.99 -17.92 -7.08
C ARG A 41 -10.22 -18.38 -6.30
N ILE A 42 -10.56 -17.61 -5.28
CA ILE A 42 -11.71 -17.91 -4.45
C ILE A 42 -12.68 -16.72 -4.48
N PRO A 43 -13.83 -16.93 -5.16
CA PRO A 43 -14.84 -15.88 -5.25
C PRO A 43 -15.61 -15.74 -3.93
N GLY A 44 -15.27 -16.61 -3.00
CA GLY A 44 -15.91 -16.58 -1.69
C GLY A 44 -15.12 -15.72 -0.71
N VAL A 45 -13.94 -15.30 -1.15
CA VAL A 45 -13.07 -14.47 -0.32
C VAL A 45 -12.80 -13.16 -1.03
N PRO A 46 -11.93 -12.33 -0.39
CA PRO A 46 -11.57 -11.04 -0.95
C PRO A 46 -10.61 -11.19 -2.13
N TRP A 47 -11.07 -10.77 -3.30
CA TRP A 47 -10.26 -10.87 -4.50
C TRP A 47 -9.52 -9.54 -4.67
N CYS A 48 -9.24 -8.91 -3.54
CA CYS A 48 -8.54 -7.63 -3.55
C CYS A 48 -8.18 -7.28 -2.11
N PHE A 49 -6.89 -7.37 -1.82
CA PHE A 49 -6.40 -7.05 -0.48
C PHE A 49 -5.02 -6.42 -0.55
N LYS A 50 -4.39 -6.31 0.62
CA LYS A 50 -3.07 -5.72 0.71
C LYS A 50 -2.12 -6.71 1.38
N PRO A 51 -1.80 -7.80 0.62
CA PRO A 51 -0.90 -8.83 1.12
C PRO A 51 0.56 -8.35 1.10
N LEU A 52 1.28 -8.80 0.08
CA LEU A 52 2.67 -8.43 -0.06
C LEU A 52 2.77 -7.16 -0.91
N GLN A 53 1.77 -6.31 -0.76
CA GLN A 53 1.73 -5.05 -1.50
C GLN A 53 3.05 -4.29 -1.32
N GLU A 54 3.77 -4.65 -0.28
CA GLU A 54 5.03 -4.02 0.02
C GLU A 54 5.82 -3.78 -1.28
N ALA A 55 5.55 -4.64 -2.26
CA ALA A 55 6.22 -4.53 -3.55
C ALA A 55 6.42 -3.06 -3.90
N GLU A 56 5.32 -2.42 -4.27
CA GLU A 56 5.36 -1.02 -4.64
C GLU A 56 4.31 -0.24 -3.85
N CYS A 57 3.94 -0.79 -2.70
CA CYS A 57 2.96 -0.15 -1.85
C CYS A 57 3.68 0.48 -0.65
N THR A 58 4.48 -0.34 0.01
CA THR A 58 5.23 0.12 1.16
C THR A 58 6.50 0.86 0.71
N PHE A 59 7.09 0.35 -0.35
CA PHE A 59 8.31 0.95 -0.88
C PHE A 59 8.29 2.47 -0.71
N GLU B 1 16.14 -7.72 7.09
CA GLU B 1 14.82 -7.12 7.10
C GLU B 1 14.82 -5.85 7.96
N GLU B 2 15.70 -4.93 7.59
CA GLU B 2 15.82 -3.68 8.33
C GLU B 2 14.80 -2.66 7.81
N TYR B 3 13.54 -2.90 8.16
CA TYR B 3 12.47 -2.02 7.74
C TYR B 3 12.46 -0.73 8.55
N VAL B 4 13.31 0.20 8.14
CA VAL B 4 13.41 1.48 8.83
C VAL B 4 13.17 2.61 7.83
N GLY B 5 13.98 2.60 6.77
CA GLY B 5 13.88 3.62 5.74
C GLY B 5 12.61 3.41 4.89
N LEU B 6 11.80 2.46 5.34
CA LEU B 6 10.56 2.15 4.62
C LEU B 6 9.48 1.79 5.65
N SER B 7 9.75 2.11 6.90
CA SER B 7 8.82 1.83 7.97
C SER B 7 8.34 3.14 8.62
N ALA B 8 7.90 3.02 9.86
CA ALA B 8 7.42 4.16 10.60
C ALA B 8 8.46 5.28 10.52
N ASN B 9 7.97 6.51 10.43
CA ASN B 9 8.84 7.67 10.35
C ASN B 9 9.06 8.03 8.88
N GLN B 10 8.99 7.02 8.03
CA GLN B 10 9.18 7.22 6.61
C GLN B 10 8.12 8.19 6.07
N CYS B 11 6.95 8.14 6.68
CA CYS B 11 5.86 8.99 6.26
C CYS B 11 6.24 10.44 6.57
N ALA B 12 7.32 10.58 7.31
CA ALA B 12 7.80 11.91 7.68
C ALA B 12 9.15 12.15 7.00
N VAL B 13 9.36 11.46 5.90
CA VAL B 13 10.61 11.60 5.15
C VAL B 13 10.99 13.07 5.08
N PRO B 14 12.26 13.32 4.63
CA PRO B 14 12.75 14.67 4.50
C PRO B 14 12.16 15.38 3.29
N ALA B 15 10.97 14.92 2.91
CA ALA B 15 10.27 15.48 1.76
C ALA B 15 11.26 15.63 0.60
N LYS B 16 11.69 14.50 0.08
CA LYS B 16 12.63 14.48 -1.02
C LYS B 16 13.24 13.09 -1.17
N ASP B 17 12.37 12.08 -1.03
CA ASP B 17 12.80 10.70 -1.14
C ASP B 17 11.56 9.81 -1.33
N ARG B 18 10.45 10.45 -1.67
CA ARG B 18 9.22 9.73 -1.88
C ARG B 18 9.12 9.26 -3.34
N VAL B 19 8.06 8.51 -3.62
CA VAL B 19 7.83 8.00 -4.96
C VAL B 19 6.71 8.78 -5.62
N ASP B 20 6.43 9.95 -5.07
CA ASP B 20 5.38 10.81 -5.58
C ASP B 20 4.27 9.93 -6.17
N CYS B 21 3.36 9.52 -5.30
CA CYS B 21 2.25 8.69 -5.71
C CYS B 21 1.59 9.34 -6.93
N GLY B 22 1.56 10.66 -6.90
CA GLY B 22 0.96 11.42 -8.00
C GLY B 22 -0.44 10.89 -8.31
N TYR B 23 -1.31 10.93 -7.30
CA TYR B 23 -2.67 10.47 -7.46
C TYR B 23 -3.59 11.61 -7.89
N PRO B 24 -4.55 11.28 -8.78
CA PRO B 24 -5.50 12.27 -9.28
C PRO B 24 -6.55 12.59 -8.22
N HIS B 25 -6.45 11.91 -7.10
CA HIS B 25 -7.38 12.11 -6.00
C HIS B 25 -6.61 12.45 -4.72
N VAL B 26 -5.32 12.71 -4.90
CA VAL B 26 -4.46 13.05 -3.78
C VAL B 26 -5.24 13.92 -2.80
N THR B 27 -5.32 13.45 -1.56
CA THR B 27 -6.04 14.18 -0.53
C THR B 27 -5.74 13.59 0.85
N PRO B 28 -5.97 14.41 1.90
CA PRO B 28 -5.73 13.97 3.26
C PRO B 28 -6.83 13.02 3.74
N LYS B 29 -7.12 12.05 2.89
CA LYS B 29 -8.14 11.07 3.21
C LYS B 29 -8.27 10.07 2.05
N GLU B 30 -7.70 10.47 0.91
CA GLU B 30 -7.75 9.63 -0.27
C GLU B 30 -6.43 8.85 -0.43
N CYS B 31 -5.33 9.58 -0.27
CA CYS B 31 -4.01 8.98 -0.40
C CYS B 31 -3.93 7.80 0.57
N ASN B 32 -4.18 8.09 1.83
CA ASN B 32 -4.14 7.06 2.86
C ASN B 32 -5.20 6.00 2.55
N ASN B 33 -6.06 6.34 1.61
CA ASN B 33 -7.13 5.42 1.21
C ASN B 33 -6.62 4.53 0.07
N ARG B 34 -5.81 5.12 -0.78
CA ARG B 34 -5.25 4.39 -1.91
C ARG B 34 -4.01 3.61 -1.48
N GLY B 35 -3.37 4.10 -0.43
CA GLY B 35 -2.18 3.46 0.10
C GLY B 35 -0.98 4.39 0.03
N CYS B 36 -1.28 5.68 0.05
CA CYS B 36 -0.22 6.69 -0.01
C CYS B 36 -0.32 7.55 1.25
N CYS B 37 0.77 8.26 1.52
CA CYS B 37 0.82 9.12 2.68
C CYS B 37 0.78 10.58 2.21
N PHE B 38 -0.17 11.32 2.76
CA PHE B 38 -0.34 12.71 2.40
C PHE B 38 0.53 13.61 3.28
N ASP B 39 1.42 14.34 2.62
CA ASP B 39 2.32 15.25 3.32
C ASP B 39 1.57 16.53 3.67
N SER B 40 1.52 17.44 2.70
CA SER B 40 0.86 18.71 2.90
C SER B 40 1.80 19.72 3.55
N ARG B 41 2.81 19.18 4.23
CA ARG B 41 3.79 20.01 4.90
C ARG B 41 4.58 20.83 3.88
N ILE B 42 4.98 20.14 2.82
CA ILE B 42 5.74 20.78 1.76
C ILE B 42 4.96 20.72 0.45
N PRO B 43 4.47 21.91 0.02
CA PRO B 43 3.69 22.00 -1.21
C PRO B 43 4.61 21.89 -2.43
N GLY B 44 5.90 21.89 -2.17
CA GLY B 44 6.88 21.79 -3.24
C GLY B 44 7.27 20.33 -3.50
N VAL B 45 6.73 19.46 -2.67
CA VAL B 45 7.00 18.03 -2.79
C VAL B 45 5.69 17.29 -3.02
N PRO B 46 5.82 15.93 -3.10
CA PRO B 46 4.65 15.09 -3.31
C PRO B 46 3.81 14.97 -2.03
N TRP B 47 2.56 15.41 -2.15
CA TRP B 47 1.66 15.36 -1.02
C TRP B 47 0.89 14.04 -1.08
N CYS B 48 1.53 13.05 -1.70
CA CYS B 48 0.93 11.74 -1.83
C CYS B 48 2.00 10.76 -2.31
N PHE B 49 2.47 9.93 -1.40
CA PHE B 49 3.49 8.95 -1.72
C PHE B 49 3.27 7.65 -0.95
N LYS B 50 4.26 6.76 -1.04
CA LYS B 50 4.18 5.49 -0.36
C LYS B 50 5.39 5.34 0.57
N PRO B 51 5.39 6.16 1.65
CA PRO B 51 6.47 6.12 2.62
C PRO B 51 6.37 4.88 3.51
N LEU B 52 5.69 5.05 4.63
CA LEU B 52 5.51 3.96 5.58
C LEU B 52 4.12 3.36 5.40
N GLN B 53 3.69 3.29 4.15
CA GLN B 53 2.39 2.73 3.82
C GLN B 53 2.19 1.39 4.52
N GLU B 54 3.31 0.79 4.90
CA GLU B 54 3.28 -0.50 5.57
C GLU B 54 2.10 -0.56 6.56
N ALA B 55 1.71 0.63 7.03
CA ALA B 55 0.61 0.72 7.96
C ALA B 55 -0.39 -0.41 7.70
N GLU B 56 -0.95 -0.39 6.50
CA GLU B 56 -1.92 -1.41 6.11
C GLU B 56 -1.65 -1.87 4.68
N CYS B 57 -0.46 -1.52 4.20
CA CYS B 57 -0.07 -1.91 2.85
C CYS B 57 0.64 -3.26 2.92
N THR B 58 1.91 -3.21 3.30
CA THR B 58 2.71 -4.41 3.41
C THR B 58 1.94 -5.50 4.17
N PHE B 59 1.11 -5.05 5.11
CA PHE B 59 0.32 -5.96 5.90
C PHE B 59 -0.47 -6.93 5.01
N GLU A 1 13.02 -10.52 11.72
CA GLU A 1 12.07 -10.23 10.67
C GLU A 1 11.36 -11.50 10.21
N GLU A 2 10.15 -11.69 10.71
CA GLU A 2 9.36 -12.86 10.36
C GLU A 2 8.52 -12.58 9.12
N TYR A 3 9.22 -12.29 8.02
CA TYR A 3 8.55 -12.00 6.76
C TYR A 3 7.85 -13.25 6.22
N VAL A 4 6.83 -13.69 6.94
CA VAL A 4 6.08 -14.87 6.54
C VAL A 4 4.63 -14.48 6.26
N GLY A 5 3.98 -13.98 7.30
CA GLY A 5 2.59 -13.56 7.18
C GLY A 5 2.47 -12.29 6.34
N LEU A 6 3.60 -11.87 5.79
CA LEU A 6 3.64 -10.68 4.95
C LEU A 6 4.63 -10.89 3.81
N SER A 7 4.99 -12.15 3.62
CA SER A 7 5.93 -12.50 2.56
C SER A 7 5.24 -12.44 1.21
N ALA A 8 5.95 -12.92 0.19
CA ALA A 8 5.41 -12.91 -1.16
C ALA A 8 4.31 -13.97 -1.27
N ASN A 9 4.17 -14.75 -0.19
CA ASN A 9 3.17 -15.79 -0.15
C ASN A 9 1.96 -15.29 0.65
N GLN A 10 2.10 -14.11 1.21
CA GLN A 10 1.03 -13.51 2.00
C GLN A 10 -0.18 -13.22 1.11
N CYS A 11 0.11 -12.79 -0.11
CA CYS A 11 -0.95 -12.47 -1.06
C CYS A 11 -1.71 -13.75 -1.38
N ALA A 12 -1.17 -14.86 -0.89
CA ALA A 12 -1.79 -16.15 -1.11
C ALA A 12 -2.40 -16.65 0.20
N VAL A 13 -2.57 -15.73 1.13
CA VAL A 13 -3.14 -16.07 2.43
C VAL A 13 -4.35 -16.98 2.23
N PRO A 14 -4.81 -17.57 3.35
CA PRO A 14 -5.95 -18.47 3.31
C PRO A 14 -7.26 -17.67 3.15
N ALA A 15 -7.14 -16.51 2.52
CA ALA A 15 -8.29 -15.66 2.30
C ALA A 15 -9.00 -15.41 3.63
N LYS A 16 -8.36 -14.59 4.45
CA LYS A 16 -8.93 -14.26 5.75
C LYS A 16 -7.84 -13.63 6.63
N ASP A 17 -7.05 -12.76 6.01
CA ASP A 17 -5.98 -12.08 6.72
C ASP A 17 -5.62 -10.81 5.96
N ARG A 18 -6.45 -10.47 4.99
CA ARG A 18 -6.22 -9.28 4.19
C ARG A 18 -6.94 -8.08 4.81
N VAL A 19 -6.75 -6.92 4.19
CA VAL A 19 -7.37 -5.70 4.66
C VAL A 19 -8.46 -5.27 3.69
N ASP A 20 -8.91 -6.24 2.88
CA ASP A 20 -9.95 -5.97 1.90
C ASP A 20 -9.81 -4.53 1.40
N CYS A 21 -8.99 -4.38 0.37
CA CYS A 21 -8.76 -3.08 -0.22
C CYS A 21 -10.12 -2.45 -0.55
N GLY A 22 -11.05 -3.31 -0.93
CA GLY A 22 -12.39 -2.87 -1.28
C GLY A 22 -12.35 -1.67 -2.23
N TYR A 23 -11.82 -1.92 -3.42
CA TYR A 23 -11.70 -0.88 -4.43
C TYR A 23 -12.93 -0.87 -5.34
N PRO A 24 -13.37 0.37 -5.69
CA PRO A 24 -14.53 0.53 -6.55
C PRO A 24 -14.18 0.22 -8.00
N HIS A 25 -12.92 -0.11 -8.22
CA HIS A 25 -12.44 -0.44 -9.55
C HIS A 25 -11.64 -1.75 -9.50
N VAL A 26 -11.88 -2.50 -8.44
CA VAL A 26 -11.20 -3.77 -8.26
C VAL A 26 -11.16 -4.52 -9.60
N THR A 27 -9.96 -4.95 -9.97
CA THR A 27 -9.77 -5.68 -11.21
C THR A 27 -8.43 -6.41 -11.21
N PRO A 28 -8.39 -7.53 -11.98
CA PRO A 28 -7.18 -8.32 -12.08
C PRO A 28 -6.14 -7.63 -12.96
N LYS A 29 -5.87 -6.37 -12.64
CA LYS A 29 -4.91 -5.59 -13.39
C LYS A 29 -4.88 -4.17 -12.85
N GLU A 30 -5.96 -3.79 -12.19
CA GLU A 30 -6.07 -2.46 -11.63
C GLU A 30 -5.65 -2.47 -10.15
N CYS A 31 -6.12 -3.49 -9.45
CA CYS A 31 -5.80 -3.64 -8.04
C CYS A 31 -4.29 -3.65 -7.89
N ASN A 32 -3.65 -4.51 -8.68
CA ASN A 32 -2.21 -4.64 -8.64
C ASN A 32 -1.58 -3.36 -9.21
N ASN A 33 -2.44 -2.46 -9.67
CA ASN A 33 -1.98 -1.22 -10.23
C ASN A 33 -2.22 -0.09 -9.23
N ARG A 34 -3.23 -0.29 -8.39
CA ARG A 34 -3.57 0.70 -7.39
C ARG A 34 -2.70 0.52 -6.14
N GLY A 35 -2.23 -0.71 -5.95
CA GLY A 35 -1.40 -1.03 -4.81
C GLY A 35 -2.02 -2.15 -3.97
N CYS A 36 -2.88 -2.93 -4.61
CA CYS A 36 -3.54 -4.02 -3.93
C CYS A 36 -3.19 -5.32 -4.66
N CYS A 37 -3.77 -6.41 -4.16
CA CYS A 37 -3.53 -7.72 -4.76
C CYS A 37 -4.87 -8.35 -5.09
N PHE A 38 -5.00 -8.76 -6.34
CA PHE A 38 -6.23 -9.39 -6.81
C PHE A 38 -6.19 -10.90 -6.60
N ASP A 39 -7.17 -11.41 -5.87
CA ASP A 39 -7.25 -12.82 -5.60
C ASP A 39 -8.10 -13.50 -6.67
N SER A 40 -9.41 -13.42 -6.49
CA SER A 40 -10.34 -14.01 -7.42
C SER A 40 -10.62 -15.47 -7.05
N ARG A 41 -9.76 -16.00 -6.19
CA ARG A 41 -9.90 -17.37 -5.73
C ARG A 41 -11.26 -17.57 -5.05
N ILE A 42 -11.47 -16.82 -3.99
CA ILE A 42 -12.72 -16.91 -3.25
C ILE A 42 -13.52 -15.62 -3.46
N PRO A 43 -14.79 -15.80 -3.90
CA PRO A 43 -15.67 -14.66 -4.14
C PRO A 43 -16.17 -14.07 -2.82
N GLY A 44 -15.96 -14.82 -1.75
CA GLY A 44 -16.38 -14.38 -0.43
C GLY A 44 -15.27 -13.60 0.27
N VAL A 45 -14.09 -13.62 -0.35
CA VAL A 45 -12.95 -12.93 0.20
C VAL A 45 -12.66 -11.68 -0.64
N PRO A 46 -11.76 -10.82 -0.11
CA PRO A 46 -11.38 -9.59 -0.80
C PRO A 46 -10.45 -9.89 -1.98
N TRP A 47 -10.97 -9.66 -3.18
CA TRP A 47 -10.21 -9.89 -4.38
C TRP A 47 -9.38 -8.63 -4.67
N CYS A 48 -9.05 -7.92 -3.61
CA CYS A 48 -8.26 -6.71 -3.73
C CYS A 48 -7.83 -6.27 -2.34
N PHE A 49 -6.59 -6.61 -1.99
CA PHE A 49 -6.04 -6.25 -0.70
C PHE A 49 -4.60 -5.77 -0.82
N LYS A 50 -3.95 -5.62 0.32
CA LYS A 50 -2.58 -5.17 0.36
C LYS A 50 -1.70 -6.22 1.03
N PRO A 51 -1.56 -7.39 0.33
CA PRO A 51 -0.75 -8.48 0.86
C PRO A 51 0.73 -8.17 0.75
N LEU A 52 1.35 -8.74 -0.28
CA LEU A 52 2.77 -8.54 -0.52
C LEU A 52 2.96 -7.29 -1.38
N GLN A 53 2.06 -6.33 -1.19
CA GLN A 53 2.13 -5.08 -1.93
C GLN A 53 3.49 -4.42 -1.75
N GLU A 54 4.16 -4.81 -0.67
CA GLU A 54 5.47 -4.26 -0.36
C GLU A 54 6.34 -4.23 -1.62
N ALA A 55 5.99 -5.09 -2.56
CA ALA A 55 6.73 -5.16 -3.82
C ALA A 55 7.16 -3.77 -4.24
N GLU A 56 6.17 -2.93 -4.52
CA GLU A 56 6.45 -1.56 -4.93
C GLU A 56 5.47 -0.60 -4.24
N CYS A 57 4.94 -1.05 -3.12
CA CYS A 57 4.00 -0.25 -2.35
C CYS A 57 4.74 0.34 -1.15
N THR A 58 5.35 -0.55 -0.38
CA THR A 58 6.10 -0.13 0.80
C THR A 58 7.30 0.72 0.39
N PHE A 59 7.96 0.29 -0.67
CA PHE A 59 9.12 1.00 -1.17
C PHE A 59 8.96 2.51 -1.00
N GLU B 1 17.78 -6.64 5.34
CA GLU B 1 17.01 -6.03 6.41
C GLU B 1 17.11 -4.51 6.33
N GLU B 2 16.84 -3.99 5.14
CA GLU B 2 16.89 -2.56 4.92
C GLU B 2 15.52 -1.93 5.19
N TYR B 3 15.18 -1.86 6.47
CA TYR B 3 13.91 -1.28 6.87
C TYR B 3 14.04 0.22 7.15
N VAL B 4 14.21 0.97 6.06
CA VAL B 4 14.35 2.42 6.18
C VAL B 4 13.40 3.09 5.18
N GLY B 5 13.58 2.74 3.92
CA GLY B 5 12.75 3.32 2.87
C GLY B 5 11.32 2.81 2.97
N LEU B 6 11.05 2.09 4.04
CA LEU B 6 9.72 1.55 4.28
C LEU B 6 9.53 1.31 5.78
N SER B 7 10.22 2.12 6.57
CA SER B 7 10.13 2.00 8.01
C SER B 7 9.34 3.19 8.59
N ALA B 8 8.85 3.00 9.81
CA ALA B 8 8.08 4.04 10.47
C ALA B 8 8.93 5.30 10.59
N ASN B 9 8.87 6.13 9.56
CA ASN B 9 9.63 7.37 9.55
C ASN B 9 9.75 7.87 8.11
N GLN B 10 9.62 6.94 7.18
CA GLN B 10 9.70 7.28 5.77
C GLN B 10 8.62 8.29 5.39
N CYS B 11 7.47 8.15 6.05
CA CYS B 11 6.35 9.04 5.80
C CYS B 11 6.65 10.38 6.48
N ALA B 12 7.79 10.43 7.13
CA ALA B 12 8.20 11.64 7.84
C ALA B 12 9.39 12.26 7.12
N VAL B 13 9.72 11.70 5.97
CA VAL B 13 10.83 12.19 5.17
C VAL B 13 10.83 13.71 5.19
N PRO B 14 12.00 14.29 4.81
CA PRO B 14 12.14 15.74 4.77
C PRO B 14 11.40 16.33 3.57
N ALA B 15 10.37 15.63 3.13
CA ALA B 15 9.58 16.07 2.00
C ALA B 15 10.52 16.45 0.85
N LYS B 16 11.13 15.41 0.28
CA LYS B 16 12.05 15.61 -0.83
C LYS B 16 12.83 14.33 -1.09
N ASP B 17 12.08 13.23 -1.18
CA ASP B 17 12.69 11.93 -1.42
C ASP B 17 11.60 10.95 -1.87
N ARG B 18 10.39 11.20 -1.40
CA ARG B 18 9.26 10.35 -1.75
C ARG B 18 9.25 10.06 -3.25
N VAL B 19 8.32 9.22 -3.66
CA VAL B 19 8.19 8.85 -5.05
C VAL B 19 6.93 9.51 -5.64
N ASP B 20 6.46 10.53 -4.94
CA ASP B 20 5.27 11.25 -5.38
C ASP B 20 4.32 10.27 -6.05
N CYS B 21 3.48 9.64 -5.24
CA CYS B 21 2.52 8.69 -5.74
C CYS B 21 1.92 9.25 -7.04
N GLY B 22 1.66 10.56 -7.02
CA GLY B 22 1.10 11.22 -8.18
C GLY B 22 -0.30 10.68 -8.50
N TYR B 23 -1.12 10.59 -7.45
CA TYR B 23 -2.47 10.10 -7.60
C TYR B 23 -3.45 11.24 -7.86
N PRO B 24 -4.32 11.05 -8.88
CA PRO B 24 -5.31 12.05 -9.24
C PRO B 24 -6.45 12.07 -8.23
N HIS B 25 -6.39 11.13 -7.29
CA HIS B 25 -7.41 11.05 -6.27
C HIS B 25 -6.78 11.26 -4.89
N VAL B 26 -5.55 11.75 -4.90
CA VAL B 26 -4.83 12.01 -3.67
C VAL B 26 -5.79 12.62 -2.65
N THR B 27 -5.80 12.01 -1.46
CA THR B 27 -6.66 12.48 -0.39
C THR B 27 -6.24 11.85 0.94
N PRO B 28 -6.57 12.57 2.04
CA PRO B 28 -6.24 12.09 3.38
C PRO B 28 -7.17 10.96 3.79
N LYS B 29 -7.36 10.01 2.89
CA LYS B 29 -8.22 8.88 3.15
C LYS B 29 -8.23 7.95 1.93
N GLU B 30 -7.75 8.49 0.82
CA GLU B 30 -7.69 7.72 -0.42
C GLU B 30 -6.27 7.20 -0.66
N CYS B 31 -5.31 8.09 -0.44
CA CYS B 31 -3.92 7.74 -0.63
C CYS B 31 -3.60 6.55 0.26
N ASN B 32 -3.86 6.72 1.55
CA ASN B 32 -3.60 5.66 2.52
C ASN B 32 -4.46 4.44 2.17
N ASN B 33 -5.42 4.67 1.28
CA ASN B 33 -6.31 3.59 0.86
C ASN B 33 -5.79 3.01 -0.45
N ARG B 34 -5.05 3.82 -1.19
CA ARG B 34 -4.49 3.39 -2.45
C ARG B 34 -3.13 2.72 -2.24
N GLY B 35 -2.49 3.11 -1.14
CA GLY B 35 -1.19 2.56 -0.81
C GLY B 35 -0.13 3.66 -0.75
N CYS B 36 -0.60 4.88 -0.56
CA CYS B 36 0.29 6.02 -0.49
C CYS B 36 0.10 6.70 0.87
N CYS B 37 0.93 7.70 1.12
CA CYS B 37 0.85 8.44 2.37
C CYS B 37 0.48 9.89 2.05
N PHE B 38 -0.48 10.40 2.80
CA PHE B 38 -0.94 11.76 2.61
C PHE B 38 -0.11 12.74 3.46
N ASP B 39 0.45 13.73 2.78
CA ASP B 39 1.26 14.73 3.45
C ASP B 39 0.36 15.59 4.34
N SER B 40 0.00 16.75 3.80
CA SER B 40 -0.86 17.67 4.52
C SER B 40 0.00 18.68 5.28
N ARG B 41 1.30 18.41 5.34
CA ARG B 41 2.22 19.28 6.03
C ARG B 41 2.80 20.32 5.06
N ILE B 42 3.44 19.80 4.02
CA ILE B 42 4.05 20.67 3.02
C ILE B 42 3.24 20.56 1.71
N PRO B 43 2.67 21.71 1.29
CA PRO B 43 1.88 21.77 0.08
C PRO B 43 2.77 21.73 -1.16
N GLY B 44 4.07 21.89 -0.92
CA GLY B 44 5.04 21.87 -2.00
C GLY B 44 5.58 20.47 -2.23
N VAL B 45 5.21 19.57 -1.33
CA VAL B 45 5.65 18.19 -1.42
C VAL B 45 4.48 17.31 -1.87
N PRO B 46 4.80 16.04 -2.18
CA PRO B 46 3.79 15.09 -2.62
C PRO B 46 2.93 14.63 -1.45
N TRP B 47 1.65 14.97 -1.51
CA TRP B 47 0.72 14.60 -0.47
C TRP B 47 0.18 13.20 -0.79
N CYS B 48 1.02 12.41 -1.45
CA CYS B 48 0.65 11.06 -1.83
C CYS B 48 1.90 10.34 -2.32
N PHE B 49 2.53 9.61 -1.40
CA PHE B 49 3.74 8.87 -1.73
C PHE B 49 3.73 7.49 -1.08
N LYS B 50 4.84 6.79 -1.24
CA LYS B 50 4.97 5.45 -0.67
C LYS B 50 6.10 5.46 0.36
N PRO B 51 5.84 6.14 1.50
CA PRO B 51 6.83 6.23 2.55
C PRO B 51 6.93 4.90 3.33
N LEU B 52 6.37 4.92 4.53
CA LEU B 52 6.39 3.73 5.36
C LEU B 52 5.06 2.98 5.22
N GLN B 53 4.55 2.99 4.00
CA GLN B 53 3.29 2.32 3.71
C GLN B 53 3.24 0.96 4.40
N GLU B 54 4.43 0.42 4.67
CA GLU B 54 4.53 -0.87 5.32
C GLU B 54 3.48 -0.99 6.43
N ALA B 55 3.09 0.16 6.96
CA ALA B 55 2.10 0.20 8.02
C ALA B 55 1.03 -0.86 7.75
N GLU B 56 0.12 -0.53 6.85
CA GLU B 56 -0.95 -1.43 6.49
C GLU B 56 -0.86 -1.81 5.00
N CYS B 57 0.34 -1.64 4.45
CA CYS B 57 0.57 -1.96 3.06
C CYS B 57 1.19 -3.35 2.97
N THR B 58 2.46 -3.43 3.36
CA THR B 58 3.17 -4.69 3.33
C THR B 58 2.33 -5.80 3.95
N PHE B 59 1.47 -5.40 4.90
CA PHE B 59 0.61 -6.35 5.57
C PHE B 59 -0.58 -6.72 4.69
#